data_4WJ3
#
_entry.id   4WJ3
#
_cell.length_a   93.140
_cell.length_b   185.675
_cell.length_c   290.359
_cell.angle_alpha   90.00
_cell.angle_beta   92.98
_cell.angle_gamma   90.00
#
_symmetry.space_group_name_H-M   'P 1 21 1'
#
loop_
_entity.id
_entity.type
_entity.pdbx_description
1 polymer 'Glutamyl-tRNA(Gln) amidotransferase subunit A'
2 polymer 'Aspartyl/glutamyl-tRNA(Asn/Gln) amidotransferase subunit B'
3 polymer 'Glutamyl-tRNA(Gln) amidotransferase subunit C'
4 polymer 'Aspartate--tRNA(Asp/Asn) ligase'
5 polymer 76mer-tRNA
#
loop_
_entity_poly.entity_id
_entity_poly.type
_entity_poly.pdbx_seq_one_letter_code
_entity_poly.pdbx_strand_id
1 'polypeptide(L)'
;MLHQLTLAEIARALADKQFSAEELTRTLLGRIRQLDPQLNSFISITDDLAIAQAKAADERRANGENGALLGAPIAHKDLF
CTQGVRTSCGSKMLDNFVSPYDATVVEKLTAAGAVTLGKLNMDEFAMGSSNQSSHYGAVKNPWSLDRVPGGSSGGSAAAV
AARLLPAATGTDTGGSIRQPAALTNLTGIKPTYGRVSRWGMIAYASSLDQGGPLARTAEDCALMLGVMAGFDPKDSTSVE
QPVDDYLAALQKPLSGLRIGLPREYFGAGLDSRIADAVLAVVEELKTLGATVKDISLPNMQHAIPAYYVIAPAEASSNLS
RFDGVRYGYRCDAPQNLEDLYKRSRAEGFGSEVKNRIMVGTYALSAGYYDAYYLQAQKIRRLIKNDFVSAFAEVDVILGP
TTPNPAWKIGEKNDDPVSQYLEDIYTITANLAGLPGLSMPAGFVDGLPVGVQLLAPYFQEGRLLNVAHQYQQVSDWHTRT
PAGF
;
A,D,G,J
2 'polypeptide(L)'
;MQWETVIGLEIHAQLATQSKIFSGSSTAFGAAPNTQASLVDLAMPGTLPVLNEEAVRMACLFGLAIDARIDRQNVFARKN
YFYPDLPKGYQTSQMDHPIVGKGHLDITLEDGTTKRIGITRAHLEEDAGKSLHEDFQGMSGIDLNRAGTPLLEIVSEPDI
RSAKEAVAYVKAIHALVRYLGICDGNMAEGSLRCDCNVSVRPKGQAEFGTRAEIKNVNSFRFIEKAINHEIQRQIELIED
GGKVVQETRLYDPNKDETRSMRGKEEANDYRYFPCPDLLPVVIEPEYLAKLREQLPELPVQKRERFESQYGLSAYDASVL
SASREMADYFEKVQGICGDAKLAANWVMVELGSLLNKDGLEIEQSPVSAEQLGGMILRIKDNTISGKLAKMVFEAMANGE
GSA(UNK)(UNK)(UNK)(UNK)(UNK)(UNK)(UNK)(UNK)(UNK)(UNK)(UNK)(UNK)(UNK)(UNK)(UNK)
(UNK)(UNK)(UNK)(UNK)(UNK)(UNK)(UNK)(UNK)(UNK)(UNK)(UNK)(UNK)(UNK)(UNK)(UNK)(UNK)
(UNK)(UNK)(UNK)(UNK)(UNK)(UNK)(UNK)(UNK)(UNK)(UNK)(UNK)(UNK)(UNK)(UNK)(UNK)(UNK)
(UNK)(UNK)(UNK)(UNK)(UNK)(UNK)(UNK)(UNK)(UNK)(UNK)(UNK)(UNK)(UNK)(UNK)(UNK)(UNK)
(UNK)(UNK)(UNK)(UNK)(UNK)(UNK)(UNK)(UNK)(UNK)(UNK)(UNK)(UNK)(UNK)(UNK)(UNK)
;
B,E,H,K
3 'polypeptide(L)'
;MGHHHHHHMALERSDVEKIAHLARLGLSEADLPRTTETLNNILGLIDQMQAVDTSGVEPLAHPLEATQRLRPDAVTETDH
RDAYQTIAPAVEEGLYLVPKVIES
;
C,F,I,L
4 'polypeptide(L)'
;MGHHHHHHMMRSHYCGQLNESLDGQEVTLCGWVHRRRDHGGVIFLDVRDREGLAQVVFDPDRAETFAKADRVRSEFVVKI
TGKVRLRPEGARNPNMASGSIEVLGYELEVLNQAETPPFPLDEYSDVGEETRLRYRFIDLRRPEMAAKLKLRARITSSIR
RYLDDNGFLDVETPILGRPTPEGARDYLVPSRTYPGHFFALPQSPQLFKQLLMVAGFDRYYQIAKCFRDEDLRADRQPEF
TQIDIETSFLDESDIIGITEKMVRQLFKEVLDVEFDEFPHMPFEEAMRRYGSDKPDLRIPLELVDVADQLKEVEFKVFSG
PANDPKGRVAALRVPGAASMPRSQIDDYTKFVGIYGAKGLAYIKVNERAKGVEGLQSPIVKFIPEANLNVILDRVGAVDG
DIVFFGADKAKIVCDALGALRIKVGHDLKLLTREWAPMWVVDFPMFEENDDGSLSALHHPFTSPKCTPAELEANPGAALS
RAYDMVLNGTELGGGSIRIHDKSMQQAVFRVLGIDEAEQEEKFGFLLDALKYGAPPHGGLAFGLDRLVMLMTGASSIREV
IAFPKTQSAGDVMTQAPGSVDGKALRELHIRLREQPKAE
;
M,N,O,P
5 'polyribonucleotide' UCCGCGAUAGCUCAGUCGGUAGAGCAAAUGACUGUUAAUCAUUGGGUCCCUGGUUCGAGUCCAGGUCGCGGAGCCA Q,R,S,T
#
# COMPACT_ATOMS: atom_id res chain seq x y z
N MET A 1 33.91 -80.58 -1.02
CA MET A 1 33.64 -81.60 -0.02
C MET A 1 32.26 -81.38 0.60
N LEU A 2 32.24 -81.01 1.88
CA LEU A 2 31.00 -80.78 2.59
C LEU A 2 30.76 -79.28 2.75
N HIS A 3 31.48 -78.50 1.95
CA HIS A 3 31.38 -77.04 2.00
C HIS A 3 30.37 -76.54 0.97
N GLN A 4 30.18 -77.33 -0.08
CA GLN A 4 29.20 -77.01 -1.11
C GLN A 4 27.83 -77.56 -0.72
N LEU A 5 27.64 -77.76 0.58
CA LEU A 5 26.43 -78.36 1.12
C LEU A 5 25.28 -77.37 1.31
N THR A 6 24.07 -77.91 1.28
CA THR A 6 22.86 -77.15 1.55
C THR A 6 22.11 -77.90 2.66
N LEU A 7 21.35 -77.17 3.46
CA LEU A 7 20.75 -77.71 4.69
C LEU A 7 19.95 -79.00 4.45
N ALA A 8 19.41 -79.15 3.24
CA ALA A 8 18.76 -80.38 2.86
C ALA A 8 19.78 -81.51 2.78
N GLU A 9 20.85 -81.25 2.05
CA GLU A 9 21.95 -82.22 1.91
C GLU A 9 22.64 -82.45 3.26
N ILE A 10 22.63 -81.43 4.11
CA ILE A 10 23.27 -81.54 5.42
C ILE A 10 22.45 -82.43 6.35
N ALA A 11 21.14 -82.26 6.33
CA ALA A 11 20.26 -83.09 7.13
C ALA A 11 20.29 -84.53 6.62
N ARG A 12 20.32 -84.66 5.29
CA ARG A 12 20.36 -85.97 4.65
C ARG A 12 21.66 -86.71 4.95
N ALA A 13 22.77 -85.96 4.99
CA ALA A 13 24.07 -86.55 5.26
C ALA A 13 24.25 -86.91 6.73
N LEU A 14 23.82 -86.02 7.62
CA LEU A 14 23.88 -86.29 9.05
C LEU A 14 22.97 -87.45 9.40
N ALA A 15 21.89 -87.61 8.64
CA ALA A 15 21.00 -88.75 8.81
C ALA A 15 21.66 -90.04 8.33
N ASP A 16 22.56 -89.90 7.36
CA ASP A 16 23.27 -91.06 6.81
C ASP A 16 24.50 -91.43 7.61
N LYS A 17 24.79 -90.64 8.64
CA LYS A 17 25.94 -90.87 9.52
C LYS A 17 27.25 -90.92 8.73
N GLN A 18 27.60 -89.83 8.07
CA GLN A 18 28.87 -89.77 7.34
C GLN A 18 29.82 -88.79 8.02
N PHE A 19 29.26 -87.97 8.91
CA PHE A 19 30.03 -87.06 9.74
C PHE A 19 29.13 -86.46 10.81
N SER A 20 29.74 -86.06 11.92
CA SER A 20 28.99 -85.47 13.02
C SER A 20 28.91 -83.95 12.87
N ALA A 21 28.02 -83.33 13.63
CA ALA A 21 27.87 -81.88 13.59
C ALA A 21 29.13 -81.21 14.11
N GLU A 22 29.80 -81.86 15.05
CA GLU A 22 31.04 -81.32 15.62
C GLU A 22 32.15 -81.24 14.58
N GLU A 23 32.32 -82.31 13.80
CA GLU A 23 33.32 -82.34 12.74
C GLU A 23 33.01 -81.29 11.68
N LEU A 24 31.74 -81.24 11.29
CA LEU A 24 31.26 -80.30 10.28
C LEU A 24 31.57 -78.87 10.71
N THR A 25 31.19 -78.53 11.94
CA THR A 25 31.37 -77.18 12.45
C THR A 25 32.84 -76.84 12.64
N ARG A 26 33.66 -77.81 13.03
CA ARG A 26 35.09 -77.54 13.22
C ARG A 26 35.80 -77.29 11.90
N THR A 27 35.52 -78.14 10.91
CA THR A 27 36.14 -77.99 9.60
C THR A 27 35.66 -76.70 8.93
N LEU A 28 34.35 -76.45 9.03
CA LEU A 28 33.76 -75.26 8.45
C LEU A 28 34.34 -74.02 9.11
N LEU A 29 34.56 -74.09 10.42
CA LEU A 29 35.18 -72.98 11.15
C LEU A 29 36.61 -72.76 10.67
N GLY A 30 37.30 -73.86 10.36
CA GLY A 30 38.62 -73.77 9.77
C GLY A 30 38.57 -73.00 8.47
N ARG A 31 37.57 -73.31 7.64
CA ARG A 31 37.39 -72.60 6.37
C ARG A 31 37.04 -71.14 6.60
N ILE A 32 36.30 -70.87 7.67
CA ILE A 32 35.93 -69.52 8.04
C ILE A 32 37.20 -68.73 8.30
N ARG A 33 37.99 -69.19 9.27
CA ARG A 33 39.20 -68.49 9.65
C ARG A 33 40.23 -68.48 8.52
N GLN A 34 40.04 -69.32 7.52
CA GLN A 34 40.95 -69.36 6.38
C GLN A 34 40.60 -68.30 5.33
N LEU A 35 39.33 -68.20 4.97
CA LEU A 35 38.93 -67.33 3.86
C LEU A 35 38.31 -66.00 4.28
N ASP A 36 38.05 -65.82 5.58
CA ASP A 36 37.41 -64.60 6.08
C ASP A 36 38.19 -63.30 5.81
N PRO A 37 39.52 -63.28 6.06
CA PRO A 37 40.23 -62.01 5.86
C PRO A 37 40.17 -61.49 4.42
N GLN A 38 39.81 -62.37 3.48
CA GLN A 38 39.67 -61.96 2.08
C GLN A 38 38.37 -61.16 1.86
N LEU A 39 37.37 -61.42 2.70
CA LEU A 39 36.07 -60.77 2.55
C LEU A 39 35.66 -59.96 3.78
N ASN A 40 36.25 -60.29 4.94
CA ASN A 40 35.92 -59.67 6.23
C ASN A 40 34.41 -59.61 6.48
N SER A 41 33.73 -60.70 6.15
CA SER A 41 32.28 -60.77 6.27
C SER A 41 31.83 -61.00 7.71
N PHE A 42 32.77 -61.36 8.57
CA PHE A 42 32.45 -61.62 9.97
C PHE A 42 33.01 -60.52 10.88
N ILE A 43 32.24 -60.17 11.90
CA ILE A 43 32.67 -59.19 12.89
C ILE A 43 33.20 -59.94 14.11
N SER A 44 32.46 -60.96 14.53
CA SER A 44 32.87 -61.79 15.66
C SER A 44 32.55 -63.25 15.38
N ILE A 45 33.47 -64.14 15.70
CA ILE A 45 33.27 -65.57 15.49
C ILE A 45 33.41 -66.35 16.80
N THR A 46 32.27 -66.73 17.38
CA THR A 46 32.29 -67.50 18.63
C THR A 46 32.55 -68.99 18.37
N ASP A 47 33.63 -69.49 18.94
CA ASP A 47 34.03 -70.88 18.74
C ASP A 47 33.56 -71.79 19.87
N ASP A 48 33.69 -71.31 21.10
CA ASP A 48 33.32 -72.09 22.28
C ASP A 48 31.83 -72.44 22.29
N LEU A 49 30.99 -71.43 22.07
CA LEU A 49 29.55 -71.63 22.04
C LEU A 49 29.15 -72.50 20.86
N ALA A 50 29.92 -72.41 19.78
CA ALA A 50 29.66 -73.21 18.59
C ALA A 50 29.90 -74.69 18.87
N ILE A 51 31.01 -75.00 19.53
CA ILE A 51 31.36 -76.37 19.85
C ILE A 51 30.42 -76.91 20.93
N ALA A 52 29.98 -76.03 21.82
CA ALA A 52 29.01 -76.43 22.84
C ALA A 52 27.67 -76.81 22.21
N GLN A 53 27.17 -75.93 21.36
CA GLN A 53 25.92 -76.17 20.66
C GLN A 53 25.99 -77.38 19.75
N ALA A 54 27.18 -77.62 19.19
CA ALA A 54 27.39 -78.76 18.32
C ALA A 54 27.40 -80.06 19.10
N LYS A 55 28.05 -80.04 20.27
CA LYS A 55 28.08 -81.20 21.15
C LYS A 55 26.68 -81.52 21.68
N ALA A 56 25.93 -80.49 22.03
CA ALA A 56 24.55 -80.70 22.49
C ALA A 56 23.70 -81.21 21.34
N ALA A 57 24.05 -80.79 20.13
CA ALA A 57 23.35 -81.23 18.93
C ALA A 57 23.65 -82.71 18.70
N ASP A 58 24.85 -83.11 19.11
CA ASP A 58 25.28 -84.51 19.02
C ASP A 58 24.50 -85.34 20.03
N GLU A 59 24.37 -84.82 21.25
CA GLU A 59 23.62 -85.51 22.30
C GLU A 59 22.15 -85.61 21.90
N ARG A 60 21.68 -84.65 21.11
CA ARG A 60 20.32 -84.70 20.56
C ARG A 60 20.22 -85.76 19.47
N ARG A 61 21.27 -85.81 18.64
CA ARG A 61 21.37 -86.77 17.54
C ARG A 61 21.47 -88.20 18.02
N ALA A 62 21.89 -88.36 19.28
CA ALA A 62 22.07 -89.67 19.90
C ALA A 62 20.81 -90.53 19.85
N ASN A 63 19.65 -89.90 19.96
CA ASN A 63 18.39 -90.64 19.98
C ASN A 63 17.78 -90.80 18.59
N GLY A 64 18.59 -90.52 17.56
CA GLY A 64 18.18 -90.72 16.19
C GLY A 64 16.84 -90.09 15.82
N GLU A 65 16.74 -88.78 16.01
CA GLU A 65 15.49 -88.08 15.73
C GLU A 65 15.62 -87.16 14.52
N ASN A 66 14.54 -87.09 13.74
CA ASN A 66 14.45 -86.22 12.58
C ASN A 66 14.05 -84.77 12.91
N GLY A 67 14.98 -83.86 12.66
CA GLY A 67 14.73 -82.43 12.77
C GLY A 67 14.76 -81.80 11.39
N ALA A 68 14.12 -80.64 11.22
CA ALA A 68 14.12 -80.01 9.92
C ALA A 68 15.47 -79.33 9.75
N LEU A 69 15.94 -78.70 10.83
CA LEU A 69 17.31 -78.22 10.86
C LEU A 69 18.01 -78.92 12.02
N LEU A 70 18.90 -79.86 11.72
CA LEU A 70 19.60 -80.58 12.78
C LEU A 70 21.12 -80.37 12.69
N GLY A 71 21.67 -79.68 13.68
CA GLY A 71 23.11 -79.44 13.72
C GLY A 71 23.56 -78.56 12.56
N ALA A 72 22.65 -77.74 12.06
CA ALA A 72 22.95 -76.87 10.92
C ALA A 72 23.80 -75.68 11.31
N PRO A 73 24.95 -75.50 10.62
CA PRO A 73 25.84 -74.36 10.86
C PRO A 73 25.24 -73.08 10.30
N ILE A 74 24.77 -72.21 11.19
CA ILE A 74 24.19 -70.94 10.77
C ILE A 74 24.82 -69.77 11.51
N ALA A 75 25.05 -68.69 10.78
CA ALA A 75 25.60 -67.47 11.37
C ALA A 75 24.51 -66.40 11.43
N HIS A 76 24.76 -65.34 12.17
CA HIS A 76 23.75 -64.30 12.36
C HIS A 76 24.27 -62.93 12.01
N LYS A 77 23.34 -62.01 11.74
CA LYS A 77 23.69 -60.62 11.47
C LYS A 77 23.90 -59.94 12.82
N ASP A 78 24.69 -58.88 12.85
CA ASP A 78 25.01 -58.20 14.10
C ASP A 78 23.83 -57.42 14.66
N LEU A 79 22.68 -57.49 13.98
CA LEU A 79 21.46 -56.86 14.46
C LEU A 79 20.80 -57.68 15.56
N PHE A 80 20.78 -59.00 15.38
CA PHE A 80 20.13 -59.88 16.34
C PHE A 80 20.98 -60.02 17.60
N CYS A 81 20.38 -59.67 18.74
CA CYS A 81 21.07 -59.76 20.02
C CYS A 81 21.34 -61.21 20.40
N THR A 82 22.44 -61.43 21.11
CA THR A 82 22.81 -62.78 21.55
C THR A 82 23.41 -62.75 22.94
N GLN A 83 22.91 -63.60 23.82
CA GLN A 83 23.38 -63.65 25.20
C GLN A 83 24.82 -64.15 25.27
N GLY A 84 25.72 -63.30 25.74
CA GLY A 84 27.12 -63.65 25.87
C GLY A 84 27.98 -63.13 24.74
N VAL A 85 27.40 -63.00 23.55
CA VAL A 85 28.13 -62.54 22.38
C VAL A 85 27.99 -61.03 22.23
N ARG A 86 29.04 -60.36 21.79
CA ARG A 86 29.04 -58.90 21.70
C ARG A 86 28.28 -58.39 20.46
N THR A 87 27.00 -58.11 20.64
CA THR A 87 26.18 -57.51 19.59
C THR A 87 26.54 -56.03 19.46
N SER A 88 26.86 -55.60 18.24
CA SER A 88 27.39 -54.26 18.03
C SER A 88 26.81 -53.55 16.81
N CYS A 89 26.12 -54.29 15.94
CA CYS A 89 25.52 -53.75 14.72
C CYS A 89 26.55 -53.20 13.73
N GLY A 90 27.83 -53.34 14.06
CA GLY A 90 28.90 -52.86 13.21
C GLY A 90 29.06 -51.37 13.41
N SER A 91 29.21 -50.97 14.66
CA SER A 91 29.35 -49.55 15.00
C SER A 91 30.32 -49.32 16.16
N LYS A 92 30.90 -48.13 16.18
CA LYS A 92 31.80 -47.72 17.26
C LYS A 92 30.99 -47.53 18.54
N MET A 93 29.75 -47.13 18.38
CA MET A 93 28.87 -46.87 19.52
C MET A 93 28.53 -48.13 20.30
N LEU A 94 27.95 -49.12 19.61
CA LEU A 94 27.48 -50.33 20.27
C LEU A 94 28.59 -51.37 20.42
N ASP A 95 29.83 -50.94 20.25
CA ASP A 95 30.98 -51.82 20.50
C ASP A 95 31.09 -52.09 22.00
N ASN A 96 31.67 -53.25 22.34
CA ASN A 96 31.79 -53.69 23.73
C ASN A 96 30.43 -53.76 24.43
N PHE A 97 29.46 -54.33 23.74
CA PHE A 97 28.12 -54.54 24.30
C PHE A 97 27.76 -56.02 24.29
N VAL A 98 27.93 -56.67 25.43
CA VAL A 98 27.53 -58.06 25.56
C VAL A 98 26.10 -58.13 26.11
N SER A 99 25.16 -58.43 25.21
CA SER A 99 23.75 -58.50 25.57
C SER A 99 23.48 -59.61 26.57
N PRO A 100 22.74 -59.29 27.65
CA PRO A 100 22.41 -60.27 28.68
C PRO A 100 21.28 -61.20 28.24
N TYR A 101 20.66 -60.86 27.11
CA TYR A 101 19.55 -61.65 26.57
C TYR A 101 19.75 -61.92 25.08
N ASP A 102 19.23 -63.06 24.63
CA ASP A 102 19.32 -63.45 23.23
C ASP A 102 18.18 -62.83 22.43
N ALA A 103 17.90 -63.37 21.26
CA ALA A 103 16.81 -62.88 20.43
C ALA A 103 15.85 -64.01 20.12
N THR A 104 14.58 -63.67 19.94
CA THR A 104 13.53 -64.66 19.71
C THR A 104 13.82 -65.56 18.52
N VAL A 105 14.36 -65.00 17.45
CA VAL A 105 14.70 -65.79 16.27
C VAL A 105 15.96 -66.63 16.57
N VAL A 106 16.91 -66.05 17.30
CA VAL A 106 18.11 -66.75 17.68
C VAL A 106 17.76 -67.84 18.69
N GLU A 107 16.87 -67.52 19.60
CA GLU A 107 16.39 -68.47 20.60
C GLU A 107 15.70 -69.65 19.92
N LYS A 108 14.83 -69.34 18.96
CA LYS A 108 14.11 -70.37 18.21
C LYS A 108 15.07 -71.26 17.43
N LEU A 109 15.99 -70.65 16.70
CA LEU A 109 16.92 -71.38 15.86
C LEU A 109 17.87 -72.26 16.68
N THR A 110 18.38 -71.72 17.78
CA THR A 110 19.28 -72.49 18.64
C THR A 110 18.55 -73.61 19.35
N ALA A 111 17.32 -73.35 19.78
CA ALA A 111 16.52 -74.38 20.45
C ALA A 111 16.08 -75.47 19.48
N ALA A 112 15.98 -75.13 18.19
CA ALA A 112 15.59 -76.08 17.17
C ALA A 112 16.72 -77.06 16.85
N GLY A 113 17.95 -76.62 17.08
CA GLY A 113 19.11 -77.46 16.82
C GLY A 113 19.99 -76.91 15.72
N ALA A 114 20.39 -75.64 15.86
CA ALA A 114 21.22 -74.98 14.87
C ALA A 114 22.45 -74.36 15.54
N VAL A 115 23.63 -74.65 15.00
CA VAL A 115 24.88 -74.17 15.58
C VAL A 115 25.20 -72.75 15.11
N THR A 116 25.44 -71.85 16.06
CA THR A 116 25.79 -70.48 15.74
C THR A 116 27.30 -70.29 15.67
N LEU A 117 27.78 -69.86 14.52
CA LEU A 117 29.21 -69.68 14.30
C LEU A 117 29.69 -68.33 14.81
N GLY A 118 29.01 -67.25 14.42
CA GLY A 118 29.39 -65.92 14.86
C GLY A 118 28.52 -64.82 14.30
N LYS A 119 29.05 -63.60 14.30
CA LYS A 119 28.35 -62.43 13.79
C LYS A 119 28.84 -62.03 12.42
N LEU A 120 27.90 -61.65 11.56
CA LEU A 120 28.22 -61.27 10.20
C LEU A 120 28.29 -59.76 10.09
N ASN A 121 29.03 -59.27 9.11
CA ASN A 121 29.24 -57.83 8.96
C ASN A 121 28.02 -57.15 8.34
N MET A 122 27.78 -55.92 8.78
CA MET A 122 26.63 -55.15 8.31
C MET A 122 26.92 -53.65 8.34
N ASP A 123 26.06 -52.88 7.70
CA ASP A 123 26.15 -51.42 7.76
C ASP A 123 25.88 -50.93 9.18
N GLU A 124 26.26 -49.70 9.47
CA GLU A 124 26.03 -49.11 10.77
C GLU A 124 24.53 -48.94 11.03
N PHE A 125 23.99 -49.78 11.91
CA PHE A 125 22.56 -49.79 12.23
C PHE A 125 21.68 -49.93 11.00
N ALA A 126 22.07 -50.85 10.11
CA ALA A 126 21.31 -51.18 8.92
C ALA A 126 21.08 -49.98 8.00
N MET A 127 21.97 -49.00 8.08
CA MET A 127 21.84 -47.81 7.23
C MET A 127 22.86 -47.84 6.09
N GLY A 128 22.36 -48.02 4.87
CA GLY A 128 23.22 -48.07 3.69
C GLY A 128 23.07 -49.38 2.94
N SER A 129 23.28 -49.33 1.64
CA SER A 129 23.16 -50.52 0.80
C SER A 129 24.47 -50.84 0.10
N SER A 130 25.56 -50.81 0.86
CA SER A 130 26.89 -51.01 0.31
C SER A 130 27.81 -51.73 1.29
N ASN A 131 27.36 -51.87 2.54
CA ASN A 131 28.15 -52.45 3.62
C ASN A 131 29.49 -51.70 3.76
N GLN A 132 29.46 -50.40 3.48
CA GLN A 132 30.63 -49.55 3.56
C GLN A 132 30.66 -48.72 4.84
N SER A 133 29.51 -48.65 5.53
CA SER A 133 29.40 -47.87 6.75
C SER A 133 29.85 -48.66 7.98
N SER A 134 30.34 -49.87 7.74
CA SER A 134 30.78 -50.75 8.81
C SER A 134 32.03 -50.22 9.53
N HIS A 135 32.00 -50.26 10.86
CA HIS A 135 33.12 -49.80 11.66
C HIS A 135 34.31 -50.76 11.55
N TYR A 136 34.02 -52.03 11.31
CA TYR A 136 35.06 -53.06 11.26
C TYR A 136 35.61 -53.29 9.86
N GLY A 137 35.09 -52.56 8.87
CA GLY A 137 35.60 -52.68 7.51
C GLY A 137 34.57 -53.13 6.50
N ALA A 138 34.76 -52.71 5.24
CA ALA A 138 33.85 -53.05 4.15
C ALA A 138 34.03 -54.49 3.66
N VAL A 139 32.91 -55.16 3.43
CA VAL A 139 32.91 -56.53 2.93
C VAL A 139 33.12 -56.59 1.42
N LYS A 140 33.91 -57.57 0.96
CA LYS A 140 34.16 -57.74 -0.46
C LYS A 140 33.31 -58.88 -1.03
N ASN A 141 32.87 -58.71 -2.28
CA ASN A 141 32.02 -59.69 -2.95
C ASN A 141 32.79 -60.93 -3.40
N PRO A 142 32.20 -62.12 -3.21
CA PRO A 142 32.84 -63.38 -3.59
C PRO A 142 33.09 -63.51 -5.10
N TRP A 143 32.28 -62.88 -5.93
CA TRP A 143 32.50 -62.92 -7.37
C TRP A 143 33.53 -61.88 -7.80
N SER A 144 33.56 -60.76 -7.09
CA SER A 144 34.53 -59.70 -7.35
C SER A 144 34.86 -58.94 -6.08
N LEU A 145 36.05 -59.17 -5.55
CA LEU A 145 36.47 -58.56 -4.29
C LEU A 145 36.59 -57.03 -4.39
N ASP A 146 36.58 -56.53 -5.63
CA ASP A 146 36.70 -55.09 -5.87
C ASP A 146 35.33 -54.43 -5.95
N ARG A 147 34.28 -55.25 -6.03
CA ARG A 147 32.92 -54.75 -6.17
C ARG A 147 32.16 -54.88 -4.86
N VAL A 148 30.90 -54.48 -4.84
CA VAL A 148 30.12 -54.48 -3.60
C VAL A 148 29.23 -55.73 -3.50
N PRO A 149 29.13 -56.31 -2.30
CA PRO A 149 28.20 -57.42 -2.05
C PRO A 149 26.78 -56.97 -1.79
N GLY A 150 26.60 -55.71 -1.38
CA GLY A 150 25.29 -55.17 -1.11
C GLY A 150 25.15 -54.62 0.29
N GLY A 151 23.91 -54.41 0.72
CA GLY A 151 23.62 -53.90 2.06
C GLY A 151 22.14 -53.90 2.35
N SER A 152 21.77 -53.82 3.62
CA SER A 152 22.73 -53.69 4.72
C SER A 152 23.06 -55.04 5.35
N SER A 153 22.91 -56.10 4.58
CA SER A 153 23.31 -57.43 5.02
C SER A 153 24.29 -58.03 4.03
N GLY A 154 25.32 -57.25 3.69
CA GLY A 154 26.31 -57.67 2.73
C GLY A 154 27.19 -58.77 3.26
N GLY A 155 27.50 -58.72 4.55
CA GLY A 155 28.33 -59.73 5.19
C GLY A 155 27.71 -61.11 5.16
N SER A 156 26.40 -61.17 5.41
CA SER A 156 25.67 -62.43 5.41
C SER A 156 25.64 -63.04 4.02
N ALA A 157 25.22 -62.24 3.05
CA ALA A 157 25.13 -62.67 1.65
C ALA A 157 26.49 -63.12 1.13
N ALA A 158 27.52 -62.35 1.43
CA ALA A 158 28.88 -62.69 1.00
C ALA A 158 29.36 -63.96 1.69
N ALA A 159 28.96 -64.17 2.93
CA ALA A 159 29.36 -65.35 3.68
C ALA A 159 28.74 -66.60 3.07
N VAL A 160 27.44 -66.54 2.78
CA VAL A 160 26.75 -67.69 2.23
C VAL A 160 27.24 -67.97 0.80
N ALA A 161 27.48 -66.89 0.06
CA ALA A 161 27.93 -67.00 -1.33
C ALA A 161 29.38 -67.51 -1.44
N ALA A 162 30.21 -67.17 -0.46
CA ALA A 162 31.62 -67.55 -0.50
C ALA A 162 31.87 -68.92 0.10
N ARG A 163 30.86 -69.79 0.02
CA ARG A 163 30.96 -71.18 0.48
C ARG A 163 31.25 -71.30 1.99
N LEU A 164 31.30 -70.16 2.66
CA LEU A 164 31.54 -70.11 4.10
C LEU A 164 30.37 -70.69 4.88
N LEU A 165 29.16 -70.26 4.55
CA LEU A 165 27.95 -70.66 5.26
C LEU A 165 26.87 -71.18 4.32
N PRO A 166 26.10 -72.18 4.76
CA PRO A 166 24.98 -72.68 3.96
C PRO A 166 23.78 -71.74 4.01
N ALA A 167 23.51 -71.17 5.18
CA ALA A 167 22.39 -70.27 5.38
C ALA A 167 22.64 -69.32 6.55
N ALA A 168 22.20 -68.08 6.41
CA ALA A 168 22.39 -67.08 7.45
C ALA A 168 21.09 -66.30 7.70
N THR A 169 21.09 -65.48 8.75
CA THR A 169 19.93 -64.66 9.06
C THR A 169 20.20 -63.19 8.83
N GLY A 170 19.42 -62.57 7.95
CA GLY A 170 19.58 -61.15 7.66
C GLY A 170 18.33 -60.36 7.98
N THR A 171 18.43 -59.03 7.87
CA THR A 171 17.28 -58.17 8.11
C THR A 171 16.99 -57.35 6.87
N ASP A 172 15.73 -57.01 6.66
CA ASP A 172 15.34 -56.20 5.52
C ASP A 172 14.43 -55.05 5.94
N THR A 173 14.89 -53.83 5.71
CA THR A 173 14.15 -52.63 6.11
C THR A 173 13.79 -51.79 4.89
N GLY A 174 14.72 -51.71 3.95
CA GLY A 174 14.52 -50.95 2.73
C GLY A 174 15.30 -51.55 1.57
N GLY A 175 15.25 -52.88 1.48
CA GLY A 175 16.01 -53.60 0.48
C GLY A 175 17.36 -54.05 1.02
N SER A 176 17.34 -54.67 2.19
CA SER A 176 18.57 -55.08 2.85
C SER A 176 18.76 -56.59 2.86
N ILE A 177 17.93 -57.29 2.10
CA ILE A 177 18.07 -58.75 1.98
C ILE A 177 17.99 -59.17 0.52
N ARG A 178 17.00 -58.62 -0.19
CA ARG A 178 16.81 -58.92 -1.60
C ARG A 178 17.96 -58.39 -2.45
N GLN A 179 18.35 -57.15 -2.18
CA GLN A 179 19.41 -56.49 -2.93
C GLN A 179 20.78 -57.17 -2.76
N PRO A 180 21.20 -57.46 -1.52
CA PRO A 180 22.50 -58.15 -1.44
C PRO A 180 22.46 -59.55 -2.04
N ALA A 181 21.33 -60.23 -1.89
CA ALA A 181 21.18 -61.58 -2.44
C ALA A 181 21.25 -61.56 -3.96
N ALA A 182 20.64 -60.55 -4.57
CA ALA A 182 20.67 -60.40 -6.01
C ALA A 182 22.08 -60.03 -6.47
N LEU A 183 22.76 -59.23 -5.65
CA LEU A 183 24.09 -58.76 -5.98
C LEU A 183 25.16 -59.83 -5.79
N THR A 184 24.80 -60.94 -5.16
CA THR A 184 25.78 -61.99 -4.84
C THR A 184 25.34 -63.38 -5.29
N ASN A 185 24.39 -63.44 -6.23
CA ASN A 185 23.84 -64.70 -6.74
C ASN A 185 23.31 -65.58 -5.60
N LEU A 186 22.35 -65.04 -4.85
CA LEU A 186 21.71 -65.78 -3.77
C LEU A 186 20.20 -65.67 -3.82
N THR A 187 19.51 -66.49 -3.04
CA THR A 187 18.05 -66.45 -2.97
C THR A 187 17.59 -65.92 -1.62
N GLY A 188 17.20 -64.65 -1.58
CA GLY A 188 16.84 -64.02 -0.32
C GLY A 188 15.35 -63.73 -0.17
N ILE A 189 14.76 -64.13 0.94
CA ILE A 189 13.33 -63.90 1.14
C ILE A 189 13.05 -62.98 2.33
N LYS A 190 12.19 -61.99 2.10
CA LYS A 190 11.70 -61.12 3.16
C LYS A 190 10.23 -61.42 3.40
N PRO A 191 9.90 -61.84 4.63
CA PRO A 191 8.53 -62.19 5.02
C PRO A 191 7.62 -60.99 5.23
N THR A 192 6.32 -61.25 5.34
CA THR A 192 5.33 -60.20 5.58
C THR A 192 5.60 -59.55 6.93
N TYR A 193 5.38 -58.24 7.01
CA TYR A 193 5.58 -57.50 8.25
C TYR A 193 4.71 -58.02 9.37
N GLY A 194 5.34 -58.57 10.41
CA GLY A 194 4.62 -59.09 11.55
C GLY A 194 4.79 -60.59 11.73
N ARG A 195 5.27 -61.25 10.68
CA ARG A 195 5.47 -62.69 10.72
C ARG A 195 6.61 -63.08 11.67
N VAL A 196 7.83 -62.67 11.32
CA VAL A 196 8.98 -62.90 12.18
C VAL A 196 9.10 -61.78 13.21
N SER A 197 9.19 -62.16 14.49
CA SER A 197 9.23 -61.17 15.56
C SER A 197 10.47 -60.30 15.52
N ARG A 198 10.39 -59.13 16.15
CA ARG A 198 11.49 -58.18 16.15
C ARG A 198 12.14 -58.00 17.51
N TRP A 199 11.72 -58.82 18.48
CA TRP A 199 12.28 -58.76 19.83
C TRP A 199 13.71 -59.30 19.81
N GLY A 200 14.66 -58.48 20.26
CA GLY A 200 16.06 -58.85 20.19
C GLY A 200 16.70 -58.32 18.93
N MET A 201 15.89 -58.12 17.89
CA MET A 201 16.36 -57.52 16.65
C MET A 201 16.34 -56.01 16.77
N ILE A 202 17.52 -55.40 16.82
CA ILE A 202 17.64 -53.97 16.99
C ILE A 202 17.07 -53.22 15.79
N ALA A 203 16.13 -52.32 16.06
CA ALA A 203 15.35 -51.68 15.00
C ALA A 203 16.03 -50.44 14.42
N TYR A 204 15.93 -50.30 13.09
CA TYR A 204 16.36 -49.09 12.40
C TYR A 204 15.12 -48.33 11.96
N ALA A 205 14.12 -49.07 11.49
CA ALA A 205 12.80 -48.50 11.18
C ALA A 205 11.73 -49.52 11.54
N SER A 206 11.13 -49.34 12.72
CA SER A 206 10.20 -50.31 13.30
C SER A 206 9.06 -50.73 12.37
N SER A 207 8.49 -49.78 11.63
CA SER A 207 7.36 -50.08 10.76
C SER A 207 7.81 -50.57 9.38
N LEU A 208 9.11 -50.81 9.22
CA LEU A 208 9.64 -51.27 7.94
C LEU A 208 10.55 -52.49 8.09
N ASP A 209 11.22 -52.59 9.23
CA ASP A 209 12.17 -53.67 9.50
C ASP A 209 11.49 -55.04 9.56
N GLN A 210 12.14 -56.05 8.99
CA GLN A 210 11.64 -57.43 9.04
C GLN A 210 12.73 -58.43 8.69
N GLY A 211 12.97 -59.39 9.59
CA GLY A 211 14.06 -60.34 9.41
C GLY A 211 13.74 -61.52 8.52
N GLY A 212 14.66 -61.83 7.61
CA GLY A 212 14.50 -62.94 6.68
C GLY A 212 15.80 -63.70 6.45
N PRO A 213 15.68 -64.98 6.04
CA PRO A 213 16.83 -65.87 5.84
C PRO A 213 17.51 -65.68 4.48
N LEU A 214 18.79 -66.01 4.43
CA LEU A 214 19.58 -65.92 3.20
C LEU A 214 20.34 -67.22 2.95
N ALA A 215 20.03 -67.88 1.85
CA ALA A 215 20.68 -69.16 1.52
C ALA A 215 20.83 -69.33 0.02
N ARG A 216 21.33 -70.49 -0.39
CA ARG A 216 21.60 -70.76 -1.81
C ARG A 216 20.34 -71.18 -2.57
N THR A 217 19.55 -72.07 -1.97
CA THR A 217 18.34 -72.55 -2.62
C THR A 217 17.09 -72.08 -1.88
N ALA A 218 15.96 -72.04 -2.61
CA ALA A 218 14.69 -71.63 -2.03
C ALA A 218 14.25 -72.61 -0.94
N GLU A 219 14.56 -73.87 -1.15
CA GLU A 219 14.25 -74.93 -0.19
C GLU A 219 14.95 -74.67 1.14
N ASP A 220 16.17 -74.18 1.07
CA ASP A 220 16.99 -73.92 2.25
C ASP A 220 16.39 -72.80 3.11
N CYS A 221 16.13 -71.67 2.48
CA CYS A 221 15.55 -70.52 3.18
C CYS A 221 14.11 -70.80 3.59
N ALA A 222 13.50 -71.78 2.93
CA ALA A 222 12.19 -72.26 3.36
C ALA A 222 12.34 -73.03 4.66
N LEU A 223 13.38 -73.86 4.74
CA LEU A 223 13.67 -74.61 5.95
C LEU A 223 13.99 -73.68 7.12
N MET A 224 14.65 -72.55 6.82
CA MET A 224 14.94 -71.57 7.85
C MET A 224 13.69 -70.80 8.27
N LEU A 225 12.95 -70.30 7.29
CA LEU A 225 11.74 -69.52 7.54
C LEU A 225 10.71 -70.31 8.31
N GLY A 226 10.64 -71.62 8.06
CA GLY A 226 9.72 -72.49 8.78
C GLY A 226 9.99 -72.51 10.27
N VAL A 227 11.24 -72.24 10.64
CA VAL A 227 11.65 -72.23 12.04
C VAL A 227 11.54 -70.84 12.65
N MET A 228 12.11 -69.84 11.98
CA MET A 228 12.22 -68.51 12.55
C MET A 228 10.94 -67.69 12.49
N ALA A 229 9.88 -68.26 11.92
CA ALA A 229 8.59 -67.56 11.86
C ALA A 229 7.73 -67.86 13.08
N GLY A 230 6.56 -67.25 13.15
CA GLY A 230 5.64 -67.49 14.26
C GLY A 230 5.39 -66.28 15.14
N PHE A 231 4.35 -66.36 15.95
CA PHE A 231 3.94 -65.26 16.82
C PHE A 231 4.79 -65.18 18.09
N ASP A 232 4.96 -63.98 18.61
CA ASP A 232 5.70 -63.75 19.85
C ASP A 232 5.01 -62.69 20.71
N PRO A 233 4.54 -63.08 21.90
CA PRO A 233 3.81 -62.19 22.81
C PRO A 233 4.66 -61.03 23.35
N LYS A 234 5.98 -61.15 23.27
CA LYS A 234 6.86 -60.09 23.74
C LYS A 234 6.87 -58.92 22.75
N ASP A 235 6.46 -59.20 21.52
CA ASP A 235 6.38 -58.18 20.48
C ASP A 235 4.93 -57.81 20.19
N SER A 236 4.64 -56.51 20.16
CA SER A 236 3.29 -56.04 19.91
C SER A 236 2.94 -56.02 18.42
N THR A 237 3.95 -55.89 17.57
CA THR A 237 3.73 -55.79 16.13
C THR A 237 3.57 -57.17 15.50
N SER A 238 3.87 -58.21 16.29
CA SER A 238 3.77 -59.58 15.80
C SER A 238 2.31 -59.98 15.59
N VAL A 239 2.05 -60.75 14.54
CA VAL A 239 0.70 -61.16 14.21
C VAL A 239 0.56 -62.67 14.38
N GLU A 240 -0.59 -63.10 14.88
CA GLU A 240 -0.84 -64.51 15.13
C GLU A 240 -1.38 -65.21 13.88
N GLN A 241 -0.60 -66.13 13.35
CA GLN A 241 -0.98 -66.90 12.17
C GLN A 241 -0.33 -68.29 12.22
N PRO A 242 -1.13 -69.33 11.98
CA PRO A 242 -0.70 -70.73 12.14
C PRO A 242 0.05 -71.28 10.92
N VAL A 243 0.08 -70.53 9.82
CA VAL A 243 0.71 -71.00 8.60
C VAL A 243 2.23 -71.11 8.76
N ASP A 244 2.73 -72.34 8.78
CA ASP A 244 4.16 -72.58 8.95
C ASP A 244 4.63 -73.82 8.20
N ASP A 245 3.90 -74.19 7.14
CA ASP A 245 4.26 -75.34 6.33
C ASP A 245 4.85 -74.94 4.98
N TYR A 246 6.04 -74.37 4.99
CA TYR A 246 6.67 -73.89 3.76
C TYR A 246 7.35 -75.01 2.97
N LEU A 247 7.99 -75.94 3.69
CA LEU A 247 8.74 -77.02 3.06
C LEU A 247 7.84 -77.91 2.20
N ALA A 248 6.61 -78.12 2.66
CA ALA A 248 5.66 -78.97 1.94
C ALA A 248 4.98 -78.21 0.81
N ALA A 249 4.99 -76.88 0.91
CA ALA A 249 4.35 -76.03 -0.09
C ALA A 249 5.11 -76.06 -1.42
N LEU A 250 6.33 -76.62 -1.39
CA LEU A 250 7.17 -76.68 -2.57
C LEU A 250 6.68 -77.75 -3.55
N GLN A 251 7.33 -77.79 -4.71
CA GLN A 251 7.09 -78.76 -5.79
C GLN A 251 5.62 -78.82 -6.24
N LYS A 252 4.87 -77.78 -5.94
CA LYS A 252 3.49 -77.66 -6.41
C LYS A 252 3.51 -76.94 -7.76
N PRO A 253 2.90 -77.56 -8.79
CA PRO A 253 2.96 -77.07 -10.17
C PRO A 253 2.41 -75.66 -10.36
N LEU A 254 2.86 -75.00 -11.42
CA LEU A 254 2.46 -73.63 -11.72
C LEU A 254 1.31 -73.61 -12.72
N SER A 255 0.40 -74.58 -12.59
CA SER A 255 -0.73 -74.70 -13.48
C SER A 255 -1.66 -73.50 -13.38
N GLY A 256 -1.60 -72.61 -14.39
CA GLY A 256 -2.44 -71.44 -14.42
C GLY A 256 -2.10 -70.41 -13.37
N LEU A 257 -0.80 -70.18 -13.18
CA LEU A 257 -0.35 -69.17 -12.21
C LEU A 257 -0.20 -67.82 -12.89
N ARG A 258 -0.99 -66.85 -12.43
CA ARG A 258 -0.99 -65.51 -13.01
C ARG A 258 0.22 -64.69 -12.57
N ILE A 259 0.83 -64.01 -13.53
CA ILE A 259 2.01 -63.20 -13.30
C ILE A 259 1.80 -61.80 -13.85
N GLY A 260 2.10 -60.79 -13.03
CA GLY A 260 1.91 -59.40 -13.41
C GLY A 260 3.20 -58.74 -13.86
N LEU A 261 3.15 -58.10 -15.02
CA LEU A 261 4.30 -57.40 -15.55
C LEU A 261 4.07 -55.88 -15.53
N PRO A 262 4.65 -55.20 -14.53
CA PRO A 262 4.48 -53.76 -14.29
C PRO A 262 5.17 -52.88 -15.33
N ARG A 263 4.61 -51.70 -15.57
CA ARG A 263 5.21 -50.73 -16.49
C ARG A 263 6.42 -50.05 -15.86
N GLU A 264 6.32 -49.76 -14.57
CA GLU A 264 7.39 -49.06 -13.86
C GLU A 264 8.56 -49.95 -13.45
N TYR A 265 8.37 -51.26 -13.52
CA TYR A 265 9.45 -52.17 -13.17
C TYR A 265 10.43 -52.31 -14.33
N PHE A 266 10.06 -51.78 -15.48
CA PHE A 266 10.95 -51.76 -16.64
C PHE A 266 11.11 -50.35 -17.20
N GLY A 267 11.39 -49.40 -16.32
CA GLY A 267 11.47 -48.00 -16.70
C GLY A 267 12.69 -47.63 -17.52
N ALA A 268 13.09 -46.36 -17.42
CA ALA A 268 14.24 -45.85 -18.15
C ALA A 268 15.51 -45.98 -17.33
N GLY A 269 15.35 -46.40 -16.07
CA GLY A 269 16.47 -46.54 -15.17
C GLY A 269 17.16 -47.87 -15.34
N LEU A 270 16.43 -48.85 -15.87
CA LEU A 270 16.95 -50.19 -16.04
C LEU A 270 17.64 -50.35 -17.38
N ASP A 271 18.79 -51.02 -17.37
CA ASP A 271 19.53 -51.31 -18.60
C ASP A 271 18.89 -52.48 -19.35
N SER A 272 19.13 -52.53 -20.65
CA SER A 272 18.55 -53.57 -21.50
C SER A 272 19.08 -54.97 -21.17
N ARG A 273 20.31 -55.04 -20.66
CA ARG A 273 20.93 -56.31 -20.33
C ARG A 273 20.14 -57.07 -19.26
N ILE A 274 19.90 -56.41 -18.13
CA ILE A 274 19.14 -56.98 -17.03
C ILE A 274 17.70 -57.21 -17.46
N ALA A 275 17.21 -56.33 -18.34
CA ALA A 275 15.85 -56.45 -18.85
C ALA A 275 15.67 -57.75 -19.62
N ASP A 276 16.63 -58.07 -20.46
CA ASP A 276 16.63 -59.33 -21.20
C ASP A 276 16.83 -60.50 -20.24
N ALA A 277 17.67 -60.29 -19.22
CA ALA A 277 17.91 -61.31 -18.21
C ALA A 277 16.62 -61.64 -17.45
N VAL A 278 15.71 -60.67 -17.39
CA VAL A 278 14.41 -60.86 -16.76
C VAL A 278 13.42 -61.50 -17.74
N LEU A 279 13.41 -61.01 -18.97
CA LEU A 279 12.50 -61.52 -19.99
C LEU A 279 12.74 -62.99 -20.29
N ALA A 280 13.98 -63.43 -20.14
CA ALA A 280 14.30 -64.85 -20.29
C ALA A 280 13.62 -65.66 -19.18
N VAL A 281 13.62 -65.11 -17.98
CA VAL A 281 12.97 -65.74 -16.83
C VAL A 281 11.45 -65.77 -17.01
N VAL A 282 10.91 -64.69 -17.58
CA VAL A 282 9.48 -64.60 -17.86
C VAL A 282 9.09 -65.64 -18.90
N GLU A 283 9.94 -65.83 -19.89
CA GLU A 283 9.71 -66.81 -20.94
C GLU A 283 9.76 -68.23 -20.37
N GLU A 284 10.72 -68.46 -19.47
CA GLU A 284 10.85 -69.78 -18.85
C GLU A 284 9.66 -70.07 -17.93
N LEU A 285 9.14 -69.03 -17.29
CA LEU A 285 7.96 -69.17 -16.45
C LEU A 285 6.73 -69.43 -17.32
N LYS A 286 6.73 -68.85 -18.52
CA LYS A 286 5.68 -69.12 -19.49
C LYS A 286 5.73 -70.58 -19.96
N THR A 287 6.93 -71.10 -20.12
CA THR A 287 7.09 -72.51 -20.50
C THR A 287 6.71 -73.43 -19.34
N LEU A 288 6.88 -72.93 -18.12
CA LEU A 288 6.54 -73.71 -16.93
C LEU A 288 5.02 -73.86 -16.78
N GLY A 289 4.27 -73.02 -17.48
CA GLY A 289 2.82 -73.12 -17.47
C GLY A 289 2.14 -71.96 -16.78
N ALA A 290 2.85 -70.83 -16.68
CA ALA A 290 2.30 -69.64 -16.04
C ALA A 290 1.80 -68.66 -17.09
N THR A 291 0.82 -67.85 -16.70
CA THR A 291 0.26 -66.83 -17.58
C THR A 291 0.86 -65.47 -17.26
N VAL A 292 0.98 -64.61 -18.27
CA VAL A 292 1.53 -63.28 -18.07
C VAL A 292 0.55 -62.20 -18.52
N LYS A 293 0.34 -61.21 -17.66
CA LYS A 293 -0.55 -60.10 -17.97
C LYS A 293 0.12 -58.79 -17.56
N ASP A 294 0.00 -57.76 -18.40
CA ASP A 294 0.58 -56.46 -18.09
C ASP A 294 -0.20 -55.76 -16.99
N ILE A 295 0.49 -55.35 -15.93
CA ILE A 295 -0.15 -54.65 -14.83
C ILE A 295 0.45 -53.24 -14.70
N SER A 296 -0.20 -52.39 -13.91
CA SER A 296 0.24 -51.01 -13.76
C SER A 296 0.37 -50.60 -12.29
N LEU A 297 1.34 -49.73 -12.01
CA LEU A 297 1.52 -49.16 -10.69
C LEU A 297 1.81 -47.67 -10.79
N PRO A 298 0.76 -46.84 -10.64
CA PRO A 298 0.86 -45.39 -10.82
C PRO A 298 1.73 -44.69 -9.77
N ASN A 299 1.71 -45.21 -8.54
CA ASN A 299 2.47 -44.59 -7.46
C ASN A 299 3.66 -45.44 -7.02
N MET A 300 4.34 -46.03 -8.00
CA MET A 300 5.52 -46.83 -7.71
C MET A 300 6.77 -45.97 -7.74
N GLN A 301 6.77 -44.97 -8.62
CA GLN A 301 7.90 -44.07 -8.80
C GLN A 301 8.11 -43.17 -7.58
N HIS A 302 7.02 -42.85 -6.89
CA HIS A 302 7.08 -41.94 -5.75
C HIS A 302 7.43 -42.66 -4.46
N ALA A 303 7.82 -43.93 -4.57
CA ALA A 303 8.15 -44.75 -3.42
C ALA A 303 9.51 -44.41 -2.84
N ILE A 304 10.42 -43.94 -3.68
CA ILE A 304 11.79 -43.65 -3.27
C ILE A 304 11.90 -42.49 -2.26
N PRO A 305 11.24 -41.35 -2.52
CA PRO A 305 11.44 -40.28 -1.54
C PRO A 305 10.72 -40.54 -0.21
N ALA A 306 9.47 -40.97 -0.28
CA ALA A 306 8.65 -41.20 0.93
C ALA A 306 9.38 -42.06 1.95
N TYR A 307 9.99 -43.14 1.47
CA TYR A 307 10.78 -44.03 2.32
C TYR A 307 11.84 -43.25 3.08
N TYR A 308 12.63 -42.47 2.36
CA TYR A 308 13.70 -41.69 2.98
C TYR A 308 13.15 -40.50 3.77
N VAL A 309 11.87 -40.55 4.10
CA VAL A 309 11.26 -39.62 5.03
C VAL A 309 10.75 -40.39 6.24
N ILE A 310 10.27 -41.61 5.99
CA ILE A 310 9.69 -42.44 7.02
C ILE A 310 10.76 -43.20 7.80
N ALA A 311 11.66 -43.84 7.08
CA ALA A 311 12.74 -44.61 7.69
C ALA A 311 13.69 -43.77 8.55
N PRO A 312 14.13 -42.59 8.06
CA PRO A 312 15.00 -41.80 8.93
C PRO A 312 14.28 -41.31 10.18
N ALA A 313 13.06 -40.81 10.01
CA ALA A 313 12.28 -40.28 11.12
C ALA A 313 12.23 -41.25 12.28
N GLU A 314 11.70 -42.45 12.03
CA GLU A 314 11.66 -43.51 13.02
C GLU A 314 13.04 -43.77 13.61
N ALA A 315 14.05 -43.82 12.74
CA ALA A 315 15.41 -44.05 13.19
C ALA A 315 15.81 -42.95 14.17
N SER A 316 15.48 -41.71 13.81
CA SER A 316 15.82 -40.56 14.63
C SER A 316 15.24 -40.68 16.03
N SER A 317 14.20 -41.51 16.17
CA SER A 317 13.63 -41.78 17.47
C SER A 317 14.20 -43.08 18.05
N ASN A 318 14.34 -44.08 17.20
CA ASN A 318 14.77 -45.41 17.64
C ASN A 318 16.17 -45.39 18.21
N LEU A 319 17.01 -44.52 17.68
CA LEU A 319 18.39 -44.39 18.12
C LEU A 319 18.54 -43.30 19.18
N SER A 320 17.43 -42.74 19.64
CA SER A 320 17.49 -41.71 20.67
C SER A 320 17.94 -42.31 22.00
N ARG A 321 17.79 -43.61 22.15
CA ARG A 321 18.18 -44.30 23.37
C ARG A 321 19.70 -44.44 23.48
N PHE A 322 20.38 -44.42 22.34
CA PHE A 322 21.82 -44.55 22.33
C PHE A 322 22.49 -43.27 22.80
N ASP A 323 22.67 -43.15 24.11
CA ASP A 323 23.30 -41.98 24.71
C ASP A 323 24.57 -42.34 25.46
N GLY A 324 24.66 -43.60 25.89
CA GLY A 324 25.85 -44.10 26.55
C GLY A 324 25.83 -43.94 28.06
N VAL A 325 24.64 -43.84 28.63
CA VAL A 325 24.50 -43.72 30.07
C VAL A 325 24.36 -45.10 30.73
N ARG A 326 23.74 -46.03 30.01
CA ARG A 326 23.45 -47.35 30.55
C ARG A 326 24.30 -48.44 29.93
N TYR A 327 24.66 -48.27 28.66
CA TYR A 327 25.41 -49.29 27.94
C TYR A 327 26.16 -48.70 26.75
N GLY A 328 26.72 -49.57 25.92
CA GLY A 328 27.39 -49.14 24.72
C GLY A 328 28.72 -48.46 24.98
N TYR A 329 28.89 -47.28 24.38
CA TYR A 329 30.11 -46.50 24.51
C TYR A 329 29.87 -45.21 25.28
N ARG A 330 30.80 -44.89 26.17
CA ARG A 330 30.72 -43.66 26.95
C ARG A 330 31.94 -42.78 26.66
N CYS A 331 31.73 -41.47 26.69
CA CYS A 331 32.80 -40.51 26.42
C CYS A 331 33.95 -40.65 27.42
N ASP A 332 35.17 -40.43 26.95
CA ASP A 332 36.35 -40.53 27.80
C ASP A 332 36.42 -39.34 28.75
N ALA A 333 36.04 -38.17 28.27
CA ALA A 333 36.06 -36.97 29.08
C ALA A 333 34.71 -36.26 29.06
N PRO A 334 33.77 -36.73 29.89
CA PRO A 334 32.43 -36.13 29.96
C PRO A 334 32.40 -34.96 30.95
N GLN A 335 32.72 -33.78 30.44
CA GLN A 335 32.74 -32.58 31.27
C GLN A 335 31.33 -32.23 31.76
N ASN A 336 30.36 -32.35 30.86
CA ASN A 336 28.98 -32.02 31.18
C ASN A 336 28.04 -33.15 30.75
N LEU A 337 26.78 -33.04 31.16
CA LEU A 337 25.75 -34.00 30.76
C LEU A 337 25.43 -33.86 29.28
N GLU A 338 25.17 -32.63 28.85
CA GLU A 338 24.91 -32.34 27.44
C GLU A 338 26.13 -32.68 26.59
N ASP A 339 27.31 -32.41 27.15
CA ASP A 339 28.57 -32.78 26.50
C ASP A 339 28.69 -34.29 26.40
N LEU A 340 28.20 -34.98 27.43
CA LEU A 340 28.20 -36.44 27.43
C LEU A 340 27.34 -36.96 26.28
N TYR A 341 26.12 -36.45 26.19
CA TYR A 341 25.21 -36.81 25.10
C TYR A 341 25.84 -36.57 23.74
N LYS A 342 26.25 -35.33 23.48
CA LYS A 342 26.76 -34.95 22.16
C LYS A 342 28.04 -35.71 21.78
N ARG A 343 28.98 -35.82 22.70
CA ARG A 343 30.24 -36.49 22.44
C ARG A 343 30.04 -37.99 22.26
N SER A 344 29.21 -38.61 23.10
CA SER A 344 28.96 -40.04 23.00
C SER A 344 28.23 -40.38 21.71
N ARG A 345 27.29 -39.53 21.29
CA ARG A 345 26.54 -39.80 20.07
C ARG A 345 27.33 -39.44 18.81
N ALA A 346 28.33 -38.57 18.96
CA ALA A 346 29.21 -38.24 17.83
C ALA A 346 30.23 -39.36 17.65
N GLU A 347 30.76 -39.83 18.77
CA GLU A 347 31.78 -40.88 18.80
C GLU A 347 31.39 -42.33 19.24
N GLY A 348 30.14 -42.79 19.09
CA GLY A 348 29.13 -42.27 18.19
C GLY A 348 29.05 -43.08 16.92
N PHE A 349 28.44 -42.50 15.89
CA PHE A 349 28.36 -43.15 14.58
C PHE A 349 28.84 -42.20 13.50
N GLY A 350 29.19 -42.76 12.34
CA GLY A 350 29.78 -41.96 11.27
C GLY A 350 28.80 -41.05 10.56
N SER A 351 29.08 -40.79 9.28
CA SER A 351 28.32 -39.80 8.53
C SER A 351 26.91 -40.27 8.18
N GLU A 352 26.79 -41.53 7.75
CA GLU A 352 25.52 -42.08 7.31
C GLU A 352 24.44 -41.97 8.39
N VAL A 353 24.70 -42.59 9.53
CA VAL A 353 23.75 -42.62 10.63
C VAL A 353 23.43 -41.23 11.16
N LYS A 354 24.45 -40.42 11.38
CA LYS A 354 24.29 -39.06 11.86
C LYS A 354 23.40 -38.23 10.92
N ASN A 355 23.65 -38.35 9.63
CA ASN A 355 22.89 -37.61 8.63
C ASN A 355 21.45 -38.09 8.50
N ARG A 356 21.25 -39.41 8.63
CA ARG A 356 19.90 -39.96 8.58
C ARG A 356 19.09 -39.52 9.80
N ILE A 357 19.75 -39.48 10.95
CA ILE A 357 19.14 -38.97 12.17
C ILE A 357 18.83 -37.49 12.00
N MET A 358 19.71 -36.79 11.30
CA MET A 358 19.53 -35.36 11.03
C MET A 358 18.28 -35.09 10.19
N VAL A 359 18.18 -35.76 9.04
CA VAL A 359 17.02 -35.58 8.17
C VAL A 359 15.74 -36.08 8.84
N GLY A 360 15.87 -37.12 9.66
CA GLY A 360 14.73 -37.63 10.41
C GLY A 360 14.21 -36.61 11.41
N THR A 361 15.14 -35.97 12.13
CA THR A 361 14.79 -34.95 13.11
C THR A 361 14.18 -33.74 12.40
N TYR A 362 14.71 -33.43 11.22
CA TYR A 362 14.17 -32.36 10.41
C TYR A 362 12.75 -32.67 9.94
N ALA A 363 12.49 -33.95 9.69
CA ALA A 363 11.19 -34.40 9.21
C ALA A 363 10.14 -34.42 10.33
N LEU A 364 10.58 -34.76 11.53
CA LEU A 364 9.67 -34.86 12.67
C LEU A 364 9.48 -33.53 13.40
N SER A 365 10.28 -32.53 13.02
CA SER A 365 10.20 -31.22 13.65
C SER A 365 8.84 -30.59 13.42
N ALA A 366 8.43 -29.71 14.32
CA ALA A 366 7.14 -29.03 14.22
C ALA A 366 7.05 -28.16 12.96
N GLY A 367 5.95 -28.31 12.23
CA GLY A 367 5.75 -27.56 11.00
C GLY A 367 6.00 -28.40 9.76
N TYR A 368 7.21 -28.92 9.63
CA TYR A 368 7.57 -29.75 8.48
C TYR A 368 6.91 -31.13 8.56
N TYR A 369 6.32 -31.43 9.71
CA TYR A 369 5.68 -32.72 9.96
C TYR A 369 4.63 -33.08 8.90
N ASP A 370 3.66 -32.19 8.74
CA ASP A 370 2.55 -32.43 7.81
C ASP A 370 3.02 -32.47 6.36
N ALA A 371 4.04 -31.68 6.04
CA ALA A 371 4.54 -31.57 4.67
C ALA A 371 5.41 -32.75 4.27
N TYR A 372 6.06 -33.38 5.24
CA TYR A 372 7.00 -34.45 4.94
C TYR A 372 6.55 -35.81 5.46
N TYR A 373 6.42 -35.95 6.77
CA TYR A 373 6.10 -37.24 7.39
C TYR A 373 4.69 -37.70 7.02
N LEU A 374 3.71 -36.85 7.31
CA LEU A 374 2.32 -37.15 7.00
C LEU A 374 2.12 -37.44 5.52
N GLN A 375 2.74 -36.60 4.68
CA GLN A 375 2.70 -36.77 3.23
C GLN A 375 3.24 -38.14 2.82
N ALA A 376 4.42 -38.48 3.34
CA ALA A 376 5.06 -39.75 3.03
C ALA A 376 4.19 -40.93 3.45
N GLN A 377 3.53 -40.79 4.60
CA GLN A 377 2.64 -41.84 5.08
C GLN A 377 1.42 -41.99 4.17
N LYS A 378 0.89 -40.88 3.68
CA LYS A 378 -0.25 -40.93 2.77
C LYS A 378 0.15 -41.56 1.43
N ILE A 379 1.38 -41.28 0.99
CA ILE A 379 1.91 -41.89 -0.21
C ILE A 379 2.04 -43.40 -0.02
N ARG A 380 2.51 -43.78 1.18
CA ARG A 380 2.61 -45.18 1.57
C ARG A 380 1.25 -45.85 1.50
N ARG A 381 0.23 -45.12 1.95
CA ARG A 381 -1.14 -45.61 1.90
C ARG A 381 -1.57 -45.84 0.46
N LEU A 382 -1.24 -44.88 -0.42
CA LEU A 382 -1.54 -45.00 -1.84
C LEU A 382 -0.85 -46.22 -2.46
N ILE A 383 0.36 -46.51 -1.99
CA ILE A 383 1.12 -47.64 -2.48
C ILE A 383 0.45 -48.96 -2.07
N LYS A 384 0.08 -49.04 -0.79
CA LYS A 384 -0.65 -50.21 -0.29
C LYS A 384 -1.95 -50.41 -1.07
N ASN A 385 -2.65 -49.32 -1.34
CA ASN A 385 -3.89 -49.37 -2.10
C ASN A 385 -3.66 -49.89 -3.53
N ASP A 386 -2.59 -49.42 -4.16
CA ASP A 386 -2.26 -49.85 -5.51
C ASP A 386 -1.90 -51.34 -5.54
N PHE A 387 -1.21 -51.81 -4.50
CA PHE A 387 -0.83 -53.21 -4.43
C PHE A 387 -2.03 -54.12 -4.17
N VAL A 388 -2.89 -53.74 -3.23
CA VAL A 388 -4.06 -54.56 -2.93
C VAL A 388 -5.06 -54.50 -4.09
N SER A 389 -4.96 -53.46 -4.89
CA SER A 389 -5.79 -53.35 -6.10
C SER A 389 -5.22 -54.24 -7.20
N ALA A 390 -3.89 -54.35 -7.23
CA ALA A 390 -3.21 -55.13 -8.26
C ALA A 390 -3.32 -56.64 -8.02
N PHE A 391 -3.14 -57.05 -6.76
CA PHE A 391 -3.13 -58.47 -6.43
C PHE A 391 -4.51 -59.12 -6.51
N ALA A 392 -5.52 -58.33 -6.88
CA ALA A 392 -6.88 -58.85 -7.03
C ALA A 392 -6.96 -59.77 -8.24
N GLU A 393 -6.14 -59.49 -9.24
CA GLU A 393 -6.13 -60.26 -10.48
C GLU A 393 -4.80 -60.97 -10.68
N VAL A 394 -3.73 -60.41 -10.13
CA VAL A 394 -2.39 -60.99 -10.25
C VAL A 394 -2.03 -61.76 -8.99
N ASP A 395 -1.45 -62.94 -9.16
CA ASP A 395 -1.06 -63.77 -8.02
C ASP A 395 0.29 -63.36 -7.44
N VAL A 396 1.27 -63.15 -8.33
CA VAL A 396 2.60 -62.72 -7.91
C VAL A 396 3.15 -61.66 -8.85
N ILE A 397 3.70 -60.58 -8.29
CA ILE A 397 4.22 -59.51 -9.12
C ILE A 397 5.74 -59.56 -9.19
N LEU A 398 6.27 -59.95 -10.34
CA LEU A 398 7.72 -60.07 -10.49
C LEU A 398 8.30 -59.04 -11.45
N GLY A 399 9.57 -58.72 -11.25
CA GLY A 399 10.29 -57.78 -12.09
C GLY A 399 11.77 -57.88 -11.76
N PRO A 400 12.58 -56.95 -12.27
CA PRO A 400 14.01 -56.98 -11.98
C PRO A 400 14.31 -56.48 -10.57
N THR A 401 15.38 -56.99 -9.97
CA THR A 401 15.81 -56.50 -8.67
C THR A 401 16.69 -55.28 -8.89
N THR A 402 18.00 -55.44 -8.89
CA THR A 402 18.90 -54.31 -9.09
C THR A 402 18.86 -53.85 -10.54
N PRO A 403 18.75 -52.53 -10.75
CA PRO A 403 18.70 -51.99 -12.12
C PRO A 403 20.08 -52.02 -12.74
N ASN A 404 21.10 -52.08 -11.89
CA ASN A 404 22.48 -52.15 -12.32
C ASN A 404 23.20 -53.28 -11.59
N PRO A 405 24.12 -53.96 -12.29
CA PRO A 405 24.94 -55.00 -11.63
C PRO A 405 25.82 -54.40 -10.53
N ALA A 406 26.51 -55.28 -9.79
CA ALA A 406 27.33 -54.84 -8.67
C ALA A 406 28.38 -53.81 -9.07
N TRP A 407 28.48 -52.74 -8.30
CA TRP A 407 29.42 -51.66 -8.58
C TRP A 407 30.58 -51.64 -7.59
N LYS A 408 31.73 -51.15 -8.06
CA LYS A 408 32.97 -51.23 -7.30
C LYS A 408 32.96 -50.34 -6.07
N ILE A 409 33.93 -50.54 -5.19
CA ILE A 409 34.01 -49.79 -3.95
C ILE A 409 34.93 -48.60 -4.13
N GLY A 410 34.56 -47.47 -3.51
CA GLY A 410 35.30 -46.24 -3.65
C GLY A 410 34.73 -45.39 -4.76
N GLU A 411 33.58 -45.80 -5.28
CA GLU A 411 32.90 -45.10 -6.36
C GLU A 411 31.77 -44.21 -5.84
N LYS A 412 30.62 -44.81 -5.57
CA LYS A 412 29.45 -44.06 -5.08
C LYS A 412 29.47 -43.86 -3.58
N ASN A 413 30.65 -43.65 -3.02
CA ASN A 413 30.78 -43.35 -1.60
C ASN A 413 30.63 -41.86 -1.32
N ASP A 414 31.16 -41.04 -2.24
CA ASP A 414 31.05 -39.59 -2.11
C ASP A 414 29.66 -39.09 -2.48
N ASP A 415 29.02 -39.76 -3.43
CA ASP A 415 27.67 -39.37 -3.84
C ASP A 415 26.64 -40.25 -3.14
N PRO A 416 25.82 -39.64 -2.27
CA PRO A 416 24.77 -40.41 -1.58
C PRO A 416 23.46 -40.43 -2.37
N VAL A 417 23.32 -39.50 -3.32
CA VAL A 417 22.11 -39.39 -4.13
C VAL A 417 21.89 -40.67 -4.92
N SER A 418 22.93 -41.13 -5.60
CA SER A 418 22.85 -42.34 -6.41
C SER A 418 22.70 -43.56 -5.53
N GLN A 419 23.29 -43.49 -4.34
CA GLN A 419 23.18 -44.58 -3.37
C GLN A 419 21.73 -44.76 -2.94
N TYR A 420 21.05 -43.65 -2.71
CA TYR A 420 19.64 -43.66 -2.31
C TYR A 420 18.72 -43.92 -3.51
N LEU A 421 19.13 -43.44 -4.69
CA LEU A 421 18.34 -43.61 -5.91
C LEU A 421 18.49 -45.00 -6.52
N GLU A 422 19.14 -45.90 -5.78
CA GLU A 422 19.31 -47.27 -6.23
C GLU A 422 18.07 -48.10 -5.90
N ASP A 423 17.69 -48.09 -4.62
CA ASP A 423 16.55 -48.87 -4.16
C ASP A 423 15.23 -48.21 -4.56
N ILE A 424 14.71 -48.64 -5.71
CA ILE A 424 13.47 -48.13 -6.27
C ILE A 424 12.44 -49.26 -6.30
N TYR A 425 12.94 -50.43 -6.65
CA TYR A 425 12.17 -51.64 -6.87
C TYR A 425 11.85 -52.39 -5.59
N THR A 426 12.81 -52.39 -4.66
CA THR A 426 12.76 -53.22 -3.48
C THR A 426 12.01 -52.55 -2.33
N ILE A 427 11.82 -51.25 -2.44
CA ILE A 427 11.25 -50.47 -1.35
C ILE A 427 9.72 -50.54 -1.30
N THR A 428 9.09 -50.83 -2.43
CA THR A 428 7.64 -50.89 -2.52
C THR A 428 7.08 -51.96 -1.58
N ALA A 429 7.77 -53.10 -1.52
CA ALA A 429 7.36 -54.19 -0.64
C ALA A 429 7.50 -53.82 0.82
N ASN A 430 8.57 -53.10 1.15
CA ASN A 430 8.79 -52.65 2.52
C ASN A 430 7.73 -51.66 2.98
N LEU A 431 7.40 -50.71 2.11
CA LEU A 431 6.37 -49.72 2.43
C LEU A 431 4.98 -50.35 2.49
N ALA A 432 4.75 -51.34 1.63
CA ALA A 432 3.46 -52.02 1.61
C ALA A 432 3.41 -53.12 2.65
N GLY A 433 4.58 -53.54 3.14
CA GLY A 433 4.65 -54.59 4.13
C GLY A 433 4.40 -55.95 3.51
N LEU A 434 4.68 -56.05 2.21
CA LEU A 434 4.46 -57.29 1.46
C LEU A 434 5.68 -58.19 1.46
N PRO A 435 5.47 -59.51 1.38
CA PRO A 435 6.58 -60.45 1.28
C PRO A 435 7.22 -60.46 -0.11
N GLY A 436 8.55 -60.38 -0.14
CA GLY A 436 9.29 -60.35 -1.38
C GLY A 436 10.36 -61.41 -1.41
N LEU A 437 10.88 -61.70 -2.61
CA LEU A 437 11.90 -62.72 -2.77
C LEU A 437 12.80 -62.43 -3.97
N SER A 438 14.10 -62.43 -3.74
CA SER A 438 15.06 -62.21 -4.81
C SER A 438 15.68 -63.55 -5.20
N MET A 439 15.49 -63.91 -6.46
CA MET A 439 16.03 -65.14 -7.02
C MET A 439 16.86 -64.82 -8.26
N PRO A 440 18.11 -65.30 -8.31
CA PRO A 440 19.06 -64.98 -9.37
C PRO A 440 18.55 -65.28 -10.78
N ALA A 441 18.73 -64.33 -11.69
CA ALA A 441 18.31 -64.51 -13.07
C ALA A 441 19.47 -65.06 -13.89
N GLY A 442 20.67 -64.61 -13.54
CA GLY A 442 21.88 -65.05 -14.21
C GLY A 442 23.06 -64.20 -13.77
N PHE A 443 24.04 -64.05 -14.64
CA PHE A 443 25.20 -63.22 -14.34
C PHE A 443 25.53 -62.34 -15.55
N VAL A 444 25.81 -61.07 -15.28
CA VAL A 444 26.15 -60.11 -16.33
C VAL A 444 27.56 -59.56 -16.17
N ASP A 445 28.38 -59.77 -17.21
CA ASP A 445 29.79 -59.39 -17.20
C ASP A 445 30.53 -59.90 -15.97
N GLY A 446 30.16 -61.09 -15.51
CA GLY A 446 30.80 -61.71 -14.37
C GLY A 446 30.14 -61.33 -13.06
N LEU A 447 29.20 -60.41 -13.13
CA LEU A 447 28.47 -59.94 -11.95
C LEU A 447 27.07 -60.54 -11.90
N PRO A 448 26.65 -60.98 -10.71
CA PRO A 448 25.36 -61.66 -10.53
C PRO A 448 24.19 -60.69 -10.44
N VAL A 449 23.08 -61.03 -11.08
CA VAL A 449 21.89 -60.20 -11.03
C VAL A 449 20.66 -61.03 -10.65
N GLY A 450 19.68 -60.40 -10.03
CA GLY A 450 18.50 -61.09 -9.53
C GLY A 450 17.16 -60.56 -9.97
N VAL A 451 16.13 -61.35 -9.74
CA VAL A 451 14.74 -61.00 -10.04
C VAL A 451 13.92 -60.97 -8.75
N GLN A 452 13.14 -59.92 -8.58
CA GLN A 452 12.33 -59.74 -7.38
C GLN A 452 10.88 -60.15 -7.65
N LEU A 453 10.34 -60.95 -6.74
CA LEU A 453 8.95 -61.39 -6.83
C LEU A 453 8.21 -61.01 -5.56
N LEU A 454 6.98 -60.52 -5.71
CA LEU A 454 6.20 -60.07 -4.57
C LEU A 454 4.91 -60.85 -4.46
N ALA A 455 4.53 -61.16 -3.22
CA ALA A 455 3.31 -61.95 -2.98
C ALA A 455 2.40 -61.21 -2.01
N PRO A 456 1.11 -61.57 -1.97
CA PRO A 456 0.23 -60.95 -0.98
C PRO A 456 0.60 -61.36 0.44
N TYR A 457 -0.10 -60.79 1.42
CA TYR A 457 0.23 -60.97 2.84
C TYR A 457 0.15 -62.44 3.25
N PHE A 458 1.13 -62.90 4.03
CA PHE A 458 1.12 -64.24 4.60
C PHE A 458 0.99 -65.33 3.53
N GLN A 459 1.80 -65.20 2.48
CA GLN A 459 1.83 -66.20 1.43
C GLN A 459 3.25 -66.40 0.91
N GLU A 460 4.18 -66.63 1.82
CA GLU A 460 5.57 -66.87 1.46
C GLU A 460 5.75 -68.23 0.82
N GLY A 461 4.85 -69.16 1.13
CA GLY A 461 4.90 -70.51 0.59
C GLY A 461 4.79 -70.57 -0.92
N ARG A 462 3.96 -69.71 -1.49
CA ARG A 462 3.80 -69.65 -2.93
C ARG A 462 5.03 -69.04 -3.59
N LEU A 463 5.59 -68.02 -2.95
CA LEU A 463 6.78 -67.35 -3.46
C LEU A 463 7.96 -68.33 -3.48
N LEU A 464 8.06 -69.14 -2.43
CA LEU A 464 9.09 -70.15 -2.34
C LEU A 464 8.77 -71.31 -3.29
N ASN A 465 7.49 -71.44 -3.63
CA ASN A 465 7.05 -72.47 -4.56
C ASN A 465 7.48 -72.16 -5.99
N VAL A 466 7.20 -70.94 -6.45
CA VAL A 466 7.61 -70.52 -7.78
C VAL A 466 9.13 -70.40 -7.83
N ALA A 467 9.75 -70.01 -6.72
CA ALA A 467 11.21 -69.94 -6.65
C ALA A 467 11.83 -71.32 -6.84
N HIS A 468 11.28 -72.31 -6.13
CA HIS A 468 11.81 -73.67 -6.19
C HIS A 468 11.52 -74.32 -7.54
N GLN A 469 10.33 -74.05 -8.09
CA GLN A 469 9.95 -74.59 -9.39
C GLN A 469 10.80 -73.98 -10.51
N TYR A 470 11.26 -72.74 -10.33
CA TYR A 470 12.14 -72.16 -11.31
C TYR A 470 13.57 -72.65 -11.14
N GLN A 471 13.97 -72.90 -9.90
CA GLN A 471 15.32 -73.35 -9.61
C GLN A 471 15.60 -74.78 -10.05
N GLN A 472 14.55 -75.58 -10.20
CA GLN A 472 14.72 -76.98 -10.56
C GLN A 472 14.93 -77.13 -12.06
N VAL A 473 14.45 -76.12 -12.80
CA VAL A 473 14.55 -76.12 -14.26
C VAL A 473 15.97 -75.76 -14.68
N SER A 474 16.44 -74.62 -14.19
CA SER A 474 17.79 -74.14 -14.49
C SER A 474 18.41 -73.65 -13.18
N ASP A 475 19.38 -74.42 -12.68
CA ASP A 475 20.01 -74.13 -11.40
C ASP A 475 21.44 -73.63 -11.54
N TRP A 476 21.84 -72.72 -10.68
CA TRP A 476 23.19 -72.18 -10.68
C TRP A 476 23.98 -72.74 -9.50
N HIS A 477 23.88 -74.06 -9.30
CA HIS A 477 24.54 -74.70 -8.17
C HIS A 477 26.06 -74.74 -8.34
N THR A 478 26.50 -75.25 -9.49
CA THR A 478 27.93 -75.38 -9.77
C THR A 478 28.54 -74.04 -10.17
N ARG A 479 28.44 -73.06 -9.28
CA ARG A 479 29.01 -71.74 -9.52
C ARG A 479 29.99 -71.41 -8.40
N THR A 480 29.89 -72.17 -7.32
CA THR A 480 30.73 -71.97 -6.14
C THR A 480 32.24 -72.21 -6.33
N PRO A 481 32.64 -73.25 -7.11
CA PRO A 481 34.09 -73.46 -7.22
C PRO A 481 34.86 -72.29 -7.83
N ALA A 482 34.27 -71.64 -8.83
CA ALA A 482 34.92 -70.52 -9.49
C ALA A 482 34.99 -69.30 -8.56
N GLY A 483 33.91 -69.06 -7.83
CA GLY A 483 33.85 -67.94 -6.90
C GLY A 483 32.42 -67.58 -6.54
N TRP B 3 -10.32 -7.86 38.63
CA TRP B 3 -9.40 -8.91 38.22
C TRP B 3 -10.09 -10.26 38.09
N GLU B 4 -9.78 -10.98 37.02
CA GLU B 4 -10.28 -12.34 36.84
C GLU B 4 -9.13 -13.30 36.56
N THR B 5 -9.00 -14.30 37.43
CA THR B 5 -7.89 -15.25 37.37
C THR B 5 -8.29 -16.58 36.75
N VAL B 6 -7.83 -16.83 35.53
CA VAL B 6 -8.13 -18.08 34.84
C VAL B 6 -6.95 -19.06 34.94
N ILE B 7 -7.16 -20.14 35.67
CA ILE B 7 -6.12 -21.14 35.89
C ILE B 7 -6.46 -22.48 35.25
N GLY B 8 -5.50 -23.40 35.28
CA GLY B 8 -5.68 -24.74 34.75
C GLY B 8 -4.93 -25.75 35.59
N LEU B 9 -5.26 -27.03 35.45
CA LEU B 9 -4.62 -28.06 36.27
C LEU B 9 -4.24 -29.31 35.48
N GLU B 10 -2.97 -29.69 35.58
CA GLU B 10 -2.43 -30.87 34.91
C GLU B 10 -2.02 -31.91 35.94
N ILE B 11 -2.90 -32.87 36.19
CA ILE B 11 -2.70 -33.83 37.28
C ILE B 11 -2.17 -35.18 36.82
N HIS B 12 -1.04 -35.60 37.36
CA HIS B 12 -0.50 -36.92 37.10
C HIS B 12 -0.86 -37.88 38.23
N ALA B 13 -1.62 -38.92 37.89
CA ALA B 13 -2.05 -39.91 38.88
C ALA B 13 -1.39 -41.26 38.63
N GLN B 14 -0.78 -41.81 39.68
CA GLN B 14 -0.11 -43.10 39.57
C GLN B 14 -1.09 -44.25 39.77
N LEU B 15 -1.38 -44.98 38.70
CA LEU B 15 -2.33 -46.08 38.76
C LEU B 15 -1.78 -47.26 39.55
N ALA B 16 -2.64 -47.86 40.36
CA ALA B 16 -2.24 -48.98 41.21
C ALA B 16 -2.35 -50.32 40.49
N THR B 17 -1.38 -50.59 39.62
CA THR B 17 -1.32 -51.87 38.92
C THR B 17 -0.10 -52.66 39.39
N GLN B 18 -0.21 -53.97 39.36
CA GLN B 18 0.88 -54.85 39.78
C GLN B 18 2.11 -54.68 38.90
N SER B 19 1.94 -54.98 37.61
CA SER B 19 3.02 -54.85 36.64
C SER B 19 2.99 -53.49 35.97
N LYS B 20 4.14 -53.03 35.48
CA LYS B 20 4.26 -51.74 34.82
C LYS B 20 3.48 -51.72 33.51
N ILE B 21 3.30 -50.52 32.95
CA ILE B 21 2.47 -50.32 31.77
C ILE B 21 2.99 -51.08 30.54
N PHE B 22 4.31 -51.15 30.39
CA PHE B 22 4.89 -51.85 29.24
C PHE B 22 5.90 -52.92 29.67
N SER B 23 6.33 -52.85 30.93
CA SER B 23 7.27 -53.82 31.47
C SER B 23 6.59 -54.85 32.35
N GLY B 24 7.38 -55.76 32.90
CA GLY B 24 6.87 -56.81 33.75
C GLY B 24 7.25 -56.64 35.21
N SER B 25 7.95 -55.55 35.52
CA SER B 25 8.40 -55.30 36.88
C SER B 25 7.26 -54.82 37.77
N SER B 26 7.45 -54.91 39.09
CA SER B 26 6.43 -54.51 40.05
C SER B 26 6.35 -52.99 40.14
N THR B 27 5.33 -52.49 40.84
CA THR B 27 5.13 -51.05 40.95
C THR B 27 5.66 -50.51 42.27
N ALA B 28 4.99 -50.85 43.37
CA ALA B 28 5.41 -50.41 44.69
C ALA B 28 6.84 -50.89 44.98
N PHE B 29 7.70 -49.98 45.42
CA PHE B 29 9.09 -50.33 45.64
C PHE B 29 9.61 -49.76 46.95
N GLY B 30 10.70 -50.34 47.45
CA GLY B 30 11.32 -49.87 48.67
C GLY B 30 12.64 -49.15 48.39
N ALA B 31 13.51 -49.11 49.39
CA ALA B 31 14.76 -48.38 49.28
C ALA B 31 15.74 -49.01 48.30
N ALA B 32 15.51 -50.28 47.97
CA ALA B 32 16.36 -50.99 47.03
C ALA B 32 16.25 -50.44 45.61
N PRO B 33 17.35 -49.88 45.09
CA PRO B 33 17.40 -49.23 43.78
C PRO B 33 17.67 -50.20 42.63
N ASN B 34 17.08 -49.94 41.47
CA ASN B 34 17.27 -50.75 40.26
C ASN B 34 16.90 -52.22 40.43
N THR B 35 16.21 -52.53 41.52
CA THR B 35 15.76 -53.89 41.78
C THR B 35 14.41 -54.14 41.09
N GLN B 36 13.73 -53.07 40.74
CA GLN B 36 12.43 -53.19 40.08
C GLN B 36 12.53 -52.75 38.61
N ALA B 37 13.56 -53.24 37.93
CA ALA B 37 13.79 -52.90 36.53
C ALA B 37 14.26 -54.08 35.69
N SER B 38 13.43 -54.54 34.76
CA SER B 38 13.85 -55.64 33.89
C SER B 38 14.59 -55.08 32.68
N LEU B 39 14.53 -55.78 31.55
CA LEU B 39 15.23 -55.37 30.35
C LEU B 39 14.46 -54.30 29.59
N VAL B 40 13.14 -54.37 29.66
CA VAL B 40 12.27 -53.46 28.93
C VAL B 40 12.40 -52.03 29.47
N ASP B 41 12.42 -51.90 30.79
CA ASP B 41 12.52 -50.58 31.42
C ASP B 41 13.86 -49.92 31.19
N LEU B 42 14.90 -50.73 31.02
CA LEU B 42 16.24 -50.21 30.81
C LEU B 42 16.49 -49.80 29.37
N ALA B 43 15.48 -49.98 28.52
CA ALA B 43 15.53 -49.61 27.11
C ALA B 43 16.72 -50.24 26.40
N MET B 44 16.85 -51.56 26.55
CA MET B 44 17.91 -52.31 25.87
C MET B 44 17.62 -52.31 24.37
N PRO B 45 18.68 -52.31 23.54
CA PRO B 45 18.46 -52.30 22.09
C PRO B 45 17.84 -53.59 21.58
N GLY B 46 16.71 -53.48 20.88
CA GLY B 46 16.02 -54.63 20.34
C GLY B 46 14.82 -55.05 21.17
N THR B 47 14.68 -54.47 22.36
CA THR B 47 13.56 -54.78 23.24
C THR B 47 12.31 -54.02 22.82
N LEU B 48 11.15 -54.57 23.17
CA LEU B 48 9.88 -54.01 22.74
C LEU B 48 8.86 -53.93 23.87
N PRO B 49 7.98 -52.92 23.83
CA PRO B 49 6.96 -52.71 24.87
C PRO B 49 5.59 -53.32 24.51
N VAL B 50 4.87 -53.78 25.54
CA VAL B 50 3.52 -54.30 25.36
C VAL B 50 2.59 -53.66 26.37
N LEU B 51 1.49 -53.08 25.90
CA LEU B 51 0.57 -52.32 26.75
C LEU B 51 -0.08 -53.19 27.82
N ASN B 52 -0.22 -52.64 29.02
CA ASN B 52 -0.86 -53.34 30.13
C ASN B 52 -2.38 -53.36 29.98
N GLU B 53 -3.00 -54.43 30.48
CA GLU B 53 -4.44 -54.62 30.34
C GLU B 53 -5.24 -53.80 31.36
N GLU B 54 -4.95 -54.00 32.64
CA GLU B 54 -5.70 -53.32 33.70
C GLU B 54 -5.41 -51.82 33.66
N ALA B 55 -4.32 -51.44 33.02
CA ALA B 55 -3.98 -50.04 32.85
C ALA B 55 -5.02 -49.33 31.99
N VAL B 56 -5.25 -49.86 30.78
CA VAL B 56 -6.24 -49.28 29.88
C VAL B 56 -7.64 -49.50 30.44
N ARG B 57 -7.82 -50.61 31.17
CA ARG B 57 -9.11 -50.88 31.81
C ARG B 57 -9.47 -49.77 32.80
N MET B 58 -8.54 -49.48 33.71
CA MET B 58 -8.71 -48.41 34.68
C MET B 58 -8.81 -47.05 34.00
N ALA B 59 -8.12 -46.92 32.87
CA ALA B 59 -8.15 -45.67 32.10
C ALA B 59 -9.58 -45.39 31.62
N CYS B 60 -10.15 -46.31 30.87
CA CYS B 60 -11.50 -46.13 30.36
C CYS B 60 -12.53 -46.20 31.49
N LEU B 61 -12.13 -46.76 32.63
CA LEU B 61 -12.96 -46.75 33.82
C LEU B 61 -13.11 -45.32 34.33
N PHE B 62 -11.97 -44.63 34.47
CA PHE B 62 -11.99 -43.23 34.87
C PHE B 62 -12.71 -42.39 33.81
N GLY B 63 -12.56 -42.79 32.55
CA GLY B 63 -13.24 -42.12 31.46
C GLY B 63 -14.75 -42.23 31.58
N LEU B 64 -15.22 -43.40 32.00
CA LEU B 64 -16.66 -43.61 32.18
C LEU B 64 -17.18 -42.91 33.43
N ALA B 65 -16.36 -42.86 34.47
CA ALA B 65 -16.75 -42.21 35.72
C ALA B 65 -16.87 -40.70 35.55
N ILE B 66 -16.05 -40.14 34.68
CA ILE B 66 -15.99 -38.69 34.51
C ILE B 66 -16.96 -38.21 33.42
N ASP B 67 -17.71 -39.14 32.84
CA ASP B 67 -18.70 -38.84 31.81
C ASP B 67 -18.09 -38.14 30.61
N ALA B 68 -17.04 -38.74 30.05
CA ALA B 68 -16.34 -38.16 28.91
C ALA B 68 -16.52 -38.99 27.65
N ARG B 69 -16.56 -38.31 26.50
CA ARG B 69 -16.65 -39.00 25.22
C ARG B 69 -15.35 -39.74 24.94
N ILE B 70 -15.38 -41.05 25.12
CA ILE B 70 -14.22 -41.89 24.89
C ILE B 70 -14.08 -42.26 23.41
N ASP B 71 -12.90 -42.04 22.85
CA ASP B 71 -12.65 -42.37 21.46
C ASP B 71 -12.65 -43.87 21.28
N ARG B 72 -13.07 -44.32 20.09
CA ARG B 72 -13.11 -45.74 19.80
C ARG B 72 -11.68 -46.26 19.65
N GLN B 73 -10.80 -45.41 19.15
CA GLN B 73 -9.39 -45.74 18.97
C GLN B 73 -8.49 -44.69 19.58
N ASN B 74 -7.40 -45.14 20.19
CA ASN B 74 -6.40 -44.24 20.75
C ASN B 74 -4.98 -44.73 20.43
N VAL B 75 -4.13 -43.82 20.00
CA VAL B 75 -2.77 -44.17 19.59
C VAL B 75 -1.73 -43.53 20.49
N PHE B 76 -0.74 -44.32 20.90
CA PHE B 76 0.36 -43.80 21.70
C PHE B 76 1.40 -43.11 20.82
N ALA B 77 1.79 -41.91 21.22
CA ALA B 77 2.80 -41.15 20.49
C ALA B 77 4.07 -41.03 21.32
N ARG B 78 5.14 -40.53 20.70
CA ARG B 78 6.42 -40.41 21.36
C ARG B 78 6.78 -38.96 21.69
N LYS B 79 7.20 -38.73 22.93
CA LYS B 79 7.61 -37.40 23.36
C LYS B 79 9.13 -37.36 23.49
N ASN B 80 9.81 -37.16 22.37
CA ASN B 80 11.27 -37.24 22.32
C ASN B 80 11.98 -36.10 23.04
N TYR B 81 12.56 -36.41 24.20
CA TYR B 81 13.42 -35.47 24.90
C TYR B 81 14.54 -36.23 25.62
N PHE B 82 15.70 -35.58 25.77
CA PHE B 82 16.88 -36.23 26.33
C PHE B 82 17.09 -35.86 27.80
N TYR B 83 17.04 -36.88 28.66
CA TYR B 83 17.28 -36.70 30.09
C TYR B 83 17.64 -38.06 30.69
N PRO B 84 18.62 -38.09 31.61
CA PRO B 84 19.12 -39.34 32.20
C PRO B 84 18.05 -40.22 32.84
N ASP B 85 16.96 -39.63 33.31
CA ASP B 85 15.89 -40.41 33.91
C ASP B 85 15.09 -41.16 32.84
N LEU B 86 15.02 -40.58 31.65
CA LEU B 86 14.32 -41.19 30.53
C LEU B 86 15.28 -42.07 29.74
N PRO B 87 15.04 -43.39 29.76
CA PRO B 87 15.96 -44.36 29.16
C PRO B 87 15.99 -44.39 27.63
N LYS B 88 14.84 -44.54 26.98
CA LYS B 88 14.81 -44.70 25.53
C LYS B 88 14.87 -43.38 24.76
N GLY B 89 14.94 -42.27 25.47
CA GLY B 89 15.06 -40.97 24.83
C GLY B 89 13.75 -40.35 24.37
N TYR B 90 12.64 -41.03 24.68
CA TYR B 90 11.31 -40.51 24.36
C TYR B 90 10.29 -41.04 25.35
N GLN B 91 9.31 -40.20 25.69
CA GLN B 91 8.28 -40.61 26.64
C GLN B 91 7.01 -41.07 25.93
N THR B 92 6.66 -42.34 26.12
CA THR B 92 5.48 -42.91 25.50
C THR B 92 4.20 -42.31 26.08
N SER B 93 3.66 -41.32 25.38
CA SER B 93 2.44 -40.66 25.82
C SER B 93 1.34 -40.82 24.77
N GLN B 94 0.44 -39.85 24.69
CA GLN B 94 -0.60 -39.84 23.68
C GLN B 94 -0.86 -38.43 23.16
N MET B 95 -0.51 -38.20 21.89
CA MET B 95 -0.66 -36.89 21.28
C MET B 95 -2.07 -36.71 20.74
N ASP B 96 -2.42 -37.50 19.73
CA ASP B 96 -3.76 -37.45 19.15
C ASP B 96 -4.53 -38.70 19.56
N HIS B 97 -5.85 -38.54 19.70
CA HIS B 97 -6.74 -39.60 20.15
C HIS B 97 -6.28 -40.17 21.50
N PRO B 98 -6.66 -39.49 22.59
CA PRO B 98 -6.37 -39.99 23.94
C PRO B 98 -7.40 -41.04 24.37
N ILE B 99 -7.21 -41.66 25.51
CA ILE B 99 -8.17 -42.64 26.01
C ILE B 99 -9.51 -41.98 26.30
N VAL B 100 -9.49 -40.94 27.14
CA VAL B 100 -10.71 -40.23 27.50
C VAL B 100 -10.58 -38.75 27.16
N GLY B 101 -11.69 -38.12 26.76
CA GLY B 101 -11.69 -36.72 26.41
C GLY B 101 -13.01 -36.01 26.66
N LYS B 102 -12.92 -34.74 27.04
CA LYS B 102 -14.09 -33.89 27.31
C LYS B 102 -15.08 -34.51 28.29
N GLY B 103 -14.77 -34.36 29.58
CA GLY B 103 -15.65 -34.77 30.65
C GLY B 103 -15.90 -33.63 31.61
N HIS B 104 -16.72 -33.86 32.63
CA HIS B 104 -17.00 -32.83 33.62
C HIS B 104 -17.06 -33.41 35.03
N LEU B 105 -16.55 -32.66 36.00
CA LEU B 105 -16.57 -33.10 37.39
C LEU B 105 -17.22 -32.04 38.27
N ASP B 106 -18.20 -32.47 39.06
CA ASP B 106 -18.86 -31.57 39.99
C ASP B 106 -18.08 -31.44 41.30
N ILE B 107 -17.47 -30.28 41.49
CA ILE B 107 -16.71 -30.02 42.72
C ILE B 107 -17.56 -29.28 43.75
N THR B 108 -17.57 -29.81 44.97
CA THR B 108 -18.31 -29.21 46.07
C THR B 108 -17.41 -28.29 46.90
N LEU B 109 -17.78 -27.01 46.98
CA LEU B 109 -17.04 -26.04 47.78
C LEU B 109 -17.87 -25.63 49.00
N GLU B 110 -17.46 -24.55 49.66
CA GLU B 110 -18.16 -24.06 50.84
C GLU B 110 -19.03 -22.83 50.55
N ASP B 111 -18.90 -22.25 49.36
CA ASP B 111 -19.72 -21.09 49.01
C ASP B 111 -20.97 -21.51 48.23
N GLY B 112 -21.83 -22.29 48.88
CA GLY B 112 -23.11 -22.66 48.31
C GLY B 112 -23.05 -23.69 47.19
N THR B 113 -23.14 -23.21 45.95
CA THR B 113 -23.28 -24.06 44.78
C THR B 113 -22.07 -24.96 44.55
N THR B 114 -22.33 -26.19 44.14
CA THR B 114 -21.27 -27.14 43.79
C THR B 114 -21.00 -27.00 42.30
N LYS B 115 -19.89 -26.34 41.97
CA LYS B 115 -19.67 -25.90 40.58
C LYS B 115 -19.20 -27.05 39.70
N ARG B 116 -19.51 -26.98 38.41
CA ARG B 116 -19.08 -27.98 37.46
C ARG B 116 -17.79 -27.52 36.77
N ILE B 117 -16.82 -28.42 36.70
CA ILE B 117 -15.53 -28.11 36.11
C ILE B 117 -15.29 -29.01 34.91
N GLY B 118 -14.47 -28.55 33.97
CA GLY B 118 -14.22 -29.31 32.76
C GLY B 118 -12.88 -30.04 32.77
N ILE B 119 -12.86 -31.20 32.12
CA ILE B 119 -11.64 -31.98 31.95
C ILE B 119 -11.46 -32.25 30.47
N THR B 120 -10.44 -31.65 29.86
CA THR B 120 -10.28 -31.74 28.42
C THR B 120 -9.86 -33.13 27.97
N ARG B 121 -9.05 -33.81 28.78
CA ARG B 121 -8.58 -35.15 28.46
C ARG B 121 -7.98 -35.86 29.66
N ALA B 122 -7.68 -37.15 29.48
CA ALA B 122 -7.04 -37.97 30.51
C ALA B 122 -6.44 -39.20 29.86
N HIS B 123 -5.19 -39.08 29.41
CA HIS B 123 -4.55 -40.14 28.63
C HIS B 123 -3.54 -40.93 29.45
N LEU B 124 -2.95 -41.95 28.82
CA LEU B 124 -1.99 -42.82 29.47
C LEU B 124 -0.55 -42.44 29.16
N GLU B 125 0.23 -42.21 30.21
CA GLU B 125 1.64 -41.90 30.08
C GLU B 125 2.51 -42.95 30.77
N GLU B 126 3.80 -42.69 30.83
CA GLU B 126 4.73 -43.55 31.52
C GLU B 126 5.72 -42.71 32.32
N ASP B 127 6.15 -43.23 33.47
CA ASP B 127 7.03 -42.47 34.36
C ASP B 127 8.50 -42.71 34.04
N ALA B 128 9.37 -41.89 34.62
CA ALA B 128 10.81 -42.00 34.41
C ALA B 128 11.56 -42.20 35.71
N GLY B 129 12.89 -42.17 35.63
CA GLY B 129 13.74 -42.37 36.80
C GLY B 129 13.81 -41.17 37.71
N LYS B 130 14.56 -41.31 38.80
CA LYS B 130 14.73 -40.24 39.78
C LYS B 130 16.19 -39.96 40.08
N SER B 131 16.55 -38.68 40.14
CA SER B 131 17.92 -38.29 40.45
C SER B 131 18.03 -37.97 41.94
N LEU B 132 19.17 -38.32 42.54
CA LEU B 132 19.34 -38.13 43.98
C LEU B 132 20.57 -37.32 44.36
N HIS B 133 20.56 -36.81 45.59
CA HIS B 133 21.63 -35.98 46.11
C HIS B 133 22.76 -36.88 46.63
N GLU B 134 23.84 -36.94 45.87
CA GLU B 134 24.98 -37.78 46.22
C GLU B 134 26.24 -37.31 45.50
N ASP B 135 27.39 -37.75 46.00
CA ASP B 135 28.74 -37.43 45.51
C ASP B 135 28.82 -36.76 44.14
N GLY B 138 32.49 -34.86 41.97
CA GLY B 138 31.52 -35.92 42.15
C GLY B 138 30.50 -35.97 41.03
N MET B 139 29.56 -36.92 41.12
CA MET B 139 28.54 -37.08 40.10
C MET B 139 27.14 -37.13 40.72
N SER B 140 26.26 -37.92 40.12
CA SER B 140 24.88 -38.06 40.60
C SER B 140 24.33 -39.45 40.32
N GLY B 141 23.25 -39.81 41.02
CA GLY B 141 22.66 -41.13 40.86
C GLY B 141 21.23 -41.15 40.38
N ILE B 142 20.98 -41.94 39.33
CA ILE B 142 19.65 -42.09 38.74
C ILE B 142 19.09 -43.49 39.04
N ASP B 143 17.89 -43.53 39.61
CA ASP B 143 17.22 -44.78 39.93
C ASP B 143 15.98 -44.99 39.05
N LEU B 144 15.96 -46.10 38.32
CA LEU B 144 14.87 -46.38 37.39
C LEU B 144 13.78 -47.28 37.98
N ASN B 145 13.66 -47.29 39.30
CA ASN B 145 12.65 -48.12 39.96
C ASN B 145 11.22 -47.63 39.68
N ARG B 146 11.05 -46.32 39.56
CA ARG B 146 9.74 -45.74 39.28
C ARG B 146 9.59 -45.52 37.77
N ALA B 147 10.68 -45.70 37.03
CA ALA B 147 10.65 -45.59 35.59
C ALA B 147 9.83 -46.74 35.01
N GLY B 148 8.93 -46.42 34.08
CA GLY B 148 8.09 -47.41 33.46
C GLY B 148 6.75 -47.57 34.17
N THR B 149 6.57 -46.83 35.25
CA THR B 149 5.32 -46.87 36.01
C THR B 149 4.21 -46.15 35.26
N PRO B 150 3.05 -46.82 35.10
CA PRO B 150 1.90 -46.26 34.38
C PRO B 150 1.37 -44.98 35.02
N LEU B 151 1.11 -43.97 34.20
CA LEU B 151 0.59 -42.70 34.68
C LEU B 151 -0.68 -42.30 33.94
N LEU B 152 -1.59 -41.62 34.64
CA LEU B 152 -2.79 -41.07 34.03
C LEU B 152 -2.78 -39.56 34.16
N GLU B 153 -2.65 -38.88 33.04
CA GLU B 153 -2.56 -37.42 33.04
C GLU B 153 -3.93 -36.79 32.81
N ILE B 154 -4.62 -36.48 33.90
CA ILE B 154 -5.89 -35.77 33.87
C ILE B 154 -5.67 -34.28 33.68
N VAL B 155 -5.93 -33.80 32.47
CA VAL B 155 -5.82 -32.38 32.19
C VAL B 155 -7.18 -31.71 32.25
N SER B 156 -7.29 -30.68 33.08
CA SER B 156 -8.57 -30.01 33.28
C SER B 156 -8.74 -28.85 32.32
N GLU B 157 -9.98 -28.60 31.91
CA GLU B 157 -10.31 -27.45 31.07
C GLU B 157 -10.10 -26.19 31.89
N PRO B 158 -9.54 -25.13 31.26
CA PRO B 158 -9.33 -23.87 31.99
C PRO B 158 -10.62 -23.16 32.34
N ASP B 159 -11.55 -23.89 32.98
CA ASP B 159 -12.80 -23.33 33.46
C ASP B 159 -12.68 -23.03 34.95
N ILE B 160 -11.64 -23.60 35.55
CA ILE B 160 -11.39 -23.44 36.98
C ILE B 160 -10.80 -22.06 37.24
N ARG B 161 -11.34 -21.38 38.26
CA ARG B 161 -10.98 -19.98 38.49
C ARG B 161 -10.15 -19.76 39.76
N SER B 162 -10.83 -19.53 40.88
CA SER B 162 -10.15 -19.19 42.13
C SER B 162 -9.32 -20.35 42.68
N ALA B 163 -8.43 -20.03 43.62
CA ALA B 163 -7.53 -21.02 44.20
C ALA B 163 -8.27 -22.04 45.04
N LYS B 164 -9.25 -21.58 45.82
CA LYS B 164 -10.06 -22.45 46.65
C LYS B 164 -10.81 -23.46 45.78
N GLU B 165 -11.28 -22.99 44.63
CA GLU B 165 -11.92 -23.86 43.65
C GLU B 165 -10.94 -24.91 43.15
N ALA B 166 -9.68 -24.51 42.97
CA ALA B 166 -8.64 -25.43 42.50
C ALA B 166 -8.41 -26.53 43.53
N VAL B 167 -8.28 -26.14 44.79
CA VAL B 167 -8.13 -27.10 45.88
C VAL B 167 -9.34 -28.03 45.92
N ALA B 168 -10.51 -27.48 45.66
CA ALA B 168 -11.73 -28.27 45.60
C ALA B 168 -11.67 -29.31 44.48
N TYR B 169 -11.09 -28.91 43.35
CA TYR B 169 -10.97 -29.82 42.20
C TYR B 169 -9.95 -30.92 42.46
N VAL B 170 -8.84 -30.57 43.09
CA VAL B 170 -7.83 -31.57 43.43
C VAL B 170 -8.40 -32.57 44.43
N LYS B 171 -9.17 -32.07 45.40
CA LYS B 171 -9.81 -32.94 46.38
C LYS B 171 -10.88 -33.83 45.75
N ALA B 172 -11.59 -33.29 44.76
CA ALA B 172 -12.64 -34.04 44.08
C ALA B 172 -12.02 -35.15 43.22
N ILE B 173 -10.95 -34.81 42.52
CA ILE B 173 -10.20 -35.79 41.74
C ILE B 173 -9.68 -36.89 42.65
N HIS B 174 -9.06 -36.48 43.76
CA HIS B 174 -8.51 -37.40 44.75
C HIS B 174 -9.60 -38.35 45.27
N ALA B 175 -10.76 -37.80 45.58
CA ALA B 175 -11.87 -38.58 46.10
C ALA B 175 -12.40 -39.58 45.08
N LEU B 176 -12.59 -39.10 43.84
CA LEU B 176 -13.10 -39.95 42.77
C LEU B 176 -12.14 -41.11 42.47
N VAL B 177 -10.85 -40.78 42.41
CA VAL B 177 -9.83 -41.79 42.16
C VAL B 177 -9.76 -42.78 43.32
N ARG B 178 -9.91 -42.28 44.55
CA ARG B 178 -9.94 -43.15 45.72
C ARG B 178 -11.11 -44.13 45.65
N TYR B 179 -12.27 -43.63 45.25
CA TYR B 179 -13.46 -44.46 45.12
C TYR B 179 -13.32 -45.50 44.00
N LEU B 180 -12.75 -45.09 42.88
CA LEU B 180 -12.58 -45.99 41.74
C LEU B 180 -11.51 -47.04 42.01
N GLY B 181 -10.63 -46.77 42.97
CA GLY B 181 -9.56 -47.70 43.30
C GLY B 181 -8.46 -47.70 42.26
N ILE B 182 -8.26 -46.56 41.61
CA ILE B 182 -7.25 -46.45 40.55
C ILE B 182 -5.88 -46.12 41.13
N CYS B 183 -5.82 -45.06 41.94
CA CYS B 183 -4.59 -44.66 42.60
C CYS B 183 -4.77 -44.66 44.12
N ASP B 184 -3.67 -44.76 44.85
CA ASP B 184 -3.72 -44.76 46.30
C ASP B 184 -4.23 -43.43 46.84
N GLY B 185 -3.84 -42.34 46.18
CA GLY B 185 -4.27 -41.02 46.56
C GLY B 185 -3.32 -40.37 47.55
N ASN B 186 -2.52 -41.19 48.22
CA ASN B 186 -1.56 -40.71 49.20
C ASN B 186 -0.46 -39.88 48.55
N MET B 187 -0.55 -38.56 48.71
CA MET B 187 0.43 -37.64 48.15
C MET B 187 1.79 -37.73 48.82
N ALA B 188 1.81 -38.24 50.05
CA ALA B 188 3.07 -38.35 50.80
C ALA B 188 4.06 -39.32 50.18
N GLU B 189 3.57 -40.45 49.68
CA GLU B 189 4.44 -41.44 49.05
C GLU B 189 4.82 -41.04 47.63
N GLY B 190 4.10 -40.06 47.07
CA GLY B 190 4.39 -39.57 45.74
C GLY B 190 3.60 -40.20 44.62
N SER B 191 2.34 -40.54 44.90
CA SER B 191 1.49 -41.17 43.92
C SER B 191 0.76 -40.12 43.08
N LEU B 192 0.11 -39.17 43.75
CA LEU B 192 -0.68 -38.14 43.08
C LEU B 192 0.04 -36.79 43.04
N ARG B 193 0.29 -36.29 41.83
CA ARG B 193 0.96 -35.00 41.65
C ARG B 193 0.15 -34.11 40.71
N CYS B 194 0.47 -32.82 40.66
CA CYS B 194 -0.25 -31.89 39.79
C CYS B 194 0.53 -30.62 39.46
N ASP B 195 0.13 -29.95 38.39
CA ASP B 195 0.72 -28.69 37.97
C ASP B 195 -0.40 -27.67 37.73
N CYS B 196 -0.08 -26.39 37.80
CA CYS B 196 -1.10 -25.35 37.66
C CYS B 196 -0.76 -24.33 36.58
N ASN B 197 -1.66 -24.15 35.61
CA ASN B 197 -1.48 -23.16 34.56
C ASN B 197 -2.26 -21.88 34.87
N VAL B 198 -1.72 -21.06 35.75
CA VAL B 198 -2.40 -19.85 36.21
C VAL B 198 -2.09 -18.64 35.34
N SER B 199 -3.15 -17.92 34.95
CA SER B 199 -3.00 -16.69 34.17
C SER B 199 -4.11 -15.70 34.53
N VAL B 200 -3.72 -14.51 34.95
CA VAL B 200 -4.67 -13.49 35.37
C VAL B 200 -4.94 -12.47 34.28
N ARG B 201 -6.09 -11.80 34.37
CA ARG B 201 -6.45 -10.79 33.39
C ARG B 201 -7.37 -9.71 33.96
N PRO B 202 -7.07 -8.45 33.65
CA PRO B 202 -7.95 -7.35 34.04
C PRO B 202 -9.28 -7.44 33.29
N LYS B 203 -10.39 -7.41 34.01
CA LYS B 203 -11.71 -7.51 33.40
C LYS B 203 -11.97 -6.35 32.44
N GLY B 204 -12.33 -6.66 31.19
CA GLY B 204 -12.61 -5.62 30.22
C GLY B 204 -11.73 -5.63 28.99
N GLN B 205 -10.44 -5.86 29.18
CA GLN B 205 -9.48 -5.88 28.06
C GLN B 205 -9.07 -7.30 27.72
N ALA B 206 -9.15 -7.63 26.43
CA ALA B 206 -8.76 -8.95 25.95
C ALA B 206 -7.26 -9.18 26.06
N GLU B 207 -6.49 -8.14 26.36
CA GLU B 207 -5.08 -8.32 26.63
C GLU B 207 -4.95 -8.85 28.06
N PHE B 208 -3.90 -9.60 28.34
CA PHE B 208 -3.70 -10.12 29.69
C PHE B 208 -2.26 -10.49 30.01
N GLY B 209 -2.02 -10.82 31.28
CA GLY B 209 -0.72 -11.25 31.74
C GLY B 209 -0.28 -12.58 31.16
N THR B 210 1.03 -12.77 31.11
CA THR B 210 1.63 -14.00 30.61
C THR B 210 1.26 -15.22 31.46
N ARG B 211 1.24 -16.38 30.82
CA ARG B 211 0.88 -17.63 31.48
C ARG B 211 1.98 -18.11 32.43
N ALA B 212 1.58 -18.62 33.58
CA ALA B 212 2.54 -19.17 34.54
C ALA B 212 2.23 -20.62 34.85
N GLU B 213 3.14 -21.51 34.50
CA GLU B 213 2.97 -22.93 34.79
C GLU B 213 3.78 -23.32 36.02
N ILE B 214 3.10 -23.45 37.16
CA ILE B 214 3.75 -23.90 38.38
C ILE B 214 3.75 -25.41 38.46
N LYS B 215 4.94 -26.01 38.42
CA LYS B 215 5.06 -27.46 38.43
C LYS B 215 5.38 -27.97 39.82
N ASN B 216 5.25 -29.29 40.00
CA ASN B 216 5.58 -29.97 41.25
C ASN B 216 4.94 -29.32 42.48
N VAL B 217 3.64 -29.55 42.65
CA VAL B 217 2.91 -29.05 43.82
C VAL B 217 2.34 -30.22 44.62
N ASN B 218 2.72 -30.32 45.90
CA ASN B 218 2.33 -31.44 46.73
C ASN B 218 0.95 -31.29 47.38
N SER B 219 0.94 -30.77 48.61
CA SER B 219 -0.28 -30.69 49.41
C SER B 219 -1.28 -29.66 48.89
N PHE B 220 -2.52 -29.76 49.37
CA PHE B 220 -3.58 -28.83 48.99
C PHE B 220 -3.28 -27.42 49.48
N ARG B 221 -2.74 -27.33 50.70
CA ARG B 221 -2.34 -26.06 51.28
C ARG B 221 -1.29 -25.39 50.40
N PHE B 222 -0.32 -26.19 49.97
CA PHE B 222 0.74 -25.73 49.08
C PHE B 222 0.12 -25.21 47.79
N ILE B 223 -0.87 -25.94 47.27
CA ILE B 223 -1.58 -25.53 46.05
C ILE B 223 -2.21 -24.15 46.22
N GLU B 224 -3.02 -24.00 47.27
CA GLU B 224 -3.71 -22.74 47.54
C GLU B 224 -2.75 -21.57 47.68
N LYS B 225 -1.79 -21.71 48.60
CA LYS B 225 -0.83 -20.65 48.88
C LYS B 225 0.01 -20.28 47.65
N ALA B 226 0.49 -21.28 46.93
CA ALA B 226 1.30 -21.03 45.74
C ALA B 226 0.49 -20.33 44.65
N ILE B 227 -0.72 -20.82 44.41
CA ILE B 227 -1.58 -20.23 43.38
C ILE B 227 -1.92 -18.78 43.72
N ASN B 228 -2.25 -18.51 44.98
CA ASN B 228 -2.50 -17.15 45.43
C ASN B 228 -1.29 -16.25 45.23
N HIS B 229 -0.15 -16.70 45.77
CA HIS B 229 1.09 -15.94 45.72
C HIS B 229 1.63 -15.77 44.30
N GLU B 230 1.09 -16.55 43.38
CA GLU B 230 1.45 -16.42 41.97
C GLU B 230 0.51 -15.43 41.28
N ILE B 231 -0.77 -15.53 41.62
CA ILE B 231 -1.79 -14.63 41.11
C ILE B 231 -1.47 -13.19 41.45
N GLN B 232 -1.19 -12.93 42.73
CA GLN B 232 -0.89 -11.57 43.18
C GLN B 232 0.38 -11.05 42.52
N ARG B 233 1.34 -11.95 42.31
CA ARG B 233 2.59 -11.61 41.64
C ARG B 233 2.33 -11.16 40.22
N GLN B 234 1.50 -11.91 39.50
CA GLN B 234 1.14 -11.56 38.13
C GLN B 234 0.36 -10.25 38.08
N ILE B 235 -0.51 -10.05 39.07
CA ILE B 235 -1.26 -8.80 39.19
C ILE B 235 -0.31 -7.61 39.29
N GLU B 236 0.69 -7.74 40.16
CA GLU B 236 1.69 -6.69 40.30
C GLU B 236 2.46 -6.49 38.99
N LEU B 237 2.82 -7.60 38.36
CA LEU B 237 3.59 -7.57 37.13
C LEU B 237 2.88 -6.85 36.00
N ILE B 238 1.57 -7.06 35.88
CA ILE B 238 0.79 -6.39 34.85
C ILE B 238 0.49 -4.94 35.23
N GLU B 239 0.32 -4.69 36.54
CA GLU B 239 0.09 -3.33 37.00
C GLU B 239 1.29 -2.43 36.70
N ASP B 240 2.48 -2.96 36.93
CA ASP B 240 3.70 -2.21 36.69
C ASP B 240 4.06 -2.20 35.21
N GLY B 241 3.54 -3.18 34.47
CA GLY B 241 3.87 -3.35 33.07
C GLY B 241 5.08 -4.25 32.91
N GLY B 242 6.26 -3.65 32.97
CA GLY B 242 7.52 -4.38 32.92
C GLY B 242 7.66 -5.38 31.79
N LYS B 243 8.09 -6.59 32.13
CA LYS B 243 8.30 -7.65 31.14
C LYS B 243 7.51 -8.90 31.50
N VAL B 244 6.45 -9.18 30.75
CA VAL B 244 5.63 -10.37 30.98
C VAL B 244 6.16 -11.59 30.20
N VAL B 245 6.90 -12.44 30.91
CA VAL B 245 7.55 -13.59 30.29
C VAL B 245 6.96 -14.92 30.77
N GLN B 246 6.93 -15.90 29.88
CA GLN B 246 6.41 -17.22 30.19
C GLN B 246 7.54 -18.07 30.79
N GLU B 247 7.36 -18.54 32.02
CA GLU B 247 8.41 -19.26 32.73
C GLU B 247 7.93 -20.53 33.42
N THR B 248 8.87 -21.43 33.72
CA THR B 248 8.54 -22.65 34.47
C THR B 248 8.93 -22.45 35.93
N ARG B 249 7.95 -22.11 36.76
CA ARG B 249 8.22 -21.74 38.14
C ARG B 249 8.09 -22.91 39.12
N LEU B 250 8.59 -22.71 40.33
CA LEU B 250 8.49 -23.72 41.40
C LEU B 250 8.13 -23.04 42.73
N TYR B 251 7.63 -23.83 43.68
CA TYR B 251 7.22 -23.30 44.98
C TYR B 251 7.82 -24.07 46.15
N ASP B 252 8.44 -23.36 47.08
CA ASP B 252 8.94 -23.98 48.31
C ASP B 252 8.16 -23.47 49.51
N PRO B 253 7.55 -24.38 50.28
CA PRO B 253 6.71 -24.05 51.43
C PRO B 253 7.46 -23.36 52.57
N ASN B 254 8.79 -23.36 52.48
CA ASN B 254 9.63 -22.77 53.54
C ASN B 254 9.60 -21.25 53.53
N LYS B 255 9.70 -20.65 52.35
CA LYS B 255 9.75 -19.20 52.23
C LYS B 255 8.51 -18.61 51.57
N ASP B 256 7.63 -19.49 51.09
CA ASP B 256 6.40 -19.10 50.42
C ASP B 256 6.66 -18.18 49.22
N GLU B 257 7.79 -18.39 48.57
CA GLU B 257 8.16 -17.60 47.39
C GLU B 257 8.16 -18.48 46.15
N THR B 258 7.97 -17.85 44.99
CA THR B 258 7.96 -18.57 43.73
C THR B 258 9.27 -18.33 42.97
N ARG B 259 10.01 -19.40 42.71
CA ARG B 259 11.29 -19.28 42.03
C ARG B 259 11.22 -19.93 40.66
N SER B 260 11.97 -19.38 39.70
CA SER B 260 11.98 -19.91 38.35
C SER B 260 13.15 -20.87 38.14
N MET B 261 12.83 -22.14 37.87
CA MET B 261 13.84 -23.15 37.63
C MET B 261 14.38 -22.97 36.22
N ARG B 262 13.46 -22.89 35.26
CA ARG B 262 13.83 -22.70 33.87
C ARG B 262 12.99 -21.59 33.24
N GLY B 263 13.68 -20.74 32.48
CA GLY B 263 13.03 -19.68 31.72
C GLY B 263 12.72 -20.22 30.34
N LYS B 264 11.46 -20.15 29.92
CA LYS B 264 11.10 -20.72 28.64
C LYS B 264 11.46 -19.77 27.51
N GLU B 265 12.61 -20.05 26.91
CA GLU B 265 13.13 -19.25 25.80
C GLU B 265 12.33 -19.51 24.53
N GLU B 266 11.84 -20.74 24.40
CA GLU B 266 11.07 -21.13 23.23
C GLU B 266 10.18 -22.36 23.49
N ALA B 267 9.21 -22.56 22.61
CA ALA B 267 8.30 -23.70 22.70
C ALA B 267 9.04 -25.01 22.46
N ASN B 268 9.11 -25.86 23.48
CA ASN B 268 9.81 -27.13 23.36
C ASN B 268 9.19 -28.04 22.30
N ASP B 269 9.97 -28.35 21.27
CA ASP B 269 9.48 -29.23 20.20
C ASP B 269 9.80 -30.68 20.53
N TYR B 270 8.83 -31.38 21.09
CA TYR B 270 9.02 -32.76 21.51
C TYR B 270 8.95 -33.75 20.35
N ARG B 271 8.54 -33.27 19.18
CA ARG B 271 8.42 -34.10 17.98
C ARG B 271 7.49 -35.29 18.19
N TYR B 272 6.19 -35.02 18.24
CA TYR B 272 5.19 -36.06 18.44
C TYR B 272 4.88 -36.80 17.15
N PHE B 273 4.71 -38.12 17.25
CA PHE B 273 4.31 -38.95 16.11
C PHE B 273 3.87 -40.32 16.61
N PRO B 274 2.91 -40.95 15.91
CA PRO B 274 2.41 -42.27 16.29
C PRO B 274 3.51 -43.32 16.43
N CYS B 275 3.52 -44.01 17.56
CA CYS B 275 4.54 -45.02 17.84
C CYS B 275 4.41 -46.24 16.95
N PRO B 276 5.48 -46.57 16.21
CA PRO B 276 5.48 -47.69 15.27
C PRO B 276 5.47 -49.05 15.97
N ASP B 277 5.86 -49.07 17.24
CA ASP B 277 5.89 -50.31 18.01
C ASP B 277 4.52 -50.66 18.56
N LEU B 278 3.76 -49.63 18.92
CA LEU B 278 2.43 -49.82 19.49
C LEU B 278 1.32 -49.54 18.48
N LEU B 279 0.48 -50.54 18.25
CA LEU B 279 -0.67 -50.37 17.36
C LEU B 279 -1.82 -49.70 18.12
N PRO B 280 -2.68 -48.97 17.40
CA PRO B 280 -3.79 -48.26 18.05
C PRO B 280 -4.73 -49.19 18.79
N VAL B 281 -4.93 -48.94 20.08
CA VAL B 281 -5.82 -49.75 20.88
C VAL B 281 -7.27 -49.37 20.62
N VAL B 282 -8.09 -50.37 20.32
CA VAL B 282 -9.50 -50.15 20.00
C VAL B 282 -10.41 -50.49 21.16
N ILE B 283 -11.06 -49.47 21.72
CA ILE B 283 -12.01 -49.69 22.81
C ILE B 283 -13.43 -49.73 22.27
N GLU B 284 -14.01 -50.92 22.22
CA GLU B 284 -15.35 -51.11 21.69
C GLU B 284 -16.41 -50.83 22.77
N PRO B 285 -17.63 -50.47 22.35
CA PRO B 285 -18.70 -50.15 23.31
C PRO B 285 -19.09 -51.28 24.26
N GLU B 286 -18.67 -52.51 24.01
CA GLU B 286 -18.96 -53.61 24.92
C GLU B 286 -18.13 -53.52 26.20
N TYR B 287 -16.86 -53.16 26.05
CA TYR B 287 -15.98 -52.91 27.19
C TYR B 287 -16.63 -51.90 28.12
N LEU B 288 -17.05 -50.78 27.55
CA LEU B 288 -17.69 -49.71 28.29
C LEU B 288 -19.05 -50.15 28.85
N ALA B 289 -19.71 -51.06 28.15
CA ALA B 289 -21.02 -51.56 28.58
C ALA B 289 -20.88 -52.39 29.85
N LYS B 290 -19.83 -53.19 29.93
CA LYS B 290 -19.57 -54.01 31.11
C LYS B 290 -19.00 -53.17 32.26
N LEU B 291 -18.06 -52.29 31.93
CA LEU B 291 -17.40 -51.46 32.94
C LEU B 291 -18.34 -50.44 33.57
N ARG B 292 -19.29 -49.93 32.79
CA ARG B 292 -20.28 -49.01 33.33
C ARG B 292 -21.17 -49.74 34.34
N GLU B 293 -21.40 -51.03 34.10
CA GLU B 293 -22.10 -51.85 35.07
C GLU B 293 -21.22 -52.07 36.29
N GLN B 294 -19.91 -52.10 36.06
CA GLN B 294 -18.95 -52.26 37.16
C GLN B 294 -18.72 -50.95 37.92
N LEU B 295 -19.16 -49.83 37.35
CA LEU B 295 -18.94 -48.51 37.94
C LEU B 295 -19.58 -48.38 39.33
N PRO B 296 -18.77 -47.96 40.32
CA PRO B 296 -19.26 -47.72 41.67
C PRO B 296 -20.03 -46.41 41.79
N GLU B 297 -20.76 -46.24 42.89
CA GLU B 297 -21.54 -45.03 43.12
C GLU B 297 -20.64 -43.86 43.49
N LEU B 298 -20.75 -42.77 42.73
CA LEU B 298 -19.93 -41.58 42.95
C LEU B 298 -20.19 -40.94 44.31
N PRO B 299 -19.12 -40.51 45.00
CA PRO B 299 -19.21 -39.91 46.33
C PRO B 299 -20.00 -38.60 46.33
N VAL B 300 -19.76 -37.77 45.33
CA VAL B 300 -20.44 -36.48 45.19
C VAL B 300 -21.95 -36.69 45.10
N GLN B 301 -22.35 -37.78 44.45
CA GLN B 301 -23.75 -38.13 44.32
C GLN B 301 -24.20 -39.00 45.49
N LYS B 302 -23.23 -39.56 46.21
CA LYS B 302 -23.52 -40.40 47.36
C LYS B 302 -23.93 -39.57 48.58
N ARG B 303 -23.30 -38.43 48.77
CA ARG B 303 -23.69 -37.56 49.88
C ARG B 303 -25.04 -36.94 49.58
N GLU B 304 -25.30 -36.69 48.31
CA GLU B 304 -26.59 -36.16 47.88
C GLU B 304 -27.69 -37.21 47.98
N ARG B 305 -27.31 -38.48 47.81
CA ARG B 305 -28.25 -39.58 48.02
C ARG B 305 -28.49 -39.73 49.51
N PHE B 306 -27.49 -39.32 50.30
CA PHE B 306 -27.62 -39.30 51.75
C PHE B 306 -28.45 -38.10 52.19
N GLU B 307 -28.59 -37.12 51.31
CA GLU B 307 -29.43 -35.95 51.57
C GLU B 307 -30.89 -36.23 51.21
N SER B 308 -31.09 -36.88 50.07
CA SER B 308 -32.44 -37.05 49.52
C SER B 308 -33.26 -38.09 50.28
N GLN B 309 -32.89 -39.35 50.15
CA GLN B 309 -33.70 -40.46 50.66
C GLN B 309 -33.58 -40.66 52.16
N TYR B 310 -32.36 -40.64 52.68
CA TYR B 310 -32.16 -40.78 54.13
C TYR B 310 -32.12 -39.43 54.80
N GLY B 311 -32.82 -39.29 55.92
CA GLY B 311 -32.82 -38.04 56.66
C GLY B 311 -31.45 -37.78 57.23
N LEU B 312 -30.79 -36.73 56.74
CA LEU B 312 -29.44 -36.41 57.16
C LEU B 312 -29.06 -34.98 56.82
N SER B 313 -28.07 -34.44 57.53
CA SER B 313 -27.57 -33.10 57.26
C SER B 313 -26.44 -33.17 56.24
N ALA B 314 -26.10 -32.03 55.65
CA ALA B 314 -25.06 -31.95 54.63
C ALA B 314 -23.73 -32.42 55.21
N TYR B 315 -23.41 -31.92 56.39
CA TYR B 315 -22.17 -32.24 57.09
C TYR B 315 -22.02 -33.74 57.30
N ASP B 316 -22.98 -34.33 58.00
CA ASP B 316 -22.93 -35.75 58.33
C ASP B 316 -22.94 -36.61 57.08
N ALA B 317 -23.66 -36.18 56.05
CA ALA B 317 -23.73 -36.91 54.79
C ALA B 317 -22.37 -36.92 54.09
N SER B 318 -21.72 -35.76 54.05
CA SER B 318 -20.42 -35.64 53.42
C SER B 318 -19.36 -36.45 54.17
N VAL B 319 -19.27 -36.24 55.48
CA VAL B 319 -18.25 -36.91 56.27
C VAL B 319 -18.50 -38.42 56.38
N LEU B 320 -19.74 -38.84 56.18
CA LEU B 320 -20.06 -40.27 56.15
C LEU B 320 -19.69 -40.86 54.79
N SER B 321 -19.84 -40.05 53.75
CA SER B 321 -19.51 -40.46 52.39
C SER B 321 -18.07 -40.11 52.05
N ALA B 322 -17.24 -39.92 53.08
CA ALA B 322 -15.84 -39.62 52.90
C ALA B 322 -15.08 -40.81 52.28
N SER B 323 -15.67 -42.00 52.42
CA SER B 323 -15.07 -43.20 51.85
C SER B 323 -16.14 -44.24 51.56
N ARG B 324 -15.87 -45.10 50.57
CA ARG B 324 -16.82 -46.11 50.15
C ARG B 324 -17.06 -47.17 51.22
N GLU B 325 -15.98 -47.56 51.90
CA GLU B 325 -16.06 -48.59 52.94
C GLU B 325 -16.98 -48.16 54.08
N MET B 326 -16.78 -46.94 54.56
CA MET B 326 -17.60 -46.39 55.63
C MET B 326 -19.05 -46.24 55.19
N ALA B 327 -19.24 -45.86 53.92
CA ALA B 327 -20.56 -45.66 53.36
C ALA B 327 -21.35 -46.97 53.33
N ASP B 328 -20.71 -48.03 52.84
CA ASP B 328 -21.37 -49.33 52.78
C ASP B 328 -21.62 -49.89 54.18
N TYR B 329 -20.61 -49.75 55.04
CA TYR B 329 -20.69 -50.18 56.43
C TYR B 329 -21.87 -49.53 57.15
N PHE B 330 -22.08 -48.25 56.87
CA PHE B 330 -23.20 -47.51 57.44
C PHE B 330 -24.53 -47.92 56.83
N GLU B 331 -24.55 -48.08 55.51
CA GLU B 331 -25.77 -48.43 54.80
C GLU B 331 -26.31 -49.79 55.22
N LYS B 332 -25.42 -50.69 55.62
CA LYS B 332 -25.85 -51.99 56.16
C LYS B 332 -26.62 -51.80 57.48
N VAL B 333 -26.05 -51.02 58.38
CA VAL B 333 -26.65 -50.73 59.68
C VAL B 333 -27.99 -50.02 59.50
N GLN B 334 -28.07 -49.15 58.48
CA GLN B 334 -29.33 -48.52 58.14
C GLN B 334 -30.30 -49.59 57.64
N GLY B 335 -29.75 -50.59 56.97
CA GLY B 335 -30.53 -51.71 56.47
C GLY B 335 -31.10 -52.53 57.63
N ILE B 336 -30.44 -52.45 58.78
CA ILE B 336 -30.92 -53.11 59.99
C ILE B 336 -32.24 -52.45 60.41
N CYS B 337 -32.29 -51.13 60.16
CA CYS B 337 -33.43 -50.21 60.35
C CYS B 337 -33.16 -49.27 61.52
N GLY B 338 -31.93 -49.30 62.01
CA GLY B 338 -31.51 -48.37 63.04
C GLY B 338 -31.77 -46.98 62.50
N ASP B 339 -32.28 -46.08 63.34
CA ASP B 339 -32.68 -44.75 62.87
C ASP B 339 -31.51 -44.05 62.17
N ALA B 340 -31.81 -43.49 61.00
CA ALA B 340 -30.79 -42.89 60.12
C ALA B 340 -29.85 -41.98 60.88
N LYS B 341 -30.41 -40.95 61.50
CA LYS B 341 -29.63 -39.99 62.26
C LYS B 341 -28.88 -40.68 63.38
N LEU B 342 -29.54 -41.62 64.06
CA LEU B 342 -28.95 -42.30 65.21
C LEU B 342 -27.94 -43.39 64.82
N ALA B 343 -28.25 -44.13 63.76
CA ALA B 343 -27.32 -45.15 63.27
C ALA B 343 -26.03 -44.48 62.79
N ALA B 344 -26.21 -43.47 61.93
CA ALA B 344 -25.09 -42.68 61.46
C ALA B 344 -24.35 -42.08 62.65
N ASN B 345 -25.11 -41.62 63.64
CA ASN B 345 -24.54 -41.08 64.87
C ASN B 345 -23.59 -42.06 65.53
N TRP B 346 -24.04 -43.31 65.67
CA TRP B 346 -23.22 -44.37 66.26
C TRP B 346 -21.99 -44.62 65.41
N VAL B 347 -22.14 -44.53 64.10
CA VAL B 347 -20.99 -44.69 63.21
C VAL B 347 -19.95 -43.59 63.43
N MET B 348 -20.41 -42.36 63.57
CA MET B 348 -19.52 -41.20 63.72
C MET B 348 -18.70 -41.20 65.01
N VAL B 349 -19.39 -41.06 66.15
CA VAL B 349 -18.72 -40.76 67.41
C VAL B 349 -18.10 -41.96 68.13
N GLU B 350 -18.92 -42.97 68.41
CA GLU B 350 -18.50 -44.06 69.30
C GLU B 350 -17.40 -44.94 68.72
N LEU B 351 -17.69 -45.62 67.61
CA LEU B 351 -16.70 -46.49 67.00
C LEU B 351 -15.57 -45.68 66.40
N GLY B 352 -15.87 -44.43 66.04
CA GLY B 352 -14.88 -43.51 65.49
C GLY B 352 -13.68 -43.30 66.39
N SER B 353 -13.89 -43.37 67.70
CA SER B 353 -12.80 -43.21 68.67
C SER B 353 -11.81 -44.37 68.57
N LEU B 354 -12.33 -45.59 68.51
CA LEU B 354 -11.49 -46.77 68.41
C LEU B 354 -10.87 -46.83 67.03
N LEU B 355 -11.60 -46.32 66.05
CA LEU B 355 -11.07 -46.21 64.69
C LEU B 355 -9.97 -45.17 64.63
N ASN B 356 -9.97 -44.22 65.55
CA ASN B 356 -8.91 -43.23 65.63
C ASN B 356 -7.72 -43.77 66.39
N LYS B 357 -7.99 -44.73 67.26
CA LYS B 357 -6.96 -45.37 68.05
C LYS B 357 -5.96 -46.07 67.11
N ASP B 358 -6.44 -47.00 66.28
CA ASP B 358 -5.57 -47.62 65.28
C ASP B 358 -5.58 -46.97 63.88
N GLY B 359 -6.62 -46.22 63.55
CA GLY B 359 -6.80 -45.64 62.22
C GLY B 359 -6.60 -46.70 61.16
N LEU B 360 -7.41 -47.75 61.26
CA LEU B 360 -7.30 -48.88 60.35
C LEU B 360 -7.90 -48.62 58.99
N GLU B 361 -7.02 -48.64 57.99
CA GLU B 361 -7.31 -48.37 56.58
C GLU B 361 -8.71 -48.75 56.14
N ILE B 362 -9.15 -49.95 56.51
CA ILE B 362 -10.49 -50.40 56.19
C ILE B 362 -11.30 -50.81 57.42
N GLU B 363 -12.53 -50.29 57.48
CA GLU B 363 -13.44 -50.55 58.59
C GLU B 363 -14.09 -51.95 58.49
N GLN B 364 -13.54 -52.79 57.63
CA GLN B 364 -13.97 -54.18 57.52
C GLN B 364 -13.28 -54.98 58.61
N SER B 365 -12.18 -54.42 59.12
CA SER B 365 -11.35 -55.08 60.12
C SER B 365 -11.87 -55.02 61.58
N PRO B 366 -12.15 -53.82 62.11
CA PRO B 366 -12.40 -53.76 63.56
C PRO B 366 -13.75 -54.25 64.06
N VAL B 367 -14.83 -53.74 63.47
CA VAL B 367 -16.19 -54.07 63.92
C VAL B 367 -17.10 -54.35 62.74
N SER B 368 -17.90 -55.40 62.83
CA SER B 368 -18.80 -55.76 61.74
C SER B 368 -20.06 -54.91 61.85
N ALA B 369 -20.76 -54.72 60.75
CA ALA B 369 -21.97 -53.91 60.73
C ALA B 369 -23.13 -54.63 61.42
N GLU B 370 -23.08 -55.97 61.38
CA GLU B 370 -24.11 -56.79 62.00
C GLU B 370 -24.08 -56.69 63.52
N GLN B 371 -22.91 -56.37 64.08
CA GLN B 371 -22.78 -56.25 65.53
C GLN B 371 -23.39 -54.95 66.05
N LEU B 372 -23.03 -53.83 65.44
CA LEU B 372 -23.58 -52.53 65.85
C LEU B 372 -25.06 -52.52 65.49
N GLY B 373 -25.39 -53.19 64.40
CA GLY B 373 -26.76 -53.35 63.95
C GLY B 373 -27.53 -54.09 65.02
N GLY B 374 -26.91 -55.11 65.59
CA GLY B 374 -27.50 -55.87 66.67
C GLY B 374 -27.65 -55.04 67.93
N MET B 375 -26.70 -54.14 68.17
CA MET B 375 -26.76 -53.28 69.34
C MET B 375 -27.95 -52.34 69.25
N ILE B 376 -28.12 -51.71 68.10
CA ILE B 376 -29.22 -50.78 67.91
C ILE B 376 -30.53 -51.57 67.87
N LEU B 377 -30.44 -52.80 67.37
CA LEU B 377 -31.56 -53.74 67.42
C LEU B 377 -32.02 -53.98 68.85
N ARG B 378 -31.07 -54.10 69.77
CA ARG B 378 -31.39 -54.31 71.18
C ARG B 378 -31.88 -53.03 71.83
N ILE B 379 -31.40 -51.89 71.33
CA ILE B 379 -31.75 -50.59 71.90
C ILE B 379 -33.16 -50.16 71.49
N LYS B 380 -33.60 -50.61 70.31
CA LYS B 380 -34.89 -50.19 69.79
C LYS B 380 -36.04 -51.11 70.21
N ASP B 381 -35.92 -52.39 69.90
CA ASP B 381 -37.00 -53.34 70.10
C ASP B 381 -36.97 -54.02 71.47
N ASN B 382 -35.92 -54.82 71.69
CA ASN B 382 -35.80 -55.63 72.89
C ASN B 382 -35.82 -54.82 74.19
N THR B 383 -35.15 -53.67 74.17
CA THR B 383 -35.09 -52.80 75.34
C THR B 383 -35.45 -51.37 74.98
N ILE B 384 -35.69 -50.54 76.00
CA ILE B 384 -36.00 -49.14 75.77
C ILE B 384 -34.70 -48.38 75.54
N SER B 385 -34.79 -47.12 75.14
CA SER B 385 -33.60 -46.32 74.87
C SER B 385 -33.17 -45.56 76.11
N GLY B 386 -31.87 -45.55 76.39
CA GLY B 386 -31.35 -44.82 77.54
C GLY B 386 -30.02 -45.33 78.05
N LYS B 387 -30.03 -45.85 79.27
CA LYS B 387 -28.82 -46.32 79.94
C LYS B 387 -28.26 -47.63 79.35
N LEU B 388 -29.12 -48.40 78.70
CA LEU B 388 -28.71 -49.69 78.14
C LEU B 388 -27.67 -49.51 77.04
N ALA B 389 -27.68 -48.33 76.42
CA ALA B 389 -26.71 -48.01 75.39
C ALA B 389 -25.32 -47.81 75.99
N LYS B 390 -25.29 -47.10 77.12
CA LYS B 390 -24.04 -46.66 77.74
C LYS B 390 -23.04 -47.77 78.10
N MET B 391 -23.51 -48.85 78.70
CA MET B 391 -22.63 -49.92 79.16
C MET B 391 -22.23 -50.86 78.02
N VAL B 392 -23.20 -51.20 77.18
CA VAL B 392 -22.98 -52.12 76.07
C VAL B 392 -22.03 -51.44 75.11
N PHE B 393 -22.09 -50.11 75.06
CA PHE B 393 -21.15 -49.33 74.28
C PHE B 393 -19.71 -49.62 74.70
N GLU B 394 -19.48 -49.74 76.01
CA GLU B 394 -18.15 -50.04 76.50
C GLU B 394 -17.76 -51.49 76.24
N ALA B 395 -18.60 -52.41 76.71
CA ALA B 395 -18.31 -53.84 76.65
C ALA B 395 -18.27 -54.51 75.28
N MET B 396 -19.27 -54.23 74.45
CA MET B 396 -19.43 -54.91 73.16
C MET B 396 -18.39 -54.62 72.07
N ALA B 397 -17.99 -53.36 71.94
CA ALA B 397 -17.08 -52.97 70.86
C ALA B 397 -15.67 -53.57 70.98
N ASN B 398 -15.07 -53.44 72.17
CA ASN B 398 -13.70 -53.84 72.39
C ASN B 398 -13.48 -55.35 72.38
N GLY B 399 -14.13 -56.03 73.33
CA GLY B 399 -13.88 -57.44 73.58
C GLY B 399 -14.98 -58.38 73.15
N GLU B 400 -15.75 -58.87 74.12
CA GLU B 400 -16.76 -59.91 73.87
C GLU B 400 -17.79 -59.49 72.83
N GLY B 401 -18.40 -60.50 72.20
CA GLY B 401 -19.40 -60.28 71.18
C GLY B 401 -20.77 -60.82 71.54
N SER B 402 -21.33 -60.35 72.66
CA SER B 402 -22.63 -60.80 73.10
C SER B 402 -23.54 -59.64 73.48
N ALA B 403 -24.79 -59.69 73.02
CA ALA B 403 -25.76 -58.64 73.29
C ALA B 403 -26.46 -58.87 74.61
N UNK B 411 -31.78 -50.56 82.91
CA UNK B 411 -33.03 -50.69 82.20
C UNK B 411 -34.22 -50.44 83.14
N UNK B 412 -33.93 -50.30 84.42
CA UNK B 412 -34.96 -50.06 85.41
C UNK B 412 -35.48 -48.63 85.35
N UNK B 413 -36.76 -48.46 85.65
CA UNK B 413 -37.38 -47.14 85.63
C UNK B 413 -38.36 -47.00 86.79
N UNK B 414 -37.91 -47.38 87.98
CA UNK B 414 -38.74 -47.30 89.18
C UNK B 414 -38.47 -46.05 90.00
N UNK B 415 -38.95 -46.06 91.24
CA UNK B 415 -38.81 -44.95 92.19
C UNK B 415 -37.58 -45.12 93.07
N UNK B 416 -36.95 -46.29 92.97
CA UNK B 416 -35.85 -46.70 93.84
C UNK B 416 -34.68 -45.72 93.88
N UNK B 417 -34.47 -44.99 92.79
CA UNK B 417 -33.34 -44.06 92.69
C UNK B 417 -33.36 -43.01 93.80
N UNK B 418 -34.56 -42.67 94.28
CA UNK B 418 -34.71 -41.72 95.38
C UNK B 418 -33.97 -42.22 96.62
N UNK B 419 -34.09 -43.51 96.90
CA UNK B 419 -33.41 -44.11 98.05
C UNK B 419 -31.90 -44.01 97.87
N UNK B 420 -31.46 -43.98 96.62
CA UNK B 420 -30.06 -43.83 96.29
C UNK B 420 -29.63 -42.36 96.37
N UNK B 421 -30.59 -41.46 96.23
CA UNK B 421 -30.29 -40.02 96.18
C UNK B 421 -29.91 -39.44 97.53
N UNK B 422 -30.33 -40.07 98.62
CA UNK B 422 -30.01 -39.59 99.95
C UNK B 422 -28.58 -39.97 100.36
N UNK B 423 -28.26 -41.25 100.18
CA UNK B 423 -26.95 -41.79 100.54
C UNK B 423 -25.81 -41.06 99.84
N UNK B 424 -26.03 -40.66 98.59
CA UNK B 424 -25.02 -39.94 97.84
C UNK B 424 -24.71 -38.63 98.55
N UNK B 425 -25.75 -37.96 99.01
CA UNK B 425 -25.58 -36.69 99.70
C UNK B 425 -24.79 -36.90 100.98
N UNK B 426 -24.82 -38.13 101.50
CA UNK B 426 -24.09 -38.46 102.71
C UNK B 426 -22.64 -38.82 102.40
N UNK B 427 -22.38 -39.28 101.18
CA UNK B 427 -21.03 -39.70 100.82
C UNK B 427 -20.09 -38.51 100.80
N UNK B 428 -20.25 -37.67 99.80
CA UNK B 428 -19.52 -36.42 99.70
C UNK B 428 -20.26 -35.35 100.48
N UNK B 429 -19.56 -34.32 100.93
CA UNK B 429 -20.20 -33.22 101.66
C UNK B 429 -21.02 -32.39 100.67
N UNK B 430 -22.10 -32.97 100.15
CA UNK B 430 -22.92 -32.32 99.14
C UNK B 430 -23.96 -31.38 99.75
N UNK B 431 -24.19 -31.53 101.05
CA UNK B 431 -25.18 -30.71 101.74
C UNK B 431 -24.76 -29.24 101.73
N UNK B 432 -23.46 -29.00 101.85
CA UNK B 432 -22.91 -27.66 101.91
C UNK B 432 -22.82 -27.01 100.52
N UNK B 433 -22.63 -27.83 99.49
CA UNK B 433 -22.46 -27.32 98.13
C UNK B 433 -23.80 -26.94 97.50
N UNK B 434 -24.89 -27.19 98.22
CA UNK B 434 -26.23 -26.94 97.72
C UNK B 434 -26.56 -25.44 97.70
N UNK B 435 -25.87 -24.68 98.53
CA UNK B 435 -26.17 -23.25 98.73
C UNK B 435 -26.16 -22.45 97.44
N UNK B 436 -25.14 -22.64 96.62
CA UNK B 436 -25.04 -21.94 95.34
C UNK B 436 -25.44 -22.86 94.20
N UNK B 437 -26.07 -22.29 93.17
CA UNK B 437 -26.60 -23.08 92.07
C UNK B 437 -25.51 -23.82 91.32
N UNK B 438 -24.66 -23.07 90.62
CA UNK B 438 -23.52 -23.61 89.88
C UNK B 438 -23.91 -24.78 88.96
N UNK B 439 -23.27 -25.93 89.17
CA UNK B 439 -23.54 -27.13 88.41
C UNK B 439 -23.81 -28.33 89.33
N UNK B 440 -24.88 -29.06 89.05
CA UNK B 440 -25.30 -30.17 89.90
C UNK B 440 -25.04 -31.53 89.27
N UNK B 441 -24.06 -31.59 88.36
CA UNK B 441 -23.71 -32.84 87.70
C UNK B 441 -23.03 -33.81 88.66
N UNK B 442 -22.27 -33.26 89.60
CA UNK B 442 -21.53 -34.06 90.58
C UNK B 442 -22.49 -34.84 91.46
N UNK B 443 -23.70 -34.33 91.63
CA UNK B 443 -24.73 -35.01 92.41
C UNK B 443 -25.27 -36.22 91.66
N UNK B 444 -25.48 -36.06 90.36
CA UNK B 444 -25.97 -37.15 89.52
C UNK B 444 -24.89 -38.20 89.28
N UNK B 445 -23.63 -37.80 89.43
CA UNK B 445 -22.50 -38.69 89.21
C UNK B 445 -22.55 -39.94 90.10
N UNK B 446 -22.64 -39.72 91.41
CA UNK B 446 -22.64 -40.81 92.37
C UNK B 446 -23.80 -41.77 92.16
N UNK B 447 -24.98 -41.21 91.86
CA UNK B 447 -26.17 -42.02 91.61
C UNK B 447 -26.03 -42.85 90.34
N UNK B 448 -25.46 -42.24 89.30
CA UNK B 448 -25.28 -42.92 88.03
C UNK B 448 -24.25 -44.04 88.15
N UNK B 449 -23.22 -43.80 88.97
CA UNK B 449 -22.17 -44.79 89.17
C UNK B 449 -22.64 -45.92 90.07
N UNK B 450 -23.54 -45.60 91.01
CA UNK B 450 -24.08 -46.59 91.92
C UNK B 450 -25.12 -47.47 91.22
N UNK B 451 -25.87 -46.88 90.29
CA UNK B 451 -26.91 -47.61 89.59
C UNK B 451 -26.34 -48.38 88.40
N UNK B 452 -25.66 -47.67 87.51
CA UNK B 452 -25.07 -48.28 86.33
C UNK B 452 -23.63 -48.71 86.60
N UNK B 454 -29.08 -45.50 86.15
CA UNK B 454 -30.33 -45.94 85.51
C UNK B 454 -31.31 -44.77 85.37
N UNK B 455 -31.83 -44.59 84.17
CA UNK B 455 -32.78 -43.52 83.84
C UNK B 455 -32.22 -42.14 84.21
N UNK B 456 -31.50 -41.54 83.26
CA UNK B 456 -30.89 -40.24 83.49
C UNK B 456 -31.88 -39.08 83.45
N UNK B 457 -32.87 -39.17 82.56
CA UNK B 457 -33.85 -38.10 82.40
C UNK B 457 -34.63 -37.85 83.68
N UNK B 458 -35.01 -38.92 84.36
CA UNK B 458 -35.74 -38.82 85.62
C UNK B 458 -34.81 -38.39 86.76
N UNK B 459 -33.57 -38.86 86.68
CA UNK B 459 -32.55 -38.57 87.69
C UNK B 459 -32.15 -37.10 87.73
N UNK B 460 -32.09 -36.47 86.56
CA UNK B 460 -31.74 -35.05 86.50
C UNK B 460 -32.81 -34.20 87.17
N UNK B 461 -34.07 -34.48 86.86
CA UNK B 461 -35.20 -33.76 87.44
C UNK B 461 -35.29 -34.00 88.95
N UNK B 462 -35.11 -35.26 89.35
CA UNK B 462 -35.20 -35.63 90.76
C UNK B 462 -34.08 -34.99 91.57
N UNK B 463 -32.87 -35.00 91.02
CA UNK B 463 -31.71 -34.41 91.68
C UNK B 463 -31.86 -32.89 91.76
N UNK B 464 -32.39 -32.30 90.70
CA UNK B 464 -32.60 -30.85 90.66
C UNK B 464 -33.66 -30.43 91.68
N UNK B 465 -34.68 -31.28 91.85
CA UNK B 465 -35.73 -30.99 92.82
C UNK B 465 -35.23 -31.20 94.25
N UNK B 466 -34.36 -32.19 94.43
CA UNK B 466 -33.82 -32.54 95.74
C UNK B 466 -32.73 -31.58 96.22
N UNK B 467 -32.04 -30.94 95.28
CA UNK B 467 -30.93 -30.04 95.63
C UNK B 467 -31.40 -28.83 96.42
N UNK B 468 -32.31 -28.05 95.84
CA UNK B 468 -32.82 -26.86 96.51
C UNK B 468 -34.34 -26.79 96.41
N MET C 9 13.17 -25.97 0.43
CA MET C 9 14.01 -25.54 -0.69
C MET C 9 15.36 -24.94 -0.30
N ALA C 10 15.49 -24.44 0.92
CA ALA C 10 16.77 -23.91 1.36
C ALA C 10 16.97 -24.06 2.86
N LEU C 11 18.23 -24.12 3.26
CA LEU C 11 18.60 -24.30 4.67
C LEU C 11 19.95 -23.64 4.91
N GLU C 12 20.14 -23.12 6.11
CA GLU C 12 21.42 -22.49 6.46
C GLU C 12 22.21 -23.31 7.47
N ARG C 13 23.43 -22.86 7.75
CA ARG C 13 24.32 -23.56 8.67
C ARG C 13 23.79 -23.48 10.10
N SER C 14 23.03 -22.42 10.37
CA SER C 14 22.47 -22.21 11.69
C SER C 14 21.28 -23.13 11.90
N ASP C 15 20.62 -23.49 10.80
CA ASP C 15 19.53 -24.44 10.85
C ASP C 15 20.05 -25.81 11.26
N VAL C 16 21.12 -26.24 10.59
CA VAL C 16 21.79 -27.50 10.91
C VAL C 16 22.34 -27.44 12.34
N GLU C 17 22.75 -26.24 12.76
CA GLU C 17 23.23 -26.03 14.12
C GLU C 17 22.11 -26.32 15.12
N LYS C 18 20.92 -25.79 14.86
CA LYS C 18 19.78 -25.97 15.74
C LYS C 18 19.30 -27.42 15.75
N ILE C 19 19.37 -28.07 14.58
CA ILE C 19 19.04 -29.49 14.50
C ILE C 19 20.02 -30.30 15.35
N ALA C 20 21.29 -29.92 15.30
CA ALA C 20 22.33 -30.55 16.10
C ALA C 20 22.04 -30.35 17.58
N HIS C 21 21.51 -29.19 17.93
CA HIS C 21 21.14 -28.92 19.31
C HIS C 21 19.93 -29.75 19.72
N LEU C 22 19.03 -30.01 18.78
CA LEU C 22 17.84 -30.80 19.05
C LEU C 22 18.14 -32.27 19.29
N ALA C 23 18.82 -32.89 18.33
CA ALA C 23 19.09 -34.32 18.43
C ALA C 23 20.37 -34.65 19.21
N ARG C 24 21.04 -33.62 19.73
CA ARG C 24 22.30 -33.80 20.46
C ARG C 24 23.34 -34.59 19.66
N LEU C 25 24.01 -33.90 18.75
CA LEU C 25 25.07 -34.50 17.95
C LEU C 25 26.30 -33.59 17.96
N GLY C 26 27.48 -34.20 18.07
CA GLY C 26 28.71 -33.43 18.07
C GLY C 26 29.20 -33.08 16.69
N LEU C 27 29.19 -31.78 16.39
CA LEU C 27 29.64 -31.28 15.09
C LEU C 27 30.66 -30.15 15.26
N SER C 28 31.79 -30.29 14.60
CA SER C 28 32.86 -29.29 14.65
C SER C 28 32.68 -28.28 13.51
N GLU C 29 33.57 -27.28 13.49
CA GLU C 29 33.51 -26.23 12.47
C GLU C 29 33.83 -26.78 11.08
N ALA C 30 34.70 -27.79 11.03
CA ALA C 30 35.13 -28.37 9.77
C ALA C 30 34.07 -29.27 9.15
N ASP C 31 33.23 -29.89 9.98
CA ASP C 31 32.23 -30.84 9.50
C ASP C 31 30.96 -30.17 8.98
N LEU C 32 30.77 -28.89 9.32
CA LEU C 32 29.55 -28.17 8.96
C LEU C 32 29.25 -28.10 7.45
N PRO C 33 30.22 -27.65 6.62
CA PRO C 33 29.87 -27.44 5.20
C PRO C 33 29.45 -28.70 4.47
N ARG C 34 30.22 -29.77 4.62
CA ARG C 34 29.93 -31.04 3.95
C ARG C 34 28.56 -31.58 4.39
N THR C 35 28.28 -31.49 5.68
CA THR C 35 27.00 -31.94 6.22
C THR C 35 25.84 -31.12 5.63
N THR C 36 26.02 -29.80 5.56
CA THR C 36 25.01 -28.93 4.98
C THR C 36 24.74 -29.31 3.53
N GLU C 37 25.83 -29.59 2.80
CA GLU C 37 25.71 -30.00 1.39
C GLU C 37 24.93 -31.30 1.24
N THR C 38 25.34 -32.33 1.98
CA THR C 38 24.69 -33.63 1.91
C THR C 38 23.21 -33.55 2.30
N LEU C 39 22.93 -32.84 3.38
CA LEU C 39 21.55 -32.62 3.82
C LEU C 39 20.73 -31.92 2.75
N ASN C 40 21.31 -30.89 2.16
CA ASN C 40 20.63 -30.15 1.10
C ASN C 40 20.34 -31.03 -0.10
N ASN C 41 21.25 -31.97 -0.37
CA ASN C 41 21.04 -32.95 -1.44
C ASN C 41 19.90 -33.91 -1.13
N ILE C 42 19.87 -34.39 0.12
CA ILE C 42 18.84 -35.31 0.57
C ILE C 42 17.47 -34.65 0.49
N LEU C 43 17.38 -33.43 1.00
CA LEU C 43 16.15 -32.64 0.93
C LEU C 43 15.78 -32.37 -0.53
N GLY C 44 16.80 -32.17 -1.36
CA GLY C 44 16.59 -31.96 -2.78
C GLY C 44 16.00 -33.19 -3.46
N LEU C 45 16.28 -34.35 -2.89
CA LEU C 45 15.73 -35.61 -3.39
C LEU C 45 14.30 -35.80 -2.88
N ILE C 46 14.11 -35.48 -1.61
CA ILE C 46 12.83 -35.69 -0.94
C ILE C 46 11.75 -34.75 -1.47
N ASP C 47 12.16 -33.56 -1.90
CA ASP C 47 11.22 -32.52 -2.33
C ASP C 47 10.33 -32.92 -3.51
N GLN C 48 10.71 -34.00 -4.20
CA GLN C 48 9.99 -34.46 -5.37
C GLN C 48 8.60 -35.04 -5.07
N MET C 49 8.42 -35.59 -3.87
CA MET C 49 7.18 -36.26 -3.52
C MET C 49 5.98 -35.34 -3.30
N GLN C 50 6.25 -34.06 -3.00
CA GLN C 50 5.20 -33.10 -2.70
C GLN C 50 4.28 -32.81 -3.89
N ALA C 51 4.76 -33.12 -5.10
CA ALA C 51 4.00 -32.87 -6.31
C ALA C 51 2.74 -33.73 -6.39
N VAL C 52 2.80 -34.92 -5.82
CA VAL C 52 1.68 -35.84 -5.84
C VAL C 52 0.61 -35.43 -4.82
N ASP C 53 -0.64 -35.44 -5.25
CA ASP C 53 -1.75 -35.06 -4.37
C ASP C 53 -2.07 -36.14 -3.35
N THR C 54 -2.27 -35.74 -2.10
CA THR C 54 -2.59 -36.66 -1.03
C THR C 54 -3.86 -36.22 -0.30
N SER C 55 -4.79 -35.63 -1.04
CA SER C 55 -6.04 -35.14 -0.47
C SER C 55 -7.01 -36.27 -0.16
N GLY C 56 -7.70 -36.17 0.97
CA GLY C 56 -8.70 -37.15 1.34
C GLY C 56 -8.12 -38.39 1.98
N VAL C 57 -7.05 -38.90 1.40
CA VAL C 57 -6.42 -40.14 1.88
C VAL C 57 -5.84 -39.96 3.28
N GLU C 58 -5.80 -41.05 4.04
CA GLU C 58 -5.32 -41.05 5.41
C GLU C 58 -3.88 -41.58 5.47
N PRO C 59 -3.13 -41.21 6.51
CA PRO C 59 -1.76 -41.71 6.65
C PRO C 59 -1.71 -43.19 7.03
N LEU C 60 -0.56 -43.83 6.81
CA LEU C 60 -0.38 -45.24 7.11
C LEU C 60 0.78 -45.46 8.08
N ALA C 61 0.46 -45.73 9.34
CA ALA C 61 1.47 -45.93 10.37
C ALA C 61 2.00 -47.36 10.38
N HIS C 62 1.11 -48.33 10.15
CA HIS C 62 1.48 -49.74 10.18
C HIS C 62 1.03 -50.45 8.90
N PRO C 63 1.94 -51.24 8.30
CA PRO C 63 1.70 -51.93 7.03
C PRO C 63 0.46 -52.81 7.04
N LEU C 64 0.23 -53.51 8.15
CA LEU C 64 -0.93 -54.37 8.29
C LEU C 64 -1.94 -53.74 9.26
N GLU C 65 -3.22 -53.89 8.95
CA GLU C 65 -4.27 -53.28 9.76
C GLU C 65 -4.63 -54.13 10.98
N ALA C 66 -3.66 -54.33 11.88
CA ALA C 66 -3.90 -55.04 13.13
C ALA C 66 -4.27 -54.03 14.20
N THR C 67 -4.86 -54.50 15.30
CA THR C 67 -5.32 -53.58 16.34
C THR C 67 -4.59 -53.75 17.66
N GLN C 68 -5.35 -53.64 18.76
CA GLN C 68 -4.81 -53.69 20.11
C GLN C 68 -4.09 -54.99 20.47
N ARG C 69 -3.09 -54.86 21.34
CA ARG C 69 -2.36 -56.01 21.87
C ARG C 69 -2.15 -55.83 23.37
N LEU C 70 -3.04 -56.43 24.16
CA LEU C 70 -3.02 -56.22 25.60
C LEU C 70 -2.27 -57.35 26.33
N ARG C 71 -1.72 -57.00 27.48
CA ARG C 71 -0.98 -57.92 28.32
C ARG C 71 -1.50 -57.93 29.75
N PRO C 72 -1.79 -59.12 30.30
CA PRO C 72 -2.30 -59.27 31.66
C PRO C 72 -1.36 -58.68 32.71
N ASP C 73 -1.92 -58.34 33.87
CA ASP C 73 -1.17 -57.71 34.94
C ASP C 73 -0.24 -58.68 35.66
N ALA C 74 0.64 -59.33 34.91
CA ALA C 74 1.56 -60.31 35.48
C ALA C 74 2.94 -59.70 35.75
N VAL C 75 3.40 -59.83 37.00
CA VAL C 75 4.71 -59.31 37.39
C VAL C 75 5.81 -60.34 37.11
N THR C 76 6.90 -59.88 36.49
CA THR C 76 8.02 -60.77 36.18
C THR C 76 9.21 -60.53 37.11
N GLU C 77 9.89 -61.61 37.49
CA GLU C 77 11.02 -61.58 38.42
C GLU C 77 12.18 -60.71 37.91
N THR C 78 13.00 -60.24 38.84
CA THR C 78 14.14 -59.38 38.51
C THR C 78 15.47 -60.14 38.63
N ASP C 79 16.39 -59.82 37.73
CA ASP C 79 17.72 -60.45 37.72
C ASP C 79 18.61 -59.90 38.83
N HIS C 80 19.83 -60.41 38.91
CA HIS C 80 20.79 -59.98 39.93
C HIS C 80 21.70 -58.87 39.40
N ARG C 81 22.55 -58.36 40.28
CA ARG C 81 23.39 -57.20 39.98
C ARG C 81 24.30 -57.40 38.77
N ASP C 82 24.96 -58.56 38.71
CA ASP C 82 25.93 -58.85 37.67
C ASP C 82 25.35 -58.68 36.26
N ALA C 83 24.06 -58.99 36.12
CA ALA C 83 23.41 -58.87 34.82
C ALA C 83 23.25 -57.41 34.42
N TYR C 84 23.17 -56.53 35.41
CA TYR C 84 23.01 -55.10 35.16
C TYR C 84 24.35 -54.38 34.96
N GLN C 85 25.26 -54.60 35.90
CA GLN C 85 26.48 -53.79 35.97
C GLN C 85 27.55 -54.19 34.94
N THR C 86 27.39 -55.34 34.31
CA THR C 86 28.38 -55.84 33.36
C THR C 86 28.59 -54.96 32.12
N ILE C 87 27.56 -54.22 31.72
CA ILE C 87 27.68 -53.36 30.54
C ILE C 87 27.72 -51.88 30.91
N ALA C 88 27.22 -51.57 32.10
CA ALA C 88 27.16 -50.19 32.55
C ALA C 88 28.57 -49.65 32.80
N PRO C 89 28.91 -48.54 32.13
CA PRO C 89 30.23 -47.92 32.29
C PRO C 89 30.41 -47.34 33.69
N ALA C 90 29.33 -46.80 34.25
CA ALA C 90 29.38 -46.18 35.56
C ALA C 90 28.36 -46.81 36.51
N VAL C 91 28.83 -47.24 37.68
CA VAL C 91 27.96 -47.93 38.64
C VAL C 91 28.39 -47.62 40.08
N GLU C 92 27.40 -47.29 40.92
CA GLU C 92 27.64 -47.08 42.35
C GLU C 92 26.42 -47.48 43.17
N GLU C 93 26.59 -48.49 44.01
CA GLU C 93 25.51 -49.03 44.85
C GLU C 93 24.27 -49.42 44.03
N GLY C 94 24.48 -49.73 42.75
CA GLY C 94 23.39 -50.12 41.89
C GLY C 94 22.74 -48.95 41.20
N LEU C 95 23.50 -47.87 41.01
CA LEU C 95 22.99 -46.67 40.34
C LEU C 95 23.91 -46.21 39.21
N TYR C 96 23.32 -45.59 38.20
CA TYR C 96 24.06 -45.08 37.06
C TYR C 96 24.62 -43.69 37.37
N LEU C 97 25.94 -43.54 37.22
CA LEU C 97 26.62 -42.29 37.54
C LEU C 97 26.60 -41.31 36.38
N VAL C 98 26.12 -40.10 36.65
CA VAL C 98 25.96 -39.05 35.65
C VAL C 98 26.37 -37.71 36.24
N PRO C 99 27.13 -36.91 35.48
CA PRO C 99 27.54 -35.57 35.93
C PRO C 99 26.37 -34.72 36.39
N LYS C 100 26.52 -34.09 37.55
CA LYS C 100 25.44 -33.33 38.18
C LYS C 100 25.45 -31.87 37.74
N VAL C 101 26.45 -31.51 36.92
CA VAL C 101 26.57 -30.14 36.43
C VAL C 101 25.37 -29.79 35.56
N ILE C 102 24.77 -28.63 35.82
CA ILE C 102 23.57 -28.21 35.08
C ILE C 102 23.78 -26.89 34.33
N GLU C 103 23.90 -26.99 33.02
CA GLU C 103 24.08 -25.83 32.15
C GLU C 103 23.41 -26.08 30.80
N SER C 104 22.57 -25.14 30.37
CA SER C 104 21.89 -25.26 29.08
C SER C 104 22.75 -24.66 27.97
N MET D 1 32.65 -80.14 -85.00
CA MET D 1 31.84 -81.31 -85.35
C MET D 1 30.36 -81.09 -85.04
N LEU D 2 30.05 -80.87 -83.77
CA LEU D 2 28.68 -80.68 -83.35
C LEU D 2 28.35 -79.21 -83.07
N HIS D 3 29.20 -78.32 -83.57
CA HIS D 3 28.97 -76.89 -83.38
C HIS D 3 28.19 -76.31 -84.56
N GLN D 4 28.30 -76.97 -85.71
CA GLN D 4 27.56 -76.56 -86.89
C GLN D 4 26.17 -77.19 -86.92
N LEU D 5 25.69 -77.58 -85.74
CA LEU D 5 24.42 -78.27 -85.61
C LEU D 5 23.23 -77.29 -85.56
N THR D 6 22.09 -77.77 -86.02
CA THR D 6 20.84 -77.01 -85.91
C THR D 6 19.96 -77.71 -84.89
N LEU D 7 19.09 -76.94 -84.23
CA LEU D 7 18.32 -77.44 -83.09
C LEU D 7 17.56 -78.72 -83.40
N ALA D 8 17.19 -78.90 -84.67
CA ALA D 8 16.57 -80.14 -85.11
C ALA D 8 17.58 -81.28 -84.99
N GLU D 9 18.77 -81.07 -85.55
CA GLU D 9 19.85 -82.05 -85.48
C GLU D 9 20.30 -82.26 -84.04
N ILE D 10 20.17 -81.22 -83.22
CA ILE D 10 20.57 -81.30 -81.82
C ILE D 10 19.58 -82.13 -81.01
N ALA D 11 18.29 -81.94 -81.26
CA ALA D 11 17.27 -82.72 -80.58
C ALA D 11 17.34 -84.17 -81.03
N ARG D 12 17.57 -84.37 -82.32
CA ARG D 12 17.67 -85.71 -82.89
C ARG D 12 18.90 -86.43 -82.35
N ALA D 13 19.99 -85.70 -82.16
CA ALA D 13 21.22 -86.29 -81.65
C ALA D 13 21.13 -86.60 -80.16
N LEU D 14 20.54 -85.68 -79.39
CA LEU D 14 20.35 -85.90 -77.97
C LEU D 14 19.38 -87.06 -77.74
N ALA D 15 18.44 -87.24 -78.66
CA ALA D 15 17.54 -88.37 -78.60
C ALA D 15 18.28 -89.65 -78.97
N ASP D 16 19.30 -89.52 -79.80
CA ASP D 16 20.10 -90.68 -80.23
C ASP D 16 21.23 -91.00 -79.26
N LYS D 17 21.36 -90.18 -78.23
CA LYS D 17 22.40 -90.37 -77.20
C LYS D 17 23.81 -90.45 -77.80
N GLN D 18 24.26 -89.37 -78.43
CA GLN D 18 25.62 -89.34 -78.97
C GLN D 18 26.47 -88.37 -78.17
N PHE D 19 25.80 -87.52 -77.41
CA PHE D 19 26.43 -86.58 -76.48
C PHE D 19 25.35 -85.93 -75.63
N SER D 20 25.73 -85.49 -74.44
CA SER D 20 24.78 -84.87 -73.53
C SER D 20 24.72 -83.36 -73.74
N ALA D 21 23.68 -82.73 -73.18
CA ALA D 21 23.53 -81.29 -73.28
C ALA D 21 24.68 -80.61 -72.55
N GLU D 22 25.16 -81.26 -71.50
CA GLU D 22 26.30 -80.75 -70.74
C GLU D 22 27.55 -80.73 -71.61
N GLU D 23 27.77 -81.82 -72.35
CA GLU D 23 28.92 -81.92 -73.24
C GLU D 23 28.85 -80.86 -74.33
N LEU D 24 27.69 -80.75 -74.95
CA LEU D 24 27.45 -79.78 -76.03
C LEU D 24 27.70 -78.36 -75.55
N THR D 25 27.08 -78.00 -74.42
CA THR D 25 27.19 -76.65 -73.88
C THR D 25 28.60 -76.35 -73.41
N ARG D 26 29.29 -77.34 -72.87
CA ARG D 26 30.65 -77.13 -72.39
C ARG D 26 31.61 -76.90 -73.55
N THR D 27 31.51 -77.73 -74.58
CA THR D 27 32.37 -77.60 -75.74
C THR D 27 32.07 -76.30 -76.47
N LEU D 28 30.79 -76.02 -76.64
CA LEU D 28 30.34 -74.81 -77.31
C LEU D 28 30.78 -73.57 -76.56
N LEU D 29 30.73 -73.62 -75.23
CA LEU D 29 31.22 -72.53 -74.39
C LEU D 29 32.71 -72.35 -74.57
N GLY D 30 33.42 -73.46 -74.73
CA GLY D 30 34.84 -73.42 -75.04
C GLY D 30 35.07 -72.66 -76.34
N ARG D 31 34.24 -72.95 -77.34
CA ARG D 31 34.32 -72.27 -78.63
C ARG D 31 33.98 -70.78 -78.49
N ILE D 32 33.07 -70.47 -77.57
CA ILE D 32 32.70 -69.09 -77.28
C ILE D 32 33.92 -68.34 -76.76
N ARG D 33 34.46 -68.82 -75.63
CA ARG D 33 35.58 -68.15 -74.99
C ARG D 33 36.84 -68.16 -75.84
N GLN D 34 36.90 -69.05 -76.83
CA GLN D 34 38.07 -69.14 -77.70
C GLN D 34 37.94 -68.14 -78.86
N LEU D 35 36.77 -68.10 -79.51
CA LEU D 35 36.60 -67.34 -80.75
C LEU D 35 35.90 -65.99 -80.63
N ASP D 36 35.38 -65.67 -79.45
CA ASP D 36 34.63 -64.43 -79.24
C ASP D 36 35.39 -63.10 -79.46
N PRO D 37 36.63 -62.97 -78.97
CA PRO D 37 37.29 -61.67 -79.10
C PRO D 37 37.51 -61.18 -80.53
N GLN D 38 37.40 -62.07 -81.51
CA GLN D 38 37.52 -61.65 -82.91
C GLN D 38 36.27 -60.93 -83.37
N LEU D 39 35.13 -61.25 -82.73
CA LEU D 39 33.85 -60.66 -83.12
C LEU D 39 33.22 -59.86 -81.98
N ASN D 40 33.59 -60.20 -80.74
CA ASN D 40 33.04 -59.58 -79.54
C ASN D 40 31.51 -59.52 -79.56
N SER D 41 30.90 -60.63 -79.97
CA SER D 41 29.44 -60.70 -80.09
C SER D 41 28.77 -60.85 -78.73
N PHE D 42 29.56 -61.18 -77.72
CA PHE D 42 29.02 -61.38 -76.37
C PHE D 42 29.42 -60.24 -75.44
N ILE D 43 28.48 -59.86 -74.57
CA ILE D 43 28.73 -58.84 -73.55
C ILE D 43 29.09 -59.54 -72.25
N SER D 44 28.34 -60.58 -71.93
CA SER D 44 28.58 -61.37 -70.73
C SER D 44 28.39 -62.85 -71.05
N ILE D 45 29.28 -63.69 -70.53
CA ILE D 45 29.21 -65.12 -70.76
C ILE D 45 29.05 -65.88 -69.44
N THR D 46 27.83 -66.30 -69.15
CA THR D 46 27.54 -67.05 -67.94
C THR D 46 27.90 -68.52 -68.08
N ASP D 47 28.85 -68.99 -67.28
CA ASP D 47 29.30 -70.37 -67.37
C ASP D 47 28.61 -71.25 -66.34
N ASP D 48 28.47 -70.76 -65.11
CA ASP D 48 27.87 -71.52 -64.03
C ASP D 48 26.41 -71.86 -64.30
N LEU D 49 25.63 -70.83 -64.63
CA LEU D 49 24.20 -71.00 -64.90
C LEU D 49 23.96 -71.84 -66.15
N ALA D 50 24.86 -71.74 -67.13
CA ALA D 50 24.74 -72.51 -68.36
C ALA D 50 24.95 -74.00 -68.11
N ILE D 51 26.00 -74.33 -67.34
CA ILE D 51 26.31 -75.72 -67.02
C ILE D 51 25.26 -76.29 -66.08
N ALA D 52 24.73 -75.45 -65.19
CA ALA D 52 23.67 -75.86 -64.29
C ALA D 52 22.42 -76.20 -65.08
N GLN D 53 22.05 -75.31 -66.00
CA GLN D 53 20.89 -75.50 -66.86
C GLN D 53 21.08 -76.73 -67.74
N ALA D 54 22.33 -77.01 -68.09
CA ALA D 54 22.65 -78.17 -68.93
C ALA D 54 22.49 -79.47 -68.15
N LYS D 55 22.95 -79.48 -66.90
CA LYS D 55 22.78 -80.65 -66.04
C LYS D 55 21.30 -80.91 -65.77
N ALA D 56 20.56 -79.84 -65.53
CA ALA D 56 19.13 -79.95 -65.31
C ALA D 56 18.43 -80.42 -66.58
N ALA D 57 18.99 -80.05 -67.73
CA ALA D 57 18.43 -80.47 -69.01
C ALA D 57 18.70 -81.95 -69.27
N ASP D 58 19.84 -82.43 -68.77
CA ASP D 58 20.18 -83.84 -68.88
C ASP D 58 19.26 -84.66 -67.99
N GLU D 59 19.08 -84.18 -66.77
CA GLU D 59 18.18 -84.83 -65.81
C GLU D 59 16.75 -84.77 -66.32
N ARG D 60 16.44 -83.75 -67.10
CA ARG D 60 15.12 -83.60 -67.70
C ARG D 60 14.91 -84.60 -68.82
N ARG D 61 15.92 -84.78 -69.66
CA ARG D 61 15.84 -85.75 -70.76
C ARG D 61 15.85 -87.17 -70.20
N ALA D 62 16.44 -87.32 -69.01
CA ALA D 62 16.52 -88.59 -68.30
C ALA D 62 15.15 -89.20 -68.01
N ASN D 63 14.18 -88.32 -67.75
CA ASN D 63 12.83 -88.73 -67.38
C ASN D 63 11.94 -88.88 -68.61
N GLY D 64 12.58 -89.20 -69.73
CA GLY D 64 11.93 -89.45 -71.00
C GLY D 64 11.01 -88.41 -71.57
N GLU D 65 11.55 -87.19 -71.74
CA GLU D 65 10.82 -86.11 -72.37
C GLU D 65 11.55 -85.80 -73.67
N ASN D 66 10.80 -85.46 -74.71
CA ASN D 66 11.41 -85.04 -75.97
C ASN D 66 10.66 -83.88 -76.60
N GLY D 67 11.40 -82.91 -77.13
CA GLY D 67 10.82 -81.81 -77.85
C GLY D 67 10.18 -80.76 -76.97
N ALA D 68 10.11 -79.53 -77.47
CA ALA D 68 10.72 -79.20 -78.75
C ALA D 68 12.19 -78.84 -78.58
N LEU D 69 12.51 -78.09 -77.53
CA LEU D 69 13.89 -77.77 -77.21
C LEU D 69 14.32 -78.27 -75.83
N LEU D 70 15.17 -79.28 -75.78
CA LEU D 70 15.69 -79.79 -74.51
C LEU D 70 17.20 -79.64 -74.47
N GLY D 71 17.68 -78.78 -73.58
CA GLY D 71 19.10 -78.53 -73.44
C GLY D 71 19.69 -77.85 -74.67
N ALA D 72 18.84 -77.12 -75.39
CA ALA D 72 19.29 -76.42 -76.58
C ALA D 72 20.08 -75.18 -76.19
N PRO D 73 21.31 -75.07 -76.70
CA PRO D 73 22.16 -73.91 -76.40
C PRO D 73 21.66 -72.67 -77.12
N ILE D 74 21.04 -71.74 -76.39
CA ILE D 74 20.56 -70.50 -76.98
C ILE D 74 21.07 -69.31 -76.17
N ALA D 75 21.47 -68.25 -76.88
CA ALA D 75 21.93 -67.05 -76.21
C ALA D 75 20.88 -65.96 -76.35
N HIS D 76 21.01 -64.88 -75.58
CA HIS D 76 20.01 -63.83 -75.57
C HIS D 76 20.61 -62.46 -75.83
N LYS D 77 19.74 -61.53 -76.24
CA LYS D 77 20.14 -60.14 -76.44
C LYS D 77 20.14 -59.47 -75.08
N ASP D 78 20.92 -58.41 -74.92
CA ASP D 78 21.03 -57.74 -73.63
C ASP D 78 19.78 -56.94 -73.29
N LEU D 79 18.78 -56.99 -74.14
CA LEU D 79 17.51 -56.32 -73.88
C LEU D 79 16.67 -57.11 -72.88
N PHE D 80 16.66 -58.43 -73.03
CA PHE D 80 15.86 -59.29 -72.17
C PHE D 80 16.47 -59.42 -70.78
N CYS D 81 15.70 -59.04 -69.76
CA CYS D 81 16.15 -59.12 -68.39
C CYS D 81 16.30 -60.58 -67.95
N THR D 82 17.26 -60.83 -67.07
CA THR D 82 17.51 -62.17 -66.55
C THR D 82 17.87 -62.11 -65.07
N GLN D 83 17.19 -62.92 -64.26
CA GLN D 83 17.42 -62.94 -62.83
C GLN D 83 18.82 -63.46 -62.50
N GLY D 84 19.64 -62.60 -61.90
CA GLY D 84 20.99 -62.98 -61.52
C GLY D 84 22.04 -62.51 -62.52
N VAL D 85 21.65 -62.41 -63.79
CA VAL D 85 22.56 -62.02 -64.85
C VAL D 85 22.52 -60.50 -65.09
N ARG D 86 23.66 -59.93 -65.43
CA ARG D 86 23.78 -58.48 -65.59
C ARG D 86 23.21 -57.97 -66.91
N THR D 87 21.92 -57.60 -66.89
CA THR D 87 21.27 -56.97 -68.04
C THR D 87 21.69 -55.51 -68.15
N SER D 88 22.17 -55.10 -69.32
CA SER D 88 22.74 -53.76 -69.46
C SER D 88 22.37 -53.02 -70.74
N CYS D 89 21.85 -53.76 -71.72
CA CYS D 89 21.46 -53.20 -73.04
C CYS D 89 22.64 -52.64 -73.82
N GLY D 90 23.84 -52.75 -73.26
CA GLY D 90 25.04 -52.25 -73.91
C GLY D 90 25.14 -50.75 -73.68
N SER D 91 25.04 -50.35 -72.42
CA SER D 91 25.09 -48.94 -72.06
C SER D 91 25.82 -48.72 -70.73
N LYS D 92 26.39 -47.52 -70.57
CA LYS D 92 27.06 -47.17 -69.32
C LYS D 92 26.05 -47.03 -68.19
N MET D 93 24.84 -46.59 -68.55
CA MET D 93 23.80 -46.36 -67.57
C MET D 93 23.36 -47.66 -66.90
N LEU D 94 22.93 -48.61 -67.71
CA LEU D 94 22.39 -49.86 -67.18
C LEU D 94 23.49 -50.87 -66.91
N ASP D 95 24.74 -50.41 -66.89
CA ASP D 95 25.86 -51.25 -66.50
C ASP D 95 25.76 -51.54 -65.00
N ASN D 96 26.30 -52.69 -64.58
CA ASN D 96 26.23 -53.12 -63.19
C ASN D 96 24.78 -53.18 -62.72
N PHE D 97 23.92 -53.75 -63.56
CA PHE D 97 22.52 -53.93 -63.25
C PHE D 97 22.15 -55.41 -63.30
N VAL D 98 22.09 -56.04 -62.13
CA VAL D 98 21.66 -57.42 -62.05
C VAL D 98 20.15 -57.43 -61.82
N SER D 99 19.41 -57.72 -62.88
CA SER D 99 17.95 -57.71 -62.82
C SER D 99 17.42 -58.75 -61.86
N PRO D 100 16.50 -58.35 -60.97
CA PRO D 100 15.93 -59.26 -59.98
C PRO D 100 14.88 -60.18 -60.61
N TYR D 101 14.49 -59.87 -61.84
CA TYR D 101 13.50 -60.67 -62.54
C TYR D 101 13.95 -60.97 -63.95
N ASP D 102 13.54 -62.13 -64.47
CA ASP D 102 13.87 -62.53 -65.83
C ASP D 102 12.85 -61.94 -66.80
N ALA D 103 12.78 -62.51 -68.01
CA ALA D 103 11.84 -62.03 -69.00
C ALA D 103 10.93 -63.17 -69.43
N THR D 104 9.71 -62.82 -69.84
CA THR D 104 8.70 -63.81 -70.21
C THR D 104 9.19 -64.78 -71.28
N VAL D 105 9.95 -64.27 -72.25
CA VAL D 105 10.49 -65.12 -73.30
C VAL D 105 11.62 -65.97 -72.72
N VAL D 106 12.42 -65.37 -71.83
CA VAL D 106 13.51 -66.08 -71.19
C VAL D 106 12.95 -67.13 -70.24
N GLU D 107 11.92 -66.76 -69.50
CA GLU D 107 11.24 -67.68 -68.58
C GLU D 107 10.67 -68.87 -69.35
N LYS D 108 9.97 -68.58 -70.44
CA LYS D 108 9.37 -69.62 -71.27
C LYS D 108 10.42 -70.55 -71.85
N LEU D 109 11.47 -69.96 -72.43
CA LEU D 109 12.52 -70.75 -73.07
C LEU D 109 13.31 -71.61 -72.09
N THR D 110 13.67 -71.03 -70.95
CA THR D 110 14.42 -71.78 -69.94
C THR D 110 13.57 -72.87 -69.31
N ALA D 111 12.29 -72.58 -69.09
CA ALA D 111 11.37 -73.57 -68.54
C ALA D 111 11.09 -74.67 -69.54
N ALA D 112 11.22 -74.35 -70.82
CA ALA D 112 11.00 -75.32 -71.89
C ALA D 112 12.17 -76.30 -71.98
N GLY D 113 13.34 -75.86 -71.53
CA GLY D 113 14.52 -76.69 -71.54
C GLY D 113 15.59 -76.17 -72.48
N ALA D 114 15.95 -74.90 -72.30
CA ALA D 114 16.96 -74.28 -73.16
C ALA D 114 18.07 -73.66 -72.33
N VAL D 115 19.31 -74.00 -72.67
CA VAL D 115 20.45 -73.51 -71.92
C VAL D 115 20.87 -72.13 -72.40
N THR D 116 20.94 -71.19 -71.45
CA THR D 116 21.35 -69.83 -71.76
C THR D 116 22.86 -69.66 -71.53
N LEU D 117 23.58 -69.29 -72.58
CA LEU D 117 25.02 -69.15 -72.50
C LEU D 117 25.37 -67.80 -71.89
N GLY D 118 24.77 -66.74 -72.43
CA GLY D 118 25.01 -65.41 -71.93
C GLY D 118 24.24 -64.35 -72.69
N LYS D 119 24.69 -63.10 -72.57
CA LYS D 119 24.05 -61.98 -73.24
C LYS D 119 24.86 -61.54 -74.45
N LEU D 120 24.16 -61.22 -75.52
CA LEU D 120 24.80 -60.84 -76.77
C LEU D 120 24.84 -59.33 -76.90
N ASN D 121 25.79 -58.83 -77.69
CA ASN D 121 25.99 -57.41 -77.82
C ASN D 121 24.92 -56.77 -78.70
N MET D 122 24.58 -55.53 -78.38
CA MET D 122 23.54 -54.79 -79.08
C MET D 122 23.82 -53.29 -79.07
N ASP D 123 23.10 -52.55 -79.90
CA ASP D 123 23.18 -51.09 -79.87
C ASP D 123 22.68 -50.56 -78.54
N GLU D 124 23.03 -49.33 -78.23
CA GLU D 124 22.60 -48.70 -76.98
C GLU D 124 21.08 -48.49 -76.98
N PHE D 125 20.38 -49.28 -76.18
CA PHE D 125 18.92 -49.24 -76.08
C PHE D 125 18.24 -49.47 -77.44
N ALA D 126 18.76 -50.45 -78.19
CA ALA D 126 18.19 -50.86 -79.47
C ALA D 126 18.07 -49.72 -80.47
N MET D 127 18.93 -48.72 -80.34
CA MET D 127 18.93 -47.58 -81.25
C MET D 127 20.10 -47.65 -82.23
N GLY D 128 19.82 -47.91 -83.50
CA GLY D 128 20.86 -47.99 -84.51
C GLY D 128 20.92 -49.32 -85.23
N SER D 129 21.39 -49.28 -86.47
CA SER D 129 21.50 -50.49 -87.28
C SER D 129 22.95 -50.76 -87.68
N SER D 130 23.86 -50.65 -86.72
CA SER D 130 25.28 -50.82 -87.00
C SER D 130 26.06 -51.46 -85.85
N ASN D 131 25.42 -51.53 -84.69
CA ASN D 131 26.05 -52.07 -83.48
C ASN D 131 27.40 -51.42 -83.15
N GLN D 132 27.54 -50.14 -83.47
CA GLN D 132 28.79 -49.45 -83.19
C GLN D 132 28.65 -48.59 -81.94
N SER D 133 27.41 -48.39 -81.51
CA SER D 133 27.13 -47.57 -80.34
C SER D 133 27.24 -48.36 -79.03
N SER D 134 27.65 -49.62 -79.13
CA SER D 134 27.77 -50.47 -77.96
C SER D 134 28.91 -50.02 -77.05
N HIS D 135 28.62 -49.94 -75.75
CA HIS D 135 29.62 -49.53 -74.78
C HIS D 135 30.67 -50.61 -74.57
N TYR D 136 30.30 -51.86 -74.83
CA TYR D 136 31.19 -52.99 -74.61
C TYR D 136 32.04 -53.28 -75.85
N GLY D 137 31.85 -52.47 -76.88
CA GLY D 137 32.63 -52.60 -78.11
C GLY D 137 31.77 -52.91 -79.31
N ALA D 138 32.24 -52.49 -80.48
CA ALA D 138 31.51 -52.72 -81.72
C ALA D 138 31.66 -54.16 -82.17
N VAL D 139 30.55 -54.76 -82.61
CA VAL D 139 30.57 -56.12 -83.11
C VAL D 139 31.04 -56.15 -84.56
N LYS D 140 31.87 -57.13 -84.89
CA LYS D 140 32.36 -57.28 -86.25
C LYS D 140 31.62 -58.42 -86.95
N ASN D 141 31.40 -58.26 -88.24
CA ASN D 141 30.68 -59.27 -89.02
C ASN D 141 31.55 -60.49 -89.29
N PRO D 142 30.97 -61.69 -89.14
CA PRO D 142 31.71 -62.95 -89.37
C PRO D 142 32.14 -63.12 -90.82
N TRP D 143 31.40 -62.52 -91.75
CA TRP D 143 31.73 -62.63 -93.17
C TRP D 143 32.78 -61.60 -93.57
N SER D 144 32.79 -60.48 -92.85
CA SER D 144 33.77 -59.42 -93.06
C SER D 144 34.07 -58.74 -91.74
N LEU D 145 35.23 -59.03 -91.18
CA LEU D 145 35.63 -58.54 -89.87
C LEU D 145 35.76 -57.03 -89.83
N ASP D 146 35.81 -56.41 -91.00
CA ASP D 146 35.94 -54.96 -91.12
C ASP D 146 34.59 -54.26 -91.25
N ARG D 147 33.55 -55.03 -91.50
CA ARG D 147 32.21 -54.49 -91.73
C ARG D 147 31.27 -54.76 -90.57
N VAL D 148 30.02 -54.31 -90.70
CA VAL D 148 29.05 -54.44 -89.62
C VAL D 148 28.14 -55.64 -89.80
N PRO D 149 27.77 -56.30 -88.69
CA PRO D 149 26.81 -57.40 -88.72
C PRO D 149 25.38 -56.88 -88.82
N GLY D 150 25.18 -55.62 -88.44
CA GLY D 150 23.87 -55.02 -88.50
C GLY D 150 23.49 -54.46 -87.14
N GLY D 151 22.19 -54.21 -86.96
CA GLY D 151 21.68 -53.69 -85.71
C GLY D 151 20.16 -53.65 -85.72
N SER D 152 19.57 -53.57 -84.53
CA SER D 152 20.31 -53.51 -83.27
C SER D 152 20.48 -54.87 -82.63
N SER D 153 20.45 -55.92 -83.44
CA SER D 153 20.71 -57.27 -82.94
C SER D 153 21.88 -57.89 -83.69
N GLY D 154 22.97 -57.14 -83.79
CA GLY D 154 24.15 -57.58 -84.49
C GLY D 154 24.89 -58.69 -83.78
N GLY D 155 24.92 -58.64 -82.46
CA GLY D 155 25.62 -59.63 -81.66
C GLY D 155 25.03 -61.02 -81.83
N SER D 156 23.71 -61.10 -81.85
CA SER D 156 23.01 -62.37 -82.01
C SER D 156 23.29 -62.96 -83.39
N ALA D 157 23.09 -62.15 -84.42
CA ALA D 157 23.34 -62.56 -85.79
C ALA D 157 24.77 -63.02 -86.01
N ALA D 158 25.72 -62.26 -85.44
CA ALA D 158 27.13 -62.59 -85.55
C ALA D 158 27.44 -63.88 -84.80
N ALA D 159 26.75 -64.10 -83.70
CA ALA D 159 26.95 -65.31 -82.90
C ALA D 159 26.47 -66.54 -83.67
N VAL D 160 25.29 -66.46 -84.24
CA VAL D 160 24.73 -67.58 -84.97
C VAL D 160 25.49 -67.86 -86.26
N ALA D 161 25.93 -66.80 -86.94
CA ALA D 161 26.66 -66.95 -88.20
C ALA D 161 28.05 -67.53 -88.00
N ALA D 162 28.68 -67.22 -86.88
CA ALA D 162 30.04 -67.67 -86.60
C ALA D 162 30.09 -69.03 -85.91
N ARG D 163 29.07 -69.85 -86.17
CA ARG D 163 29.00 -71.22 -85.65
C ARG D 163 28.99 -71.27 -84.12
N LEU D 164 28.97 -70.10 -83.48
CA LEU D 164 28.97 -70.01 -82.03
C LEU D 164 27.67 -70.55 -81.44
N LEU D 165 26.55 -70.12 -82.00
CA LEU D 165 25.23 -70.49 -81.49
C LEU D 165 24.33 -71.01 -82.60
N PRO D 166 23.49 -72.01 -82.29
CA PRO D 166 22.53 -72.50 -83.28
C PRO D 166 21.35 -71.55 -83.42
N ALA D 167 20.91 -70.96 -82.32
CA ALA D 167 19.78 -70.04 -82.33
C ALA D 167 19.85 -69.06 -81.16
N ALA D 168 19.46 -67.81 -81.41
CA ALA D 168 19.47 -66.78 -80.37
C ALA D 168 18.17 -65.97 -80.40
N THR D 169 17.99 -65.14 -79.38
CA THR D 169 16.81 -64.28 -79.31
C THR D 169 17.15 -62.81 -79.51
N GLY D 170 16.54 -62.20 -80.53
CA GLY D 170 16.78 -60.80 -80.82
C GLY D 170 15.49 -60.00 -80.71
N THR D 171 15.60 -58.68 -80.83
CA THR D 171 14.43 -57.83 -80.80
C THR D 171 14.31 -57.05 -82.09
N ASP D 172 13.08 -56.74 -82.48
CA ASP D 172 12.84 -55.98 -83.70
C ASP D 172 11.88 -54.84 -83.42
N THR D 173 12.34 -53.62 -83.64
CA THR D 173 11.55 -52.43 -83.38
C THR D 173 11.36 -51.63 -84.66
N GLY D 174 12.40 -51.57 -85.47
CA GLY D 174 12.35 -50.86 -86.73
C GLY D 174 13.26 -51.47 -87.76
N GLY D 175 13.24 -52.81 -87.83
CA GLY D 175 14.13 -53.54 -88.71
C GLY D 175 15.40 -53.92 -88.00
N SER D 176 15.26 -54.50 -86.81
CA SER D 176 16.41 -54.84 -85.98
C SER D 176 16.63 -56.35 -85.89
N ILE D 177 15.90 -57.09 -86.71
CA ILE D 177 16.04 -58.55 -86.77
C ILE D 177 16.19 -59.02 -88.20
N ARG D 178 15.34 -58.50 -89.07
CA ARG D 178 15.36 -58.84 -90.49
C ARG D 178 16.65 -58.36 -91.14
N GLN D 179 17.04 -57.12 -90.83
CA GLN D 179 18.23 -56.51 -91.40
C GLN D 179 19.53 -57.23 -90.97
N PRO D 180 19.71 -57.47 -89.65
CA PRO D 180 20.94 -58.20 -89.30
C PRO D 180 20.95 -59.62 -89.87
N ALA D 181 19.80 -60.28 -89.93
CA ALA D 181 19.71 -61.63 -90.47
C ALA D 181 20.08 -61.64 -91.95
N ALA D 182 19.64 -60.61 -92.66
CA ALA D 182 19.93 -60.49 -94.09
C ALA D 182 21.41 -60.17 -94.34
N LEU D 183 21.98 -59.37 -93.45
CA LEU D 183 23.37 -58.93 -93.62
C LEU D 183 24.40 -60.00 -93.25
N THR D 184 23.96 -61.09 -92.62
CA THR D 184 24.90 -62.11 -92.15
C THR D 184 24.52 -63.53 -92.57
N ASN D 185 23.69 -63.63 -93.61
CA ASN D 185 23.20 -64.92 -94.11
C ASN D 185 22.51 -65.76 -93.04
N LEU D 186 21.46 -65.20 -92.44
CA LEU D 186 20.66 -65.88 -91.44
C LEU D 186 19.16 -65.78 -91.71
N THR D 187 18.38 -66.57 -90.99
CA THR D 187 16.94 -66.54 -91.13
C THR D 187 16.29 -65.96 -89.88
N GLY D 188 15.91 -64.69 -89.97
CA GLY D 188 15.34 -63.99 -88.84
C GLY D 188 13.86 -63.69 -89.05
N ILE D 189 13.04 -64.03 -88.05
CA ILE D 189 11.61 -63.79 -88.15
C ILE D 189 11.11 -62.86 -87.04
N LYS D 190 10.32 -61.87 -87.44
CA LYS D 190 9.64 -61.01 -86.50
C LYS D 190 8.14 -61.29 -86.51
N PRO D 191 7.60 -61.70 -85.36
CA PRO D 191 6.18 -62.02 -85.20
C PRO D 191 5.29 -60.78 -85.15
N THR D 192 3.99 -60.98 -85.26
CA THR D 192 3.01 -59.91 -85.18
C THR D 192 3.03 -59.25 -83.81
N TYR D 193 2.82 -57.94 -83.77
CA TYR D 193 2.79 -57.20 -82.51
C TYR D 193 1.69 -57.71 -81.58
N GLY D 194 2.10 -58.24 -80.44
CA GLY D 194 1.16 -58.75 -79.46
C GLY D 194 1.32 -60.24 -79.25
N ARG D 195 2.00 -60.89 -80.19
CA ARG D 195 2.23 -62.33 -80.11
C ARG D 195 3.19 -62.61 -78.96
N VAL D 196 4.42 -62.15 -79.11
CA VAL D 196 5.43 -62.27 -78.07
C VAL D 196 5.33 -61.10 -77.09
N SER D 197 5.23 -61.41 -75.81
CA SER D 197 5.08 -60.38 -74.79
C SER D 197 6.33 -59.52 -74.66
N ARG D 198 6.17 -58.33 -74.10
CA ARG D 198 7.25 -57.37 -73.99
C ARG D 198 7.69 -57.18 -72.55
N TRP D 199 7.11 -57.98 -71.65
CA TRP D 199 7.45 -57.91 -70.24
C TRP D 199 8.84 -58.48 -69.99
N GLY D 200 9.71 -57.66 -69.39
CA GLY D 200 11.10 -58.04 -69.18
C GLY D 200 11.97 -57.56 -70.32
N MET D 201 11.38 -57.40 -71.50
CA MET D 201 12.08 -56.85 -72.64
C MET D 201 12.05 -55.33 -72.57
N ILE D 202 13.21 -54.74 -72.33
CA ILE D 202 13.31 -53.29 -72.16
C ILE D 202 12.96 -52.57 -73.46
N ALA D 203 11.98 -51.68 -73.37
CA ALA D 203 11.37 -51.08 -74.55
C ALA D 203 12.13 -49.86 -75.07
N TYR D 204 12.23 -49.79 -76.40
CA TYR D 204 12.76 -48.62 -77.08
C TYR D 204 11.61 -47.88 -77.75
N ALA D 205 10.68 -48.63 -78.32
CA ALA D 205 9.44 -48.08 -78.86
C ALA D 205 8.29 -49.05 -78.62
N SER D 206 7.51 -48.79 -77.58
CA SER D 206 6.47 -49.71 -77.10
C SER D 206 5.50 -50.20 -78.17
N SER D 207 5.08 -49.30 -79.05
CA SER D 207 4.11 -49.65 -80.09
C SER D 207 4.78 -50.22 -81.34
N LEU D 208 6.08 -50.46 -81.25
CA LEU D 208 6.85 -50.98 -82.37
C LEU D 208 7.68 -52.20 -81.98
N ASP D 209 8.05 -52.28 -80.71
CA ASP D 209 8.90 -53.36 -80.20
C ASP D 209 8.24 -54.73 -80.32
N GLN D 210 9.04 -55.73 -80.72
CA GLN D 210 8.56 -57.10 -80.79
C GLN D 210 9.74 -58.06 -80.87
N GLY D 211 9.80 -59.01 -79.93
CA GLY D 211 10.91 -59.94 -79.85
C GLY D 211 10.76 -61.13 -80.79
N GLY D 212 11.84 -61.44 -81.50
CA GLY D 212 11.82 -62.55 -82.44
C GLY D 212 13.13 -63.34 -82.46
N PRO D 213 13.04 -64.61 -82.88
CA PRO D 213 14.19 -65.53 -82.91
C PRO D 213 15.06 -65.37 -84.14
N LEU D 214 16.34 -65.72 -83.98
CA LEU D 214 17.32 -65.67 -85.06
C LEU D 214 18.06 -67.00 -85.14
N ALA D 215 17.94 -67.67 -86.28
CA ALA D 215 18.58 -68.97 -86.43
C ALA D 215 19.07 -69.19 -87.86
N ARG D 216 19.59 -70.40 -88.10
CA ARG D 216 20.17 -70.76 -89.39
C ARG D 216 19.10 -71.18 -90.38
N THR D 217 18.16 -72.01 -89.93
CA THR D 217 17.09 -72.49 -90.79
C THR D 217 15.74 -71.94 -90.34
N ALA D 218 14.78 -71.89 -91.27
CA ALA D 218 13.44 -71.41 -90.96
C ALA D 218 12.76 -72.34 -89.95
N GLU D 219 13.05 -73.62 -90.09
CA GLU D 219 12.54 -74.64 -89.18
C GLU D 219 12.98 -74.37 -87.74
N ASP D 220 14.23 -73.93 -87.60
CA ASP D 220 14.81 -73.67 -86.29
C ASP D 220 14.13 -72.51 -85.59
N CYS D 221 14.01 -71.38 -86.29
CA CYS D 221 13.36 -70.20 -85.72
C CYS D 221 11.86 -70.44 -85.57
N ALA D 222 11.33 -71.43 -86.29
CA ALA D 222 9.96 -71.87 -86.10
C ALA D 222 9.85 -72.61 -84.77
N LEU D 223 10.83 -73.45 -84.50
CA LEU D 223 10.91 -74.19 -83.24
C LEU D 223 11.04 -73.24 -82.07
N MET D 224 11.74 -72.12 -82.29
CA MET D 224 11.89 -71.10 -81.27
C MET D 224 10.60 -70.31 -81.06
N LEU D 225 10.03 -69.84 -82.17
CA LEU D 225 8.81 -69.03 -82.16
C LEU D 225 7.66 -69.77 -81.52
N GLY D 226 7.62 -71.09 -81.73
CA GLY D 226 6.60 -71.91 -81.11
C GLY D 226 6.66 -71.87 -79.60
N VAL D 227 7.84 -71.60 -79.07
CA VAL D 227 8.05 -71.55 -77.63
C VAL D 227 7.88 -70.15 -77.05
N MET D 228 8.55 -69.18 -77.64
CA MET D 228 8.61 -67.83 -77.05
C MET D 228 7.35 -66.99 -77.29
N ALA D 229 6.38 -67.54 -78.02
CA ALA D 229 5.13 -66.83 -78.27
C ALA D 229 4.07 -67.14 -77.22
N GLY D 230 2.91 -66.51 -77.35
CA GLY D 230 1.79 -66.73 -76.44
C GLY D 230 1.41 -65.54 -75.60
N PHE D 231 0.23 -65.59 -75.01
CA PHE D 231 -0.29 -64.47 -74.22
C PHE D 231 0.30 -64.48 -72.80
N ASP D 232 0.44 -63.29 -72.23
CA ASP D 232 0.93 -63.13 -70.87
C ASP D 232 0.16 -61.99 -70.18
N PRO D 233 -0.55 -62.32 -69.09
CA PRO D 233 -1.40 -61.36 -68.37
C PRO D 233 -0.62 -60.19 -67.76
N LYS D 234 0.70 -60.31 -67.66
CA LYS D 234 1.52 -59.25 -67.10
C LYS D 234 1.67 -58.09 -68.09
N ASP D 235 1.41 -58.36 -69.36
CA ASP D 235 1.50 -57.35 -70.41
C ASP D 235 0.11 -56.97 -70.94
N SER D 236 -0.15 -55.67 -71.05
CA SER D 236 -1.44 -55.20 -71.53
C SER D 236 -1.52 -55.24 -73.06
N THR D 237 -0.36 -55.16 -73.71
CA THR D 237 -0.32 -55.13 -75.17
C THR D 237 -0.36 -56.53 -75.78
N SER D 238 -0.23 -57.54 -74.93
CA SER D 238 -0.24 -58.93 -75.38
C SER D 238 -1.64 -59.29 -75.88
N VAL D 239 -1.70 -60.09 -76.94
CA VAL D 239 -2.97 -60.46 -77.55
C VAL D 239 -3.23 -61.95 -77.41
N GLU D 240 -4.49 -62.30 -77.18
CA GLU D 240 -4.88 -63.69 -77.00
C GLU D 240 -5.16 -64.38 -78.34
N GLN D 241 -4.33 -65.35 -78.67
CA GLN D 241 -4.48 -66.13 -79.91
C GLN D 241 -3.95 -67.55 -79.72
N PRO D 242 -4.74 -68.55 -80.11
CA PRO D 242 -4.43 -69.96 -79.88
C PRO D 242 -3.49 -70.57 -80.93
N VAL D 243 -3.23 -69.83 -82.01
CA VAL D 243 -2.41 -70.35 -83.10
C VAL D 243 -0.95 -70.51 -82.66
N ASP D 244 -0.52 -71.75 -82.50
CA ASP D 244 0.84 -72.04 -82.04
C ASP D 244 1.40 -73.32 -82.67
N ASP D 245 0.89 -73.68 -83.84
CA ASP D 245 1.36 -74.88 -84.53
C ASP D 245 2.24 -74.52 -85.73
N TYR D 246 3.44 -74.01 -85.44
CA TYR D 246 4.34 -73.55 -86.48
C TYR D 246 5.16 -74.69 -87.09
N LEU D 247 5.59 -75.62 -86.25
CA LEU D 247 6.44 -76.73 -86.69
C LEU D 247 5.77 -77.62 -87.72
N ALA D 248 4.47 -77.83 -87.57
CA ALA D 248 3.72 -78.69 -88.47
C ALA D 248 3.32 -77.94 -89.75
N ALA D 249 3.30 -76.61 -89.67
CA ALA D 249 2.88 -75.80 -90.81
C ALA D 249 3.91 -75.82 -91.93
N LEU D 250 5.10 -76.32 -91.63
CA LEU D 250 6.17 -76.37 -92.62
C LEU D 250 5.93 -77.48 -93.63
N GLN D 251 6.79 -77.53 -94.65
CA GLN D 251 6.76 -78.55 -95.71
C GLN D 251 5.39 -78.65 -96.38
N LYS D 252 4.61 -77.57 -96.26
CA LYS D 252 3.32 -77.43 -96.90
C LYS D 252 3.50 -76.80 -98.28
N PRO D 253 3.00 -77.46 -99.33
CA PRO D 253 3.21 -77.02 -100.72
C PRO D 253 2.69 -75.62 -101.01
N LEU D 254 3.26 -74.98 -102.02
CA LEU D 254 2.88 -73.61 -102.39
C LEU D 254 1.86 -73.60 -103.51
N SER D 255 0.95 -74.56 -103.49
CA SER D 255 -0.07 -74.66 -104.53
C SER D 255 -1.00 -73.45 -104.52
N GLY D 256 -0.81 -72.56 -105.49
CA GLY D 256 -1.64 -71.38 -105.62
C GLY D 256 -1.40 -70.33 -104.54
N LEU D 257 -0.14 -70.07 -104.23
CA LEU D 257 0.21 -69.05 -103.23
C LEU D 257 0.41 -67.69 -103.88
N ARG D 258 -0.38 -66.71 -103.45
CA ARG D 258 -0.30 -65.37 -104.02
C ARG D 258 0.90 -64.60 -103.49
N ILE D 259 1.64 -63.98 -104.40
CA ILE D 259 2.85 -63.25 -104.05
C ILE D 259 2.81 -61.84 -104.62
N GLY D 260 3.06 -60.86 -103.76
CA GLY D 260 3.04 -59.47 -104.15
C GLY D 260 4.43 -58.88 -104.33
N LEU D 261 4.63 -58.30 -105.51
CA LEU D 261 5.86 -57.61 -105.86
C LEU D 261 5.58 -56.12 -106.04
N PRO D 262 5.92 -55.31 -105.02
CA PRO D 262 5.65 -53.87 -105.05
C PRO D 262 6.54 -53.16 -106.07
N ARG D 263 6.03 -52.07 -106.64
CA ARG D 263 6.80 -51.28 -107.60
C ARG D 263 7.86 -50.44 -106.88
N GLU D 264 7.53 -49.98 -105.68
CA GLU D 264 8.42 -49.11 -104.92
C GLU D 264 9.58 -49.85 -104.24
N TYR D 265 9.51 -51.17 -104.21
CA TYR D 265 10.57 -51.97 -103.61
C TYR D 265 11.78 -52.11 -104.54
N PHE D 266 11.63 -51.64 -105.77
CA PHE D 266 12.73 -51.64 -106.73
C PHE D 266 12.96 -50.24 -107.28
N GLY D 267 13.90 -49.51 -106.67
CA GLY D 267 14.15 -48.13 -107.06
C GLY D 267 15.61 -47.85 -107.37
N ALA D 268 16.02 -46.60 -107.16
CA ALA D 268 17.40 -46.19 -107.43
C ALA D 268 18.28 -46.37 -106.20
N GLY D 269 17.67 -46.71 -105.08
CA GLY D 269 18.39 -46.90 -103.84
C GLY D 269 18.94 -48.32 -103.76
N LEU D 270 18.29 -49.21 -104.48
CA LEU D 270 18.65 -50.63 -104.50
C LEU D 270 19.67 -50.91 -105.60
N ASP D 271 20.64 -51.75 -105.32
CA ASP D 271 21.63 -52.13 -106.33
C ASP D 271 21.01 -53.12 -107.32
N SER D 272 21.52 -53.14 -108.54
CA SER D 272 21.01 -54.03 -109.58
C SER D 272 21.32 -55.48 -109.22
N ARG D 273 22.43 -55.66 -108.50
CA ARG D 273 22.87 -56.98 -108.06
C ARG D 273 21.81 -57.60 -107.16
N ILE D 274 21.41 -56.85 -106.14
CA ILE D 274 20.40 -57.31 -105.20
C ILE D 274 19.04 -57.47 -105.87
N ALA D 275 18.76 -56.61 -106.85
CA ALA D 275 17.51 -56.67 -107.59
C ALA D 275 17.40 -57.98 -108.35
N ASP D 276 18.48 -58.35 -109.03
CA ASP D 276 18.53 -59.61 -109.74
C ASP D 276 18.50 -60.79 -108.77
N ALA D 277 19.17 -60.61 -107.64
CA ALA D 277 19.18 -61.63 -106.58
C ALA D 277 17.78 -61.87 -106.02
N VAL D 278 16.93 -60.86 -106.10
CA VAL D 278 15.55 -61.00 -105.65
C VAL D 278 14.68 -61.61 -106.74
N LEU D 279 14.83 -61.11 -107.96
CA LEU D 279 14.03 -61.58 -109.10
C LEU D 279 14.28 -63.05 -109.39
N ALA D 280 15.50 -63.51 -109.13
CA ALA D 280 15.83 -64.92 -109.29
C ALA D 280 15.06 -65.76 -108.30
N VAL D 281 14.93 -65.26 -107.07
CA VAL D 281 14.18 -65.93 -106.02
C VAL D 281 12.69 -65.95 -106.39
N VAL D 282 12.23 -64.86 -106.99
CA VAL D 282 10.84 -64.78 -107.43
C VAL D 282 10.57 -65.80 -108.52
N GLU D 283 11.52 -65.98 -109.43
CA GLU D 283 11.39 -66.97 -110.49
C GLU D 283 11.42 -68.40 -109.93
N GLU D 284 12.28 -68.63 -108.94
CA GLU D 284 12.36 -69.94 -108.31
C GLU D 284 11.07 -70.24 -107.54
N LEU D 285 10.47 -69.21 -106.98
CA LEU D 285 9.19 -69.33 -106.30
C LEU D 285 8.09 -69.61 -107.32
N LYS D 286 8.26 -69.07 -108.52
CA LYS D 286 7.36 -69.39 -109.63
C LYS D 286 7.51 -70.87 -109.98
N THR D 287 8.73 -71.37 -109.87
CA THR D 287 9.00 -72.78 -110.11
C THR D 287 8.38 -73.66 -109.01
N LEU D 288 8.30 -73.11 -107.80
CA LEU D 288 7.69 -73.85 -106.69
C LEU D 288 6.18 -74.00 -106.87
N GLY D 289 5.58 -73.17 -107.71
CA GLY D 289 4.16 -73.28 -107.99
C GLY D 289 3.34 -72.11 -107.45
N ALA D 290 4.01 -70.99 -107.21
CA ALA D 290 3.34 -69.81 -106.68
C ALA D 290 3.05 -68.79 -107.78
N THR D 291 2.03 -67.97 -107.57
CA THR D 291 1.65 -66.94 -108.53
C THR D 291 2.20 -65.58 -108.11
N VAL D 292 2.51 -64.74 -109.10
CA VAL D 292 3.07 -63.42 -108.82
C VAL D 292 2.24 -62.29 -109.44
N LYS D 293 1.95 -61.26 -108.65
CA LYS D 293 1.21 -60.10 -109.10
C LYS D 293 1.83 -58.79 -108.64
N ASP D 294 1.86 -57.80 -109.53
CA ASP D 294 2.39 -56.48 -109.18
C ASP D 294 1.40 -55.74 -108.28
N ILE D 295 1.89 -55.29 -107.12
CA ILE D 295 1.07 -54.55 -106.18
C ILE D 295 1.66 -53.15 -105.99
N SER D 296 0.90 -52.26 -105.35
CA SER D 296 1.33 -50.87 -105.18
C SER D 296 1.24 -50.41 -103.73
N LEU D 297 2.14 -49.52 -103.35
CA LEU D 297 2.12 -48.90 -102.03
C LEU D 297 2.37 -47.41 -102.16
N PRO D 298 1.29 -46.62 -102.22
CA PRO D 298 1.37 -45.17 -102.45
C PRO D 298 2.04 -44.41 -101.31
N ASN D 299 1.85 -44.88 -100.08
CA ASN D 299 2.41 -44.21 -98.91
C ASN D 299 3.51 -45.03 -98.26
N MET D 300 4.37 -45.62 -99.08
CA MET D 300 5.49 -46.43 -98.58
C MET D 300 6.74 -45.59 -98.32
N GLN D 301 6.96 -44.59 -99.17
CA GLN D 301 8.15 -43.73 -99.05
C GLN D 301 8.09 -42.87 -97.79
N HIS D 302 6.89 -42.56 -97.33
CA HIS D 302 6.72 -41.68 -96.18
C HIS D 302 6.79 -42.46 -94.85
N ALA D 303 7.18 -43.73 -94.93
CA ALA D 303 7.25 -44.57 -93.74
C ALA D 303 8.49 -44.29 -92.90
N ILE D 304 9.58 -43.92 -93.57
CA ILE D 304 10.85 -43.67 -92.89
C ILE D 304 10.84 -42.42 -92.00
N PRO D 305 10.31 -41.28 -92.48
CA PRO D 305 10.38 -40.14 -91.57
C PRO D 305 9.42 -40.31 -90.39
N ALA D 306 8.19 -40.74 -90.66
CA ALA D 306 7.18 -40.93 -89.62
C ALA D 306 7.73 -41.79 -88.49
N TYR D 307 8.43 -42.86 -88.85
CA TYR D 307 9.07 -43.74 -87.88
C TYR D 307 9.99 -42.95 -86.95
N TYR D 308 10.88 -42.16 -87.54
CA TYR D 308 11.81 -41.35 -86.75
C TYR D 308 11.13 -40.15 -86.10
N VAL D 309 9.79 -40.22 -86.02
CA VAL D 309 9.02 -39.28 -85.23
C VAL D 309 8.31 -40.03 -84.13
N ILE D 310 7.91 -41.26 -84.43
CA ILE D 310 7.16 -42.08 -83.48
C ILE D 310 8.09 -42.83 -82.52
N ALA D 311 9.09 -43.50 -83.08
CA ALA D 311 10.04 -44.27 -82.28
C ALA D 311 10.86 -43.41 -81.29
N PRO D 312 11.40 -42.26 -81.74
CA PRO D 312 12.11 -41.45 -80.74
C PRO D 312 11.18 -40.91 -79.66
N ALA D 313 10.02 -40.42 -80.07
CA ALA D 313 9.04 -39.84 -79.15
C ALA D 313 8.76 -40.77 -77.98
N GLU D 314 8.28 -41.96 -78.27
CA GLU D 314 8.03 -42.97 -77.25
C GLU D 314 9.28 -43.19 -76.41
N ALA D 315 10.43 -43.28 -77.08
CA ALA D 315 11.69 -43.49 -76.38
C ALA D 315 11.93 -42.35 -75.39
N SER D 316 11.68 -41.13 -75.84
CA SER D 316 11.88 -39.95 -75.00
C SER D 316 11.07 -40.03 -73.72
N SER D 317 10.01 -40.84 -73.75
CA SER D 317 9.22 -41.09 -72.56
C SER D 317 9.66 -42.38 -71.88
N ASN D 318 9.94 -43.40 -72.68
CA ASN D 318 10.30 -44.71 -72.14
C ASN D 318 11.63 -44.72 -71.38
N LEU D 319 12.56 -43.89 -71.81
CA LEU D 319 13.88 -43.82 -71.18
C LEU D 319 13.97 -42.71 -70.13
N SER D 320 12.84 -42.08 -69.83
CA SER D 320 12.81 -41.01 -68.84
C SER D 320 13.01 -41.56 -67.43
N ARG D 321 12.77 -42.85 -67.25
CA ARG D 321 12.93 -43.48 -65.95
C ARG D 321 14.39 -43.64 -65.57
N PHE D 322 15.26 -43.68 -66.58
CA PHE D 322 16.69 -43.83 -66.34
C PHE D 322 17.31 -42.53 -65.82
N ASP D 323 17.30 -42.37 -64.50
CA ASP D 323 17.86 -41.18 -63.86
C ASP D 323 18.97 -41.57 -62.90
N GLY D 324 18.92 -42.81 -62.42
CA GLY D 324 19.94 -43.33 -61.52
C GLY D 324 19.63 -43.14 -60.06
N VAL D 325 18.35 -42.98 -59.74
CA VAL D 325 17.93 -42.82 -58.36
C VAL D 325 17.63 -44.17 -57.71
N ARG D 326 17.13 -45.11 -58.52
CA ARG D 326 16.71 -46.41 -58.00
C ARG D 326 17.66 -47.53 -58.42
N TYR D 327 18.23 -47.41 -59.61
CA TYR D 327 19.08 -48.46 -60.15
C TYR D 327 20.03 -47.91 -61.21
N GLY D 328 20.73 -48.83 -61.90
CA GLY D 328 21.62 -48.46 -62.98
C GLY D 328 22.87 -47.74 -62.48
N TYR D 329 23.18 -46.62 -63.12
CA TYR D 329 24.36 -45.84 -62.77
C TYR D 329 24.02 -44.47 -62.21
N ARG D 330 24.71 -44.08 -61.15
CA ARG D 330 24.54 -42.76 -60.54
C ARG D 330 25.87 -42.02 -60.55
N CYS D 331 25.81 -40.71 -60.71
CA CYS D 331 27.01 -39.87 -60.73
C CYS D 331 27.80 -40.04 -59.44
N ASP D 332 29.12 -39.96 -59.54
CA ASP D 332 30.00 -40.11 -58.38
C ASP D 332 29.92 -38.89 -57.47
N ALA D 333 29.76 -37.72 -58.07
CA ALA D 333 29.67 -36.48 -57.31
C ALA D 333 28.39 -35.71 -57.67
N PRO D 334 27.27 -36.08 -57.06
CA PRO D 334 25.97 -35.46 -57.30
C PRO D 334 25.74 -34.23 -56.42
N GLN D 335 26.16 -33.07 -56.90
CA GLN D 335 26.02 -31.82 -56.16
C GLN D 335 24.56 -31.45 -55.97
N ASN D 336 23.77 -31.61 -57.03
CA ASN D 336 22.35 -31.27 -56.99
C ASN D 336 21.48 -32.39 -57.53
N LEU D 337 20.17 -32.24 -57.37
CA LEU D 337 19.21 -33.19 -57.93
C LEU D 337 19.21 -33.08 -59.44
N GLU D 338 19.09 -31.86 -59.93
CA GLU D 338 19.14 -31.57 -61.37
C GLU D 338 20.50 -31.98 -61.93
N ASP D 339 21.55 -31.75 -61.13
CA ASP D 339 22.89 -32.17 -61.51
C ASP D 339 22.98 -33.69 -61.54
N LEU D 340 22.27 -34.35 -60.64
CA LEU D 340 22.23 -35.80 -60.63
C LEU D 340 21.61 -36.33 -61.91
N TYR D 341 20.43 -35.80 -62.24
CA TYR D 341 19.74 -36.16 -63.48
C TYR D 341 20.63 -35.96 -64.70
N LYS D 342 21.08 -34.72 -64.88
CA LYS D 342 21.84 -34.33 -66.05
C LYS D 342 23.18 -35.07 -66.19
N ARG D 343 23.92 -35.19 -65.09
CA ARG D 343 25.20 -35.89 -65.13
C ARG D 343 25.05 -37.39 -65.36
N SER D 344 24.08 -38.00 -64.69
CA SER D 344 23.86 -39.44 -64.85
C SER D 344 23.39 -39.76 -66.27
N ARG D 345 22.56 -38.89 -66.83
CA ARG D 345 22.04 -39.10 -68.18
C ARG D 345 23.01 -38.67 -69.28
N ALA D 346 23.99 -37.83 -68.93
CA ALA D 346 24.99 -37.40 -69.91
C ALA D 346 26.02 -38.47 -70.15
N GLU D 347 26.49 -39.10 -69.07
CA GLU D 347 27.49 -40.16 -69.17
C GLU D 347 26.79 -41.50 -69.02
N GLY D 348 25.49 -41.51 -69.29
CA GLY D 348 24.70 -42.73 -69.23
C GLY D 348 24.65 -43.39 -70.59
N PHE D 349 24.23 -42.63 -71.60
CA PHE D 349 24.21 -43.15 -72.96
C PHE D 349 24.91 -42.20 -73.93
N GLY D 350 25.32 -42.74 -75.07
CA GLY D 350 26.11 -41.98 -76.03
C GLY D 350 25.34 -40.97 -76.86
N SER D 351 25.82 -40.72 -78.06
CA SER D 351 25.27 -39.67 -78.92
C SER D 351 23.93 -40.09 -79.51
N GLU D 352 23.85 -41.33 -79.96
CA GLU D 352 22.66 -41.86 -80.63
C GLU D 352 21.43 -41.71 -79.75
N VAL D 353 21.49 -42.33 -78.57
CA VAL D 353 20.37 -42.33 -77.64
C VAL D 353 19.98 -40.93 -77.17
N LYS D 354 20.98 -40.14 -76.76
CA LYS D 354 20.73 -38.77 -76.30
C LYS D 354 20.04 -37.93 -77.39
N ASN D 355 20.53 -38.04 -78.61
CA ASN D 355 19.97 -37.27 -79.73
C ASN D 355 18.57 -37.74 -80.11
N ARG D 356 18.32 -39.05 -80.02
CA ARG D 356 16.99 -39.58 -80.29
C ARG D 356 16.01 -39.11 -79.21
N ILE D 357 16.49 -39.02 -77.98
CA ILE D 357 15.70 -38.47 -76.88
C ILE D 357 15.43 -36.99 -77.15
N MET D 358 16.42 -36.32 -77.74
CA MET D 358 16.28 -34.91 -78.10
C MET D 358 15.17 -34.67 -79.13
N VAL D 359 15.25 -35.38 -80.25
CA VAL D 359 14.26 -35.23 -81.31
C VAL D 359 12.88 -35.71 -80.84
N GLY D 360 12.88 -36.72 -79.97
CA GLY D 360 11.64 -37.22 -79.40
C GLY D 360 10.99 -36.16 -78.54
N THR D 361 11.80 -35.48 -77.72
CA THR D 361 11.32 -34.42 -76.86
C THR D 361 10.80 -33.25 -77.68
N TYR D 362 11.48 -32.98 -78.79
CA TYR D 362 11.04 -31.94 -79.71
C TYR D 362 9.72 -32.32 -80.37
N ALA D 363 9.52 -33.61 -80.59
CA ALA D 363 8.32 -34.12 -81.26
C ALA D 363 7.10 -34.15 -80.35
N LEU D 364 7.30 -34.45 -79.07
CA LEU D 364 6.18 -34.54 -78.14
C LEU D 364 5.85 -33.20 -77.49
N SER D 365 6.71 -32.21 -77.72
CA SER D 365 6.53 -30.87 -77.16
C SER D 365 5.24 -30.20 -77.64
N ALA D 366 4.72 -29.30 -76.81
CA ALA D 366 3.49 -28.56 -77.12
C ALA D 366 3.67 -27.69 -78.37
N GLY D 367 2.71 -27.77 -79.28
CA GLY D 367 2.76 -26.99 -80.50
C GLY D 367 3.17 -27.85 -81.69
N TYR D 368 4.36 -28.43 -81.59
CA TYR D 368 4.87 -29.30 -82.65
C TYR D 368 4.14 -30.64 -82.70
N TYR D 369 3.35 -30.90 -81.66
CA TYR D 369 2.63 -32.16 -81.51
C TYR D 369 1.77 -32.50 -82.74
N ASP D 370 0.87 -31.59 -83.08
CA ASP D 370 -0.06 -31.80 -84.19
C ASP D 370 0.65 -31.88 -85.53
N ALA D 371 1.73 -31.13 -85.67
CA ALA D 371 2.46 -31.05 -86.93
C ALA D 371 3.37 -32.26 -87.17
N TYR D 372 3.84 -32.87 -86.08
CA TYR D 372 4.80 -33.96 -86.19
C TYR D 372 4.26 -35.31 -85.71
N TYR D 373 3.93 -35.41 -84.42
CA TYR D 373 3.53 -36.69 -83.86
C TYR D 373 2.21 -37.21 -84.41
N LEU D 374 1.17 -36.39 -84.29
CA LEU D 374 -0.16 -36.72 -84.81
C LEU D 374 -0.09 -37.03 -86.30
N GLN D 375 0.67 -36.22 -87.02
CA GLN D 375 0.88 -36.41 -88.45
C GLN D 375 1.48 -37.78 -88.73
N ALA D 376 2.54 -38.11 -87.99
CA ALA D 376 3.23 -39.39 -88.14
C ALA D 376 2.31 -40.58 -87.85
N GLN D 377 1.47 -40.44 -86.83
CA GLN D 377 0.51 -41.50 -86.50
C GLN D 377 -0.50 -41.67 -87.62
N LYS D 378 -0.93 -40.56 -88.21
CA LYS D 378 -1.88 -40.60 -89.30
C LYS D 378 -1.25 -41.24 -90.55
N ILE D 379 0.03 -40.97 -90.77
CA ILE D 379 0.76 -41.60 -91.87
C ILE D 379 0.86 -43.10 -91.63
N ARG D 380 1.12 -43.47 -90.39
CA ARG D 380 1.15 -44.87 -89.99
C ARG D 380 -0.18 -45.54 -90.29
N ARG D 381 -1.27 -44.80 -90.02
CA ARG D 381 -2.60 -45.28 -90.32
C ARG D 381 -2.80 -45.49 -91.82
N LEU D 382 -2.34 -44.54 -92.62
CA LEU D 382 -2.40 -44.66 -94.07
C LEU D 382 -1.63 -45.88 -94.57
N ILE D 383 -0.51 -46.16 -93.91
CA ILE D 383 0.31 -47.31 -94.26
C ILE D 383 -0.42 -48.61 -93.95
N LYS D 384 -1.00 -48.69 -92.76
CA LYS D 384 -1.81 -49.84 -92.37
C LYS D 384 -2.96 -50.05 -93.35
N ASN D 385 -3.57 -48.95 -93.77
CA ASN D 385 -4.65 -49.00 -94.75
C ASN D 385 -4.17 -49.54 -96.09
N ASP D 386 -2.98 -49.12 -96.51
CA ASP D 386 -2.41 -49.60 -97.76
C ASP D 386 -2.13 -51.10 -97.68
N PHE D 387 -1.67 -51.55 -96.51
CA PHE D 387 -1.37 -52.96 -96.32
C PHE D 387 -2.63 -53.83 -96.30
N VAL D 388 -3.64 -53.41 -95.56
CA VAL D 388 -4.87 -54.17 -95.48
C VAL D 388 -5.64 -54.12 -96.79
N SER D 389 -5.36 -53.10 -97.59
CA SER D 389 -5.93 -53.00 -98.93
C SER D 389 -5.19 -53.92 -99.90
N ALA D 390 -3.88 -54.07 -99.68
CA ALA D 390 -3.05 -54.89 -100.54
C ALA D 390 -3.22 -56.39 -100.29
N PHE D 391 -3.26 -56.79 -99.03
CA PHE D 391 -3.33 -58.21 -98.68
C PHE D 391 -4.68 -58.84 -98.97
N ALA D 392 -5.61 -58.06 -99.50
CA ALA D 392 -6.93 -58.56 -99.86
C ALA D 392 -6.84 -59.50 -101.06
N GLU D 393 -5.85 -59.26 -101.90
CA GLU D 393 -5.65 -60.04 -103.12
C GLU D 393 -4.33 -60.82 -103.05
N VAL D 394 -3.38 -60.30 -102.30
CA VAL D 394 -2.06 -60.91 -102.18
C VAL D 394 -1.94 -61.68 -100.85
N ASP D 395 -1.37 -62.88 -100.91
CA ASP D 395 -1.18 -63.69 -99.72
C ASP D 395 0.07 -63.27 -98.96
N VAL D 396 1.17 -63.09 -99.67
CA VAL D 396 2.42 -62.67 -99.03
C VAL D 396 3.14 -61.61 -99.86
N ILE D 397 3.58 -60.53 -99.23
CA ILE D 397 4.23 -59.45 -99.97
C ILE D 397 5.74 -59.49 -99.80
N LEU D 398 6.46 -59.87 -100.85
CA LEU D 398 7.91 -59.97 -100.72
C LEU D 398 8.67 -58.94 -101.54
N GLY D 399 9.88 -58.62 -101.08
CA GLY D 399 10.75 -57.69 -101.75
C GLY D 399 12.14 -57.82 -101.15
N PRO D 400 13.04 -56.87 -101.48
CA PRO D 400 14.39 -56.95 -100.91
C PRO D 400 14.42 -56.49 -99.46
N THR D 401 15.34 -57.04 -98.67
CA THR D 401 15.53 -56.60 -97.29
C THR D 401 16.43 -55.37 -97.32
N THR D 402 17.72 -55.59 -97.12
CA THR D 402 18.69 -54.51 -97.18
C THR D 402 18.88 -54.10 -98.63
N PRO D 403 18.84 -52.79 -98.90
CA PRO D 403 19.05 -52.31 -100.28
C PRO D 403 20.51 -52.42 -100.68
N ASN D 404 21.37 -52.51 -99.67
CA ASN D 404 22.81 -52.61 -99.88
C ASN D 404 23.40 -53.77 -99.08
N PRO D 405 24.42 -54.44 -99.64
CA PRO D 405 25.15 -55.48 -98.91
C PRO D 405 25.84 -54.89 -97.69
N ALA D 406 26.48 -55.73 -96.86
CA ALA D 406 27.09 -55.26 -95.62
C ALA D 406 28.08 -54.13 -95.88
N TRP D 407 27.96 -53.06 -95.08
CA TRP D 407 28.80 -51.88 -95.26
C TRP D 407 29.84 -51.73 -94.16
N LYS D 408 30.97 -51.11 -94.52
CA LYS D 408 32.14 -51.03 -93.67
C LYS D 408 31.96 -50.13 -92.45
N ILE D 409 32.88 -50.25 -91.51
CA ILE D 409 32.85 -49.47 -90.27
C ILE D 409 33.73 -48.23 -90.39
N GLY D 410 33.28 -47.12 -89.83
CA GLY D 410 34.01 -45.87 -89.91
C GLY D 410 33.54 -45.00 -91.05
N GLU D 411 32.45 -45.42 -91.69
CA GLU D 411 31.88 -44.68 -92.81
C GLU D 411 30.72 -43.81 -92.36
N LYS D 412 29.55 -44.44 -92.19
CA LYS D 412 28.34 -43.71 -91.84
C LYS D 412 28.24 -43.45 -90.33
N ASN D 413 29.39 -43.24 -89.69
CA ASN D 413 29.40 -42.86 -88.28
C ASN D 413 29.32 -41.34 -88.17
N ASP D 414 30.00 -40.66 -89.08
CA ASP D 414 29.97 -39.20 -89.13
C ASP D 414 28.67 -38.72 -89.77
N ASP D 415 28.18 -39.49 -90.74
CA ASP D 415 26.92 -39.18 -91.40
C ASP D 415 25.78 -40.03 -90.83
N PRO D 416 24.81 -39.39 -90.16
CA PRO D 416 23.68 -40.14 -89.61
C PRO D 416 22.51 -40.26 -90.59
N VAL D 417 22.51 -39.38 -91.60
CA VAL D 417 21.45 -39.32 -92.60
C VAL D 417 21.32 -40.63 -93.36
N SER D 418 22.44 -41.14 -93.85
CA SER D 418 22.45 -42.39 -94.60
C SER D 418 22.15 -43.59 -93.70
N GLN D 419 22.56 -43.51 -92.45
CA GLN D 419 22.28 -44.58 -91.49
C GLN D 419 20.78 -44.69 -91.26
N TYR D 420 20.11 -43.55 -91.17
CA TYR D 420 18.66 -43.55 -90.95
C TYR D 420 17.95 -43.92 -92.25
N LEU D 421 18.53 -43.53 -93.37
CA LEU D 421 17.98 -43.78 -94.70
C LEU D 421 18.26 -45.20 -95.20
N GLU D 422 18.77 -46.06 -94.34
CA GLU D 422 19.06 -47.44 -94.71
C GLU D 422 17.80 -48.30 -94.64
N ASP D 423 17.15 -48.29 -93.48
CA ASP D 423 15.96 -49.10 -93.27
C ASP D 423 14.76 -48.47 -93.97
N ILE D 424 14.50 -48.93 -95.19
CA ILE D 424 13.40 -48.40 -96.00
C ILE D 424 12.31 -49.43 -96.21
N TYR D 425 12.71 -50.66 -96.49
CA TYR D 425 11.76 -51.73 -96.79
C TYR D 425 11.24 -52.39 -95.52
N THR D 426 12.08 -52.46 -94.50
CA THR D 426 11.80 -53.24 -93.30
C THR D 426 10.93 -52.50 -92.28
N ILE D 427 10.80 -51.19 -92.44
CA ILE D 427 10.12 -50.37 -91.45
C ILE D 427 8.59 -50.40 -91.59
N THR D 428 8.13 -50.70 -92.80
CA THR D 428 6.71 -50.74 -93.11
C THR D 428 5.96 -51.76 -92.24
N ALA D 429 6.59 -52.91 -92.04
CA ALA D 429 5.99 -53.96 -91.23
C ALA D 429 5.88 -53.53 -89.76
N ASN D 430 6.92 -52.85 -89.28
CA ASN D 430 6.91 -52.36 -87.90
C ASN D 430 5.84 -51.32 -87.68
N LEU D 431 5.69 -50.40 -88.63
CA LEU D 431 4.66 -49.37 -88.52
C LEU D 431 3.27 -49.98 -88.65
N ALA D 432 3.15 -51.01 -89.48
CA ALA D 432 1.86 -51.69 -89.67
C ALA D 432 1.64 -52.76 -88.61
N GLY D 433 2.72 -53.17 -87.94
CA GLY D 433 2.63 -54.20 -86.93
C GLY D 433 2.48 -55.57 -87.53
N LEU D 434 2.96 -55.72 -88.77
CA LEU D 434 2.85 -56.98 -89.50
C LEU D 434 4.08 -57.87 -89.28
N PRO D 435 3.89 -59.19 -89.36
CA PRO D 435 5.00 -60.15 -89.26
C PRO D 435 5.88 -60.21 -90.51
N GLY D 436 7.18 -60.17 -90.29
CA GLY D 436 8.15 -60.18 -91.38
C GLY D 436 9.17 -61.29 -91.23
N LEU D 437 9.85 -61.62 -92.32
CA LEU D 437 10.83 -62.71 -92.32
C LEU D 437 11.93 -62.51 -93.36
N SER D 438 13.18 -62.67 -92.94
CA SER D 438 14.31 -62.53 -93.85
C SER D 438 14.89 -63.87 -94.28
N MET D 439 14.93 -64.09 -95.60
CA MET D 439 15.50 -65.31 -96.18
C MET D 439 16.60 -64.96 -97.17
N PRO D 440 17.81 -65.51 -96.96
CA PRO D 440 18.94 -65.17 -97.82
C PRO D 440 18.67 -65.43 -99.29
N ALA D 441 19.01 -64.47 -100.14
CA ALA D 441 18.79 -64.60 -101.58
C ALA D 441 20.02 -65.15 -102.27
N GLY D 442 21.19 -64.76 -101.78
CA GLY D 442 22.44 -65.20 -102.37
C GLY D 442 23.63 -64.45 -101.79
N PHE D 443 24.67 -64.31 -102.60
CA PHE D 443 25.87 -63.61 -102.18
C PHE D 443 26.32 -62.61 -103.25
N VAL D 444 26.68 -61.41 -102.81
CA VAL D 444 27.21 -60.39 -103.70
C VAL D 444 28.62 -60.02 -103.28
N ASP D 445 29.57 -60.24 -104.19
CA ASP D 445 31.01 -60.04 -103.98
C ASP D 445 31.49 -60.65 -102.66
N GLY D 446 30.91 -61.80 -102.30
CA GLY D 446 31.30 -62.50 -101.09
C GLY D 446 30.48 -62.11 -99.86
N LEU D 447 29.63 -61.11 -100.02
CA LEU D 447 28.79 -60.63 -98.92
C LEU D 447 27.36 -61.14 -99.03
N PRO D 448 26.76 -61.54 -97.90
CA PRO D 448 25.42 -62.13 -97.89
C PRO D 448 24.30 -61.10 -97.95
N VAL D 449 23.27 -61.38 -98.72
CA VAL D 449 22.13 -60.49 -98.86
C VAL D 449 20.83 -61.27 -98.66
N GLY D 450 19.78 -60.60 -98.19
CA GLY D 450 18.53 -61.26 -97.89
C GLY D 450 17.30 -60.66 -98.56
N VAL D 451 16.22 -61.43 -98.52
CA VAL D 451 14.93 -61.04 -99.07
C VAL D 451 13.89 -61.01 -97.95
N GLN D 452 13.12 -59.94 -97.88
CA GLN D 452 12.12 -59.78 -96.83
C GLN D 452 10.74 -60.15 -97.35
N LEU D 453 10.03 -60.96 -96.55
CA LEU D 453 8.67 -61.36 -96.86
C LEU D 453 7.74 -60.94 -95.74
N LEU D 454 6.58 -60.42 -96.10
CA LEU D 454 5.64 -59.92 -95.10
C LEU D 454 4.31 -60.66 -95.20
N ALA D 455 3.72 -60.95 -94.04
CA ALA D 455 2.47 -61.68 -93.97
C ALA D 455 1.43 -60.90 -93.18
N PRO D 456 0.13 -61.23 -93.36
CA PRO D 456 -0.90 -60.59 -92.55
C PRO D 456 -0.81 -61.00 -91.09
N TYR D 457 -1.67 -60.45 -90.23
CA TYR D 457 -1.58 -60.65 -88.80
C TYR D 457 -1.69 -62.12 -88.41
N PHE D 458 -0.83 -62.54 -87.48
CA PHE D 458 -0.88 -63.88 -86.90
C PHE D 458 -0.82 -65.00 -87.94
N GLN D 459 0.10 -64.87 -88.88
CA GLN D 459 0.32 -65.92 -89.88
C GLN D 459 1.80 -66.08 -90.17
N GLU D 460 2.57 -66.25 -89.11
CA GLU D 460 4.01 -66.46 -89.24
C GLU D 460 4.28 -67.85 -89.80
N GLY D 461 3.31 -68.74 -89.62
CA GLY D 461 3.41 -70.10 -90.10
C GLY D 461 3.52 -70.20 -91.61
N ARG D 462 2.82 -69.32 -92.31
CA ARG D 462 2.88 -69.27 -93.77
C ARG D 462 4.22 -68.72 -94.23
N LEU D 463 4.70 -67.71 -93.53
CA LEU D 463 5.96 -67.07 -93.85
C LEU D 463 7.11 -68.06 -93.67
N LEU D 464 7.01 -68.84 -92.60
CA LEU D 464 8.00 -69.90 -92.33
C LEU D 464 7.80 -71.08 -93.26
N ASN D 465 6.59 -71.20 -93.81
CA ASN D 465 6.28 -72.26 -94.76
C ASN D 465 6.94 -72.00 -96.11
N VAL D 466 6.76 -70.81 -96.64
CA VAL D 466 7.41 -70.44 -97.90
C VAL D 466 8.91 -70.36 -97.68
N ALA D 467 9.31 -69.95 -96.47
CA ALA D 467 10.73 -69.90 -96.13
C ALA D 467 11.36 -71.29 -96.17
N HIS D 468 10.71 -72.26 -95.54
CA HIS D 468 11.24 -73.61 -95.45
C HIS D 468 11.18 -74.31 -96.81
N GLN D 469 10.10 -74.08 -97.55
CA GLN D 469 9.94 -74.66 -98.87
C GLN D 469 10.96 -74.09 -99.84
N TYR D 470 11.39 -72.86 -99.60
CA TYR D 470 12.44 -72.28 -100.42
C TYR D 470 13.78 -72.85 -99.95
N GLN D 471 13.87 -73.16 -98.66
CA GLN D 471 15.10 -73.69 -98.09
C GLN D 471 15.39 -75.12 -98.52
N GLN D 472 14.35 -75.84 -98.92
CA GLN D 472 14.53 -77.22 -99.34
C GLN D 472 15.00 -77.30 -100.78
N VAL D 473 14.69 -76.28 -101.56
CA VAL D 473 15.07 -76.25 -102.97
C VAL D 473 16.53 -75.84 -103.13
N SER D 474 16.87 -74.65 -102.64
CA SER D 474 18.24 -74.15 -102.72
C SER D 474 18.66 -73.47 -101.42
N ASP D 475 19.54 -74.12 -100.68
CA ASP D 475 20.00 -73.59 -99.39
C ASP D 475 21.46 -73.17 -99.46
N TRP D 476 21.81 -72.14 -98.71
CA TRP D 476 23.19 -71.65 -98.67
C TRP D 476 23.89 -72.08 -97.39
N HIS D 477 23.75 -73.36 -97.08
CA HIS D 477 24.35 -73.94 -95.87
C HIS D 477 25.86 -74.03 -95.96
N THR D 478 26.37 -74.51 -97.10
CA THR D 478 27.81 -74.71 -97.27
C THR D 478 28.53 -73.38 -97.40
N ARG D 479 28.38 -72.56 -96.37
CA ARG D 479 29.01 -71.27 -96.23
C ARG D 479 29.79 -71.27 -94.92
N THR D 480 29.51 -72.29 -94.11
CA THR D 480 30.08 -72.45 -92.78
C THR D 480 31.61 -72.60 -92.70
N PRO D 481 32.24 -73.37 -93.60
CA PRO D 481 33.69 -73.52 -93.44
C PRO D 481 34.48 -72.21 -93.55
N ALA D 482 34.07 -71.34 -94.48
CA ALA D 482 34.74 -70.06 -94.67
C ALA D 482 34.47 -69.10 -93.50
N GLY D 483 33.22 -69.08 -93.06
CA GLY D 483 32.81 -68.21 -91.97
C GLY D 483 31.30 -68.02 -91.92
N TRP E 3 -17.71 -6.70 -55.13
CA TRP E 3 -16.73 -7.74 -55.45
C TRP E 3 -17.40 -9.09 -55.67
N GLU E 4 -16.98 -9.80 -56.71
CA GLU E 4 -17.45 -11.16 -56.95
C GLU E 4 -16.25 -12.10 -57.09
N THR E 5 -16.21 -13.11 -56.22
CA THR E 5 -15.09 -14.04 -56.14
C THR E 5 -15.42 -15.37 -56.81
N VAL E 6 -14.82 -15.62 -57.97
CA VAL E 6 -15.03 -16.87 -58.68
C VAL E 6 -13.87 -17.84 -58.45
N ILE E 7 -14.14 -18.92 -57.73
CA ILE E 7 -13.12 -19.89 -57.40
C ILE E 7 -13.38 -21.25 -58.05
N GLY E 8 -12.43 -22.16 -57.91
CA GLY E 8 -12.55 -23.51 -58.42
C GLY E 8 -11.87 -24.50 -57.50
N LEU E 9 -12.18 -25.79 -57.66
CA LEU E 9 -11.61 -26.81 -56.79
C LEU E 9 -11.16 -28.05 -57.57
N GLU E 10 -9.89 -28.43 -57.36
CA GLU E 10 -9.28 -29.58 -57.99
C GLU E 10 -8.98 -30.66 -56.95
N ILE E 11 -9.88 -31.61 -56.81
CA ILE E 11 -9.79 -32.60 -55.72
C ILE E 11 -9.21 -33.95 -56.14
N HIS E 12 -8.15 -34.37 -55.48
CA HIS E 12 -7.59 -35.70 -55.70
C HIS E 12 -8.08 -36.64 -54.61
N ALA E 13 -8.78 -37.70 -55.02
CA ALA E 13 -9.32 -38.67 -54.07
C ALA E 13 -8.64 -40.03 -54.20
N GLN E 14 -8.15 -40.56 -53.09
CA GLN E 14 -7.47 -41.86 -53.10
C GLN E 14 -8.46 -43.02 -52.97
N LEU E 15 -8.63 -43.76 -54.06
CA LEU E 15 -9.58 -44.87 -54.10
C LEU E 15 -9.12 -46.04 -53.24
N ALA E 16 -10.06 -46.65 -52.52
CA ALA E 16 -9.76 -47.77 -51.63
C ALA E 16 -9.81 -49.11 -52.34
N THR E 17 -8.76 -49.43 -53.09
CA THR E 17 -8.65 -50.73 -53.75
C THR E 17 -7.54 -51.56 -53.13
N GLN E 18 -7.71 -52.88 -53.16
CA GLN E 18 -6.73 -53.80 -52.59
C GLN E 18 -5.38 -53.68 -53.28
N SER E 19 -5.36 -53.98 -54.58
CA SER E 19 -4.15 -53.87 -55.38
C SER E 19 -4.06 -52.50 -56.03
N LYS E 20 -2.83 -52.07 -56.34
CA LYS E 20 -2.63 -50.77 -56.97
C LYS E 20 -3.25 -50.73 -58.36
N ILE E 21 -3.39 -49.54 -58.92
CA ILE E 21 -4.06 -49.35 -60.20
C ILE E 21 -3.34 -50.07 -61.34
N PHE E 22 -2.01 -50.06 -61.32
CA PHE E 22 -1.24 -50.71 -62.36
C PHE E 22 -0.23 -51.70 -61.79
N SER E 23 0.02 -51.60 -60.49
CA SER E 23 0.94 -52.50 -59.80
C SER E 23 0.16 -53.56 -59.04
N GLY E 24 0.86 -54.48 -58.37
CA GLY E 24 0.21 -55.53 -57.62
C GLY E 24 0.33 -55.40 -56.12
N SER E 25 1.01 -54.34 -55.67
CA SER E 25 1.23 -54.11 -54.24
C SER E 25 -0.03 -53.60 -53.55
N SER E 26 -0.06 -53.69 -52.22
CA SER E 26 -1.22 -53.26 -51.45
C SER E 26 -1.30 -51.74 -51.34
N THR E 27 -2.44 -51.26 -50.83
CA THR E 27 -2.68 -49.82 -50.71
C THR E 27 -2.49 -49.30 -49.28
N ALA E 28 -3.36 -49.72 -48.38
CA ALA E 28 -3.34 -49.28 -46.99
C ALA E 28 -2.00 -49.50 -46.30
N PHE E 29 -1.52 -48.47 -45.61
CA PHE E 29 -0.21 -48.50 -44.99
C PHE E 29 -0.37 -48.66 -43.46
N GLY E 30 0.65 -49.16 -42.78
CA GLY E 30 1.85 -49.68 -43.41
C GLY E 30 3.04 -48.77 -43.25
N ALA E 31 3.50 -48.58 -42.02
CA ALA E 31 4.58 -47.64 -41.73
C ALA E 31 5.90 -48.13 -42.31
N ALA E 32 5.96 -49.43 -42.61
CA ALA E 32 7.13 -50.04 -43.22
C ALA E 32 7.32 -49.49 -44.63
N PRO E 33 8.45 -48.81 -44.88
CA PRO E 33 8.67 -48.17 -46.17
C PRO E 33 9.22 -49.13 -47.23
N ASN E 34 8.82 -48.91 -48.47
CA ASN E 34 9.24 -49.70 -49.64
C ASN E 34 8.91 -51.19 -49.52
N THR E 35 8.07 -51.55 -48.56
CA THR E 35 7.63 -52.93 -48.41
C THR E 35 6.42 -53.19 -49.29
N GLN E 36 5.73 -52.11 -49.66
CA GLN E 36 4.56 -52.20 -50.52
C GLN E 36 4.87 -51.60 -51.90
N ALA E 37 6.01 -52.00 -52.45
CA ALA E 37 6.43 -51.50 -53.76
C ALA E 37 7.03 -52.63 -54.59
N SER E 38 6.32 -53.03 -55.64
CA SER E 38 6.80 -54.10 -56.50
C SER E 38 7.71 -53.57 -57.60
N LEU E 39 7.76 -54.30 -58.72
CA LEU E 39 8.62 -53.92 -59.84
C LEU E 39 7.98 -52.88 -60.77
N VAL E 40 6.67 -52.95 -60.92
CA VAL E 40 5.97 -52.05 -61.85
C VAL E 40 6.00 -50.61 -61.36
N ASP E 41 5.67 -50.42 -60.09
CA ASP E 41 5.63 -49.08 -59.50
C ASP E 41 7.04 -48.50 -59.37
N LEU E 42 8.03 -49.38 -59.24
CA LEU E 42 9.42 -48.96 -59.09
C LEU E 42 10.05 -48.59 -60.43
N ALA E 43 9.25 -48.73 -61.48
CA ALA E 43 9.68 -48.40 -62.85
C ALA E 43 10.94 -49.12 -63.26
N MET E 44 10.96 -50.43 -63.06
CA MET E 44 12.09 -51.26 -63.49
C MET E 44 12.10 -51.33 -65.01
N PRO E 45 13.30 -51.42 -65.61
CA PRO E 45 13.37 -51.48 -67.07
C PRO E 45 12.78 -52.77 -67.62
N GLY E 46 11.81 -52.65 -68.51
CA GLY E 46 11.17 -53.81 -69.10
C GLY E 46 9.82 -54.16 -68.50
N THR E 47 9.48 -53.53 -67.38
CA THR E 47 8.20 -53.80 -66.73
C THR E 47 7.07 -53.04 -67.43
N LEU E 48 5.86 -53.58 -67.32
CA LEU E 48 4.70 -53.01 -68.00
C LEU E 48 3.49 -52.95 -67.07
N PRO E 49 2.61 -51.96 -67.28
CA PRO E 49 1.43 -51.77 -66.42
C PRO E 49 0.15 -52.42 -66.96
N VAL E 50 -0.70 -52.85 -66.04
CA VAL E 50 -2.01 -53.42 -66.39
C VAL E 50 -3.10 -52.75 -65.54
N LEU E 51 -4.13 -52.24 -66.22
CA LEU E 51 -5.19 -51.47 -65.56
C LEU E 51 -6.01 -52.28 -64.55
N ASN E 52 -6.33 -51.65 -63.42
CA ASN E 52 -7.14 -52.28 -62.38
C ASN E 52 -8.62 -52.31 -62.75
N GLU E 53 -9.32 -53.35 -62.30
CA GLU E 53 -10.73 -53.55 -62.62
C GLU E 53 -11.65 -52.71 -61.73
N GLU E 54 -11.53 -52.89 -60.43
CA GLU E 54 -12.39 -52.22 -59.47
C GLU E 54 -12.11 -50.71 -59.46
N ALA E 55 -10.94 -50.33 -59.95
CA ALA E 55 -10.60 -48.92 -60.05
C ALA E 55 -11.51 -48.21 -61.05
N VAL E 56 -11.56 -48.72 -62.27
CA VAL E 56 -12.41 -48.13 -63.30
C VAL E 56 -13.88 -48.38 -62.95
N ARG E 57 -14.16 -49.49 -62.28
CA ARG E 57 -15.53 -49.79 -61.84
C ARG E 57 -16.03 -48.69 -60.89
N MET E 58 -15.23 -48.40 -59.87
CA MET E 58 -15.54 -47.35 -58.92
C MET E 58 -15.56 -45.97 -59.59
N ALA E 59 -14.71 -45.82 -60.61
CA ALA E 59 -14.65 -44.57 -61.37
C ALA E 59 -15.98 -44.27 -62.05
N CYS E 60 -16.43 -45.19 -62.90
CA CYS E 60 -17.69 -44.98 -63.61
C CYS E 60 -18.88 -45.09 -62.66
N LEU E 61 -18.66 -45.69 -61.49
CA LEU E 61 -19.68 -45.69 -60.44
C LEU E 61 -19.89 -44.27 -59.94
N PHE E 62 -18.79 -43.60 -59.62
CA PHE E 62 -18.84 -42.19 -59.23
C PHE E 62 -19.39 -41.33 -60.36
N GLY E 63 -19.06 -41.69 -61.59
CA GLY E 63 -19.56 -40.99 -62.76
C GLY E 63 -21.06 -41.07 -62.87
N LEU E 64 -21.61 -42.24 -62.55
CA LEU E 64 -23.06 -42.43 -62.57
C LEU E 64 -23.73 -41.75 -61.39
N ALA E 65 -23.05 -41.75 -60.24
CA ALA E 65 -23.59 -41.11 -59.04
C ALA E 65 -23.64 -39.59 -59.18
N ILE E 66 -22.70 -39.04 -59.94
CA ILE E 66 -22.59 -37.60 -60.10
C ILE E 66 -23.40 -37.11 -61.30
N ASP E 67 -24.08 -38.05 -61.95
CA ASP E 67 -24.93 -37.76 -63.11
C ASP E 67 -24.15 -37.07 -64.24
N ALA E 68 -23.03 -37.68 -64.64
CA ALA E 68 -22.21 -37.11 -65.69
C ALA E 68 -22.21 -38.00 -66.94
N ARG E 69 -22.17 -37.37 -68.11
CA ARG E 69 -22.09 -38.10 -69.37
C ARG E 69 -20.72 -38.76 -69.52
N ILE E 70 -20.66 -40.06 -69.31
CA ILE E 70 -19.40 -40.79 -69.43
C ILE E 70 -19.14 -41.16 -70.88
N ASP E 71 -17.93 -40.88 -71.36
CA ASP E 71 -17.56 -41.22 -72.72
C ASP E 71 -17.44 -42.74 -72.86
N ARG E 72 -17.71 -43.25 -74.05
CA ARG E 72 -17.65 -44.68 -74.30
C ARG E 72 -16.21 -45.19 -74.27
N GLN E 73 -15.28 -44.34 -74.71
CA GLN E 73 -13.86 -44.70 -74.70
C GLN E 73 -13.04 -43.60 -74.02
N ASN E 74 -12.06 -44.02 -73.24
CA ASN E 74 -11.14 -43.09 -72.58
C ASN E 74 -9.70 -43.59 -72.62
N VAL E 75 -8.77 -42.70 -72.94
CA VAL E 75 -7.37 -43.09 -73.10
C VAL E 75 -6.44 -42.48 -72.05
N PHE E 76 -5.57 -43.31 -71.50
CA PHE E 76 -4.55 -42.86 -70.54
C PHE E 76 -3.36 -42.23 -71.25
N ALA E 77 -2.95 -41.06 -70.78
CA ALA E 77 -1.79 -40.36 -71.33
C ALA E 77 -0.65 -40.29 -70.32
N ARG E 78 0.51 -39.84 -70.77
CA ARG E 78 1.69 -39.75 -69.92
C ARG E 78 1.98 -38.30 -69.55
N LYS E 79 2.22 -38.06 -68.26
CA LYS E 79 2.53 -36.73 -67.76
C LYS E 79 4.01 -36.63 -67.43
N ASN E 80 4.83 -36.39 -68.46
CA ASN E 80 6.27 -36.40 -68.34
C ASN E 80 6.86 -35.23 -67.55
N TYR E 81 7.29 -35.50 -66.32
CA TYR E 81 8.05 -34.54 -65.55
C TYR E 81 9.05 -35.27 -64.65
N PHE E 82 10.18 -34.62 -64.37
CA PHE E 82 11.26 -35.26 -63.62
C PHE E 82 11.28 -34.85 -62.16
N TYR E 83 11.08 -35.83 -61.28
CA TYR E 83 11.11 -35.62 -59.84
C TYR E 83 11.36 -36.98 -59.17
N PRO E 84 12.19 -37.00 -58.11
CA PRO E 84 12.58 -38.24 -57.45
C PRO E 84 11.41 -39.10 -56.98
N ASP E 85 10.28 -38.47 -56.67
CA ASP E 85 9.10 -39.22 -56.24
C ASP E 85 8.45 -39.95 -57.42
N LEU E 86 8.56 -39.37 -58.61
CA LEU E 86 8.01 -39.99 -59.80
C LEU E 86 9.06 -40.91 -60.43
N PRO E 87 8.80 -42.22 -60.40
CA PRO E 87 9.78 -43.22 -60.82
C PRO E 87 10.04 -43.29 -62.33
N LYS E 88 8.99 -43.48 -63.13
CA LYS E 88 9.16 -43.69 -64.57
C LYS E 88 9.33 -42.39 -65.36
N GLY E 89 9.34 -41.26 -64.67
CA GLY E 89 9.53 -39.98 -65.32
C GLY E 89 8.29 -39.43 -65.97
N TYR E 90 7.17 -40.12 -65.81
CA TYR E 90 5.89 -39.66 -66.32
C TYR E 90 4.75 -40.20 -65.45
N GLN E 91 3.72 -39.39 -65.27
CA GLN E 91 2.57 -39.79 -64.48
C GLN E 91 1.42 -40.29 -65.34
N THR E 92 1.05 -41.55 -65.17
CA THR E 92 -0.03 -42.13 -65.94
C THR E 92 -1.36 -41.46 -65.58
N SER E 93 -1.75 -40.47 -66.38
CA SER E 93 -3.00 -39.76 -66.15
C SER E 93 -3.94 -39.89 -67.34
N GLN E 94 -4.79 -38.89 -67.55
CA GLN E 94 -5.68 -38.86 -68.71
C GLN E 94 -5.80 -37.45 -69.27
N MET E 95 -5.29 -37.26 -70.49
CA MET E 95 -5.29 -35.98 -71.17
C MET E 95 -6.62 -35.72 -71.87
N ASP E 96 -6.90 -36.52 -72.89
CA ASP E 96 -8.14 -36.42 -73.65
C ASP E 96 -9.04 -37.59 -73.32
N HIS E 97 -10.35 -37.35 -73.36
CA HIS E 97 -11.35 -38.38 -73.05
C HIS E 97 -11.16 -38.95 -71.64
N PRO E 98 -11.69 -38.27 -70.62
CA PRO E 98 -11.63 -38.81 -69.26
C PRO E 98 -12.74 -39.84 -69.04
N ILE E 99 -12.74 -40.49 -67.88
CA ILE E 99 -13.78 -41.47 -67.56
C ILE E 99 -15.15 -40.82 -67.48
N VAL E 100 -15.27 -39.79 -66.65
CA VAL E 100 -16.54 -39.10 -66.45
C VAL E 100 -16.36 -37.60 -66.76
N GLY E 101 -17.41 -36.98 -67.28
CA GLY E 101 -17.36 -35.56 -67.62
C GLY E 101 -18.70 -34.86 -67.51
N LYS E 102 -18.64 -33.59 -67.10
CA LYS E 102 -19.81 -32.70 -66.95
C LYS E 102 -20.94 -33.32 -66.14
N GLY E 103 -20.80 -33.25 -64.82
CA GLY E 103 -21.83 -33.69 -63.89
C GLY E 103 -22.16 -32.57 -62.92
N HIS E 104 -23.09 -32.81 -62.01
CA HIS E 104 -23.46 -31.81 -61.01
C HIS E 104 -23.69 -32.39 -59.63
N LEU E 105 -23.26 -31.66 -58.61
CA LEU E 105 -23.43 -32.08 -57.21
C LEU E 105 -24.16 -31.00 -56.41
N ASP E 106 -25.20 -31.40 -55.70
CA ASP E 106 -25.95 -30.49 -54.84
C ASP E 106 -25.26 -30.30 -53.49
N ILE E 107 -24.73 -29.11 -53.27
CA ILE E 107 -24.06 -28.76 -52.02
C ILE E 107 -25.02 -28.11 -51.03
N THR E 108 -24.98 -28.63 -49.81
CA THR E 108 -25.83 -28.18 -48.71
C THR E 108 -25.15 -27.07 -47.91
N LEU E 109 -25.85 -25.95 -47.76
CA LEU E 109 -25.30 -24.82 -47.02
C LEU E 109 -25.93 -24.69 -45.64
N GLU E 110 -25.64 -23.57 -44.98
CA GLU E 110 -26.19 -23.29 -43.65
C GLU E 110 -27.24 -22.20 -43.77
N ASP E 111 -27.09 -21.35 -44.77
CA ASP E 111 -28.02 -20.26 -45.02
C ASP E 111 -29.12 -20.64 -46.00
N GLY E 112 -29.96 -21.59 -45.62
CA GLY E 112 -31.12 -21.97 -46.41
C GLY E 112 -30.91 -22.84 -47.63
N THR E 113 -30.86 -22.20 -48.81
CA THR E 113 -30.89 -22.91 -50.09
C THR E 113 -29.71 -23.86 -50.29
N THR E 114 -30.02 -25.04 -50.85
CA THR E 114 -29.02 -26.03 -51.21
C THR E 114 -28.61 -25.85 -52.66
N LYS E 115 -27.44 -25.25 -52.88
CA LYS E 115 -27.04 -24.80 -54.22
C LYS E 115 -26.51 -25.94 -55.08
N ARG E 116 -26.67 -25.83 -56.39
CA ARG E 116 -26.12 -26.84 -57.29
C ARG E 116 -24.78 -26.39 -57.85
N ILE E 117 -23.80 -27.30 -57.83
CA ILE E 117 -22.46 -27.00 -58.32
C ILE E 117 -22.07 -27.91 -59.48
N GLY E 118 -21.15 -27.45 -60.32
CA GLY E 118 -20.73 -28.22 -61.49
C GLY E 118 -19.40 -28.92 -61.34
N ILE E 119 -19.29 -30.07 -61.99
CA ILE E 119 -18.04 -30.84 -62.03
C ILE E 119 -17.65 -31.11 -63.48
N THR E 120 -16.56 -30.50 -63.95
CA THR E 120 -16.20 -30.58 -65.36
C THR E 120 -15.68 -31.96 -65.78
N ARG E 121 -14.97 -32.65 -64.89
CA ARG E 121 -14.43 -33.97 -65.21
C ARG E 121 -14.01 -34.76 -63.97
N ALA E 122 -13.66 -36.02 -64.18
CA ALA E 122 -13.17 -36.89 -63.12
C ALA E 122 -12.46 -38.11 -63.72
N HIS E 123 -11.15 -37.97 -63.96
CA HIS E 123 -10.40 -39.01 -64.64
C HIS E 123 -9.54 -39.82 -63.67
N LEU E 124 -8.87 -40.84 -64.21
CA LEU E 124 -8.03 -41.73 -63.39
C LEU E 124 -6.54 -41.38 -63.46
N GLU E 125 -5.94 -41.16 -62.30
CA GLU E 125 -4.52 -40.87 -62.18
C GLU E 125 -3.81 -41.93 -61.36
N GLU E 126 -2.53 -41.67 -61.07
CA GLU E 126 -1.74 -42.54 -60.20
C GLU E 126 -0.91 -41.66 -59.27
N ASP E 127 -0.68 -42.14 -58.05
CA ASP E 127 0.04 -41.35 -57.07
C ASP E 127 1.53 -41.63 -57.15
N ALA E 128 2.33 -40.81 -56.47
CA ALA E 128 3.78 -40.96 -56.48
C ALA E 128 4.34 -41.14 -55.08
N GLY E 129 5.67 -41.19 -54.98
CA GLY E 129 6.34 -41.38 -53.71
C GLY E 129 6.37 -40.16 -52.82
N LYS E 130 6.97 -40.30 -51.64
CA LYS E 130 7.06 -39.21 -50.69
C LYS E 130 8.50 -38.99 -50.22
N SER E 131 8.92 -37.73 -50.19
CA SER E 131 10.27 -37.37 -49.74
C SER E 131 10.28 -36.92 -48.28
N LEU E 132 11.32 -37.33 -47.55
CA LEU E 132 11.45 -36.98 -46.15
C LEU E 132 12.81 -36.38 -45.80
N HIS E 133 12.81 -35.64 -44.69
CA HIS E 133 13.96 -34.88 -44.19
C HIS E 133 14.92 -35.67 -43.30
N GLU E 134 16.11 -35.97 -43.80
CA GLU E 134 17.11 -36.68 -43.00
C GLU E 134 18.52 -36.46 -43.55
N ASP E 135 19.51 -36.74 -42.70
CA ASP E 135 20.95 -36.65 -42.99
C ASP E 135 21.33 -36.53 -44.46
N GLY E 138 23.50 -32.65 -46.31
CA GLY E 138 22.59 -33.78 -46.13
C GLY E 138 21.78 -34.08 -47.39
N MET E 139 20.93 -35.09 -47.31
CA MET E 139 20.10 -35.47 -48.44
C MET E 139 18.62 -35.60 -48.06
N SER E 140 17.93 -36.53 -48.71
CA SER E 140 16.50 -36.75 -48.47
C SER E 140 16.17 -38.22 -48.73
N GLY E 141 15.03 -38.68 -48.22
CA GLY E 141 14.65 -40.07 -48.42
C GLY E 141 13.34 -40.24 -49.17
N ILE E 142 13.34 -41.03 -50.23
CA ILE E 142 12.13 -41.21 -51.03
C ILE E 142 11.52 -42.59 -50.83
N ASP E 143 10.24 -42.62 -50.46
CA ASP E 143 9.51 -43.85 -50.25
C ASP E 143 8.44 -44.03 -51.33
N LEU E 144 8.52 -45.13 -52.08
CA LEU E 144 7.61 -45.34 -53.20
C LEU E 144 6.41 -46.23 -52.84
N ASN E 145 6.07 -46.27 -51.56
CA ASN E 145 4.91 -47.03 -51.10
C ASN E 145 3.61 -46.42 -51.59
N ARG E 146 3.63 -45.10 -51.75
CA ARG E 146 2.44 -44.36 -52.17
C ARG E 146 2.42 -44.25 -53.69
N ALA E 147 3.53 -44.59 -54.32
CA ALA E 147 3.60 -44.60 -55.78
C ALA E 147 2.78 -45.75 -56.35
N GLY E 148 1.99 -45.45 -57.38
CA GLY E 148 1.16 -46.46 -58.02
C GLY E 148 -0.24 -46.58 -57.45
N THR E 149 -0.51 -45.79 -56.41
CA THR E 149 -1.83 -45.79 -55.79
C THR E 149 -2.83 -45.05 -56.68
N PRO E 150 -3.98 -45.69 -56.96
CA PRO E 150 -5.01 -45.10 -57.83
C PRO E 150 -5.59 -43.79 -57.30
N LEU E 151 -5.72 -42.80 -58.18
CA LEU E 151 -6.29 -41.51 -57.82
C LEU E 151 -7.43 -41.12 -58.74
N LEU E 152 -8.42 -40.43 -58.19
CA LEU E 152 -9.53 -39.89 -58.95
C LEU E 152 -9.53 -38.37 -58.84
N GLU E 153 -9.26 -37.69 -59.95
CA GLU E 153 -9.18 -36.25 -59.94
C GLU E 153 -10.51 -35.60 -60.33
N ILE E 154 -11.31 -35.30 -59.32
CA ILE E 154 -12.57 -34.57 -59.50
C ILE E 154 -12.31 -33.07 -59.59
N VAL E 155 -12.41 -32.53 -60.80
CA VAL E 155 -12.26 -31.10 -61.02
C VAL E 155 -13.63 -30.43 -61.15
N SER E 156 -13.88 -29.42 -60.34
CA SER E 156 -15.17 -28.75 -60.33
C SER E 156 -15.20 -27.58 -61.30
N GLU E 157 -16.36 -27.33 -61.88
CA GLU E 157 -16.57 -26.18 -62.74
C GLU E 157 -16.49 -24.92 -61.88
N PRO E 158 -15.86 -23.85 -62.41
CA PRO E 158 -15.75 -22.60 -61.64
C PRO E 158 -17.08 -21.89 -61.45
N ASP E 159 -18.08 -22.61 -60.93
CA ASP E 159 -19.37 -22.03 -60.61
C ASP E 159 -19.42 -21.72 -59.12
N ILE E 160 -18.48 -22.30 -58.38
CA ILE E 160 -18.40 -22.14 -56.94
C ILE E 160 -17.80 -20.77 -56.58
N ARG E 161 -18.44 -20.07 -55.66
CA ARG E 161 -18.03 -18.70 -55.34
C ARG E 161 -17.42 -18.56 -53.95
N SER E 162 -18.26 -18.34 -52.93
CA SER E 162 -17.77 -18.04 -51.59
C SER E 162 -17.02 -19.22 -50.97
N ALA E 163 -16.24 -18.94 -49.92
CA ALA E 163 -15.40 -19.94 -49.28
C ALA E 163 -16.20 -21.01 -48.53
N LYS E 164 -17.24 -20.58 -47.83
CA LYS E 164 -18.08 -21.50 -47.07
C LYS E 164 -18.76 -22.49 -48.02
N GLU E 165 -19.16 -21.99 -49.19
CA GLU E 165 -19.71 -22.85 -50.24
C GLU E 165 -18.68 -23.87 -50.70
N ALA E 166 -17.42 -23.44 -50.79
CA ALA E 166 -16.33 -24.32 -51.21
C ALA E 166 -16.13 -25.45 -50.21
N VAL E 167 -16.07 -25.08 -48.93
CA VAL E 167 -15.95 -26.06 -47.86
C VAL E 167 -17.14 -27.02 -47.91
N ALA E 168 -18.31 -26.47 -48.23
CA ALA E 168 -19.52 -27.28 -48.39
C ALA E 168 -19.35 -28.28 -49.54
N TYR E 169 -18.66 -27.85 -50.59
CA TYR E 169 -18.44 -28.72 -51.75
C TYR E 169 -17.45 -29.85 -51.41
N VAL E 170 -16.41 -29.51 -50.66
CA VAL E 170 -15.44 -30.51 -50.25
C VAL E 170 -16.11 -31.53 -49.33
N LYS E 171 -16.96 -31.04 -48.44
CA LYS E 171 -17.69 -31.91 -47.53
C LYS E 171 -18.71 -32.78 -48.27
N ALA E 172 -19.32 -32.24 -49.32
CA ALA E 172 -20.30 -32.98 -50.11
C ALA E 172 -19.61 -34.08 -50.91
N ILE E 173 -18.47 -33.73 -51.51
CA ILE E 173 -17.65 -34.71 -52.22
C ILE E 173 -17.22 -35.82 -51.28
N HIS E 174 -16.71 -35.43 -50.13
CA HIS E 174 -16.25 -36.36 -49.10
C HIS E 174 -17.37 -37.30 -48.68
N ALA E 175 -18.56 -36.74 -48.46
CA ALA E 175 -19.72 -37.51 -48.03
C ALA E 175 -20.18 -38.49 -49.10
N LEU E 176 -20.28 -38.03 -50.34
CA LEU E 176 -20.72 -38.87 -51.45
C LEU E 176 -19.75 -40.02 -51.69
N VAL E 177 -18.45 -39.71 -51.66
CA VAL E 177 -17.43 -40.73 -51.85
C VAL E 177 -17.43 -41.73 -50.69
N ARG E 178 -17.65 -41.23 -49.48
CA ARG E 178 -17.75 -42.10 -48.31
C ARG E 178 -18.94 -43.06 -48.45
N TYR E 179 -20.07 -42.53 -48.94
CA TYR E 179 -21.26 -43.34 -49.15
C TYR E 179 -21.04 -44.39 -50.23
N LEU E 180 -20.37 -44.00 -51.31
CA LEU E 180 -20.09 -44.90 -52.41
C LEU E 180 -19.08 -45.98 -52.03
N GLY E 181 -18.31 -45.71 -50.98
CA GLY E 181 -17.29 -46.64 -50.51
C GLY E 181 -16.06 -46.63 -51.40
N ILE E 182 -15.78 -45.49 -52.01
CA ILE E 182 -14.64 -45.35 -52.91
C ILE E 182 -13.37 -45.00 -52.16
N CYS E 183 -13.42 -43.97 -51.33
CA CYS E 183 -12.28 -43.56 -50.53
C CYS E 183 -12.58 -43.60 -49.04
N ASP E 184 -11.54 -43.70 -48.23
CA ASP E 184 -11.67 -43.74 -46.78
C ASP E 184 -12.21 -42.42 -46.25
N GLY E 185 -11.78 -41.33 -46.87
CA GLY E 185 -12.24 -40.00 -46.49
C GLY E 185 -11.36 -39.34 -45.44
N ASN E 186 -10.56 -40.16 -44.76
CA ASN E 186 -9.68 -39.66 -43.71
C ASN E 186 -8.58 -38.77 -44.27
N MET E 187 -8.74 -37.46 -44.11
CA MET E 187 -7.74 -36.50 -44.56
C MET E 187 -6.48 -36.61 -43.71
N ALA E 188 -6.64 -37.15 -42.51
CA ALA E 188 -5.52 -37.33 -41.59
C ALA E 188 -4.53 -38.35 -42.15
N GLU E 189 -5.05 -39.39 -42.78
CA GLU E 189 -4.22 -40.42 -43.38
C GLU E 189 -3.63 -39.95 -44.70
N GLY E 190 -4.21 -38.88 -45.26
CA GLY E 190 -3.73 -38.32 -46.50
C GLY E 190 -4.44 -38.91 -47.71
N SER E 191 -5.72 -39.23 -47.55
CA SER E 191 -6.50 -39.85 -48.61
C SER E 191 -7.12 -38.81 -49.53
N LEU E 192 -7.83 -37.85 -48.94
CA LEU E 192 -8.52 -36.83 -49.73
C LEU E 192 -7.77 -35.50 -49.71
N ARG E 193 -7.37 -35.04 -50.89
CA ARG E 193 -6.65 -33.78 -51.01
C ARG E 193 -7.32 -32.87 -52.03
N CYS E 194 -6.96 -31.59 -52.03
CA CYS E 194 -7.57 -30.65 -52.96
C CYS E 194 -6.75 -29.39 -53.19
N ASP E 195 -7.02 -28.71 -54.30
CA ASP E 195 -6.38 -27.44 -54.64
C ASP E 195 -7.49 -26.43 -54.99
N CYS E 196 -7.18 -25.13 -54.90
CA CYS E 196 -8.20 -24.12 -55.14
C CYS E 196 -7.79 -23.08 -56.19
N ASN E 197 -8.61 -22.93 -57.23
CA ASN E 197 -8.37 -21.92 -58.26
C ASN E 197 -9.19 -20.66 -58.05
N VAL E 198 -8.73 -19.80 -57.12
CA VAL E 198 -9.47 -18.61 -56.75
C VAL E 198 -9.09 -17.39 -57.60
N SER E 199 -10.10 -16.68 -58.09
CA SER E 199 -9.88 -15.46 -58.86
C SER E 199 -11.02 -14.47 -58.61
N VAL E 200 -10.68 -13.27 -58.16
CA VAL E 200 -11.68 -12.27 -57.84
C VAL E 200 -11.84 -11.23 -58.94
N ARG E 201 -13.00 -10.58 -58.98
CA ARG E 201 -13.27 -9.56 -59.98
C ARG E 201 -14.28 -8.53 -59.49
N PRO E 202 -14.01 -7.25 -59.74
CA PRO E 202 -14.96 -6.18 -59.41
C PRO E 202 -16.23 -6.28 -60.26
N LYS E 203 -17.39 -6.24 -59.62
CA LYS E 203 -18.66 -6.34 -60.33
C LYS E 203 -18.86 -5.18 -61.29
N GLY E 204 -19.15 -5.49 -62.55
CA GLY E 204 -19.35 -4.47 -63.56
C GLY E 204 -18.41 -4.57 -64.74
N GLN E 205 -17.15 -4.87 -64.45
CA GLN E 205 -16.14 -5.02 -65.50
C GLN E 205 -15.79 -6.49 -65.74
N ALA E 206 -15.84 -6.91 -66.99
CA ALA E 206 -15.49 -8.26 -67.39
C ALA E 206 -13.99 -8.52 -67.23
N GLU E 207 -13.23 -7.47 -66.98
CA GLU E 207 -11.80 -7.60 -66.73
C GLU E 207 -11.65 -8.16 -65.32
N PHE E 208 -10.55 -8.87 -65.07
CA PHE E 208 -10.35 -9.47 -63.75
C PHE E 208 -8.87 -9.73 -63.44
N GLY E 209 -8.61 -10.11 -62.20
CA GLY E 209 -7.26 -10.45 -61.78
C GLY E 209 -6.92 -11.85 -62.22
N THR E 210 -5.62 -12.14 -62.33
CA THR E 210 -5.17 -13.47 -62.74
C THR E 210 -5.62 -14.53 -61.75
N ARG E 211 -5.83 -15.74 -62.25
CA ARG E 211 -6.28 -16.85 -61.40
C ARG E 211 -5.14 -17.34 -60.52
N ALA E 212 -5.47 -17.70 -59.29
CA ALA E 212 -4.47 -18.19 -58.36
C ALA E 212 -4.80 -19.60 -57.90
N GLU E 213 -3.91 -20.53 -58.24
CA GLU E 213 -4.09 -21.93 -57.85
C GLU E 213 -3.27 -22.23 -56.61
N ILE E 214 -3.94 -22.24 -55.46
CA ILE E 214 -3.31 -22.60 -54.21
C ILE E 214 -3.41 -24.11 -54.00
N LYS E 215 -2.25 -24.77 -53.95
CA LYS E 215 -2.19 -26.22 -53.86
C LYS E 215 -1.99 -26.70 -52.43
N ASN E 216 -2.16 -28.01 -52.25
CA ASN E 216 -1.96 -28.67 -50.96
C ASN E 216 -2.71 -28.02 -49.81
N VAL E 217 -4.02 -28.25 -49.77
CA VAL E 217 -4.86 -27.77 -48.68
C VAL E 217 -5.50 -28.94 -47.97
N ASN E 218 -5.22 -29.08 -46.66
CA ASN E 218 -5.69 -30.21 -45.89
C ASN E 218 -7.11 -30.07 -45.36
N SER E 219 -7.22 -29.58 -44.12
CA SER E 219 -8.51 -29.51 -43.43
C SER E 219 -9.45 -28.47 -44.02
N PHE E 220 -10.72 -28.56 -43.66
CA PHE E 220 -11.74 -27.63 -44.13
C PHE E 220 -11.47 -26.22 -43.61
N ARG E 221 -11.03 -26.15 -42.35
CA ARG E 221 -10.66 -24.89 -41.73
C ARG E 221 -9.54 -24.21 -42.51
N PHE E 222 -8.54 -25.00 -42.87
CA PHE E 222 -7.42 -24.51 -43.68
C PHE E 222 -7.93 -23.99 -45.02
N ILE E 223 -8.85 -24.73 -45.62
CA ILE E 223 -9.46 -24.35 -46.89
C ILE E 223 -10.12 -22.98 -46.79
N GLU E 224 -11.01 -22.84 -45.83
CA GLU E 224 -11.75 -21.59 -45.62
C GLU E 224 -10.81 -20.41 -45.36
N LYS E 225 -9.93 -20.55 -44.38
CA LYS E 225 -9.02 -19.47 -44.00
C LYS E 225 -8.10 -19.07 -45.16
N ALA E 226 -7.57 -20.06 -45.86
CA ALA E 226 -6.67 -19.80 -46.99
C ALA E 226 -7.40 -19.11 -48.13
N ILE E 227 -8.59 -19.59 -48.46
CA ILE E 227 -9.38 -19.00 -49.53
C ILE E 227 -9.73 -17.54 -49.23
N ASN E 228 -10.15 -17.28 -47.99
CA ASN E 228 -10.43 -15.90 -47.58
C ASN E 228 -9.20 -15.01 -47.67
N HIS E 229 -8.11 -15.45 -47.04
CA HIS E 229 -6.87 -14.68 -46.98
C HIS E 229 -6.20 -14.53 -48.34
N GLU E 230 -6.65 -15.32 -49.31
CA GLU E 230 -6.16 -15.19 -50.69
C GLU E 230 -7.04 -14.23 -51.47
N ILE E 231 -8.34 -14.33 -51.24
CA ILE E 231 -9.33 -13.45 -51.86
C ILE E 231 -9.04 -11.99 -51.51
N GLN E 232 -8.88 -11.72 -50.21
CA GLN E 232 -8.62 -10.36 -49.77
C GLN E 232 -7.29 -9.83 -50.32
N ARG E 233 -6.32 -10.72 -50.43
CA ARG E 233 -5.01 -10.38 -50.98
C ARG E 233 -5.14 -9.94 -52.43
N GLN E 234 -5.88 -10.72 -53.22
CA GLN E 234 -6.11 -10.40 -54.62
C GLN E 234 -6.89 -9.10 -54.75
N ILE E 235 -7.83 -8.88 -53.84
CA ILE E 235 -8.58 -7.63 -53.79
C ILE E 235 -7.65 -6.44 -53.61
N GLU E 236 -6.73 -6.55 -52.65
CA GLU E 236 -5.73 -5.49 -52.45
C GLU E 236 -4.87 -5.30 -53.70
N LEU E 237 -4.45 -6.41 -54.30
CA LEU E 237 -3.59 -6.39 -55.47
C LEU E 237 -4.23 -5.68 -56.66
N ILE E 238 -5.52 -5.92 -56.87
CA ILE E 238 -6.23 -5.28 -57.97
C ILE E 238 -6.57 -3.82 -57.62
N GLU E 239 -6.81 -3.55 -56.34
CA GLU E 239 -7.08 -2.18 -55.90
C GLU E 239 -5.87 -1.28 -56.13
N ASP E 240 -4.69 -1.81 -55.81
CA ASP E 240 -3.45 -1.05 -55.98
C ASP E 240 -3.01 -1.05 -57.44
N GLY E 241 -3.47 -2.04 -58.18
CA GLY E 241 -3.05 -2.23 -59.56
C GLY E 241 -1.84 -3.14 -59.62
N GLY E 242 -0.66 -2.53 -59.50
CA GLY E 242 0.60 -3.27 -59.45
C GLY E 242 0.78 -4.29 -60.55
N LYS E 243 1.13 -5.51 -60.16
CA LYS E 243 1.34 -6.59 -61.12
C LYS E 243 0.48 -7.81 -60.81
N VAL E 244 -0.53 -8.03 -61.63
CA VAL E 244 -1.38 -9.20 -61.46
C VAL E 244 -0.78 -10.38 -62.24
N VAL E 245 -0.07 -11.24 -61.51
CA VAL E 245 0.66 -12.34 -62.12
C VAL E 245 0.05 -13.69 -61.75
N GLN E 246 0.11 -14.65 -62.67
CA GLN E 246 -0.39 -15.98 -62.41
C GLN E 246 0.66 -16.84 -61.71
N GLU E 247 0.35 -17.23 -60.48
CA GLU E 247 1.27 -18.05 -59.70
C GLU E 247 0.55 -19.17 -58.94
N THR E 248 1.34 -20.16 -58.54
CA THR E 248 0.86 -21.27 -57.74
C THR E 248 1.24 -21.03 -56.29
N ARG E 249 0.27 -20.60 -55.48
CA ARG E 249 0.53 -20.20 -54.11
C ARG E 249 0.39 -21.37 -53.15
N LEU E 250 0.87 -21.18 -51.92
CA LEU E 250 0.76 -22.20 -50.89
C LEU E 250 0.32 -21.58 -49.57
N TYR E 251 -0.19 -22.40 -48.66
CA TYR E 251 -0.70 -21.91 -47.39
C TYR E 251 -0.14 -22.68 -46.20
N ASP E 252 0.38 -21.94 -45.22
CA ASP E 252 0.84 -22.54 -43.97
C ASP E 252 -0.05 -22.09 -42.82
N PRO E 253 -0.65 -23.07 -42.11
CA PRO E 253 -1.60 -22.81 -41.02
C PRO E 253 -1.00 -22.13 -39.80
N ASN E 254 0.33 -22.06 -39.72
CA ASN E 254 0.99 -21.47 -38.56
C ASN E 254 0.88 -19.94 -38.53
N LYS E 255 1.08 -19.31 -39.68
CA LYS E 255 1.04 -17.84 -39.77
C LYS E 255 -0.14 -17.37 -40.61
N ASP E 256 -0.85 -18.33 -41.21
CA ASP E 256 -2.03 -18.05 -42.03
C ASP E 256 -1.77 -17.10 -43.20
N GLU E 257 -0.57 -17.14 -43.75
CA GLU E 257 -0.23 -16.30 -44.89
C GLU E 257 -0.01 -17.14 -46.15
N THR E 258 -0.20 -16.52 -47.32
CA THR E 258 -0.02 -17.21 -48.59
C THR E 258 1.31 -16.79 -49.23
N ARG E 259 2.18 -17.77 -49.45
CA ARG E 259 3.50 -17.52 -50.02
C ARG E 259 3.63 -18.17 -51.40
N SER E 260 4.41 -17.55 -52.29
CA SER E 260 4.61 -18.09 -53.62
C SER E 260 5.88 -18.94 -53.65
N MET E 261 5.72 -20.24 -53.88
CA MET E 261 6.85 -21.15 -53.93
C MET E 261 7.57 -21.07 -55.29
N ARG E 262 6.82 -21.18 -56.37
CA ARG E 262 7.40 -21.10 -57.71
C ARG E 262 6.59 -20.17 -58.59
N GLY E 263 7.28 -19.34 -59.38
CA GLY E 263 6.61 -18.45 -60.31
C GLY E 263 6.44 -19.07 -61.68
N LYS E 264 5.20 -19.14 -62.14
CA LYS E 264 4.90 -19.74 -63.43
C LYS E 264 5.13 -18.73 -64.55
N GLU E 265 6.29 -18.81 -65.18
CA GLU E 265 6.64 -17.91 -66.27
C GLU E 265 5.85 -18.25 -67.54
N GLU E 266 5.55 -19.53 -67.70
CA GLU E 266 4.81 -20.01 -68.85
C GLU E 266 4.17 -21.37 -68.57
N ALA E 267 3.26 -21.79 -69.43
CA ALA E 267 2.56 -23.06 -69.27
C ALA E 267 3.49 -24.26 -69.34
N ASN E 268 3.56 -24.99 -68.22
CA ASN E 268 4.43 -26.16 -68.11
C ASN E 268 4.07 -27.23 -69.14
N ASP E 269 5.03 -27.57 -70.00
CA ASP E 269 4.81 -28.57 -71.03
C ASP E 269 5.13 -29.98 -70.55
N TYR E 270 4.09 -30.70 -70.14
CA TYR E 270 4.24 -32.05 -69.64
C TYR E 270 4.36 -33.05 -70.80
N ARG E 271 4.14 -32.55 -72.01
CA ARG E 271 4.21 -33.37 -73.22
C ARG E 271 3.25 -34.54 -73.13
N TYR E 272 1.96 -34.25 -73.28
CA TYR E 272 0.92 -35.26 -73.20
C TYR E 272 0.78 -36.03 -74.51
N PHE E 273 0.58 -37.34 -74.38
CA PHE E 273 0.34 -38.22 -75.52
C PHE E 273 -0.19 -39.56 -75.03
N PRO E 274 -1.05 -40.21 -75.83
CA PRO E 274 -1.64 -41.51 -75.48
C PRO E 274 -0.59 -42.55 -75.12
N CYS E 275 -0.76 -43.21 -73.98
CA CYS E 275 0.18 -44.22 -73.52
C CYS E 275 0.16 -45.45 -74.41
N PRO E 276 1.32 -45.81 -74.98
CA PRO E 276 1.44 -46.93 -75.92
C PRO E 276 1.29 -48.28 -75.23
N ASP E 277 1.49 -48.31 -73.91
CA ASP E 277 1.38 -49.55 -73.16
C ASP E 277 -0.07 -49.85 -72.83
N LEU E 278 -0.85 -48.81 -72.60
CA LEU E 278 -2.25 -48.95 -72.22
C LEU E 278 -3.20 -48.66 -73.37
N LEU E 279 -4.03 -49.63 -73.71
CA LEU E 279 -5.04 -49.47 -74.76
C LEU E 279 -6.28 -48.79 -74.19
N PRO E 280 -7.02 -48.05 -75.04
CA PRO E 280 -8.21 -47.34 -74.57
C PRO E 280 -9.29 -48.28 -74.03
N VAL E 281 -9.70 -48.08 -72.79
CA VAL E 281 -10.73 -48.90 -72.17
C VAL E 281 -12.12 -48.46 -72.62
N VAL E 282 -12.92 -49.41 -73.08
CA VAL E 282 -14.26 -49.12 -73.58
C VAL E 282 -15.33 -49.47 -72.55
N ILE E 283 -16.00 -48.45 -72.04
CA ILE E 283 -17.08 -48.67 -71.08
C ILE E 283 -18.45 -48.61 -71.78
N GLU E 284 -19.05 -49.78 -71.93
CA GLU E 284 -20.35 -49.92 -72.61
C GLU E 284 -21.52 -49.66 -71.66
N PRO E 285 -22.69 -49.29 -72.21
CA PRO E 285 -23.88 -48.98 -71.41
C PRO E 285 -24.39 -50.13 -70.54
N GLU E 286 -23.92 -51.35 -70.75
CA GLU E 286 -24.33 -52.47 -69.91
C GLU E 286 -23.68 -52.38 -68.53
N TYR E 287 -22.40 -52.00 -68.51
CA TYR E 287 -21.68 -51.74 -67.27
C TYR E 287 -22.47 -50.73 -66.44
N LEU E 288 -22.85 -49.65 -67.09
CA LEU E 288 -23.62 -48.58 -66.45
C LEU E 288 -25.01 -49.08 -66.05
N ALA E 289 -25.55 -50.04 -66.80
CA ALA E 289 -26.87 -50.58 -66.52
C ALA E 289 -26.85 -51.39 -65.22
N LYS E 290 -25.78 -52.14 -65.00
CA LYS E 290 -25.65 -52.93 -63.77
C LYS E 290 -25.30 -52.02 -62.59
N LEU E 291 -24.40 -51.08 -62.85
CA LEU E 291 -23.93 -50.14 -61.82
C LEU E 291 -25.05 -49.23 -61.35
N ARG E 292 -25.99 -48.93 -62.25
CA ARG E 292 -27.14 -48.11 -61.89
C ARG E 292 -27.99 -48.84 -60.84
N GLU E 293 -28.08 -50.16 -60.98
CA GLU E 293 -28.75 -50.98 -60.00
C GLU E 293 -27.92 -51.13 -58.73
N GLN E 294 -26.61 -51.08 -58.87
CA GLN E 294 -25.73 -51.17 -57.70
C GLN E 294 -25.65 -49.86 -56.92
N LEU E 295 -26.12 -48.77 -57.52
CA LEU E 295 -26.06 -47.45 -56.90
C LEU E 295 -26.82 -47.37 -55.58
N PRO E 296 -26.14 -46.92 -54.51
CA PRO E 296 -26.73 -46.69 -53.19
C PRO E 296 -27.52 -45.38 -53.14
N GLU E 297 -28.33 -45.20 -52.11
CA GLU E 297 -29.12 -43.98 -51.96
C GLU E 297 -28.26 -42.81 -51.52
N LEU E 298 -28.33 -41.71 -52.27
CA LEU E 298 -27.55 -40.51 -51.99
C LEU E 298 -27.90 -39.89 -50.65
N PRO E 299 -26.88 -39.45 -49.89
CA PRO E 299 -27.04 -38.86 -48.55
C PRO E 299 -27.88 -37.59 -48.54
N VAL E 300 -27.64 -36.72 -49.51
CA VAL E 300 -28.36 -35.45 -49.62
C VAL E 300 -29.85 -35.68 -49.75
N GLN E 301 -30.22 -36.76 -50.44
CA GLN E 301 -31.61 -37.14 -50.60
C GLN E 301 -32.07 -38.06 -49.47
N LYS E 302 -31.09 -38.62 -48.75
CA LYS E 302 -31.37 -39.53 -47.64
C LYS E 302 -31.86 -38.73 -46.43
N ARG E 303 -31.25 -37.57 -46.21
CA ARG E 303 -31.67 -36.69 -45.12
C ARG E 303 -33.02 -36.05 -45.44
N GLU E 304 -33.27 -35.81 -46.73
CA GLU E 304 -34.56 -35.29 -47.16
C GLU E 304 -35.62 -36.36 -47.04
N ARG E 305 -35.20 -37.63 -47.18
CA ARG E 305 -36.09 -38.75 -46.93
C ARG E 305 -36.35 -38.90 -45.44
N PHE E 306 -35.41 -38.45 -44.64
CA PHE E 306 -35.58 -38.46 -43.19
C PHE E 306 -36.44 -37.29 -42.71
N GLU E 307 -36.53 -36.25 -43.52
CA GLU E 307 -37.37 -35.10 -43.19
C GLU E 307 -38.81 -35.26 -43.69
N SER E 308 -38.95 -35.76 -44.92
CA SER E 308 -40.23 -35.79 -45.60
C SER E 308 -41.20 -36.83 -45.05
N GLN E 309 -40.89 -38.10 -45.25
CA GLN E 309 -41.82 -39.18 -44.97
C GLN E 309 -41.92 -39.45 -43.47
N TYR E 310 -40.77 -39.55 -42.81
CA TYR E 310 -40.73 -39.76 -41.38
C TYR E 310 -40.60 -38.43 -40.66
N GLY E 311 -41.39 -38.24 -39.60
CA GLY E 311 -41.36 -37.01 -38.85
C GLY E 311 -40.03 -36.79 -38.14
N LEU E 312 -39.30 -35.76 -38.56
CA LEU E 312 -37.99 -35.49 -38.00
C LEU E 312 -37.54 -34.05 -38.28
N SER E 313 -36.62 -33.56 -37.45
CA SER E 313 -36.06 -32.22 -37.64
C SER E 313 -34.83 -32.30 -38.53
N ALA E 314 -34.39 -31.15 -39.03
CA ALA E 314 -33.25 -31.07 -39.94
C ALA E 314 -31.94 -31.57 -39.32
N TYR E 315 -31.64 -31.10 -38.12
CA TYR E 315 -30.39 -31.42 -37.44
C TYR E 315 -30.17 -32.92 -37.24
N ASP E 316 -31.09 -33.54 -36.50
CA ASP E 316 -30.96 -34.96 -36.18
C ASP E 316 -31.03 -35.81 -37.44
N ALA E 317 -31.82 -35.39 -38.43
CA ALA E 317 -31.90 -36.13 -39.68
C ALA E 317 -30.56 -36.11 -40.42
N SER E 318 -29.93 -34.95 -40.45
CA SER E 318 -28.63 -34.80 -41.10
C SER E 318 -27.55 -35.62 -40.40
N VAL E 319 -27.43 -35.43 -39.10
CA VAL E 319 -26.38 -36.12 -38.33
C VAL E 319 -26.64 -37.63 -38.29
N LEU E 320 -27.89 -38.02 -38.52
CA LEU E 320 -28.24 -39.43 -38.62
C LEU E 320 -27.87 -39.97 -39.99
N SER E 321 -27.98 -39.11 -41.00
CA SER E 321 -27.61 -39.48 -42.37
C SER E 321 -26.15 -39.12 -42.65
N ALA E 322 -25.39 -38.94 -41.58
CA ALA E 322 -23.96 -38.66 -41.69
C ALA E 322 -23.18 -39.85 -42.26
N SER E 323 -23.76 -41.05 -42.16
CA SER E 323 -23.13 -42.25 -42.70
C SER E 323 -24.15 -43.31 -43.07
N ARG E 324 -23.80 -44.16 -44.04
CA ARG E 324 -24.70 -45.19 -44.53
C ARG E 324 -24.98 -46.27 -43.48
N GLU E 325 -23.95 -46.64 -42.73
CA GLU E 325 -24.08 -47.67 -41.69
C GLU E 325 -25.09 -47.22 -40.63
N MET E 326 -24.91 -45.99 -40.14
CA MET E 326 -25.81 -45.42 -39.14
C MET E 326 -27.22 -45.26 -39.69
N ALA E 327 -27.32 -44.86 -40.95
CA ALA E 327 -28.61 -44.65 -41.59
C ALA E 327 -29.41 -45.95 -41.68
N ASP E 328 -28.74 -47.00 -42.14
CA ASP E 328 -29.38 -48.31 -42.26
C ASP E 328 -29.71 -48.87 -40.87
N TYR E 329 -28.76 -48.74 -39.94
CA TYR E 329 -28.96 -49.19 -38.57
C TYR E 329 -30.19 -48.54 -37.93
N PHE E 330 -30.37 -47.24 -38.18
CA PHE E 330 -31.52 -46.54 -37.62
C PHE E 330 -32.82 -46.88 -38.34
N GLU E 331 -32.77 -46.90 -39.66
CA GLU E 331 -33.96 -47.18 -40.47
C GLU E 331 -34.46 -48.59 -40.20
N LYS E 332 -33.56 -49.47 -39.80
CA LYS E 332 -33.93 -50.82 -39.40
C LYS E 332 -34.82 -50.79 -38.16
N VAL E 333 -34.36 -50.07 -37.13
CA VAL E 333 -35.12 -49.95 -35.89
C VAL E 333 -36.44 -49.21 -36.09
N GLN E 334 -36.40 -48.19 -36.94
CA GLN E 334 -37.60 -47.43 -37.27
C GLN E 334 -38.64 -48.24 -38.05
N GLY E 335 -38.18 -49.04 -39.01
CA GLY E 335 -39.09 -49.87 -39.77
C GLY E 335 -39.62 -51.07 -39.00
N ILE E 336 -38.81 -51.63 -38.11
CA ILE E 336 -39.25 -52.76 -37.32
C ILE E 336 -40.21 -52.46 -36.16
N CYS E 337 -39.94 -51.41 -35.39
CA CYS E 337 -40.79 -51.08 -34.24
C CYS E 337 -40.76 -49.63 -33.73
N GLY E 338 -39.63 -49.25 -33.16
CA GLY E 338 -39.47 -47.97 -32.50
C GLY E 338 -39.82 -46.67 -33.18
N ASP E 339 -40.45 -45.79 -32.41
CA ASP E 339 -40.90 -44.48 -32.87
C ASP E 339 -39.72 -43.68 -33.37
N ALA E 340 -39.87 -43.04 -34.53
CA ALA E 340 -38.78 -42.35 -35.22
C ALA E 340 -37.91 -41.47 -34.33
N LYS E 341 -38.53 -40.45 -33.72
CA LYS E 341 -37.82 -39.49 -32.90
C LYS E 341 -37.11 -40.15 -31.71
N LEU E 342 -37.79 -41.10 -31.09
CA LEU E 342 -37.26 -41.74 -29.89
C LEU E 342 -36.18 -42.76 -30.21
N ALA E 343 -36.39 -43.53 -31.28
CA ALA E 343 -35.40 -44.51 -31.72
C ALA E 343 -34.12 -43.80 -32.14
N ALA E 344 -34.26 -42.79 -33.00
CA ALA E 344 -33.12 -41.99 -33.42
C ALA E 344 -32.43 -41.37 -32.22
N ASN E 345 -33.24 -40.87 -31.28
CA ASN E 345 -32.71 -40.30 -30.04
C ASN E 345 -31.79 -41.25 -29.28
N TRP E 346 -32.29 -42.46 -29.07
CA TRP E 346 -31.55 -43.48 -28.34
C TRP E 346 -30.27 -43.86 -29.08
N VAL E 347 -30.35 -43.93 -30.41
CA VAL E 347 -29.17 -44.26 -31.20
C VAL E 347 -28.09 -43.19 -31.04
N MET E 348 -28.52 -41.93 -31.13
CA MET E 348 -27.59 -40.79 -31.06
C MET E 348 -26.91 -40.77 -29.72
N VAL E 349 -27.68 -40.68 -28.64
CA VAL E 349 -27.08 -40.41 -27.35
C VAL E 349 -26.34 -41.65 -26.88
N GLU E 350 -27.02 -42.80 -26.86
CA GLU E 350 -26.43 -44.01 -26.31
C GLU E 350 -25.28 -44.54 -27.17
N LEU E 351 -25.53 -44.78 -28.45
CA LEU E 351 -24.45 -45.32 -29.28
C LEU E 351 -23.35 -44.29 -29.41
N GLY E 352 -23.70 -43.00 -29.40
CA GLY E 352 -22.67 -41.98 -29.42
C GLY E 352 -21.79 -42.10 -28.19
N SER E 353 -22.42 -42.46 -27.07
CA SER E 353 -21.71 -42.60 -25.80
C SER E 353 -20.74 -43.77 -25.78
N LEU E 354 -21.17 -44.96 -26.20
CA LEU E 354 -20.23 -46.08 -26.19
C LEU E 354 -19.21 -46.03 -27.34
N LEU E 355 -19.65 -45.54 -28.49
CA LEU E 355 -18.76 -45.35 -29.66
C LEU E 355 -17.74 -44.24 -29.48
N ASN E 356 -17.99 -43.28 -28.59
CA ASN E 356 -16.96 -42.27 -28.36
C ASN E 356 -15.88 -42.86 -27.47
N LYS E 357 -16.29 -43.78 -26.60
CA LYS E 357 -15.40 -44.51 -25.72
C LYS E 357 -14.49 -45.48 -26.46
N ASP E 358 -15.10 -46.41 -27.21
CA ASP E 358 -14.34 -47.41 -27.94
C ASP E 358 -13.89 -46.99 -29.34
N GLY E 359 -14.57 -45.99 -29.90
CA GLY E 359 -14.33 -45.52 -31.26
C GLY E 359 -14.15 -46.63 -32.26
N LEU E 360 -15.21 -47.40 -32.46
CA LEU E 360 -15.16 -48.51 -33.40
C LEU E 360 -15.39 -48.02 -34.83
N GLU E 361 -14.63 -48.57 -35.76
CA GLU E 361 -14.68 -48.17 -37.16
C GLU E 361 -16.07 -48.37 -37.75
N ILE E 362 -16.69 -49.51 -37.44
CA ILE E 362 -18.05 -49.80 -37.90
C ILE E 362 -19.00 -50.04 -36.74
N GLU E 363 -20.16 -49.39 -36.80
CA GLU E 363 -21.14 -49.43 -35.72
C GLU E 363 -21.93 -50.73 -35.66
N GLN E 364 -21.53 -51.73 -36.43
CA GLN E 364 -22.17 -53.04 -36.39
C GLN E 364 -21.55 -53.92 -35.30
N SER E 365 -20.39 -53.52 -34.83
CA SER E 365 -19.62 -54.32 -33.87
C SER E 365 -20.18 -54.38 -32.43
N PRO E 366 -20.42 -53.22 -31.80
CA PRO E 366 -20.75 -53.33 -30.37
C PRO E 366 -22.18 -53.78 -30.03
N VAL E 367 -23.19 -53.15 -30.63
CA VAL E 367 -24.58 -53.48 -30.31
C VAL E 367 -25.46 -53.62 -31.56
N SER E 368 -26.26 -54.68 -31.58
CA SER E 368 -27.12 -54.96 -32.73
C SER E 368 -28.44 -54.19 -32.66
N ALA E 369 -29.07 -54.01 -33.81
CA ALA E 369 -30.32 -53.27 -33.92
C ALA E 369 -31.52 -54.05 -33.37
N GLU E 370 -31.42 -55.37 -33.39
CA GLU E 370 -32.48 -56.24 -32.89
C GLU E 370 -32.65 -56.08 -31.39
N GLN E 371 -31.58 -55.71 -30.71
CA GLN E 371 -31.61 -55.52 -29.26
C GLN E 371 -32.34 -54.23 -28.90
N LEU E 372 -32.00 -53.13 -29.57
CA LEU E 372 -32.68 -51.86 -29.31
C LEU E 372 -34.14 -51.96 -29.76
N GLY E 373 -34.36 -52.71 -30.84
CA GLY E 373 -35.70 -52.95 -31.35
C GLY E 373 -36.54 -53.72 -30.35
N GLY E 374 -35.94 -54.73 -29.74
CA GLY E 374 -36.61 -55.51 -28.71
C GLY E 374 -36.84 -54.69 -27.46
N MET E 375 -35.92 -53.77 -27.19
CA MET E 375 -36.03 -52.89 -26.04
C MET E 375 -37.22 -51.97 -26.18
N ILE E 376 -37.34 -51.29 -27.31
CA ILE E 376 -38.44 -50.37 -27.53
C ILE E 376 -39.75 -51.13 -27.70
N LEU E 377 -39.67 -52.33 -28.28
CA LEU E 377 -40.83 -53.22 -28.37
C LEU E 377 -41.36 -53.57 -26.99
N ARG E 378 -40.46 -53.83 -26.04
CA ARG E 378 -40.86 -54.17 -24.69
C ARG E 378 -41.33 -52.95 -23.91
N ILE E 379 -40.78 -51.79 -24.23
CA ILE E 379 -41.10 -50.55 -23.54
C ILE E 379 -42.46 -50.01 -23.99
N LYS E 380 -42.85 -50.32 -25.22
CA LYS E 380 -44.08 -49.75 -25.78
C LYS E 380 -45.35 -50.55 -25.49
N ASP E 381 -45.36 -51.84 -25.82
CA ASP E 381 -46.60 -52.62 -25.71
C ASP E 381 -46.78 -53.22 -24.31
N ASN E 382 -45.86 -54.08 -23.90
CA ASN E 382 -45.96 -54.79 -22.63
C ASN E 382 -46.08 -53.84 -21.44
N THR E 383 -45.33 -52.73 -21.52
CA THR E 383 -45.35 -51.74 -20.44
C THR E 383 -45.60 -50.34 -21.01
N ILE E 384 -45.92 -49.40 -20.11
CA ILE E 384 -46.15 -48.02 -20.51
C ILE E 384 -44.80 -47.31 -20.66
N SER E 385 -44.82 -46.09 -21.17
CA SER E 385 -43.56 -45.35 -21.35
C SER E 385 -43.25 -44.51 -20.11
N GLY E 386 -42.00 -44.55 -19.68
CA GLY E 386 -41.57 -43.79 -18.52
C GLY E 386 -40.36 -44.37 -17.82
N LYS E 387 -40.58 -44.84 -16.60
CA LYS E 387 -39.53 -45.39 -15.76
C LYS E 387 -39.01 -46.76 -16.22
N LEU E 388 -39.85 -47.49 -16.94
CA LEU E 388 -39.51 -48.84 -17.37
C LEU E 388 -38.34 -48.86 -18.36
N ALA E 389 -38.15 -47.73 -19.03
CA ALA E 389 -37.05 -47.56 -19.98
C ALA E 389 -35.72 -47.49 -19.24
N LYS E 390 -35.74 -46.80 -18.10
CA LYS E 390 -34.56 -46.47 -17.32
C LYS E 390 -33.73 -47.69 -16.92
N MET E 391 -34.40 -48.79 -16.56
CA MET E 391 -33.69 -49.97 -16.06
C MET E 391 -33.00 -50.71 -17.20
N VAL E 392 -33.70 -50.85 -18.33
CA VAL E 392 -33.17 -51.54 -19.48
C VAL E 392 -32.04 -50.73 -20.09
N PHE E 393 -32.14 -49.41 -19.93
CA PHE E 393 -31.14 -48.47 -20.43
C PHE E 393 -29.71 -48.75 -19.97
N GLU E 394 -29.53 -49.06 -18.69
CA GLU E 394 -28.18 -49.36 -18.20
C GLU E 394 -27.72 -50.76 -18.62
N ALA E 395 -28.56 -51.74 -18.34
CA ALA E 395 -28.23 -53.16 -18.54
C ALA E 395 -27.94 -53.53 -19.99
N MET E 396 -28.75 -53.01 -20.90
CA MET E 396 -28.58 -53.34 -22.31
C MET E 396 -27.25 -52.77 -22.80
N ALA E 397 -26.92 -51.58 -22.34
CA ALA E 397 -25.69 -50.93 -22.75
C ALA E 397 -24.44 -51.64 -22.21
N ASN E 398 -24.41 -51.89 -20.90
CA ASN E 398 -23.20 -52.46 -20.30
C ASN E 398 -22.95 -53.94 -20.62
N GLY E 399 -23.82 -54.81 -20.13
CA GLY E 399 -23.60 -56.23 -20.22
C GLY E 399 -24.53 -57.03 -21.11
N GLU E 400 -25.44 -57.77 -20.48
CA GLU E 400 -26.33 -58.69 -21.18
C GLU E 400 -27.22 -58.00 -22.21
N GLY E 401 -27.67 -58.77 -23.19
CA GLY E 401 -28.53 -58.26 -24.24
C GLY E 401 -29.90 -58.91 -24.27
N SER E 402 -30.63 -58.83 -23.16
CA SER E 402 -31.97 -59.40 -23.09
C SER E 402 -32.95 -58.42 -22.45
N ALA E 403 -34.13 -58.29 -23.06
CA ALA E 403 -35.15 -57.39 -22.56
C ALA E 403 -36.01 -58.06 -21.50
N UNK E 411 -41.93 -51.18 -12.88
CA UNK E 411 -42.96 -52.21 -12.89
C UNK E 411 -44.21 -51.76 -12.15
N UNK E 412 -44.02 -51.22 -10.94
CA UNK E 412 -45.12 -50.75 -10.12
C UNK E 412 -45.05 -49.23 -9.93
N UNK E 413 -46.22 -48.58 -9.99
CA UNK E 413 -46.30 -47.13 -9.84
C UNK E 413 -47.53 -46.72 -9.04
N UNK E 414 -47.71 -47.33 -7.87
CA UNK E 414 -48.88 -47.04 -7.04
C UNK E 414 -48.63 -45.97 -5.98
N UNK E 415 -48.87 -46.33 -4.72
CA UNK E 415 -48.77 -45.39 -3.59
C UNK E 415 -47.40 -45.37 -2.92
N UNK E 416 -46.53 -46.30 -3.28
CA UNK E 416 -45.24 -46.48 -2.61
C UNK E 416 -44.34 -45.23 -2.58
N UNK E 417 -44.44 -44.39 -3.61
CA UNK E 417 -43.59 -43.22 -3.71
C UNK E 417 -43.76 -42.23 -2.55
N UNK E 418 -44.98 -42.09 -2.05
CA UNK E 418 -45.24 -41.22 -0.90
C UNK E 418 -44.55 -41.76 0.35
N UNK E 419 -44.69 -43.07 0.56
CA UNK E 419 -44.11 -43.75 1.71
C UNK E 419 -42.59 -43.70 1.65
N UNK E 420 -42.04 -43.66 0.44
CA UNK E 420 -40.60 -43.56 0.28
C UNK E 420 -40.15 -42.11 0.49
N UNK E 421 -41.03 -41.17 0.16
CA UNK E 421 -40.70 -39.75 0.24
C UNK E 421 -40.73 -39.29 1.69
N UNK E 422 -41.51 -39.98 2.51
CA UNK E 422 -41.61 -39.63 3.92
C UNK E 422 -40.35 -40.09 4.63
N UNK E 423 -39.97 -41.35 4.40
CA UNK E 423 -38.75 -41.88 4.97
C UNK E 423 -37.53 -41.11 4.47
N UNK E 424 -37.56 -40.71 3.20
CA UNK E 424 -36.47 -39.94 2.60
C UNK E 424 -36.31 -38.53 3.18
N UNK E 425 -37.44 -37.84 3.40
CA UNK E 425 -37.40 -36.46 3.88
C UNK E 425 -36.79 -36.30 5.28
N UNK E 426 -36.80 -37.37 6.07
CA UNK E 426 -36.29 -37.30 7.45
C UNK E 426 -34.77 -37.46 7.52
N UNK E 427 -34.18 -38.06 6.49
CA UNK E 427 -32.74 -38.35 6.48
C UNK E 427 -31.90 -37.08 6.52
N UNK E 428 -31.96 -36.29 5.46
CA UNK E 428 -31.22 -35.03 5.41
C UNK E 428 -31.98 -33.91 6.12
N UNK E 429 -31.25 -32.89 6.57
CA UNK E 429 -31.84 -31.74 7.24
C UNK E 429 -32.61 -30.89 6.25
N UNK E 430 -33.73 -31.41 5.78
CA UNK E 430 -34.54 -30.74 4.76
C UNK E 430 -35.47 -29.70 5.36
N UNK E 431 -35.64 -29.74 6.68
CA UNK E 431 -36.53 -28.81 7.35
C UNK E 431 -36.07 -27.36 7.19
N UNK E 432 -34.75 -27.16 7.21
CA UNK E 432 -34.20 -25.82 7.09
C UNK E 432 -34.17 -25.38 5.63
N UNK E 433 -34.00 -26.35 4.73
CA UNK E 433 -33.91 -26.06 3.31
C UNK E 433 -35.28 -25.86 2.67
N UNK E 434 -36.34 -26.13 3.43
CA UNK E 434 -37.70 -26.02 2.88
C UNK E 434 -38.11 -24.55 2.77
N UNK E 435 -37.59 -23.73 3.68
CA UNK E 435 -37.96 -22.32 3.78
C UNK E 435 -37.65 -21.56 2.50
N UNK E 436 -36.42 -21.73 2.02
CA UNK E 436 -35.96 -21.07 0.80
C UNK E 436 -35.92 -22.03 -0.38
N UNK E 437 -36.20 -21.51 -1.57
CA UNK E 437 -36.29 -22.32 -2.78
C UNK E 437 -34.97 -23.02 -3.10
N UNK E 438 -33.95 -22.22 -3.44
CA UNK E 438 -32.62 -22.72 -3.77
C UNK E 438 -32.64 -23.84 -4.82
N UNK E 439 -32.09 -25.00 -4.46
CA UNK E 439 -32.09 -26.15 -5.36
C UNK E 439 -32.66 -27.38 -4.68
N UNK E 440 -33.59 -28.05 -5.34
CA UNK E 440 -34.28 -29.20 -4.77
C UNK E 440 -33.86 -30.51 -5.43
N UNK E 441 -32.65 -30.53 -5.99
CA UNK E 441 -32.13 -31.73 -6.63
C UNK E 441 -31.80 -32.79 -5.58
N UNK E 442 -31.34 -32.33 -4.42
CA UNK E 442 -30.99 -33.22 -3.31
C UNK E 442 -32.22 -33.98 -2.82
N UNK E 443 -33.38 -33.37 -3.00
CA UNK E 443 -34.64 -34.00 -2.61
C UNK E 443 -34.98 -35.17 -3.54
N UNK E 444 -34.75 -34.96 -4.84
CA UNK E 444 -34.98 -36.00 -5.82
C UNK E 444 -33.91 -37.09 -5.72
N UNK E 445 -32.76 -36.72 -5.15
CA UNK E 445 -31.64 -37.65 -4.99
C UNK E 445 -32.03 -38.87 -4.17
N UNK E 446 -32.54 -38.62 -2.97
CA UNK E 446 -32.92 -39.67 -2.04
C UNK E 446 -33.98 -40.59 -2.63
N UNK E 447 -34.94 -39.98 -3.34
CA UNK E 447 -36.01 -40.73 -3.99
C UNK E 447 -35.45 -41.62 -5.09
N UNK E 448 -34.50 -41.09 -5.85
CA UNK E 448 -33.88 -41.83 -6.94
C UNK E 448 -33.05 -43.00 -6.41
N UNK E 449 -32.40 -42.79 -5.28
CA UNK E 449 -31.56 -43.83 -4.67
C UNK E 449 -32.39 -44.89 -3.97
N UNK E 450 -33.55 -44.50 -3.47
CA UNK E 450 -34.46 -45.42 -2.78
C UNK E 450 -35.19 -46.33 -3.76
N UNK E 451 -35.49 -45.81 -4.95
CA UNK E 451 -36.23 -46.56 -5.95
C UNK E 451 -35.31 -47.48 -6.75
N UNK E 452 -34.00 -47.29 -6.60
CA UNK E 452 -33.03 -48.11 -7.31
C UNK E 452 -32.62 -49.32 -6.46
N UNK E 455 -40.85 -43.72 -11.57
CA UNK E 455 -41.91 -42.89 -11.02
C UNK E 455 -41.55 -41.41 -11.10
N UNK E 456 -40.61 -41.10 -11.98
CA UNK E 456 -40.10 -39.74 -12.23
C UNK E 456 -41.11 -38.63 -11.96
N UNK E 457 -42.12 -38.53 -12.82
CA UNK E 457 -43.14 -37.50 -12.73
C UNK E 457 -43.92 -37.58 -11.41
N UNK E 458 -44.17 -38.80 -10.95
CA UNK E 458 -44.89 -39.00 -9.70
C UNK E 458 -44.03 -38.60 -8.52
N UNK E 459 -42.73 -38.84 -8.62
CA UNK E 459 -41.79 -38.46 -7.58
C UNK E 459 -41.68 -36.94 -7.51
N UNK E 460 -41.72 -36.30 -8.68
CA UNK E 460 -41.66 -34.85 -8.76
C UNK E 460 -42.92 -34.23 -8.17
N UNK E 461 -44.07 -34.79 -8.50
CA UNK E 461 -45.34 -34.31 -7.98
C UNK E 461 -45.44 -34.49 -6.47
N UNK E 462 -45.01 -35.66 -5.99
CA UNK E 462 -45.05 -35.97 -4.57
C UNK E 462 -44.10 -35.09 -3.78
N UNK E 463 -42.90 -34.86 -4.31
CA UNK E 463 -41.92 -34.02 -3.67
C UNK E 463 -42.39 -32.57 -3.64
N UNK E 464 -43.00 -32.12 -4.73
CA UNK E 464 -43.52 -30.77 -4.82
C UNK E 464 -44.69 -30.56 -3.86
N UNK E 465 -45.49 -31.61 -3.69
CA UNK E 465 -46.63 -31.54 -2.78
C UNK E 465 -46.17 -31.57 -1.32
N UNK E 466 -45.13 -32.32 -1.04
CA UNK E 466 -44.61 -32.44 0.31
C UNK E 466 -43.81 -31.22 0.73
N UNK E 467 -43.21 -30.56 -0.26
CA UNK E 467 -42.39 -29.38 -0.01
C UNK E 467 -43.24 -28.22 0.52
N UNK E 468 -44.23 -27.81 -0.26
CA UNK E 468 -45.10 -26.71 0.12
C UNK E 468 -46.56 -27.07 -0.12
N MET F 9 11.43 -25.71 -88.34
CA MET F 9 11.97 -25.43 -89.66
C MET F 9 13.39 -24.91 -89.56
N ALA F 10 13.73 -24.35 -88.40
CA ALA F 10 15.08 -23.86 -88.13
C ALA F 10 15.35 -23.94 -86.63
N LEU F 11 16.62 -24.02 -86.26
CA LEU F 11 16.98 -24.13 -84.85
C LEU F 11 18.32 -23.50 -84.53
N GLU F 12 18.40 -22.91 -83.35
CA GLU F 12 19.64 -22.33 -82.84
C GLU F 12 20.12 -23.13 -81.63
N ARG F 13 21.28 -22.76 -81.09
CA ARG F 13 21.85 -23.48 -79.97
C ARG F 13 21.03 -23.30 -78.69
N SER F 14 20.27 -22.20 -78.61
CA SER F 14 19.48 -21.92 -77.42
C SER F 14 18.24 -22.81 -77.39
N ASP F 15 17.76 -23.20 -78.57
CA ASP F 15 16.64 -24.13 -78.68
C ASP F 15 17.05 -25.49 -78.15
N VAL F 16 18.21 -25.96 -78.61
CA VAL F 16 18.78 -27.21 -78.14
C VAL F 16 19.05 -27.11 -76.64
N GLU F 17 19.41 -25.92 -76.18
CA GLU F 17 19.66 -25.68 -74.77
C GLU F 17 18.39 -25.87 -73.92
N LYS F 18 17.29 -25.25 -74.33
CA LYS F 18 16.05 -25.38 -73.56
C LYS F 18 15.47 -26.79 -73.68
N ILE F 19 15.63 -27.43 -74.84
CA ILE F 19 15.22 -28.82 -74.98
C ILE F 19 16.02 -29.70 -74.03
N ALA F 20 17.31 -29.41 -73.90
CA ALA F 20 18.17 -30.13 -72.96
C ALA F 20 17.72 -29.91 -71.53
N HIS F 21 17.26 -28.70 -71.23
CA HIS F 21 16.75 -28.39 -69.90
C HIS F 21 15.44 -29.11 -69.61
N LEU F 22 14.64 -29.30 -70.66
CA LEU F 22 13.34 -29.96 -70.54
C LEU F 22 13.44 -31.45 -70.26
N ALA F 23 14.19 -32.16 -71.11
CA ALA F 23 14.32 -33.61 -71.00
C ALA F 23 15.42 -34.01 -70.01
N ARG F 24 16.02 -33.00 -69.38
CA ARG F 24 17.10 -33.20 -68.41
C ARG F 24 18.25 -34.02 -69.00
N LEU F 25 19.10 -33.35 -69.77
CA LEU F 25 20.26 -33.99 -70.36
C LEU F 25 21.50 -33.14 -70.16
N GLY F 26 22.62 -33.78 -69.83
CA GLY F 26 23.86 -33.06 -69.65
C GLY F 26 24.56 -32.83 -70.98
N LEU F 27 24.65 -31.57 -71.38
CA LEU F 27 25.31 -31.21 -72.63
C LEU F 27 26.30 -30.09 -72.40
N SER F 28 27.54 -30.30 -72.84
CA SER F 28 28.58 -29.30 -72.70
C SER F 28 28.63 -28.39 -73.92
N GLU F 29 29.48 -27.36 -73.87
CA GLU F 29 29.61 -26.43 -74.98
C GLU F 29 30.30 -27.06 -76.18
N ALA F 30 31.19 -28.02 -75.91
CA ALA F 30 31.94 -28.67 -76.98
C ALA F 30 31.07 -29.65 -77.75
N ASP F 31 30.07 -30.21 -77.07
CA ASP F 31 29.18 -31.19 -77.68
C ASP F 31 28.06 -30.48 -78.44
N LEU F 32 27.87 -29.21 -78.15
CA LEU F 32 26.76 -28.42 -78.70
C LEU F 32 26.70 -28.33 -80.24
N PRO F 33 27.81 -27.94 -80.91
CA PRO F 33 27.69 -27.70 -82.36
C PRO F 33 27.29 -28.95 -83.17
N ARG F 34 27.96 -30.07 -82.91
CA ARG F 34 27.69 -31.31 -83.61
C ARG F 34 26.24 -31.75 -83.38
N THR F 35 25.78 -31.63 -82.14
CA THR F 35 24.40 -31.97 -81.81
C THR F 35 23.40 -31.10 -82.56
N THR F 36 23.67 -29.79 -82.61
CA THR F 36 22.80 -28.88 -83.34
C THR F 36 22.73 -29.23 -84.82
N GLU F 37 23.90 -29.54 -85.40
CA GLU F 37 23.98 -29.91 -86.81
C GLU F 37 23.20 -31.20 -87.10
N THR F 38 23.49 -32.25 -86.34
CA THR F 38 22.82 -33.53 -86.51
C THR F 38 21.31 -33.43 -86.33
N LEU F 39 20.89 -32.71 -85.30
CA LEU F 39 19.46 -32.48 -85.06
C LEU F 39 18.82 -31.77 -86.24
N ASN F 40 19.49 -30.72 -86.74
CA ASN F 40 18.96 -29.98 -87.86
C ASN F 40 18.84 -30.88 -89.09
N ASN F 41 19.76 -31.83 -89.22
CA ASN F 41 19.71 -32.81 -90.30
C ASN F 41 18.54 -33.77 -90.14
N ILE F 42 18.32 -34.25 -88.93
CA ILE F 42 17.23 -35.19 -88.64
C ILE F 42 15.88 -34.55 -88.90
N LEU F 43 15.68 -33.35 -88.37
CA LEU F 43 14.45 -32.60 -88.63
C LEU F 43 14.32 -32.28 -90.11
N GLY F 44 15.46 -32.03 -90.76
CA GLY F 44 15.49 -31.79 -92.19
C GLY F 44 15.03 -33.00 -92.99
N LEU F 45 15.22 -34.19 -92.41
CA LEU F 45 14.75 -35.42 -93.03
C LEU F 45 13.27 -35.61 -92.74
N ILE F 46 12.88 -35.29 -91.51
CA ILE F 46 11.50 -35.50 -91.05
C ILE F 46 10.49 -34.58 -91.74
N ASP F 47 10.93 -33.36 -92.07
CA ASP F 47 10.02 -32.35 -92.63
C ASP F 47 9.35 -32.77 -93.94
N GLN F 48 9.85 -33.82 -94.59
CA GLN F 48 9.29 -34.27 -95.85
C GLN F 48 7.88 -34.84 -95.70
N MET F 49 7.58 -35.37 -94.53
CA MET F 49 6.28 -36.01 -94.30
C MET F 49 5.15 -34.99 -94.25
N GLN F 50 5.50 -33.74 -93.95
CA GLN F 50 4.53 -32.66 -93.79
C GLN F 50 3.82 -32.32 -95.10
N ALA F 51 4.45 -32.68 -96.22
CA ALA F 51 3.90 -32.42 -97.54
C ALA F 51 2.64 -33.23 -97.80
N VAL F 52 2.59 -34.43 -97.22
CA VAL F 52 1.46 -35.34 -97.42
C VAL F 52 0.25 -34.92 -96.59
N ASP F 53 -0.92 -34.92 -97.22
CA ASP F 53 -2.15 -34.56 -96.52
C ASP F 53 -2.63 -35.67 -95.60
N THR F 54 -3.07 -35.28 -94.41
CA THR F 54 -3.57 -36.24 -93.43
C THR F 54 -4.96 -35.84 -92.95
N SER F 55 -5.74 -35.24 -93.84
CA SER F 55 -7.08 -34.79 -93.52
C SER F 55 -8.06 -35.96 -93.44
N GLY F 56 -8.97 -35.90 -92.48
CA GLY F 56 -10.00 -36.91 -92.32
C GLY F 56 -9.54 -38.17 -91.61
N VAL F 57 -8.36 -38.65 -91.98
CA VAL F 57 -7.82 -39.88 -91.40
C VAL F 57 -7.53 -39.71 -89.91
N GLU F 58 -7.63 -40.82 -89.17
CA GLU F 58 -7.39 -40.81 -87.73
C GLU F 58 -5.99 -41.32 -87.42
N PRO F 59 -5.44 -40.94 -86.25
CA PRO F 59 -4.11 -41.43 -85.89
C PRO F 59 -4.11 -42.92 -85.53
N LEU F 60 -2.93 -43.53 -85.56
CA LEU F 60 -2.80 -44.94 -85.24
C LEU F 60 -1.85 -45.15 -84.07
N ALA F 61 -2.42 -45.38 -82.88
CA ALA F 61 -1.63 -45.55 -81.68
C ALA F 61 -1.18 -46.99 -81.52
N HIS F 62 -2.06 -47.92 -81.87
CA HIS F 62 -1.76 -49.34 -81.74
C HIS F 62 -2.02 -50.09 -83.05
N PRO F 63 -1.05 -50.93 -83.46
CA PRO F 63 -1.09 -51.69 -84.71
C PRO F 63 -2.35 -52.54 -84.84
N LEU F 64 -2.76 -53.14 -83.73
CA LEU F 64 -3.94 -54.00 -83.70
C LEU F 64 -5.09 -53.29 -83.00
N GLU F 65 -6.31 -53.51 -83.50
CA GLU F 65 -7.48 -52.84 -82.95
C GLU F 65 -8.01 -53.57 -81.72
N ALA F 66 -7.17 -53.66 -80.69
CA ALA F 66 -7.58 -54.27 -79.43
C ALA F 66 -8.13 -53.22 -78.48
N THR F 67 -8.86 -53.65 -77.47
CA THR F 67 -9.50 -52.71 -76.55
C THR F 67 -8.98 -52.83 -75.12
N GLN F 68 -9.90 -52.75 -74.17
CA GLN F 68 -9.59 -52.75 -72.74
C GLN F 68 -8.84 -53.99 -72.25
N ARG F 69 -8.01 -53.79 -71.24
CA ARG F 69 -7.28 -54.87 -70.58
C ARG F 69 -7.32 -54.68 -69.06
N LEU F 70 -8.30 -55.32 -68.42
CA LEU F 70 -8.51 -55.13 -66.99
C LEU F 70 -7.87 -56.23 -66.16
N ARG F 71 -7.50 -55.87 -64.93
CA ARG F 71 -6.90 -56.80 -64.00
C ARG F 71 -7.62 -56.79 -62.66
N PRO F 72 -8.02 -57.97 -62.17
CA PRO F 72 -8.73 -58.07 -60.90
C PRO F 72 -7.93 -57.49 -59.74
N ASP F 73 -8.63 -57.10 -58.68
CA ASP F 73 -8.00 -56.45 -57.53
C ASP F 73 -7.22 -57.45 -56.67
N ALA F 74 -6.29 -58.16 -57.28
CA ALA F 74 -5.49 -59.17 -56.60
C ALA F 74 -4.14 -58.63 -56.12
N VAL F 75 -3.87 -58.79 -54.83
CA VAL F 75 -2.62 -58.32 -54.24
C VAL F 75 -1.51 -59.35 -54.40
N THR F 76 -0.34 -58.90 -54.84
CA THR F 76 0.81 -59.78 -55.04
C THR F 76 1.87 -59.62 -53.94
N GLU F 77 2.50 -60.74 -53.58
CA GLU F 77 3.50 -60.78 -52.51
C GLU F 77 4.69 -59.86 -52.72
N THR F 78 5.36 -59.52 -51.63
CA THR F 78 6.50 -58.61 -51.66
C THR F 78 7.85 -59.32 -51.47
N ASP F 79 8.85 -58.84 -52.20
CA ASP F 79 10.21 -59.37 -52.12
C ASP F 79 10.88 -58.90 -50.84
N HIS F 80 12.16 -59.25 -50.65
CA HIS F 80 12.85 -58.85 -49.42
C HIS F 80 13.56 -57.52 -49.64
N ARG F 81 14.07 -56.93 -48.56
CA ARG F 81 14.69 -55.62 -48.64
C ARG F 81 15.93 -55.64 -49.53
N ASP F 82 16.81 -56.60 -49.26
CA ASP F 82 18.05 -56.75 -50.00
C ASP F 82 17.74 -56.95 -51.48
N ALA F 83 16.62 -57.58 -51.75
CA ALA F 83 16.20 -57.86 -53.12
C ALA F 83 15.87 -56.57 -53.85
N TYR F 84 15.46 -55.55 -53.12
CA TYR F 84 15.14 -54.26 -53.75
C TYR F 84 16.44 -53.49 -53.90
N GLN F 85 17.14 -53.37 -52.78
CA GLN F 85 18.30 -52.47 -52.65
C GLN F 85 19.62 -53.00 -53.22
N THR F 86 19.64 -54.26 -53.63
CA THR F 86 20.88 -54.88 -54.13
C THR F 86 21.48 -54.14 -55.33
N ILE F 87 20.64 -53.43 -56.07
CA ILE F 87 21.10 -52.69 -57.23
C ILE F 87 21.14 -51.19 -56.91
N ALA F 88 20.40 -50.81 -55.88
CA ALA F 88 20.30 -49.42 -55.47
C ALA F 88 21.63 -48.90 -54.92
N PRO F 89 22.15 -47.82 -55.50
CA PRO F 89 23.41 -47.20 -55.09
C PRO F 89 23.37 -46.57 -53.71
N ALA F 90 22.23 -45.99 -53.34
CA ALA F 90 22.09 -45.32 -52.05
C ALA F 90 20.94 -45.89 -51.22
N VAL F 91 21.23 -46.24 -49.97
CA VAL F 91 20.23 -46.85 -49.09
C VAL F 91 20.41 -46.46 -47.62
N GLU F 92 19.31 -46.06 -46.99
CA GLU F 92 19.28 -45.78 -45.55
C GLU F 92 17.91 -46.08 -44.96
N GLU F 93 17.88 -47.04 -44.04
CA GLU F 93 16.65 -47.47 -43.38
C GLU F 93 15.55 -47.87 -44.37
N GLY F 94 15.97 -48.28 -45.57
CA GLY F 94 15.02 -48.72 -46.57
C GLY F 94 14.52 -47.60 -47.47
N LEU F 95 15.31 -46.54 -47.59
CA LEU F 95 14.92 -45.41 -48.44
C LEU F 95 16.05 -45.02 -49.40
N TYR F 96 15.67 -44.49 -50.56
CA TYR F 96 16.63 -44.07 -51.56
C TYR F 96 17.13 -42.66 -51.27
N LEU F 97 18.45 -42.52 -51.13
CA LEU F 97 19.06 -41.24 -50.76
C LEU F 97 19.37 -40.33 -51.94
N VAL F 98 18.82 -39.12 -51.88
CA VAL F 98 19.04 -38.11 -52.92
C VAL F 98 19.11 -36.73 -52.24
N PRO F 99 20.13 -35.93 -52.60
CA PRO F 99 20.24 -34.57 -52.07
C PRO F 99 18.99 -33.73 -52.32
N LYS F 100 18.46 -33.10 -51.28
CA LYS F 100 17.25 -32.30 -51.40
C LYS F 100 17.57 -30.84 -51.67
N VAL F 101 18.65 -30.60 -52.39
CA VAL F 101 19.06 -29.23 -52.71
C VAL F 101 18.00 -28.59 -53.60
N ILE F 102 17.59 -27.37 -53.25
CA ILE F 102 16.53 -26.70 -54.00
C ILE F 102 16.99 -25.39 -54.64
N GLU F 103 17.16 -25.43 -55.95
CA GLU F 103 17.54 -24.27 -56.75
C GLU F 103 16.93 -24.36 -58.14
N SER F 104 16.25 -23.29 -58.55
CA SER F 104 15.61 -23.14 -59.86
C SER F 104 16.09 -24.09 -60.95
N MET G 1 -65.64 73.39 -28.80
CA MET G 1 -65.34 74.53 -29.67
C MET G 1 -64.60 74.11 -30.93
N LEU G 2 -63.42 73.54 -30.78
CA LEU G 2 -62.60 73.16 -31.92
C LEU G 2 -62.62 71.66 -32.17
N HIS G 3 -63.56 70.96 -31.54
CA HIS G 3 -63.68 69.52 -31.71
C HIS G 3 -64.74 69.18 -32.77
N GLN G 4 -65.68 70.09 -32.99
CA GLN G 4 -66.71 69.89 -34.00
C GLN G 4 -66.24 70.33 -35.38
N LEU G 5 -64.92 70.36 -35.57
CA LEU G 5 -64.36 70.85 -36.83
C LEU G 5 -64.29 69.77 -37.90
N THR G 6 -64.40 70.21 -39.16
CA THR G 6 -64.18 69.36 -40.31
C THR G 6 -63.22 70.09 -41.24
N LEU G 7 -62.43 69.33 -41.99
CA LEU G 7 -61.34 69.90 -42.79
C LEU G 7 -61.83 70.98 -43.76
N ALA G 8 -63.08 70.85 -44.20
CA ALA G 8 -63.69 71.87 -45.05
C ALA G 8 -63.87 73.18 -44.29
N GLU G 9 -64.48 73.10 -43.11
CA GLU G 9 -64.68 74.28 -42.27
C GLU G 9 -63.33 74.82 -41.78
N ILE G 10 -62.36 73.94 -41.64
CA ILE G 10 -61.03 74.35 -41.18
C ILE G 10 -60.32 75.14 -42.27
N ALA G 11 -60.44 74.67 -43.51
CA ALA G 11 -59.85 75.37 -44.65
C ALA G 11 -60.56 76.70 -44.87
N ARG G 12 -61.88 76.69 -44.72
CA ARG G 12 -62.69 77.89 -44.91
C ARG G 12 -62.39 78.96 -43.83
N ALA G 13 -62.18 78.51 -42.61
CA ALA G 13 -61.88 79.41 -41.50
C ALA G 13 -60.46 79.95 -41.61
N LEU G 14 -59.53 79.06 -41.96
CA LEU G 14 -58.13 79.44 -42.14
C LEU G 14 -57.97 80.40 -43.32
N ALA G 15 -58.85 80.27 -44.32
CA ALA G 15 -58.84 81.18 -45.45
C ALA G 15 -59.38 82.56 -45.09
N ASP G 16 -60.26 82.63 -44.09
CA ASP G 16 -60.83 83.89 -43.66
C ASP G 16 -59.93 84.59 -42.65
N LYS G 17 -58.84 83.91 -42.30
CA LYS G 17 -57.84 84.39 -41.35
C LYS G 17 -58.45 84.76 -40.01
N GLN G 18 -59.14 83.82 -39.40
CA GLN G 18 -59.69 83.99 -38.05
C GLN G 18 -59.23 82.86 -37.15
N PHE G 19 -58.08 82.26 -37.48
CA PHE G 19 -57.54 81.16 -36.70
C PHE G 19 -56.09 80.86 -37.09
N SER G 20 -55.19 80.85 -36.12
CA SER G 20 -53.79 80.55 -36.40
C SER G 20 -53.47 79.07 -36.23
N ALA G 21 -52.36 78.62 -36.80
CA ALA G 21 -51.94 77.22 -36.66
C ALA G 21 -51.45 76.89 -35.25
N GLU G 22 -50.78 77.83 -34.61
CA GLU G 22 -50.28 77.65 -33.25
C GLU G 22 -51.42 77.51 -32.25
N GLU G 23 -52.43 78.36 -32.42
CA GLU G 23 -53.61 78.32 -31.57
C GLU G 23 -54.27 76.95 -31.72
N LEU G 24 -54.37 76.50 -32.97
CA LEU G 24 -54.95 75.21 -33.30
C LEU G 24 -54.21 74.06 -32.60
N THR G 25 -52.89 74.03 -32.74
CA THR G 25 -52.10 72.94 -32.18
C THR G 25 -52.10 72.98 -30.65
N ARG G 26 -52.13 74.16 -30.06
CA ARG G 26 -52.12 74.28 -28.61
C ARG G 26 -53.47 73.81 -28.03
N THR G 27 -54.57 74.23 -28.64
CA THR G 27 -55.89 73.83 -28.17
C THR G 27 -56.11 72.33 -28.34
N LEU G 28 -55.73 71.83 -29.51
CA LEU G 28 -55.87 70.40 -29.77
C LEU G 28 -55.02 69.63 -28.79
N LEU G 29 -53.84 70.16 -28.47
CA LEU G 29 -52.97 69.52 -27.48
C LEU G 29 -53.63 69.47 -26.11
N GLY G 30 -54.34 70.53 -25.76
CA GLY G 30 -55.10 70.54 -24.52
C GLY G 30 -56.13 69.42 -24.49
N ARG G 31 -56.84 69.27 -25.61
CA ARG G 31 -57.84 68.20 -25.69
C ARG G 31 -57.17 66.82 -25.66
N ILE G 32 -55.98 66.73 -26.21
CA ILE G 32 -55.18 65.51 -26.19
C ILE G 32 -54.93 65.12 -24.75
N ARG G 33 -54.31 66.03 -24.00
CA ARG G 33 -53.95 65.75 -22.61
C ARG G 33 -55.22 65.55 -21.78
N GLN G 34 -56.37 65.95 -22.31
CA GLN G 34 -57.63 65.74 -21.61
C GLN G 34 -58.20 64.34 -21.82
N LEU G 35 -58.22 63.86 -23.06
CA LEU G 35 -58.89 62.59 -23.35
C LEU G 35 -57.95 61.38 -23.51
N ASP G 36 -56.64 61.61 -23.49
CA ASP G 36 -55.69 60.52 -23.71
C ASP G 36 -55.80 59.39 -22.65
N PRO G 37 -55.83 59.73 -21.35
CA PRO G 37 -55.92 58.61 -20.39
C PRO G 37 -57.26 57.88 -20.48
N GLN G 38 -58.25 58.52 -21.09
CA GLN G 38 -59.58 57.94 -21.25
C GLN G 38 -59.64 56.88 -22.36
N LEU G 39 -58.77 57.03 -23.36
CA LEU G 39 -58.80 56.12 -24.50
C LEU G 39 -57.50 55.35 -24.70
N ASN G 40 -56.40 55.90 -24.18
CA ASN G 40 -55.04 55.37 -24.36
C ASN G 40 -54.78 54.99 -25.82
N SER G 41 -55.28 55.82 -26.72
CA SER G 41 -55.16 55.60 -28.16
C SER G 41 -53.81 56.06 -28.68
N PHE G 42 -53.09 56.84 -27.89
CA PHE G 42 -51.81 57.39 -28.31
C PHE G 42 -50.64 56.72 -27.59
N ILE G 43 -49.55 56.51 -28.31
CA ILE G 43 -48.35 55.93 -27.70
C ILE G 43 -47.35 57.00 -27.28
N SER G 44 -47.11 57.96 -28.17
CA SER G 44 -46.22 59.07 -27.89
C SER G 44 -46.76 60.36 -28.49
N ILE G 45 -46.61 61.46 -27.76
CA ILE G 45 -47.09 62.74 -28.26
C ILE G 45 -45.92 63.71 -28.39
N THR G 46 -45.43 63.87 -29.61
CA THR G 46 -44.33 64.78 -29.88
C THR G 46 -44.84 66.21 -30.00
N ASP G 47 -44.36 67.07 -29.10
CA ASP G 47 -44.81 68.45 -29.06
C ASP G 47 -43.86 69.37 -29.81
N ASP G 48 -42.56 69.11 -29.68
CA ASP G 48 -41.53 69.96 -30.27
C ASP G 48 -41.63 70.05 -31.79
N LEU G 49 -41.71 68.90 -32.46
CA LEU G 49 -41.82 68.89 -33.92
C LEU G 49 -43.17 69.47 -34.34
N ALA G 50 -44.19 69.25 -33.51
CA ALA G 50 -45.54 69.75 -33.78
C ALA G 50 -45.59 71.26 -33.70
N ILE G 51 -45.03 71.83 -32.63
CA ILE G 51 -45.03 73.28 -32.46
C ILE G 51 -44.10 73.94 -33.46
N ALA G 52 -43.02 73.25 -33.84
CA ALA G 52 -42.12 73.76 -34.86
C ALA G 52 -42.82 73.85 -36.21
N GLN G 53 -43.46 72.76 -36.62
CA GLN G 53 -44.19 72.71 -37.88
C GLN G 53 -45.37 73.69 -37.87
N ALA G 54 -45.95 73.90 -36.70
CA ALA G 54 -47.06 74.83 -36.55
C ALA G 54 -46.58 76.27 -36.68
N LYS G 55 -45.43 76.55 -36.09
CA LYS G 55 -44.81 77.88 -36.18
C LYS G 55 -44.46 78.19 -37.63
N ALA G 56 -43.93 77.20 -38.33
CA ALA G 56 -43.60 77.32 -39.74
C ALA G 56 -44.86 77.42 -40.61
N ALA G 57 -45.95 76.85 -40.12
CA ALA G 57 -47.21 76.76 -40.87
C ALA G 57 -47.89 78.10 -41.13
N ASP G 58 -47.70 79.08 -40.25
CA ASP G 58 -48.29 80.39 -40.49
C ASP G 58 -47.59 81.08 -41.65
N GLU G 59 -46.25 81.06 -41.62
CA GLU G 59 -45.46 81.65 -42.70
C GLU G 59 -45.62 80.89 -44.01
N ARG G 60 -45.87 79.59 -43.91
CA ARG G 60 -46.10 78.78 -45.11
C ARG G 60 -47.47 79.04 -45.71
N ARG G 61 -48.49 79.13 -44.86
CA ARG G 61 -49.84 79.42 -45.30
C ARG G 61 -49.97 80.84 -45.82
N ALA G 62 -49.08 81.71 -45.37
CA ALA G 62 -49.11 83.11 -45.76
C ALA G 62 -49.01 83.30 -47.28
N ASN G 63 -48.17 82.50 -47.93
CA ASN G 63 -48.02 82.64 -49.37
C ASN G 63 -48.84 81.65 -50.18
N GLY G 64 -49.68 80.87 -49.50
CA GLY G 64 -50.59 79.93 -50.15
C GLY G 64 -49.95 79.11 -51.26
N GLU G 65 -48.87 78.41 -50.96
CA GLU G 65 -48.15 77.68 -52.01
C GLU G 65 -48.15 76.16 -51.88
N ASN G 66 -48.25 75.50 -53.04
CA ASN G 66 -48.11 74.06 -53.17
C ASN G 66 -48.93 73.21 -52.19
N GLY G 67 -50.25 73.22 -52.34
CA GLY G 67 -51.10 72.34 -51.56
C GLY G 67 -52.55 72.75 -51.42
N ALA G 68 -53.40 71.74 -51.26
CA ALA G 68 -54.83 71.90 -51.04
C ALA G 68 -55.15 72.13 -49.57
N LEU G 69 -54.36 71.48 -48.70
CA LEU G 69 -54.52 71.61 -47.26
C LEU G 69 -53.32 72.34 -46.66
N LEU G 70 -53.59 73.52 -46.11
CA LEU G 70 -52.55 74.36 -45.55
C LEU G 70 -52.68 74.46 -44.03
N GLY G 71 -51.68 73.95 -43.33
CA GLY G 71 -51.67 73.94 -41.87
C GLY G 71 -52.73 73.00 -41.33
N ALA G 72 -53.06 71.99 -42.11
CA ALA G 72 -54.06 71.00 -41.71
C ALA G 72 -53.48 70.02 -40.70
N PRO G 73 -54.15 69.87 -39.55
CA PRO G 73 -53.75 68.95 -38.48
C PRO G 73 -54.02 67.48 -38.80
N ILE G 74 -52.97 66.71 -39.08
CA ILE G 74 -53.15 65.28 -39.36
C ILE G 74 -52.22 64.43 -38.49
N ALA G 75 -52.78 63.38 -37.89
CA ALA G 75 -51.96 62.42 -37.13
C ALA G 75 -51.94 61.08 -37.85
N HIS G 76 -50.98 60.24 -37.48
CA HIS G 76 -50.83 58.93 -38.10
C HIS G 76 -50.67 57.82 -37.08
N LYS G 77 -50.91 56.58 -37.52
CA LYS G 77 -50.68 55.42 -36.67
C LYS G 77 -49.20 55.07 -36.69
N ASP G 78 -48.75 54.33 -35.67
CA ASP G 78 -47.33 54.02 -35.49
C ASP G 78 -46.71 53.11 -36.54
N LEU G 79 -47.46 52.78 -37.59
CA LEU G 79 -46.90 51.95 -38.66
C LEU G 79 -45.97 52.77 -39.56
N PHE G 80 -46.38 54.00 -39.86
CA PHE G 80 -45.60 54.88 -40.72
C PHE G 80 -44.38 55.45 -39.99
N CYS G 81 -43.19 55.22 -40.53
CA CYS G 81 -41.96 55.72 -39.94
C CYS G 81 -41.85 57.24 -39.99
N THR G 82 -41.20 57.81 -38.97
CA THR G 82 -41.03 59.26 -38.89
C THR G 82 -39.64 59.62 -38.36
N GLN G 83 -38.97 60.52 -39.07
CA GLN G 83 -37.63 60.97 -38.72
C GLN G 83 -37.61 61.74 -37.39
N GLY G 84 -36.90 61.20 -36.41
CA GLY G 84 -36.78 61.85 -35.12
C GLY G 84 -37.72 61.28 -34.07
N VAL G 85 -38.87 60.79 -34.52
CA VAL G 85 -39.87 60.22 -33.62
C VAL G 85 -39.67 58.72 -33.50
N ARG G 86 -39.89 58.17 -32.31
CA ARG G 86 -39.66 56.75 -32.08
C ARG G 86 -40.81 55.93 -32.66
N THR G 87 -40.68 55.56 -33.94
CA THR G 87 -41.66 54.71 -34.59
C THR G 87 -41.47 53.26 -34.13
N SER G 88 -42.53 52.64 -33.64
CA SER G 88 -42.41 51.33 -33.01
C SER G 88 -43.52 50.35 -33.38
N CYS G 89 -44.60 50.86 -33.99
CA CYS G 89 -45.75 50.03 -34.39
C CYS G 89 -46.50 49.41 -33.21
N GLY G 90 -46.13 49.76 -31.99
CA GLY G 90 -46.82 49.23 -30.82
C GLY G 90 -46.38 47.88 -30.28
N SER G 91 -45.11 47.75 -29.94
CA SER G 91 -44.58 46.49 -29.40
C SER G 91 -43.60 46.76 -28.26
N LYS G 92 -43.47 45.79 -27.36
CA LYS G 92 -42.55 45.91 -26.23
C LYS G 92 -41.10 45.88 -26.71
N MET G 93 -40.86 45.16 -27.81
CA MET G 93 -39.54 45.01 -28.38
C MET G 93 -38.97 46.32 -28.94
N LEU G 94 -39.76 46.97 -29.77
CA LEU G 94 -39.28 48.13 -30.53
C LEU G 94 -39.23 49.43 -29.73
N ASP G 95 -39.18 49.29 -28.40
CA ASP G 95 -38.94 50.45 -27.56
C ASP G 95 -37.53 50.93 -27.82
N ASN G 96 -37.30 52.23 -27.64
CA ASN G 96 -36.02 52.87 -27.93
C ASN G 96 -35.56 52.66 -29.38
N PHE G 97 -36.48 52.82 -30.32
CA PHE G 97 -36.11 52.75 -31.74
C PHE G 97 -36.50 54.03 -32.47
N VAL G 98 -35.54 54.93 -32.64
CA VAL G 98 -35.76 56.18 -33.37
C VAL G 98 -35.34 56.05 -34.83
N SER G 99 -36.33 55.94 -35.71
CA SER G 99 -36.05 55.79 -37.14
C SER G 99 -35.36 57.04 -37.69
N PRO G 100 -34.26 56.84 -38.42
CA PRO G 100 -33.48 57.93 -39.01
C PRO G 100 -34.10 58.49 -40.29
N TYR G 101 -35.13 57.81 -40.80
CA TYR G 101 -35.78 58.23 -42.04
C TYR G 101 -37.29 58.29 -41.90
N ASP G 102 -37.90 59.18 -42.67
CA ASP G 102 -39.35 59.36 -42.66
C ASP G 102 -40.05 58.37 -43.60
N ALA G 103 -41.29 58.64 -43.96
CA ALA G 103 -42.05 57.78 -44.86
C ALA G 103 -42.56 58.58 -46.05
N THR G 104 -42.70 57.93 -47.20
CA THR G 104 -43.12 58.58 -48.44
C THR G 104 -44.45 59.31 -48.29
N VAL G 105 -45.39 58.69 -47.58
CA VAL G 105 -46.71 59.28 -47.36
C VAL G 105 -46.62 60.45 -46.36
N VAL G 106 -45.82 60.26 -45.32
CA VAL G 106 -45.62 61.30 -44.31
C VAL G 106 -44.86 62.47 -44.94
N GLU G 107 -43.88 62.14 -45.76
CA GLU G 107 -43.11 63.14 -46.49
C GLU G 107 -44.02 63.95 -47.40
N LYS G 108 -44.87 63.25 -48.14
CA LYS G 108 -45.80 63.90 -49.05
C LYS G 108 -46.78 64.83 -48.33
N LEU G 109 -47.40 64.32 -47.27
CA LEU G 109 -48.40 65.11 -46.54
C LEU G 109 -47.75 66.31 -45.85
N THR G 110 -46.59 66.12 -45.25
CA THR G 110 -45.89 67.22 -44.57
C THR G 110 -45.42 68.27 -45.58
N ALA G 111 -44.97 67.81 -46.74
CA ALA G 111 -44.54 68.73 -47.80
C ALA G 111 -45.74 69.49 -48.37
N ALA G 112 -46.90 68.87 -48.27
CA ALA G 112 -48.13 69.51 -48.76
C ALA G 112 -48.58 70.61 -47.81
N GLY G 113 -48.20 70.50 -46.54
CA GLY G 113 -48.55 71.48 -45.54
C GLY G 113 -49.45 70.91 -44.46
N ALA G 114 -49.02 69.82 -43.85
CA ALA G 114 -49.80 69.15 -42.81
C ALA G 114 -49.00 68.94 -41.54
N VAL G 115 -49.58 69.33 -40.41
CA VAL G 115 -48.91 69.22 -39.12
C VAL G 115 -49.09 67.83 -38.51
N THR G 116 -47.98 67.19 -38.15
CA THR G 116 -48.01 65.86 -37.55
C THR G 116 -48.04 65.96 -36.02
N LEU G 117 -49.08 65.37 -35.42
CA LEU G 117 -49.29 65.46 -33.98
C LEU G 117 -48.50 64.45 -33.16
N GLY G 118 -48.63 63.17 -33.49
CA GLY G 118 -47.94 62.14 -32.72
C GLY G 118 -48.19 60.71 -33.18
N LYS G 119 -47.96 59.77 -32.28
CA LYS G 119 -48.11 58.34 -32.59
C LYS G 119 -49.39 57.75 -31.99
N LEU G 120 -50.04 56.90 -32.78
CA LEU G 120 -51.30 56.27 -32.40
C LEU G 120 -51.06 54.82 -31.93
N ASN G 121 -51.93 54.32 -31.06
CA ASN G 121 -51.76 52.96 -30.49
C ASN G 121 -52.22 51.86 -31.45
N MET G 122 -51.52 50.74 -31.47
CA MET G 122 -51.91 49.66 -32.36
C MET G 122 -51.54 48.26 -31.90
N ASP G 123 -52.08 47.26 -32.61
CA ASP G 123 -51.77 45.87 -32.39
C ASP G 123 -50.30 45.60 -32.65
N GLU G 124 -49.81 44.47 -32.16
CA GLU G 124 -48.43 44.09 -32.37
C GLU G 124 -48.21 43.80 -33.85
N PHE G 125 -47.53 44.73 -34.53
CA PHE G 125 -47.27 44.63 -35.97
C PHE G 125 -48.53 44.45 -36.81
N ALA G 126 -49.57 45.21 -36.49
CA ALA G 126 -50.82 45.22 -37.27
C ALA G 126 -51.46 43.84 -37.37
N MET G 127 -51.22 42.99 -36.38
CA MET G 127 -51.80 41.65 -36.38
C MET G 127 -52.97 41.57 -35.41
N GLY G 128 -54.17 41.44 -35.97
CA GLY G 128 -55.38 41.36 -35.16
C GLY G 128 -56.37 42.47 -35.48
N SER G 129 -57.64 42.18 -35.29
CA SER G 129 -58.70 43.14 -35.56
C SER G 129 -59.48 43.43 -34.28
N SER G 130 -58.75 43.70 -33.20
CA SER G 130 -59.36 43.90 -31.89
C SER G 130 -58.62 44.93 -31.06
N ASN G 131 -57.43 45.31 -31.51
CA ASN G 131 -56.53 46.27 -30.83
C ASN G 131 -56.30 45.94 -29.36
N GLN G 132 -56.35 44.66 -29.02
CA GLN G 132 -56.15 44.22 -27.64
C GLN G 132 -54.75 43.64 -27.46
N SER G 133 -54.08 43.39 -28.57
CA SER G 133 -52.75 42.80 -28.55
C SER G 133 -51.68 43.87 -28.35
N SER G 134 -52.11 45.11 -28.16
CA SER G 134 -51.20 46.23 -27.96
C SER G 134 -50.45 46.09 -26.64
N HIS G 135 -49.15 46.33 -26.67
CA HIS G 135 -48.32 46.23 -25.46
C HIS G 135 -48.60 47.35 -24.48
N TYR G 136 -49.03 48.50 -24.99
CA TYR G 136 -49.27 49.66 -24.14
C TYR G 136 -50.70 49.71 -23.62
N GLY G 137 -51.50 48.73 -24.04
CA GLY G 137 -52.88 48.62 -23.58
C GLY G 137 -53.88 48.75 -24.70
N ALA G 138 -55.04 48.10 -24.53
CA ALA G 138 -56.09 48.15 -25.53
C ALA G 138 -56.86 49.46 -25.44
N VAL G 139 -57.16 50.06 -26.59
CA VAL G 139 -57.93 51.30 -26.59
C VAL G 139 -59.40 50.96 -26.44
N LYS G 140 -60.10 51.74 -25.61
CA LYS G 140 -61.52 51.55 -25.40
C LYS G 140 -62.30 52.56 -26.22
N ASN G 141 -63.47 52.16 -26.71
CA ASN G 141 -64.27 53.04 -27.54
C ASN G 141 -64.91 54.13 -26.71
N PRO G 142 -64.84 55.39 -27.19
CA PRO G 142 -65.38 56.56 -26.51
C PRO G 142 -66.90 56.56 -26.40
N TRP G 143 -67.55 55.89 -27.35
CA TRP G 143 -69.01 55.84 -27.38
C TRP G 143 -69.53 54.76 -26.45
N SER G 144 -68.73 53.71 -26.26
CA SER G 144 -69.08 52.62 -25.37
C SER G 144 -67.82 52.04 -24.75
N LEU G 145 -67.60 52.33 -23.47
CA LEU G 145 -66.38 51.94 -22.77
C LEU G 145 -66.18 50.43 -22.62
N ASP G 146 -67.23 49.66 -22.87
CA ASP G 146 -67.13 48.20 -22.70
C ASP G 146 -66.79 47.45 -23.98
N ARG G 147 -66.92 48.11 -25.13
CA ARG G 147 -66.67 47.43 -26.41
C ARG G 147 -65.41 47.89 -27.13
N VAL G 148 -65.17 47.28 -28.28
CA VAL G 148 -63.96 47.50 -29.08
C VAL G 148 -64.19 48.50 -30.22
N PRO G 149 -63.20 49.36 -30.51
CA PRO G 149 -63.30 50.24 -31.67
C PRO G 149 -62.96 49.55 -32.99
N GLY G 150 -62.25 48.44 -32.94
CA GLY G 150 -61.92 47.67 -34.13
C GLY G 150 -60.44 47.42 -34.37
N GLY G 151 -60.11 47.04 -35.60
CA GLY G 151 -58.73 46.77 -35.98
C GLY G 151 -58.61 46.50 -37.46
N SER G 152 -57.41 46.63 -38.01
CA SER G 152 -56.22 46.98 -37.24
C SER G 152 -55.97 48.49 -37.23
N SER G 153 -57.04 49.26 -37.39
CA SER G 153 -56.97 50.71 -37.22
C SER G 153 -58.01 51.17 -36.20
N GLY G 154 -58.09 50.48 -35.07
CA GLY G 154 -59.08 50.80 -34.06
C GLY G 154 -58.78 52.09 -33.33
N GLY G 155 -57.50 52.32 -33.04
CA GLY G 155 -57.08 53.53 -32.33
C GLY G 155 -57.34 54.77 -33.15
N SER G 156 -57.05 54.69 -34.45
CA SER G 156 -57.25 55.81 -35.36
C SER G 156 -58.74 56.13 -35.48
N ALA G 157 -59.53 55.09 -35.74
CA ALA G 157 -60.98 55.24 -35.86
C ALA G 157 -61.57 55.84 -34.59
N ALA G 158 -61.10 55.37 -33.44
CA ALA G 158 -61.56 55.88 -32.15
C ALA G 158 -61.13 57.34 -31.95
N ALA G 159 -59.96 57.69 -32.48
CA ALA G 159 -59.44 59.04 -32.37
C ALA G 159 -60.29 60.02 -33.19
N VAL G 160 -60.59 59.62 -34.43
CA VAL G 160 -61.38 60.46 -35.32
C VAL G 160 -62.83 60.55 -34.85
N ALA G 161 -63.35 59.43 -34.34
CA ALA G 161 -64.73 59.38 -33.87
C ALA G 161 -64.96 60.23 -32.62
N ALA G 162 -63.93 60.33 -31.79
CA ALA G 162 -64.05 61.08 -30.55
C ALA G 162 -63.73 62.56 -30.75
N ARG G 163 -63.94 63.04 -31.98
CA ARG G 163 -63.84 64.45 -32.38
C ARG G 163 -62.49 65.14 -32.11
N LEU G 164 -61.49 64.38 -31.65
CA LEU G 164 -60.15 64.97 -31.45
C LEU G 164 -59.54 65.41 -32.78
N LEU G 165 -59.62 64.54 -33.78
CA LEU G 165 -58.99 64.80 -35.07
C LEU G 165 -59.98 64.63 -36.22
N PRO G 166 -59.87 65.47 -37.26
CA PRO G 166 -60.73 65.39 -38.44
C PRO G 166 -60.38 64.24 -39.39
N ALA G 167 -59.10 63.96 -39.58
CA ALA G 167 -58.69 62.91 -40.49
C ALA G 167 -57.32 62.33 -40.12
N ALA G 168 -57.18 61.02 -40.27
CA ALA G 168 -55.93 60.35 -39.95
C ALA G 168 -55.53 59.36 -41.04
N THR G 169 -54.32 58.81 -40.93
CA THR G 169 -53.86 57.81 -41.89
C THR G 169 -53.78 56.44 -41.23
N GLY G 170 -54.49 55.48 -41.81
CA GLY G 170 -54.52 54.13 -41.30
C GLY G 170 -53.98 53.14 -42.31
N THR G 171 -53.85 51.89 -41.91
CA THR G 171 -53.38 50.85 -42.82
C THR G 171 -54.43 49.77 -43.01
N ASP G 172 -54.42 49.15 -44.18
CA ASP G 172 -55.35 48.07 -44.48
C ASP G 172 -54.62 46.88 -45.09
N THR G 173 -54.66 45.75 -44.40
CA THR G 173 -53.98 44.55 -44.87
C THR G 173 -54.95 43.40 -45.08
N GLY G 174 -55.93 43.28 -44.18
CA GLY G 174 -56.92 42.23 -44.28
C GLY G 174 -58.25 42.65 -43.68
N GLY G 175 -58.67 43.87 -43.99
CA GLY G 175 -59.86 44.44 -43.40
C GLY G 175 -59.49 45.24 -42.18
N SER G 176 -58.51 46.12 -42.35
CA SER G 176 -57.98 46.90 -41.25
C SER G 176 -58.32 48.38 -41.32
N ILE G 177 -59.25 48.73 -42.22
CA ILE G 177 -59.69 50.13 -42.33
C ILE G 177 -61.20 50.23 -42.36
N ARG G 178 -61.84 49.38 -43.16
CA ARG G 178 -63.29 49.39 -43.27
C ARG G 178 -63.97 48.97 -41.97
N GLN G 179 -63.45 47.93 -41.32
CA GLN G 179 -64.05 47.42 -40.09
C GLN G 179 -64.00 48.43 -38.93
N PRO G 180 -62.83 49.04 -38.65
CA PRO G 180 -62.84 50.03 -37.56
C PRO G 180 -63.72 51.24 -37.87
N ALA G 181 -63.76 51.65 -39.13
CA ALA G 181 -64.57 52.77 -39.56
C ALA G 181 -66.06 52.46 -39.38
N ALA G 182 -66.43 51.23 -39.69
CA ALA G 182 -67.82 50.79 -39.56
C ALA G 182 -68.21 50.66 -38.09
N LEU G 183 -67.26 50.22 -37.27
CA LEU G 183 -67.51 50.02 -35.84
C LEU G 183 -67.53 51.32 -35.07
N THR G 184 -67.12 52.41 -35.71
CA THR G 184 -67.01 53.70 -35.04
C THR G 184 -67.70 54.84 -35.80
N ASN G 185 -68.62 54.49 -36.70
CA ASN G 185 -69.34 55.47 -37.52
C ASN G 185 -68.40 56.40 -38.29
N LEU G 186 -67.55 55.81 -39.14
CA LEU G 186 -66.63 56.56 -39.98
C LEU G 186 -66.69 56.11 -41.44
N THR G 187 -66.06 56.88 -42.30
CA THR G 187 -65.99 56.59 -43.73
C THR G 187 -64.57 56.17 -44.07
N GLY G 188 -64.35 54.88 -44.26
CA GLY G 188 -63.01 54.36 -44.47
C GLY G 188 -62.69 53.94 -45.89
N ILE G 189 -61.55 54.41 -46.41
CA ILE G 189 -61.15 54.13 -47.78
C ILE G 189 -59.86 53.32 -47.87
N LYS G 190 -59.90 52.24 -48.65
CA LYS G 190 -58.69 51.51 -48.98
C LYS G 190 -58.41 51.68 -50.47
N PRO G 191 -57.24 52.23 -50.81
CA PRO G 191 -56.86 52.46 -52.21
C PRO G 191 -56.45 51.17 -52.90
N THR G 192 -56.36 51.21 -54.23
CA THR G 192 -55.91 50.06 -55.00
C THR G 192 -54.47 49.72 -54.64
N TYR G 193 -54.15 48.42 -54.61
CA TYR G 193 -52.81 47.97 -54.30
C TYR G 193 -51.78 48.50 -55.30
N GLY G 194 -50.87 49.33 -54.80
CA GLY G 194 -49.80 49.86 -55.62
C GLY G 194 -49.80 51.37 -55.85
N ARG G 195 -50.93 52.03 -55.61
CA ARG G 195 -50.96 53.48 -55.79
C ARG G 195 -50.19 54.15 -54.67
N VAL G 196 -50.63 53.96 -53.43
CA VAL G 196 -49.93 54.52 -52.29
C VAL G 196 -48.76 53.64 -51.91
N SER G 197 -47.58 54.25 -51.82
CA SER G 197 -46.34 53.52 -51.57
C SER G 197 -46.28 52.88 -50.19
N ARG G 198 -45.43 51.86 -50.05
CA ARG G 198 -45.28 51.13 -48.81
C ARG G 198 -43.92 51.41 -48.19
N TRP G 199 -43.19 52.35 -48.80
CA TRP G 199 -41.88 52.73 -48.30
C TRP G 199 -42.01 53.52 -47.00
N GLY G 200 -41.37 53.01 -45.95
CA GLY G 200 -41.50 53.60 -44.63
C GLY G 200 -42.59 52.93 -43.82
N MET G 201 -43.58 52.38 -44.53
CA MET G 201 -44.65 51.64 -43.88
C MET G 201 -44.23 50.19 -43.65
N ILE G 202 -44.02 49.84 -42.38
CA ILE G 202 -43.55 48.51 -42.02
C ILE G 202 -44.61 47.46 -42.35
N ALA G 203 -44.21 46.47 -43.15
CA ALA G 203 -45.14 45.52 -43.74
C ALA G 203 -45.46 44.34 -42.81
N TYR G 204 -46.73 43.95 -42.81
CA TYR G 204 -47.18 42.73 -42.15
C TYR G 204 -47.48 41.68 -43.20
N ALA G 205 -48.07 42.11 -44.30
CA ALA G 205 -48.26 41.25 -45.47
C ALA G 205 -48.07 42.09 -46.74
N SER G 206 -46.89 41.98 -47.32
CA SER G 206 -46.45 42.83 -48.42
C SER G 206 -47.42 42.89 -49.60
N SER G 207 -47.99 41.75 -49.98
CA SER G 207 -48.89 41.68 -51.12
C SER G 207 -50.32 42.00 -50.73
N LEU G 208 -50.51 42.44 -49.50
CA LEU G 208 -51.85 42.78 -49.00
C LEU G 208 -51.89 44.17 -48.36
N ASP G 209 -50.77 44.61 -47.82
CA ASP G 209 -50.71 45.90 -47.14
C ASP G 209 -50.97 47.07 -48.08
N GLN G 210 -51.75 48.04 -47.61
CA GLN G 210 -52.03 49.25 -48.37
C GLN G 210 -52.60 50.32 -47.45
N GLY G 211 -51.96 51.48 -47.41
CA GLY G 211 -52.36 52.55 -46.51
C GLY G 211 -53.50 53.39 -47.07
N GLY G 212 -54.50 53.65 -46.22
CA GLY G 212 -55.65 54.44 -46.62
C GLY G 212 -56.11 55.35 -45.49
N PRO G 213 -56.80 56.45 -45.85
CA PRO G 213 -57.22 57.47 -44.87
C PRO G 213 -58.51 57.12 -44.13
N LEU G 214 -58.63 57.65 -42.91
CA LEU G 214 -59.82 57.46 -42.10
C LEU G 214 -60.32 58.81 -41.57
N ALA G 215 -61.52 59.20 -41.96
CA ALA G 215 -62.09 60.48 -41.56
C ALA G 215 -63.60 60.42 -41.39
N ARG G 216 -64.19 61.58 -41.13
CA ARG G 216 -65.63 61.67 -40.88
C ARG G 216 -66.45 61.73 -42.17
N THR G 217 -66.00 62.56 -43.12
CA THR G 217 -66.70 62.73 -44.39
C THR G 217 -65.89 62.20 -45.57
N ALA G 218 -66.61 61.89 -46.65
CA ALA G 218 -65.97 61.40 -47.88
C ALA G 218 -65.06 62.45 -48.50
N GLU G 219 -65.44 63.72 -48.36
CA GLU G 219 -64.64 64.84 -48.86
C GLU G 219 -63.26 64.86 -48.23
N ASP G 220 -63.21 64.56 -46.93
CA ASP G 220 -61.96 64.57 -46.19
C ASP G 220 -61.03 63.46 -46.70
N CYS G 221 -61.56 62.26 -46.83
CA CYS G 221 -60.77 61.13 -47.30
C CYS G 221 -60.39 61.29 -48.77
N ALA G 222 -61.15 62.11 -49.49
CA ALA G 222 -60.80 62.46 -50.87
C ALA G 222 -59.61 63.41 -50.87
N LEU G 223 -59.66 64.40 -49.97
CA LEU G 223 -58.58 65.37 -49.82
C LEU G 223 -57.29 64.68 -49.37
N MET G 224 -57.43 63.66 -48.54
CA MET G 224 -56.28 62.90 -48.05
C MET G 224 -55.72 61.98 -49.13
N LEU G 225 -56.61 61.20 -49.75
CA LEU G 225 -56.21 60.25 -50.78
C LEU G 225 -55.56 60.95 -51.97
N GLY G 226 -56.05 62.14 -52.27
CA GLY G 226 -55.49 62.94 -53.35
C GLY G 226 -54.04 63.30 -53.11
N VAL G 227 -53.66 63.36 -51.84
CA VAL G 227 -52.29 63.71 -51.46
C VAL G 227 -51.39 62.49 -51.29
N MET G 228 -51.86 61.50 -50.53
CA MET G 228 -51.01 60.37 -50.16
C MET G 228 -50.83 59.35 -51.28
N ALA G 229 -51.48 59.58 -52.42
CA ALA G 229 -51.35 58.69 -53.56
C ALA G 229 -50.19 59.12 -54.48
N GLY G 230 -49.96 58.34 -55.52
CA GLY G 230 -48.92 58.67 -56.49
C GLY G 230 -47.77 57.67 -56.52
N PHE G 231 -46.97 57.72 -57.58
CA PHE G 231 -45.88 56.78 -57.77
C PHE G 231 -44.65 57.17 -56.95
N ASP G 232 -43.89 56.16 -56.53
CA ASP G 232 -42.65 56.37 -55.79
C ASP G 232 -41.59 55.38 -56.26
N PRO G 233 -40.49 55.89 -56.86
CA PRO G 233 -39.42 55.06 -57.42
C PRO G 233 -38.69 54.23 -56.37
N LYS G 234 -38.82 54.61 -55.10
CA LYS G 234 -38.19 53.89 -54.01
C LYS G 234 -38.94 52.58 -53.73
N ASP G 235 -40.18 52.50 -54.21
CA ASP G 235 -41.00 51.32 -54.04
C ASP G 235 -41.15 50.58 -55.37
N SER G 236 -40.95 49.27 -55.35
CA SER G 236 -41.01 48.47 -56.56
C SER G 236 -42.45 48.14 -56.94
N THR G 237 -43.33 48.12 -55.95
CA THR G 237 -44.73 47.76 -56.18
C THR G 237 -45.56 48.96 -56.64
N SER G 238 -44.99 50.15 -56.55
CA SER G 238 -45.69 51.37 -56.94
C SER G 238 -45.90 51.47 -58.45
N VAL G 239 -47.07 51.97 -58.85
CA VAL G 239 -47.41 52.11 -60.26
C VAL G 239 -47.62 53.59 -60.63
N GLU G 240 -47.19 53.96 -61.83
CA GLU G 240 -47.30 55.35 -62.30
C GLU G 240 -48.64 55.64 -62.99
N GLN G 241 -49.42 56.54 -62.40
CA GLN G 241 -50.70 56.93 -62.98
C GLN G 241 -51.08 58.36 -62.62
N PRO G 242 -51.51 59.14 -63.63
CA PRO G 242 -51.77 60.56 -63.43
C PRO G 242 -53.17 60.87 -62.89
N VAL G 243 -54.07 59.89 -62.86
CA VAL G 243 -55.42 60.13 -62.37
C VAL G 243 -55.42 60.30 -60.85
N ASP G 244 -55.60 61.54 -60.40
CA ASP G 244 -55.59 61.84 -58.97
C ASP G 244 -56.48 63.03 -58.63
N ASP G 245 -57.51 63.25 -59.44
CA ASP G 245 -58.42 64.38 -59.24
C ASP G 245 -59.73 63.91 -58.60
N TYR G 246 -59.65 63.56 -57.32
CA TYR G 246 -60.78 63.01 -56.58
C TYR G 246 -61.76 64.09 -56.12
N LEU G 247 -61.22 65.24 -55.71
CA LEU G 247 -62.05 66.32 -55.17
C LEU G 247 -63.07 66.83 -56.19
N ALA G 248 -62.68 66.85 -57.46
CA ALA G 248 -63.57 67.33 -58.51
C ALA G 248 -64.55 66.25 -58.97
N ALA G 249 -64.21 64.99 -58.71
CA ALA G 249 -65.04 63.86 -59.11
C ALA G 249 -66.33 63.78 -58.31
N LEU G 250 -66.39 64.55 -57.23
CA LEU G 250 -67.55 64.56 -56.33
C LEU G 250 -68.76 65.27 -56.94
N GLN G 251 -69.86 65.25 -56.19
CA GLN G 251 -71.10 65.92 -56.58
C GLN G 251 -71.66 65.46 -57.93
N LYS G 252 -71.27 64.28 -58.38
CA LYS G 252 -71.83 63.70 -59.59
C LYS G 252 -73.04 62.83 -59.29
N PRO G 253 -74.18 63.14 -59.92
CA PRO G 253 -75.46 62.45 -59.67
C PRO G 253 -75.39 60.95 -59.97
N LEU G 254 -76.28 60.18 -59.37
CA LEU G 254 -76.28 58.73 -59.55
C LEU G 254 -77.25 58.30 -60.65
N SER G 255 -77.35 59.11 -61.70
CA SER G 255 -78.24 58.81 -62.81
C SER G 255 -77.83 57.54 -63.54
N GLY G 256 -78.57 56.46 -63.31
CA GLY G 256 -78.30 55.19 -63.96
C GLY G 256 -77.02 54.52 -63.48
N LEU G 257 -76.80 54.53 -62.17
CA LEU G 257 -75.63 53.90 -61.58
C LEU G 257 -75.94 52.44 -61.25
N ARG G 258 -75.18 51.52 -61.84
CA ARG G 258 -75.39 50.10 -61.65
C ARG G 258 -74.87 49.59 -60.31
N ILE G 259 -75.67 48.79 -59.62
CA ILE G 259 -75.30 48.25 -58.31
C ILE G 259 -75.49 46.74 -58.25
N GLY G 260 -74.46 46.03 -57.81
CA GLY G 260 -74.51 44.58 -57.72
C GLY G 260 -74.73 44.08 -56.30
N LEU G 261 -75.73 43.23 -56.12
CA LEU G 261 -76.01 42.63 -54.81
C LEU G 261 -75.73 41.13 -54.81
N PRO G 262 -74.60 40.71 -54.23
CA PRO G 262 -74.16 39.31 -54.22
C PRO G 262 -75.02 38.39 -53.37
N ARG G 263 -75.12 37.13 -53.80
CA ARG G 263 -75.87 36.10 -53.08
C ARG G 263 -75.15 35.59 -51.83
N GLU G 264 -73.82 35.53 -51.90
CA GLU G 264 -73.02 34.99 -50.81
C GLU G 264 -72.92 35.97 -49.64
N TYR G 265 -73.39 37.19 -49.88
CA TYR G 265 -73.41 38.22 -48.84
C TYR G 265 -74.55 37.97 -47.86
N PHE G 266 -75.33 36.92 -48.12
CA PHE G 266 -76.39 36.49 -47.23
C PHE G 266 -76.12 35.05 -46.79
N GLY G 267 -76.44 34.75 -45.53
CA GLY G 267 -76.17 33.44 -44.97
C GLY G 267 -76.58 33.31 -43.51
N ALA G 268 -75.89 32.44 -42.79
CA ALA G 268 -76.18 32.19 -41.39
C ALA G 268 -75.36 33.11 -40.49
N GLY G 269 -74.46 33.87 -41.09
CA GLY G 269 -73.58 34.77 -40.34
C GLY G 269 -74.17 36.14 -40.04
N LEU G 270 -75.12 36.57 -40.85
CA LEU G 270 -75.70 37.91 -40.72
C LEU G 270 -76.90 38.00 -39.78
N ASP G 271 -76.92 39.06 -38.97
CA ASP G 271 -78.07 39.34 -38.13
C ASP G 271 -79.14 39.99 -39.00
N SER G 272 -80.41 39.83 -38.63
CA SER G 272 -81.50 40.42 -39.39
C SER G 272 -81.48 41.94 -39.26
N ARG G 273 -81.00 42.40 -38.12
CA ARG G 273 -80.90 43.81 -37.79
C ARG G 273 -80.00 44.56 -38.77
N ILE G 274 -78.78 44.06 -38.92
CA ILE G 274 -77.80 44.65 -39.83
C ILE G 274 -78.27 44.50 -41.27
N ALA G 275 -78.99 43.42 -41.54
CA ALA G 275 -79.54 43.16 -42.87
C ALA G 275 -80.54 44.26 -43.24
N ASP G 276 -81.42 44.60 -42.30
CA ASP G 276 -82.37 45.68 -42.51
C ASP G 276 -81.65 47.01 -42.63
N ALA G 277 -80.59 47.17 -41.82
CA ALA G 277 -79.78 48.38 -41.87
C ALA G 277 -79.12 48.56 -43.24
N VAL G 278 -78.88 47.46 -43.93
CA VAL G 278 -78.30 47.50 -45.27
C VAL G 278 -79.38 47.73 -46.33
N LEU G 279 -80.47 47.00 -46.23
CA LEU G 279 -81.57 47.10 -47.19
C LEU G 279 -82.17 48.50 -47.19
N ALA G 280 -82.13 49.17 -46.04
CA ALA G 280 -82.58 50.55 -45.97
C ALA G 280 -81.67 51.43 -46.83
N VAL G 281 -80.38 51.15 -46.79
CA VAL G 281 -79.40 51.90 -47.59
C VAL G 281 -79.56 51.62 -49.09
N VAL G 282 -79.82 50.37 -49.45
CA VAL G 282 -80.01 50.03 -50.87
C VAL G 282 -81.30 50.70 -51.37
N GLU G 283 -82.32 50.76 -50.52
CA GLU G 283 -83.57 51.44 -50.87
C GLU G 283 -83.34 52.94 -51.04
N GLU G 284 -82.52 53.52 -50.17
CA GLU G 284 -82.21 54.94 -50.25
C GLU G 284 -81.41 55.24 -51.51
N LEU G 285 -80.56 54.31 -51.92
CA LEU G 285 -79.80 54.45 -53.15
C LEU G 285 -80.73 54.29 -54.35
N LYS G 286 -81.76 53.47 -54.20
CA LYS G 286 -82.79 53.33 -55.22
C LYS G 286 -83.54 54.65 -55.39
N THR G 287 -83.77 55.33 -54.27
CA THR G 287 -84.42 56.63 -54.30
C THR G 287 -83.49 57.69 -54.89
N LEU G 288 -82.19 57.50 -54.72
CA LEU G 288 -81.20 58.42 -55.27
C LEU G 288 -81.13 58.34 -56.80
N GLY G 289 -81.62 57.24 -57.35
CA GLY G 289 -81.69 57.08 -58.80
C GLY G 289 -80.75 56.01 -59.35
N ALA G 290 -80.32 55.10 -58.49
CA ALA G 290 -79.43 54.02 -58.92
C ALA G 290 -80.22 52.72 -59.12
N THR G 291 -79.71 51.87 -60.00
CA THR G 291 -80.36 50.58 -60.25
C THR G 291 -79.67 49.46 -59.48
N VAL G 292 -80.44 48.46 -59.07
CA VAL G 292 -79.89 47.34 -58.32
C VAL G 292 -80.20 46.00 -58.99
N LYS G 293 -79.18 45.17 -59.14
CA LYS G 293 -79.34 43.85 -59.75
C LYS G 293 -78.56 42.82 -58.94
N ASP G 294 -79.14 41.63 -58.76
CA ASP G 294 -78.50 40.56 -58.02
C ASP G 294 -77.35 39.91 -58.80
N ILE G 295 -76.18 39.86 -58.17
CA ILE G 295 -74.99 39.25 -58.77
C ILE G 295 -74.54 38.06 -57.94
N SER G 296 -73.59 37.29 -58.46
CA SER G 296 -73.13 36.09 -57.75
C SER G 296 -71.61 36.02 -57.59
N LEU G 297 -71.19 35.43 -56.48
CA LEU G 297 -69.78 35.19 -56.20
C LEU G 297 -69.58 33.79 -55.63
N PRO G 298 -69.23 32.82 -56.49
CA PRO G 298 -69.10 31.41 -56.11
C PRO G 298 -67.96 31.13 -55.13
N ASN G 299 -66.87 31.88 -55.24
CA ASN G 299 -65.71 31.67 -54.38
C ASN G 299 -65.50 32.78 -53.37
N MET G 300 -66.60 33.23 -52.77
CA MET G 300 -66.55 34.28 -51.75
C MET G 300 -66.36 33.64 -50.38
N GLN G 301 -66.92 32.45 -50.20
CA GLN G 301 -66.84 31.72 -48.94
C GLN G 301 -65.42 31.26 -48.65
N HIS G 302 -64.65 31.00 -49.71
CA HIS G 302 -63.29 30.49 -49.55
C HIS G 302 -62.27 31.60 -49.33
N ALA G 303 -62.76 32.83 -49.14
CA ALA G 303 -61.90 33.99 -48.96
C ALA G 303 -61.30 34.05 -47.55
N ILE G 304 -62.05 33.54 -46.57
CA ILE G 304 -61.63 33.61 -45.18
C ILE G 304 -60.39 32.77 -44.83
N PRO G 305 -60.35 31.49 -45.24
CA PRO G 305 -59.18 30.71 -44.82
C PRO G 305 -57.89 31.08 -45.57
N ALA G 306 -57.97 31.23 -46.88
CA ALA G 306 -56.82 31.52 -47.72
C ALA G 306 -55.99 32.69 -47.19
N TYR G 307 -56.68 33.75 -46.79
CA TYR G 307 -56.03 34.92 -46.22
C TYR G 307 -55.14 34.53 -45.03
N TYR G 308 -55.71 33.78 -44.10
CA TYR G 308 -54.98 33.38 -42.91
C TYR G 308 -53.95 32.29 -43.21
N VAL G 309 -53.63 32.14 -44.50
CA VAL G 309 -52.52 31.31 -44.92
C VAL G 309 -51.48 32.17 -45.64
N ILE G 310 -51.97 33.19 -46.35
CA ILE G 310 -51.10 34.05 -47.14
C ILE G 310 -50.47 35.15 -46.31
N ALA G 311 -51.30 35.84 -45.52
CA ALA G 311 -50.82 36.93 -44.67
C ALA G 311 -49.80 36.45 -43.61
N PRO G 312 -50.06 35.33 -42.93
CA PRO G 312 -49.03 34.90 -41.98
C PRO G 312 -47.73 34.48 -42.67
N ALA G 313 -47.85 33.74 -43.76
CA ALA G 313 -46.69 33.25 -44.50
C ALA G 313 -45.69 34.37 -44.79
N GLU G 314 -46.15 35.37 -45.53
CA GLU G 314 -45.33 36.54 -45.83
C GLU G 314 -44.78 37.15 -44.56
N ALA G 315 -45.63 37.26 -43.54
CA ALA G 315 -45.20 37.81 -42.26
C ALA G 315 -44.05 37.00 -41.68
N SER G 316 -44.17 35.67 -41.77
CA SER G 316 -43.15 34.78 -41.24
C SER G 316 -41.80 35.04 -41.90
N SER G 317 -41.82 35.67 -43.07
CA SER G 317 -40.60 36.08 -43.73
C SER G 317 -40.28 37.53 -43.42
N ASN G 318 -41.31 38.39 -43.43
CA ASN G 318 -41.12 39.82 -43.25
C ASN G 318 -40.57 40.16 -41.87
N LEU G 319 -40.94 39.37 -40.87
CA LEU G 319 -40.47 39.60 -39.52
C LEU G 319 -39.23 38.78 -39.21
N SER G 320 -38.67 38.11 -40.22
CA SER G 320 -37.46 37.33 -40.02
C SER G 320 -36.26 38.24 -39.79
N ARG G 321 -36.36 39.48 -40.26
CA ARG G 321 -35.30 40.46 -40.12
C ARG G 321 -35.20 40.97 -38.68
N PHE G 322 -36.32 40.91 -37.96
CA PHE G 322 -36.37 41.38 -36.58
C PHE G 322 -35.67 40.40 -35.64
N ASP G 323 -34.37 40.57 -35.47
CA ASP G 323 -33.58 39.69 -34.62
C ASP G 323 -32.90 40.45 -33.48
N GLY G 324 -32.71 41.75 -33.67
CA GLY G 324 -32.12 42.59 -32.63
C GLY G 324 -30.61 42.70 -32.72
N VAL G 325 -30.06 42.47 -33.92
CA VAL G 325 -28.62 42.58 -34.13
C VAL G 325 -28.24 44.00 -34.54
N ARG G 326 -29.15 44.67 -35.25
CA ARG G 326 -28.87 45.99 -35.79
C ARG G 326 -29.68 47.08 -35.06
N TYR G 327 -30.87 46.72 -34.60
CA TYR G 327 -31.75 47.68 -33.95
C TYR G 327 -32.77 46.99 -33.04
N GLY G 328 -33.74 47.77 -32.56
CA GLY G 328 -34.80 47.23 -31.72
C GLY G 328 -34.36 46.84 -30.33
N TYR G 329 -34.72 45.63 -29.91
CA TYR G 329 -34.40 45.13 -28.58
C TYR G 329 -33.44 43.96 -28.61
N ARG G 330 -32.48 43.96 -27.68
CA ARG G 330 -31.51 42.90 -27.59
C ARG G 330 -31.64 42.23 -26.22
N CYS G 331 -31.40 40.92 -26.17
CA CYS G 331 -31.53 40.15 -24.95
C CYS G 331 -30.64 40.68 -23.84
N ASP G 332 -31.12 40.58 -22.60
CA ASP G 332 -30.37 41.07 -21.45
C ASP G 332 -29.18 40.14 -21.16
N ALA G 333 -29.39 38.85 -21.34
CA ALA G 333 -28.34 37.86 -21.13
C ALA G 333 -28.22 36.96 -22.35
N PRO G 334 -27.50 37.43 -23.38
CA PRO G 334 -27.33 36.64 -24.60
C PRO G 334 -26.14 35.69 -24.50
N GLN G 335 -26.39 34.50 -23.97
CA GLN G 335 -25.34 33.49 -23.79
C GLN G 335 -24.85 32.98 -25.14
N ASN G 336 -25.79 32.76 -26.06
CA ASN G 336 -25.46 32.24 -27.38
C ASN G 336 -26.10 33.06 -28.50
N LEU G 337 -25.69 32.78 -29.74
CA LEU G 337 -26.29 33.41 -30.90
C LEU G 337 -27.71 32.93 -31.10
N GLU G 338 -27.88 31.61 -31.06
CA GLU G 338 -29.20 31.00 -31.15
C GLU G 338 -30.04 31.46 -29.96
N ASP G 339 -29.40 31.61 -28.81
CA ASP G 339 -30.06 32.14 -27.63
C ASP G 339 -30.45 33.60 -27.84
N LEU G 340 -29.62 34.34 -28.55
CA LEU G 340 -29.92 35.75 -28.87
C LEU G 340 -31.18 35.82 -29.72
N TYR G 341 -31.20 35.07 -30.82
CA TYR G 341 -32.36 34.99 -31.70
C TYR G 341 -33.61 34.59 -30.93
N LYS G 342 -33.53 33.46 -30.24
CA LYS G 342 -34.66 32.86 -29.53
C LYS G 342 -35.22 33.79 -28.46
N ARG G 343 -34.34 34.40 -27.68
CA ARG G 343 -34.74 35.32 -26.61
C ARG G 343 -35.34 36.60 -27.18
N SER G 344 -34.73 37.12 -28.24
CA SER G 344 -35.22 38.34 -28.87
C SER G 344 -36.62 38.12 -29.45
N ARG G 345 -36.84 36.95 -30.02
CA ARG G 345 -38.14 36.62 -30.61
C ARG G 345 -39.17 36.19 -29.56
N ALA G 346 -38.71 35.75 -28.39
CA ALA G 346 -39.63 35.33 -27.33
C ALA G 346 -40.24 36.50 -26.57
N GLU G 347 -39.41 37.49 -26.20
CA GLU G 347 -39.91 38.64 -25.46
C GLU G 347 -40.04 39.85 -26.38
N GLY G 348 -40.17 39.59 -27.67
CA GLY G 348 -40.33 40.65 -28.64
C GLY G 348 -41.81 40.96 -28.85
N PHE G 349 -42.57 39.93 -29.20
CA PHE G 349 -44.00 40.07 -29.38
C PHE G 349 -44.78 39.02 -28.59
N GLY G 350 -46.06 39.28 -28.38
CA GLY G 350 -46.89 38.39 -27.57
C GLY G 350 -47.27 37.10 -28.27
N SER G 351 -48.44 36.57 -27.91
CA SER G 351 -48.88 35.27 -28.41
C SER G 351 -49.33 35.33 -29.87
N GLU G 352 -50.05 36.39 -30.21
CA GLU G 352 -50.63 36.56 -31.55
C GLU G 352 -49.59 36.47 -32.66
N VAL G 353 -48.60 37.34 -32.59
CA VAL G 353 -47.54 37.41 -33.60
C VAL G 353 -46.79 36.08 -33.66
N LYS G 354 -46.48 35.52 -32.49
CA LYS G 354 -45.80 34.24 -32.42
C LYS G 354 -46.57 33.19 -33.21
N ASN G 355 -47.88 33.15 -33.01
CA ASN G 355 -48.72 32.18 -33.68
C ASN G 355 -48.84 32.43 -35.18
N ARG G 356 -48.86 33.69 -35.58
CA ARG G 356 -48.93 34.02 -37.00
C ARG G 356 -47.64 33.62 -37.72
N ILE G 357 -46.51 33.84 -37.06
CA ILE G 357 -45.22 33.42 -37.58
C ILE G 357 -45.12 31.89 -37.62
N MET G 358 -45.71 31.24 -36.61
CA MET G 358 -45.73 29.78 -36.56
C MET G 358 -46.52 29.21 -37.74
N VAL G 359 -47.73 29.70 -37.94
CA VAL G 359 -48.57 29.23 -39.05
C VAL G 359 -47.94 29.57 -40.39
N GLY G 360 -47.27 30.71 -40.46
CA GLY G 360 -46.59 31.11 -41.68
C GLY G 360 -45.45 30.20 -42.04
N THR G 361 -44.63 29.87 -41.04
CA THR G 361 -43.49 28.98 -41.23
C THR G 361 -43.96 27.58 -41.57
N TYR G 362 -45.04 27.15 -40.93
CA TYR G 362 -45.64 25.85 -41.21
C TYR G 362 -46.19 25.79 -42.63
N ALA G 363 -46.70 26.91 -43.11
CA ALA G 363 -47.27 26.98 -44.44
C ALA G 363 -46.19 27.03 -45.51
N LEU G 364 -45.08 27.69 -45.19
CA LEU G 364 -43.98 27.85 -46.13
C LEU G 364 -42.98 26.69 -46.03
N SER G 365 -43.14 25.84 -45.02
CA SER G 365 -42.26 24.70 -44.82
C SER G 365 -42.32 23.75 -46.01
N ALA G 366 -41.24 23.00 -46.21
CA ALA G 366 -41.15 22.05 -47.32
C ALA G 366 -42.22 20.97 -47.21
N GLY G 367 -42.93 20.73 -48.31
CA GLY G 367 -43.97 19.73 -48.35
C GLY G 367 -45.36 20.34 -48.26
N TYR G 368 -45.62 21.06 -47.18
CA TYR G 368 -46.91 21.70 -46.97
C TYR G 368 -47.12 22.90 -47.90
N TYR G 369 -46.05 23.32 -48.55
CA TYR G 369 -46.06 24.48 -49.45
C TYR G 369 -47.15 24.40 -50.52
N ASP G 370 -47.10 23.32 -51.30
CA ASP G 370 -48.05 23.13 -52.40
C ASP G 370 -49.48 22.94 -51.91
N ALA G 371 -49.64 22.32 -50.74
CA ALA G 371 -50.94 21.99 -50.20
C ALA G 371 -51.63 23.20 -49.59
N TYR G 372 -50.84 24.15 -49.10
CA TYR G 372 -51.40 25.31 -48.39
C TYR G 372 -51.19 26.63 -49.13
N TYR G 373 -49.93 27.03 -49.31
CA TYR G 373 -49.60 28.33 -49.87
C TYR G 373 -50.07 28.46 -51.33
N LEU G 374 -49.61 27.53 -52.17
CA LEU G 374 -49.99 27.50 -53.58
C LEU G 374 -51.51 27.44 -53.75
N GLN G 375 -52.13 26.60 -52.94
CA GLN G 375 -53.58 26.44 -52.94
C GLN G 375 -54.27 27.77 -52.65
N ALA G 376 -53.84 28.43 -51.59
CA ALA G 376 -54.40 29.71 -51.17
C ALA G 376 -54.24 30.76 -52.26
N GLN G 377 -53.08 30.76 -52.92
CA GLN G 377 -52.82 31.70 -54.00
C GLN G 377 -53.73 31.44 -55.20
N LYS G 378 -53.96 30.17 -55.51
CA LYS G 378 -54.83 29.82 -56.63
C LYS G 378 -56.28 30.19 -56.33
N ILE G 379 -56.68 30.02 -55.07
CA ILE G 379 -58.00 30.44 -54.64
C ILE G 379 -58.14 31.95 -54.76
N ARG G 380 -57.08 32.66 -54.39
CA ARG G 380 -57.00 34.11 -54.54
C ARG G 380 -57.19 34.49 -56.00
N ARG G 381 -56.58 33.71 -56.89
CA ARG G 381 -56.72 33.91 -58.32
C ARG G 381 -58.18 33.72 -58.76
N LEU G 382 -58.82 32.69 -58.22
CA LEU G 382 -60.23 32.46 -58.51
C LEU G 382 -61.09 33.63 -58.02
N ILE G 383 -60.69 34.24 -56.92
CA ILE G 383 -61.39 35.40 -56.38
C ILE G 383 -61.27 36.60 -57.30
N LYS G 384 -60.04 36.86 -57.75
CA LYS G 384 -59.82 37.94 -58.71
C LYS G 384 -60.64 37.69 -59.98
N ASN G 385 -60.69 36.44 -60.41
CA ASN G 385 -61.47 36.07 -61.59
C ASN G 385 -62.97 36.29 -61.42
N ASP G 386 -63.52 35.92 -60.27
CA ASP G 386 -64.96 36.14 -60.04
C ASP G 386 -65.24 37.64 -59.99
N PHE G 387 -64.31 38.41 -59.44
CA PHE G 387 -64.50 39.87 -59.37
C PHE G 387 -64.48 40.51 -60.75
N VAL G 388 -63.48 40.15 -61.57
CA VAL G 388 -63.37 40.72 -62.91
C VAL G 388 -64.49 40.20 -63.83
N SER G 389 -65.06 39.06 -63.48
CA SER G 389 -66.19 38.52 -64.20
C SER G 389 -67.47 39.26 -63.81
N ALA G 390 -67.54 39.66 -62.54
CA ALA G 390 -68.72 40.34 -62.01
C ALA G 390 -68.80 41.79 -62.48
N PHE G 391 -67.66 42.49 -62.46
CA PHE G 391 -67.63 43.92 -62.79
C PHE G 391 -67.89 44.26 -64.26
N ALA G 392 -68.19 43.26 -65.08
CA ALA G 392 -68.46 43.50 -66.50
C ALA G 392 -69.74 44.29 -66.71
N GLU G 393 -70.71 44.14 -65.81
CA GLU G 393 -71.98 44.85 -65.95
C GLU G 393 -72.25 45.82 -64.80
N VAL G 394 -71.74 45.50 -63.61
CA VAL G 394 -71.97 46.35 -62.44
C VAL G 394 -70.77 47.24 -62.12
N ASP G 395 -71.05 48.50 -61.78
CA ASP G 395 -70.01 49.47 -61.48
C ASP G 395 -69.49 49.38 -60.04
N VAL G 396 -70.40 49.24 -59.09
CA VAL G 396 -70.01 49.16 -57.68
C VAL G 396 -70.77 48.06 -56.93
N ILE G 397 -70.04 47.23 -56.20
CA ILE G 397 -70.63 46.13 -55.45
C ILE G 397 -70.67 46.42 -53.96
N LEU G 398 -71.89 46.61 -53.43
CA LEU G 398 -72.06 46.94 -52.02
C LEU G 398 -72.70 45.82 -51.21
N GLY G 399 -72.40 45.78 -49.92
CA GLY G 399 -72.97 44.82 -49.00
C GLY G 399 -72.67 45.22 -47.56
N PRO G 400 -72.95 44.33 -46.60
CA PRO G 400 -72.70 44.64 -45.19
C PRO G 400 -71.22 44.53 -44.82
N THR G 401 -70.78 45.34 -43.85
CA THR G 401 -69.40 45.25 -43.36
C THR G 401 -69.30 44.20 -42.27
N THR G 402 -69.37 44.61 -41.01
CA THR G 402 -69.29 43.68 -39.89
C THR G 402 -70.60 42.88 -39.74
N PRO G 403 -70.48 41.56 -39.61
CA PRO G 403 -71.64 40.67 -39.44
C PRO G 403 -72.21 40.71 -38.02
N ASN G 404 -71.39 41.15 -37.07
CA ASN G 404 -71.80 41.23 -35.67
C ASN G 404 -71.53 42.61 -35.08
N PRO G 405 -72.43 43.06 -34.17
CA PRO G 405 -72.24 44.32 -33.45
C PRO G 405 -71.00 44.30 -32.56
N ALA G 406 -70.68 45.45 -31.96
CA ALA G 406 -69.48 45.57 -31.13
C ALA G 406 -69.46 44.58 -29.97
N TRP G 407 -68.33 43.91 -29.80
CA TRP G 407 -68.15 42.90 -28.77
C TRP G 407 -67.21 43.36 -27.65
N LYS G 408 -67.43 42.84 -26.44
CA LYS G 408 -66.76 43.32 -25.24
C LYS G 408 -65.27 43.00 -25.20
N ILE G 409 -64.55 43.66 -24.30
CA ILE G 409 -63.10 43.50 -24.17
C ILE G 409 -62.70 42.50 -23.08
N GLY G 410 -61.68 41.69 -23.38
CA GLY G 410 -61.19 40.70 -22.43
C GLY G 410 -61.90 39.39 -22.61
N GLU G 411 -62.73 39.33 -23.65
CA GLU G 411 -63.53 38.15 -23.91
C GLU G 411 -62.92 37.30 -25.02
N LYS G 412 -62.62 37.95 -26.14
CA LYS G 412 -62.08 37.26 -27.31
C LYS G 412 -60.56 37.10 -27.24
N ASN G 413 -60.01 36.91 -26.04
CA ASN G 413 -58.58 36.72 -25.91
C ASN G 413 -58.12 35.27 -26.02
N ASP G 414 -58.86 34.37 -25.39
CA ASP G 414 -58.54 32.94 -25.47
C ASP G 414 -59.03 32.31 -26.77
N ASP G 415 -60.15 32.81 -27.28
CA ASP G 415 -60.76 32.26 -28.48
C ASP G 415 -60.41 33.03 -29.76
N PRO G 416 -59.71 32.36 -30.68
CA PRO G 416 -59.33 32.93 -31.98
C PRO G 416 -60.40 32.70 -33.05
N VAL G 417 -61.32 31.78 -32.77
CA VAL G 417 -62.38 31.41 -33.70
C VAL G 417 -63.27 32.57 -34.12
N SER G 418 -63.76 33.33 -33.14
CA SER G 418 -64.66 34.45 -33.42
C SER G 418 -63.97 35.61 -34.13
N GLN G 419 -62.69 35.83 -33.83
CA GLN G 419 -61.93 36.89 -34.48
C GLN G 419 -61.78 36.64 -35.98
N TYR G 420 -61.53 35.38 -36.34
CA TYR G 420 -61.34 35.01 -37.73
C TYR G 420 -62.66 34.96 -38.49
N LEU G 421 -63.72 34.56 -37.80
CA LEU G 421 -65.04 34.46 -38.42
C LEU G 421 -65.76 35.80 -38.52
N GLU G 422 -65.07 36.87 -38.15
CA GLU G 422 -65.66 38.21 -38.26
C GLU G 422 -65.43 38.81 -39.65
N ASP G 423 -64.16 38.92 -40.03
CA ASP G 423 -63.79 39.51 -41.31
C ASP G 423 -64.01 38.52 -42.46
N ILE G 424 -65.19 38.59 -43.06
CA ILE G 424 -65.55 37.70 -44.17
C ILE G 424 -65.77 38.49 -45.45
N TYR G 425 -66.44 39.64 -45.31
CA TYR G 425 -66.85 40.46 -46.43
C TYR G 425 -65.71 41.37 -46.88
N THR G 426 -64.91 41.81 -45.91
CA THR G 426 -63.90 42.83 -46.15
C THR G 426 -62.59 42.27 -46.70
N ILE G 427 -62.42 40.95 -46.60
CA ILE G 427 -61.17 40.32 -46.97
C ILE G 427 -61.05 40.10 -48.48
N THR G 428 -62.18 40.01 -49.16
CA THR G 428 -62.21 39.77 -50.60
C THR G 428 -61.50 40.89 -51.36
N ALA G 429 -61.69 42.12 -50.91
CA ALA G 429 -61.05 43.27 -51.54
C ALA G 429 -59.54 43.22 -51.35
N ASN G 430 -59.11 42.81 -50.16
CA ASN G 430 -57.67 42.70 -49.87
C ASN G 430 -57.01 41.62 -50.70
N LEU G 431 -57.65 40.47 -50.82
CA LEU G 431 -57.11 39.37 -51.62
C LEU G 431 -57.12 39.69 -53.11
N ALA G 432 -58.16 40.39 -53.56
CA ALA G 432 -58.26 40.75 -54.96
C ALA G 432 -57.49 42.02 -55.28
N GLY G 433 -57.18 42.79 -54.25
CA GLY G 433 -56.43 44.03 -54.41
C GLY G 433 -57.23 45.21 -54.96
N LEU G 434 -58.54 45.16 -54.76
CA LEU G 434 -59.43 46.23 -55.23
C LEU G 434 -59.66 47.29 -54.16
N PRO G 435 -59.94 48.53 -54.58
CA PRO G 435 -60.23 49.64 -53.66
C PRO G 435 -61.61 49.52 -53.02
N GLY G 436 -61.68 49.72 -51.71
CA GLY G 436 -62.94 49.59 -50.99
C GLY G 436 -63.31 50.80 -50.16
N LEU G 437 -64.58 50.87 -49.75
CA LEU G 437 -65.05 52.01 -48.96
C LEU G 437 -66.18 51.60 -48.01
N SER G 438 -66.01 51.90 -46.73
CA SER G 438 -67.04 51.62 -45.74
C SER G 438 -67.72 52.90 -45.25
N MET G 439 -69.04 52.94 -45.45
CA MET G 439 -69.86 54.05 -44.96
C MET G 439 -71.01 53.54 -44.10
N PRO G 440 -71.16 54.09 -42.89
CA PRO G 440 -72.12 53.67 -41.88
C PRO G 440 -73.56 53.62 -42.36
N ALA G 441 -74.27 52.56 -42.00
CA ALA G 441 -75.66 52.38 -42.38
C ALA G 441 -76.60 52.95 -41.32
N GLY G 442 -76.17 52.86 -40.06
CA GLY G 442 -76.96 53.38 -38.96
C GLY G 442 -76.42 53.00 -37.60
N PHE G 443 -77.31 52.91 -36.61
CA PHE G 443 -76.93 52.56 -35.25
C PHE G 443 -77.84 51.49 -34.66
N VAL G 444 -77.25 50.50 -34.00
CA VAL G 444 -78.03 49.47 -33.34
C VAL G 444 -77.76 49.46 -31.83
N ASP G 445 -78.81 49.71 -31.06
CA ASP G 445 -78.73 49.81 -29.60
C ASP G 445 -77.61 50.75 -29.16
N GLY G 446 -77.39 51.81 -29.93
CA GLY G 446 -76.37 52.80 -29.62
C GLY G 446 -75.02 52.50 -30.25
N LEU G 447 -74.90 51.35 -30.90
CA LEU G 447 -73.65 50.96 -31.54
C LEU G 447 -73.72 51.16 -33.06
N PRO G 448 -72.64 51.70 -33.65
CA PRO G 448 -72.57 52.02 -35.08
C PRO G 448 -72.21 50.83 -35.97
N VAL G 449 -72.87 50.72 -37.11
CA VAL G 449 -72.62 49.65 -38.08
C VAL G 449 -72.40 50.28 -39.46
N GLY G 450 -71.63 49.62 -40.31
CA GLY G 450 -71.31 50.17 -41.62
C GLY G 450 -71.60 49.27 -42.81
N VAL G 451 -71.58 49.86 -44.00
CA VAL G 451 -71.78 49.14 -45.24
C VAL G 451 -70.56 49.29 -46.15
N GLN G 452 -70.06 48.16 -46.67
CA GLN G 452 -68.88 48.20 -47.52
C GLN G 452 -69.20 48.07 -49.02
N LEU G 453 -68.68 49.00 -49.81
CA LEU G 453 -68.83 48.96 -51.25
C LEU G 453 -67.49 49.06 -51.98
N LEU G 454 -67.32 48.24 -53.02
CA LEU G 454 -66.06 48.18 -53.78
C LEU G 454 -66.25 48.43 -55.28
N ALA G 455 -65.24 49.07 -55.89
CA ALA G 455 -65.24 49.43 -57.30
C ALA G 455 -64.02 48.83 -58.00
N PRO G 456 -64.03 48.77 -59.34
CA PRO G 456 -62.85 48.23 -60.04
C PRO G 456 -61.60 49.09 -59.87
N TYR G 457 -60.50 48.63 -60.46
CA TYR G 457 -59.18 49.21 -60.24
C TYR G 457 -59.05 50.70 -60.59
N PHE G 458 -58.38 51.41 -59.70
CA PHE G 458 -57.98 52.80 -59.91
C PHE G 458 -59.11 53.76 -60.24
N GLN G 459 -60.25 53.62 -59.56
CA GLN G 459 -61.35 54.55 -59.74
C GLN G 459 -62.14 54.73 -58.44
N GLU G 460 -61.42 55.06 -57.37
CA GLU G 460 -62.01 55.27 -56.05
C GLU G 460 -62.85 56.55 -56.02
N GLY G 461 -62.62 57.42 -56.99
CA GLY G 461 -63.37 58.66 -57.13
C GLY G 461 -64.85 58.36 -57.24
N ARG G 462 -65.17 57.23 -57.85
CA ARG G 462 -66.55 56.77 -58.00
C ARG G 462 -67.10 56.40 -56.63
N LEU G 463 -66.26 55.72 -55.83
CA LEU G 463 -66.65 55.28 -54.50
C LEU G 463 -66.92 56.46 -53.58
N LEU G 464 -66.06 57.47 -53.66
CA LEU G 464 -66.24 58.68 -52.86
C LEU G 464 -67.36 59.54 -53.42
N ASN G 465 -67.68 59.35 -54.69
CA ASN G 465 -68.77 60.08 -55.31
C ASN G 465 -70.11 59.58 -54.78
N VAL G 466 -70.31 58.26 -54.84
CA VAL G 466 -71.53 57.68 -54.29
C VAL G 466 -71.57 57.82 -52.77
N ALA G 467 -70.40 57.77 -52.14
CA ALA G 467 -70.30 57.97 -50.70
C ALA G 467 -70.74 59.37 -50.28
N HIS G 468 -70.24 60.37 -51.00
CA HIS G 468 -70.54 61.75 -50.68
C HIS G 468 -72.01 62.05 -51.01
N GLN G 469 -72.49 61.46 -52.10
CA GLN G 469 -73.90 61.64 -52.48
C GLN G 469 -74.84 60.98 -51.47
N TYR G 470 -74.40 59.90 -50.83
CA TYR G 470 -75.21 59.28 -49.79
C TYR G 470 -75.13 59.95 -48.42
N GLN G 471 -73.96 60.49 -48.09
CA GLN G 471 -73.76 61.11 -46.78
C GLN G 471 -74.51 62.43 -46.67
N GLN G 472 -74.84 63.03 -47.81
CA GLN G 472 -75.54 64.31 -47.84
C GLN G 472 -77.04 64.09 -47.61
N VAL G 473 -77.51 62.88 -47.87
CA VAL G 473 -78.92 62.57 -47.74
C VAL G 473 -79.30 62.41 -46.27
N SER G 474 -78.64 61.50 -45.57
CA SER G 474 -78.91 61.31 -44.14
C SER G 474 -77.60 61.14 -43.37
N ASP G 475 -77.24 62.17 -42.63
CA ASP G 475 -75.99 62.17 -41.87
C ASP G 475 -76.23 62.16 -40.36
N TRP G 476 -75.35 61.47 -39.64
CA TRP G 476 -75.40 61.43 -38.18
C TRP G 476 -74.26 62.26 -37.61
N HIS G 477 -74.14 63.49 -38.11
CA HIS G 477 -73.07 64.39 -37.73
C HIS G 477 -73.20 64.82 -36.27
N THR G 478 -74.39 65.23 -35.87
CA THR G 478 -74.62 65.72 -34.52
C THR G 478 -74.69 64.58 -33.51
N ARG G 479 -73.62 63.79 -33.41
CA ARG G 479 -73.55 62.72 -32.42
C ARG G 479 -72.31 62.92 -31.56
N THR G 480 -71.40 63.77 -32.06
CA THR G 480 -70.16 64.08 -31.36
C THR G 480 -70.31 64.84 -30.02
N PRO G 481 -71.24 65.82 -29.92
CA PRO G 481 -71.33 66.55 -28.66
C PRO G 481 -71.64 65.66 -27.46
N ALA G 482 -72.46 64.64 -27.67
CA ALA G 482 -72.81 63.71 -26.61
C ALA G 482 -71.58 62.92 -26.23
N GLY G 483 -70.78 62.56 -27.24
CA GLY G 483 -69.56 61.81 -27.03
C GLY G 483 -69.07 61.19 -28.32
N TRP H 3 -12.90 3.47 -62.06
CA TRP H 3 -13.42 4.61 -61.33
C TRP H 3 -13.91 5.70 -62.29
N GLU H 4 -15.06 6.28 -61.95
CA GLU H 4 -15.60 7.39 -62.72
C GLU H 4 -15.86 8.59 -61.82
N THR H 5 -15.19 9.71 -62.10
CA THR H 5 -15.29 10.88 -61.25
C THR H 5 -16.24 11.92 -61.85
N VAL H 6 -17.43 12.02 -61.28
CA VAL H 6 -18.41 13.00 -61.72
C VAL H 6 -18.44 14.19 -60.77
N ILE H 7 -17.98 15.33 -61.24
CA ILE H 7 -17.93 16.53 -60.41
C ILE H 7 -18.88 17.60 -60.93
N GLY H 8 -19.02 18.67 -60.16
CA GLY H 8 -19.84 19.79 -60.56
C GLY H 8 -19.22 21.07 -60.05
N LEU H 9 -19.64 22.20 -60.61
CA LEU H 9 -19.06 23.47 -60.21
C LEU H 9 -20.11 24.55 -60.02
N GLU H 10 -20.10 25.16 -58.84
CA GLU H 10 -21.02 26.22 -58.48
C GLU H 10 -20.26 27.53 -58.30
N ILE H 11 -20.20 28.34 -59.35
CA ILE H 11 -19.35 29.53 -59.37
C ILE H 11 -20.12 30.81 -59.08
N HIS H 12 -19.70 31.54 -58.05
CA HIS H 12 -20.28 32.84 -57.72
C HIS H 12 -19.42 33.99 -58.23
N ALA H 13 -19.99 34.79 -59.13
CA ALA H 13 -19.28 35.96 -59.67
C ALA H 13 -19.94 37.26 -59.25
N GLN H 14 -19.18 38.18 -58.67
CA GLN H 14 -19.73 39.46 -58.22
C GLN H 14 -19.76 40.47 -59.38
N LEU H 15 -20.96 40.89 -59.75
CA LEU H 15 -21.16 41.78 -60.89
C LEU H 15 -20.53 43.14 -60.66
N ALA H 16 -19.86 43.67 -61.68
CA ALA H 16 -19.19 44.95 -61.58
C ALA H 16 -20.14 46.09 -61.97
N THR H 17 -21.06 46.42 -61.08
CA THR H 17 -21.96 47.54 -61.28
C THR H 17 -21.66 48.61 -60.24
N GLN H 18 -21.90 49.87 -60.57
CA GLN H 18 -21.63 50.96 -59.64
C GLN H 18 -22.47 50.82 -58.37
N SER H 19 -23.79 50.83 -58.53
CA SER H 19 -24.69 50.68 -57.39
C SER H 19 -25.04 49.21 -57.18
N LYS H 20 -25.36 48.86 -55.93
CA LYS H 20 -25.72 47.48 -55.59
C LYS H 20 -27.02 47.04 -56.26
N ILE H 21 -27.28 45.74 -56.22
CA ILE H 21 -28.42 45.15 -56.92
C ILE H 21 -29.76 45.68 -56.42
N PHE H 22 -29.89 45.90 -55.11
CA PHE H 22 -31.12 46.41 -54.54
C PHE H 22 -30.89 47.66 -53.71
N SER H 23 -29.64 47.91 -53.35
CA SER H 23 -29.29 49.08 -52.56
C SER H 23 -28.69 50.18 -53.45
N GLY H 24 -28.34 51.30 -52.82
CA GLY H 24 -27.77 52.44 -53.52
C GLY H 24 -26.30 52.65 -53.19
N SER H 25 -25.74 51.77 -52.37
CA SER H 25 -24.35 51.90 -51.95
C SER H 25 -23.36 51.53 -53.06
N SER H 26 -22.12 51.94 -52.88
CA SER H 26 -21.07 51.73 -53.88
C SER H 26 -20.56 50.30 -53.93
N THR H 27 -19.76 50.01 -54.95
CA THR H 27 -19.20 48.69 -55.20
C THR H 27 -17.76 48.58 -54.73
N ALA H 28 -16.89 49.37 -55.35
CA ALA H 28 -15.47 49.39 -55.02
C ALA H 28 -15.31 49.61 -53.52
N PHE H 29 -14.42 48.83 -52.90
CA PHE H 29 -14.34 48.80 -51.45
C PHE H 29 -12.94 48.95 -50.88
N GLY H 30 -12.91 49.29 -49.60
CA GLY H 30 -11.74 49.83 -48.93
C GLY H 30 -11.78 49.48 -47.46
N ALA H 31 -10.68 49.72 -46.75
CA ALA H 31 -10.55 49.30 -45.36
C ALA H 31 -11.54 49.98 -44.42
N ALA H 32 -12.14 51.07 -44.88
CA ALA H 32 -13.15 51.77 -44.07
C ALA H 32 -14.39 50.89 -43.95
N PRO H 33 -14.72 50.47 -42.71
CA PRO H 33 -15.81 49.53 -42.47
C PRO H 33 -17.17 50.20 -42.33
N ASN H 34 -18.22 49.51 -42.79
CA ASN H 34 -19.60 49.97 -42.69
C ASN H 34 -19.87 51.32 -43.34
N THR H 35 -18.92 51.79 -44.16
CA THR H 35 -19.09 53.06 -44.86
C THR H 35 -19.87 52.87 -46.15
N GLN H 36 -19.91 51.65 -46.64
CA GLN H 36 -20.66 51.33 -47.86
C GLN H 36 -21.88 50.47 -47.55
N ALA H 37 -22.64 50.88 -46.53
CA ALA H 37 -23.85 50.18 -46.15
C ALA H 37 -24.93 51.20 -45.78
N SER H 38 -25.94 51.30 -46.62
CA SER H 38 -27.03 52.25 -46.41
C SER H 38 -28.16 51.68 -45.55
N LEU H 39 -29.37 52.17 -45.78
CA LEU H 39 -30.54 51.76 -45.02
C LEU H 39 -31.07 50.43 -45.53
N VAL H 40 -30.94 50.23 -46.84
CA VAL H 40 -31.46 49.02 -47.49
C VAL H 40 -30.66 47.80 -47.05
N ASP H 41 -29.34 47.92 -47.05
CA ASP H 41 -28.46 46.82 -46.67
C ASP H 41 -28.59 46.46 -45.19
N LEU H 42 -28.93 47.45 -44.38
CA LEU H 42 -29.09 47.25 -42.94
C LEU H 42 -30.46 46.68 -42.60
N ALA H 43 -31.28 46.48 -43.63
CA ALA H 43 -32.61 45.89 -43.48
C ALA H 43 -33.46 46.63 -42.45
N MET H 44 -33.54 47.95 -42.58
CA MET H 44 -34.38 48.75 -41.68
C MET H 44 -35.85 48.45 -41.94
N PRO H 45 -36.67 48.51 -40.88
CA PRO H 45 -38.10 48.22 -41.01
C PRO H 45 -38.85 49.25 -41.85
N GLY H 46 -39.55 48.78 -42.87
CA GLY H 46 -40.29 49.66 -43.75
C GLY H 46 -39.57 49.93 -45.07
N THR H 47 -38.31 49.53 -45.14
CA THR H 47 -37.51 49.72 -46.34
C THR H 47 -37.81 48.65 -47.39
N LEU H 48 -37.60 48.99 -48.66
CA LEU H 48 -37.92 48.10 -49.76
C LEU H 48 -36.80 48.06 -50.80
N PRO H 49 -36.63 46.90 -51.47
CA PRO H 49 -35.56 46.75 -52.46
C PRO H 49 -36.02 47.00 -53.89
N VAL H 50 -35.13 47.54 -54.72
CA VAL H 50 -35.40 47.78 -56.13
C VAL H 50 -34.29 47.21 -57.00
N LEU H 51 -34.65 46.38 -57.97
CA LEU H 51 -33.68 45.68 -58.81
C LEU H 51 -32.84 46.62 -59.65
N ASN H 52 -31.55 46.32 -59.77
CA ASN H 52 -30.62 47.12 -60.57
C ASN H 52 -30.79 46.84 -62.07
N GLU H 53 -30.53 47.86 -62.88
CA GLU H 53 -30.71 47.77 -64.33
C GLU H 53 -29.54 47.05 -65.02
N GLU H 54 -28.33 47.56 -64.81
CA GLU H 54 -27.16 47.00 -65.47
C GLU H 54 -26.84 45.61 -64.93
N ALA H 55 -27.39 45.29 -63.76
CA ALA H 55 -27.22 43.96 -63.18
C ALA H 55 -27.92 42.91 -64.04
N VAL H 56 -29.21 43.11 -64.27
CA VAL H 56 -29.97 42.17 -65.09
C VAL H 56 -29.52 42.27 -66.55
N ARG H 57 -29.09 43.46 -66.97
CA ARG H 57 -28.58 43.64 -68.32
C ARG H 57 -27.35 42.76 -68.56
N MET H 58 -26.38 42.86 -67.66
CA MET H 58 -25.17 42.05 -67.72
C MET H 58 -25.51 40.56 -67.56
N ALA H 59 -26.56 40.29 -66.79
CA ALA H 59 -27.02 38.92 -66.57
C ALA H 59 -27.45 38.28 -67.88
N CYS H 60 -28.41 38.89 -68.56
CA CYS H 60 -28.89 38.35 -69.83
C CYS H 60 -27.84 38.50 -70.93
N LEU H 61 -26.87 39.38 -70.71
CA LEU H 61 -25.73 39.49 -71.61
C LEU H 61 -24.89 38.21 -71.54
N PHE H 62 -24.58 37.79 -70.31
CA PHE H 62 -23.88 36.54 -70.08
C PHE H 62 -24.72 35.37 -70.58
N GLY H 63 -26.03 35.50 -70.45
CA GLY H 63 -26.94 34.49 -70.95
C GLY H 63 -26.86 34.34 -72.46
N LEU H 64 -26.72 35.45 -73.16
CA LEU H 64 -26.59 35.44 -74.61
C LEU H 64 -25.22 34.94 -75.06
N ALA H 65 -24.19 35.29 -74.30
CA ALA H 65 -22.83 34.87 -74.64
C ALA H 65 -22.63 33.36 -74.47
N ILE H 66 -23.35 32.77 -73.52
CA ILE H 66 -23.19 31.37 -73.19
C ILE H 66 -24.12 30.47 -74.01
N ASP H 67 -24.88 31.09 -74.90
CA ASP H 67 -25.82 30.38 -75.78
C ASP H 67 -26.86 29.59 -74.99
N ALA H 68 -27.53 30.27 -74.07
CA ALA H 68 -28.56 29.65 -73.25
C ALA H 68 -29.95 30.20 -73.51
N ARG H 69 -30.96 29.36 -73.36
CA ARG H 69 -32.34 29.77 -73.50
C ARG H 69 -32.75 30.72 -72.39
N ILE H 70 -32.89 32.00 -72.73
CA ILE H 70 -33.27 33.02 -71.75
C ILE H 70 -34.79 33.01 -71.55
N ASP H 71 -35.20 32.92 -70.28
CA ASP H 71 -36.61 32.89 -69.94
C ASP H 71 -37.25 34.26 -70.17
N ARG H 72 -38.53 34.25 -70.55
CA ARG H 72 -39.26 35.49 -70.77
C ARG H 72 -39.55 36.19 -69.45
N GLN H 73 -39.82 35.39 -68.43
CA GLN H 73 -40.10 35.91 -67.10
C GLN H 73 -39.27 35.17 -66.04
N ASN H 74 -38.76 35.92 -65.07
CA ASN H 74 -38.03 35.32 -63.96
C ASN H 74 -38.41 36.00 -62.65
N VAL H 75 -38.64 35.19 -61.61
CA VAL H 75 -39.09 35.72 -60.33
C VAL H 75 -38.05 35.51 -59.25
N PHE H 76 -37.78 36.55 -58.47
CA PHE H 76 -36.86 36.45 -57.35
C PHE H 76 -37.53 35.81 -56.15
N ALA H 77 -36.88 34.81 -55.56
CA ALA H 77 -37.41 34.13 -54.39
C ALA H 77 -36.55 34.43 -53.16
N ARG H 78 -37.04 34.02 -51.99
CA ARG H 78 -36.35 34.30 -50.74
C ARG H 78 -35.72 33.05 -50.15
N LYS H 79 -34.47 33.15 -49.75
CA LYS H 79 -33.75 32.05 -49.12
C LYS H 79 -33.61 32.31 -47.62
N ASN H 80 -34.67 32.02 -46.88
CA ASN H 80 -34.74 32.32 -45.46
C ASN H 80 -33.83 31.44 -44.59
N TYR H 81 -32.74 32.04 -44.12
CA TYR H 81 -31.89 31.39 -43.13
C TYR H 81 -31.31 32.44 -42.18
N PHE H 82 -31.05 32.05 -40.94
CA PHE H 82 -30.61 32.99 -39.92
C PHE H 82 -29.10 32.93 -39.68
N TYR H 83 -28.44 34.05 -39.96
CA TYR H 83 -27.00 34.18 -39.75
C TYR H 83 -26.66 35.67 -39.68
N PRO H 84 -25.76 36.04 -38.75
CA PRO H 84 -25.42 37.45 -38.49
C PRO H 84 -24.98 38.25 -39.72
N ASP H 85 -24.41 37.59 -40.73
CA ASP H 85 -23.99 38.29 -41.93
C ASP H 85 -25.20 38.67 -42.79
N LEU H 86 -26.25 37.88 -42.70
CA LEU H 86 -27.48 38.15 -43.45
C LEU H 86 -28.44 39.04 -42.66
N PRO H 87 -28.67 40.26 -43.18
CA PRO H 87 -29.46 41.32 -42.53
C PRO H 87 -30.98 41.08 -42.51
N LYS H 88 -31.55 40.78 -43.67
CA LYS H 88 -33.00 40.68 -43.82
C LYS H 88 -33.55 39.34 -43.33
N GLY H 89 -32.65 38.40 -43.08
CA GLY H 89 -33.06 37.09 -42.60
C GLY H 89 -33.40 36.16 -43.74
N TYR H 90 -33.20 36.65 -44.96
CA TYR H 90 -33.42 35.85 -46.16
C TYR H 90 -32.54 36.37 -47.29
N GLN H 91 -32.01 35.46 -48.11
CA GLN H 91 -31.17 35.85 -49.22
C GLN H 91 -31.97 35.88 -50.52
N THR H 92 -32.08 37.07 -51.10
CA THR H 92 -32.85 37.24 -52.34
C THR H 92 -32.16 36.52 -53.51
N SER H 93 -32.64 35.33 -53.82
CA SER H 93 -32.08 34.53 -54.92
C SER H 93 -33.16 34.27 -55.96
N GLN H 94 -33.04 33.15 -56.67
CA GLN H 94 -34.04 32.75 -57.64
C GLN H 94 -34.28 31.24 -57.59
N MET H 95 -35.48 30.86 -57.17
CA MET H 95 -35.84 29.45 -57.03
C MET H 95 -36.34 28.87 -58.37
N ASP H 96 -37.48 29.37 -58.84
CA ASP H 96 -38.03 28.93 -60.11
C ASP H 96 -37.87 30.01 -61.17
N HIS H 97 -37.67 29.59 -62.42
CA HIS H 97 -37.47 30.51 -63.54
C HIS H 97 -36.32 31.46 -63.28
N PRO H 98 -35.08 31.00 -63.53
CA PRO H 98 -33.91 31.87 -63.35
C PRO H 98 -33.70 32.81 -64.54
N ILE H 99 -32.74 33.71 -64.41
CA ILE H 99 -32.39 34.63 -65.50
C ILE H 99 -31.89 33.84 -66.70
N VAL H 100 -30.90 32.99 -66.45
CA VAL H 100 -30.29 32.18 -67.49
C VAL H 100 -30.42 30.70 -67.18
N GLY H 101 -30.63 29.88 -68.21
CA GLY H 101 -30.74 28.45 -68.03
C GLY H 101 -30.32 27.64 -69.24
N LYS H 102 -29.71 26.49 -68.99
CA LYS H 102 -29.28 25.55 -70.03
C LYS H 102 -28.43 26.18 -71.14
N GLY H 103 -27.15 26.36 -70.86
CA GLY H 103 -26.20 26.82 -71.86
C GLY H 103 -25.02 25.86 -71.96
N HIS H 104 -24.09 26.15 -72.87
CA HIS H 104 -22.91 25.31 -73.01
C HIS H 104 -21.65 26.15 -73.24
N LEU H 105 -20.54 25.71 -72.65
CA LEU H 105 -19.27 26.41 -72.78
C LEU H 105 -18.19 25.47 -73.34
N ASP H 106 -17.50 25.92 -74.37
CA ASP H 106 -16.41 25.17 -74.95
C ASP H 106 -15.12 25.38 -74.17
N ILE H 107 -14.68 24.34 -73.46
CA ILE H 107 -13.44 24.41 -72.70
C ILE H 107 -12.28 23.88 -73.55
N THR H 108 -11.20 24.66 -73.59
CA THR H 108 -10.02 24.30 -74.35
C THR H 108 -9.02 23.55 -73.48
N LEU H 109 -8.70 22.33 -73.89
CA LEU H 109 -7.70 21.54 -73.18
C LEU H 109 -6.43 21.48 -74.00
N GLU H 110 -5.46 20.66 -73.55
CA GLU H 110 -4.24 20.48 -74.32
C GLU H 110 -4.17 19.09 -74.93
N ASP H 111 -5.11 18.23 -74.53
CA ASP H 111 -5.17 16.88 -75.06
C ASP H 111 -6.07 16.82 -76.29
N GLY H 112 -5.68 17.55 -77.33
CA GLY H 112 -6.38 17.50 -78.60
C GLY H 112 -7.70 18.26 -78.57
N THR H 113 -8.78 17.50 -78.42
CA THR H 113 -10.14 18.02 -78.54
C THR H 113 -10.50 19.07 -77.49
N THR H 114 -11.22 20.09 -77.92
CA THR H 114 -11.74 21.12 -77.02
C THR H 114 -13.15 20.72 -76.60
N LYS H 115 -13.28 20.27 -75.35
CA LYS H 115 -14.49 19.59 -74.89
C LYS H 115 -15.64 20.54 -74.61
N ARG H 116 -16.87 20.06 -74.75
CA ARG H 116 -18.05 20.86 -74.45
C ARG H 116 -18.58 20.57 -73.05
N ILE H 117 -18.88 21.64 -72.30
CA ILE H 117 -19.39 21.51 -70.93
C ILE H 117 -20.77 22.15 -70.83
N GLY H 118 -21.59 21.66 -69.90
CA GLY H 118 -22.94 22.17 -69.74
C GLY H 118 -23.08 23.09 -68.53
N ILE H 119 -23.97 24.06 -68.66
CA ILE H 119 -24.29 24.98 -67.58
C ILE H 119 -25.80 24.95 -67.34
N THR H 120 -26.22 24.42 -66.20
CA THR H 120 -27.65 24.21 -65.97
C THR H 120 -28.42 25.52 -65.78
N ARG H 121 -27.80 26.50 -65.14
CA ARG H 121 -28.45 27.78 -64.90
C ARG H 121 -27.46 28.88 -64.53
N ALA H 122 -27.97 30.11 -64.43
CA ALA H 122 -27.17 31.26 -64.03
C ALA H 122 -28.07 32.40 -63.57
N HIS H 123 -28.42 32.40 -62.28
CA HIS H 123 -29.38 33.36 -61.75
C HIS H 123 -28.72 34.48 -60.95
N LEU H 124 -29.54 35.43 -60.50
CA LEU H 124 -29.05 36.57 -59.73
C LEU H 124 -29.23 36.40 -58.22
N GLU H 125 -28.14 36.50 -57.48
CA GLU H 125 -28.19 36.42 -56.03
C GLU H 125 -27.69 37.71 -55.39
N GLU H 126 -27.57 37.68 -54.06
CA GLU H 126 -27.02 38.82 -53.32
C GLU H 126 -26.07 38.32 -52.23
N ASP H 127 -25.04 39.10 -51.95
CA ASP H 127 -24.04 38.71 -50.98
C ASP H 127 -24.41 39.17 -49.57
N ALA H 128 -23.69 38.67 -48.58
CA ALA H 128 -23.95 39.01 -47.18
C ALA H 128 -22.73 39.66 -46.54
N GLY H 129 -22.80 39.88 -45.23
CA GLY H 129 -21.71 40.52 -44.51
C GLY H 129 -20.53 39.61 -44.28
N LYS H 130 -19.50 40.13 -43.63
CA LYS H 130 -18.28 39.37 -43.36
C LYS H 130 -17.92 39.43 -41.88
N SER H 131 -17.57 38.28 -41.32
CA SER H 131 -17.18 38.21 -39.91
C SER H 131 -15.66 38.25 -39.77
N LEU H 132 -15.18 38.94 -38.75
CA LEU H 132 -13.74 39.08 -38.55
C LEU H 132 -13.27 38.67 -37.15
N HIS H 133 -11.98 38.35 -37.06
CA HIS H 133 -11.35 37.89 -35.81
C HIS H 133 -10.91 39.03 -34.91
N GLU H 134 -11.62 39.22 -33.80
CA GLU H 134 -11.28 40.27 -32.84
C GLU H 134 -11.83 39.99 -31.45
N ASP H 135 -11.26 40.68 -30.46
CA ASP H 135 -11.64 40.54 -29.06
C ASP H 135 -11.55 39.09 -28.58
N GLY H 138 -14.11 36.84 -25.65
CA GLY H 138 -14.34 37.84 -26.69
C GLY H 138 -15.50 37.47 -27.59
N MET H 139 -15.77 38.34 -28.57
CA MET H 139 -16.86 38.12 -29.50
C MET H 139 -16.38 38.26 -30.95
N SER H 140 -17.23 38.80 -31.82
CA SER H 140 -16.86 38.96 -33.23
C SER H 140 -17.52 40.18 -33.86
N GLY H 141 -16.97 40.61 -34.99
CA GLY H 141 -17.46 41.78 -35.69
C GLY H 141 -17.91 41.50 -37.10
N ILE H 142 -19.12 41.95 -37.43
CA ILE H 142 -19.69 41.75 -38.75
C ILE H 142 -19.72 43.06 -39.54
N ASP H 143 -19.14 43.05 -40.73
CA ASP H 143 -19.10 44.22 -41.59
C ASP H 143 -19.99 44.00 -42.81
N LEU H 144 -20.95 44.89 -43.00
CA LEU H 144 -21.94 44.76 -44.07
C LEU H 144 -21.57 45.56 -45.32
N ASN H 145 -20.28 45.81 -45.49
CA ASN H 145 -19.80 46.55 -46.67
C ASN H 145 -19.99 45.72 -47.94
N ARG H 146 -19.90 44.41 -47.79
CA ARG H 146 -20.03 43.49 -48.92
C ARG H 146 -21.48 43.03 -49.07
N ALA H 147 -22.30 43.32 -48.06
CA ALA H 147 -23.71 42.98 -48.08
C ALA H 147 -24.47 43.80 -49.12
N GLY H 148 -25.31 43.12 -49.90
CA GLY H 148 -26.10 43.79 -50.93
C GLY H 148 -25.43 43.77 -52.29
N THR H 149 -24.24 43.19 -52.35
CA THR H 149 -23.49 43.10 -53.60
C THR H 149 -24.14 42.10 -54.56
N PRO H 150 -24.40 42.54 -55.79
CA PRO H 150 -25.02 41.69 -56.81
C PRO H 150 -24.18 40.46 -57.13
N LEU H 151 -24.82 39.29 -57.19
CA LEU H 151 -24.11 38.06 -57.51
C LEU H 151 -24.74 37.31 -58.68
N LEU H 152 -23.88 36.65 -59.45
CA LEU H 152 -24.31 35.78 -60.54
C LEU H 152 -23.83 34.37 -60.24
N GLU H 153 -24.78 33.48 -59.96
CA GLU H 153 -24.46 32.11 -59.61
C GLU H 153 -24.53 31.19 -60.82
N ILE H 154 -23.39 30.99 -61.46
CA ILE H 154 -23.27 30.07 -62.58
C ILE H 154 -23.12 28.64 -62.08
N VAL H 155 -24.20 27.86 -62.20
CA VAL H 155 -24.17 26.45 -61.81
C VAL H 155 -23.96 25.58 -63.04
N SER H 156 -22.93 24.75 -63.01
CA SER H 156 -22.59 23.92 -64.15
C SER H 156 -23.25 22.55 -64.08
N GLU H 157 -23.59 22.01 -65.26
CA GLU H 157 -24.13 20.67 -65.37
C GLU H 157 -23.05 19.66 -65.02
N PRO H 158 -23.41 18.59 -64.31
CA PRO H 158 -22.42 17.57 -63.95
C PRO H 158 -21.91 16.74 -65.13
N ASP H 159 -21.46 17.41 -66.18
CA ASP H 159 -20.86 16.75 -67.33
C ASP H 159 -19.34 16.80 -67.20
N ILE H 160 -18.87 17.67 -66.32
CA ILE H 160 -17.45 17.86 -66.09
C ILE H 160 -16.87 16.71 -65.27
N ARG H 161 -15.75 16.15 -65.73
CA ARG H 161 -15.20 14.94 -65.11
C ARG H 161 -13.88 15.19 -64.37
N SER H 162 -12.77 15.07 -65.08
CA SER H 162 -11.44 15.16 -64.47
C SER H 162 -11.14 16.55 -63.92
N ALA H 163 -10.14 16.64 -63.06
CA ALA H 163 -9.78 17.89 -62.39
C ALA H 163 -9.21 18.95 -63.33
N LYS H 164 -8.36 18.52 -64.26
CA LYS H 164 -7.76 19.43 -65.23
C LYS H 164 -8.85 20.07 -66.07
N GLU H 165 -9.86 19.28 -66.39
CA GLU H 165 -11.04 19.76 -67.10
C GLU H 165 -11.75 20.83 -66.27
N ALA H 166 -11.81 20.62 -64.96
CA ALA H 166 -12.46 21.57 -64.06
C ALA H 166 -11.72 22.90 -64.04
N VAL H 167 -10.41 22.83 -63.91
CA VAL H 167 -9.57 24.02 -63.95
C VAL H 167 -9.75 24.75 -65.27
N ALA H 168 -9.87 23.97 -66.35
CA ALA H 168 -10.11 24.53 -67.68
C ALA H 168 -11.45 25.26 -67.73
N TYR H 169 -12.46 24.71 -67.05
CA TYR H 169 -13.78 25.32 -67.05
C TYR H 169 -13.78 26.62 -66.23
N VAL H 170 -13.09 26.60 -65.10
CA VAL H 170 -12.99 27.79 -64.26
C VAL H 170 -12.24 28.91 -65.00
N LYS H 171 -11.18 28.53 -65.71
CA LYS H 171 -10.41 29.48 -66.49
C LYS H 171 -11.23 30.03 -67.65
N ALA H 172 -12.06 29.17 -68.24
CA ALA H 172 -12.92 29.57 -69.35
C ALA H 172 -14.00 30.54 -68.89
N ILE H 173 -14.59 30.24 -67.74
CA ILE H 173 -15.58 31.11 -67.12
C ILE H 173 -14.95 32.47 -66.82
N HIS H 174 -13.79 32.44 -66.17
CA HIS H 174 -13.06 33.65 -65.82
C HIS H 174 -12.75 34.50 -67.05
N ALA H 175 -12.28 33.84 -68.11
CA ALA H 175 -11.92 34.54 -69.34
C ALA H 175 -13.13 35.16 -70.02
N LEU H 176 -14.20 34.39 -70.16
CA LEU H 176 -15.42 34.87 -70.80
C LEU H 176 -16.04 36.03 -70.04
N VAL H 177 -16.11 35.90 -68.72
CA VAL H 177 -16.68 36.95 -67.88
C VAL H 177 -15.81 38.21 -67.91
N ARG H 178 -14.49 38.02 -67.92
CA ARG H 178 -13.56 39.13 -68.03
C ARG H 178 -13.74 39.87 -69.35
N TYR H 179 -13.92 39.11 -70.42
CA TYR H 179 -14.14 39.68 -71.75
C TYR H 179 -15.45 40.44 -71.83
N LEU H 180 -16.48 39.90 -71.21
CA LEU H 180 -17.81 40.52 -71.22
C LEU H 180 -17.82 41.81 -70.40
N GLY H 181 -16.84 41.97 -69.52
CA GLY H 181 -16.77 43.15 -68.67
C GLY H 181 -17.79 43.06 -67.55
N ILE H 182 -18.09 41.83 -67.15
CA ILE H 182 -19.08 41.59 -66.10
C ILE H 182 -18.45 41.63 -64.71
N CYS H 183 -17.37 40.87 -64.54
CA CYS H 183 -16.64 40.86 -63.28
C CYS H 183 -15.18 41.23 -63.51
N ASP H 184 -14.53 41.71 -62.45
CA ASP H 184 -13.12 42.09 -62.53
C ASP H 184 -12.26 40.86 -62.81
N GLY H 185 -12.65 39.74 -62.23
CA GLY H 185 -11.94 38.48 -62.44
C GLY H 185 -10.85 38.23 -61.42
N ASN H 186 -10.42 39.29 -60.74
CA ASN H 186 -9.36 39.19 -59.75
C ASN H 186 -9.80 38.37 -58.53
N MET H 187 -9.33 37.13 -58.47
CA MET H 187 -9.66 36.25 -57.35
C MET H 187 -8.99 36.71 -56.07
N ALA H 188 -7.92 37.47 -56.21
CA ALA H 188 -7.18 38.00 -55.07
C ALA H 188 -8.02 39.01 -54.31
N GLU H 189 -8.80 39.80 -55.05
CA GLU H 189 -9.67 40.81 -54.46
C GLU H 189 -10.91 40.16 -53.85
N GLY H 190 -11.17 38.93 -54.25
CA GLY H 190 -12.32 38.19 -53.73
C GLY H 190 -13.51 38.40 -54.63
N SER H 191 -13.26 38.51 -55.93
CA SER H 191 -14.32 38.75 -56.90
C SER H 191 -14.95 37.46 -57.41
N LEU H 192 -14.11 36.54 -57.87
CA LEU H 192 -14.59 35.29 -58.44
C LEU H 192 -14.40 34.13 -57.45
N ARG H 193 -15.50 33.49 -57.07
CA ARG H 193 -15.43 32.38 -56.13
C ARG H 193 -16.12 31.15 -56.71
N CYS H 194 -15.87 29.98 -56.12
CA CYS H 194 -16.49 28.75 -56.63
C CYS H 194 -16.52 27.62 -55.61
N ASP H 195 -17.42 26.67 -55.83
CA ASP H 195 -17.52 25.48 -55.00
C ASP H 195 -17.58 24.24 -55.89
N CYS H 196 -17.21 23.08 -55.35
CA CYS H 196 -17.19 21.87 -56.16
C CYS H 196 -17.98 20.71 -55.55
N ASN H 197 -18.91 20.18 -56.34
CA ASN H 197 -19.69 19.02 -55.94
C ASN H 197 -19.10 17.74 -56.52
N VAL H 198 -18.04 17.23 -55.89
CA VAL H 198 -17.33 16.08 -56.43
C VAL H 198 -17.89 14.76 -55.91
N SER H 199 -18.15 13.83 -56.82
CA SER H 199 -18.63 12.50 -56.44
C SER H 199 -18.14 11.43 -57.39
N VAL H 200 -17.43 10.43 -56.85
CA VAL H 200 -16.88 9.34 -57.65
C VAL H 200 -17.75 8.10 -57.53
N ARG H 201 -17.64 7.20 -58.50
CA ARG H 201 -18.41 5.96 -58.50
C ARG H 201 -17.68 4.86 -59.25
N PRO H 202 -17.65 3.65 -58.67
CA PRO H 202 -17.06 2.49 -59.34
C PRO H 202 -17.84 2.12 -60.59
N LYS H 203 -17.16 1.98 -61.72
CA LYS H 203 -17.82 1.65 -62.98
C LYS H 203 -18.51 0.30 -62.92
N GLY H 204 -19.79 0.29 -63.25
CA GLY H 204 -20.58 -0.92 -63.23
C GLY H 204 -21.74 -0.80 -62.27
N GLN H 205 -21.46 -0.24 -61.09
CA GLN H 205 -22.51 -0.04 -60.10
C GLN H 205 -22.88 1.44 -59.95
N ALA H 206 -24.17 1.74 -60.10
CA ALA H 206 -24.68 3.08 -59.84
C ALA H 206 -24.66 3.33 -58.33
N GLU H 207 -24.42 2.25 -57.60
CA GLU H 207 -24.32 2.25 -56.15
C GLU H 207 -23.02 2.85 -55.64
N PHE H 208 -23.05 3.31 -54.39
CA PHE H 208 -21.91 3.90 -53.69
C PHE H 208 -21.51 5.25 -54.27
N GLY H 209 -20.59 5.92 -53.60
CA GLY H 209 -20.06 7.19 -54.06
C GLY H 209 -20.89 8.39 -53.67
N THR H 210 -21.03 8.62 -52.36
CA THR H 210 -21.76 9.77 -51.86
C THR H 210 -21.09 11.06 -52.30
N ARG H 211 -21.89 12.11 -52.50
CA ARG H 211 -21.38 13.39 -52.97
C ARG H 211 -20.66 14.18 -51.88
N ALA H 212 -19.57 14.84 -52.25
CA ALA H 212 -18.82 15.68 -51.33
C ALA H 212 -18.72 17.10 -51.88
N GLU H 213 -19.27 18.05 -51.14
CA GLU H 213 -19.23 19.45 -51.55
C GLU H 213 -18.12 20.20 -50.81
N ILE H 214 -17.05 20.47 -51.57
CA ILE H 214 -15.95 21.29 -51.07
C ILE H 214 -16.21 22.77 -51.39
N LYS H 215 -16.29 23.56 -50.32
CA LYS H 215 -16.62 24.98 -50.39
C LYS H 215 -15.34 25.82 -50.36
N ASN H 216 -15.50 27.11 -50.67
CA ASN H 216 -14.44 28.12 -50.63
C ASN H 216 -13.12 27.70 -51.29
N VAL H 217 -13.11 27.70 -52.62
CA VAL H 217 -11.90 27.40 -53.36
C VAL H 217 -11.48 28.59 -54.21
N ASN H 218 -10.29 29.11 -53.96
CA ASN H 218 -9.80 30.31 -54.62
C ASN H 218 -9.13 30.04 -55.97
N SER H 219 -7.82 29.87 -55.94
CA SER H 219 -7.02 29.73 -57.15
C SER H 219 -7.27 28.41 -57.88
N PHE H 220 -6.83 28.36 -59.14
CA PHE H 220 -6.99 27.18 -59.98
C PHE H 220 -6.18 26.01 -59.43
N ARG H 221 -4.98 26.30 -58.93
CA ARG H 221 -4.12 25.30 -58.32
C ARG H 221 -4.81 24.66 -57.11
N PHE H 222 -5.43 25.51 -56.28
CA PHE H 222 -6.18 25.04 -55.13
C PHE H 222 -7.32 24.13 -55.59
N ILE H 223 -8.00 24.54 -56.65
CA ILE H 223 -9.09 23.76 -57.23
C ILE H 223 -8.64 22.36 -57.63
N GLU H 224 -7.59 22.31 -58.46
CA GLU H 224 -7.06 21.03 -58.95
C GLU H 224 -6.63 20.12 -57.80
N LYS H 225 -5.77 20.65 -56.94
CA LYS H 225 -5.23 19.87 -55.82
C LYS H 225 -6.35 19.36 -54.91
N ALA H 226 -7.31 20.23 -54.59
CA ALA H 226 -8.40 19.86 -53.71
C ALA H 226 -9.30 18.80 -54.35
N ILE H 227 -9.61 18.97 -55.63
CA ILE H 227 -10.46 18.02 -56.34
C ILE H 227 -9.80 16.63 -56.42
N ASN H 228 -8.51 16.60 -56.76
CA ASN H 228 -7.78 15.33 -56.79
C ASN H 228 -7.77 14.67 -55.41
N HIS H 229 -7.36 15.45 -54.42
CA HIS H 229 -7.22 14.98 -53.05
C HIS H 229 -8.57 14.60 -52.44
N GLU H 230 -9.65 15.02 -53.08
CA GLU H 230 -10.99 14.64 -52.64
C GLU H 230 -11.41 13.35 -53.34
N ILE H 231 -11.06 13.26 -54.62
CA ILE H 231 -11.35 12.08 -55.41
C ILE H 231 -10.71 10.83 -54.81
N GLN H 232 -9.41 10.90 -54.54
CA GLN H 232 -8.72 9.74 -53.98
C GLN H 232 -9.27 9.37 -52.60
N ARG H 233 -9.64 10.39 -51.83
CA ARG H 233 -10.22 10.17 -50.51
C ARG H 233 -11.53 9.40 -50.59
N GLN H 234 -12.41 9.84 -51.49
CA GLN H 234 -13.68 9.15 -51.68
C GLN H 234 -13.46 7.74 -52.18
N ILE H 235 -12.46 7.58 -53.04
CA ILE H 235 -12.07 6.26 -53.54
C ILE H 235 -11.73 5.35 -52.38
N GLU H 236 -10.90 5.85 -51.45
CA GLU H 236 -10.56 5.07 -50.26
C GLU H 236 -11.78 4.75 -49.40
N LEU H 237 -12.65 5.73 -49.20
CA LEU H 237 -13.83 5.53 -48.37
C LEU H 237 -14.74 4.44 -48.94
N ILE H 238 -14.86 4.40 -50.25
CA ILE H 238 -15.69 3.37 -50.89
C ILE H 238 -14.98 2.02 -50.88
N GLU H 239 -13.66 2.04 -51.01
CA GLU H 239 -12.87 0.81 -50.98
C GLU H 239 -12.92 0.12 -49.62
N ASP H 240 -12.80 0.91 -48.56
CA ASP H 240 -12.80 0.37 -47.19
C ASP H 240 -14.21 0.05 -46.70
N GLY H 241 -15.20 0.73 -47.29
CA GLY H 241 -16.58 0.59 -46.86
C GLY H 241 -16.87 1.60 -45.76
N GLY H 242 -16.61 1.19 -44.51
CA GLY H 242 -16.73 2.06 -43.36
C GLY H 242 -18.03 2.83 -43.26
N LYS H 243 -17.92 4.13 -43.01
CA LYS H 243 -19.08 5.01 -42.89
C LYS H 243 -18.98 6.19 -43.84
N VAL H 244 -19.79 6.17 -44.89
CA VAL H 244 -19.84 7.26 -45.87
C VAL H 244 -20.87 8.32 -45.45
N VAL H 245 -20.37 9.41 -44.88
CA VAL H 245 -21.25 10.44 -44.32
C VAL H 245 -21.20 11.74 -45.13
N GLN H 246 -22.34 12.42 -45.21
CA GLN H 246 -22.44 13.68 -45.94
C GLN H 246 -22.07 14.89 -45.08
N GLU H 247 -21.00 15.57 -45.46
CA GLU H 247 -20.55 16.75 -44.75
C GLU H 247 -20.13 17.82 -45.75
N THR H 248 -20.10 19.07 -45.31
CA THR H 248 -19.69 20.18 -46.16
C THR H 248 -18.23 20.52 -45.88
N ARG H 249 -17.34 20.06 -46.75
CA ARG H 249 -15.92 20.22 -46.45
C ARG H 249 -15.27 21.46 -47.03
N LEU H 250 -14.07 21.78 -46.54
CA LEU H 250 -13.30 22.92 -47.02
C LEU H 250 -11.85 22.52 -47.23
N TYR H 251 -11.10 23.35 -47.95
CA TYR H 251 -9.73 23.04 -48.27
C TYR H 251 -8.75 24.14 -47.89
N ASP H 252 -7.70 23.75 -47.17
CA ASP H 252 -6.62 24.66 -46.83
C ASP H 252 -5.33 24.24 -47.54
N PRO H 253 -4.75 25.17 -48.32
CA PRO H 253 -3.55 24.92 -49.13
C PRO H 253 -2.30 24.64 -48.30
N ASN H 254 -2.38 24.86 -46.98
CA ASN H 254 -1.22 24.67 -46.12
C ASN H 254 -0.89 23.21 -45.87
N LYS H 255 -1.90 22.40 -45.61
CA LYS H 255 -1.70 20.98 -45.32
C LYS H 255 -2.27 20.08 -46.41
N ASP H 256 -2.97 20.69 -47.37
CA ASP H 256 -3.60 19.97 -48.48
C ASP H 256 -4.57 18.90 -47.99
N GLU H 257 -5.21 19.17 -46.85
CA GLU H 257 -6.18 18.24 -46.27
C GLU H 257 -7.58 18.83 -46.34
N THR H 258 -8.60 17.95 -46.31
CA THR H 258 -9.99 18.41 -46.38
C THR H 258 -10.65 18.35 -45.00
N ARG H 259 -11.12 19.51 -44.53
CA ARG H 259 -11.72 19.60 -43.21
C ARG H 259 -13.20 19.95 -43.25
N SER H 260 -13.97 19.40 -42.32
CA SER H 260 -15.41 19.67 -42.23
C SER H 260 -15.72 20.74 -41.18
N MET H 261 -16.26 21.87 -41.61
CA MET H 261 -16.61 22.95 -40.68
C MET H 261 -17.93 22.72 -39.95
N ARG H 262 -18.98 22.39 -40.70
CA ARG H 262 -20.31 22.18 -40.11
C ARG H 262 -20.96 20.88 -40.57
N GLY H 263 -21.60 20.17 -39.63
CA GLY H 263 -22.34 18.97 -39.95
C GLY H 263 -23.82 19.20 -40.21
N LYS H 264 -24.26 18.81 -41.41
CA LYS H 264 -25.66 18.95 -41.81
C LYS H 264 -26.49 17.77 -41.33
N GLU H 265 -27.27 17.97 -40.26
CA GLU H 265 -28.09 16.91 -39.70
C GLU H 265 -29.22 16.53 -40.65
N GLU H 266 -29.67 17.50 -41.42
CA GLU H 266 -30.74 17.28 -42.40
C GLU H 266 -30.68 18.36 -43.47
N ALA H 267 -31.41 18.15 -44.56
CA ALA H 267 -31.44 19.11 -45.66
C ALA H 267 -32.03 20.43 -45.18
N ASN H 268 -31.23 21.48 -45.19
CA ASN H 268 -31.66 22.79 -44.72
C ASN H 268 -32.84 23.33 -45.50
N ASP H 269 -33.95 23.55 -44.80
CA ASP H 269 -35.16 24.05 -45.42
C ASP H 269 -35.14 25.57 -45.40
N TYR H 270 -34.72 26.16 -46.51
CA TYR H 270 -34.60 27.61 -46.62
C TYR H 270 -35.93 28.29 -46.87
N ARG H 271 -36.96 27.48 -47.13
CA ARG H 271 -38.32 27.98 -47.37
C ARG H 271 -38.38 28.97 -48.53
N TYR H 272 -38.28 28.45 -49.75
CA TYR H 272 -38.34 29.28 -50.95
C TYR H 272 -39.77 29.66 -51.30
N PHE H 273 -39.95 30.92 -51.71
CA PHE H 273 -41.24 31.41 -52.18
C PHE H 273 -41.04 32.74 -52.89
N PRO H 274 -41.86 33.03 -53.90
CA PRO H 274 -41.76 34.29 -54.67
C PRO H 274 -41.82 35.52 -53.77
N CYS H 275 -40.85 36.42 -53.93
CA CYS H 275 -40.77 37.62 -53.13
C CYS H 275 -41.93 38.57 -53.45
N PRO H 276 -42.71 38.93 -52.43
CA PRO H 276 -43.89 39.78 -52.61
C PRO H 276 -43.53 41.24 -52.90
N ASP H 277 -42.31 41.63 -52.56
CA ASP H 277 -41.85 43.00 -52.80
C ASP H 277 -41.37 43.18 -54.24
N LEU H 278 -40.77 42.13 -54.80
CA LEU H 278 -40.23 42.18 -56.14
C LEU H 278 -41.13 41.50 -57.16
N LEU H 279 -41.57 42.27 -58.16
CA LEU H 279 -42.39 41.71 -59.23
C LEU H 279 -41.49 41.07 -60.30
N PRO H 280 -42.00 40.04 -60.98
CA PRO H 280 -41.22 39.34 -62.01
C PRO H 280 -40.83 40.24 -63.18
N VAL H 281 -39.52 40.31 -63.46
CA VAL H 281 -39.02 41.11 -64.57
C VAL H 281 -39.17 40.37 -65.90
N VAL H 282 -39.75 41.06 -66.89
CA VAL H 282 -39.98 40.45 -68.19
C VAL H 282 -38.95 40.91 -69.20
N ILE H 283 -38.10 39.97 -69.63
CA ILE H 283 -37.10 40.26 -70.66
C ILE H 283 -37.58 39.80 -72.02
N GLU H 284 -37.93 40.77 -72.87
CA GLU H 284 -38.44 40.47 -74.20
C GLU H 284 -37.30 40.21 -75.17
N PRO H 285 -37.57 39.46 -76.26
CA PRO H 285 -36.55 39.13 -77.25
C PRO H 285 -35.90 40.34 -77.94
N GLU H 286 -36.49 41.52 -77.77
CA GLU H 286 -35.92 42.75 -78.33
C GLU H 286 -34.68 43.14 -77.55
N TYR H 287 -34.76 43.01 -76.23
CA TYR H 287 -33.64 43.22 -75.33
C TYR H 287 -32.45 42.38 -75.78
N LEU H 288 -32.70 41.09 -75.96
CA LEU H 288 -31.68 40.15 -76.40
C LEU H 288 -31.21 40.46 -77.82
N ALA H 289 -32.11 41.02 -78.62
CA ALA H 289 -31.79 41.36 -80.01
C ALA H 289 -30.78 42.49 -80.07
N LYS H 290 -30.93 43.48 -79.17
CA LYS H 290 -30.00 44.59 -79.11
C LYS H 290 -28.69 44.15 -78.46
N LEU H 291 -28.79 43.37 -77.38
CA LEU H 291 -27.60 42.92 -76.67
C LEU H 291 -26.73 41.99 -77.49
N ARG H 292 -27.34 41.19 -78.36
CA ARG H 292 -26.57 40.31 -79.23
C ARG H 292 -25.73 41.15 -80.20
N GLU H 293 -26.27 42.29 -80.62
CA GLU H 293 -25.51 43.22 -81.43
C GLU H 293 -24.44 43.88 -80.58
N GLN H 294 -24.71 44.02 -79.29
CA GLN H 294 -23.74 44.59 -78.36
C GLN H 294 -22.67 43.58 -77.94
N LEU H 295 -22.90 42.31 -78.23
CA LEU H 295 -21.98 41.24 -77.83
C LEU H 295 -20.57 41.40 -78.38
N PRO H 296 -19.56 41.36 -77.50
CA PRO H 296 -18.14 41.41 -77.87
C PRO H 296 -17.64 40.09 -78.45
N GLU H 297 -16.48 40.11 -79.07
CA GLU H 297 -15.91 38.89 -79.66
C GLU H 297 -15.35 37.95 -78.59
N LEU H 298 -15.84 36.71 -78.60
CA LEU H 298 -15.42 35.70 -77.64
C LEU H 298 -13.94 35.37 -77.76
N PRO H 299 -13.25 35.24 -76.61
CA PRO H 299 -11.80 34.97 -76.57
C PRO H 299 -11.42 33.64 -77.21
N VAL H 300 -12.21 32.60 -76.94
CA VAL H 300 -11.96 31.27 -77.48
C VAL H 300 -12.00 31.31 -79.00
N GLN H 301 -12.87 32.16 -79.54
CA GLN H 301 -12.99 32.34 -80.97
C GLN H 301 -12.07 33.46 -81.46
N LYS H 302 -11.59 34.28 -80.52
CA LYS H 302 -10.70 35.38 -80.85
C LYS H 302 -9.29 34.89 -81.15
N ARG H 303 -8.83 33.91 -80.37
CA ARG H 303 -7.51 33.33 -80.62
C ARG H 303 -7.55 32.49 -81.90
N GLU H 304 -8.71 31.88 -82.15
CA GLU H 304 -8.91 31.10 -83.37
C GLU H 304 -9.01 32.03 -84.58
N ARG H 305 -9.51 33.23 -84.34
CA ARG H 305 -9.52 34.25 -85.39
C ARG H 305 -8.10 34.76 -85.61
N PHE H 306 -7.30 34.68 -84.56
CA PHE H 306 -5.89 35.04 -84.64
C PHE H 306 -5.08 33.94 -85.32
N GLU H 307 -5.62 32.73 -85.35
CA GLU H 307 -4.98 31.64 -86.07
C GLU H 307 -5.39 31.61 -87.53
N SER H 308 -6.68 31.81 -87.78
CA SER H 308 -7.26 31.63 -89.11
C SER H 308 -6.94 32.74 -90.10
N GLN H 309 -7.51 33.93 -89.87
CA GLN H 309 -7.44 35.00 -90.88
C GLN H 309 -6.09 35.70 -90.87
N TYR H 310 -5.64 36.13 -89.70
CA TYR H 310 -4.34 36.76 -89.55
C TYR H 310 -3.31 35.74 -89.10
N GLY H 311 -2.14 35.78 -89.72
CA GLY H 311 -1.07 34.84 -89.39
C GLY H 311 -0.50 34.95 -87.99
N LEU H 312 -0.67 33.91 -87.20
CA LEU H 312 -0.15 33.89 -85.83
C LEU H 312 -0.08 32.45 -85.33
N SER H 313 0.80 32.22 -84.35
CA SER H 313 0.97 30.90 -83.75
C SER H 313 -0.01 30.72 -82.60
N ALA H 314 -0.20 29.50 -82.13
CA ALA H 314 -1.16 29.24 -81.06
C ALA H 314 -0.79 29.98 -79.77
N TYR H 315 0.48 29.86 -79.38
CA TYR H 315 0.97 30.47 -78.15
C TYR H 315 0.79 31.99 -78.12
N ASP H 316 1.43 32.68 -79.06
CA ASP H 316 1.40 34.14 -79.09
C ASP H 316 -0.01 34.67 -79.33
N ALA H 317 -0.81 33.94 -80.11
CA ALA H 317 -2.20 34.34 -80.34
C ALA H 317 -2.99 34.26 -79.05
N SER H 318 -2.77 33.19 -78.29
CA SER H 318 -3.47 33.01 -77.02
C SER H 318 -3.08 34.10 -76.02
N VAL H 319 -1.78 34.30 -75.83
CA VAL H 319 -1.30 35.27 -74.86
C VAL H 319 -1.61 36.71 -75.29
N LEU H 320 -1.82 36.90 -76.59
CA LEU H 320 -2.22 38.21 -77.10
C LEU H 320 -3.72 38.40 -76.88
N SER H 321 -4.46 37.30 -76.96
CA SER H 321 -5.89 37.30 -76.73
C SER H 321 -6.20 36.99 -75.27
N ALA H 322 -5.21 37.20 -74.41
CA ALA H 322 -5.39 37.01 -72.97
C ALA H 322 -6.38 38.03 -72.42
N SER H 323 -6.58 39.12 -73.14
CA SER H 323 -7.54 40.14 -72.78
C SER H 323 -8.03 40.87 -74.04
N ARG H 324 -9.25 41.37 -74.00
CA ARG H 324 -9.84 42.02 -75.16
C ARG H 324 -9.12 43.33 -75.47
N GLU H 325 -8.72 44.05 -74.44
CA GLU H 325 -8.02 45.32 -74.59
C GLU H 325 -6.71 45.15 -75.36
N MET H 326 -5.93 44.15 -74.96
CA MET H 326 -4.69 43.83 -75.64
C MET H 326 -4.96 43.43 -77.09
N ALA H 327 -6.06 42.71 -77.28
CA ALA H 327 -6.44 42.22 -78.60
C ALA H 327 -6.74 43.37 -79.56
N ASP H 328 -7.54 44.33 -79.11
CA ASP H 328 -7.86 45.49 -79.93
C ASP H 328 -6.64 46.38 -80.14
N TYR H 329 -5.88 46.57 -79.06
CA TYR H 329 -4.65 47.37 -79.09
C TYR H 329 -3.70 46.83 -80.17
N PHE H 330 -3.62 45.51 -80.27
CA PHE H 330 -2.80 44.86 -81.28
C PHE H 330 -3.44 44.92 -82.68
N GLU H 331 -4.75 44.69 -82.74
CA GLU H 331 -5.47 44.65 -84.01
C GLU H 331 -5.44 46.00 -84.73
N LYS H 332 -5.31 47.07 -83.97
CA LYS H 332 -5.15 48.40 -84.55
C LYS H 332 -3.84 48.42 -85.33
N VAL H 333 -2.79 47.92 -84.68
CA VAL H 333 -1.47 47.83 -85.29
C VAL H 333 -1.49 46.93 -86.52
N GLN H 334 -2.29 45.87 -86.46
CA GLN H 334 -2.49 45.01 -87.62
C GLN H 334 -3.17 45.79 -88.75
N GLY H 335 -4.09 46.68 -88.37
CA GLY H 335 -4.78 47.53 -89.31
C GLY H 335 -3.85 48.53 -89.95
N ILE H 336 -2.77 48.84 -89.25
CA ILE H 336 -1.75 49.76 -89.76
C ILE H 336 -1.05 49.14 -90.98
N CYS H 337 -0.93 47.81 -90.94
CA CYS H 337 -0.41 46.90 -91.99
C CYS H 337 0.97 46.35 -91.64
N GLY H 338 1.47 46.70 -90.47
CA GLY H 338 2.72 46.15 -89.98
C GLY H 338 2.59 44.63 -89.97
N ASP H 339 3.63 43.93 -90.38
CA ASP H 339 3.57 42.47 -90.49
C ASP H 339 3.16 41.82 -89.17
N ALA H 340 2.24 40.86 -89.28
CA ALA H 340 1.60 40.23 -88.13
C ALA H 340 2.58 39.80 -87.04
N LYS H 341 3.54 38.95 -87.39
CA LYS H 341 4.50 38.42 -86.43
C LYS H 341 5.30 39.48 -85.68
N LEU H 342 5.76 40.49 -86.39
CA LEU H 342 6.60 41.52 -85.77
C LEU H 342 5.77 42.53 -84.97
N ALA H 343 4.59 42.86 -85.48
CA ALA H 343 3.70 43.76 -84.77
C ALA H 343 3.27 43.14 -83.44
N ALA H 344 2.77 41.91 -83.53
CA ALA H 344 2.40 41.14 -82.35
C ALA H 344 3.61 41.00 -81.42
N ASN H 345 4.78 40.79 -82.04
CA ASN H 345 6.03 40.69 -81.31
C ASN H 345 6.29 41.91 -80.43
N TRP H 346 6.18 43.09 -81.03
CA TRP H 346 6.39 44.34 -80.32
C TRP H 346 5.34 44.59 -79.24
N VAL H 347 4.10 44.22 -79.53
CA VAL H 347 3.04 44.37 -78.54
C VAL H 347 3.30 43.48 -77.32
N MET H 348 3.68 42.24 -77.58
CA MET H 348 3.90 41.25 -76.54
C MET H 348 5.11 41.52 -75.63
N VAL H 349 6.30 41.45 -76.21
CA VAL H 349 7.54 41.40 -75.43
C VAL H 349 8.08 42.74 -74.90
N GLU H 350 8.30 43.68 -75.81
CA GLU H 350 9.03 44.90 -75.46
C GLU H 350 8.27 45.81 -74.49
N LEU H 351 7.10 46.29 -74.91
CA LEU H 351 6.30 47.18 -74.06
C LEU H 351 5.76 46.42 -72.86
N GLY H 352 5.59 45.10 -73.01
CA GLY H 352 5.13 44.24 -71.95
C GLY H 352 5.99 44.30 -70.69
N SER H 353 7.28 44.56 -70.88
CA SER H 353 8.20 44.70 -69.76
C SER H 353 7.83 45.90 -68.91
N LEU H 354 7.53 47.01 -69.58
CA LEU H 354 7.13 48.23 -68.90
C LEU H 354 5.74 48.06 -68.32
N LEU H 355 4.92 47.25 -68.98
CA LEU H 355 3.60 46.93 -68.47
C LEU H 355 3.70 46.11 -67.19
N ASN H 356 4.81 45.37 -67.06
CA ASN H 356 5.07 44.61 -65.86
C ASN H 356 5.73 45.44 -64.76
N LYS H 357 6.50 46.45 -65.16
CA LYS H 357 7.16 47.35 -64.21
C LYS H 357 6.15 48.20 -63.43
N ASP H 358 5.34 48.99 -64.13
CA ASP H 358 4.28 49.76 -63.48
C ASP H 358 3.02 48.91 -63.48
N GLY H 359 1.97 49.35 -62.78
CA GLY H 359 0.78 48.53 -62.66
C GLY H 359 -0.48 48.97 -63.39
N LEU H 360 -0.43 48.92 -64.72
CA LEU H 360 -1.58 49.30 -65.54
C LEU H 360 -2.59 48.16 -65.66
N GLU H 361 -3.87 48.51 -65.80
CA GLU H 361 -4.93 47.53 -65.99
C GLU H 361 -5.16 47.41 -67.48
N ILE H 362 -5.15 48.57 -68.13
CA ILE H 362 -5.29 48.67 -69.58
C ILE H 362 -4.03 49.33 -70.15
N GLU H 363 -3.48 48.74 -71.20
CA GLU H 363 -2.23 49.19 -71.80
C GLU H 363 -2.38 50.48 -72.61
N GLN H 364 -3.51 51.13 -72.49
CA GLN H 364 -3.75 52.42 -73.14
C GLN H 364 -3.17 53.54 -72.26
N SER H 365 -2.86 53.21 -71.01
CA SER H 365 -2.39 54.21 -70.06
C SER H 365 -0.96 54.69 -70.37
N PRO H 366 0.02 53.78 -70.48
CA PRO H 366 1.35 54.37 -70.68
C PRO H 366 1.54 54.84 -72.11
N VAL H 367 1.22 53.99 -73.08
CA VAL H 367 1.34 54.33 -74.49
C VAL H 367 0.10 53.87 -75.24
N SER H 368 -0.47 54.76 -76.05
CA SER H 368 -1.68 54.47 -76.80
C SER H 368 -1.37 53.80 -78.13
N ALA H 369 -2.36 53.12 -78.71
CA ALA H 369 -2.15 52.43 -79.97
C ALA H 369 -2.01 53.44 -81.09
N GLU H 370 -2.66 54.60 -80.92
CA GLU H 370 -2.52 55.69 -81.88
C GLU H 370 -1.12 56.28 -81.77
N GLN H 371 -0.54 56.18 -80.58
CA GLN H 371 0.83 56.65 -80.33
C GLN H 371 1.82 55.65 -80.91
N LEU H 372 1.56 54.38 -80.64
CA LEU H 372 2.39 53.26 -81.12
C LEU H 372 2.37 53.17 -82.65
N GLY H 373 1.27 53.62 -83.24
CA GLY H 373 1.12 53.59 -84.69
C GLY H 373 2.19 54.35 -85.44
N GLY H 374 2.55 55.53 -84.94
CA GLY H 374 3.61 56.29 -85.54
C GLY H 374 4.95 55.59 -85.36
N MET H 375 5.08 54.89 -84.23
CA MET H 375 6.30 54.18 -83.91
C MET H 375 6.56 53.05 -84.89
N ILE H 376 5.56 52.18 -85.07
CA ILE H 376 5.70 51.04 -85.97
C ILE H 376 5.69 51.47 -87.44
N LEU H 377 4.93 52.52 -87.75
CA LEU H 377 4.98 53.12 -89.08
C LEU H 377 6.42 53.55 -89.37
N ARG H 378 7.07 54.06 -88.34
CA ARG H 378 8.46 54.50 -88.43
C ARG H 378 9.43 53.32 -88.52
N ILE H 379 9.07 52.20 -87.88
CA ILE H 379 9.96 51.03 -87.85
C ILE H 379 9.93 50.24 -89.14
N LYS H 380 8.77 50.16 -89.78
CA LYS H 380 8.63 49.33 -90.97
C LYS H 380 8.87 50.10 -92.28
N ASP H 381 8.09 51.16 -92.48
CA ASP H 381 8.09 51.89 -93.75
C ASP H 381 9.11 53.02 -93.82
N ASN H 382 8.94 54.03 -92.96
CA ASN H 382 9.75 55.24 -93.01
C ASN H 382 11.25 54.95 -92.89
N THR H 383 11.61 54.04 -92.00
CA THR H 383 13.00 53.63 -91.83
C THR H 383 13.05 52.10 -91.82
N ILE H 384 14.24 51.53 -91.97
CA ILE H 384 14.37 50.08 -91.96
C ILE H 384 14.37 49.54 -90.53
N SER H 385 14.27 48.22 -90.42
CA SER H 385 14.24 47.56 -89.11
C SER H 385 15.63 47.13 -88.63
N GLY H 386 15.91 47.35 -87.35
CA GLY H 386 17.17 46.94 -86.76
C GLY H 386 17.56 47.71 -85.52
N LYS H 387 18.66 48.45 -85.61
CA LYS H 387 19.17 49.20 -84.47
C LYS H 387 18.32 50.43 -84.17
N LEU H 388 17.63 50.92 -85.19
CA LEU H 388 16.81 52.11 -85.06
C LEU H 388 15.63 51.85 -84.14
N ALA H 389 15.23 50.59 -84.06
CA ALA H 389 14.12 50.16 -83.21
C ALA H 389 14.51 50.24 -81.73
N LYS H 390 15.72 49.80 -81.44
CA LYS H 390 16.21 49.66 -80.07
C LYS H 390 16.19 50.97 -79.26
N MET H 391 16.64 52.06 -79.88
CA MET H 391 16.78 53.33 -79.16
C MET H 391 15.51 54.17 -79.03
N VAL H 392 14.75 54.30 -80.11
CA VAL H 392 13.59 55.20 -80.12
C VAL H 392 12.40 54.75 -79.27
N PHE H 393 12.12 53.45 -79.22
CA PHE H 393 11.01 52.96 -78.40
C PHE H 393 11.32 53.31 -76.95
N GLU H 394 12.59 53.19 -76.60
CA GLU H 394 13.09 53.44 -75.25
C GLU H 394 13.00 54.93 -74.92
N ALA H 395 13.51 55.77 -75.81
CA ALA H 395 13.53 57.21 -75.58
C ALA H 395 12.11 57.74 -75.47
N MET H 396 11.24 57.26 -76.35
CA MET H 396 9.84 57.67 -76.36
C MET H 396 9.14 57.17 -75.10
N ALA H 397 9.53 55.97 -74.66
CA ALA H 397 8.95 55.36 -73.46
C ALA H 397 9.26 56.21 -72.24
N ASN H 398 10.50 56.66 -72.14
CA ASN H 398 10.95 57.39 -70.96
C ASN H 398 10.26 58.74 -70.81
N GLY H 399 10.49 59.65 -71.74
CA GLY H 399 9.96 61.00 -71.61
C GLY H 399 8.88 61.35 -72.63
N GLU H 400 9.22 62.20 -73.58
CA GLU H 400 8.27 62.68 -74.59
C GLU H 400 7.72 61.53 -75.43
N GLY H 401 6.57 61.76 -76.05
CA GLY H 401 5.97 60.73 -76.89
C GLY H 401 5.91 61.19 -78.34
N SER H 402 7.08 61.54 -78.87
CA SER H 402 7.20 61.99 -80.26
C SER H 402 8.40 61.31 -80.92
N ALA H 403 8.21 60.83 -82.14
CA ALA H 403 9.30 60.16 -82.86
C ALA H 403 10.18 61.16 -83.59
N UNK H 411 23.53 57.46 -93.01
CA UNK H 411 24.33 56.35 -93.50
C UNK H 411 24.17 55.12 -92.60
N UNK H 412 24.59 53.96 -93.11
CA UNK H 412 24.51 52.72 -92.36
C UNK H 412 25.55 51.73 -92.86
N UNK H 413 26.12 52.02 -94.02
CA UNK H 413 27.13 51.17 -94.62
C UNK H 413 28.21 52.00 -95.31
N UNK H 414 28.75 52.97 -94.59
CA UNK H 414 29.79 53.83 -95.15
C UNK H 414 31.15 53.25 -94.79
N UNK H 415 32.19 53.62 -95.52
CA UNK H 415 33.49 53.03 -95.27
C UNK H 415 34.28 53.84 -94.25
N UNK H 416 33.91 55.10 -94.05
CA UNK H 416 34.63 55.91 -93.09
C UNK H 416 34.33 55.35 -91.70
N UNK H 417 33.05 55.02 -91.50
CA UNK H 417 32.59 54.46 -90.23
C UNK H 417 33.16 53.07 -90.00
N UNK H 418 33.29 52.31 -91.08
CA UNK H 418 33.87 50.97 -91.02
C UNK H 418 35.34 51.05 -90.63
N UNK H 419 36.06 51.97 -91.26
CA UNK H 419 37.48 52.18 -90.98
C UNK H 419 37.70 52.71 -89.57
N UNK H 420 36.73 53.47 -89.06
CA UNK H 420 36.84 54.00 -87.71
C UNK H 420 36.50 52.93 -86.69
N UNK H 421 35.63 52.00 -87.08
CA UNK H 421 35.21 50.93 -86.19
C UNK H 421 36.32 49.90 -86.15
N UNK H 422 37.10 49.86 -87.23
CA UNK H 422 38.23 48.95 -87.35
C UNK H 422 39.39 49.50 -86.55
N UNK H 423 39.67 50.78 -86.72
CA UNK H 423 40.73 51.44 -85.97
C UNK H 423 40.41 51.35 -84.48
N UNK H 424 39.13 51.49 -84.13
CA UNK H 424 38.69 51.36 -82.76
C UNK H 424 38.87 49.93 -82.25
N UNK H 425 38.52 48.96 -83.09
CA UNK H 425 38.62 47.54 -82.75
C UNK H 425 40.07 47.09 -82.53
N UNK H 426 41.01 47.86 -83.08
CA UNK H 426 42.43 47.56 -82.98
C UNK H 426 43.01 47.97 -81.64
N UNK H 427 42.29 48.86 -80.96
CA UNK H 427 42.73 49.43 -79.68
C UNK H 427 42.97 48.37 -78.61
N UNK H 428 41.91 47.66 -78.22
CA UNK H 428 42.06 46.62 -77.19
C UNK H 428 42.66 45.34 -77.77
N UNK H 429 43.30 44.57 -76.89
CA UNK H 429 43.98 43.34 -77.26
C UNK H 429 43.05 42.17 -77.60
N UNK H 430 42.37 42.28 -78.73
CA UNK H 430 41.44 41.23 -79.16
C UNK H 430 42.19 40.12 -79.90
N UNK H 431 43.42 40.42 -80.30
CA UNK H 431 44.26 39.50 -81.06
C UNK H 431 44.66 38.24 -80.31
N UNK H 432 44.88 38.36 -78.99
CA UNK H 432 45.35 37.24 -78.19
C UNK H 432 44.27 36.22 -77.84
N UNK H 433 43.03 36.68 -77.74
CA UNK H 433 41.90 35.84 -77.36
C UNK H 433 41.40 34.96 -78.52
N UNK H 434 42.04 35.10 -79.68
CA UNK H 434 41.62 34.46 -80.91
C UNK H 434 41.82 32.94 -80.99
N UNK H 435 42.72 32.40 -80.18
CA UNK H 435 43.11 30.98 -80.30
C UNK H 435 41.92 30.02 -80.29
N UNK H 436 41.01 30.18 -79.33
CA UNK H 436 39.82 29.33 -79.29
C UNK H 436 38.62 30.12 -79.80
N UNK H 437 37.72 29.43 -80.51
CA UNK H 437 36.58 30.09 -81.13
C UNK H 437 35.64 30.71 -80.10
N UNK H 438 34.98 29.84 -79.33
CA UNK H 438 34.04 30.24 -78.29
C UNK H 438 32.99 31.24 -78.79
N UNK H 439 32.92 32.40 -78.15
CA UNK H 439 31.98 33.45 -78.55
C UNK H 439 32.69 34.79 -78.75
N UNK H 440 32.42 35.42 -79.89
CA UNK H 440 33.08 36.67 -80.25
C UNK H 440 32.12 37.85 -80.19
N UNK H 441 31.09 37.74 -79.35
CA UNK H 441 30.11 38.81 -79.20
C UNK H 441 30.71 40.01 -78.48
N UNK H 442 31.63 39.75 -77.56
CA UNK H 442 32.29 40.81 -76.79
C UNK H 442 33.11 41.74 -77.68
N UNK H 443 33.59 41.22 -78.80
CA UNK H 443 34.36 42.02 -79.75
C UNK H 443 33.46 42.99 -80.49
N UNK H 444 32.29 42.53 -80.90
CA UNK H 444 31.32 43.37 -81.58
C UNK H 444 30.66 44.33 -80.60
N UNK H 445 30.72 43.99 -79.31
CA UNK H 445 30.10 44.78 -78.25
C UNK H 445 30.62 46.21 -78.19
N UNK H 446 31.93 46.37 -78.07
CA UNK H 446 32.55 47.69 -77.94
C UNK H 446 32.23 48.57 -79.15
N UNK H 447 32.28 47.96 -80.33
CA UNK H 447 31.98 48.66 -81.57
C UNK H 447 30.51 49.10 -81.61
N UNK H 448 29.63 48.21 -81.15
CA UNK H 448 28.19 48.50 -81.13
C UNK H 448 27.85 49.59 -80.14
N UNK H 449 28.57 49.62 -79.02
CA UNK H 449 28.34 50.62 -77.98
C UNK H 449 28.91 51.97 -78.40
N UNK H 450 30.00 51.91 -79.17
CA UNK H 450 30.63 53.13 -79.67
C UNK H 450 29.82 53.75 -80.81
N UNK H 451 29.20 52.89 -81.61
CA UNK H 451 28.43 53.34 -82.76
C UNK H 451 27.00 53.74 -82.40
N UNK H 452 26.59 53.40 -81.19
CA UNK H 452 25.23 53.73 -80.73
C UNK H 452 25.22 55.07 -80.00
N UNK H 454 24.69 49.49 -89.55
CA UNK H 454 23.53 48.96 -88.83
C UNK H 454 23.84 47.61 -88.21
N UNK H 455 22.87 47.08 -87.46
CA UNK H 455 22.95 45.78 -86.81
C UNK H 455 23.69 44.72 -87.62
N UNK H 456 23.07 44.30 -88.72
CA UNK H 456 23.62 43.28 -89.60
C UNK H 456 24.96 43.69 -90.18
N UNK H 457 25.11 44.98 -90.47
CA UNK H 457 26.36 45.49 -91.03
C UNK H 457 27.46 45.50 -89.98
N UNK H 458 27.09 45.80 -88.74
CA UNK H 458 28.06 45.79 -87.64
C UNK H 458 28.51 44.37 -87.35
N UNK H 459 27.57 43.43 -87.43
CA UNK H 459 27.86 42.03 -87.19
C UNK H 459 28.76 41.47 -88.28
N UNK H 460 28.44 41.79 -89.53
CA UNK H 460 29.21 41.33 -90.67
C UNK H 460 30.63 41.94 -90.66
N UNK H 461 30.71 43.21 -90.34
CA UNK H 461 32.00 43.91 -90.30
C UNK H 461 32.87 43.38 -89.16
N UNK H 462 32.27 43.15 -88.01
CA UNK H 462 33.01 42.63 -86.87
C UNK H 462 33.47 41.19 -87.11
N UNK H 463 32.61 40.40 -87.74
CA UNK H 463 32.94 39.01 -88.07
C UNK H 463 34.04 38.93 -89.12
N UNK H 464 34.01 39.87 -90.06
CA UNK H 464 35.02 39.93 -91.12
C UNK H 464 36.36 40.42 -90.58
N UNK H 465 36.31 41.36 -89.65
CA UNK H 465 37.52 41.93 -89.09
C UNK H 465 38.16 40.97 -88.08
N UNK H 466 37.33 40.15 -87.45
CA UNK H 466 37.82 39.19 -86.46
C UNK H 466 38.72 38.14 -87.11
N UNK H 467 38.19 37.42 -88.08
CA UNK H 467 38.94 36.38 -88.77
C UNK H 467 38.77 36.48 -90.29
N MET I 9 -54.52 18.50 -39.74
CA MET I 9 -55.62 17.71 -39.20
C MET I 9 -55.27 17.14 -37.83
N ALA I 10 -53.98 16.99 -37.58
CA ALA I 10 -53.48 16.50 -36.31
C ALA I 10 -52.08 17.05 -36.03
N LEU I 11 -51.71 17.11 -34.74
CA LEU I 11 -50.41 17.67 -34.35
C LEU I 11 -49.84 17.04 -33.09
N GLU I 12 -48.51 16.93 -33.05
CA GLU I 12 -47.82 16.48 -31.85
C GLU I 12 -47.01 17.64 -31.30
N ARG I 13 -46.41 17.48 -30.13
CA ARG I 13 -45.65 18.55 -29.51
C ARG I 13 -44.33 18.82 -30.25
N SER I 14 -43.80 17.78 -30.89
CA SER I 14 -42.52 17.88 -31.57
C SER I 14 -42.62 18.57 -32.92
N ASP I 15 -43.78 18.49 -33.55
CA ASP I 15 -44.00 19.20 -34.80
C ASP I 15 -43.98 20.71 -34.53
N VAL I 16 -44.75 21.13 -33.53
CA VAL I 16 -44.76 22.52 -33.09
C VAL I 16 -43.38 22.94 -32.60
N GLU I 17 -42.66 22.02 -31.97
CA GLU I 17 -41.31 22.27 -31.51
C GLU I 17 -40.36 22.55 -32.66
N LYS I 18 -40.43 21.73 -33.70
CA LYS I 18 -39.58 21.85 -34.88
C LYS I 18 -39.91 23.11 -35.67
N ILE I 19 -41.19 23.43 -35.74
CA ILE I 19 -41.63 24.67 -36.38
C ILE I 19 -41.06 25.86 -35.60
N ALA I 20 -41.08 25.74 -34.27
CA ALA I 20 -40.51 26.77 -33.41
C ALA I 20 -39.01 26.92 -33.64
N HIS I 21 -38.31 25.81 -33.88
CA HIS I 21 -36.89 25.86 -34.17
C HIS I 21 -36.62 26.48 -35.53
N LEU I 22 -37.56 26.28 -36.45
CA LEU I 22 -37.42 26.79 -37.81
C LEU I 22 -37.51 28.31 -37.85
N ALA I 23 -38.58 28.86 -37.28
CA ALA I 23 -38.76 30.31 -37.28
C ALA I 23 -38.03 30.94 -36.10
N ARG I 24 -37.36 30.08 -35.33
CA ARG I 24 -36.59 30.49 -34.15
C ARG I 24 -37.45 31.33 -33.19
N LEU I 25 -38.24 30.64 -32.38
CA LEU I 25 -39.11 31.29 -31.41
C LEU I 25 -38.96 30.61 -30.05
N GLY I 26 -38.94 31.42 -28.99
CA GLY I 26 -38.83 30.89 -27.65
C GLY I 26 -40.14 30.43 -27.05
N LEU I 27 -40.26 29.13 -26.84
CA LEU I 27 -41.46 28.55 -26.24
C LEU I 27 -41.09 27.62 -25.09
N SER I 28 -41.72 27.83 -23.94
CA SER I 28 -41.48 27.00 -22.78
C SER I 28 -42.45 25.82 -22.75
N GLU I 29 -42.29 24.95 -21.76
CA GLU I 29 -43.15 23.78 -21.62
C GLU I 29 -44.57 24.19 -21.24
N ALA I 30 -44.69 25.29 -20.51
CA ALA I 30 -45.98 25.77 -20.05
C ALA I 30 -46.76 26.42 -21.18
N ASP I 31 -46.04 26.99 -22.15
CA ASP I 31 -46.66 27.67 -23.28
C ASP I 31 -47.07 26.69 -24.36
N LEU I 32 -46.53 25.48 -24.29
CA LEU I 32 -46.76 24.46 -25.31
C LEU I 32 -48.23 24.09 -25.56
N PRO I 33 -49.00 23.75 -24.49
CA PRO I 33 -50.35 23.24 -24.76
C PRO I 33 -51.27 24.26 -25.43
N ARG I 34 -51.30 25.50 -24.93
CA ARG I 34 -52.13 26.54 -25.49
C ARG I 34 -51.78 26.82 -26.95
N THR I 35 -50.48 26.87 -27.23
CA THR I 35 -50.00 27.10 -28.59
C THR I 35 -50.43 25.97 -29.51
N THR I 36 -50.27 24.73 -29.07
CA THR I 36 -50.69 23.57 -29.86
C THR I 36 -52.19 23.59 -30.15
N GLU I 37 -52.98 23.91 -29.13
CA GLU I 37 -54.43 23.97 -29.28
C GLU I 37 -54.86 25.04 -30.28
N THR I 38 -54.38 26.26 -30.08
CA THR I 38 -54.70 27.38 -30.96
C THR I 38 -54.24 27.11 -32.38
N LEU I 39 -53.02 26.60 -32.51
CA LEU I 39 -52.46 26.25 -33.82
C LEU I 39 -53.33 25.23 -34.53
N ASN I 40 -53.74 24.21 -33.79
CA ASN I 40 -54.60 23.16 -34.33
C ASN I 40 -55.94 23.71 -34.76
N ASN I 41 -56.42 24.71 -34.04
CA ASN I 41 -57.66 25.39 -34.43
C ASN I 41 -57.49 26.18 -35.73
N ILE I 42 -56.38 26.89 -35.85
CA ILE I 42 -56.11 27.70 -37.03
C ILE I 42 -55.93 26.86 -38.29
N LEU I 43 -55.05 25.86 -38.23
CA LEU I 43 -54.87 24.96 -39.38
C LEU I 43 -56.14 24.17 -39.63
N GLY I 44 -56.85 23.84 -38.55
CA GLY I 44 -58.11 23.16 -38.64
C GLY I 44 -59.13 24.00 -39.38
N LEU I 45 -58.96 25.32 -39.32
CA LEU I 45 -59.82 26.24 -40.05
C LEU I 45 -59.39 26.35 -41.52
N ILE I 46 -58.09 26.48 -41.76
CA ILE I 46 -57.58 26.68 -43.11
C ILE I 46 -57.69 25.43 -43.99
N ASP I 47 -57.64 24.25 -43.39
CA ASP I 47 -57.62 22.99 -44.15
C ASP I 47 -58.86 22.78 -45.03
N GLN I 48 -59.87 23.61 -44.84
CA GLN I 48 -61.13 23.50 -45.57
C GLN I 48 -60.94 23.75 -47.07
N MET I 49 -59.86 24.45 -47.43
CA MET I 49 -59.61 24.82 -48.82
C MET I 49 -59.28 23.60 -49.67
N GLN I 50 -58.85 22.53 -49.02
CA GLN I 50 -58.40 21.32 -49.70
C GLN I 50 -59.54 20.65 -50.49
N ALA I 51 -60.78 20.94 -50.10
CA ALA I 51 -61.94 20.38 -50.77
C ALA I 51 -62.07 20.94 -52.18
N VAL I 52 -61.67 22.20 -52.36
CA VAL I 52 -61.76 22.86 -53.65
C VAL I 52 -60.62 22.46 -54.58
N ASP I 53 -60.97 22.13 -55.83
CA ASP I 53 -59.96 21.77 -56.83
C ASP I 53 -59.25 22.98 -57.38
N THR I 54 -57.94 22.88 -57.54
CA THR I 54 -57.13 23.98 -58.07
C THR I 54 -56.31 23.53 -59.27
N SER I 55 -56.87 22.61 -60.05
CA SER I 55 -56.18 22.10 -61.22
C SER I 55 -56.22 23.10 -62.36
N GLY I 56 -55.10 23.21 -63.08
CA GLY I 56 -55.03 24.09 -64.24
C GLY I 56 -54.76 25.54 -63.91
N VAL I 57 -55.46 26.06 -62.89
CA VAL I 57 -55.34 27.47 -62.52
C VAL I 57 -53.94 27.81 -62.00
N GLU I 58 -53.54 29.06 -62.20
CA GLU I 58 -52.22 29.52 -61.78
C GLU I 58 -52.32 30.32 -60.48
N PRO I 59 -51.22 30.37 -59.71
CA PRO I 59 -51.21 31.14 -58.46
C PRO I 59 -51.19 32.65 -58.67
N LEU I 60 -51.57 33.40 -57.63
CA LEU I 60 -51.57 34.85 -57.69
C LEU I 60 -50.70 35.43 -56.58
N ALA I 61 -49.49 35.86 -56.94
CA ALA I 61 -48.55 36.39 -55.97
C ALA I 61 -48.78 37.88 -55.70
N HIS I 62 -49.13 38.62 -56.75
CA HIS I 62 -49.37 40.04 -56.64
C HIS I 62 -50.74 40.39 -57.21
N PRO I 63 -51.51 41.22 -56.48
CA PRO I 63 -52.89 41.58 -56.85
C PRO I 63 -52.99 42.14 -58.26
N LEU I 64 -52.02 42.97 -58.66
CA LEU I 64 -52.01 43.53 -60.00
C LEU I 64 -50.91 42.88 -60.84
N GLU I 65 -51.21 42.61 -62.10
CA GLU I 65 -50.26 41.95 -62.99
C GLU I 65 -49.28 42.93 -63.63
N ALA I 66 -48.44 43.55 -62.79
CA ALA I 66 -47.42 44.46 -63.28
C ALA I 66 -46.15 43.67 -63.58
N THR I 67 -45.24 44.26 -64.34
CA THR I 67 -44.04 43.55 -64.76
C THR I 67 -42.77 44.14 -64.17
N GLN I 68 -41.73 44.22 -65.00
CA GLN I 68 -40.41 44.66 -64.56
C GLN I 68 -40.40 46.07 -63.97
N ARG I 69 -39.52 46.26 -62.99
CA ARG I 69 -39.29 47.56 -62.37
C ARG I 69 -37.79 47.75 -62.19
N LEU I 70 -37.15 48.39 -63.17
CA LEU I 70 -35.70 48.51 -63.18
C LEU I 70 -35.23 49.86 -62.62
N ARG I 71 -34.02 49.85 -62.05
CA ARG I 71 -33.42 51.06 -61.52
C ARG I 71 -32.00 51.25 -62.08
N PRO I 72 -31.73 52.43 -62.63
CA PRO I 72 -30.42 52.75 -63.20
C PRO I 72 -29.30 52.64 -62.17
N ASP I 73 -28.07 52.44 -62.64
CA ASP I 73 -26.94 52.26 -61.73
C ASP I 73 -26.50 53.57 -61.10
N ALA I 74 -27.44 54.24 -60.44
CA ALA I 74 -27.15 55.52 -59.79
C ALA I 74 -26.83 55.29 -58.32
N VAL I 75 -25.66 55.77 -57.90
CA VAL I 75 -25.23 55.61 -56.52
C VAL I 75 -25.75 56.74 -55.64
N THR I 76 -26.34 56.38 -54.50
CA THR I 76 -26.83 57.36 -53.55
C THR I 76 -25.86 57.38 -52.38
N GLU I 77 -25.59 58.55 -51.83
CA GLU I 77 -24.60 58.66 -50.76
C GLU I 77 -24.98 57.81 -49.54
N THR I 78 -23.96 57.36 -48.82
CA THR I 78 -24.17 56.55 -47.62
C THR I 78 -23.77 57.38 -46.41
N ASP I 79 -24.52 57.27 -45.32
CA ASP I 79 -24.18 58.02 -44.12
C ASP I 79 -23.03 57.36 -43.38
N HIS I 80 -22.56 58.02 -42.33
CA HIS I 80 -21.48 57.52 -41.49
C HIS I 80 -22.00 56.84 -40.23
N ARG I 81 -21.06 56.38 -39.41
CA ARG I 81 -21.36 55.57 -38.23
C ARG I 81 -22.37 56.19 -37.25
N ASP I 82 -22.23 57.49 -36.97
CA ASP I 82 -23.06 58.14 -35.97
C ASP I 82 -24.57 57.96 -36.18
N ALA I 83 -25.00 57.88 -37.44
CA ALA I 83 -26.42 57.70 -37.74
C ALA I 83 -26.87 56.29 -37.37
N TYR I 84 -25.93 55.36 -37.43
CA TYR I 84 -26.19 53.95 -37.13
C TYR I 84 -26.08 53.62 -35.64
N GLN I 85 -25.01 54.08 -35.00
CA GLN I 85 -24.68 53.65 -33.65
C GLN I 85 -25.61 54.29 -32.62
N THR I 86 -26.31 55.33 -33.03
CA THR I 86 -27.25 56.01 -32.14
C THR I 86 -28.38 55.05 -31.77
N ILE I 87 -28.67 54.11 -32.67
CA ILE I 87 -29.72 53.13 -32.46
C ILE I 87 -29.16 51.73 -32.20
N ALA I 88 -27.91 51.50 -32.60
CA ALA I 88 -27.28 50.19 -32.45
C ALA I 88 -27.05 49.82 -30.98
N PRO I 89 -27.58 48.67 -30.55
CA PRO I 89 -27.42 48.19 -29.17
C PRO I 89 -25.97 47.82 -28.87
N ALA I 90 -25.28 47.24 -29.84
CA ALA I 90 -23.89 46.82 -29.67
C ALA I 90 -23.00 47.47 -30.71
N VAL I 91 -21.93 48.11 -30.27
CA VAL I 91 -21.04 48.82 -31.18
C VAL I 91 -19.60 48.82 -30.68
N GLU I 92 -18.66 48.50 -31.58
CA GLU I 92 -17.24 48.60 -31.25
C GLU I 92 -16.46 48.96 -32.51
N GLU I 93 -15.84 50.14 -32.49
CA GLU I 93 -15.09 50.68 -33.62
C GLU I 93 -15.91 50.70 -34.91
N GLY I 94 -17.24 50.78 -34.77
CA GLY I 94 -18.13 50.84 -35.91
C GLY I 94 -18.59 49.50 -36.43
N LEU I 95 -18.58 48.49 -35.56
CA LEU I 95 -19.05 47.16 -35.94
C LEU I 95 -20.04 46.61 -34.92
N TYR I 96 -20.96 45.78 -35.38
CA TYR I 96 -21.97 45.18 -34.52
C TYR I 96 -21.41 43.94 -33.83
N LEU I 97 -21.42 43.95 -32.50
CA LEU I 97 -20.86 42.83 -31.74
C LEU I 97 -21.87 41.73 -31.52
N VAL I 98 -21.56 40.54 -32.01
CA VAL I 98 -22.46 39.38 -31.90
C VAL I 98 -21.69 38.08 -31.71
N PRO I 99 -22.12 37.24 -30.75
CA PRO I 99 -21.54 35.91 -30.53
C PRO I 99 -21.57 35.06 -31.80
N LYS I 100 -20.44 34.44 -32.15
CA LYS I 100 -20.36 33.65 -33.37
C LYS I 100 -20.69 32.19 -33.09
N VAL I 101 -20.90 31.88 -31.81
CA VAL I 101 -21.19 30.51 -31.39
C VAL I 101 -22.53 30.00 -31.93
N ILE I 102 -22.52 28.80 -32.49
CA ILE I 102 -23.72 28.18 -33.01
C ILE I 102 -23.94 26.83 -32.33
N GLU I 103 -24.93 26.77 -31.44
CA GLU I 103 -25.21 25.54 -30.70
C GLU I 103 -26.70 25.35 -30.41
N SER I 104 -27.20 24.17 -30.76
CA SER I 104 -28.59 23.73 -30.55
C SER I 104 -29.39 24.53 -29.51
N MET J 1 -58.77 72.73 63.88
CA MET J 1 -59.42 73.30 62.71
C MET J 1 -58.59 73.07 61.44
N LEU J 2 -57.38 72.56 61.64
CA LEU J 2 -56.45 72.28 60.56
C LEU J 2 -56.40 70.78 60.29
N HIS J 3 -57.46 70.10 60.70
CA HIS J 3 -57.57 68.65 60.56
C HIS J 3 -58.24 68.25 59.25
N GLN J 4 -58.94 69.22 58.65
CA GLN J 4 -59.65 69.03 57.38
C GLN J 4 -58.72 69.14 56.17
N LEU J 5 -57.47 68.71 56.32
CA LEU J 5 -56.47 68.91 55.28
C LEU J 5 -56.61 67.97 54.09
N THR J 6 -56.25 68.48 52.92
CA THR J 6 -56.14 67.71 51.69
C THR J 6 -55.21 68.51 50.77
N LEU J 7 -54.42 67.81 49.96
CA LEU J 7 -53.38 68.48 49.18
C LEU J 7 -53.91 69.53 48.20
N ALA J 8 -55.12 69.31 47.68
CA ALA J 8 -55.76 70.29 46.81
C ALA J 8 -56.13 71.56 47.56
N GLU J 9 -56.87 71.39 48.65
CA GLU J 9 -57.30 72.50 49.47
C GLU J 9 -56.11 73.20 50.14
N ILE J 10 -55.07 72.44 50.45
CA ILE J 10 -53.89 73.02 51.08
C ILE J 10 -53.07 73.81 50.07
N ALA J 11 -52.98 73.32 48.83
CA ALA J 11 -52.28 74.05 47.79
C ALA J 11 -53.04 75.33 47.47
N ARG J 12 -54.37 75.21 47.46
CA ARG J 12 -55.24 76.35 47.19
C ARG J 12 -55.14 77.39 48.28
N ALA J 13 -55.01 76.93 49.53
CA ALA J 13 -54.91 77.85 50.67
C ALA J 13 -53.55 78.52 50.72
N LEU J 14 -52.49 77.75 50.47
CA LEU J 14 -51.13 78.29 50.43
C LEU J 14 -50.97 79.27 49.28
N ALA J 15 -51.72 79.05 48.20
CA ALA J 15 -51.73 79.96 47.07
C ALA J 15 -52.45 81.26 47.45
N ASP J 16 -53.37 81.14 48.41
CA ASP J 16 -54.15 82.28 48.89
C ASP J 16 -53.40 83.08 49.94
N LYS J 17 -52.18 82.67 50.26
CA LYS J 17 -51.37 83.35 51.26
C LYS J 17 -52.06 83.39 52.62
N GLN J 18 -52.17 82.22 53.25
CA GLN J 18 -52.81 82.11 54.55
C GLN J 18 -51.72 82.01 55.62
N PHE J 19 -50.70 81.21 55.34
CA PHE J 19 -49.54 81.10 56.22
C PHE J 19 -48.44 80.32 55.53
N SER J 20 -47.34 80.11 56.25
CA SER J 20 -46.20 79.37 55.72
C SER J 20 -46.35 77.89 56.02
N ALA J 21 -45.53 77.08 55.35
CA ALA J 21 -45.53 75.63 55.56
C ALA J 21 -45.08 75.29 56.97
N GLU J 22 -44.24 76.15 57.55
CA GLU J 22 -43.72 75.96 58.89
C GLU J 22 -44.81 75.93 59.97
N GLU J 23 -45.75 76.87 59.88
CA GLU J 23 -46.86 76.92 60.84
C GLU J 23 -47.67 75.63 60.76
N LEU J 24 -47.96 75.22 59.53
CA LEU J 24 -48.72 74.01 59.24
C LEU J 24 -48.05 72.78 59.84
N THR J 25 -46.76 72.63 59.56
CA THR J 25 -46.02 71.47 60.01
C THR J 25 -45.83 71.45 61.52
N ARG J 26 -45.68 72.63 62.12
CA ARG J 26 -45.50 72.71 63.57
C ARG J 26 -46.80 72.36 64.28
N THR J 27 -47.92 72.89 63.80
CA THR J 27 -49.22 72.61 64.41
C THR J 27 -49.56 71.14 64.24
N LEU J 28 -49.37 70.63 63.02
CA LEU J 28 -49.66 69.24 62.72
C LEU J 28 -48.81 68.29 63.55
N LEU J 29 -47.53 68.64 63.72
CA LEU J 29 -46.62 67.86 64.55
C LEU J 29 -47.06 67.88 66.02
N GLY J 30 -47.55 69.05 66.44
CA GLY J 30 -48.10 69.20 67.76
C GLY J 30 -49.24 68.22 67.96
N ARG J 31 -50.10 68.11 66.95
CA ARG J 31 -51.20 67.15 67.00
C ARG J 31 -50.67 65.71 66.97
N ILE J 32 -49.56 65.49 66.28
CA ILE J 32 -48.94 64.17 66.20
C ILE J 32 -48.45 63.64 67.55
N ARG J 33 -47.49 64.33 68.13
CA ARG J 33 -46.84 63.85 69.35
C ARG J 33 -47.74 63.79 70.58
N GLN J 34 -48.90 64.43 70.51
CA GLN J 34 -49.82 64.41 71.64
C GLN J 34 -50.68 63.14 71.67
N LEU J 35 -51.26 62.78 70.52
CA LEU J 35 -52.22 61.68 70.46
C LEU J 35 -51.62 60.39 69.91
N ASP J 36 -50.36 60.45 69.46
CA ASP J 36 -49.72 59.28 68.84
C ASP J 36 -49.61 58.04 69.73
N PRO J 37 -49.21 58.17 71.02
CA PRO J 37 -49.06 56.94 71.82
C PRO J 37 -50.34 56.13 72.01
N GLN J 38 -51.50 56.71 71.72
CA GLN J 38 -52.77 55.98 71.85
C GLN J 38 -52.97 54.98 70.71
N LEU J 39 -52.37 55.26 69.55
CA LEU J 39 -52.52 54.40 68.38
C LEU J 39 -51.18 53.83 67.96
N ASN J 40 -50.10 54.48 68.41
CA ASN J 40 -48.73 54.11 68.06
C ASN J 40 -48.46 53.94 66.57
N SER J 41 -48.96 54.88 65.76
CA SER J 41 -48.80 54.77 64.32
C SER J 41 -47.41 55.20 63.82
N PHE J 42 -46.67 55.96 64.63
CA PHE J 42 -45.33 56.41 64.23
C PHE J 42 -44.22 55.77 65.06
N ILE J 43 -43.10 55.45 64.43
CA ILE J 43 -41.95 54.90 65.17
C ILE J 43 -40.94 55.99 65.52
N SER J 44 -40.65 56.86 64.56
CA SER J 44 -39.71 57.95 64.79
C SER J 44 -40.18 59.23 64.12
N ILE J 45 -40.04 60.35 64.84
CA ILE J 45 -40.42 61.66 64.31
C ILE J 45 -39.25 62.62 64.29
N THR J 46 -38.66 62.81 63.11
CA THR J 46 -37.54 63.72 62.95
C THR J 46 -38.06 65.16 62.90
N ASP J 47 -37.60 65.98 63.83
CA ASP J 47 -38.08 67.35 63.94
C ASP J 47 -37.16 68.33 63.21
N ASP J 48 -35.85 68.10 63.33
CA ASP J 48 -34.86 68.97 62.72
C ASP J 48 -35.00 68.98 61.19
N LEU J 49 -35.03 67.79 60.60
CA LEU J 49 -35.16 67.66 59.16
C LEU J 49 -36.52 68.16 58.68
N ALA J 50 -37.53 68.00 59.53
CA ALA J 50 -38.88 68.45 59.19
C ALA J 50 -38.97 69.97 59.15
N ILE J 51 -38.42 70.64 60.16
CA ILE J 51 -38.48 72.09 60.23
C ILE J 51 -37.55 72.70 59.17
N ALA J 52 -36.44 72.03 58.88
CA ALA J 52 -35.53 72.47 57.83
C ALA J 52 -36.23 72.39 56.48
N GLN J 53 -36.84 71.24 56.22
CA GLN J 53 -37.58 71.00 54.99
C GLN J 53 -38.75 71.97 54.86
N ALA J 54 -39.31 72.38 56.00
CA ALA J 54 -40.42 73.32 56.00
C ALA J 54 -39.97 74.73 55.62
N LYS J 55 -38.83 75.16 56.17
CA LYS J 55 -38.28 76.46 55.79
C LYS J 55 -37.88 76.47 54.32
N ALA J 56 -37.31 75.37 53.86
CA ALA J 56 -36.94 75.26 52.45
C ALA J 56 -38.19 75.25 51.58
N ALA J 57 -39.27 74.71 52.13
CA ALA J 57 -40.54 74.66 51.42
C ALA J 57 -41.11 76.07 51.32
N ASP J 58 -40.82 76.88 52.33
CA ASP J 58 -41.24 78.29 52.33
C ASP J 58 -40.46 79.11 51.30
N GLU J 59 -39.13 78.96 51.32
CA GLU J 59 -38.31 79.70 50.37
C GLU J 59 -38.55 79.25 48.93
N ARG J 60 -38.93 77.99 48.76
CA ARG J 60 -39.30 77.50 47.44
C ARG J 60 -40.67 78.00 47.03
N ARG J 61 -41.60 78.05 47.99
CA ARG J 61 -42.95 78.53 47.73
C ARG J 61 -42.93 80.01 47.37
N ALA J 62 -41.91 80.72 47.83
CA ALA J 62 -41.81 82.14 47.54
C ALA J 62 -41.78 82.42 46.03
N ASN J 63 -41.05 81.59 45.28
CA ASN J 63 -40.98 81.78 43.84
C ASN J 63 -41.90 80.82 43.09
N GLY J 64 -42.71 80.06 43.83
CA GLY J 64 -43.69 79.14 43.27
C GLY J 64 -43.14 78.28 42.15
N GLU J 65 -42.05 77.56 42.41
CA GLU J 65 -41.39 76.77 41.38
C GLU J 65 -41.39 75.26 41.58
N ASN J 66 -41.50 74.54 40.46
CA ASN J 66 -41.34 73.09 40.37
C ASN J 66 -42.33 72.26 41.19
N GLY J 67 -43.61 72.31 40.84
CA GLY J 67 -44.57 71.42 41.47
C GLY J 67 -46.03 71.81 41.42
N ALA J 68 -46.89 70.79 41.44
CA ALA J 68 -48.33 70.95 41.62
C ALA J 68 -48.64 71.03 43.11
N LEU J 69 -47.88 70.29 43.90
CA LEU J 69 -47.99 70.29 45.35
C LEU J 69 -46.74 70.90 45.96
N LEU J 70 -46.92 72.04 46.61
CA LEU J 70 -45.81 72.79 47.19
C LEU J 70 -45.85 72.82 48.71
N GLY J 71 -44.83 72.24 49.34
CA GLY J 71 -44.73 72.18 50.79
C GLY J 71 -45.77 71.27 51.44
N ALA J 72 -46.20 70.25 50.69
CA ALA J 72 -47.20 69.31 51.18
C ALA J 72 -46.61 68.32 52.19
N PRO J 73 -47.24 68.20 53.37
CA PRO J 73 -46.80 67.28 54.43
C PRO J 73 -47.10 65.82 54.12
N ILE J 74 -46.06 65.05 53.77
CA ILE J 74 -46.19 63.63 53.48
C ILE J 74 -45.17 62.79 54.25
N ALA J 75 -45.61 61.64 54.75
CA ALA J 75 -44.71 60.72 55.46
C ALA J 75 -44.41 59.49 54.61
N HIS J 76 -43.42 58.71 55.04
CA HIS J 76 -42.98 57.55 54.28
C HIS J 76 -42.96 56.27 55.09
N LYS J 77 -42.94 55.14 54.38
CA LYS J 77 -42.85 53.82 54.99
C LYS J 77 -41.42 53.48 55.39
N ASP J 78 -41.27 52.61 56.38
CA ASP J 78 -39.95 52.20 56.86
C ASP J 78 -39.25 51.31 55.85
N LEU J 79 -39.91 51.05 54.73
CA LEU J 79 -39.34 50.27 53.63
C LEU J 79 -38.42 51.14 52.77
N PHE J 80 -38.86 52.36 52.50
CA PHE J 80 -38.13 53.30 51.67
C PHE J 80 -36.93 53.90 52.40
N CYS J 81 -35.75 53.75 51.81
CA CYS J 81 -34.53 54.29 52.42
C CYS J 81 -34.56 55.81 52.45
N THR J 82 -33.97 56.39 53.48
CA THR J 82 -33.94 57.84 53.64
C THR J 82 -32.62 58.32 54.23
N GLN J 83 -32.03 59.33 53.60
CA GLN J 83 -30.76 59.89 54.06
C GLN J 83 -30.90 60.56 55.42
N GLY J 84 -30.22 60.00 56.41
CA GLY J 84 -30.23 60.55 57.76
C GLY J 84 -31.23 59.85 58.67
N VAL J 85 -32.30 59.34 58.08
CA VAL J 85 -33.37 58.69 58.85
C VAL J 85 -33.15 57.18 58.94
N ARG J 86 -33.54 56.60 60.08
CA ARG J 86 -33.32 55.19 60.37
C ARG J 86 -34.31 54.26 59.65
N THR J 87 -33.91 53.79 58.47
CA THR J 87 -34.72 52.80 57.75
C THR J 87 -34.57 51.44 58.40
N SER J 88 -35.70 50.83 58.78
CA SER J 88 -35.66 49.60 59.57
C SER J 88 -36.72 48.59 59.15
N CYS J 89 -37.70 49.04 58.37
CA CYS J 89 -38.82 48.20 57.91
C CYS J 89 -39.69 47.74 59.08
N GLY J 90 -39.36 48.19 60.28
CA GLY J 90 -40.10 47.84 61.48
C GLY J 90 -39.70 46.47 61.97
N SER J 91 -38.40 46.27 62.14
CA SER J 91 -37.89 44.98 62.59
C SER J 91 -36.68 45.13 63.51
N LYS J 92 -36.46 44.14 64.36
CA LYS J 92 -35.32 44.12 65.25
C LYS J 92 -34.02 43.96 64.47
N MET J 93 -34.10 43.27 63.33
CA MET J 93 -32.93 43.00 62.50
C MET J 93 -32.35 44.29 61.93
N LEU J 94 -33.17 45.04 61.20
CA LEU J 94 -32.70 46.24 60.51
C LEU J 94 -32.76 47.47 61.43
N ASP J 95 -32.84 47.24 62.74
CA ASP J 95 -32.80 48.32 63.71
C ASP J 95 -31.43 48.98 63.74
N ASN J 96 -31.40 50.26 64.10
CA ASN J 96 -30.17 51.05 64.13
C ASN J 96 -29.46 51.06 62.77
N PHE J 97 -30.24 51.25 61.71
CA PHE J 97 -29.68 51.31 60.37
C PHE J 97 -30.01 52.65 59.70
N VAL J 98 -29.03 53.56 59.71
CA VAL J 98 -29.18 54.84 59.05
C VAL J 98 -28.61 54.77 57.63
N SER J 99 -29.51 54.72 56.65
CA SER J 99 -29.11 54.59 55.25
C SER J 99 -28.29 55.77 54.77
N PRO J 100 -27.15 55.50 54.12
CA PRO J 100 -26.24 56.52 53.59
C PRO J 100 -26.73 57.11 52.27
N TYR J 101 -27.78 56.52 51.71
CA TYR J 101 -28.35 56.99 50.46
C TYR J 101 -29.86 57.10 50.57
N ASP J 102 -30.46 58.02 49.82
CA ASP J 102 -31.90 58.21 49.86
C ASP J 102 -32.60 57.24 48.90
N ALA J 103 -33.87 57.52 48.60
CA ALA J 103 -34.64 56.69 47.69
C ALA J 103 -35.21 57.52 46.57
N THR J 104 -35.40 56.91 45.40
CA THR J 104 -35.92 57.60 44.23
C THR J 104 -37.26 58.29 44.50
N VAL J 105 -38.12 57.62 45.27
CA VAL J 105 -39.42 58.17 45.59
C VAL J 105 -39.35 59.33 46.57
N VAL J 106 -38.52 59.19 47.60
CA VAL J 106 -38.34 60.25 48.58
C VAL J 106 -37.63 61.44 47.96
N GLU J 107 -36.60 61.15 47.15
CA GLU J 107 -35.85 62.18 46.45
C GLU J 107 -36.74 62.95 45.50
N LYS J 108 -37.52 62.23 44.70
CA LYS J 108 -38.44 62.86 43.75
C LYS J 108 -39.49 63.70 44.45
N LEU J 109 -40.12 63.15 45.48
CA LEU J 109 -41.18 63.86 46.19
C LEU J 109 -40.66 65.11 46.89
N THR J 110 -39.51 64.99 47.54
CA THR J 110 -38.91 66.13 48.23
C THR J 110 -38.46 67.20 47.23
N ALA J 111 -37.94 66.77 46.08
CA ALA J 111 -37.52 67.70 45.04
C ALA J 111 -38.73 68.38 44.41
N ALA J 112 -39.88 67.72 44.47
CA ALA J 112 -41.11 68.28 43.95
C ALA J 112 -41.65 69.36 44.89
N GLY J 113 -41.28 69.27 46.15
CA GLY J 113 -41.69 70.25 47.15
C GLY J 113 -42.61 69.68 48.20
N ALA J 114 -42.19 68.59 48.82
CA ALA J 114 -43.00 67.93 49.85
C ALA J 114 -42.19 67.72 51.13
N VAL J 115 -42.74 68.16 52.25
CA VAL J 115 -42.07 68.04 53.54
C VAL J 115 -42.33 66.69 54.21
N THR J 116 -41.25 66.00 54.58
CA THR J 116 -41.34 64.70 55.24
C THR J 116 -41.30 64.83 56.76
N LEU J 117 -42.35 64.34 57.43
CA LEU J 117 -42.44 64.45 58.88
C LEU J 117 -41.65 63.34 59.59
N GLY J 118 -41.94 62.09 59.23
CA GLY J 118 -41.24 60.95 59.80
C GLY J 118 -41.71 59.61 59.30
N LYS J 119 -41.35 58.54 60.01
CA LYS J 119 -41.73 57.20 59.61
C LYS J 119 -42.77 56.52 60.53
N LEU J 120 -43.71 55.84 59.89
CA LEU J 120 -44.81 55.15 60.55
C LEU J 120 -44.57 53.64 60.66
N ASN J 121 -45.27 52.97 61.57
CA ASN J 121 -45.06 51.55 61.82
C ASN J 121 -45.62 50.66 60.71
N MET J 122 -44.94 49.54 60.48
CA MET J 122 -45.31 48.59 59.43
C MET J 122 -44.93 47.18 59.85
N ASP J 123 -45.44 46.18 59.14
CA ASP J 123 -45.06 44.79 59.38
C ASP J 123 -43.59 44.56 59.06
N GLU J 124 -43.03 43.48 59.60
CA GLU J 124 -41.64 43.13 59.35
C GLU J 124 -41.42 42.70 57.90
N PHE J 125 -40.76 43.57 57.14
CA PHE J 125 -40.47 43.33 55.73
C PHE J 125 -41.73 43.02 54.95
N ALA J 126 -42.78 43.80 55.21
CA ALA J 126 -44.06 43.70 54.50
C ALA J 126 -44.69 42.31 54.58
N MET J 127 -44.38 41.58 55.64
CA MET J 127 -44.95 40.25 55.84
C MET J 127 -46.04 40.24 56.91
N GLY J 128 -47.28 40.04 56.47
CA GLY J 128 -48.42 39.99 57.37
C GLY J 128 -49.45 41.04 57.02
N SER J 129 -50.72 40.75 57.29
CA SER J 129 -51.79 41.67 57.00
C SER J 129 -52.58 42.07 58.24
N SER J 130 -51.87 42.40 59.33
CA SER J 130 -52.53 42.72 60.58
C SER J 130 -51.80 43.78 61.39
N ASN J 131 -50.54 44.03 61.02
CA ASN J 131 -49.68 44.96 61.75
C ASN J 131 -49.62 44.65 63.25
N GLN J 132 -49.77 43.37 63.60
CA GLN J 132 -49.72 42.96 65.00
C GLN J 132 -48.38 42.31 65.31
N SER J 133 -47.67 41.95 64.25
CA SER J 133 -46.36 41.29 64.39
C SER J 133 -45.26 42.32 64.53
N SER J 134 -45.63 43.60 64.60
CA SER J 134 -44.66 44.68 64.67
C SER J 134 -43.86 44.63 65.97
N HIS J 135 -42.56 44.81 65.84
CA HIS J 135 -41.65 44.79 66.98
C HIS J 135 -41.86 46.02 67.84
N TYR J 136 -42.34 47.09 67.22
CA TYR J 136 -42.54 48.36 67.91
C TYR J 136 -43.94 48.47 68.52
N GLY J 137 -44.76 47.45 68.31
CA GLY J 137 -46.09 47.43 68.88
C GLY J 137 -47.19 47.38 67.82
N ALA J 138 -48.33 46.82 68.19
CA ALA J 138 -49.45 46.69 67.26
C ALA J 138 -50.16 48.04 67.07
N VAL J 139 -50.50 48.35 65.83
CA VAL J 139 -51.21 49.59 65.50
C VAL J 139 -52.70 49.45 65.75
N LYS J 140 -53.31 50.49 66.31
CA LYS J 140 -54.74 50.48 66.59
C LYS J 140 -55.55 51.28 65.56
N ASN J 141 -56.74 50.81 65.24
CA ASN J 141 -57.63 51.45 64.27
C ASN J 141 -58.33 52.68 64.86
N PRO J 142 -58.42 53.77 64.08
CA PRO J 142 -59.06 55.00 64.55
C PRO J 142 -60.55 54.85 64.84
N TRP J 143 -61.22 53.92 64.15
CA TRP J 143 -62.64 53.67 64.37
C TRP J 143 -62.87 52.69 65.52
N SER J 144 -61.90 51.81 65.76
CA SER J 144 -62.00 50.85 66.86
C SER J 144 -60.63 50.55 67.45
N LEU J 145 -60.40 51.08 68.66
CA LEU J 145 -59.12 50.96 69.33
C LEU J 145 -58.78 49.51 69.69
N ASP J 146 -59.77 48.63 69.60
CA ASP J 146 -59.56 47.22 69.93
C ASP J 146 -59.23 46.38 68.69
N ARG J 147 -59.46 46.95 67.51
CA ARG J 147 -59.21 46.21 66.26
C ARG J 147 -58.01 46.72 65.49
N VAL J 148 -57.74 46.08 64.35
CA VAL J 148 -56.59 46.38 63.51
C VAL J 148 -56.95 47.27 62.31
N PRO J 149 -56.02 48.17 61.93
CA PRO J 149 -56.20 49.00 60.74
C PRO J 149 -55.91 48.22 59.45
N GLY J 150 -55.18 47.11 59.58
CA GLY J 150 -54.85 46.27 58.44
C GLY J 150 -53.37 46.03 58.27
N GLY J 151 -52.99 45.58 57.08
CA GLY J 151 -51.59 45.30 56.78
C GLY J 151 -51.37 44.94 55.32
N SER J 152 -50.13 45.06 54.86
CA SER J 152 -49.01 45.45 55.70
C SER J 152 -48.76 46.95 55.65
N SER J 153 -49.81 47.71 55.33
CA SER J 153 -49.74 49.16 55.38
C SER J 153 -50.82 49.72 56.30
N GLY J 154 -50.93 49.13 57.48
CA GLY J 154 -51.92 49.54 58.45
C GLY J 154 -51.60 50.88 59.07
N GLY J 155 -50.31 51.12 59.29
CA GLY J 155 -49.84 52.36 59.89
C GLY J 155 -50.15 53.61 59.08
N SER J 156 -49.96 53.53 57.77
CA SER J 156 -50.24 54.66 56.88
C SER J 156 -51.72 54.99 56.88
N ALA J 157 -52.53 53.97 56.64
CA ALA J 157 -53.98 54.12 56.61
C ALA J 157 -54.51 54.68 57.93
N ALA J 158 -53.98 54.15 59.03
CA ALA J 158 -54.39 54.61 60.36
C ALA J 158 -53.94 56.05 60.61
N ALA J 159 -52.78 56.41 60.06
CA ALA J 159 -52.26 57.77 60.22
C ALA J 159 -53.12 58.79 59.48
N VAL J 160 -53.41 58.49 58.21
CA VAL J 160 -54.19 59.40 57.37
C VAL J 160 -55.66 59.47 57.80
N ALA J 161 -56.22 58.33 58.19
CA ALA J 161 -57.63 58.27 58.59
C ALA J 161 -57.87 58.99 59.91
N ALA J 162 -56.87 58.96 60.78
CA ALA J 162 -57.00 59.58 62.09
C ALA J 162 -56.61 61.05 62.07
N ARG J 163 -56.79 61.68 60.91
CA ARG J 163 -56.57 63.12 60.70
C ARG J 163 -55.11 63.60 60.92
N LEU J 164 -54.20 62.69 61.21
CA LEU J 164 -52.80 63.09 61.40
C LEU J 164 -52.15 63.64 60.13
N LEU J 165 -52.29 62.90 59.03
CA LEU J 165 -51.65 63.31 57.77
C LEU J 165 -52.61 63.28 56.59
N PRO J 166 -52.41 64.19 55.62
CA PRO J 166 -53.24 64.24 54.41
C PRO J 166 -52.93 63.13 53.41
N ALA J 167 -51.67 62.75 53.26
CA ALA J 167 -51.30 61.72 52.31
C ALA J 167 -50.01 60.99 52.71
N ALA J 168 -49.97 59.68 52.45
CA ALA J 168 -48.82 58.86 52.79
C ALA J 168 -48.43 57.93 51.64
N THR J 169 -47.27 57.27 51.80
CA THR J 169 -46.77 56.34 50.80
C THR J 169 -46.86 54.90 51.30
N GLY J 170 -47.54 54.06 50.54
CA GLY J 170 -47.70 52.66 50.90
C GLY J 170 -47.11 51.67 49.92
N THR J 171 -47.15 50.40 50.29
CA THR J 171 -46.58 49.32 49.48
C THR J 171 -47.63 48.29 49.06
N ASP J 172 -47.37 47.64 47.93
CA ASP J 172 -48.24 46.58 47.45
C ASP J 172 -47.41 45.35 47.13
N THR J 173 -47.62 44.28 47.89
CA THR J 173 -46.88 43.04 47.68
C THR J 173 -47.81 41.87 47.41
N GLY J 174 -48.89 41.79 48.18
CA GLY J 174 -49.90 40.77 48.00
C GLY J 174 -51.24 41.20 48.54
N GLY J 175 -51.60 42.47 48.31
CA GLY J 175 -52.82 43.01 48.87
C GLY J 175 -52.53 43.65 50.21
N SER J 176 -51.50 44.49 50.23
CA SER J 176 -51.02 45.10 51.46
C SER J 176 -51.34 46.59 51.50
N ILE J 177 -52.20 47.03 50.59
CA ILE J 177 -52.61 48.42 50.49
C ILE J 177 -54.13 48.53 50.42
N ARG J 178 -54.76 47.66 49.64
CA ARG J 178 -56.22 47.65 49.52
C ARG J 178 -56.91 47.32 50.84
N GLN J 179 -56.40 46.33 51.56
CA GLN J 179 -57.00 45.93 52.83
C GLN J 179 -56.96 47.04 53.90
N PRO J 180 -55.78 47.66 54.13
CA PRO J 180 -55.80 48.74 55.13
C PRO J 180 -56.66 49.92 54.71
N ALA J 181 -56.69 50.22 53.41
CA ALA J 181 -57.50 51.30 52.89
C ALA J 181 -58.98 51.02 53.08
N ALA J 182 -59.37 49.75 52.88
CA ALA J 182 -60.76 49.34 53.04
C ALA J 182 -61.19 49.35 54.52
N LEU J 183 -60.27 48.96 55.40
CA LEU J 183 -60.59 48.90 56.83
C LEU J 183 -60.60 50.28 57.47
N THR J 184 -60.14 51.29 56.73
CA THR J 184 -60.05 52.64 57.28
C THR J 184 -60.73 53.66 56.37
N ASN J 185 -61.60 53.19 55.49
CA ASN J 185 -62.36 54.01 54.53
C ASN J 185 -61.43 54.97 53.79
N LEU J 186 -60.47 54.41 53.06
CA LEU J 186 -59.52 55.23 52.33
C LEU J 186 -59.44 54.80 50.86
N THR J 187 -58.80 55.62 50.04
CA THR J 187 -58.68 55.33 48.62
C THR J 187 -57.25 54.94 48.24
N GLY J 188 -57.00 53.65 48.05
CA GLY J 188 -55.65 53.21 47.78
C GLY J 188 -55.47 52.76 46.34
N ILE J 189 -54.44 53.27 45.68
CA ILE J 189 -54.19 52.93 44.27
C ILE J 189 -52.85 52.24 44.06
N LYS J 190 -52.88 51.13 43.33
CA LYS J 190 -51.66 50.42 42.93
C LYS J 190 -51.44 50.51 41.44
N PRO J 191 -50.28 51.08 41.05
CA PRO J 191 -49.90 51.23 39.64
C PRO J 191 -49.44 49.92 39.02
N THR J 192 -49.32 49.90 37.70
CA THR J 192 -48.85 48.71 36.99
C THR J 192 -47.41 48.40 37.37
N TYR J 193 -47.07 47.11 37.43
CA TYR J 193 -45.72 46.68 37.77
C TYR J 193 -44.71 47.24 36.77
N GLY J 194 -43.82 48.09 37.27
CA GLY J 194 -42.80 48.71 36.43
C GLY J 194 -42.95 50.22 36.36
N ARG J 195 -44.12 50.71 36.76
CA ARG J 195 -44.38 52.15 36.74
C ARG J 195 -43.56 52.88 37.79
N VAL J 196 -43.83 52.59 39.06
CA VAL J 196 -43.06 53.19 40.15
C VAL J 196 -41.78 52.40 40.41
N SER J 197 -40.64 53.10 40.41
CA SER J 197 -39.34 52.46 40.58
C SER J 197 -39.17 51.85 41.96
N ARG J 198 -38.24 50.90 42.07
CA ARG J 198 -38.01 50.20 43.34
C ARG J 198 -36.63 50.50 43.92
N TRP J 199 -35.92 51.45 43.35
CA TRP J 199 -34.59 51.79 43.85
C TRP J 199 -34.71 52.47 45.20
N GLY J 200 -34.06 51.90 46.21
CA GLY J 200 -34.18 52.40 47.56
C GLY J 200 -35.27 51.67 48.34
N MET J 201 -36.22 51.12 47.60
CA MET J 201 -37.31 50.35 48.21
C MET J 201 -36.90 48.91 48.46
N ILE J 202 -36.76 48.56 49.74
CA ILE J 202 -36.31 47.23 50.15
C ILE J 202 -37.33 46.16 49.77
N ALA J 203 -36.87 45.14 49.04
CA ALA J 203 -37.78 44.17 48.43
C ALA J 203 -38.17 43.03 49.37
N TYR J 204 -39.45 42.67 49.32
CA TYR J 204 -39.96 41.48 49.99
C TYR J 204 -40.30 40.42 48.94
N ALA J 205 -40.88 40.88 47.83
CA ALA J 205 -41.12 40.02 46.68
C ALA J 205 -40.92 40.83 45.40
N SER J 206 -39.76 40.67 44.79
CA SER J 206 -39.33 41.49 43.66
C SER J 206 -40.34 41.54 42.51
N SER J 207 -40.93 40.39 42.19
CA SER J 207 -41.88 40.31 41.08
C SER J 207 -43.30 40.63 41.53
N LEU J 208 -43.46 41.07 42.77
CA LEU J 208 -44.77 41.41 43.31
C LEU J 208 -44.79 42.81 43.92
N ASP J 209 -43.64 43.24 44.43
CA ASP J 209 -43.53 44.53 45.10
C ASP J 209 -43.79 45.70 44.15
N GLN J 210 -44.54 46.69 44.63
CA GLN J 210 -44.81 47.90 43.88
C GLN J 210 -45.33 49.00 44.80
N GLY J 211 -44.65 50.16 44.79
CA GLY J 211 -45.02 51.24 45.67
C GLY J 211 -46.15 52.08 45.13
N GLY J 212 -47.13 52.38 45.98
CA GLY J 212 -48.27 53.18 45.57
C GLY J 212 -48.72 54.14 46.65
N PRO J 213 -49.37 55.24 46.25
CA PRO J 213 -49.78 56.26 47.21
C PRO J 213 -51.09 55.94 47.94
N LEU J 214 -51.21 56.44 49.16
CA LEU J 214 -52.42 56.23 49.96
C LEU J 214 -52.91 57.55 50.55
N ALA J 215 -54.12 57.96 50.18
CA ALA J 215 -54.69 59.23 50.65
C ALA J 215 -56.19 59.15 50.85
N ARG J 216 -56.80 60.29 51.16
CA ARG J 216 -58.24 60.34 51.45
C ARG J 216 -59.10 60.36 50.20
N THR J 217 -58.71 61.19 49.23
CA THR J 217 -59.49 61.32 48.00
C THR J 217 -58.73 60.77 46.79
N ALA J 218 -59.46 60.41 45.76
CA ALA J 218 -58.86 59.88 44.53
C ALA J 218 -58.00 60.96 43.88
N GLU J 219 -58.44 62.20 43.99
CA GLU J 219 -57.70 63.35 43.47
C GLU J 219 -56.33 63.47 44.11
N ASP J 220 -56.26 63.22 45.41
CA ASP J 220 -55.03 63.32 46.18
C ASP J 220 -54.01 62.26 45.75
N CYS J 221 -54.44 61.01 45.71
CA CYS J 221 -53.55 59.92 45.30
C CYS J 221 -53.23 60.02 43.82
N ALA J 222 -54.06 60.73 43.07
CA ALA J 222 -53.75 61.02 41.68
C ALA J 222 -52.62 62.04 41.60
N LEU J 223 -52.70 63.06 42.46
CA LEU J 223 -51.65 64.08 42.54
C LEU J 223 -50.32 63.47 42.98
N MET J 224 -50.38 62.47 43.85
CA MET J 224 -49.18 61.78 44.30
C MET J 224 -48.63 60.85 43.23
N LEU J 225 -49.50 60.03 42.65
CA LEU J 225 -49.10 59.07 41.62
C LEU J 225 -48.51 59.76 40.40
N GLY J 226 -49.05 60.93 40.07
CA GLY J 226 -48.55 61.72 38.95
C GLY J 226 -47.09 62.10 39.13
N VAL J 227 -46.66 62.17 40.38
CA VAL J 227 -45.29 62.52 40.71
C VAL J 227 -44.41 61.28 40.86
N MET J 228 -44.90 60.31 41.63
CA MET J 228 -44.10 59.15 42.02
C MET J 228 -43.94 58.10 40.92
N ALA J 229 -44.57 58.30 39.78
CA ALA J 229 -44.44 57.37 38.67
C ALA J 229 -43.26 57.75 37.78
N GLY J 230 -42.99 56.93 36.78
CA GLY J 230 -41.92 57.22 35.84
C GLY J 230 -40.76 56.25 35.89
N PHE J 231 -39.94 56.30 34.84
CA PHE J 231 -38.79 55.39 34.69
C PHE J 231 -37.58 55.83 35.49
N ASP J 232 -36.76 54.87 35.88
CA ASP J 232 -35.51 55.13 36.59
C ASP J 232 -34.43 54.19 36.04
N PRO J 233 -33.38 54.76 35.44
CA PRO J 233 -32.32 53.97 34.81
C PRO J 233 -31.55 53.08 35.79
N LYS J 234 -31.60 53.39 37.07
CA LYS J 234 -30.91 52.59 38.08
C LYS J 234 -31.67 51.30 38.38
N ASP J 235 -32.94 51.26 37.99
CA ASP J 235 -33.78 50.09 38.22
C ASP J 235 -34.05 49.34 36.91
N SER J 236 -33.85 48.03 36.94
CA SER J 236 -34.02 47.19 35.75
C SER J 236 -35.47 46.81 35.48
N THR J 237 -36.29 46.77 36.52
CA THR J 237 -37.68 46.35 36.37
C THR J 237 -38.58 47.48 35.89
N SER J 238 -38.06 48.70 35.90
CA SER J 238 -38.83 49.86 35.49
C SER J 238 -39.08 49.88 33.98
N VAL J 239 -40.26 50.31 33.58
CA VAL J 239 -40.65 50.36 32.17
C VAL J 239 -40.88 51.80 31.71
N GLU J 240 -40.51 52.09 30.47
CA GLU J 240 -40.64 53.43 29.91
C GLU J 240 -42.02 53.68 29.32
N GLN J 241 -42.75 54.63 29.91
CA GLN J 241 -44.07 55.00 29.42
C GLN J 241 -44.36 56.47 29.74
N PRO J 242 -44.81 57.24 28.74
CA PRO J 242 -44.97 58.69 28.86
C PRO J 242 -46.29 59.19 29.46
N VAL J 243 -47.28 58.33 29.62
CA VAL J 243 -48.58 58.76 30.16
C VAL J 243 -48.49 59.12 31.64
N ASP J 244 -48.59 60.41 31.94
CA ASP J 244 -48.48 60.89 33.32
C ASP J 244 -49.39 62.10 33.55
N ASP J 245 -50.45 62.20 32.77
CA ASP J 245 -51.41 63.29 32.92
C ASP J 245 -52.68 62.79 33.58
N TYR J 246 -52.56 62.46 34.87
CA TYR J 246 -53.67 61.90 35.64
C TYR J 246 -54.63 62.98 36.12
N LEU J 247 -54.06 64.12 36.51
CA LEU J 247 -54.82 65.24 37.07
C LEU J 247 -55.86 65.78 36.09
N ALA J 248 -55.53 65.79 34.81
CA ALA J 248 -56.43 66.30 33.77
C ALA J 248 -57.46 65.26 33.35
N ALA J 249 -57.19 63.99 33.65
CA ALA J 249 -58.05 62.88 33.25
C ALA J 249 -59.40 62.88 33.98
N LEU J 250 -59.54 63.74 34.97
CA LEU J 250 -60.76 63.79 35.78
C LEU J 250 -61.93 64.38 35.00
N GLN J 251 -63.10 64.34 35.62
CA GLN J 251 -64.34 64.89 35.07
C GLN J 251 -64.73 64.31 33.70
N LYS J 252 -64.22 63.13 33.35
CA LYS J 252 -64.64 62.45 32.13
C LYS J 252 -65.81 61.52 32.41
N PRO J 253 -66.94 61.73 31.71
CA PRO J 253 -68.18 61.00 31.93
C PRO J 253 -68.09 59.49 31.74
N LEU J 254 -68.99 58.75 32.39
CA LEU J 254 -69.00 57.29 32.29
C LEU J 254 -70.02 56.83 31.24
N SER J 255 -70.13 57.59 30.16
CA SER J 255 -71.10 57.30 29.11
C SER J 255 -70.82 55.98 28.39
N GLY J 256 -71.60 54.97 28.72
CA GLY J 256 -71.49 53.66 28.08
C GLY J 256 -70.22 52.92 28.40
N LEU J 257 -69.79 52.98 29.65
CA LEU J 257 -68.60 52.25 30.09
C LEU J 257 -68.96 50.88 30.64
N ARG J 258 -68.41 49.85 30.02
CA ARG J 258 -68.69 48.47 30.40
C ARG J 258 -67.98 48.10 31.70
N ILE J 259 -68.72 47.46 32.60
CA ILE J 259 -68.20 47.08 33.92
C ILE J 259 -68.42 45.60 34.19
N GLY J 260 -67.36 44.91 34.61
CA GLY J 260 -67.44 43.48 34.85
C GLY J 260 -67.58 43.10 36.31
N LEU J 261 -68.61 42.31 36.59
CA LEU J 261 -68.85 41.78 37.93
C LEU J 261 -68.68 40.26 37.92
N PRO J 262 -67.53 39.77 38.41
CA PRO J 262 -67.22 38.33 38.37
C PRO J 262 -68.10 37.50 39.30
N ARG J 263 -68.33 36.25 38.90
CA ARG J 263 -69.11 35.32 39.69
C ARG J 263 -68.30 34.85 40.90
N GLU J 264 -66.98 34.77 40.72
CA GLU J 264 -66.10 34.25 41.76
C GLU J 264 -65.92 35.27 42.88
N TYR J 265 -66.33 36.50 42.63
CA TYR J 265 -66.30 37.55 43.65
C TYR J 265 -67.51 37.40 44.57
N PHE J 266 -68.39 36.47 44.21
CA PHE J 266 -69.56 36.15 45.03
C PHE J 266 -69.53 34.68 45.38
N GLY J 267 -68.95 34.36 46.53
CA GLY J 267 -68.77 32.99 46.96
C GLY J 267 -69.29 32.73 48.36
N ALA J 268 -68.70 31.74 49.02
CA ALA J 268 -69.11 31.37 50.37
C ALA J 268 -68.29 32.08 51.45
N GLY J 269 -67.22 32.77 51.05
CA GLY J 269 -66.36 33.42 52.02
C GLY J 269 -66.75 34.83 52.46
N LEU J 270 -67.44 35.55 51.59
CA LEU J 270 -67.84 36.94 51.90
C LEU J 270 -69.22 36.99 52.54
N ASP J 271 -69.38 37.87 53.52
CA ASP J 271 -70.66 38.07 54.19
C ASP J 271 -71.64 38.87 53.32
N SER J 272 -72.93 38.67 53.58
CA SER J 272 -73.98 39.31 52.80
C SER J 272 -74.03 40.83 52.94
N ARG J 273 -73.60 41.34 54.09
CA ARG J 273 -73.60 42.77 54.35
C ARG J 273 -72.75 43.52 53.32
N ILE J 274 -71.49 43.10 53.19
CA ILE J 274 -70.59 43.73 52.23
C ILE J 274 -71.07 43.47 50.80
N ALA J 275 -71.76 42.35 50.60
CA ALA J 275 -72.31 42.03 49.29
C ALA J 275 -73.35 43.05 48.88
N ASP J 276 -74.25 43.39 49.81
CA ASP J 276 -75.24 44.42 49.56
C ASP J 276 -74.56 45.78 49.39
N ALA J 277 -73.51 45.99 50.18
CA ALA J 277 -72.73 47.22 50.10
C ALA J 277 -72.07 47.38 48.73
N VAL J 278 -71.82 46.25 48.07
CA VAL J 278 -71.23 46.26 46.73
C VAL J 278 -72.32 46.44 45.66
N LEU J 279 -73.40 45.70 45.80
CA LEU J 279 -74.51 45.77 44.83
C LEU J 279 -75.12 47.16 44.79
N ALA J 280 -75.11 47.85 45.93
CA ALA J 280 -75.57 49.23 45.99
C ALA J 280 -74.68 50.13 45.14
N VAL J 281 -73.38 49.87 45.21
CA VAL J 281 -72.39 50.62 44.44
C VAL J 281 -72.55 50.33 42.95
N VAL J 282 -72.85 49.08 42.61
CA VAL J 282 -73.06 48.69 41.23
C VAL J 282 -74.31 49.36 40.65
N GLU J 283 -75.36 49.43 41.46
CA GLU J 283 -76.60 50.09 41.04
C GLU J 283 -76.38 51.58 40.86
N GLU J 284 -75.61 52.16 41.78
CA GLU J 284 -75.29 53.58 41.73
C GLU J 284 -74.42 53.91 40.52
N LEU J 285 -73.55 52.98 40.16
CA LEU J 285 -72.72 53.11 38.97
C LEU J 285 -73.57 53.00 37.72
N LYS J 286 -74.62 52.18 37.78
CA LYS J 286 -75.58 52.11 36.68
C LYS J 286 -76.33 53.44 36.57
N THR J 287 -76.61 54.07 37.70
CA THR J 287 -77.26 55.38 37.69
C THR J 287 -76.32 56.44 37.13
N LEU J 288 -75.01 56.22 37.30
CA LEU J 288 -74.02 57.14 36.77
C LEU J 288 -73.96 57.08 35.25
N GLY J 289 -74.49 56.00 34.68
CA GLY J 289 -74.57 55.85 33.23
C GLY J 289 -73.66 54.78 32.68
N ALA J 290 -73.23 53.86 33.54
CA ALA J 290 -72.36 52.78 33.12
C ALA J 290 -73.13 51.48 32.93
N THR J 291 -72.61 50.61 32.05
CA THR J 291 -73.24 49.31 31.80
C THR J 291 -72.52 48.21 32.56
N VAL J 292 -73.26 47.18 32.95
CA VAL J 292 -72.69 46.07 33.70
C VAL J 292 -72.93 44.74 33.00
N LYS J 293 -71.88 43.93 32.89
CA LYS J 293 -71.97 42.61 32.27
C LYS J 293 -71.23 41.58 33.11
N ASP J 294 -71.82 40.39 33.23
CA ASP J 294 -71.23 39.31 34.01
C ASP J 294 -70.02 38.71 33.30
N ILE J 295 -68.90 38.65 34.00
CA ILE J 295 -67.67 38.07 33.47
C ILE J 295 -67.28 36.85 34.30
N SER J 296 -66.32 36.07 33.79
CA SER J 296 -65.92 34.84 34.49
C SER J 296 -64.41 34.75 34.68
N LEU J 297 -64.00 34.13 35.78
CA LEU J 297 -62.59 33.88 36.07
C LEU J 297 -62.42 32.47 36.61
N PRO J 298 -62.06 31.52 35.73
CA PRO J 298 -61.94 30.10 36.09
C PRO J 298 -60.82 29.82 37.09
N ASN J 299 -59.73 30.58 37.00
CA ASN J 299 -58.59 30.36 37.87
C ASN J 299 -58.39 31.49 38.89
N MET J 300 -59.50 31.97 39.46
CA MET J 300 -59.42 33.02 40.47
C MET J 300 -59.28 32.43 41.86
N GLN J 301 -59.93 31.28 42.08
CA GLN J 301 -59.88 30.61 43.38
C GLN J 301 -58.50 30.04 43.66
N HIS J 302 -57.77 29.70 42.60
CA HIS J 302 -56.46 29.10 42.72
C HIS J 302 -55.37 30.15 42.92
N ALA J 303 -55.78 31.39 43.15
CA ALA J 303 -54.85 32.49 43.32
C ALA J 303 -54.20 32.49 44.70
N ILE J 304 -54.92 32.00 45.70
CA ILE J 304 -54.40 32.04 47.08
C ILE J 304 -53.18 31.14 47.34
N PRO J 305 -53.17 29.87 46.87
CA PRO J 305 -51.98 29.12 47.26
C PRO J 305 -50.71 29.55 46.50
N ALA J 306 -50.83 29.71 45.18
CA ALA J 306 -49.71 30.05 44.33
C ALA J 306 -48.93 31.26 44.84
N TYR J 307 -49.65 32.30 45.25
CA TYR J 307 -49.03 33.49 45.81
C TYR J 307 -48.11 33.11 46.98
N TYR J 308 -48.66 32.37 47.94
CA TYR J 308 -47.90 31.95 49.11
C TYR J 308 -46.87 30.86 48.78
N VAL J 309 -46.56 30.71 47.50
CA VAL J 309 -45.46 29.88 47.06
C VAL J 309 -44.44 30.76 46.35
N ILE J 310 -44.94 31.79 45.66
CA ILE J 310 -44.07 32.69 44.90
C ILE J 310 -43.47 33.78 45.78
N ALA J 311 -44.31 34.44 46.56
CA ALA J 311 -43.87 35.52 47.44
C ALA J 311 -42.86 35.07 48.52
N PRO J 312 -43.12 33.94 49.20
CA PRO J 312 -42.11 33.54 50.19
C PRO J 312 -40.78 33.14 49.53
N ALA J 313 -40.85 32.38 48.44
CA ALA J 313 -39.66 31.89 47.74
C ALA J 313 -38.68 33.02 47.46
N GLU J 314 -39.13 34.02 46.71
CA GLU J 314 -38.32 35.19 46.41
C GLU J 314 -37.77 35.81 47.69
N ALA J 315 -38.62 35.92 48.69
CA ALA J 315 -38.22 36.49 49.98
C ALA J 315 -37.07 35.68 50.56
N SER J 316 -37.18 34.35 50.50
CA SER J 316 -36.15 33.46 51.03
C SER J 316 -34.80 33.71 50.38
N SER J 317 -34.83 34.32 49.20
CA SER J 317 -33.60 34.72 48.52
C SER J 317 -33.30 36.18 48.81
N ASN J 318 -34.35 37.01 48.79
CA ASN J 318 -34.20 38.44 48.97
C ASN J 318 -33.69 38.80 50.37
N LEU J 319 -34.06 38.00 51.35
CA LEU J 319 -33.67 38.25 52.73
C LEU J 319 -32.40 37.48 53.10
N SER J 320 -31.80 36.81 52.11
CA SER J 320 -30.58 36.06 52.33
C SER J 320 -29.38 36.97 52.56
N ARG J 321 -29.49 38.21 52.10
CA ARG J 321 -28.41 39.19 52.25
C ARG J 321 -28.30 39.68 53.69
N PHE J 322 -29.41 39.62 54.42
CA PHE J 322 -29.44 40.05 55.82
C PHE J 322 -28.74 39.05 56.72
N ASP J 323 -27.44 39.24 56.90
CA ASP J 323 -26.63 38.36 57.72
C ASP J 323 -25.99 39.10 58.90
N GLY J 324 -25.83 40.42 58.74
CA GLY J 324 -25.28 41.24 59.81
C GLY J 324 -23.78 41.41 59.75
N VAL J 325 -23.20 41.20 58.58
CA VAL J 325 -21.76 41.35 58.40
C VAL J 325 -21.41 42.79 58.00
N ARG J 326 -22.32 43.42 57.27
CA ARG J 326 -22.07 44.76 56.74
C ARG J 326 -22.90 45.83 57.45
N TYR J 327 -24.09 45.45 57.89
CA TYR J 327 -25.00 46.40 58.51
C TYR J 327 -26.04 45.74 59.41
N GLY J 328 -27.02 46.53 59.83
CA GLY J 328 -28.12 46.04 60.66
C GLY J 328 -27.72 45.74 62.09
N TYR J 329 -28.11 44.57 62.57
CA TYR J 329 -27.83 44.18 63.95
C TYR J 329 -26.89 42.97 63.95
N ARG J 330 -25.90 42.98 64.84
CA ARG J 330 -24.94 41.88 64.91
C ARG J 330 -24.95 41.19 66.27
N CYS J 331 -24.67 39.89 66.25
CA CYS J 331 -24.68 39.06 67.46
C CYS J 331 -23.73 39.55 68.55
N ASP J 332 -24.14 39.40 69.80
CA ASP J 332 -23.31 39.80 70.92
C ASP J 332 -22.18 38.80 71.15
N ALA J 333 -22.49 37.52 70.95
CA ALA J 333 -21.50 36.45 71.13
C ALA J 333 -21.42 35.53 69.91
N PRO J 334 -20.66 35.94 68.90
CA PRO J 334 -20.47 35.16 67.67
C PRO J 334 -19.32 34.16 67.77
N GLN J 335 -19.63 32.95 68.25
CA GLN J 335 -18.60 31.92 68.41
C GLN J 335 -18.02 31.47 67.07
N ASN J 336 -18.90 31.28 66.09
CA ASN J 336 -18.49 30.84 64.76
C ASN J 336 -19.08 31.70 63.65
N LEU J 337 -18.62 31.48 62.43
CA LEU J 337 -19.16 32.15 61.26
C LEU J 337 -20.58 31.64 61.02
N GLU J 338 -20.73 30.32 61.05
CA GLU J 338 -22.03 29.68 60.94
C GLU J 338 -22.92 30.11 62.10
N ASP J 339 -22.31 30.25 63.27
CA ASP J 339 -23.00 30.75 64.45
C ASP J 339 -23.41 32.20 64.24
N LEU J 340 -22.57 32.97 63.55
CA LEU J 340 -22.89 34.36 63.27
C LEU J 340 -24.13 34.43 62.37
N TYR J 341 -24.11 33.71 61.26
CA TYR J 341 -25.26 33.65 60.37
C TYR J 341 -26.54 33.22 61.09
N LYS J 342 -26.49 32.03 61.69
CA LYS J 342 -27.67 31.44 62.31
C LYS J 342 -28.23 32.28 63.45
N ARG J 343 -27.35 32.76 64.33
CA ARG J 343 -27.79 33.57 65.47
C ARG J 343 -28.32 34.93 65.02
N SER J 344 -27.63 35.58 64.09
CA SER J 344 -28.07 36.88 63.60
C SER J 344 -29.41 36.81 62.89
N ARG J 345 -29.62 35.74 62.13
CA ARG J 345 -30.88 35.58 61.40
C ARG J 345 -31.96 35.07 62.34
N ALA J 346 -31.54 34.50 63.46
CA ALA J 346 -32.47 34.02 64.50
C ALA J 346 -33.01 35.19 65.32
N GLU J 347 -32.14 36.15 65.61
CA GLU J 347 -32.52 37.30 66.43
C GLU J 347 -32.85 38.48 65.54
N GLY J 348 -33.19 38.19 64.30
CA GLY J 348 -33.79 39.17 63.42
C GLY J 348 -35.22 39.39 63.87
N PHE J 349 -36.12 38.57 63.35
CA PHE J 349 -37.53 38.63 63.74
C PHE J 349 -38.04 37.26 64.16
N GLY J 350 -39.20 37.25 64.83
CA GLY J 350 -39.80 36.05 65.37
C GLY J 350 -40.35 35.09 64.34
N SER J 351 -41.48 34.47 64.65
CA SER J 351 -42.00 33.35 63.88
C SER J 351 -42.49 33.66 62.46
N GLU J 352 -43.19 34.77 62.26
CA GLU J 352 -43.78 35.05 60.94
C GLU J 352 -42.79 35.03 59.77
N VAL J 353 -41.83 35.96 59.80
CA VAL J 353 -40.84 36.08 58.73
C VAL J 353 -40.00 34.82 58.61
N LYS J 354 -39.53 34.31 59.75
CA LYS J 354 -38.71 33.10 59.77
C LYS J 354 -39.41 31.90 59.12
N ASN J 355 -40.68 31.69 59.47
CA ASN J 355 -41.45 30.57 58.92
C ASN J 355 -41.77 30.77 57.44
N ARG J 356 -42.03 32.00 57.04
CA ARG J 356 -42.30 32.26 55.63
C ARG J 356 -41.04 32.04 54.79
N ILE J 357 -39.89 32.41 55.35
CA ILE J 357 -38.60 32.14 54.73
C ILE J 357 -38.37 30.63 54.65
N MET J 358 -38.82 29.92 55.68
CA MET J 358 -38.72 28.46 55.68
C MET J 358 -39.53 27.86 54.54
N VAL J 359 -40.77 28.26 54.41
CA VAL J 359 -41.63 27.76 53.34
C VAL J 359 -41.07 28.13 51.96
N GLY J 360 -40.45 29.31 51.88
CA GLY J 360 -39.83 29.75 50.65
C GLY J 360 -38.65 28.88 50.27
N THR J 361 -37.81 28.57 51.24
CA THR J 361 -36.64 27.72 51.04
C THR J 361 -37.06 26.29 50.68
N TYR J 362 -38.14 25.83 51.31
CA TYR J 362 -38.69 24.52 51.02
C TYR J 362 -39.23 24.48 49.60
N ALA J 363 -39.74 25.62 49.13
CA ALA J 363 -40.31 25.70 47.79
C ALA J 363 -39.20 25.77 46.74
N LEU J 364 -38.09 26.41 47.10
CA LEU J 364 -36.97 26.57 46.17
C LEU J 364 -35.98 25.41 46.25
N SER J 365 -36.17 24.54 47.24
CA SER J 365 -35.30 23.39 47.44
C SER J 365 -35.32 22.44 46.24
N ALA J 366 -34.22 21.71 46.06
CA ALA J 366 -34.10 20.77 44.95
C ALA J 366 -35.14 19.66 45.05
N GLY J 367 -35.83 19.40 43.94
CA GLY J 367 -36.85 18.36 43.89
C GLY J 367 -38.25 18.95 43.93
N TYR J 368 -38.55 19.68 45.00
CA TYR J 368 -39.84 20.30 45.19
C TYR J 368 -40.07 21.49 44.24
N TYR J 369 -39.00 21.93 43.59
CA TYR J 369 -39.03 23.09 42.71
C TYR J 369 -40.11 23.03 41.63
N ASP J 370 -40.07 21.98 40.81
CA ASP J 370 -41.00 21.82 39.70
C ASP J 370 -42.43 21.64 40.18
N ALA J 371 -42.58 20.99 41.34
CA ALA J 371 -43.90 20.66 41.86
C ALA J 371 -44.57 21.86 42.52
N TYR J 372 -43.77 22.80 43.03
CA TYR J 372 -44.31 23.93 43.76
C TYR J 372 -44.10 25.27 43.06
N TYR J 373 -42.85 25.66 42.89
CA TYR J 373 -42.52 26.99 42.35
C TYR J 373 -42.97 27.13 40.89
N LEU J 374 -42.50 26.21 40.05
CA LEU J 374 -42.86 26.19 38.64
C LEU J 374 -44.38 26.12 38.46
N GLN J 375 -45.00 25.28 39.27
CA GLN J 375 -46.46 25.13 39.28
C GLN J 375 -47.14 26.46 39.54
N ALA J 376 -46.71 27.13 40.60
CA ALA J 376 -47.29 28.42 40.99
C ALA J 376 -47.10 29.47 39.91
N GLN J 377 -45.93 29.46 39.27
CA GLN J 377 -45.65 30.41 38.19
C GLN J 377 -46.55 30.17 36.97
N LYS J 378 -46.76 28.89 36.64
CA LYS J 378 -47.61 28.55 35.51
C LYS J 378 -49.07 28.88 35.80
N ILE J 379 -49.48 28.71 37.06
CA ILE J 379 -50.82 29.10 37.48
C ILE J 379 -50.96 30.62 37.36
N ARG J 380 -49.91 31.34 37.74
CA ARG J 380 -49.85 32.79 37.56
C ARG J 380 -50.03 33.16 36.10
N ARG J 381 -49.41 32.37 35.23
CA ARG J 381 -49.55 32.57 33.78
C ARG J 381 -51.00 32.38 33.36
N LEU J 382 -51.64 31.34 33.88
CA LEU J 382 -53.05 31.09 33.60
C LEU J 382 -53.93 32.26 34.07
N ILE J 383 -53.54 32.87 35.18
CA ILE J 383 -54.27 34.00 35.74
C ILE J 383 -54.14 35.21 34.81
N LYS J 384 -52.92 35.50 34.38
CA LYS J 384 -52.68 36.56 33.42
C LYS J 384 -53.48 36.35 32.14
N ASN J 385 -53.50 35.10 31.68
CA ASN J 385 -54.26 34.73 30.50
C ASN J 385 -55.76 34.97 30.69
N ASP J 386 -56.26 34.63 31.87
CA ASP J 386 -57.67 34.84 32.18
C ASP J 386 -58.00 36.33 32.20
N PHE J 387 -57.07 37.13 32.70
CA PHE J 387 -57.28 38.57 32.76
C PHE J 387 -57.27 39.20 31.38
N VAL J 388 -56.29 38.85 30.56
CA VAL J 388 -56.20 39.42 29.21
C VAL J 388 -57.32 38.89 28.31
N SER J 389 -57.87 37.73 28.66
CA SER J 389 -59.03 37.19 27.95
C SER J 389 -60.31 37.88 28.37
N ALA J 390 -60.39 38.26 29.65
CA ALA J 390 -61.58 38.89 30.21
C ALA J 390 -61.70 40.35 29.78
N PHE J 391 -60.59 41.07 29.81
CA PHE J 391 -60.58 42.50 29.51
C PHE J 391 -60.83 42.81 28.03
N ALA J 392 -61.06 41.78 27.23
CA ALA J 392 -61.32 41.95 25.81
C ALA J 392 -62.66 42.64 25.58
N GLU J 393 -63.61 42.42 26.49
CA GLU J 393 -64.93 43.01 26.37
C GLU J 393 -65.22 43.98 27.51
N VAL J 394 -64.59 43.75 28.66
CA VAL J 394 -64.79 44.58 29.84
C VAL J 394 -63.65 45.56 30.03
N ASP J 395 -63.99 46.82 30.33
CA ASP J 395 -62.99 47.86 30.56
C ASP J 395 -62.45 47.84 31.98
N VAL J 396 -63.34 47.70 32.96
CA VAL J 396 -62.93 47.67 34.36
C VAL J 396 -63.69 46.60 35.15
N ILE J 397 -62.94 45.83 35.93
CA ILE J 397 -63.53 44.72 36.69
C ILE J 397 -63.68 45.07 38.18
N LEU J 398 -64.92 45.20 38.64
CA LEU J 398 -65.14 45.60 40.03
C LEU J 398 -65.68 44.48 40.91
N GLY J 399 -65.36 44.56 42.19
CA GLY J 399 -65.84 43.60 43.17
C GLY J 399 -65.56 44.05 44.60
N PRO J 400 -65.78 43.16 45.58
CA PRO J 400 -65.53 43.45 46.98
C PRO J 400 -64.05 43.38 47.33
N THR J 401 -63.61 44.19 48.30
CA THR J 401 -62.23 44.11 48.76
C THR J 401 -62.10 43.02 49.82
N THR J 402 -62.16 43.41 51.09
CA THR J 402 -62.09 42.45 52.18
C THR J 402 -63.40 41.68 52.34
N PRO J 403 -63.29 40.34 52.46
CA PRO J 403 -64.44 39.45 52.61
C PRO J 403 -65.03 39.47 54.02
N ASN J 404 -64.23 39.88 55.00
CA ASN J 404 -64.66 39.92 56.40
C ASN J 404 -64.36 41.28 57.02
N PRO J 405 -65.26 41.78 57.88
CA PRO J 405 -64.94 43.02 58.61
C PRO J 405 -63.75 42.86 59.55
N ALA J 406 -63.32 43.97 60.14
CA ALA J 406 -62.13 44.00 61.00
C ALA J 406 -62.25 43.05 62.19
N TRP J 407 -61.18 42.31 62.45
CA TRP J 407 -61.17 41.37 63.56
C TRP J 407 -60.32 41.90 64.69
N LYS J 408 -60.71 41.59 65.93
CA LYS J 408 -60.07 42.16 67.11
C LYS J 408 -58.68 41.60 67.35
N ILE J 409 -57.94 42.24 68.26
CA ILE J 409 -56.56 41.88 68.56
C ILE J 409 -56.50 40.91 69.74
N GLY J 410 -55.58 39.96 69.66
CA GLY J 410 -55.42 38.95 70.71
C GLY J 410 -56.16 37.67 70.37
N GLU J 411 -56.69 37.60 69.16
CA GLU J 411 -57.44 36.43 68.72
C GLU J 411 -56.60 35.48 67.86
N LYS J 412 -56.96 35.39 66.58
CA LYS J 412 -56.32 34.49 65.63
C LYS J 412 -55.06 35.09 64.98
N ASN J 413 -54.22 35.72 65.80
CA ASN J 413 -52.96 36.28 65.31
C ASN J 413 -51.90 35.18 65.21
N ASP J 414 -51.95 34.23 66.13
CA ASP J 414 -51.04 33.09 66.12
C ASP J 414 -51.45 32.11 65.03
N ASP J 415 -52.74 32.11 64.70
CA ASP J 415 -53.30 31.23 63.69
C ASP J 415 -53.30 31.92 62.32
N PRO J 416 -52.58 31.33 61.36
CA PRO J 416 -52.41 31.88 60.00
C PRO J 416 -53.53 31.51 59.03
N VAL J 417 -54.38 30.56 59.39
CA VAL J 417 -55.48 30.13 58.51
C VAL J 417 -56.39 31.31 58.17
N SER J 418 -56.80 32.05 59.19
CA SER J 418 -57.67 33.22 59.00
C SER J 418 -56.92 34.35 58.30
N GLN J 419 -55.62 34.44 58.58
CA GLN J 419 -54.77 35.45 57.97
C GLN J 419 -54.70 35.29 56.46
N TYR J 420 -54.57 34.03 56.01
CA TYR J 420 -54.49 33.72 54.60
C TYR J 420 -55.87 33.77 53.94
N LEU J 421 -56.91 33.44 54.71
CA LEU J 421 -58.26 33.44 54.18
C LEU J 421 -58.84 34.85 54.09
N GLU J 422 -58.02 35.85 54.39
CA GLU J 422 -58.44 37.24 54.27
C GLU J 422 -58.21 37.73 52.85
N ASP J 423 -56.96 37.68 52.42
CA ASP J 423 -56.57 38.12 51.08
C ASP J 423 -56.86 37.06 50.01
N ILE J 424 -58.04 37.12 49.41
CA ILE J 424 -58.40 36.17 48.36
C ILE J 424 -58.63 36.89 47.03
N TYR J 425 -59.30 38.02 47.09
CA TYR J 425 -59.67 38.80 45.91
C TYR J 425 -58.55 39.73 45.47
N THR J 426 -57.78 40.22 46.44
CA THR J 426 -56.83 41.30 46.21
C THR J 426 -55.48 40.86 45.62
N ILE J 427 -55.20 39.56 45.68
CA ILE J 427 -53.90 39.05 45.25
C ILE J 427 -53.81 38.82 43.74
N THR J 428 -54.97 38.65 43.11
CA THR J 428 -55.04 38.37 41.67
C THR J 428 -54.40 39.49 40.85
N ALA J 429 -54.65 40.73 41.27
CA ALA J 429 -54.08 41.89 40.59
C ALA J 429 -52.57 41.91 40.75
N ASN J 430 -52.10 41.54 41.93
CA ASN J 430 -50.67 41.51 42.21
C ASN J 430 -49.97 40.45 41.37
N LEU J 431 -50.58 39.28 41.26
CA LEU J 431 -50.03 38.19 40.47
C LEU J 431 -50.06 38.52 38.97
N ALA J 432 -51.10 39.23 38.54
CA ALA J 432 -51.25 39.61 37.15
C ALA J 432 -50.46 40.88 36.82
N GLY J 433 -50.11 41.64 37.85
CA GLY J 433 -49.36 42.88 37.67
C GLY J 433 -50.23 44.00 37.12
N LEU J 434 -51.53 43.91 37.37
CA LEU J 434 -52.47 44.90 36.87
C LEU J 434 -52.70 46.03 37.87
N PRO J 435 -53.02 47.24 37.38
CA PRO J 435 -53.33 48.37 38.26
C PRO J 435 -54.69 48.25 38.95
N GLY J 436 -54.71 48.47 40.25
CA GLY J 436 -55.93 48.35 41.04
C GLY J 436 -56.23 49.56 41.90
N LEU J 437 -57.47 49.64 42.38
CA LEU J 437 -57.89 50.75 43.23
C LEU J 437 -59.00 50.36 44.21
N SER J 438 -58.78 50.62 45.49
CA SER J 438 -59.77 50.35 46.53
C SER J 438 -60.40 51.65 47.01
N MET J 439 -61.72 51.75 46.87
CA MET J 439 -62.48 52.91 47.33
C MET J 439 -63.63 52.47 48.24
N PRO J 440 -63.74 53.09 49.43
CA PRO J 440 -64.73 52.70 50.45
C PRO J 440 -66.17 52.71 49.93
N ALA J 441 -66.91 51.64 50.23
CA ALA J 441 -68.31 51.52 49.80
C ALA J 441 -69.30 52.00 50.85
N GLY J 442 -68.97 51.81 52.12
CA GLY J 442 -69.87 52.19 53.20
C GLY J 442 -69.38 51.70 54.56
N PHE J 443 -70.32 51.45 55.46
CA PHE J 443 -69.96 51.00 56.81
C PHE J 443 -70.76 49.79 57.27
N VAL J 444 -70.07 48.84 57.88
CA VAL J 444 -70.70 47.65 58.43
C VAL J 444 -70.44 47.59 59.94
N ASP J 445 -71.52 47.61 60.72
CA ASP J 445 -71.45 47.65 62.18
C ASP J 445 -70.54 48.75 62.70
N GLY J 446 -70.52 49.87 62.00
CA GLY J 446 -69.71 51.01 62.41
C GLY J 446 -68.31 50.94 61.83
N LEU J 447 -68.01 49.81 61.20
CA LEU J 447 -66.69 49.59 60.61
C LEU J 447 -66.75 49.77 59.09
N PRO J 448 -65.72 50.42 58.53
CA PRO J 448 -65.70 50.74 57.09
C PRO J 448 -65.24 49.58 56.22
N VAL J 449 -65.89 49.42 55.08
CA VAL J 449 -65.56 48.38 54.11
C VAL J 449 -65.39 49.04 52.74
N GLY J 450 -64.57 48.46 51.87
CA GLY J 450 -64.29 49.06 50.59
C GLY J 450 -64.52 48.14 49.40
N VAL J 451 -64.53 48.72 48.20
CA VAL J 451 -64.68 47.96 46.96
C VAL J 451 -63.46 48.14 46.07
N GLN J 452 -62.99 47.02 45.54
CA GLN J 452 -61.80 46.98 44.69
C GLN J 452 -62.15 46.93 43.20
N LEU J 453 -61.50 47.78 42.42
CA LEU J 453 -61.68 47.79 40.97
C LEU J 453 -60.33 47.58 40.29
N LEU J 454 -60.33 46.79 39.23
CA LEU J 454 -59.11 46.44 38.52
C LEU J 454 -59.16 46.88 37.07
N ALA J 455 -58.04 47.38 36.58
CA ALA J 455 -57.95 47.89 35.22
C ALA J 455 -56.79 47.24 34.44
N PRO J 456 -56.86 47.27 33.10
CA PRO J 456 -55.75 46.75 32.27
C PRO J 456 -54.47 47.57 32.33
N TYR J 457 -53.44 47.09 31.64
CA TYR J 457 -52.10 47.68 31.70
C TYR J 457 -51.96 49.13 31.23
N PHE J 458 -51.20 49.91 31.99
CA PHE J 458 -50.79 51.27 31.65
C PHE J 458 -51.92 52.25 31.32
N GLN J 459 -53.00 52.21 32.07
CA GLN J 459 -54.07 53.18 31.91
C GLN J 459 -54.79 53.47 33.23
N GLU J 460 -54.02 53.83 34.25
CA GLU J 460 -54.56 54.13 35.57
C GLU J 460 -55.41 55.39 35.55
N GLY J 461 -55.22 56.21 34.52
CA GLY J 461 -55.98 57.43 34.37
C GLY J 461 -57.47 57.15 34.28
N ARG J 462 -57.83 56.03 33.66
CA ARG J 462 -59.23 55.64 33.54
C ARG J 462 -59.82 55.20 34.88
N LEU J 463 -59.07 54.41 35.64
CA LEU J 463 -59.56 53.94 36.93
C LEU J 463 -59.72 55.10 37.90
N LEU J 464 -58.77 56.05 37.87
CA LEU J 464 -58.90 57.22 38.73
C LEU J 464 -59.97 58.15 38.18
N ASN J 465 -60.29 57.99 36.89
CA ASN J 465 -61.35 58.78 36.26
C ASN J 465 -62.72 58.33 36.74
N VAL J 466 -62.96 57.03 36.70
CA VAL J 466 -64.22 56.47 37.19
C VAL J 466 -64.26 56.69 38.71
N ALA J 467 -63.08 56.72 39.33
CA ALA J 467 -62.98 57.04 40.76
C ALA J 467 -63.49 58.45 41.01
N HIS J 468 -63.08 59.38 40.15
CA HIS J 468 -63.46 60.79 40.30
C HIS J 468 -64.95 60.97 40.03
N GLN J 469 -65.47 60.23 39.04
CA GLN J 469 -66.89 60.25 38.73
C GLN J 469 -67.68 59.64 39.89
N TYR J 470 -67.02 58.76 40.62
CA TYR J 470 -67.58 58.11 41.80
C TYR J 470 -67.57 59.09 42.98
N GLN J 471 -66.61 60.00 42.96
CA GLN J 471 -66.44 60.98 44.03
C GLN J 471 -67.60 61.97 44.05
N GLN J 472 -68.31 62.05 42.91
CA GLN J 472 -69.44 62.96 42.76
C GLN J 472 -70.74 62.45 43.37
N VAL J 473 -70.87 61.13 43.52
CA VAL J 473 -72.11 60.56 44.02
C VAL J 473 -72.29 60.64 45.55
N SER J 474 -71.36 60.06 46.29
CA SER J 474 -71.46 60.01 47.74
C SER J 474 -70.12 60.27 48.46
N ASP J 475 -70.02 61.38 49.18
CA ASP J 475 -68.78 61.71 49.85
C ASP J 475 -68.88 61.49 51.35
N TRP J 476 -67.81 60.94 51.93
CA TRP J 476 -67.74 60.68 53.36
C TRP J 476 -66.72 61.62 54.02
N HIS J 477 -66.79 62.91 53.71
CA HIS J 477 -65.80 63.87 54.19
C HIS J 477 -65.85 64.15 55.69
N THR J 478 -67.05 64.44 56.21
CA THR J 478 -67.23 64.80 57.61
C THR J 478 -67.10 63.60 58.55
N ARG J 479 -65.92 62.97 58.56
CA ARG J 479 -65.66 61.82 59.42
C ARG J 479 -64.47 62.06 60.35
N THR J 480 -63.72 63.12 60.07
CA THR J 480 -62.51 63.46 60.83
C THR J 480 -62.69 63.83 62.32
N PRO J 481 -63.75 64.57 62.70
CA PRO J 481 -63.85 64.97 64.11
C PRO J 481 -63.92 63.82 65.12
N ALA J 482 -64.60 62.74 64.77
CA ALA J 482 -64.75 61.61 65.68
C ALA J 482 -63.42 60.88 65.90
N GLY J 483 -62.64 60.70 64.83
CA GLY J 483 -61.36 60.04 64.92
C GLY J 483 -60.87 59.55 63.58
N TRP K 3 -5.61 2.21 31.00
CA TRP K 3 -6.13 3.36 31.71
C TRP K 3 -6.67 4.41 30.74
N GLU K 4 -7.81 4.99 31.08
CA GLU K 4 -8.40 6.06 30.30
C GLU K 4 -8.63 7.28 31.18
N THR K 5 -7.98 8.39 30.85
CA THR K 5 -8.09 9.58 31.68
C THR K 5 -9.04 10.60 31.07
N VAL K 6 -10.23 10.70 31.62
CA VAL K 6 -11.22 11.68 31.15
C VAL K 6 -11.26 12.87 32.08
N ILE K 7 -10.79 14.02 31.60
CA ILE K 7 -10.72 15.21 32.43
C ILE K 7 -11.67 16.30 31.93
N GLY K 8 -11.80 17.37 32.70
CA GLY K 8 -12.62 18.49 32.32
C GLY K 8 -12.00 19.80 32.80
N LEU K 9 -12.44 20.91 32.22
CA LEU K 9 -11.88 22.21 32.58
C LEU K 9 -12.93 23.30 32.75
N GLU K 10 -12.89 23.96 33.91
CA GLU K 10 -13.79 25.06 34.23
C GLU K 10 -12.99 26.36 34.32
N ILE K 11 -12.98 27.12 33.24
CA ILE K 11 -12.10 28.29 33.16
C ILE K 11 -12.82 29.60 33.45
N HIS K 12 -12.33 30.33 34.44
CA HIS K 12 -12.85 31.65 34.77
C HIS K 12 -11.97 32.74 34.17
N ALA K 13 -12.54 33.55 33.27
CA ALA K 13 -11.82 34.64 32.64
C ALA K 13 -12.36 35.99 33.09
N GLN K 14 -11.46 36.85 33.57
CA GLN K 14 -11.86 38.17 34.04
C GLN K 14 -11.91 39.18 32.89
N LEU K 15 -13.11 39.63 32.55
CA LEU K 15 -13.29 40.55 31.44
C LEU K 15 -12.72 41.93 31.76
N ALA K 16 -12.05 42.52 30.77
CA ALA K 16 -11.42 43.83 30.95
C ALA K 16 -12.38 44.97 30.62
N THR K 17 -13.30 45.25 31.54
CA THR K 17 -14.22 46.37 31.39
C THR K 17 -13.96 47.44 32.45
N GLN K 18 -14.24 48.69 32.12
CA GLN K 18 -14.04 49.79 33.05
C GLN K 18 -14.94 49.66 34.27
N SER K 19 -16.24 49.67 34.05
CA SER K 19 -17.19 49.53 35.15
C SER K 19 -17.56 48.07 35.36
N LYS K 20 -17.95 47.74 36.59
CA LYS K 20 -18.33 46.37 36.94
C LYS K 20 -19.60 45.96 36.22
N ILE K 21 -19.89 44.66 36.24
CA ILE K 21 -21.02 44.10 35.50
C ILE K 21 -22.37 44.67 35.98
N PHE K 22 -22.50 44.89 37.28
CA PHE K 22 -23.74 45.43 37.84
C PHE K 22 -23.48 46.68 38.67
N SER K 23 -22.22 46.91 39.03
CA SER K 23 -21.85 48.09 39.80
C SER K 23 -21.21 49.15 38.91
N GLY K 24 -20.85 50.28 39.49
CA GLY K 24 -20.24 51.37 38.75
C GLY K 24 -18.78 51.61 39.08
N SER K 25 -18.23 50.80 39.97
CA SER K 25 -16.83 50.97 40.38
C SER K 25 -15.87 50.46 39.31
N SER K 26 -14.61 50.89 39.39
CA SER K 26 -13.61 50.50 38.41
C SER K 26 -13.11 49.08 38.65
N THR K 27 -12.37 48.54 37.69
CA THR K 27 -11.88 47.17 37.79
C THR K 27 -10.39 47.14 38.19
N ALA K 28 -9.54 47.57 37.27
CA ALA K 28 -8.10 47.60 37.50
C ALA K 28 -7.72 48.46 38.72
N PHE K 29 -6.89 47.91 39.60
CA PHE K 29 -6.54 48.60 40.83
C PHE K 29 -5.38 47.93 41.58
N GLY K 30 -4.75 48.67 42.47
CA GLY K 30 -3.61 48.19 43.22
C GLY K 30 -3.89 47.76 44.66
N ALA K 31 -2.96 48.08 45.54
CA ALA K 31 -3.00 47.63 46.93
C ALA K 31 -4.09 48.25 47.80
N ALA K 32 -4.67 49.36 47.37
CA ALA K 32 -5.71 50.03 48.15
C ALA K 32 -6.99 49.21 48.24
N PRO K 33 -7.36 48.79 49.46
CA PRO K 33 -8.50 47.91 49.76
C PRO K 33 -9.82 48.68 49.93
N ASN K 34 -10.93 48.05 49.54
CA ASN K 34 -12.27 48.62 49.70
C ASN K 34 -12.45 49.97 49.01
N THR K 35 -11.52 50.31 48.13
CA THR K 35 -11.59 51.57 47.39
C THR K 35 -12.47 51.48 46.15
N GLN K 36 -12.74 50.27 45.69
CA GLN K 36 -13.61 50.06 44.53
C GLN K 36 -14.96 49.48 44.91
N ALA K 37 -15.62 50.09 45.90
CA ALA K 37 -16.92 49.62 46.33
C ALA K 37 -17.86 50.79 46.54
N SER K 38 -18.81 50.93 45.61
CA SER K 38 -19.83 51.97 45.65
C SER K 38 -21.03 51.47 46.44
N LEU K 39 -22.22 51.92 46.04
CA LEU K 39 -23.44 51.54 46.72
C LEU K 39 -23.88 50.13 46.34
N VAL K 40 -23.63 49.76 45.09
CA VAL K 40 -24.06 48.47 44.56
C VAL K 40 -23.29 47.28 45.14
N ASP K 41 -21.97 47.41 45.23
CA ASP K 41 -21.10 46.33 45.69
C ASP K 41 -21.28 46.00 47.17
N LEU K 42 -21.74 46.98 47.95
CA LEU K 42 -21.90 46.77 49.39
C LEU K 42 -23.19 46.00 49.71
N ALA K 43 -23.96 45.70 48.67
CA ALA K 43 -25.21 44.94 48.79
C ALA K 43 -26.15 45.57 49.82
N MET K 44 -26.36 46.87 49.68
CA MET K 44 -27.27 47.61 50.56
C MET K 44 -28.72 47.23 50.29
N PRO K 45 -29.56 47.23 51.34
CA PRO K 45 -30.97 46.87 51.18
C PRO K 45 -31.75 47.90 50.36
N GLY K 46 -32.41 47.44 49.30
CA GLY K 46 -33.18 48.32 48.44
C GLY K 46 -32.45 48.68 47.17
N THR K 47 -31.16 48.34 47.12
CA THR K 47 -30.35 48.62 45.94
C THR K 47 -30.58 47.57 44.85
N LEU K 48 -30.36 47.94 43.61
CA LEU K 48 -30.63 47.06 42.47
C LEU K 48 -29.48 47.06 41.47
N PRO K 49 -29.26 45.90 40.80
CA PRO K 49 -28.19 45.75 39.82
C PRO K 49 -28.64 45.98 38.38
N VAL K 50 -27.74 46.49 37.55
CA VAL K 50 -28.02 46.69 36.13
C VAL K 50 -26.89 46.11 35.28
N LEU K 51 -27.26 45.24 34.33
CA LEU K 51 -26.29 44.52 33.51
C LEU K 51 -25.42 45.46 32.66
N ASN K 52 -24.14 45.15 32.56
CA ASN K 52 -23.21 45.94 31.76
C ASN K 52 -23.37 45.66 30.27
N GLU K 53 -23.11 46.67 29.46
CA GLU K 53 -23.27 46.57 28.01
C GLU K 53 -22.09 45.85 27.36
N GLU K 54 -20.89 46.37 27.59
CA GLU K 54 -19.69 45.81 26.97
C GLU K 54 -19.38 44.42 27.51
N ALA K 55 -19.93 44.11 28.68
CA ALA K 55 -19.77 42.78 29.28
C ALA K 55 -20.46 41.73 28.43
N VAL K 56 -21.76 41.91 28.20
CA VAL K 56 -22.52 40.98 27.39
C VAL K 56 -22.07 41.06 25.93
N ARG K 57 -21.62 42.24 25.50
CA ARG K 57 -21.09 42.41 24.15
C ARG K 57 -19.89 41.51 23.93
N MET K 58 -18.91 41.60 24.84
CA MET K 58 -17.72 40.76 24.79
C MET K 58 -18.08 39.29 24.97
N ALA K 59 -19.14 39.04 25.73
CA ALA K 59 -19.62 37.68 25.96
C ALA K 59 -20.08 37.02 24.65
N CYS K 60 -21.04 37.63 23.98
CA CYS K 60 -21.54 37.07 22.73
C CYS K 60 -20.51 37.21 21.62
N LEU K 61 -19.52 38.09 21.82
CA LEU K 61 -18.38 38.18 20.92
C LEU K 61 -17.56 36.90 21.00
N PHE K 62 -17.25 36.50 22.23
CA PHE K 62 -16.55 35.24 22.47
C PHE K 62 -17.40 34.07 21.98
N GLY K 63 -18.72 34.20 22.11
CA GLY K 63 -19.63 33.19 21.63
C GLY K 63 -19.54 33.03 20.12
N LEU K 64 -19.39 34.14 19.42
CA LEU K 64 -19.26 34.13 17.97
C LEU K 64 -17.89 33.61 17.52
N ALA K 65 -16.86 33.94 18.29
CA ALA K 65 -15.50 33.50 17.98
C ALA K 65 -15.32 32.00 18.14
N ILE K 66 -16.06 31.41 19.08
CA ILE K 66 -15.91 29.99 19.41
C ILE K 66 -16.85 29.13 18.55
N ASP K 67 -17.57 29.79 17.64
CA ASP K 67 -18.49 29.11 16.72
C ASP K 67 -19.59 28.35 17.46
N ALA K 68 -20.27 29.04 18.37
CA ALA K 68 -21.34 28.42 19.15
C ALA K 68 -22.70 29.04 18.82
N ARG K 69 -23.74 28.22 18.84
CA ARG K 69 -25.10 28.70 18.63
C ARG K 69 -25.56 29.54 19.80
N ILE K 70 -25.62 30.85 19.61
CA ILE K 70 -26.03 31.77 20.68
C ILE K 70 -27.55 31.83 20.80
N ASP K 71 -28.05 31.63 22.01
CA ASP K 71 -29.48 31.68 22.28
C ASP K 71 -30.05 33.09 22.16
N ARG K 72 -31.31 33.18 21.77
CA ARG K 72 -31.98 34.47 21.60
C ARG K 72 -32.26 35.17 22.93
N GLN K 73 -32.56 34.38 23.96
CA GLN K 73 -32.83 34.92 25.29
C GLN K 73 -32.04 34.18 26.36
N ASN K 74 -31.50 34.92 27.33
CA ASN K 74 -30.78 34.32 28.45
C ASN K 74 -31.11 35.02 29.76
N VAL K 75 -31.37 34.22 30.80
CA VAL K 75 -31.77 34.75 32.10
C VAL K 75 -30.71 34.44 33.16
N PHE K 76 -30.39 35.45 33.98
CA PHE K 76 -29.45 35.26 35.07
C PHE K 76 -30.13 34.56 36.24
N ALA K 77 -29.47 33.53 36.77
CA ALA K 77 -30.01 32.78 37.89
C ALA K 77 -29.20 33.02 39.17
N ARG K 78 -29.73 32.55 40.29
CA ARG K 78 -29.09 32.78 41.58
C ARG K 78 -28.46 31.53 42.17
N LYS K 79 -27.21 31.67 42.62
CA LYS K 79 -26.47 30.59 43.26
C LYS K 79 -26.36 30.87 44.75
N ASN K 80 -27.42 30.55 45.49
CA ASN K 80 -27.51 30.88 46.90
C ASN K 80 -26.55 30.08 47.78
N TYR K 81 -25.50 30.73 48.25
CA TYR K 81 -24.61 30.14 49.25
C TYR K 81 -24.11 31.23 50.19
N PHE K 82 -23.87 30.87 51.44
CA PHE K 82 -23.48 31.84 52.46
C PHE K 82 -21.98 31.83 52.73
N TYR K 83 -21.32 32.95 52.46
CA TYR K 83 -19.89 33.08 52.70
C TYR K 83 -19.51 34.55 52.78
N PRO K 84 -18.62 34.90 53.73
CA PRO K 84 -18.21 36.28 54.01
C PRO K 84 -17.68 37.05 52.80
N ASP K 85 -17.10 36.35 51.83
CA ASP K 85 -16.58 36.99 50.63
C ASP K 85 -17.73 37.45 49.73
N LEU K 86 -18.84 36.72 49.80
CA LEU K 86 -20.04 37.03 49.03
C LEU K 86 -20.93 37.98 49.83
N PRO K 87 -21.14 39.20 49.31
CA PRO K 87 -21.88 40.22 50.06
C PRO K 87 -23.36 39.83 50.18
N LYS K 88 -24.00 39.53 49.06
CA LYS K 88 -25.41 39.17 49.07
C LYS K 88 -25.54 37.70 49.46
N GLY K 89 -26.78 37.20 49.50
CA GLY K 89 -27.03 35.82 49.85
C GLY K 89 -27.06 34.87 48.67
N TYR K 90 -26.75 35.40 47.49
CA TYR K 90 -26.73 34.59 46.26
C TYR K 90 -25.75 35.10 45.22
N GLN K 91 -25.15 34.19 44.48
CA GLN K 91 -24.21 34.57 43.43
C GLN K 91 -24.89 34.61 42.07
N THR K 92 -24.96 35.80 41.48
CA THR K 92 -25.61 35.98 40.19
C THR K 92 -24.84 35.29 39.06
N SER K 93 -25.26 34.08 38.71
CA SER K 93 -24.62 33.34 37.63
C SER K 93 -25.64 33.03 36.54
N GLN K 94 -25.43 31.94 35.81
CA GLN K 94 -26.39 31.49 34.81
C GLN K 94 -26.48 29.97 34.78
N MET K 95 -27.61 29.43 35.25
CA MET K 95 -27.82 27.99 35.27
C MET K 95 -28.42 27.53 33.95
N ASP K 96 -29.64 28.00 33.68
CA ASP K 96 -30.32 27.64 32.44
C ASP K 96 -30.31 28.81 31.46
N HIS K 97 -30.21 28.47 30.18
CA HIS K 97 -30.09 29.47 29.10
C HIS K 97 -28.93 30.41 29.39
N PRO K 98 -27.70 29.96 29.10
CA PRO K 98 -26.51 30.79 29.27
C PRO K 98 -26.29 31.71 28.08
N ILE K 99 -25.31 32.60 28.19
CA ILE K 99 -24.96 33.48 27.09
C ILE K 99 -24.47 32.65 25.90
N VAL K 100 -23.50 31.78 26.17
CA VAL K 100 -22.92 30.94 25.13
C VAL K 100 -23.08 29.46 25.47
N GLY K 101 -23.31 28.64 24.45
CA GLY K 101 -23.46 27.21 24.65
C GLY K 101 -23.06 26.41 23.41
N LYS K 102 -22.47 25.24 23.64
CA LYS K 102 -22.07 24.32 22.58
C LYS K 102 -21.20 24.95 21.49
N GLY K 103 -19.91 25.10 21.77
CA GLY K 103 -18.96 25.57 20.78
C GLY K 103 -17.80 24.60 20.63
N HIS K 104 -16.87 24.91 19.72
CA HIS K 104 -15.70 24.07 19.53
C HIS K 104 -14.45 24.91 19.29
N LEU K 105 -13.33 24.47 19.84
CA LEU K 105 -12.05 25.16 19.67
C LEU K 105 -11.01 24.22 19.11
N ASP K 106 -10.32 24.66 18.05
CA ASP K 106 -9.25 23.88 17.48
C ASP K 106 -7.99 24.09 18.32
N ILE K 107 -7.61 23.06 19.06
CA ILE K 107 -6.44 23.11 19.92
C ILE K 107 -5.21 22.56 19.22
N THR K 108 -4.11 23.29 19.27
CA THR K 108 -2.89 22.88 18.60
C THR K 108 -2.01 22.01 19.50
N LEU K 109 -1.78 20.78 19.06
CA LEU K 109 -0.92 19.85 19.79
C LEU K 109 0.39 19.60 19.07
N GLU K 110 1.15 18.65 19.59
CA GLU K 110 2.38 18.19 18.95
C GLU K 110 2.15 16.80 18.39
N ASP K 111 3.17 16.22 17.77
CA ASP K 111 3.10 14.87 17.22
C ASP K 111 1.95 14.73 16.22
N GLY K 112 2.05 15.47 15.12
CA GLY K 112 1.10 15.38 14.03
C GLY K 112 -0.25 16.06 14.15
N THR K 113 -1.29 15.29 14.47
CA THR K 113 -2.66 15.80 14.39
C THR K 113 -3.01 16.94 15.34
N THR K 114 -3.71 17.93 14.80
CA THR K 114 -4.25 19.05 15.59
C THR K 114 -5.70 18.80 15.96
N LYS K 115 -5.96 18.37 17.19
CA LYS K 115 -7.29 17.91 17.58
C LYS K 115 -8.26 19.04 17.94
N ARG K 116 -9.54 18.79 17.71
CA ARG K 116 -10.61 19.72 18.07
C ARG K 116 -11.24 19.35 19.41
N ILE K 117 -11.46 20.33 20.28
CA ILE K 117 -12.05 20.07 21.58
C ILE K 117 -13.38 20.82 21.71
N GLY K 118 -14.28 20.30 22.54
CA GLY K 118 -15.60 20.88 22.70
C GLY K 118 -15.78 21.70 23.95
N ILE K 119 -16.64 22.71 23.86
CA ILE K 119 -16.97 23.58 24.99
C ILE K 119 -18.49 23.57 25.22
N THR K 120 -18.91 22.99 26.34
CA THR K 120 -20.33 22.81 26.59
C THR K 120 -21.05 24.13 26.82
N ARG K 121 -20.38 25.09 27.46
CA ARG K 121 -21.01 26.39 27.70
C ARG K 121 -19.99 27.47 28.06
N ALA K 122 -20.48 28.71 28.17
CA ALA K 122 -19.65 29.85 28.56
C ALA K 122 -20.54 30.99 29.03
N HIS K 123 -20.87 30.99 30.32
CA HIS K 123 -21.84 31.97 30.84
C HIS K 123 -21.20 33.10 31.64
N LEU K 124 -22.02 34.02 32.12
CA LEU K 124 -21.53 35.17 32.88
C LEU K 124 -21.68 34.91 34.38
N GLU K 125 -20.57 35.02 35.10
CA GLU K 125 -20.56 34.84 36.54
C GLU K 125 -20.11 36.11 37.27
N GLU K 126 -19.98 36.01 38.59
CA GLU K 126 -19.56 37.13 39.42
C GLU K 126 -18.53 36.72 40.47
N ASP K 127 -17.62 37.62 40.79
CA ASP K 127 -16.56 37.34 41.75
C ASP K 127 -16.98 37.71 43.17
N ALA K 128 -16.20 37.28 44.14
CA ALA K 128 -16.50 37.55 45.54
C ALA K 128 -15.33 38.29 46.20
N GLY K 129 -15.43 38.50 47.51
CA GLY K 129 -14.39 39.21 48.25
C GLY K 129 -13.16 38.35 48.46
N LYS K 130 -12.14 38.93 49.09
CA LYS K 130 -10.90 38.19 49.33
C LYS K 130 -10.46 38.24 50.78
N SER K 131 -10.12 37.07 51.32
CA SER K 131 -9.59 36.96 52.68
C SER K 131 -8.08 36.78 52.65
N LEU K 132 -7.38 37.40 53.60
CA LEU K 132 -5.93 37.27 53.69
C LEU K 132 -5.57 36.86 55.11
N HIS K 133 -4.39 36.30 55.30
CA HIS K 133 -4.03 35.82 56.63
C HIS K 133 -3.47 36.94 57.51
N GLU K 134 -4.35 37.48 58.35
CA GLU K 134 -4.02 38.52 59.31
C GLU K 134 -5.18 38.62 60.30
N ASP K 135 -4.97 39.16 61.51
CA ASP K 135 -3.66 39.57 62.00
C ASP K 135 -2.90 38.40 62.59
N GLY K 138 -6.94 36.14 67.16
CA GLY K 138 -7.17 37.11 66.10
C GLY K 138 -8.36 36.75 65.22
N MET K 139 -8.62 37.58 64.22
CA MET K 139 -9.74 37.35 63.30
C MET K 139 -9.26 37.44 61.86
N SER K 140 -10.10 37.96 60.97
CA SER K 140 -9.74 38.06 59.56
C SER K 140 -10.39 39.28 58.89
N GLY K 141 -9.83 39.67 57.74
CA GLY K 141 -10.31 40.81 57.00
C GLY K 141 -10.76 40.46 55.60
N ILE K 142 -11.95 40.92 55.23
CA ILE K 142 -12.50 40.64 53.91
C ILE K 142 -12.46 41.90 53.05
N ASP K 143 -11.87 41.80 51.87
CA ASP K 143 -11.76 42.93 50.97
C ASP K 143 -12.63 42.76 49.73
N LEU K 144 -13.54 43.71 49.52
CA LEU K 144 -14.49 43.64 48.42
C LEU K 144 -14.00 44.42 47.20
N ASN K 145 -12.69 44.56 47.09
CA ASN K 145 -12.08 45.28 45.98
C ASN K 145 -12.30 44.55 44.65
N ARG K 146 -12.29 43.23 44.71
CA ARG K 146 -12.50 42.40 43.52
C ARG K 146 -13.95 41.95 43.42
N ALA K 147 -14.72 42.18 44.47
CA ALA K 147 -16.14 41.83 44.49
C ALA K 147 -16.94 42.68 43.51
N GLY K 148 -17.80 42.03 42.74
CA GLY K 148 -18.61 42.72 41.76
C GLY K 148 -18.00 42.71 40.37
N THR K 149 -16.80 42.15 40.27
CA THR K 149 -16.08 42.07 39.00
C THR K 149 -16.72 41.04 38.07
N PRO K 150 -17.02 41.45 36.83
CA PRO K 150 -17.63 40.55 35.84
C PRO K 150 -16.75 39.35 35.53
N LEU K 151 -17.35 38.17 35.47
CA LEU K 151 -16.59 36.96 35.17
C LEU K 151 -17.19 36.21 33.99
N LEU K 152 -16.33 35.53 33.23
CA LEU K 152 -16.81 34.68 32.16
C LEU K 152 -16.40 33.24 32.44
N GLU K 153 -17.40 32.41 32.76
CA GLU K 153 -17.15 31.02 33.09
C GLU K 153 -17.33 30.14 31.87
N ILE K 154 -16.20 29.86 31.22
CA ILE K 154 -16.14 28.93 30.10
C ILE K 154 -16.03 27.49 30.62
N VAL K 155 -17.12 26.75 30.52
CA VAL K 155 -17.12 25.35 30.91
C VAL K 155 -16.96 24.49 29.67
N SER K 156 -15.93 23.65 29.67
CA SER K 156 -15.59 22.80 28.53
C SER K 156 -16.22 21.42 28.60
N GLU K 157 -16.52 20.85 27.43
CA GLU K 157 -17.02 19.49 27.33
C GLU K 157 -15.91 18.52 27.74
N PRO K 158 -16.26 17.44 28.46
CA PRO K 158 -15.26 16.44 28.86
C PRO K 158 -14.75 15.62 27.68
N ASP K 159 -14.28 16.29 26.63
CA ASP K 159 -13.68 15.64 25.48
C ASP K 159 -12.16 15.67 25.63
N ILE K 160 -11.70 16.50 26.54
CA ILE K 160 -10.28 16.67 26.79
C ILE K 160 -9.69 15.48 27.55
N ARG K 161 -8.56 14.97 27.07
CA ARG K 161 -8.01 13.72 27.60
C ARG K 161 -6.71 13.93 28.38
N SER K 162 -5.58 13.86 27.68
CA SER K 162 -4.27 13.92 28.32
C SER K 162 -3.97 15.30 28.92
N ALA K 163 -2.96 15.35 29.80
CA ALA K 163 -2.60 16.58 30.49
C ALA K 163 -2.03 17.62 29.54
N LYS K 164 -1.19 17.15 28.62
CA LYS K 164 -0.58 18.02 27.62
C LYS K 164 -1.65 18.67 26.75
N GLU K 165 -2.68 17.89 26.44
CA GLU K 165 -3.84 18.41 25.73
C GLU K 165 -4.51 19.51 26.55
N ALA K 166 -4.58 19.32 27.86
CA ALA K 166 -5.20 20.29 28.76
C ALA K 166 -4.42 21.60 28.75
N VAL K 167 -3.12 21.52 28.90
CA VAL K 167 -2.25 22.69 28.84
C VAL K 167 -2.40 23.40 27.50
N ALA K 168 -2.49 22.62 26.43
CA ALA K 168 -2.71 23.17 25.10
C ALA K 168 -4.04 23.90 24.99
N TYR K 169 -5.06 23.37 25.66
CA TYR K 169 -6.40 23.95 25.64
C TYR K 169 -6.44 25.26 26.42
N VAL K 170 -5.75 25.29 27.55
CA VAL K 170 -5.67 26.50 28.36
C VAL K 170 -4.90 27.58 27.59
N LYS K 171 -3.84 27.17 26.90
CA LYS K 171 -3.05 28.10 26.11
C LYS K 171 -3.87 28.65 24.94
N ALA K 172 -4.71 27.80 24.35
CA ALA K 172 -5.54 28.21 23.22
C ALA K 172 -6.63 29.18 23.67
N ILE K 173 -7.26 28.88 24.81
CA ILE K 173 -8.26 29.77 25.40
C ILE K 173 -7.62 31.13 25.69
N HIS K 174 -6.46 31.09 26.35
CA HIS K 174 -5.73 32.30 26.70
C HIS K 174 -5.39 33.13 25.46
N ALA K 175 -4.93 32.47 24.41
CA ALA K 175 -4.55 33.16 23.17
C ALA K 175 -5.76 33.78 22.47
N LEU K 176 -6.83 33.00 22.34
CA LEU K 176 -8.04 33.46 21.67
C LEU K 176 -8.67 34.65 22.41
N VAL K 177 -8.76 34.53 23.73
CA VAL K 177 -9.33 35.60 24.55
C VAL K 177 -8.44 36.84 24.50
N ARG K 178 -7.12 36.64 24.50
CA ARG K 178 -6.19 37.76 24.39
C ARG K 178 -6.37 38.48 23.06
N TYR K 179 -6.57 37.72 21.99
CA TYR K 179 -6.81 38.29 20.67
C TYR K 179 -8.14 39.06 20.63
N LEU K 180 -9.15 38.51 21.29
CA LEU K 180 -10.46 39.14 21.31
C LEU K 180 -10.44 40.42 22.14
N GLY K 181 -9.44 40.55 23.01
CA GLY K 181 -9.30 41.73 23.86
C GLY K 181 -10.31 41.72 24.99
N ILE K 182 -10.70 40.52 25.41
CA ILE K 182 -11.67 40.36 26.48
C ILE K 182 -11.00 40.39 27.84
N CYS K 183 -9.95 39.57 27.99
CA CYS K 183 -9.20 39.54 29.23
C CYS K 183 -7.74 39.88 28.97
N ASP K 184 -7.06 40.35 30.02
CA ASP K 184 -5.65 40.70 29.92
C ASP K 184 -4.79 39.46 29.67
N GLY K 185 -5.19 38.36 30.28
CA GLY K 185 -4.49 37.10 30.09
C GLY K 185 -3.41 36.84 31.11
N ASN K 186 -2.95 37.90 31.77
CA ASN K 186 -1.90 37.79 32.77
C ASN K 186 -2.36 37.00 34.00
N MET K 187 -1.95 35.74 34.08
CA MET K 187 -2.32 34.89 35.21
C MET K 187 -1.63 35.35 36.49
N ALA K 188 -0.53 36.07 36.34
CA ALA K 188 0.23 36.59 37.47
C ALA K 188 -0.58 37.63 38.25
N GLU K 189 -1.32 38.46 37.52
CA GLU K 189 -2.14 39.48 38.13
C GLU K 189 -3.41 38.89 38.73
N GLY K 190 -3.74 37.67 38.32
CA GLY K 190 -4.92 36.98 38.83
C GLY K 190 -6.15 37.22 37.98
N SER K 191 -5.95 37.35 36.68
CA SER K 191 -7.06 37.60 35.76
C SER K 191 -7.68 36.30 35.27
N LEU K 192 -6.84 35.41 34.77
CA LEU K 192 -7.30 34.15 34.21
C LEU K 192 -7.05 32.99 35.17
N ARG K 193 -8.12 32.32 35.58
CA ARG K 193 -8.03 31.20 36.51
C ARG K 193 -8.76 29.99 35.93
N CYS K 194 -8.53 28.82 36.51
CA CYS K 194 -9.17 27.60 36.01
C CYS K 194 -9.24 26.49 37.04
N ASP K 195 -10.15 25.55 36.82
CA ASP K 195 -10.29 24.37 37.67
C ASP K 195 -10.31 23.13 36.78
N CYS K 196 -9.97 21.98 37.34
CA CYS K 196 -9.91 20.76 36.55
C CYS K 196 -10.71 19.62 37.17
N ASN K 197 -11.65 19.08 36.41
CA ASN K 197 -12.43 17.92 36.85
C ASN K 197 -11.88 16.64 36.26
N VAL K 198 -10.80 16.14 36.86
CA VAL K 198 -10.09 14.97 36.32
C VAL K 198 -10.64 13.66 36.88
N SER K 199 -10.90 12.70 36.01
CA SER K 199 -11.38 11.38 36.46
C SER K 199 -10.90 10.26 35.54
N VAL K 200 -10.20 9.30 36.11
CA VAL K 200 -9.67 8.17 35.34
C VAL K 200 -10.53 6.92 35.52
N ARG K 201 -10.45 6.02 34.55
CA ARG K 201 -11.18 4.76 34.59
C ARG K 201 -10.46 3.71 33.76
N PRO K 202 -10.34 2.48 34.30
CA PRO K 202 -9.72 1.37 33.57
C PRO K 202 -10.51 0.97 32.33
N LYS K 203 -9.83 0.87 31.19
CA LYS K 203 -10.48 0.51 29.93
C LYS K 203 -11.10 -0.86 30.00
N GLY K 204 -12.39 -0.93 29.68
CA GLY K 204 -13.13 -2.17 29.69
C GLY K 204 -14.27 -2.09 30.67
N GLN K 205 -13.99 -1.53 31.84
CA GLN K 205 -15.02 -1.35 32.85
C GLN K 205 -15.39 0.12 32.98
N ALA K 206 -16.68 0.43 32.85
CA ALA K 206 -17.18 1.77 33.09
C ALA K 206 -17.16 2.04 34.59
N GLU K 207 -16.91 0.98 35.35
CA GLU K 207 -16.82 1.02 36.81
C GLU K 207 -15.54 1.63 37.36
N PHE K 208 -15.63 2.09 38.60
CA PHE K 208 -14.54 2.70 39.36
C PHE K 208 -14.13 4.05 38.81
N GLY K 209 -13.27 4.75 39.55
CA GLY K 209 -12.73 6.02 39.12
C GLY K 209 -13.57 7.24 39.45
N THR K 210 -13.67 7.56 40.73
CA THR K 210 -14.41 8.74 41.17
C THR K 210 -13.76 10.03 40.64
N ARG K 211 -14.58 11.05 40.43
CA ARG K 211 -14.09 12.32 39.91
C ARG K 211 -13.34 13.12 40.97
N ALA K 212 -12.27 13.78 40.56
CA ALA K 212 -11.48 14.64 41.43
C ALA K 212 -11.43 16.06 40.87
N GLU K 213 -11.98 17.01 41.62
CA GLU K 213 -11.98 18.41 41.20
C GLU K 213 -10.86 19.20 41.88
N ILE K 214 -9.78 19.44 41.13
CA ILE K 214 -8.68 20.27 41.63
C ILE K 214 -8.92 21.74 41.28
N LYS K 215 -9.02 22.56 42.31
CA LYS K 215 -9.31 23.98 42.16
C LYS K 215 -8.04 24.83 42.19
N ASN K 216 -8.18 26.10 41.80
CA ASN K 216 -7.09 27.07 41.85
C ASN K 216 -5.80 26.58 41.21
N VAL K 217 -5.75 26.59 39.88
CA VAL K 217 -4.53 26.22 39.18
C VAL K 217 -4.05 27.41 38.35
N ASN K 218 -2.83 27.87 38.64
CA ASN K 218 -2.29 29.06 38.00
C ASN K 218 -1.62 28.79 36.66
N SER K 219 -0.32 28.58 36.69
CA SER K 219 0.48 28.43 35.48
C SER K 219 0.17 27.12 34.74
N PHE K 220 0.60 27.04 33.50
CA PHE K 220 0.41 25.86 32.67
C PHE K 220 1.20 24.67 33.22
N ARG K 221 2.40 24.96 33.72
CA ARG K 221 3.24 23.95 34.34
C ARG K 221 2.55 23.34 35.55
N PHE K 222 1.95 24.20 36.37
CA PHE K 222 1.19 23.76 37.53
C PHE K 222 0.04 22.86 37.10
N ILE K 223 -0.62 23.25 36.02
CA ILE K 223 -1.73 22.47 35.46
C ILE K 223 -1.26 21.07 35.09
N GLU K 224 -0.20 21.00 34.29
CA GLU K 224 0.34 19.73 33.83
C GLU K 224 0.75 18.82 34.99
N LYS K 225 1.60 19.36 35.87
CA LYS K 225 2.12 18.58 36.99
C LYS K 225 1.01 18.09 37.91
N ALA K 226 0.05 18.97 38.22
CA ALA K 226 -1.06 18.62 39.11
C ALA K 226 -1.95 17.56 38.48
N ILE K 227 -2.27 17.72 37.20
CA ILE K 227 -3.12 16.77 36.51
C ILE K 227 -2.45 15.39 36.46
N ASN K 228 -1.16 15.36 36.15
CA ASN K 228 -0.43 14.09 36.17
C ASN K 228 -0.44 13.43 37.55
N HIS K 229 -0.02 14.19 38.55
CA HIS K 229 0.09 13.69 39.92
C HIS K 229 -1.28 13.33 40.50
N GLU K 230 -2.34 13.79 39.86
CA GLU K 230 -3.68 13.43 40.29
C GLU K 230 -4.14 12.17 39.57
N ILE K 231 -3.81 12.07 38.28
CA ILE K 231 -4.13 10.89 37.49
C ILE K 231 -3.50 9.64 38.08
N GLN K 232 -2.20 9.70 38.35
CA GLN K 232 -1.50 8.54 38.91
C GLN K 232 -2.03 8.21 40.30
N ARG K 233 -2.40 9.24 41.05
CA ARG K 233 -2.97 9.06 42.38
C ARG K 233 -4.27 8.28 42.32
N GLN K 234 -5.16 8.69 41.42
CA GLN K 234 -6.43 8.00 41.24
C GLN K 234 -6.21 6.58 40.76
N ILE K 235 -5.23 6.40 39.88
CA ILE K 235 -4.86 5.07 39.40
C ILE K 235 -4.49 4.16 40.56
N GLU K 236 -3.63 4.66 41.45
CA GLU K 236 -3.24 3.91 42.63
C GLU K 236 -4.43 3.62 43.54
N LEU K 237 -5.29 4.62 43.72
CA LEU K 237 -6.46 4.48 44.58
C LEU K 237 -7.39 3.38 44.08
N ILE K 238 -7.53 3.28 42.76
CA ILE K 238 -8.38 2.26 42.17
C ILE K 238 -7.69 0.90 42.22
N GLU K 239 -6.36 0.90 42.10
CA GLU K 239 -5.60 -0.33 42.18
C GLU K 239 -5.71 -0.96 43.57
N ASP K 240 -5.63 -0.13 44.60
CA ASP K 240 -5.73 -0.61 45.97
C ASP K 240 -7.17 -0.86 46.38
N GLY K 241 -8.09 -0.19 45.70
CA GLY K 241 -9.51 -0.27 46.04
C GLY K 241 -9.87 0.78 47.06
N GLY K 242 -9.71 0.43 48.34
CA GLY K 242 -9.95 1.34 49.45
C GLY K 242 -11.27 2.08 49.42
N LYS K 243 -11.21 3.39 49.61
CA LYS K 243 -12.41 4.22 49.61
C LYS K 243 -12.29 5.36 48.60
N VAL K 244 -13.04 5.25 47.51
CA VAL K 244 -13.07 6.29 46.49
C VAL K 244 -14.14 7.34 46.79
N VAL K 245 -13.70 8.46 47.35
CA VAL K 245 -14.61 9.50 47.82
C VAL K 245 -14.51 10.79 46.98
N GLN K 246 -15.63 11.48 46.83
CA GLN K 246 -15.69 12.76 46.11
C GLN K 246 -15.32 13.95 46.98
N GLU K 247 -14.21 14.59 46.65
CA GLU K 247 -13.75 15.77 47.37
C GLU K 247 -13.19 16.82 46.42
N THR K 248 -13.15 18.07 46.87
CA THR K 248 -12.59 19.17 46.09
C THR K 248 -11.17 19.49 46.55
N ARG K 249 -10.18 19.02 45.80
CA ARG K 249 -8.79 19.15 46.21
C ARG K 249 -8.11 20.39 45.62
N LEU K 250 -6.92 20.69 46.14
CA LEU K 250 -6.12 21.81 45.67
C LEU K 250 -4.67 21.38 45.49
N TYR K 251 -3.89 22.19 44.77
CA TYR K 251 -2.51 21.85 44.46
C TYR K 251 -1.52 22.95 44.82
N ASP K 252 -0.48 22.58 45.56
CA ASP K 252 0.60 23.50 45.88
C ASP K 252 1.90 23.10 45.18
N PRO K 253 2.46 24.01 44.37
CA PRO K 253 3.66 23.77 43.57
C PRO K 253 4.93 23.53 44.39
N ASN K 254 4.86 23.81 45.69
CA ASN K 254 6.03 23.68 46.55
C ASN K 254 6.37 22.22 46.85
N LYS K 255 5.35 21.43 47.15
CA LYS K 255 5.55 20.03 47.49
C LYS K 255 4.98 19.10 46.43
N ASP K 256 4.30 19.67 45.44
CA ASP K 256 3.70 18.92 44.35
C ASP K 256 2.73 17.85 44.86
N GLU K 257 2.08 18.14 45.97
CA GLU K 257 1.12 17.21 46.57
C GLU K 257 -0.30 17.76 46.48
N THR K 258 -1.29 16.87 46.57
CA THR K 258 -2.69 17.26 46.49
C THR K 258 -3.34 17.32 47.87
N ARG K 259 -3.87 18.49 48.20
CA ARG K 259 -4.45 18.72 49.52
C ARG K 259 -5.97 18.89 49.44
N SER K 260 -6.66 18.43 50.48
CA SER K 260 -8.12 18.52 50.54
C SER K 260 -8.57 19.74 51.34
N MET K 261 -9.25 20.67 50.66
CA MET K 261 -9.72 21.88 51.31
C MET K 261 -10.99 21.64 52.12
N ARG K 262 -11.99 21.02 51.48
CA ARG K 262 -13.26 20.74 52.15
C ARG K 262 -13.71 19.31 51.89
N GLY K 263 -14.25 18.67 52.93
CA GLY K 263 -14.80 17.33 52.79
C GLY K 263 -16.27 17.46 52.44
N LYS K 264 -16.65 16.86 51.31
CA LYS K 264 -18.02 16.97 50.81
C LYS K 264 -18.95 15.97 51.51
N GLU K 265 -19.69 16.44 52.50
CA GLU K 265 -20.59 15.59 53.26
C GLU K 265 -21.82 15.20 52.45
N GLU K 266 -22.29 16.13 51.61
CA GLU K 266 -23.44 15.90 50.75
C GLU K 266 -23.46 16.91 49.61
N ALA K 267 -24.29 16.66 48.60
CA ALA K 267 -24.39 17.56 47.45
C ALA K 267 -24.94 18.92 47.86
N ASN K 268 -24.11 19.95 47.73
CA ASN K 268 -24.49 21.32 48.09
C ASN K 268 -25.66 21.85 47.27
N ASP K 269 -26.75 22.19 47.96
CA ASP K 269 -27.95 22.71 47.31
C ASP K 269 -27.88 24.24 47.21
N TYR K 270 -27.47 24.74 46.05
CA TYR K 270 -27.34 26.18 45.85
C TYR K 270 -28.67 26.85 45.56
N ARG K 271 -29.70 26.04 45.32
CA ARG K 271 -31.06 26.54 45.06
C ARG K 271 -31.10 27.50 43.87
N TYR K 272 -30.98 26.97 42.66
CA TYR K 272 -31.02 27.80 41.46
C TYR K 272 -32.44 28.17 41.06
N PHE K 273 -32.63 29.43 40.66
CA PHE K 273 -33.91 29.90 40.14
C PHE K 273 -33.71 31.26 39.45
N PRO K 274 -34.53 31.55 38.43
CA PRO K 274 -34.44 32.80 37.69
C PRO K 274 -34.53 34.04 38.59
N CYS K 275 -33.56 34.94 38.45
CA CYS K 275 -33.51 36.15 39.27
C CYS K 275 -34.66 37.08 38.91
N PRO K 276 -35.50 37.44 39.89
CA PRO K 276 -36.70 38.25 39.65
C PRO K 276 -36.43 39.73 39.38
N ASP K 277 -35.29 40.27 39.79
CA ASP K 277 -34.98 41.67 39.55
C ASP K 277 -34.40 41.91 38.16
N LEU K 278 -33.65 40.94 37.65
CA LEU K 278 -33.04 41.08 36.33
C LEU K 278 -33.84 40.33 35.28
N LEU K 279 -34.32 41.07 34.28
CA LEU K 279 -35.07 40.48 33.18
C LEU K 279 -34.12 39.90 32.12
N PRO K 280 -34.56 38.86 31.40
CA PRO K 280 -33.75 38.20 30.37
C PRO K 280 -33.37 39.13 29.23
N VAL K 281 -32.08 39.25 28.96
CA VAL K 281 -31.57 40.08 27.88
C VAL K 281 -31.72 39.38 26.53
N VAL K 282 -32.30 40.09 25.57
CA VAL K 282 -32.54 39.51 24.25
C VAL K 282 -31.50 39.95 23.23
N ILE K 283 -30.68 39.00 22.78
CA ILE K 283 -29.67 39.27 21.76
C ILE K 283 -30.15 38.85 20.38
N GLU K 284 -30.43 39.85 19.54
CA GLU K 284 -30.96 39.59 18.21
C GLU K 284 -29.84 39.25 17.22
N PRO K 285 -30.17 38.54 16.13
CA PRO K 285 -29.18 38.16 15.12
C PRO K 285 -28.50 39.35 14.44
N GLU K 286 -29.06 40.55 14.62
CA GLU K 286 -28.46 41.76 14.09
C GLU K 286 -27.21 42.12 14.90
N TYR K 287 -27.33 41.97 16.22
CA TYR K 287 -26.21 42.14 17.13
C TYR K 287 -25.04 41.27 16.69
N LEU K 288 -25.32 39.99 16.48
CA LEU K 288 -24.33 39.02 16.05
C LEU K 288 -23.84 39.33 14.65
N ALA K 289 -24.71 39.94 13.84
CA ALA K 289 -24.36 40.31 12.47
C ALA K 289 -23.32 41.41 12.45
N LYS K 290 -23.46 42.36 13.38
CA LYS K 290 -22.50 43.45 13.49
C LYS K 290 -21.20 42.97 14.12
N LEU K 291 -21.32 42.16 15.17
CA LEU K 291 -20.14 41.66 15.87
C LEU K 291 -19.31 40.71 15.02
N ARG K 292 -19.97 39.95 14.14
CA ARG K 292 -19.27 39.04 13.24
C ARG K 292 -18.41 39.84 12.26
N GLU K 293 -18.92 41.00 11.86
CA GLU K 293 -18.14 41.91 11.02
C GLU K 293 -17.04 42.55 11.85
N GLN K 294 -17.29 42.72 13.14
CA GLN K 294 -16.30 43.28 14.06
C GLN K 294 -15.27 42.24 14.49
N LEU K 295 -15.56 40.96 14.22
CA LEU K 295 -14.70 39.86 14.63
C LEU K 295 -13.30 39.96 14.01
N PRO K 296 -12.26 39.91 14.86
CA PRO K 296 -10.87 39.91 14.39
C PRO K 296 -10.45 38.55 13.84
N GLU K 297 -9.34 38.52 13.12
CA GLU K 297 -8.84 37.27 12.56
C GLU K 297 -8.22 36.39 13.63
N LEU K 298 -8.71 35.16 13.73
CA LEU K 298 -8.24 34.20 14.73
C LEU K 298 -6.77 33.85 14.54
N PRO K 299 -6.00 33.80 15.63
CA PRO K 299 -4.56 33.49 15.59
C PRO K 299 -4.26 32.11 15.02
N VAL K 300 -5.04 31.12 15.42
CA VAL K 300 -4.84 29.75 14.98
C VAL K 300 -4.97 29.63 13.46
N GLN K 301 -5.87 30.41 12.87
CA GLN K 301 -6.04 30.40 11.43
C GLN K 301 -5.15 31.44 10.74
N LYS K 302 -4.68 32.41 11.51
CA LYS K 302 -3.84 33.47 10.98
C LYS K 302 -2.41 32.96 10.77
N ARG K 303 -1.93 32.11 11.67
CA ARG K 303 -0.60 31.53 11.51
C ARG K 303 -0.57 30.52 10.35
N GLU K 304 -1.69 29.82 10.17
CA GLU K 304 -1.82 28.87 9.07
C GLU K 304 -1.96 29.63 7.76
N ARG K 305 -2.55 30.83 7.85
CA ARG K 305 -2.64 31.71 6.70
C ARG K 305 -1.27 32.31 6.44
N PHE K 306 -0.44 32.38 7.48
CA PHE K 306 0.94 32.83 7.34
C PHE K 306 1.79 31.73 6.74
N GLU K 307 1.29 30.50 6.82
CA GLU K 307 1.96 29.37 6.17
C GLU K 307 1.54 29.26 4.71
N SER K 308 0.25 29.45 4.45
CA SER K 308 -0.31 29.20 3.12
C SER K 308 0.05 30.25 2.08
N GLN K 309 -0.50 31.46 2.22
CA GLN K 309 -0.38 32.48 1.19
C GLN K 309 0.98 33.16 1.18
N TYR K 310 1.47 33.55 2.35
CA TYR K 310 2.78 34.17 2.46
C TYR K 310 3.83 33.11 2.76
N GLY K 311 4.95 33.15 2.05
CA GLY K 311 6.01 32.17 2.25
C GLY K 311 6.62 32.29 3.63
N LEU K 312 6.43 31.26 4.46
CA LEU K 312 6.93 31.26 5.82
C LEU K 312 6.96 29.86 6.41
N SER K 313 7.80 29.66 7.43
CA SER K 313 7.90 28.38 8.12
C SER K 313 6.90 28.31 9.27
N ALA K 314 6.67 27.11 9.81
CA ALA K 314 5.71 26.93 10.89
C ALA K 314 6.12 27.72 12.15
N TYR K 315 7.38 27.57 12.54
CA TYR K 315 7.91 28.20 13.75
C TYR K 315 7.77 29.72 13.73
N ASP K 316 8.40 30.36 12.75
CA ASP K 316 8.40 31.81 12.68
C ASP K 316 6.99 32.36 12.47
N ALA K 317 6.15 31.63 11.73
CA ALA K 317 4.76 32.06 11.53
C ALA K 317 4.00 32.03 12.86
N SER K 318 4.22 30.98 13.64
CA SER K 318 3.56 30.86 14.93
C SER K 318 4.00 31.95 15.90
N VAL K 319 5.31 32.12 16.06
CA VAL K 319 5.83 33.11 16.99
C VAL K 319 5.53 34.54 16.51
N LEU K 320 5.29 34.68 15.22
CA LEU K 320 4.88 35.97 14.66
C LEU K 320 3.41 36.21 14.95
N SER K 321 2.65 35.12 14.98
CA SER K 321 1.22 35.18 15.28
C SER K 321 0.97 35.01 16.78
N ALA K 322 2.00 35.26 17.58
CA ALA K 322 1.88 35.18 19.04
C ALA K 322 0.98 36.28 19.59
N SER K 323 0.82 37.34 18.83
CA SER K 323 -0.05 38.45 19.23
C SER K 323 -0.57 39.22 18.03
N ARG K 324 -1.74 39.84 18.18
CA ARG K 324 -2.39 40.56 17.09
C ARG K 324 -1.60 41.81 16.69
N GLU K 325 -1.07 42.52 17.68
CA GLU K 325 -0.32 43.74 17.44
C GLU K 325 0.91 43.45 16.58
N MET K 326 1.67 42.43 16.97
CA MET K 326 2.84 42.01 16.23
C MET K 326 2.48 41.53 14.82
N ALA K 327 1.33 40.85 14.73
CA ALA K 327 0.86 40.32 13.45
C ALA K 327 0.55 41.43 12.45
N ASP K 328 -0.19 42.44 12.89
CA ASP K 328 -0.52 43.57 12.02
C ASP K 328 0.73 44.39 11.70
N TYR K 329 1.54 44.60 12.74
CA TYR K 329 2.81 45.31 12.62
C TYR K 329 3.69 44.69 11.55
N PHE K 330 3.70 43.36 11.50
CA PHE K 330 4.45 42.62 10.50
C PHE K 330 3.76 42.73 9.14
N GLU K 331 2.44 42.62 9.14
CA GLU K 331 1.66 42.63 7.90
C GLU K 331 1.81 43.93 7.13
N LYS K 332 2.06 45.03 7.84
CA LYS K 332 2.33 46.30 7.16
C LYS K 332 3.64 46.22 6.35
N VAL K 333 4.69 45.75 7.02
CA VAL K 333 6.02 45.62 6.40
C VAL K 333 5.97 44.63 5.24
N GLN K 334 5.18 43.58 5.39
CA GLN K 334 4.97 42.62 4.31
C GLN K 334 4.22 43.29 3.15
N GLY K 335 3.29 44.17 3.51
CA GLY K 335 2.50 44.91 2.55
C GLY K 335 3.35 45.90 1.76
N ILE K 336 4.47 46.28 2.35
CA ILE K 336 5.42 47.20 1.69
C ILE K 336 6.02 46.53 0.45
N CYS K 337 6.22 45.22 0.56
CA CYS K 337 6.68 44.28 -0.49
C CYS K 337 8.04 43.69 -0.08
N GLY K 338 8.51 44.06 1.10
CA GLY K 338 9.73 43.48 1.64
C GLY K 338 9.57 41.97 1.67
N ASP K 339 10.63 41.25 1.33
CA ASP K 339 10.55 39.80 1.23
C ASP K 339 10.05 39.17 2.53
N ALA K 340 9.08 38.27 2.41
CA ALA K 340 8.39 37.67 3.54
C ALA K 340 9.33 37.17 4.63
N LYS K 341 10.18 36.22 4.26
CA LYS K 341 11.11 35.61 5.20
C LYS K 341 12.05 36.65 5.83
N LEU K 342 12.51 37.60 5.02
CA LEU K 342 13.47 38.59 5.50
C LEU K 342 12.80 39.70 6.31
N ALA K 343 11.60 40.11 5.91
CA ALA K 343 10.84 41.11 6.67
C ALA K 343 10.49 40.54 8.05
N ALA K 344 9.92 39.34 8.04
CA ALA K 344 9.62 38.63 9.28
C ALA K 344 10.89 38.46 10.10
N ASN K 345 11.99 38.16 9.41
CA ASN K 345 13.30 38.04 10.03
C ASN K 345 13.63 39.29 10.82
N TRP K 346 13.42 40.45 10.19
CA TRP K 346 13.67 41.73 10.83
C TRP K 346 12.75 41.93 12.03
N VAL K 347 11.51 41.46 11.92
CA VAL K 347 10.58 41.54 13.02
C VAL K 347 11.06 40.73 14.23
N MET K 348 11.59 39.53 13.97
CA MET K 348 12.00 38.63 15.04
C MET K 348 13.17 39.11 15.90
N VAL K 349 14.34 39.19 15.28
CA VAL K 349 15.59 39.36 16.02
C VAL K 349 15.96 40.79 16.44
N GLU K 350 16.00 41.70 15.46
CA GLU K 350 16.56 43.02 15.68
C GLU K 350 15.77 43.88 16.66
N LEU K 351 14.52 44.17 16.32
CA LEU K 351 13.67 45.00 17.18
C LEU K 351 13.30 44.26 18.46
N GLY K 352 13.26 42.94 18.39
CA GLY K 352 12.94 42.10 19.53
C GLY K 352 13.82 42.29 20.75
N SER K 353 15.09 42.61 20.52
CA SER K 353 16.04 42.83 21.61
C SER K 353 15.64 44.06 22.42
N LEU K 354 15.31 45.14 21.71
CA LEU K 354 14.91 46.38 22.33
C LEU K 354 13.51 46.24 22.94
N LEU K 355 12.67 45.41 22.31
CA LEU K 355 11.35 45.12 22.85
C LEU K 355 11.49 44.32 24.14
N ASN K 356 12.59 43.60 24.26
CA ASN K 356 12.88 42.86 25.47
C ASN K 356 13.50 43.73 26.55
N LYS K 357 14.25 44.75 26.14
CA LYS K 357 14.85 45.67 27.10
C LYS K 357 13.79 46.51 27.84
N ASP K 358 13.07 47.36 27.10
CA ASP K 358 11.97 48.10 27.69
C ASP K 358 10.63 47.37 27.45
N GLY K 359 9.70 47.50 28.39
CA GLY K 359 8.43 46.80 28.31
C GLY K 359 7.32 47.60 27.66
N LEU K 360 7.02 47.28 26.40
CA LEU K 360 6.02 48.01 25.62
C LEU K 360 4.56 47.66 25.86
N GLU K 361 4.26 46.36 25.90
CA GLU K 361 2.88 45.81 25.95
C GLU K 361 2.25 45.98 24.57
N ILE K 362 2.39 47.17 23.99
CA ILE K 362 2.03 47.41 22.60
C ILE K 362 3.31 47.94 21.96
N GLU K 363 3.75 47.32 20.87
CA GLU K 363 5.03 47.68 20.28
C GLU K 363 5.02 48.94 19.40
N GLN K 364 3.88 49.64 19.35
CA GLN K 364 3.82 50.90 18.62
C GLN K 364 4.15 52.09 19.52
N SER K 365 4.07 51.89 20.83
CA SER K 365 4.24 52.99 21.78
C SER K 365 5.70 53.48 21.89
N PRO K 366 6.67 52.59 22.15
CA PRO K 366 8.02 53.12 22.34
C PRO K 366 8.61 53.57 21.01
N VAL K 367 8.47 52.72 19.99
CA VAL K 367 8.98 53.03 18.66
C VAL K 367 7.86 52.71 17.67
N SER K 368 7.60 53.65 16.76
CA SER K 368 6.48 53.51 15.83
C SER K 368 6.79 52.71 14.56
N ALA K 369 5.73 52.17 13.97
CA ALA K 369 5.82 51.37 12.75
C ALA K 369 6.05 52.22 11.50
N GLU K 370 5.63 53.47 11.53
CA GLU K 370 5.73 54.35 10.37
C GLU K 370 7.16 54.69 9.97
N GLN K 371 8.06 54.76 10.94
CA GLN K 371 9.47 55.04 10.66
C GLN K 371 10.18 53.79 10.17
N LEU K 372 9.97 52.68 10.88
CA LEU K 372 10.59 51.41 10.53
C LEU K 372 10.13 50.87 9.18
N GLY K 373 8.88 51.17 8.82
CA GLY K 373 8.36 50.77 7.52
C GLY K 373 9.15 51.43 6.40
N GLY K 374 9.41 52.72 6.58
CA GLY K 374 10.20 53.46 5.62
C GLY K 374 11.64 53.02 5.62
N MET K 375 12.15 52.65 6.80
CA MET K 375 13.53 52.18 6.90
C MET K 375 13.73 50.85 6.18
N ILE K 376 12.82 49.90 6.38
CA ILE K 376 12.93 48.59 5.73
C ILE K 376 12.65 48.76 4.23
N LEU K 377 11.79 49.71 3.89
CA LEU K 377 11.58 50.10 2.50
C LEU K 377 12.90 50.56 1.90
N ARG K 378 13.67 51.28 2.70
CA ARG K 378 14.95 51.83 2.28
C ARG K 378 16.01 50.72 2.16
N ILE K 379 15.85 49.69 3.00
CA ILE K 379 16.79 48.57 3.02
C ILE K 379 16.53 47.64 1.82
N LYS K 380 15.28 47.60 1.37
CA LYS K 380 14.87 46.68 0.32
C LYS K 380 15.02 47.23 -1.11
N ASP K 381 14.45 48.40 -1.38
CA ASP K 381 14.38 48.87 -2.76
C ASP K 381 15.59 49.67 -3.24
N ASN K 382 15.82 50.85 -2.67
CA ASN K 382 16.89 51.72 -3.14
C ASN K 382 18.29 51.12 -3.07
N THR K 383 18.58 50.38 -2.00
CA THR K 383 19.89 49.76 -1.85
C THR K 383 19.83 48.27 -1.56
N ILE K 384 20.97 47.61 -1.69
CA ILE K 384 21.08 46.16 -1.46
C ILE K 384 21.21 45.84 0.03
N SER K 385 21.15 44.55 0.36
CA SER K 385 21.25 44.07 1.73
C SER K 385 22.69 43.74 2.12
N GLY K 386 23.07 44.06 3.35
CA GLY K 386 24.41 43.77 3.83
C GLY K 386 24.85 44.60 5.02
N LYS K 387 25.84 45.46 4.83
CA LYS K 387 26.40 46.25 5.93
C LYS K 387 25.42 47.33 6.39
N LEU K 388 24.51 47.70 5.50
CA LEU K 388 23.52 48.74 5.74
C LEU K 388 22.52 48.43 6.85
N ALA K 389 22.36 47.15 7.19
CA ALA K 389 21.34 46.75 8.15
C ALA K 389 21.55 47.22 9.59
N LYS K 390 22.73 46.96 10.16
CA LYS K 390 23.01 47.31 11.55
C LYS K 390 22.97 48.81 11.86
N MET K 391 23.51 49.60 10.94
CA MET K 391 23.71 51.02 11.20
C MET K 391 22.42 51.81 11.21
N VAL K 392 21.51 51.55 10.27
CA VAL K 392 20.27 52.31 10.22
C VAL K 392 19.41 51.95 11.43
N PHE K 393 19.40 50.68 11.80
CA PHE K 393 18.66 50.24 12.97
C PHE K 393 19.21 50.86 14.26
N GLU K 394 20.52 50.93 14.37
CA GLU K 394 21.16 51.46 15.58
C GLU K 394 20.92 52.96 15.67
N ALA K 395 21.22 53.67 14.59
CA ALA K 395 21.11 55.13 14.58
C ALA K 395 19.67 55.55 14.79
N MET K 396 18.74 54.88 14.12
CA MET K 396 17.32 55.21 14.25
C MET K 396 16.81 54.89 15.64
N ALA K 397 17.26 53.78 16.20
CA ALA K 397 16.81 53.37 17.53
C ALA K 397 17.29 54.32 18.63
N ASN K 398 18.57 54.68 18.59
CA ASN K 398 19.14 55.47 19.67
C ASN K 398 18.64 56.91 19.70
N GLY K 399 18.94 57.70 18.68
CA GLY K 399 18.63 59.11 18.70
C GLY K 399 17.56 59.55 17.71
N GLU K 400 17.99 60.24 16.67
CA GLU K 400 17.09 60.82 15.68
C GLU K 400 16.22 59.78 14.97
N GLY K 401 15.10 60.24 14.43
CA GLY K 401 14.18 59.36 13.71
C GLY K 401 14.07 59.76 12.26
N SER K 402 15.22 59.79 11.57
CA SER K 402 15.24 60.15 10.16
C SER K 402 16.09 59.18 9.35
N ALA K 403 15.58 58.77 8.19
CA ALA K 403 16.28 57.84 7.33
C ALA K 403 17.26 58.56 6.41
N UNK K 411 28.58 51.89 1.53
CA UNK K 411 27.87 51.59 0.30
C UNK K 411 28.81 51.59 -0.90
N UNK K 412 30.04 51.11 -0.68
CA UNK K 412 31.04 51.07 -1.74
C UNK K 412 31.38 49.62 -2.09
N UNK K 413 31.76 49.38 -3.34
CA UNK K 413 32.11 48.04 -3.78
C UNK K 413 33.30 48.06 -4.74
N UNK K 414 34.35 48.78 -4.36
CA UNK K 414 35.54 48.89 -5.19
C UNK K 414 36.62 47.89 -4.77
N UNK K 415 37.85 48.13 -5.25
CA UNK K 415 39.00 47.28 -4.98
C UNK K 415 39.78 47.80 -3.76
N UNK K 416 39.40 48.97 -3.29
CA UNK K 416 40.11 49.70 -2.23
C UNK K 416 40.31 48.90 -0.95
N UNK K 417 39.38 47.99 -0.66
CA UNK K 417 39.43 47.19 0.56
C UNK K 417 40.74 46.41 0.67
N UNK K 418 41.29 46.04 -0.49
CA UNK K 418 42.57 45.32 -0.54
C UNK K 418 43.67 46.14 0.12
N UNK K 419 43.69 47.44 -0.14
CA UNK K 419 44.69 48.32 0.45
C UNK K 419 44.53 48.36 1.97
N UNK K 420 43.30 48.14 2.42
CA UNK K 420 43.01 48.07 3.85
C UNK K 420 43.35 46.69 4.40
N UNK K 421 43.32 45.69 3.53
CA UNK K 421 43.54 44.31 3.94
C UNK K 421 45.01 44.00 4.24
N UNK K 422 45.90 44.76 3.62
CA UNK K 422 47.33 44.57 3.84
C UNK K 422 47.78 45.20 5.15
N UNK K 423 47.40 46.46 5.36
CA UNK K 423 47.78 47.19 6.57
C UNK K 423 47.31 46.50 7.83
N UNK K 424 46.13 45.88 7.78
CA UNK K 424 45.60 45.16 8.92
C UNK K 424 46.55 44.02 9.27
N UNK K 425 47.03 43.32 8.25
CA UNK K 425 47.94 42.21 8.47
C UNK K 425 49.23 42.71 9.10
N UNK K 426 49.52 43.98 8.90
CA UNK K 426 50.72 44.58 9.47
C UNK K 426 50.50 45.03 10.91
N UNK K 427 49.24 45.32 11.26
CA UNK K 427 48.93 45.80 12.60
C UNK K 427 49.20 44.72 13.64
N UNK K 428 48.36 43.71 13.66
CA UNK K 428 48.54 42.55 14.52
C UNK K 428 49.44 41.54 13.81
N UNK K 429 50.11 40.69 14.58
CA UNK K 429 50.96 39.66 13.98
C UNK K 429 50.09 38.58 13.35
N UNK K 430 49.38 38.94 12.28
CA UNK K 430 48.45 38.03 11.62
C UNK K 430 49.15 37.11 10.62
N UNK K 431 50.37 37.47 10.24
CA UNK K 431 51.14 36.69 9.28
C UNK K 431 51.45 35.29 9.82
N UNK K 432 51.71 35.23 11.13
CA UNK K 432 52.08 33.97 11.77
C UNK K 432 50.87 33.09 12.06
N UNK K 433 49.72 33.72 12.28
CA UNK K 433 48.51 32.98 12.63
C UNK K 433 47.84 32.35 11.40
N UNK K 434 48.39 32.64 10.23
CA UNK K 434 47.84 32.15 8.97
C UNK K 434 48.13 30.66 8.76
N UNK K 435 49.19 30.17 9.39
CA UNK K 435 49.70 28.82 9.18
C UNK K 435 48.66 27.72 9.41
N UNK K 436 47.93 27.80 10.53
CA UNK K 436 46.92 26.80 10.84
C UNK K 436 45.53 27.33 10.53
N UNK K 437 44.65 26.44 10.08
CA UNK K 437 43.30 26.82 9.66
C UNK K 437 42.49 27.41 10.81
N UNK K 438 42.12 26.58 11.77
CA UNK K 438 41.35 27.01 12.93
C UNK K 438 40.14 27.83 12.51
N UNK K 439 40.07 29.07 12.98
CA UNK K 439 39.02 29.99 12.59
C UNK K 439 39.68 31.28 12.10
N UNK K 440 39.29 31.73 10.91
CA UNK K 440 39.93 32.89 10.30
C UNK K 440 39.03 34.12 10.30
N UNK K 441 38.08 34.15 11.23
CA UNK K 441 37.17 35.29 11.36
C UNK K 441 37.92 36.51 11.90
N UNK K 442 38.90 36.25 12.77
CA UNK K 442 39.69 37.30 13.39
C UNK K 442 40.51 38.10 12.38
N UNK K 443 40.84 37.48 11.26
CA UNK K 443 41.59 38.17 10.21
C UNK K 443 40.73 39.17 9.47
N UNK K 444 39.50 38.78 9.17
CA UNK K 444 38.54 39.67 8.51
C UNK K 444 38.03 40.72 9.49
N UNK K 445 38.17 40.41 10.78
CA UNK K 445 37.70 41.26 11.85
C UNK K 445 38.29 42.67 11.83
N UNK K 446 39.61 42.76 11.79
CA UNK K 446 40.28 44.05 11.82
C UNK K 446 39.88 44.92 10.63
N UNK K 447 39.76 44.29 9.46
CA UNK K 447 39.35 45.01 8.25
C UNK K 447 37.91 45.50 8.36
N UNK K 448 37.03 44.65 8.89
CA UNK K 448 35.62 45.01 9.04
C UNK K 448 35.41 46.12 10.08
N UNK K 449 36.21 46.06 11.15
CA UNK K 449 36.11 47.02 12.25
C UNK K 449 36.73 48.36 11.90
N UNK K 450 37.76 48.34 11.07
CA UNK K 450 38.41 49.58 10.66
C UNK K 450 37.54 50.30 9.64
N UNK K 451 36.86 49.53 8.80
CA UNK K 451 36.00 50.09 7.76
C UNK K 451 34.60 50.39 8.29
N UNK K 452 34.50 50.71 9.57
CA UNK K 452 33.21 51.01 10.19
C UNK K 452 32.91 52.50 10.14
N UNK K 455 32.33 45.80 3.67
CA UNK K 455 31.51 45.47 2.51
C UNK K 455 30.73 44.17 2.74
N UNK K 456 30.57 43.80 4.01
CA UNK K 456 29.85 42.59 4.41
C UNK K 456 30.33 41.34 3.66
N UNK K 457 29.47 40.83 2.79
CA UNK K 457 29.77 39.61 2.03
C UNK K 457 30.99 39.77 1.14
N UNK K 458 31.15 40.97 0.56
CA UNK K 458 32.29 41.24 -0.32
C UNK K 458 33.56 41.33 0.51
N UNK K 459 33.46 41.88 1.72
CA UNK K 459 34.60 41.97 2.61
C UNK K 459 35.01 40.59 3.08
N UNK K 460 34.02 39.73 3.31
CA UNK K 460 34.26 38.36 3.73
C UNK K 460 34.94 37.56 2.62
N UNK K 461 34.43 37.72 1.40
CA UNK K 461 35.00 37.03 0.25
C UNK K 461 36.42 37.50 -0.04
N UNK K 462 36.64 38.81 0.05
CA UNK K 462 37.95 39.39 -0.20
C UNK K 462 38.96 38.96 0.85
N UNK K 463 38.53 38.94 2.12
CA UNK K 463 39.40 38.52 3.22
C UNK K 463 39.72 37.04 3.12
N UNK K 464 38.73 36.24 2.74
CA UNK K 464 38.92 34.81 2.58
C UNK K 464 39.87 34.51 1.42
N UNK K 465 39.77 35.32 0.37
CA UNK K 465 40.63 35.16 -0.80
C UNK K 465 42.07 35.60 -0.49
N UNK K 466 42.20 36.65 0.31
CA UNK K 466 43.52 37.17 0.65
C UNK K 466 44.22 36.30 1.68
N UNK K 467 43.43 35.64 2.52
CA UNK K 467 43.97 34.78 3.57
C UNK K 467 44.71 33.58 2.97
N UNK K 468 43.99 32.78 2.19
CA UNK K 468 44.56 31.61 1.56
C UNK K 468 44.18 31.53 0.08
N MET L 9 -46.39 17.50 51.61
CA MET L 9 -47.62 16.86 52.07
C MET L 9 -47.47 16.35 53.49
N ALA L 10 -46.22 16.10 53.89
CA ALA L 10 -45.90 15.67 55.25
C ALA L 10 -44.48 16.10 55.61
N LEU L 11 -44.24 16.27 56.90
CA LEU L 11 -42.93 16.71 57.36
C LEU L 11 -42.57 16.21 58.74
N GLU L 12 -41.28 15.95 58.95
CA GLU L 12 -40.75 15.55 60.24
C GLU L 12 -39.88 16.68 60.77
N ARG L 13 -39.36 16.53 61.99
CA ARG L 13 -38.57 17.59 62.60
C ARG L 13 -37.24 17.77 61.86
N SER L 14 -36.78 16.71 61.21
CA SER L 14 -35.50 16.75 60.50
C SER L 14 -35.62 17.48 59.17
N ASP L 15 -36.81 17.45 58.58
CA ASP L 15 -37.06 18.21 57.35
C ASP L 15 -36.94 19.70 57.66
N VAL L 16 -37.61 20.11 58.74
CA VAL L 16 -37.54 21.47 59.23
C VAL L 16 -36.12 21.81 59.62
N GLU L 17 -35.40 20.80 60.12
CA GLU L 17 -33.99 20.96 60.50
C GLU L 17 -33.11 21.29 59.29
N LYS L 18 -33.28 20.54 58.21
CA LYS L 18 -32.49 20.75 56.99
C LYS L 18 -32.87 22.06 56.30
N ILE L 19 -34.16 22.39 56.33
CA ILE L 19 -34.62 23.67 55.81
C ILE L 19 -33.98 24.81 56.60
N ALA L 20 -33.91 24.61 57.91
CA ALA L 20 -33.26 25.57 58.81
C ALA L 20 -31.77 25.69 58.49
N HIS L 21 -31.16 24.57 58.11
CA HIS L 21 -29.74 24.58 57.75
C HIS L 21 -29.50 25.31 56.44
N LEU L 22 -30.47 25.23 55.53
CA LEU L 22 -30.35 25.87 54.23
C LEU L 22 -30.48 27.38 54.34
N ALA L 23 -31.58 27.83 54.94
CA ALA L 23 -31.87 29.26 55.08
C ALA L 23 -31.22 29.86 56.32
N ARG L 24 -30.41 29.07 57.01
CA ARG L 24 -29.70 29.48 58.23
C ARG L 24 -30.64 30.01 59.33
N LEU L 25 -31.19 29.10 60.13
CA LEU L 25 -32.08 29.51 61.21
C LEU L 25 -31.75 28.90 62.58
N GLY L 26 -31.83 29.74 63.61
CA GLY L 26 -31.65 29.32 64.98
C GLY L 26 -32.98 28.85 65.55
N LEU L 27 -33.10 27.55 65.85
CA LEU L 27 -34.34 27.02 66.39
C LEU L 27 -34.11 26.20 67.66
N SER L 28 -34.85 26.53 68.71
CA SER L 28 -34.75 25.82 69.98
C SER L 28 -35.73 24.65 70.03
N GLU L 29 -35.67 23.89 71.13
CA GLU L 29 -36.55 22.74 71.30
C GLU L 29 -38.01 23.13 71.50
N ALA L 30 -38.23 24.28 72.12
CA ALA L 30 -39.58 24.75 72.42
C ALA L 30 -40.29 25.29 71.19
N ASP L 31 -39.52 25.84 70.25
CA ASP L 31 -40.10 26.44 69.05
C ASP L 31 -40.39 25.42 67.96
N LEU L 32 -39.79 24.24 68.07
CA LEU L 32 -39.92 23.20 67.04
C LEU L 32 -41.36 22.75 66.75
N PRO L 33 -42.13 22.34 67.78
CA PRO L 33 -43.46 21.78 67.47
C PRO L 33 -44.40 22.75 66.78
N ARG L 34 -44.49 23.96 67.30
CA ARG L 34 -45.36 24.99 66.73
C ARG L 34 -44.98 25.32 65.29
N THR L 35 -43.67 25.44 65.03
CA THR L 35 -43.18 25.70 63.68
C THR L 35 -43.55 24.57 62.74
N THR L 36 -43.36 23.33 63.18
CA THR L 36 -43.72 22.17 62.37
C THR L 36 -45.22 22.17 62.04
N GLU L 37 -46.04 22.49 63.04
CA GLU L 37 -47.48 22.53 62.88
C GLU L 37 -47.91 23.59 61.87
N THR L 38 -47.44 24.83 62.07
CA THR L 38 -47.79 25.93 61.18
C THR L 38 -47.32 25.67 59.75
N LEU L 39 -46.09 25.18 59.63
CA LEU L 39 -45.52 24.83 58.33
C LEU L 39 -46.38 23.77 57.63
N ASN L 40 -46.78 22.76 58.39
CA ASN L 40 -47.63 21.70 57.86
C ASN L 40 -48.99 22.24 57.40
N ASN L 41 -49.49 23.24 58.11
CA ASN L 41 -50.74 23.89 57.72
C ASN L 41 -50.56 24.66 56.40
N ILE L 42 -49.44 25.35 56.28
CA ILE L 42 -49.12 26.11 55.07
C ILE L 42 -49.00 25.19 53.86
N LEU L 43 -48.25 24.10 54.03
CA LEU L 43 -48.09 23.11 52.97
C LEU L 43 -49.45 22.50 52.63
N GLY L 44 -50.27 22.31 53.65
CA GLY L 44 -51.62 21.81 53.49
C GLY L 44 -52.48 22.76 52.69
N LEU L 45 -52.14 24.05 52.75
CA LEU L 45 -52.86 25.05 51.97
C LEU L 45 -52.39 25.10 50.52
N ILE L 46 -51.08 25.06 50.32
CA ILE L 46 -50.53 25.16 48.97
C ILE L 46 -50.81 23.90 48.15
N ASP L 47 -50.93 22.75 48.81
CA ASP L 47 -51.08 21.46 48.12
C ASP L 47 -52.32 21.35 47.22
N GLN L 48 -53.26 22.29 47.36
CA GLN L 48 -54.49 22.25 46.58
C GLN L 48 -54.28 22.46 45.08
N MET L 49 -53.20 23.17 44.73
CA MET L 49 -52.93 23.52 43.34
C MET L 49 -52.51 22.32 42.49
N GLN L 50 -52.06 21.26 43.13
CA GLN L 50 -51.57 20.08 42.43
C GLN L 50 -52.65 19.38 41.62
N ALA L 51 -53.91 19.63 41.97
CA ALA L 51 -55.04 19.03 41.29
C ALA L 51 -55.18 19.55 39.86
N VAL L 52 -54.80 20.80 39.64
CA VAL L 52 -54.91 21.42 38.33
C VAL L 52 -53.77 21.00 37.40
N ASP L 53 -54.13 20.65 36.16
CA ASP L 53 -53.14 20.24 35.16
C ASP L 53 -52.39 21.45 34.62
N THR L 54 -51.08 21.30 34.46
CA THR L 54 -50.26 22.39 33.98
C THR L 54 -49.41 22.01 32.75
N SER L 55 -49.95 21.12 31.92
CA SER L 55 -49.23 20.67 30.73
C SER L 55 -49.22 21.72 29.63
N GLY L 56 -48.09 21.84 28.95
CA GLY L 56 -47.96 22.75 27.82
C GLY L 56 -47.70 24.20 28.18
N VAL L 57 -48.43 24.71 29.17
CA VAL L 57 -48.32 26.10 29.57
C VAL L 57 -46.93 26.45 30.13
N GLU L 58 -46.52 27.70 29.94
CA GLU L 58 -45.22 28.17 30.38
C GLU L 58 -45.33 28.97 31.69
N PRO L 59 -44.23 29.03 32.46
CA PRO L 59 -44.23 29.80 33.72
C PRO L 59 -44.18 31.31 33.51
N LEU L 60 -44.56 32.07 34.53
CA LEU L 60 -44.52 33.53 34.47
C LEU L 60 -43.65 34.09 35.59
N ALA L 61 -42.43 34.48 35.25
CA ALA L 61 -41.49 35.00 36.24
C ALA L 61 -41.68 36.49 36.46
N HIS L 62 -41.94 37.21 35.37
CA HIS L 62 -42.12 38.66 35.44
C HIS L 62 -43.43 39.09 34.77
N PRO L 63 -44.19 39.95 35.46
CA PRO L 63 -45.51 40.42 35.02
C PRO L 63 -45.48 41.05 33.62
N LEU L 64 -44.43 41.81 33.32
CA LEU L 64 -44.32 42.47 32.02
C LEU L 64 -43.29 41.81 31.12
N GLU L 65 -43.62 41.72 29.84
CA GLU L 65 -42.78 41.10 28.83
C GLU L 65 -41.74 42.08 28.30
N ALA L 66 -40.78 42.45 29.16
CA ALA L 66 -39.73 43.39 28.78
C ALA L 66 -38.54 42.68 28.14
N THR L 67 -37.69 43.47 27.49
CA THR L 67 -36.58 42.96 26.68
C THR L 67 -35.21 43.28 27.27
N GLN L 68 -34.31 43.73 26.39
CA GLN L 68 -32.91 43.98 26.74
C GLN L 68 -32.72 44.92 27.92
N ARG L 69 -31.64 44.70 28.68
CA ARG L 69 -31.32 45.58 29.79
C ARG L 69 -29.83 45.93 29.78
N LEU L 70 -29.47 47.00 29.07
CA LEU L 70 -28.07 47.38 28.95
C LEU L 70 -27.67 48.57 29.81
N ARG L 71 -26.43 48.58 30.28
CA ARG L 71 -25.87 49.74 30.94
C ARG L 71 -24.48 50.00 30.36
N PRO L 72 -24.23 51.22 29.88
CA PRO L 72 -22.92 51.56 29.31
C PRO L 72 -21.79 51.40 30.32
N ASP L 73 -20.57 51.19 29.83
CA ASP L 73 -19.41 51.01 30.71
C ASP L 73 -18.96 52.35 31.29
N ALA L 74 -19.88 53.04 31.94
CA ALA L 74 -19.60 54.35 32.51
C ALA L 74 -19.25 54.23 33.99
N VAL L 75 -18.10 54.81 34.35
CA VAL L 75 -17.63 54.75 35.73
C VAL L 75 -18.24 55.87 36.56
N THR L 76 -18.75 55.50 37.73
CA THR L 76 -19.37 56.45 38.66
C THR L 76 -18.42 56.73 39.83
N GLU L 77 -18.48 57.96 40.34
CA GLU L 77 -17.57 58.40 41.39
C GLU L 77 -17.63 57.48 42.62
N THR L 78 -16.55 57.46 43.39
CA THR L 78 -16.45 56.59 44.55
C THR L 78 -16.59 57.36 45.85
N ASP L 79 -17.29 56.76 46.81
CA ASP L 79 -17.51 57.38 48.11
C ASP L 79 -16.25 57.29 48.99
N HIS L 80 -16.30 57.90 50.17
CA HIS L 80 -15.17 57.88 51.09
C HIS L 80 -15.31 56.79 52.16
N ARG L 81 -14.26 56.60 52.94
CA ARG L 81 -14.21 55.55 53.96
C ARG L 81 -15.29 55.67 55.04
N ASP L 82 -15.43 56.88 55.60
CA ASP L 82 -16.29 57.14 56.75
C ASP L 82 -17.76 56.74 56.59
N ALA L 83 -18.29 56.84 55.37
CA ALA L 83 -19.69 56.55 55.11
C ALA L 83 -20.06 55.08 55.28
N TYR L 84 -19.07 54.20 55.16
CA TYR L 84 -19.33 52.76 55.26
C TYR L 84 -19.43 52.27 56.71
N GLN L 85 -18.47 52.65 57.53
CA GLN L 85 -18.33 52.07 58.86
C GLN L 85 -19.34 52.58 59.88
N THR L 86 -20.08 53.62 59.53
CA THR L 86 -21.05 54.23 60.45
C THR L 86 -22.13 53.24 60.89
N ILE L 87 -22.43 52.26 60.04
CA ILE L 87 -23.43 51.25 60.37
C ILE L 87 -22.77 49.90 60.64
N ALA L 88 -21.54 49.73 60.15
CA ALA L 88 -20.81 48.48 60.29
C ALA L 88 -20.42 48.21 61.75
N PRO L 89 -20.84 47.05 62.28
CA PRO L 89 -20.55 46.62 63.65
C PRO L 89 -19.07 46.32 63.90
N ALA L 90 -18.39 45.78 62.90
CA ALA L 90 -16.98 45.40 63.04
C ALA L 90 -16.11 46.09 62.00
N VAL L 91 -15.04 46.72 62.45
CA VAL L 91 -14.15 47.46 61.57
C VAL L 91 -12.69 47.41 62.03
N GLU L 92 -11.79 47.13 61.09
CA GLU L 92 -10.36 47.17 61.35
C GLU L 92 -9.62 47.57 60.07
N GLU L 93 -8.96 48.73 60.12
CA GLU L 93 -8.20 49.31 59.01
C GLU L 93 -8.99 49.36 57.70
N GLY L 94 -10.32 49.40 57.82
CA GLY L 94 -11.20 49.47 56.67
C GLY L 94 -11.67 48.12 56.16
N LEU L 95 -11.66 47.12 57.03
CA LEU L 95 -12.12 45.78 56.67
C LEU L 95 -13.11 45.24 57.70
N TYR L 96 -14.02 44.39 57.24
CA TYR L 96 -15.04 43.80 58.10
C TYR L 96 -14.51 42.56 58.83
N LEU L 97 -14.60 42.57 60.15
CA LEU L 97 -14.09 41.48 60.97
C LEU L 97 -15.10 40.36 61.10
N VAL L 98 -14.70 39.15 60.68
CA VAL L 98 -15.59 37.99 60.68
C VAL L 98 -14.86 36.70 61.07
N PRO L 99 -15.48 35.89 61.95
CA PRO L 99 -14.96 34.58 62.36
C PRO L 99 -14.70 33.65 61.18
N LYS L 100 -13.54 32.99 61.18
CA LYS L 100 -13.13 32.15 60.06
C LYS L 100 -13.58 30.70 60.13
N VAL L 101 -13.48 30.09 61.32
CA VAL L 101 -13.82 28.67 61.47
C VAL L 101 -15.31 28.39 61.21
N ILE L 102 -15.58 27.43 60.33
CA ILE L 102 -16.95 27.05 60.01
C ILE L 102 -17.17 25.55 60.27
N GLU L 103 -17.83 25.23 61.37
CA GLU L 103 -18.13 23.83 61.67
C GLU L 103 -19.42 23.67 62.49
N SER L 104 -20.30 22.79 62.02
CA SER L 104 -21.55 22.49 62.70
C SER L 104 -22.39 23.73 62.96
N MET M 10 57.10 1.16 59.84
CA MET M 10 57.78 1.50 61.08
C MET M 10 58.20 2.97 61.10
N ARG M 11 57.33 3.81 61.65
CA ARG M 11 57.62 5.23 61.84
C ARG M 11 58.32 5.49 63.18
N SER M 12 59.28 6.42 63.18
CA SER M 12 59.99 6.80 64.39
C SER M 12 59.24 7.89 65.15
N HIS M 13 58.98 9.00 64.49
CA HIS M 13 58.29 10.13 65.11
C HIS M 13 57.30 10.79 64.14
N TYR M 14 56.32 11.49 64.71
CA TYR M 14 55.36 12.25 63.90
C TYR M 14 55.93 13.59 63.45
N CYS M 15 55.62 13.98 62.21
CA CYS M 15 56.15 15.22 61.66
C CYS M 15 55.91 16.45 62.53
N GLY M 16 54.66 16.63 62.94
CA GLY M 16 54.26 17.77 63.75
C GLY M 16 54.52 17.62 65.24
N GLN M 17 55.51 16.81 65.60
CA GLN M 17 55.86 16.62 67.01
C GLN M 17 57.36 16.58 67.14
N LEU M 18 57.98 17.24 66.19
CA LEU M 18 59.40 17.36 66.12
C LEU M 18 59.82 18.63 66.82
N ASN M 19 60.17 18.51 68.09
CA ASN M 19 60.60 19.65 68.88
C ASN M 19 62.06 19.96 68.56
N GLU M 20 62.61 20.98 69.21
CA GLU M 20 64.01 21.36 69.02
C GLU M 20 64.96 20.47 69.82
N SER M 21 64.42 19.82 70.85
CA SER M 21 65.19 18.96 71.74
C SER M 21 65.78 17.70 71.10
N LEU M 22 65.21 17.27 69.97
CA LEU M 22 65.66 16.04 69.32
C LEU M 22 66.86 16.19 68.36
N ASP M 23 67.55 17.32 68.41
CA ASP M 23 68.73 17.56 67.55
C ASP M 23 69.91 16.60 67.75
N GLY M 24 70.49 16.16 66.64
CA GLY M 24 71.59 15.20 66.64
C GLY M 24 71.12 13.76 66.64
N GLN M 25 69.82 13.60 66.46
CA GLN M 25 69.15 12.30 66.36
C GLN M 25 68.56 12.12 64.96
N GLU M 26 68.60 10.90 64.44
CA GLU M 26 67.93 10.66 63.16
C GLU M 26 66.56 10.04 63.39
N VAL M 27 65.66 10.35 62.46
CA VAL M 27 64.25 10.04 62.59
C VAL M 27 63.66 9.52 61.28
N THR M 28 62.68 8.64 61.39
CA THR M 28 61.91 8.19 60.23
C THR M 28 60.44 8.60 60.35
N LEU M 29 59.95 9.37 59.38
CA LEU M 29 58.56 9.83 59.40
C LEU M 29 57.86 9.57 58.08
N CYS M 30 56.63 9.05 58.18
CA CYS M 30 55.79 8.77 57.02
C CYS M 30 54.62 9.75 56.91
N GLY M 31 54.23 10.10 55.68
CA GLY M 31 53.13 11.04 55.50
C GLY M 31 52.83 11.42 54.07
N TRP M 32 52.07 12.51 53.92
CA TRP M 32 51.69 13.02 52.59
C TRP M 32 52.52 14.24 52.21
N VAL M 33 52.66 14.46 50.91
CA VAL M 33 53.36 15.64 50.42
C VAL M 33 52.43 16.83 50.22
N HIS M 34 52.44 17.75 51.18
CA HIS M 34 51.57 18.92 51.18
C HIS M 34 51.82 19.77 49.94
N ARG M 35 52.99 20.43 49.94
CA ARG M 35 53.43 21.22 48.80
C ARG M 35 54.94 21.07 48.68
N ARG M 36 55.47 21.23 47.47
CA ARG M 36 56.88 20.91 47.25
C ARG M 36 57.53 22.11 46.59
N ARG M 37 58.67 22.54 47.13
CA ARG M 37 59.38 23.67 46.54
C ARG M 37 60.70 23.25 45.90
N ASP M 38 60.82 23.53 44.60
CA ASP M 38 62.02 23.13 43.86
C ASP M 38 62.85 24.35 43.47
N HIS M 39 64.04 24.43 44.04
CA HIS M 39 64.96 25.53 43.76
C HIS M 39 66.12 25.05 42.90
N GLY M 40 66.18 23.74 42.69
CA GLY M 40 67.22 23.15 41.87
C GLY M 40 68.36 22.63 42.73
N GLY M 41 69.04 23.54 43.42
CA GLY M 41 70.16 23.16 44.27
C GLY M 41 69.76 22.69 45.65
N VAL M 42 68.53 23.02 46.05
CA VAL M 42 67.97 22.56 47.32
C VAL M 42 66.50 22.27 47.15
N ILE M 43 66.06 21.08 47.58
CA ILE M 43 64.64 20.74 47.45
C ILE M 43 63.96 20.74 48.81
N PHE M 44 62.80 21.40 48.86
CA PHE M 44 62.02 21.52 50.08
C PHE M 44 60.74 20.71 49.99
N LEU M 45 60.47 19.93 51.04
CA LEU M 45 59.25 19.14 51.11
C LEU M 45 58.49 19.47 52.38
N ASP M 46 57.19 19.73 52.25
CA ASP M 46 56.35 19.88 53.43
C ASP M 46 55.56 18.60 53.61
N VAL M 47 56.01 17.80 54.57
CA VAL M 47 55.39 16.50 54.84
C VAL M 47 54.36 16.66 55.94
N ARG M 48 53.21 16.04 55.75
CA ARG M 48 52.09 16.23 56.66
C ARG M 48 51.62 14.90 57.20
N ASP M 49 51.42 14.82 58.51
CA ASP M 49 50.72 13.68 59.05
C ASP M 49 49.59 14.11 59.98
N ARG M 50 49.19 13.17 60.83
CA ARG M 50 48.05 13.36 61.70
C ARG M 50 48.31 14.46 62.70
N GLU M 51 49.60 14.68 62.97
CA GLU M 51 49.99 15.60 64.01
C GLU M 51 50.33 16.97 63.43
N GLY M 52 50.56 17.05 62.12
CA GLY M 52 50.90 18.35 61.56
C GLY M 52 51.95 18.30 60.46
N LEU M 53 52.52 19.45 60.12
CA LEU M 53 53.49 19.52 59.03
C LEU M 53 54.93 19.71 59.53
N ALA M 54 55.87 19.21 58.73
CA ALA M 54 57.30 19.40 58.97
C ALA M 54 58.05 19.58 57.66
N GLN M 55 59.25 20.15 57.71
CA GLN M 55 59.99 20.44 56.48
C GLN M 55 61.17 19.49 56.33
N VAL M 56 61.32 18.92 55.14
CA VAL M 56 62.43 18.05 54.80
C VAL M 56 63.27 18.67 53.69
N VAL M 57 64.58 18.70 53.88
CA VAL M 57 65.48 19.34 52.93
C VAL M 57 66.39 18.34 52.22
N PHE M 58 66.60 18.57 50.92
CA PHE M 58 67.44 17.71 50.10
C PHE M 58 68.54 18.51 49.41
N ASP M 59 69.77 18.06 49.60
CA ASP M 59 70.92 18.58 48.87
C ASP M 59 71.45 17.50 47.94
N PRO M 60 71.95 17.90 46.76
CA PRO M 60 72.29 16.94 45.70
C PRO M 60 73.58 16.15 45.96
N ASP M 61 74.07 16.17 47.20
CA ASP M 61 75.25 15.38 47.54
C ASP M 61 74.90 13.89 47.51
N ARG M 62 73.61 13.60 47.54
CA ARG M 62 73.11 12.25 47.31
C ARG M 62 72.02 12.34 46.26
N ALA M 63 72.43 12.22 45.00
CA ALA M 63 71.55 12.53 43.88
C ALA M 63 70.48 11.47 43.66
N GLU M 64 70.58 10.36 44.38
CA GLU M 64 69.57 9.31 44.28
C GLU M 64 68.29 9.70 45.02
N THR M 65 68.45 10.22 46.23
CA THR M 65 67.31 10.69 47.00
C THR M 65 66.71 11.91 46.31
N PHE M 66 67.58 12.69 45.67
CA PHE M 66 67.17 13.84 44.88
C PHE M 66 66.35 13.41 43.67
N ALA M 67 66.74 12.30 43.07
CA ALA M 67 66.00 11.76 41.93
C ALA M 67 64.65 11.26 42.41
N LYS M 68 64.63 10.72 43.63
CA LYS M 68 63.38 10.30 44.25
C LYS M 68 62.70 11.47 44.97
N ALA M 69 63.19 12.69 44.73
CA ALA M 69 62.57 13.89 45.27
C ALA M 69 61.98 14.82 44.21
N ASP M 70 62.55 14.82 43.01
CA ASP M 70 62.09 15.73 41.97
C ASP M 70 60.83 15.19 41.30
N ARG M 71 60.72 13.86 41.24
CA ARG M 71 59.57 13.20 40.62
C ARG M 71 58.36 13.27 41.56
N VAL M 72 58.63 13.25 42.87
CA VAL M 72 57.60 13.30 43.90
C VAL M 72 56.71 14.53 43.69
N ARG M 73 55.40 14.30 43.68
CA ARG M 73 54.46 15.41 43.52
C ARG M 73 53.53 15.57 44.73
N SER M 74 52.38 16.21 44.50
CA SER M 74 51.44 16.53 45.57
C SER M 74 50.69 15.32 46.12
N GLU M 75 50.59 15.26 47.45
CA GLU M 75 49.82 14.25 48.17
C GLU M 75 50.40 12.85 48.02
N PHE M 76 51.65 12.77 47.57
CA PHE M 76 52.36 11.51 47.51
C PHE M 76 52.56 10.96 48.92
N VAL M 77 52.33 9.65 49.08
CA VAL M 77 52.55 9.01 50.36
C VAL M 77 53.98 8.50 50.44
N VAL M 78 54.78 9.14 51.28
CA VAL M 78 56.21 8.85 51.35
C VAL M 78 56.69 8.54 52.75
N LYS M 79 57.83 7.84 52.81
CA LYS M 79 58.52 7.53 54.06
C LYS M 79 59.94 8.09 54.02
N ILE M 80 60.24 9.05 54.89
CA ILE M 80 61.54 9.70 54.85
C ILE M 80 62.34 9.47 56.12
N THR M 81 63.58 9.00 55.97
CA THR M 81 64.47 8.92 57.12
C THR M 81 65.57 9.97 56.96
N GLY M 82 65.78 10.78 57.99
CA GLY M 82 66.80 11.82 57.92
C GLY M 82 67.27 12.32 59.26
N LYS M 83 68.02 13.42 59.29
CA LYS M 83 68.45 13.97 60.57
C LYS M 83 67.86 15.37 60.83
N VAL M 84 67.38 15.59 62.05
CA VAL M 84 66.79 16.87 62.45
C VAL M 84 67.82 17.98 62.66
N ARG M 85 67.87 18.92 61.71
CA ARG M 85 68.80 20.04 61.73
C ARG M 85 68.17 21.37 62.18
N LEU M 86 68.87 22.04 63.09
CA LEU M 86 68.53 23.37 63.61
C LEU M 86 68.71 24.45 62.55
N ARG M 87 67.58 24.90 62.00
CA ARG M 87 67.54 25.83 60.87
C ARG M 87 68.12 27.23 61.10
N PRO M 88 68.70 27.81 60.05
CA PRO M 88 69.31 29.15 60.04
C PRO M 88 68.35 30.22 60.55
N GLU M 89 68.88 31.36 60.96
CA GLU M 89 68.05 32.39 61.57
C GLU M 89 67.07 33.00 60.57
N GLY M 90 67.47 33.08 59.31
CA GLY M 90 66.64 33.66 58.28
C GLY M 90 65.61 32.73 57.67
N ALA M 91 65.52 31.50 58.18
CA ALA M 91 64.63 30.50 57.59
C ALA M 91 63.55 30.02 58.56
N ARG M 92 63.58 30.51 59.79
CA ARG M 92 62.65 30.03 60.81
C ARG M 92 61.21 30.39 60.49
N ASN M 93 60.29 29.46 60.73
CA ASN M 93 58.89 29.67 60.39
C ASN M 93 57.96 29.77 61.60
N PRO M 94 57.29 30.92 61.76
CA PRO M 94 56.35 31.20 62.84
C PRO M 94 55.04 30.42 62.70
N ASN M 95 54.56 30.35 61.47
CA ASN M 95 53.31 29.67 61.12
C ASN M 95 53.30 28.17 61.40
N MET M 96 54.46 27.54 61.22
CA MET M 96 54.61 26.11 61.42
C MET M 96 54.99 25.79 62.86
N ALA M 97 54.16 24.98 63.52
CA ALA M 97 54.36 24.62 64.92
C ALA M 97 55.67 23.88 65.13
N SER M 98 56.11 23.17 64.09
CA SER M 98 57.39 22.48 64.13
C SER M 98 58.41 23.35 63.39
N GLY M 99 57.97 24.57 63.07
CA GLY M 99 58.75 25.47 62.24
C GLY M 99 59.99 26.09 62.83
N SER M 100 60.75 25.33 63.61
CA SER M 100 62.03 25.80 64.08
C SER M 100 63.09 24.75 63.83
N ILE M 101 62.70 23.69 63.11
CA ILE M 101 63.58 22.58 62.82
C ILE M 101 63.35 22.06 61.40
N GLU M 102 64.34 21.37 60.85
CA GLU M 102 64.23 20.74 59.54
C GLU M 102 64.71 19.32 59.63
N VAL M 103 64.59 18.57 58.54
CA VAL M 103 65.17 17.24 58.48
C VAL M 103 65.87 17.03 57.16
N LEU M 104 67.18 16.82 57.21
CA LEU M 104 67.95 16.51 56.02
C LEU M 104 67.72 15.06 55.64
N GLY M 105 67.25 14.86 54.41
CA GLY M 105 66.81 13.56 53.94
C GLY M 105 67.93 12.61 53.57
N TYR M 106 68.18 11.64 54.44
CA TYR M 106 69.17 10.61 54.16
C TYR M 106 68.67 9.71 53.04
N GLU M 107 67.51 9.09 53.25
CA GLU M 107 66.90 8.26 52.22
C GLU M 107 65.38 8.46 52.17
N LEU M 108 64.85 8.55 50.95
CA LEU M 108 63.42 8.71 50.75
C LEU M 108 62.84 7.52 49.99
N GLU M 109 61.60 7.18 50.29
CA GLU M 109 60.88 6.14 49.56
C GLU M 109 59.43 6.53 49.35
N VAL M 110 58.97 6.46 48.11
CA VAL M 110 57.58 6.74 47.76
C VAL M 110 56.73 5.49 48.01
N LEU M 111 56.04 5.46 49.15
CA LEU M 111 55.18 4.35 49.49
C LEU M 111 54.02 4.22 48.51
N ASN M 112 53.48 5.34 48.07
CA ASN M 112 52.43 5.33 47.06
C ASN M 112 52.28 6.66 46.32
N GLN M 113 51.99 6.58 45.02
CA GLN M 113 51.81 7.78 44.22
C GLN M 113 50.39 8.31 44.37
N ALA M 114 50.19 9.57 44.00
CA ALA M 114 48.89 10.22 44.13
C ALA M 114 48.54 11.07 42.92
N GLU M 115 47.32 10.91 42.43
CA GLU M 115 46.81 11.75 41.36
C GLU M 115 46.55 13.13 41.95
N THR M 116 46.45 14.15 41.10
CA THR M 116 46.27 15.52 41.57
C THR M 116 44.97 15.70 42.34
N PRO M 117 45.08 16.10 43.62
CA PRO M 117 43.94 16.34 44.52
C PRO M 117 42.98 17.40 44.01
N PRO M 118 41.69 17.05 43.86
CA PRO M 118 40.63 17.93 43.34
C PRO M 118 40.68 19.35 43.89
N PHE M 119 40.61 19.48 45.20
CA PHE M 119 40.78 20.78 45.86
C PHE M 119 42.13 20.78 46.59
N PRO M 120 42.77 21.95 46.73
CA PRO M 120 44.06 22.04 47.44
C PRO M 120 43.91 21.92 48.94
N LEU M 121 44.92 21.45 49.66
CA LEU M 121 44.79 21.44 51.11
C LEU M 121 45.42 22.67 51.74
N ASP M 122 45.66 23.69 50.95
CA ASP M 122 46.32 24.88 51.47
C ASP M 122 45.32 25.68 52.29
N GLU M 123 45.80 26.52 53.19
CA GLU M 123 44.93 27.37 53.99
C GLU M 123 44.33 28.48 53.13
N TYR M 124 43.07 28.81 53.36
CA TYR M 124 42.41 29.93 52.66
C TYR M 124 42.44 29.89 51.13
N SER M 125 42.29 28.70 50.55
CA SER M 125 41.96 28.61 49.14
C SER M 125 40.47 28.32 48.94
N ASP M 126 39.78 29.33 48.41
CA ASP M 126 38.31 29.37 48.38
C ASP M 126 37.62 28.48 47.34
N VAL M 127 37.90 27.19 47.39
CA VAL M 127 37.05 26.19 46.76
C VAL M 127 35.72 26.11 47.52
N GLY M 128 34.62 25.91 46.79
CA GLY M 128 33.30 25.98 47.40
C GLY M 128 32.69 24.67 47.87
N GLU M 129 31.70 24.80 48.74
CA GLU M 129 31.22 23.71 49.60
C GLU M 129 30.72 22.43 48.93
N GLU M 130 30.07 22.53 47.77
CA GLU M 130 29.58 21.33 47.09
C GLU M 130 30.76 20.43 46.71
N THR M 131 31.83 21.08 46.25
CA THR M 131 33.06 20.41 45.86
C THR M 131 33.79 19.89 47.10
N ARG M 132 33.66 20.63 48.20
CA ARG M 132 34.28 20.27 49.46
C ARG M 132 33.63 19.02 50.05
N LEU M 133 32.34 18.86 49.77
CA LEU M 133 31.54 17.71 50.22
C LEU M 133 31.73 16.49 49.32
N ARG M 134 31.86 16.72 48.02
CA ARG M 134 32.09 15.63 47.07
C ARG M 134 33.38 14.86 47.28
N TYR M 135 34.42 15.54 47.75
CA TYR M 135 35.69 14.87 48.04
C TYR M 135 36.09 14.97 49.51
N ARG M 136 35.17 14.61 50.39
CA ARG M 136 35.38 14.71 51.83
C ARG M 136 36.56 13.89 52.35
N PHE M 137 36.95 12.86 51.61
CA PHE M 137 38.05 12.00 52.05
C PHE M 137 39.41 12.68 51.90
N ILE M 138 39.49 13.71 51.08
CA ILE M 138 40.72 14.50 50.99
C ILE M 138 40.54 15.85 51.66
N ASP M 139 39.29 16.21 51.96
CA ASP M 139 38.99 17.44 52.67
C ASP M 139 39.37 17.32 54.15
N LEU M 140 39.19 16.13 54.71
CA LEU M 140 39.51 15.88 56.12
C LEU M 140 41.00 15.69 56.34
N ARG M 141 41.77 15.72 55.26
CA ARG M 141 43.22 15.69 55.35
C ARG M 141 43.75 17.03 55.86
N ARG M 142 43.03 18.10 55.52
CA ARG M 142 43.35 19.46 55.98
C ARG M 142 43.41 19.52 57.51
N PRO M 143 44.54 20.00 58.05
CA PRO M 143 44.84 20.01 59.49
C PRO M 143 43.78 20.67 60.37
N GLU M 144 43.02 21.64 59.86
CA GLU M 144 42.01 22.29 60.69
C GLU M 144 40.84 21.35 60.99
N MET M 145 40.30 20.73 59.96
CA MET M 145 39.24 19.73 60.10
C MET M 145 39.69 18.59 61.00
N ALA M 146 40.91 18.10 60.74
CA ALA M 146 41.47 17.01 61.52
C ALA M 146 41.58 17.41 62.99
N ALA M 147 41.97 18.65 63.24
CA ALA M 147 42.06 19.16 64.60
C ALA M 147 40.69 19.18 65.25
N LYS M 148 39.67 19.54 64.48
CA LYS M 148 38.29 19.55 64.98
C LYS M 148 37.81 18.15 65.38
N LEU M 149 38.02 17.18 64.49
CA LEU M 149 37.59 15.81 64.75
C LEU M 149 38.35 15.17 65.91
N LYS M 150 39.67 15.38 65.93
CA LYS M 150 40.51 14.91 67.03
C LYS M 150 40.05 15.54 68.34
N LEU M 151 39.62 16.79 68.26
CA LEU M 151 39.09 17.48 69.43
C LEU M 151 37.82 16.77 69.87
N ARG M 152 36.94 16.43 68.92
CA ARG M 152 35.72 15.69 69.24
C ARG M 152 36.02 14.40 69.97
N ALA M 153 36.99 13.65 69.45
CA ALA M 153 37.39 12.39 70.06
C ALA M 153 37.87 12.62 71.50
N ARG M 154 38.65 13.68 71.69
CA ARG M 154 39.14 14.03 73.03
C ARG M 154 37.99 14.37 73.98
N ILE M 155 36.98 15.06 73.44
CA ILE M 155 35.80 15.45 74.20
C ILE M 155 35.00 14.24 74.66
N THR M 156 34.62 13.38 73.72
CA THR M 156 33.88 12.18 74.05
C THR M 156 34.69 11.30 75.01
N SER M 157 36.01 11.30 74.82
CA SER M 157 36.91 10.59 75.74
C SER M 157 36.77 11.09 77.16
N SER M 158 36.88 12.41 77.33
CA SER M 158 36.78 13.03 78.65
C SER M 158 35.44 12.79 79.32
N ILE M 159 34.37 12.94 78.54
CA ILE M 159 33.02 12.75 79.05
C ILE M 159 32.79 11.31 79.49
N ARG M 160 33.19 10.36 78.63
CA ARG M 160 33.09 8.95 78.95
C ARG M 160 33.88 8.61 80.21
N ARG M 161 35.06 9.19 80.33
CA ARG M 161 35.89 8.97 81.52
C ARG M 161 35.20 9.46 82.78
N TYR M 162 34.68 10.68 82.73
CA TYR M 162 33.96 11.24 83.88
C TYR M 162 32.78 10.37 84.28
N LEU M 163 31.87 10.14 83.34
CA LEU M 163 30.67 9.37 83.63
C LEU M 163 30.98 7.95 84.10
N ASP M 164 32.03 7.34 83.56
CA ASP M 164 32.45 6.02 84.03
C ASP M 164 32.94 6.07 85.47
N ASP M 165 33.77 7.07 85.77
CA ASP M 165 34.36 7.21 87.10
C ASP M 165 33.33 7.51 88.20
N ASN M 166 32.14 7.97 87.80
CA ASN M 166 31.11 8.33 88.76
C ASN M 166 29.98 7.30 88.83
N GLY M 167 30.28 6.08 88.43
CA GLY M 167 29.38 4.96 88.58
C GLY M 167 28.19 4.92 87.63
N PHE M 168 28.40 5.44 86.42
CA PHE M 168 27.37 5.33 85.38
C PHE M 168 27.67 4.14 84.48
N LEU M 169 26.64 3.55 83.90
CA LEU M 169 26.80 2.35 83.10
C LEU M 169 26.59 2.66 81.61
N ASP M 170 27.62 2.41 80.81
CA ASP M 170 27.53 2.59 79.37
C ASP M 170 26.69 1.46 78.77
N VAL M 171 25.40 1.70 78.60
CA VAL M 171 24.50 0.68 78.09
C VAL M 171 23.92 1.06 76.73
N GLU M 172 23.88 0.09 75.83
CA GLU M 172 23.39 0.31 74.48
C GLU M 172 21.92 -0.05 74.34
N THR M 173 21.15 0.83 73.71
CA THR M 173 19.74 0.60 73.44
C THR M 173 19.54 0.33 71.95
N PRO M 174 18.56 -0.52 71.60
CA PRO M 174 18.32 -0.88 70.21
C PRO M 174 17.88 0.31 69.37
N ILE M 175 18.26 0.31 68.10
CA ILE M 175 17.84 1.35 67.17
C ILE M 175 16.50 1.04 66.48
N LEU M 176 16.37 -0.17 65.97
CA LEU M 176 15.13 -0.59 65.33
C LEU M 176 13.97 -0.79 66.30
N GLY M 177 13.08 0.21 66.41
CA GLY M 177 11.99 0.08 67.36
C GLY M 177 10.62 0.22 66.74
N ARG M 178 9.60 0.33 67.58
CA ARG M 178 8.21 0.40 67.13
C ARG M 178 7.77 1.86 66.86
N PRO M 179 7.14 2.11 65.71
CA PRO M 179 6.58 3.42 65.31
C PRO M 179 5.37 3.91 66.12
N THR M 180 5.27 5.23 66.31
CA THR M 180 4.20 5.90 67.06
C THR M 180 4.19 7.38 66.67
N PRO M 181 2.99 7.98 66.56
CA PRO M 181 2.82 9.42 66.30
C PRO M 181 3.11 10.40 67.45
N GLU M 182 2.55 11.60 67.28
CA GLU M 182 2.59 12.74 68.21
C GLU M 182 3.91 13.51 68.32
N GLY M 183 4.99 12.84 68.69
CA GLY M 183 6.26 13.52 68.87
C GLY M 183 6.95 14.04 67.62
N ALA M 184 7.30 13.15 66.70
CA ALA M 184 7.86 13.58 65.42
C ALA M 184 7.82 12.47 64.39
N ARG M 185 8.08 12.82 63.14
CA ARG M 185 8.06 11.84 62.07
C ARG M 185 9.21 10.84 62.26
N ASP M 186 8.86 9.55 62.32
CA ASP M 186 9.87 8.51 62.53
C ASP M 186 10.40 8.03 61.18
N TYR M 187 11.71 7.85 61.08
CA TYR M 187 12.24 7.17 59.91
C TYR M 187 11.87 5.70 59.99
N LEU M 188 11.29 5.18 58.91
CA LEU M 188 10.79 3.81 58.91
C LEU M 188 11.71 2.83 58.17
N VAL M 189 11.69 1.58 58.61
CA VAL M 189 12.50 0.54 57.98
C VAL M 189 11.63 -0.70 57.74
N PRO M 190 11.29 -0.95 56.47
CA PRO M 190 10.43 -2.09 56.09
C PRO M 190 10.98 -3.44 56.55
N SER M 191 10.10 -4.26 57.12
CA SER M 191 10.48 -5.56 57.65
C SER M 191 10.28 -6.69 56.64
N ARG M 192 11.34 -7.44 56.37
CA ARG M 192 11.27 -8.55 55.43
C ARG M 192 10.42 -9.70 55.98
N THR M 193 10.48 -9.89 57.29
CA THR M 193 9.82 -11.02 57.94
C THR M 193 8.37 -10.72 58.35
N TYR M 194 8.06 -9.46 58.62
CA TYR M 194 6.70 -9.06 58.97
C TYR M 194 6.14 -8.09 57.94
N PRO M 195 5.56 -8.62 56.86
CA PRO M 195 5.04 -7.81 55.75
C PRO M 195 3.94 -6.85 56.20
N GLY M 196 4.07 -5.59 55.79
CA GLY M 196 3.10 -4.58 56.16
C GLY M 196 3.46 -3.85 57.44
N HIS M 197 4.53 -4.31 58.08
CA HIS M 197 4.99 -3.70 59.33
C HIS M 197 6.35 -3.02 59.14
N PHE M 198 6.65 -2.07 60.03
CA PHE M 198 7.86 -1.27 59.92
C PHE M 198 8.58 -1.13 61.26
N PHE M 199 9.90 -0.98 61.19
CA PHE M 199 10.69 -0.55 62.33
C PHE M 199 10.80 0.97 62.29
N ALA M 200 11.24 1.57 63.39
CA ALA M 200 11.41 3.01 63.43
C ALA M 200 12.66 3.43 64.20
N LEU M 201 13.42 4.35 63.61
CA LEU M 201 14.61 4.89 64.24
C LEU M 201 14.23 5.81 65.39
N PRO M 202 14.93 5.70 66.52
CA PRO M 202 14.53 6.44 67.72
C PRO M 202 14.89 7.90 67.63
N GLN M 203 14.07 8.76 68.21
CA GLN M 203 14.38 10.19 68.29
C GLN M 203 15.27 10.48 69.47
N SER M 204 15.23 9.60 70.47
CA SER M 204 15.99 9.73 71.69
C SER M 204 15.80 8.45 72.50
N PRO M 205 16.82 8.05 73.28
CA PRO M 205 16.62 6.84 74.09
C PRO M 205 15.76 7.06 75.33
N GLN M 206 14.74 7.92 75.24
CA GLN M 206 13.95 8.33 76.40
C GLN M 206 13.31 7.11 77.09
N LEU M 207 12.41 6.46 76.36
CA LEU M 207 11.69 5.30 76.86
C LEU M 207 12.65 4.20 77.33
N PHE M 208 13.69 3.94 76.56
CA PHE M 208 14.67 2.92 76.92
C PHE M 208 15.39 3.24 78.22
N LYS M 209 15.75 4.52 78.42
CA LYS M 209 16.45 4.93 79.64
C LYS M 209 15.51 4.81 80.83
N GLN M 210 14.23 5.14 80.63
CA GLN M 210 13.26 4.99 81.71
C GLN M 210 13.11 3.51 82.08
N LEU M 211 13.05 2.65 81.07
CA LEU M 211 12.98 1.20 81.32
C LEU M 211 14.23 0.73 82.06
N LEU M 212 15.38 1.31 81.73
CA LEU M 212 16.63 1.00 82.42
C LEU M 212 16.62 1.45 83.86
N MET M 213 15.83 2.49 84.16
CA MET M 213 15.64 2.89 85.55
C MET M 213 14.75 1.90 86.26
N VAL M 214 13.69 1.49 85.56
CA VAL M 214 12.80 0.44 86.06
C VAL M 214 13.57 -0.88 86.25
N ALA M 215 14.57 -1.10 85.41
CA ALA M 215 15.34 -2.35 85.43
C ALA M 215 16.33 -2.45 86.59
N GLY M 216 16.44 -1.40 87.39
CA GLY M 216 17.26 -1.46 88.58
C GLY M 216 18.63 -0.83 88.46
N PHE M 217 19.05 -0.56 87.23
CA PHE M 217 20.31 0.15 86.98
C PHE M 217 20.23 1.57 87.56
N ASP M 218 21.04 1.82 88.58
CA ASP M 218 20.96 3.06 89.33
C ASP M 218 21.31 4.29 88.50
N ARG M 219 22.37 4.18 87.69
CA ARG M 219 22.82 5.32 86.91
C ARG M 219 23.17 4.89 85.48
N TYR M 220 22.53 5.52 84.51
CA TYR M 220 22.76 5.17 83.10
C TYR M 220 23.23 6.35 82.26
N TYR M 221 24.13 6.08 81.33
CA TYR M 221 24.54 7.05 80.33
C TYR M 221 24.80 6.34 79.00
N GLN M 222 24.66 7.07 77.91
CA GLN M 222 24.90 6.50 76.58
C GLN M 222 25.13 7.59 75.54
N ILE M 223 26.14 7.41 74.69
CA ILE M 223 26.35 8.31 73.56
C ILE M 223 25.67 7.72 72.32
N ALA M 224 24.41 8.08 72.12
CA ALA M 224 23.53 7.38 71.18
C ALA M 224 23.23 8.16 69.90
N LYS M 225 23.01 7.43 68.81
CA LYS M 225 22.59 8.00 67.53
C LYS M 225 21.10 8.30 67.49
N CYS M 226 20.74 9.50 67.02
CA CYS M 226 19.34 9.91 66.95
C CYS M 226 18.95 10.42 65.55
N PHE M 227 17.69 10.21 65.20
CA PHE M 227 17.21 10.45 63.84
C PHE M 227 15.86 11.18 63.80
N ARG M 228 15.79 12.34 63.15
CA ARG M 228 14.50 13.02 63.00
C ARG M 228 14.13 13.37 61.56
N ASP M 229 12.95 12.91 61.15
CA ASP M 229 12.42 13.10 59.80
C ASP M 229 11.65 14.42 59.66
N GLU M 230 12.17 15.49 60.24
CA GLU M 230 11.56 16.80 60.13
C GLU M 230 12.36 17.54 59.06
N ASP M 231 11.85 18.65 58.52
CA ASP M 231 12.65 19.32 57.51
C ASP M 231 13.89 19.92 58.14
N LEU M 232 14.85 20.22 57.28
CA LEU M 232 16.17 20.63 57.70
C LEU M 232 16.44 22.14 57.68
N ARG M 233 17.57 22.52 58.29
CA ARG M 233 18.07 23.88 58.17
C ARG M 233 19.61 23.88 58.25
N ALA M 234 20.20 25.06 58.27
CA ALA M 234 21.65 25.26 58.27
C ALA M 234 22.43 24.65 59.44
N ASP M 235 21.82 24.59 60.61
CA ASP M 235 22.48 24.08 61.82
C ASP M 235 21.79 22.84 62.38
N ARG M 236 21.05 22.17 61.51
CA ARG M 236 20.26 20.98 61.85
C ARG M 236 20.52 19.87 60.84
N GLN M 237 20.77 18.66 61.33
CA GLN M 237 21.02 17.51 60.45
C GLN M 237 20.12 16.33 60.83
N PRO M 238 19.86 15.42 59.87
CA PRO M 238 19.00 14.26 60.10
C PRO M 238 19.57 13.18 61.01
N GLU M 239 20.89 12.99 60.98
CA GLU M 239 21.50 12.00 61.86
C GLU M 239 22.42 12.72 62.82
N PHE M 240 22.06 12.72 64.09
CA PHE M 240 22.82 13.48 65.09
C PHE M 240 23.07 12.67 66.36
N THR M 241 24.25 12.84 66.91
CA THR M 241 24.65 12.13 68.12
C THR M 241 24.35 12.89 69.41
N GLN M 242 23.79 12.19 70.39
CA GLN M 242 23.32 12.80 71.63
C GLN M 242 23.84 12.07 72.85
N ILE M 243 24.20 12.84 73.88
CA ILE M 243 24.65 12.27 75.14
C ILE M 243 23.49 12.14 76.11
N ASP M 244 22.94 10.94 76.19
CA ASP M 244 21.78 10.63 77.02
C ASP M 244 22.24 10.29 78.43
N ILE M 245 21.53 10.82 79.43
CA ILE M 245 21.84 10.54 80.82
C ILE M 245 20.57 10.42 81.65
N GLU M 246 20.49 9.37 82.46
CA GLU M 246 19.35 9.17 83.35
C GLU M 246 19.77 8.55 84.68
N THR M 247 19.21 9.04 85.78
CA THR M 247 19.60 8.54 87.10
C THR M 247 18.39 8.22 87.97
N SER M 248 18.61 7.37 88.97
CA SER M 248 17.58 7.02 89.94
C SER M 248 17.91 7.54 91.33
N PHE M 249 16.87 7.78 92.13
CA PHE M 249 17.02 8.22 93.52
C PHE M 249 17.84 9.50 93.65
N LEU M 250 17.59 10.45 92.75
CA LEU M 250 18.25 11.74 92.78
C LEU M 250 17.27 12.87 92.47
N ASP M 251 17.43 13.99 93.15
CA ASP M 251 16.61 15.16 92.87
C ASP M 251 17.30 16.04 91.82
N GLU M 252 16.68 17.16 91.50
CA GLU M 252 17.19 18.05 90.45
C GLU M 252 18.56 18.66 90.79
N SER M 253 18.80 18.93 92.07
CA SER M 253 20.05 19.53 92.52
C SER M 253 21.23 18.60 92.27
N ASP M 254 21.06 17.32 92.57
CA ASP M 254 22.11 16.34 92.35
C ASP M 254 22.43 16.19 90.86
N ILE M 255 21.40 16.12 90.04
CA ILE M 255 21.61 15.92 88.61
C ILE M 255 22.32 17.11 88.00
N ILE M 256 21.81 18.32 88.26
CA ILE M 256 22.47 19.52 87.76
C ILE M 256 23.90 19.63 88.32
N GLY M 257 24.10 19.16 89.55
CA GLY M 257 25.44 19.13 90.14
C GLY M 257 26.42 18.27 89.37
N ILE M 258 26.06 17.01 89.14
CA ILE M 258 26.92 16.07 88.42
C ILE M 258 27.18 16.59 87.02
N THR M 259 26.12 16.98 86.33
CA THR M 259 26.26 17.44 84.94
C THR M 259 27.11 18.71 84.82
N GLU M 260 26.90 19.67 85.72
CA GLU M 260 27.70 20.89 85.74
C GLU M 260 29.17 20.56 85.98
N LYS M 261 29.41 19.68 86.95
CA LYS M 261 30.76 19.24 87.29
C LYS M 261 31.42 18.62 86.06
N MET M 262 30.64 17.82 85.34
CA MET M 262 31.09 17.21 84.10
C MET M 262 31.52 18.27 83.11
N VAL M 263 30.66 19.25 82.85
CA VAL M 263 30.98 20.29 81.89
C VAL M 263 32.27 21.05 82.26
N ARG M 264 32.41 21.40 83.55
CA ARG M 264 33.63 22.07 84.01
C ARG M 264 34.87 21.23 83.78
N GLN M 265 34.82 19.98 84.25
CA GLN M 265 35.94 19.04 84.11
C GLN M 265 36.31 18.85 82.65
N LEU M 266 35.30 18.79 81.79
CA LEU M 266 35.49 18.63 80.35
C LEU M 266 36.21 19.85 79.77
N PHE M 267 35.71 21.04 80.10
CA PHE M 267 36.30 22.29 79.62
C PHE M 267 37.73 22.48 80.13
N LYS M 268 38.06 21.89 81.27
CA LYS M 268 39.43 21.99 81.80
C LYS M 268 40.35 20.92 81.22
N GLU M 269 39.78 19.77 80.92
CA GLU M 269 40.53 18.69 80.30
C GLU M 269 40.94 19.05 78.86
N VAL M 270 40.02 19.67 78.14
CA VAL M 270 40.23 19.94 76.71
C VAL M 270 40.78 21.33 76.39
N LEU M 271 39.98 22.36 76.60
CA LEU M 271 40.37 23.73 76.23
C LEU M 271 41.16 24.44 77.32
N ASP M 272 41.19 23.85 78.51
CA ASP M 272 41.83 24.41 79.70
C ASP M 272 41.32 25.81 80.05
N VAL M 273 40.03 25.90 80.32
CA VAL M 273 39.39 27.12 80.80
C VAL M 273 38.63 26.73 82.06
N GLU M 274 38.30 27.68 82.93
CA GLU M 274 37.53 27.30 84.12
C GLU M 274 36.25 28.10 84.29
N PHE M 275 35.23 27.50 84.91
CA PHE M 275 33.91 28.10 84.81
C PHE M 275 33.35 28.63 86.13
N ASP M 276 34.14 28.62 87.20
CA ASP M 276 33.61 29.00 88.51
C ASP M 276 32.38 28.16 88.87
N GLU M 277 31.25 28.86 88.97
CA GLU M 277 29.95 28.25 89.23
C GLU M 277 28.94 28.72 88.17
N PHE M 278 27.94 27.88 87.91
CA PHE M 278 26.87 28.14 86.96
C PHE M 278 25.68 28.81 87.65
N PRO M 279 25.40 30.07 87.29
CA PRO M 279 24.21 30.70 87.89
C PRO M 279 22.94 30.02 87.40
N HIS M 280 22.03 29.76 88.34
CA HIS M 280 20.72 29.22 88.04
C HIS M 280 19.67 30.32 87.89
N MET M 281 19.19 30.50 86.66
CA MET M 281 18.19 31.53 86.40
C MET M 281 16.85 30.93 86.03
N PRO M 282 15.78 31.36 86.73
CA PRO M 282 14.42 30.89 86.42
C PRO M 282 13.95 31.36 85.04
N PHE M 283 13.07 30.57 84.41
CA PHE M 283 12.51 30.91 83.11
C PHE M 283 11.79 32.25 83.08
N GLU M 284 10.99 32.50 84.09
CA GLU M 284 10.20 33.73 84.19
C GLU M 284 11.11 34.96 84.21
N GLU M 285 12.17 34.87 85.00
CA GLU M 285 13.15 35.92 85.16
C GLU M 285 13.93 36.13 83.85
N ALA M 286 14.36 35.02 83.26
CA ALA M 286 15.09 35.01 81.99
C ALA M 286 14.29 35.71 80.92
N MET M 287 12.99 35.42 80.89
CA MET M 287 12.06 36.04 79.96
C MET M 287 11.88 37.50 80.32
N ARG M 288 11.97 37.82 81.61
CA ARG M 288 11.75 39.19 82.06
C ARG M 288 12.86 40.11 81.58
N ARG M 289 14.12 39.75 81.78
CA ARG M 289 15.18 40.72 81.46
C ARG M 289 16.02 40.32 80.25
N TYR M 290 15.58 39.32 79.48
CA TYR M 290 16.30 38.95 78.27
C TYR M 290 15.34 38.53 77.14
N GLY M 291 14.11 38.20 77.50
CA GLY M 291 13.14 37.78 76.50
C GLY M 291 13.48 36.49 75.77
N SER M 292 14.20 35.59 76.43
CA SER M 292 14.60 34.33 75.81
C SER M 292 14.80 33.22 76.83
N ASP M 293 14.44 32.00 76.44
CA ASP M 293 14.65 30.83 77.28
C ASP M 293 16.09 30.33 77.22
N LYS M 294 16.87 30.92 76.32
CA LYS M 294 18.30 30.62 76.21
C LYS M 294 19.15 31.89 76.13
N PRO M 295 19.30 32.59 77.27
CA PRO M 295 20.00 33.88 77.37
C PRO M 295 21.47 33.82 76.99
N ASP M 296 21.94 34.86 76.30
CA ASP M 296 23.36 35.01 75.99
C ASP M 296 24.04 35.90 77.03
N LEU M 297 24.64 35.28 78.04
CA LEU M 297 25.22 36.00 79.18
C LEU M 297 26.55 36.67 78.87
N ARG M 298 26.89 36.78 77.59
CA ARG M 298 28.08 37.52 77.19
C ARG M 298 27.70 38.98 77.01
N ILE M 299 26.48 39.19 76.54
CA ILE M 299 25.92 40.53 76.38
C ILE M 299 25.27 41.04 77.66
N PRO M 300 25.86 42.09 78.26
CA PRO M 300 25.43 42.68 79.54
C PRO M 300 24.09 43.41 79.44
N LEU M 301 23.69 43.74 78.22
CA LEU M 301 22.41 44.40 77.96
C LEU M 301 21.20 43.64 78.49
N GLU M 302 20.30 44.36 79.15
CA GLU M 302 19.18 43.75 79.86
C GLU M 302 17.88 44.52 79.60
N LEU M 303 16.80 43.77 79.45
CA LEU M 303 15.46 44.35 79.27
C LEU M 303 14.81 44.80 80.57
N VAL M 304 14.32 46.03 80.61
CA VAL M 304 13.66 46.54 81.81
C VAL M 304 12.22 47.00 81.57
N ASP M 305 11.29 46.35 82.29
CA ASP M 305 9.86 46.67 82.25
C ASP M 305 9.56 48.05 82.84
N VAL M 306 8.63 48.77 82.22
CA VAL M 306 8.38 50.18 82.53
C VAL M 306 6.92 50.50 82.25
N ALA M 307 6.17 49.47 81.94
CA ALA M 307 4.75 49.58 81.59
C ALA M 307 3.85 50.09 82.73
N ASP M 308 4.31 49.95 83.97
CA ASP M 308 3.51 50.34 85.13
C ASP M 308 3.19 51.83 85.26
N GLN M 309 4.05 52.69 84.73
CA GLN M 309 3.85 54.13 84.88
C GLN M 309 3.14 54.71 83.67
N LEU M 310 2.79 53.84 82.72
CA LEU M 310 2.23 54.28 81.45
C LEU M 310 0.85 53.65 81.19
N LYS M 311 0.08 53.43 82.25
CA LYS M 311 -1.24 52.81 82.14
C LYS M 311 -2.41 53.65 81.63
N GLU M 312 -2.26 54.96 81.52
CA GLU M 312 -3.34 55.78 80.96
C GLU M 312 -2.83 57.00 80.20
N VAL M 313 -2.27 56.76 79.02
CA VAL M 313 -1.75 57.81 78.15
C VAL M 313 -2.37 57.76 76.75
N GLU M 314 -2.51 58.92 76.12
CA GLU M 314 -3.19 59.07 74.83
C GLU M 314 -2.55 58.30 73.66
N PHE M 315 -1.22 58.21 73.62
CA PHE M 315 -0.58 57.49 72.51
C PHE M 315 -0.94 56.01 72.68
N LYS M 316 -1.36 55.39 71.57
CA LYS M 316 -2.04 54.11 71.58
C LYS M 316 -1.18 52.88 71.34
N VAL M 317 0.03 53.04 70.82
CA VAL M 317 0.82 51.83 70.57
C VAL M 317 1.43 51.45 71.92
N PHE M 318 1.50 52.42 72.83
CA PHE M 318 1.91 52.12 74.21
C PHE M 318 0.70 51.71 75.05
N SER M 319 -0.30 52.60 75.10
CA SER M 319 -1.51 52.40 75.90
C SER M 319 -2.31 51.16 75.54
N GLY M 320 -2.26 50.79 74.27
CA GLY M 320 -2.94 49.60 73.77
C GLY M 320 -2.61 48.39 74.61
N PRO M 321 -1.35 47.93 74.51
CA PRO M 321 -0.85 46.82 75.31
C PRO M 321 -0.69 47.13 76.81
N ALA M 322 -0.62 48.42 77.18
CA ALA M 322 -0.49 48.75 78.59
C ALA M 322 -1.71 48.47 79.48
N ASN M 323 -2.93 48.58 78.97
CA ASN M 323 -4.07 48.23 79.81
C ASN M 323 -4.57 46.80 79.59
N ASP M 324 -4.08 46.17 78.51
CA ASP M 324 -4.39 44.78 78.23
C ASP M 324 -3.39 43.88 78.99
N PRO M 325 -3.93 43.00 79.84
CA PRO M 325 -3.08 42.10 80.64
C PRO M 325 -2.31 41.17 79.71
N LYS M 326 -2.87 40.87 78.55
CA LYS M 326 -2.27 39.93 77.62
C LYS M 326 -1.10 40.52 76.80
N GLY M 327 -0.16 41.16 77.49
CA GLY M 327 1.00 41.78 76.86
C GLY M 327 1.73 42.79 77.73
N ARG M 328 2.86 43.31 77.25
CA ARG M 328 3.62 44.31 77.99
C ARG M 328 4.37 45.36 77.14
N VAL M 329 4.99 46.32 77.83
CA VAL M 329 5.77 47.39 77.21
C VAL M 329 7.13 47.46 77.94
N ALA M 330 8.15 46.87 77.31
CA ALA M 330 9.51 46.83 77.87
C ALA M 330 10.48 47.78 77.17
N ALA M 331 11.43 48.31 77.95
CA ALA M 331 12.47 49.21 77.44
C ALA M 331 13.86 48.56 77.42
N LEU M 332 14.73 49.02 76.53
CA LEU M 332 16.08 48.48 76.37
C LEU M 332 17.15 49.57 76.20
N ARG M 333 17.99 49.73 77.23
CA ARG M 333 19.08 50.71 77.19
C ARG M 333 20.35 50.19 76.53
N VAL M 334 20.77 50.85 75.45
CA VAL M 334 22.07 50.60 74.84
C VAL M 334 23.05 51.76 75.06
N PRO M 335 24.15 51.49 75.77
CA PRO M 335 25.12 52.48 76.27
C PRO M 335 26.05 53.05 75.20
N GLY M 336 26.34 54.34 75.28
CA GLY M 336 27.23 55.01 74.34
C GLY M 336 26.80 55.02 72.89
N ALA M 337 25.55 54.66 72.64
CA ALA M 337 25.05 54.47 71.29
C ALA M 337 24.18 55.62 70.82
N ALA M 338 24.27 56.77 71.48
CA ALA M 338 23.55 57.96 71.03
C ALA M 338 24.08 58.55 69.72
N SER M 339 25.33 58.26 69.37
CA SER M 339 25.87 58.78 68.12
C SER M 339 25.33 58.07 66.89
N MET M 340 24.45 57.09 67.11
CA MET M 340 23.90 56.30 66.02
C MET M 340 23.04 57.09 65.02
N PRO M 341 23.32 56.92 63.73
CA PRO M 341 22.55 57.49 62.62
C PRO M 341 21.17 56.87 62.45
N ARG M 342 20.21 57.68 62.00
CA ARG M 342 18.83 57.25 61.77
C ARG M 342 18.69 56.04 60.84
N SER M 343 19.66 55.86 59.95
CA SER M 343 19.71 54.71 59.05
C SER M 343 19.72 53.38 59.82
N GLN M 344 20.64 53.25 60.76
CA GLN M 344 20.80 52.03 61.55
C GLN M 344 19.52 51.80 62.34
N ILE M 345 18.96 52.88 62.86
CA ILE M 345 17.69 52.85 63.56
C ILE M 345 16.61 52.25 62.66
N ASP M 346 16.56 52.69 61.41
CA ASP M 346 15.56 52.16 60.47
C ASP M 346 15.77 50.67 60.20
N ASP M 347 17.03 50.28 60.05
CA ASP M 347 17.39 48.87 59.88
C ASP M 347 16.88 48.03 61.06
N TYR M 348 17.03 48.57 62.26
CA TYR M 348 16.61 47.89 63.47
C TYR M 348 15.09 47.83 63.58
N THR M 349 14.42 48.90 63.17
CA THR M 349 12.96 48.94 63.18
C THR M 349 12.42 47.87 62.23
N LYS M 350 13.01 47.76 61.05
CA LYS M 350 12.60 46.72 60.12
C LYS M 350 12.93 45.33 60.68
N PHE M 351 14.02 45.25 61.44
CA PHE M 351 14.41 43.96 62.02
C PHE M 351 13.41 43.50 63.06
N VAL M 352 13.04 44.36 63.99
CA VAL M 352 12.02 43.99 64.98
C VAL M 352 10.69 43.87 64.25
N GLY M 353 10.66 44.46 63.06
CA GLY M 353 9.54 44.39 62.16
C GLY M 353 9.30 42.96 61.72
N ILE M 354 10.39 42.21 61.56
CA ILE M 354 10.28 40.85 61.06
C ILE M 354 9.69 39.91 62.12
N TYR M 355 9.58 40.38 63.37
CA TYR M 355 9.00 39.54 64.41
C TYR M 355 7.60 40.02 64.80
N GLY M 356 7.07 40.95 64.00
CA GLY M 356 5.69 41.36 64.16
C GLY M 356 5.42 42.68 64.86
N ALA M 357 6.47 43.36 65.32
CA ALA M 357 6.28 44.62 66.03
C ALA M 357 5.89 45.75 65.09
N LYS M 358 4.81 46.44 65.41
CA LYS M 358 4.35 47.56 64.59
C LYS M 358 5.38 48.69 64.53
N GLY M 359 6.13 48.86 65.61
CA GLY M 359 7.16 49.88 65.65
C GLY M 359 8.15 49.77 66.78
N LEU M 360 9.38 50.24 66.54
CA LEU M 360 10.41 50.28 67.56
C LEU M 360 10.62 51.72 68.01
N ALA M 361 9.93 52.11 69.08
CA ALA M 361 10.04 53.47 69.61
C ALA M 361 11.40 53.74 70.25
N TYR M 362 11.86 54.98 70.27
CA TYR M 362 13.15 55.24 70.91
C TYR M 362 13.23 56.62 71.56
N ILE M 363 14.17 56.75 72.50
CA ILE M 363 14.50 58.02 73.13
C ILE M 363 16.02 58.27 73.30
N LYS M 364 16.55 59.34 72.71
CA LYS M 364 17.95 59.66 72.95
C LYS M 364 18.08 60.57 74.18
N VAL M 365 18.71 60.06 75.24
CA VAL M 365 18.88 60.82 76.48
C VAL M 365 20.25 61.52 76.51
N ASN M 366 20.24 62.85 76.47
CA ASN M 366 21.50 63.60 76.45
C ASN M 366 21.78 64.39 77.72
N GLU M 367 20.82 65.20 78.15
CA GLU M 367 20.96 65.93 79.41
C GLU M 367 19.71 65.76 80.28
N ARG M 368 19.79 64.86 81.26
CA ARG M 368 18.65 64.57 82.11
C ARG M 368 18.32 65.76 83.02
N ALA M 369 19.29 66.62 83.27
CA ALA M 369 19.08 67.73 84.18
C ALA M 369 18.42 68.93 83.51
N LYS M 370 18.36 68.95 82.18
CA LYS M 370 17.76 70.10 81.51
C LYS M 370 16.28 69.90 81.19
N GLY M 371 15.71 68.78 81.64
CA GLY M 371 14.29 68.55 81.46
C GLY M 371 13.78 68.12 80.10
N VAL M 372 12.67 68.77 79.75
CA VAL M 372 11.92 68.54 78.52
C VAL M 372 12.69 68.82 77.24
N GLU M 373 13.45 69.91 77.24
CA GLU M 373 14.38 70.20 76.14
C GLU M 373 15.67 69.37 76.17
N GLY M 374 15.63 68.19 76.79
CA GLY M 374 16.85 67.45 77.03
C GLY M 374 16.71 66.01 76.58
N LEU M 375 15.50 65.63 76.19
CA LEU M 375 15.20 64.32 75.62
C LEU M 375 14.66 64.35 74.18
N GLN M 376 15.56 64.36 73.20
CA GLN M 376 15.17 64.43 71.78
C GLN M 376 14.53 63.13 71.31
N SER M 377 13.26 63.23 70.92
CA SER M 377 12.48 62.12 70.40
C SER M 377 11.09 62.62 69.97
N PRO M 378 10.50 62.01 68.95
CA PRO M 378 9.14 62.39 68.51
C PRO M 378 8.03 61.88 69.42
N ILE M 379 8.36 60.99 70.36
CA ILE M 379 7.37 60.37 71.23
C ILE M 379 7.21 61.16 72.54
N VAL M 380 8.31 61.78 72.98
CA VAL M 380 8.40 62.50 74.26
C VAL M 380 7.27 63.51 74.55
N LYS M 381 6.59 64.01 73.52
CA LYS M 381 5.53 64.99 73.74
C LYS M 381 4.28 64.38 74.37
N PHE M 382 4.00 63.11 74.10
CA PHE M 382 2.77 62.50 74.57
C PHE M 382 2.96 61.89 75.97
N ILE M 383 4.16 61.96 76.51
CA ILE M 383 4.44 61.37 77.81
C ILE M 383 4.99 62.40 78.82
N PRO M 384 4.35 62.48 80.00
CA PRO M 384 4.68 63.37 81.12
C PRO M 384 6.13 63.28 81.62
N GLU M 385 6.59 64.37 82.24
CA GLU M 385 7.97 64.52 82.69
C GLU M 385 8.33 63.62 83.88
N ALA M 386 7.37 63.44 84.78
CA ALA M 386 7.59 62.67 86.00
C ALA M 386 7.84 61.20 85.66
N ASN M 387 6.92 60.60 84.92
CA ASN M 387 7.04 59.22 84.48
C ASN M 387 8.36 59.02 83.75
N LEU M 388 8.65 59.92 82.81
CA LEU M 388 9.90 59.92 82.07
C LEU M 388 11.11 59.85 83.01
N ASN M 389 11.12 60.73 84.01
CA ASN M 389 12.22 60.84 84.94
C ASN M 389 12.42 59.59 85.80
N VAL M 390 11.31 59.00 86.28
CA VAL M 390 11.42 57.79 87.08
C VAL M 390 11.77 56.58 86.20
N ILE M 391 11.44 56.66 84.91
CA ILE M 391 11.86 55.64 83.95
C ILE M 391 13.37 55.67 83.79
N LEU M 392 13.90 56.86 83.51
CA LEU M 392 15.34 57.04 83.38
C LEU M 392 16.05 56.65 84.67
N ASP M 393 15.41 56.93 85.80
CA ASP M 393 15.94 56.53 87.09
C ASP M 393 16.03 55.00 87.20
N ARG M 394 14.95 54.34 86.80
CA ARG M 394 14.84 52.88 86.90
C ARG M 394 15.78 52.10 85.98
N VAL M 395 15.91 52.52 84.73
CA VAL M 395 16.74 51.79 83.77
C VAL M 395 18.26 51.88 83.97
N GLY M 396 18.72 52.80 84.81
CA GLY M 396 20.14 52.89 85.11
C GLY M 396 20.92 53.72 84.12
N ALA M 397 20.20 54.54 83.37
CA ALA M 397 20.76 55.35 82.29
C ALA M 397 21.47 56.60 82.80
N VAL M 398 22.56 56.96 82.13
CA VAL M 398 23.24 58.22 82.38
C VAL M 398 23.49 58.91 81.04
N ASP M 399 24.34 59.94 81.05
CA ASP M 399 24.68 60.68 79.83
C ASP M 399 25.34 59.81 78.76
N GLY M 400 24.76 59.81 77.56
CA GLY M 400 25.35 59.09 76.44
C GLY M 400 24.65 57.81 75.97
N ASP M 401 23.58 57.42 76.65
CA ASP M 401 22.91 56.15 76.35
C ASP M 401 21.68 56.39 75.49
N ILE M 402 21.18 55.34 74.86
CA ILE M 402 19.89 55.38 74.15
C ILE M 402 18.89 54.39 74.76
N VAL M 403 17.64 54.80 74.94
CA VAL M 403 16.64 53.83 75.41
C VAL M 403 15.57 53.52 74.38
N PHE M 404 15.55 52.26 73.92
CA PHE M 404 14.54 51.79 72.97
C PHE M 404 13.29 51.29 73.69
N PHE M 405 12.17 51.25 72.97
CA PHE M 405 10.90 50.85 73.54
C PHE M 405 10.16 49.89 72.61
N GLY M 406 9.82 48.73 73.19
CA GLY M 406 8.96 47.70 72.62
C GLY M 406 7.62 47.62 73.34
N ALA M 407 6.52 47.95 72.67
CA ALA M 407 5.23 47.94 73.36
C ALA M 407 4.14 47.15 72.63
N ASP M 408 3.92 45.91 73.05
CA ASP M 408 3.00 45.02 72.33
C ASP M 408 2.62 43.78 73.17
N LYS M 409 2.12 42.75 72.50
CA LYS M 409 1.86 41.46 73.17
C LYS M 409 3.16 40.88 73.75
N ALA M 410 3.03 40.15 74.85
CA ALA M 410 4.17 39.62 75.59
C ALA M 410 5.16 38.83 74.73
N LYS M 411 4.63 37.88 73.96
CA LYS M 411 5.47 37.08 73.07
C LYS M 411 6.25 37.99 72.11
N ILE M 412 5.54 38.91 71.48
CA ILE M 412 6.12 39.80 70.48
C ILE M 412 7.23 40.67 71.04
N VAL M 413 6.98 41.35 72.17
CA VAL M 413 8.00 42.19 72.75
C VAL M 413 9.19 41.35 73.25
N CYS M 414 8.91 40.18 73.83
CA CYS M 414 10.00 39.32 74.28
C CYS M 414 10.92 38.85 73.16
N ASP M 415 10.33 38.39 72.06
CA ASP M 415 11.13 37.87 70.94
C ASP M 415 11.84 39.00 70.19
N ALA M 416 11.09 40.06 69.88
CA ALA M 416 11.63 41.18 69.11
C ALA M 416 12.68 41.96 69.88
N LEU M 417 12.41 42.30 71.13
CA LEU M 417 13.41 43.01 71.91
C LEU M 417 14.56 42.08 72.33
N GLY M 418 14.28 40.80 72.52
CA GLY M 418 15.32 39.84 72.85
C GLY M 418 16.33 39.65 71.73
N ALA M 419 15.80 39.65 70.51
CA ALA M 419 16.62 39.50 69.33
C ALA M 419 17.30 40.82 68.97
N LEU M 420 16.58 41.93 69.13
CA LEU M 420 17.19 43.22 68.86
C LEU M 420 18.35 43.34 69.85
N ARG M 421 18.14 42.83 71.06
CA ARG M 421 19.15 42.85 72.12
C ARG M 421 20.41 42.10 71.74
N ILE M 422 20.25 40.85 71.31
CA ILE M 422 21.42 40.05 70.94
C ILE M 422 22.10 40.62 69.69
N LYS M 423 21.29 41.13 68.77
CA LYS M 423 21.78 41.69 67.50
C LYS M 423 22.64 42.91 67.76
N VAL M 424 22.09 43.92 68.43
CA VAL M 424 22.86 45.11 68.73
C VAL M 424 23.97 44.77 69.72
N GLY M 425 23.84 43.64 70.40
CA GLY M 425 24.89 43.16 71.28
C GLY M 425 26.13 42.78 70.48
N HIS M 426 25.95 42.02 69.41
CA HIS M 426 27.09 41.64 68.57
C HIS M 426 27.55 42.76 67.65
N ASP M 427 26.59 43.55 67.18
CA ASP M 427 26.83 44.62 66.21
C ASP M 427 27.66 45.77 66.76
N LEU M 428 27.58 46.00 68.07
CA LEU M 428 28.32 47.09 68.67
C LEU M 428 29.55 46.59 69.44
N LYS M 429 29.81 45.29 69.34
CA LYS M 429 30.91 44.66 70.06
C LYS M 429 30.90 45.04 71.54
N LEU M 430 29.86 44.62 72.25
CA LEU M 430 29.75 45.02 73.65
C LEU M 430 30.12 43.86 74.56
N LEU M 431 29.76 42.65 74.16
CA LEU M 431 30.11 41.48 74.94
C LEU M 431 31.63 41.35 75.00
N THR M 432 32.16 40.81 76.09
CA THR M 432 33.54 40.34 76.08
C THR M 432 33.50 38.92 75.52
N ARG M 433 34.39 38.60 74.58
CA ARG M 433 34.38 37.27 73.99
C ARG M 433 34.98 36.17 74.88
N GLU M 434 34.23 35.85 75.94
CA GLU M 434 34.52 34.73 76.82
C GLU M 434 33.39 33.70 76.84
N TRP M 435 33.70 32.49 77.30
CA TRP M 435 32.71 31.46 77.55
C TRP M 435 31.72 31.92 78.62
N ALA M 436 30.42 31.72 78.40
CA ALA M 436 29.46 32.07 79.45
C ALA M 436 28.37 31.00 79.63
N PRO M 437 28.57 30.08 80.59
CA PRO M 437 27.61 29.00 80.85
C PRO M 437 26.46 29.43 81.76
N MET M 438 25.36 28.68 81.75
CA MET M 438 24.23 28.97 82.62
C MET M 438 23.23 27.82 82.68
N TRP M 439 22.35 27.87 83.67
CA TRP M 439 21.26 26.93 83.79
C TRP M 439 19.94 27.68 83.73
N VAL M 440 19.03 27.23 82.87
CA VAL M 440 17.67 27.76 82.84
C VAL M 440 16.72 26.80 83.53
N VAL M 441 16.07 27.29 84.57
CA VAL M 441 15.22 26.48 85.44
C VAL M 441 13.84 27.12 85.60
N ASP M 442 12.93 26.41 86.25
CA ASP M 442 11.58 26.92 86.54
C ASP M 442 10.74 27.28 85.32
N PHE M 443 10.43 26.31 84.47
CA PHE M 443 9.59 26.57 83.30
C PHE M 443 8.13 26.56 83.74
N PRO M 444 7.24 27.14 82.94
CA PRO M 444 5.81 26.87 83.20
C PRO M 444 5.41 25.46 82.83
N MET M 445 4.34 24.97 83.43
CA MET M 445 3.85 23.64 83.11
C MET M 445 3.11 23.66 81.78
N PHE M 446 2.26 24.67 81.56
CA PHE M 446 1.48 24.69 80.32
C PHE M 446 1.64 25.94 79.46
N GLU M 447 1.09 25.81 78.26
CA GLU M 447 0.89 26.83 77.23
C GLU M 447 -0.32 26.43 76.40
N GLU M 448 -0.96 27.36 75.73
CA GLU M 448 -2.18 27.00 75.02
C GLU M 448 -1.78 26.58 73.62
N ASN M 449 -2.63 25.71 73.08
CA ASN M 449 -2.40 25.05 71.80
C ASN M 449 -3.24 25.41 70.58
N ASP M 450 -3.14 26.67 70.18
CA ASP M 450 -3.83 27.17 68.99
C ASP M 450 -5.36 27.10 69.09
N ASP M 451 -5.88 25.87 69.08
CA ASP M 451 -7.31 25.64 69.11
C ASP M 451 -7.91 26.04 70.45
N GLY M 452 -7.13 25.90 71.52
CA GLY M 452 -7.63 26.03 72.86
C GLY M 452 -6.85 25.18 73.85
N SER M 453 -7.41 25.00 75.04
CA SER M 453 -6.89 24.03 76.01
C SER M 453 -5.45 24.30 76.45
N LEU M 454 -4.93 23.41 77.28
CA LEU M 454 -3.57 23.51 77.80
C LEU M 454 -2.70 22.37 77.30
N SER M 455 -1.38 22.61 77.23
CA SER M 455 -0.43 21.60 76.83
C SER M 455 0.95 21.84 77.45
N ALA M 456 1.66 20.75 77.74
CA ALA M 456 3.02 20.82 78.28
C ALA M 456 4.00 21.08 77.14
N LEU M 457 4.89 22.06 77.31
CA LEU M 457 5.82 22.35 76.23
C LEU M 457 6.96 21.35 76.07
N HIS M 458 7.08 20.40 76.98
CA HIS M 458 8.02 19.30 76.80
C HIS M 458 7.29 17.98 76.63
N HIS M 459 6.97 17.40 77.78
CA HIS M 459 6.32 16.10 77.89
C HIS M 459 5.43 16.13 79.14
N PRO M 460 4.27 15.45 79.07
CA PRO M 460 3.35 15.41 80.21
C PRO M 460 3.89 14.62 81.41
N PHE M 461 5.07 14.05 81.27
CA PHE M 461 5.64 13.23 82.33
C PHE M 461 6.61 14.00 83.23
N THR M 462 6.68 15.32 83.04
CA THR M 462 7.59 16.14 83.83
C THR M 462 6.99 16.43 85.21
N SER M 463 7.81 16.32 86.25
CA SER M 463 7.35 16.55 87.61
C SER M 463 7.15 18.03 87.90
N PRO M 464 5.93 18.42 88.32
CA PRO M 464 5.70 19.79 88.78
C PRO M 464 6.19 20.00 90.20
N LYS M 465 6.49 21.25 90.56
CA LYS M 465 6.99 21.53 91.91
C LYS M 465 5.91 21.49 92.99
N CYS M 466 4.65 21.65 92.60
CA CYS M 466 3.59 21.69 93.59
C CYS M 466 2.92 20.32 93.73
N THR M 467 1.77 20.29 94.41
CA THR M 467 1.06 19.04 94.64
C THR M 467 -0.10 18.90 93.63
N PRO M 468 -0.61 17.68 93.42
CA PRO M 468 -1.66 17.49 92.41
C PRO M 468 -2.97 18.23 92.71
N ALA M 469 -3.05 18.80 93.91
CA ALA M 469 -4.22 19.57 94.30
C ALA M 469 -3.96 21.02 93.96
N GLU M 470 -2.82 21.56 94.37
CA GLU M 470 -2.50 22.93 94.01
C GLU M 470 -2.44 23.02 92.49
N LEU M 471 -2.17 21.87 91.87
CA LEU M 471 -2.08 21.74 90.43
C LEU M 471 -3.47 21.74 89.79
N GLU M 472 -4.40 20.93 90.33
CA GLU M 472 -5.76 20.96 89.77
C GLU M 472 -6.55 22.22 90.12
N ALA M 473 -6.03 23.00 91.07
CA ALA M 473 -6.61 24.29 91.41
C ALA M 473 -6.46 25.29 90.26
N ASN M 474 -5.21 25.69 90.04
CA ASN M 474 -4.85 26.66 89.01
C ASN M 474 -3.63 26.22 88.19
N PRO M 475 -3.87 25.60 87.03
CA PRO M 475 -2.78 25.04 86.20
C PRO M 475 -1.81 26.09 85.65
N GLY M 476 -2.26 27.34 85.52
CA GLY M 476 -1.42 28.39 84.95
C GLY M 476 -0.30 28.88 85.86
N ALA M 477 -0.48 28.71 87.15
CA ALA M 477 0.50 29.15 88.14
C ALA M 477 1.53 28.06 88.45
N ALA M 478 1.44 26.94 87.74
CA ALA M 478 2.32 25.81 88.01
C ALA M 478 3.64 25.89 87.25
N LEU M 479 4.73 25.68 87.97
CA LEU M 479 6.07 25.62 87.40
C LEU M 479 6.56 24.18 87.31
N SER M 480 7.36 23.89 86.29
CA SER M 480 7.90 22.54 86.11
C SER M 480 9.32 22.39 86.65
N ARG M 481 9.68 21.14 86.96
CA ARG M 481 11.02 20.80 87.41
C ARG M 481 11.94 20.46 86.24
N ALA M 482 11.93 21.30 85.21
CA ALA M 482 12.69 21.03 84.00
C ALA M 482 13.88 21.96 83.97
N TYR M 483 14.89 21.60 83.19
CA TYR M 483 16.12 22.38 83.18
C TYR M 483 16.91 22.26 81.88
N ASP M 484 17.39 23.39 81.39
CA ASP M 484 18.17 23.44 80.16
C ASP M 484 19.52 24.04 80.47
N MET M 485 20.56 23.59 79.78
CA MET M 485 21.87 24.20 79.94
C MET M 485 22.18 25.06 78.74
N VAL M 486 22.58 26.30 79.00
CA VAL M 486 22.83 27.24 77.91
C VAL M 486 24.27 27.75 77.94
N LEU M 487 24.87 27.79 76.76
CA LEU M 487 26.22 28.31 76.57
C LEU M 487 26.23 29.23 75.36
N ASN M 488 26.72 30.45 75.58
CA ASN M 488 26.76 31.48 74.55
C ASN M 488 25.41 31.66 73.87
N GLY M 489 24.35 31.63 74.69
CA GLY M 489 22.99 31.81 74.21
C GLY M 489 22.42 30.65 73.41
N THR M 490 23.19 29.57 73.28
CA THR M 490 22.70 28.37 72.62
C THR M 490 22.42 27.23 73.61
N GLU M 491 21.38 26.45 73.32
CA GLU M 491 20.95 25.37 74.18
C GLU M 491 21.79 24.11 73.98
N LEU M 492 22.70 23.84 74.88
CA LEU M 492 23.53 22.65 74.78
C LEU M 492 22.72 21.36 74.96
N GLY M 493 21.70 21.44 75.80
CA GLY M 493 20.84 20.29 76.03
C GLY M 493 19.86 20.50 77.17
N GLY M 494 19.31 19.41 77.67
CA GLY M 494 18.34 19.45 78.75
C GLY M 494 17.50 18.20 78.96
N GLY M 495 16.85 18.16 80.13
CA GLY M 495 15.97 17.09 80.58
C GLY M 495 15.22 17.59 81.80
N SER M 496 14.66 16.66 82.56
CA SER M 496 13.87 16.97 83.74
C SER M 496 13.74 15.70 84.59
N ILE M 497 13.27 15.85 85.82
CA ILE M 497 12.93 14.71 86.64
C ILE M 497 11.51 14.22 86.33
N ARG M 498 11.34 12.92 86.18
CA ARG M 498 10.05 12.43 85.73
C ARG M 498 9.10 12.11 86.88
N ILE M 499 7.82 11.97 86.54
CA ILE M 499 6.77 11.57 87.48
C ILE M 499 6.68 10.04 87.61
N HIS M 500 6.55 9.55 88.84
CA HIS M 500 6.39 8.11 89.02
C HIS M 500 5.21 7.88 89.96
N ASP M 501 4.43 8.93 90.13
CA ASP M 501 3.30 8.94 91.05
C ASP M 501 2.01 8.68 90.28
N LYS M 502 1.16 7.79 90.78
CA LYS M 502 -0.04 7.42 90.06
C LYS M 502 -1.01 8.63 90.02
N SER M 503 -1.42 9.09 91.20
CA SER M 503 -2.30 10.25 91.34
C SER M 503 -1.80 11.55 90.70
N MET M 504 -0.49 11.77 90.69
CA MET M 504 0.06 12.93 89.98
C MET M 504 -0.09 12.76 88.47
N GLN M 505 0.22 11.57 87.98
CA GLN M 505 0.06 11.26 86.56
C GLN M 505 -1.39 11.38 86.13
N GLN M 506 -2.31 11.01 87.02
CA GLN M 506 -3.73 11.16 86.76
C GLN M 506 -4.17 12.62 86.83
N ALA M 507 -3.53 13.40 87.70
CA ALA M 507 -3.84 14.82 87.79
C ALA M 507 -3.47 15.55 86.51
N VAL M 508 -2.22 15.38 86.07
CA VAL M 508 -1.77 15.97 84.82
C VAL M 508 -2.53 15.40 83.62
N PHE M 509 -2.96 14.16 83.74
CA PHE M 509 -3.75 13.53 82.69
C PHE M 509 -5.14 14.14 82.56
N ARG M 510 -5.78 14.41 83.70
CA ARG M 510 -7.10 15.04 83.68
C ARG M 510 -6.98 16.47 83.19
N VAL M 511 -5.97 17.16 83.69
CA VAL M 511 -5.75 18.56 83.37
C VAL M 511 -5.28 18.77 81.93
N LEU M 512 -4.86 17.71 81.26
CA LEU M 512 -4.43 17.85 79.88
C LEU M 512 -5.56 17.52 78.89
N GLY M 513 -6.65 16.96 79.40
CA GLY M 513 -7.85 16.74 78.60
C GLY M 513 -7.91 15.44 77.82
N ILE M 514 -6.89 14.60 77.98
CA ILE M 514 -6.81 13.32 77.27
C ILE M 514 -7.40 12.14 78.07
N ASP M 515 -8.40 11.47 77.49
CA ASP M 515 -9.02 10.33 78.14
C ASP M 515 -8.14 9.07 78.13
N GLU M 516 -8.59 8.02 78.81
CA GLU M 516 -7.83 6.78 78.94
C GLU M 516 -7.60 6.00 77.64
N ALA M 517 -8.38 6.31 76.62
CA ALA M 517 -8.24 5.71 75.28
C ALA M 517 -6.89 6.01 74.65
N GLU M 518 -6.61 7.31 74.54
CA GLU M 518 -5.34 7.76 73.99
C GLU M 518 -4.21 7.45 74.96
N GLN M 519 -4.48 7.53 76.25
CA GLN M 519 -3.48 7.21 77.28
C GLN M 519 -2.91 5.80 77.11
N GLU M 520 -3.81 4.90 76.75
CA GLU M 520 -3.52 3.48 76.54
C GLU M 520 -2.91 3.27 75.17
N GLU M 521 -3.42 3.98 74.17
CA GLU M 521 -3.00 3.72 72.80
C GLU M 521 -1.61 4.32 72.58
N LYS M 522 -1.35 5.53 73.06
CA LYS M 522 -0.05 6.11 72.76
C LYS M 522 0.92 5.68 73.88
N PHE M 523 0.61 5.87 75.18
CA PHE M 523 1.64 5.50 76.14
C PHE M 523 1.30 4.28 76.99
N GLY M 524 0.43 3.38 76.51
CA GLY M 524 0.07 2.25 77.35
C GLY M 524 1.13 1.29 77.85
N PHE M 525 2.02 0.84 76.98
CA PHE M 525 3.07 -0.10 77.40
C PHE M 525 4.04 0.56 78.39
N LEU M 526 4.20 1.87 78.23
CA LEU M 526 5.05 2.68 79.08
C LEU M 526 4.46 2.78 80.48
N LEU M 527 3.17 3.14 80.54
CA LEU M 527 2.45 3.22 81.81
C LEU M 527 2.46 1.85 82.50
N ASP M 528 2.29 0.80 81.70
CA ASP M 528 2.40 -0.57 82.18
C ASP M 528 3.74 -0.79 82.88
N ALA M 529 4.83 -0.46 82.20
CA ALA M 529 6.18 -0.67 82.75
C ALA M 529 6.39 0.18 84.01
N LEU M 530 5.71 1.32 84.04
CA LEU M 530 5.69 2.30 85.14
C LEU M 530 4.94 1.80 86.38
N LYS M 531 3.96 0.95 86.16
CA LYS M 531 3.10 0.39 87.22
C LYS M 531 3.78 -0.71 88.03
N TYR M 532 4.77 -1.38 87.47
CA TYR M 532 5.42 -2.52 88.12
C TYR M 532 6.63 -2.11 88.96
N GLY M 533 6.59 -0.91 89.53
CA GLY M 533 7.60 -0.47 90.48
C GLY M 533 8.77 0.34 89.95
N ALA M 534 8.47 1.55 89.51
CA ALA M 534 9.45 2.50 89.00
C ALA M 534 9.93 3.43 90.11
N PRO M 535 11.26 3.60 90.21
CA PRO M 535 11.94 4.42 91.23
C PRO M 535 11.92 5.90 90.87
N PRO M 536 12.21 6.78 91.85
CA PRO M 536 12.35 8.19 91.48
C PRO M 536 13.54 8.42 90.57
N HIS M 537 13.25 8.81 89.33
CA HIS M 537 14.29 8.99 88.34
C HIS M 537 14.18 10.29 87.56
N GLY M 538 15.31 10.82 87.13
CA GLY M 538 15.32 12.03 86.32
C GLY M 538 16.50 12.05 85.38
N GLY M 539 16.38 12.76 84.27
CA GLY M 539 17.46 12.77 83.30
C GLY M 539 17.65 14.03 82.49
N LEU M 540 18.50 13.93 81.47
CA LEU M 540 18.88 15.04 80.62
C LEU M 540 19.62 14.53 79.39
N ALA M 541 19.58 15.29 78.29
CA ALA M 541 20.33 14.86 77.12
C ALA M 541 21.03 16.05 76.46
N PHE M 542 22.26 15.84 76.01
CA PHE M 542 23.02 16.89 75.33
C PHE M 542 23.21 16.67 73.84
N GLY M 543 23.07 17.72 73.05
CA GLY M 543 23.41 17.61 71.65
C GLY M 543 24.91 17.70 71.47
N LEU M 544 25.54 16.53 71.40
CA LEU M 544 27.00 16.40 71.33
C LEU M 544 27.60 17.18 70.18
N ASP M 545 26.94 17.12 69.03
CA ASP M 545 27.38 17.84 67.84
C ASP M 545 27.57 19.32 68.12
N ARG M 546 26.54 20.01 68.60
CA ARG M 546 26.65 21.44 68.90
C ARG M 546 27.71 21.72 69.96
N LEU M 547 27.83 20.82 70.93
CA LEU M 547 28.83 20.97 71.99
C LEU M 547 30.22 21.01 71.37
N VAL M 548 30.50 20.07 70.47
CA VAL M 548 31.79 20.02 69.81
C VAL M 548 31.95 21.23 68.88
N MET M 549 30.86 21.65 68.25
CA MET M 549 30.87 22.82 67.37
C MET M 549 31.27 24.08 68.12
N LEU M 550 30.79 24.20 69.34
CA LEU M 550 31.10 25.32 70.23
C LEU M 550 32.54 25.21 70.71
N MET M 551 32.93 24.01 71.11
CA MET M 551 34.25 23.78 71.69
C MET M 551 35.36 23.98 70.65
N THR M 552 35.05 23.74 69.38
CA THR M 552 35.99 23.97 68.30
C THR M 552 35.97 25.44 67.87
N GLY M 553 34.79 26.03 67.94
CA GLY M 553 34.56 27.38 67.48
C GLY M 553 34.15 27.34 66.03
N ALA M 554 33.67 26.18 65.59
CA ALA M 554 33.27 25.98 64.20
C ALA M 554 32.00 26.75 63.86
N SER M 555 31.85 27.11 62.59
CA SER M 555 30.69 27.87 62.13
C SER M 555 29.46 26.97 61.99
N SER M 556 29.65 25.79 61.41
CA SER M 556 28.55 24.87 61.15
C SER M 556 28.74 23.54 61.85
N ILE M 557 27.67 22.76 61.95
CA ILE M 557 27.74 21.41 62.52
C ILE M 557 28.47 20.42 61.61
N ARG M 558 28.53 20.73 60.32
CA ARG M 558 29.14 19.81 59.36
C ARG M 558 30.64 19.79 59.56
N GLU M 559 31.14 20.82 60.24
CA GLU M 559 32.56 20.94 60.47
C GLU M 559 32.98 20.03 61.62
N VAL M 560 32.01 19.54 62.39
CA VAL M 560 32.35 18.66 63.51
C VAL M 560 31.80 17.25 63.31
N ILE M 561 31.34 16.97 62.10
CA ILE M 561 30.87 15.65 61.75
C ILE M 561 31.77 15.05 60.67
N ALA M 562 32.16 13.79 60.86
CA ALA M 562 33.05 13.11 59.93
C ALA M 562 32.50 13.15 58.50
N PHE M 563 31.31 12.58 58.32
CA PHE M 563 30.68 12.53 57.00
C PHE M 563 29.24 13.05 57.06
N PRO M 564 29.08 14.38 57.06
CA PRO M 564 27.77 15.02 57.18
C PRO M 564 26.93 14.91 55.91
N LYS M 565 25.71 15.44 55.98
CA LYS M 565 24.76 15.42 54.88
C LYS M 565 24.31 16.84 54.55
N THR M 566 23.81 17.07 53.35
CA THR M 566 23.42 18.43 52.99
C THR M 566 22.05 18.79 53.57
N GLN M 567 21.64 20.03 53.35
CA GLN M 567 20.39 20.56 53.91
C GLN M 567 19.17 19.81 53.40
N SER M 568 19.32 19.05 52.32
CA SER M 568 18.20 18.28 51.80
C SER M 568 18.32 16.78 52.07
N ALA M 569 19.05 16.45 53.14
CA ALA M 569 19.16 15.07 53.63
C ALA M 569 19.88 14.17 52.64
N GLY M 570 21.20 14.11 52.75
CA GLY M 570 22.00 13.24 51.89
C GLY M 570 23.40 13.79 51.69
N ASP M 571 24.36 12.89 51.53
CA ASP M 571 25.72 13.30 51.23
C ASP M 571 26.13 13.03 49.78
N VAL M 572 26.77 14.03 49.18
CA VAL M 572 27.04 14.06 47.75
C VAL M 572 28.23 13.17 47.39
N MET M 573 28.97 12.76 48.42
CA MET M 573 30.16 11.94 48.23
C MET M 573 29.79 10.50 47.91
N THR M 574 28.87 9.93 48.68
CA THR M 574 28.53 8.53 48.49
C THR M 574 27.24 8.43 47.70
N GLN M 575 26.69 9.58 47.31
CA GLN M 575 25.47 9.68 46.51
C GLN M 575 24.23 9.08 47.18
N ALA M 576 24.25 8.96 48.50
CA ALA M 576 23.07 8.49 49.24
C ALA M 576 22.06 9.61 49.43
N PRO M 577 20.75 9.27 49.40
CA PRO M 577 20.18 7.94 49.16
C PRO M 577 20.21 7.50 47.69
N GLY M 578 20.29 6.20 47.45
CA GLY M 578 20.40 5.68 46.10
C GLY M 578 19.23 4.80 45.70
N SER M 579 19.31 4.20 44.51
CA SER M 579 18.26 3.32 44.00
C SER M 579 18.56 1.85 44.28
N VAL M 580 17.50 1.07 44.54
CA VAL M 580 17.64 -0.36 44.80
C VAL M 580 16.84 -1.19 43.77
N ASP M 581 17.40 -2.32 43.35
CA ASP M 581 16.77 -3.18 42.35
C ASP M 581 15.40 -3.71 42.79
N GLY M 582 14.56 -4.04 41.81
CA GLY M 582 13.19 -4.45 42.06
C GLY M 582 13.00 -5.73 42.86
N LYS M 583 14.04 -6.57 42.85
CA LYS M 583 14.00 -7.84 43.58
C LYS M 583 13.90 -7.58 45.07
N ALA M 584 14.89 -6.83 45.57
CA ALA M 584 14.94 -6.48 46.97
C ALA M 584 13.73 -5.65 47.36
N LEU M 585 13.17 -4.91 46.41
CA LEU M 585 11.99 -4.12 46.68
C LEU M 585 10.77 -5.02 46.88
N ARG M 586 10.67 -6.08 46.09
CA ARG M 586 9.53 -6.99 46.22
C ARG M 586 9.67 -7.84 47.48
N GLU M 587 10.91 -8.24 47.78
CA GLU M 587 11.17 -9.11 48.94
C GLU M 587 10.85 -8.42 50.26
N LEU M 588 10.90 -7.10 50.26
CA LEU M 588 10.61 -6.32 51.45
C LEU M 588 9.13 -5.93 51.44
N HIS M 589 8.43 -6.52 50.47
CA HIS M 589 6.97 -6.45 50.31
C HIS M 589 6.46 -5.03 50.10
N ILE M 590 7.14 -4.28 49.23
CA ILE M 590 6.73 -2.92 48.90
C ILE M 590 6.93 -2.59 47.42
N ARG M 591 6.22 -1.58 46.95
CA ARG M 591 6.38 -1.05 45.60
C ARG M 591 6.59 0.44 45.79
N LEU M 592 7.22 1.13 44.86
CA LEU M 592 7.32 2.56 45.07
C LEU M 592 6.14 3.32 44.46
N ARG M 593 6.17 4.63 44.58
CA ARG M 593 5.23 5.52 43.89
C ARG M 593 5.74 6.96 43.86
N GLU M 594 4.78 7.88 43.86
CA GLU M 594 5.00 9.31 43.80
C GLU M 594 4.67 9.83 45.21
N GLN M 595 4.07 11.01 45.31
CA GLN M 595 3.74 11.55 46.64
C GLN M 595 2.23 11.52 47.01
N PRO M 596 1.31 11.88 46.08
CA PRO M 596 -0.08 12.02 46.50
C PRO M 596 -0.88 10.72 46.65
N LYS M 597 -1.63 10.60 47.74
CA LYS M 597 -2.58 9.51 47.92
C LYS M 597 -3.75 9.99 48.78
N ALA M 598 -4.92 9.37 48.60
CA ALA M 598 -6.11 9.75 49.34
C ALA M 598 -6.04 9.38 50.82
N MET N 10 19.08 10.66 98.76
CA MET N 10 20.38 10.63 99.42
C MET N 10 20.66 9.25 100.00
N ARG N 11 21.36 8.43 99.23
CA ARG N 11 21.80 7.11 99.68
C ARG N 11 23.16 7.17 100.37
N SER N 12 23.30 6.38 101.44
CA SER N 12 24.57 6.32 102.16
C SER N 12 25.49 5.26 101.55
N HIS N 13 24.99 4.03 101.46
CA HIS N 13 25.75 2.92 100.91
C HIS N 13 24.84 2.01 100.07
N TYR N 14 25.44 1.24 99.17
CA TYR N 14 24.71 0.26 98.37
C TYR N 14 24.44 -1.02 99.16
N CYS N 15 23.26 -1.60 98.98
CA CYS N 15 22.86 -2.82 99.72
C CYS N 15 23.88 -3.95 99.58
N GLY N 16 24.25 -4.23 98.34
CA GLY N 16 25.17 -5.28 97.97
C GLY N 16 26.65 -4.91 98.11
N GLN N 17 26.93 -3.98 99.01
CA GLN N 17 28.31 -3.53 99.28
C GLN N 17 28.51 -3.36 100.76
N LEU N 18 27.73 -4.11 101.52
CA LEU N 18 27.80 -4.09 102.95
C LEU N 18 28.74 -5.16 103.46
N ASN N 19 30.00 -4.78 103.67
CA ASN N 19 31.02 -5.68 104.15
C ASN N 19 30.85 -5.80 105.66
N GLU N 20 31.70 -6.60 106.30
CA GLU N 20 31.63 -6.75 107.75
C GLU N 20 32.29 -5.57 108.47
N SER N 21 33.17 -4.87 107.76
CA SER N 21 33.93 -3.75 108.32
C SER N 21 33.11 -2.52 108.71
N LEU N 22 31.92 -2.36 108.16
CA LEU N 22 31.10 -1.18 108.46
C LEU N 22 30.26 -1.32 109.72
N ASP N 23 30.53 -2.32 110.54
CA ASP N 23 29.80 -2.54 111.79
C ASP N 23 29.93 -1.38 112.79
N GLY N 24 28.82 -1.00 113.39
CA GLY N 24 28.77 0.12 114.32
C GLY N 24 28.51 1.45 113.64
N GLN N 25 28.18 1.37 112.35
CA GLN N 25 27.84 2.52 111.52
C GLN N 25 26.38 2.44 111.08
N GLU N 26 25.70 3.58 111.00
CA GLU N 26 24.35 3.56 110.47
C GLU N 26 24.37 3.99 109.01
N VAL N 27 23.43 3.43 108.26
CA VAL N 27 23.40 3.55 106.80
C VAL N 27 21.98 3.81 106.30
N THR N 28 21.87 4.54 105.21
CA THR N 28 20.60 4.72 104.52
C THR N 28 20.71 4.12 103.12
N LEU N 29 19.84 3.16 102.82
CA LEU N 29 19.86 2.51 101.51
C LEU N 29 18.48 2.46 100.86
N CYS N 30 18.44 2.79 99.58
CA CYS N 30 17.23 2.77 98.77
C CYS N 30 17.26 1.61 97.78
N GLY N 31 16.11 1.02 97.51
CA GLY N 31 16.05 -0.10 96.59
C GLY N 31 14.68 -0.73 96.45
N TRP N 32 14.65 -1.93 95.89
CA TRP N 32 13.41 -2.65 95.70
C TRP N 32 13.24 -3.74 96.76
N VAL N 33 11.99 -4.09 97.04
CA VAL N 33 11.70 -5.17 97.98
C VAL N 33 11.61 -6.52 97.29
N HIS N 34 12.68 -7.31 97.39
CA HIS N 34 12.76 -8.60 96.73
C HIS N 34 11.67 -9.54 97.24
N ARG N 35 11.83 -9.98 98.48
CA ARG N 35 10.85 -10.82 99.17
C ARG N 35 10.78 -10.45 100.65
N ARG N 36 9.65 -10.69 101.28
CA ARG N 36 9.44 -10.20 102.64
C ARG N 36 9.00 -11.37 103.50
N ARG N 37 9.66 -11.53 104.64
CA ARG N 37 9.31 -12.60 105.56
C ARG N 37 8.68 -12.08 106.85
N ASP N 38 7.47 -12.53 107.14
CA ASP N 38 6.74 -12.05 108.31
C ASP N 38 6.64 -13.15 109.36
N HIS N 39 7.30 -12.94 110.49
CA HIS N 39 7.27 -13.90 111.59
C HIS N 39 6.43 -13.39 112.74
N GLY N 40 6.00 -12.14 112.65
CA GLY N 40 5.17 -11.53 113.66
C GLY N 40 5.98 -10.71 114.62
N GLY N 41 6.86 -11.37 115.38
CA GLY N 41 7.70 -10.69 116.35
C GLY N 41 8.94 -10.10 115.70
N VAL N 42 9.28 -10.60 114.52
CA VAL N 42 10.41 -10.07 113.75
C VAL N 42 10.10 -10.06 112.25
N ILE N 43 10.32 -8.93 111.61
CA ILE N 43 10.07 -8.83 110.17
C ILE N 43 11.37 -8.74 109.38
N PHE N 44 11.47 -9.55 108.33
CA PHE N 44 12.65 -9.59 107.49
C PHE N 44 12.36 -9.01 106.11
N LEU N 45 13.23 -8.12 105.65
CA LEU N 45 13.09 -7.54 104.32
C LEU N 45 14.38 -7.77 103.54
N ASP N 46 14.26 -8.26 102.31
CA ASP N 46 15.41 -8.37 101.43
C ASP N 46 15.42 -7.24 100.40
N VAL N 47 16.26 -6.24 100.63
CA VAL N 47 16.32 -5.08 99.76
C VAL N 47 17.39 -5.27 98.70
N ARG N 48 17.06 -4.92 97.46
CA ARG N 48 17.94 -5.19 96.33
C ARG N 48 18.26 -3.94 95.54
N ASP N 49 19.55 -3.75 95.23
CA ASP N 49 19.91 -2.75 94.24
C ASP N 49 20.85 -3.29 93.18
N ARG N 50 21.56 -2.39 92.52
CA ARG N 50 22.41 -2.74 91.39
C ARG N 50 23.56 -3.63 91.83
N GLU N 51 23.90 -3.54 93.10
CA GLU N 51 25.08 -4.22 93.61
C GLU N 51 24.67 -5.55 94.23
N GLY N 52 23.38 -5.73 94.54
CA GLY N 52 22.99 -6.99 95.13
C GLY N 52 21.91 -6.88 96.19
N LEU N 53 21.75 -7.95 96.97
CA LEU N 53 20.71 -7.97 97.99
C LEU N 53 21.32 -7.85 99.37
N ALA N 54 20.53 -7.30 100.30
CA ALA N 54 20.93 -7.22 101.70
C ALA N 54 19.71 -7.42 102.58
N GLN N 55 19.93 -7.79 103.84
CA GLN N 55 18.80 -8.08 104.71
C GLN N 55 18.65 -6.99 105.76
N VAL N 56 17.42 -6.49 105.91
CA VAL N 56 17.10 -5.52 106.93
C VAL N 56 16.07 -6.14 107.88
N VAL N 57 16.32 -6.02 109.18
CA VAL N 57 15.47 -6.63 110.19
C VAL N 57 14.72 -5.59 111.01
N PHE N 58 13.46 -5.88 111.32
CA PHE N 58 12.60 -4.99 112.08
C PHE N 58 12.03 -5.68 113.32
N ASP N 59 12.25 -5.05 114.47
CA ASP N 59 11.62 -5.44 115.72
C ASP N 59 10.63 -4.35 116.13
N PRO N 60 9.50 -4.75 116.75
CA PRO N 60 8.40 -3.82 116.98
C PRO N 60 8.68 -2.84 118.12
N ASP N 61 9.95 -2.72 118.50
CA ASP N 61 10.34 -1.78 119.55
C ASP N 61 10.13 -0.38 119.00
N ARG N 62 10.01 -0.29 117.69
CA ARG N 62 9.57 0.95 117.10
C ARG N 62 8.45 0.48 116.17
N ALA N 63 7.24 0.41 116.74
CA ALA N 63 6.14 -0.26 116.07
C ALA N 63 5.61 0.58 114.92
N GLU N 64 6.10 1.81 114.82
CA GLU N 64 5.73 2.71 113.75
C GLU N 64 6.41 2.21 112.50
N THR N 65 7.69 1.86 112.63
CA THR N 65 8.40 1.31 111.52
C THR N 65 7.77 -0.03 111.18
N PHE N 66 7.26 -0.71 112.21
CA PHE N 66 6.55 -1.96 112.00
C PHE N 66 5.29 -1.72 111.18
N ALA N 67 4.63 -0.60 111.40
CA ALA N 67 3.45 -0.29 110.60
C ALA N 67 3.89 -0.03 109.17
N LYS N 68 5.07 0.58 109.01
CA LYS N 68 5.66 0.80 107.70
C LYS N 68 6.45 -0.44 107.23
N ALA N 69 6.27 -1.55 107.92
CA ALA N 69 6.87 -2.82 107.52
C ALA N 69 5.83 -3.86 107.11
N ASP N 70 4.63 -3.74 107.66
CA ASP N 70 3.56 -4.70 107.39
C ASP N 70 2.87 -4.41 106.05
N ARG N 71 2.83 -3.14 105.66
CA ARG N 71 2.18 -2.74 104.42
C ARG N 71 3.05 -3.07 103.20
N VAL N 72 4.37 -2.98 103.36
CA VAL N 72 5.33 -3.25 102.29
C VAL N 72 5.16 -4.61 101.62
N ARG N 73 5.06 -4.62 100.30
CA ARG N 73 4.95 -5.88 99.55
C ARG N 73 6.12 -6.03 98.57
N SER N 74 5.93 -6.86 97.55
CA SER N 74 7.00 -7.17 96.60
C SER N 74 7.33 -6.02 95.65
N GLU N 75 8.63 -5.77 95.47
CA GLU N 75 9.14 -4.78 94.51
C GLU N 75 8.79 -3.34 94.85
N PHE N 76 8.36 -3.10 96.08
CA PHE N 76 8.13 -1.73 96.54
C PHE N 76 9.45 -0.99 96.54
N VAL N 77 9.44 0.25 96.05
CA VAL N 77 10.66 1.05 96.07
C VAL N 77 10.72 1.83 97.38
N VAL N 78 11.65 1.44 98.24
CA VAL N 78 11.74 1.99 99.58
C VAL N 78 13.12 2.53 99.95
N LYS N 79 13.14 3.41 100.94
CA LYS N 79 14.37 3.94 101.49
C LYS N 79 14.46 3.66 102.99
N ILE N 80 15.43 2.85 103.39
CA ILE N 80 15.54 2.43 104.80
C ILE N 80 16.84 2.91 105.45
N THR N 81 16.73 3.57 106.59
CA THR N 81 17.92 3.91 107.38
C THR N 81 17.98 3.08 108.67
N GLY N 82 19.12 2.45 108.92
CA GLY N 82 19.26 1.63 110.12
C GLY N 82 20.70 1.38 110.52
N LYS N 83 20.93 0.49 111.47
CA LYS N 83 22.31 0.17 111.88
C LYS N 83 22.69 -1.28 111.55
N VAL N 84 23.88 -1.46 110.99
CA VAL N 84 24.39 -2.78 110.64
C VAL N 84 24.86 -3.65 111.83
N ARG N 85 24.05 -4.65 112.18
CA ARG N 85 24.34 -5.55 113.29
C ARG N 85 24.89 -6.89 112.74
N LEU N 86 25.99 -7.34 113.34
CA LEU N 86 26.64 -8.62 113.06
C LEU N 86 25.88 -9.90 113.47
N ARG N 87 25.32 -10.57 112.48
CA ARG N 87 24.45 -11.73 112.65
C ARG N 87 25.12 -12.96 113.24
N PRO N 88 24.35 -13.76 114.01
CA PRO N 88 24.80 -14.99 114.68
C PRO N 88 25.44 -15.97 113.70
N GLU N 89 26.24 -16.91 114.21
CA GLU N 89 27.00 -17.83 113.37
C GLU N 89 26.09 -18.80 112.61
N GLY N 90 24.95 -19.14 113.22
CA GLY N 90 24.00 -20.06 112.63
C GLY N 90 23.04 -19.44 111.64
N ALA N 91 23.24 -18.15 111.37
CA ALA N 91 22.33 -17.39 110.51
C ALA N 91 23.01 -16.87 109.25
N ARG N 92 24.31 -17.10 109.13
CA ARG N 92 25.08 -16.55 108.02
C ARG N 92 24.65 -17.14 106.68
N ASN N 93 24.58 -16.28 105.66
CA ASN N 93 24.11 -16.70 104.34
C ASN N 93 25.19 -16.69 103.26
N PRO N 94 25.45 -17.85 102.66
CA PRO N 94 26.46 -18.05 101.60
C PRO N 94 26.03 -17.42 100.27
N ASN N 95 24.74 -17.55 99.94
CA ASN N 95 24.19 -17.02 98.69
C ASN N 95 24.28 -15.50 98.59
N MET N 96 24.14 -14.82 99.72
CA MET N 96 24.17 -13.37 99.75
C MET N 96 25.59 -12.85 99.97
N ALA N 97 26.07 -12.03 99.04
CA ALA N 97 27.42 -11.51 99.09
C ALA N 97 27.64 -10.63 100.32
N SER N 98 26.56 -10.02 100.80
CA SER N 98 26.60 -9.22 102.02
C SER N 98 26.06 -10.05 103.17
N GLY N 99 25.86 -11.33 102.90
CA GLY N 99 25.20 -12.22 103.83
C GLY N 99 25.91 -12.66 105.10
N SER N 100 26.63 -11.74 105.74
CA SER N 100 27.21 -12.07 107.04
C SER N 100 26.88 -10.96 108.03
N ILE N 101 26.05 -10.04 107.58
CA ILE N 101 25.64 -8.88 108.38
C ILE N 101 24.17 -8.59 108.11
N GLU N 102 23.51 -7.89 109.02
CA GLU N 102 22.12 -7.48 108.79
C GLU N 102 22.03 -6.00 109.15
N VAL N 103 20.86 -5.40 108.93
CA VAL N 103 20.65 -4.02 109.36
C VAL N 103 19.30 -3.83 110.04
N LEU N 104 19.35 -3.45 111.31
CA LEU N 104 18.13 -3.13 112.06
C LEU N 104 17.59 -1.76 111.66
N GLY N 105 16.34 -1.75 111.24
CA GLY N 105 15.69 -0.59 110.64
C GLY N 105 15.21 0.48 111.61
N TYR N 106 15.94 1.59 111.65
CA TYR N 106 15.56 2.74 112.45
C TYR N 106 14.32 3.44 111.89
N GLU N 107 14.39 3.90 110.64
CA GLU N 107 13.22 4.52 109.99
C GLU N 107 13.08 4.08 108.53
N LEU N 108 11.83 3.80 108.13
CA LEU N 108 11.52 3.42 106.75
C LEU N 108 10.60 4.41 106.05
N GLU N 109 10.77 4.55 104.74
CA GLU N 109 9.89 5.36 103.91
C GLU N 109 9.64 4.70 102.56
N VAL N 110 8.37 4.56 102.19
CA VAL N 110 8.00 3.99 100.88
C VAL N 110 8.04 5.06 99.80
N LEU N 111 9.14 5.08 99.03
CA LEU N 111 9.29 6.02 97.93
C LEU N 111 8.27 5.83 96.81
N ASN N 112 7.95 4.58 96.51
CA ASN N 112 6.93 4.27 95.51
C ASN N 112 6.35 2.87 95.64
N GLN N 113 5.06 2.73 95.38
CA GLN N 113 4.40 1.43 95.47
C GLN N 113 4.58 0.64 94.18
N ALA N 114 4.36 -0.67 94.26
CA ALA N 114 4.54 -1.55 93.11
C ALA N 114 3.45 -2.59 92.96
N GLU N 115 2.93 -2.74 91.74
CA GLU N 115 1.98 -3.81 91.44
C GLU N 115 2.76 -5.11 91.41
N THR N 116 2.07 -6.24 91.54
CA THR N 116 2.74 -7.54 91.59
C THR N 116 3.52 -7.87 90.32
N PRO N 117 4.85 -8.06 90.47
CA PRO N 117 5.78 -8.39 89.38
C PRO N 117 5.34 -9.68 88.71
N PRO N 118 5.11 -9.66 87.38
CA PRO N 118 4.63 -10.85 86.66
C PRO N 118 5.31 -12.16 87.06
N PHE N 119 6.62 -12.21 86.88
CA PHE N 119 7.46 -13.31 87.35
C PHE N 119 8.44 -13.05 88.50
N PRO N 120 8.74 -14.10 89.29
CA PRO N 120 9.65 -14.13 90.45
C PRO N 120 11.11 -14.07 90.04
N LEU N 121 11.97 -13.58 90.93
CA LEU N 121 13.40 -13.56 90.66
C LEU N 121 14.11 -14.77 91.26
N ASP N 122 15.15 -15.23 90.57
CA ASP N 122 15.95 -16.40 90.97
C ASP N 122 15.16 -17.72 90.86
N GLU N 123 15.88 -18.82 90.69
CA GLU N 123 15.29 -20.10 90.32
C GLU N 123 14.57 -20.71 91.52
N TYR N 124 13.81 -21.80 91.36
CA TYR N 124 13.40 -22.37 90.08
C TYR N 124 12.07 -21.79 89.60
N SER N 125 11.83 -20.51 89.84
CA SER N 125 10.75 -19.83 89.13
C SER N 125 10.73 -20.05 87.62
N ASP N 126 9.72 -20.80 87.20
CA ASP N 126 9.57 -21.35 85.86
C ASP N 126 9.12 -20.29 84.85
N VAL N 127 9.84 -19.18 84.73
CA VAL N 127 9.64 -18.35 83.55
C VAL N 127 10.09 -18.97 82.23
N GLY N 128 9.32 -18.74 81.17
CA GLY N 128 9.65 -19.23 79.85
C GLY N 128 10.10 -18.05 79.01
N GLU N 129 10.92 -18.30 78.00
CA GLU N 129 11.68 -17.22 77.38
C GLU N 129 10.83 -16.08 76.79
N GLU N 130 9.68 -16.42 76.22
CA GLU N 130 8.79 -15.42 75.65
C GLU N 130 8.24 -14.43 76.67
N THR N 131 7.89 -14.96 77.84
CA THR N 131 7.39 -14.13 78.93
C THR N 131 8.51 -13.28 79.51
N ARG N 132 9.72 -13.85 79.54
CA ARG N 132 10.88 -13.13 80.06
C ARG N 132 11.28 -11.98 79.15
N LEU N 133 11.04 -12.14 77.85
CA LEU N 133 11.36 -11.11 76.86
C LEU N 133 10.27 -10.05 76.81
N ARG N 134 9.01 -10.48 76.97
CA ARG N 134 7.88 -9.55 76.99
C ARG N 134 7.91 -8.57 78.16
N TYR N 135 8.46 -8.98 79.30
CA TYR N 135 8.59 -8.08 80.43
C TYR N 135 10.06 -7.89 80.83
N ARG N 136 10.88 -7.56 79.83
CA ARG N 136 12.32 -7.41 79.98
C ARG N 136 12.74 -6.34 80.99
N PHE N 137 11.88 -5.38 81.25
CA PHE N 137 12.20 -4.28 82.15
C PHE N 137 12.22 -4.67 83.64
N ILE N 138 11.57 -5.77 83.99
CA ILE N 138 11.65 -6.28 85.36
C ILE N 138 12.54 -7.53 85.43
N ASP N 139 12.86 -8.07 84.25
CA ASP N 139 13.76 -9.21 84.13
C ASP N 139 15.22 -8.82 84.42
N LEU N 140 15.58 -7.61 84.02
CA LEU N 140 16.93 -7.10 84.21
C LEU N 140 17.16 -6.65 85.65
N ARG N 141 16.12 -6.75 86.46
CA ARG N 141 16.24 -6.48 87.89
C ARG N 141 17.00 -7.63 88.55
N ARG N 142 16.82 -8.84 88.00
CA ARG N 142 17.53 -10.01 88.47
C ARG N 142 19.03 -9.78 88.44
N PRO N 143 19.70 -9.93 89.60
CA PRO N 143 21.12 -9.64 89.81
C PRO N 143 22.07 -10.28 88.81
N GLU N 144 21.70 -11.43 88.26
CA GLU N 144 22.55 -12.14 87.31
C GLU N 144 22.65 -11.39 85.98
N MET N 145 21.49 -11.03 85.43
CA MET N 145 21.43 -10.24 84.20
C MET N 145 22.18 -8.93 84.38
N ALA N 146 21.92 -8.26 85.50
CA ALA N 146 22.56 -6.99 85.81
C ALA N 146 24.07 -7.15 85.88
N ALA N 147 24.52 -8.25 86.47
CA ALA N 147 25.95 -8.53 86.55
C ALA N 147 26.55 -8.71 85.17
N LYS N 148 25.81 -9.37 84.28
CA LYS N 148 26.25 -9.56 82.90
C LYS N 148 26.41 -8.23 82.16
N LEU N 149 25.39 -7.38 82.26
CA LEU N 149 25.42 -6.09 81.57
C LEU N 149 26.50 -5.17 82.13
N LYS N 150 26.61 -5.12 83.46
CA LYS N 150 27.66 -4.35 84.13
C LYS N 150 29.04 -4.85 83.70
N LEU N 151 29.15 -6.16 83.50
CA LEU N 151 30.39 -6.76 83.04
C LEU N 151 30.68 -6.25 81.63
N ARG N 152 29.65 -6.21 80.79
CA ARG N 152 29.78 -5.70 79.43
C ARG N 152 30.33 -4.27 79.47
N ALA N 153 29.76 -3.47 80.36
CA ALA N 153 30.19 -2.09 80.55
C ALA N 153 31.66 -2.05 80.94
N ARG N 154 32.08 -2.95 81.83
CA ARG N 154 33.48 -3.01 82.24
C ARG N 154 34.39 -3.35 81.05
N ILE N 155 33.91 -4.24 80.18
CA ILE N 155 34.64 -4.64 79.00
C ILE N 155 34.85 -3.47 78.03
N THR N 156 33.75 -2.83 77.64
CA THR N 156 33.85 -1.68 76.74
C THR N 156 34.69 -0.58 77.36
N SER N 157 34.60 -0.43 78.68
CA SER N 157 35.44 0.52 79.41
C SER N 157 36.92 0.22 79.21
N SER N 158 37.31 -1.02 79.48
CA SER N 158 38.71 -1.43 79.34
C SER N 158 39.24 -1.28 77.92
N ILE N 159 38.43 -1.70 76.95
CA ILE N 159 38.83 -1.63 75.55
C ILE N 159 39.02 -0.17 75.13
N ARG N 160 38.03 0.67 75.47
CA ARG N 160 38.14 2.09 75.18
C ARG N 160 39.35 2.73 75.84
N ARG N 161 39.64 2.36 77.09
CA ARG N 161 40.82 2.90 77.77
C ARG N 161 42.10 2.53 77.03
N TYR N 162 42.24 1.25 76.70
CA TYR N 162 43.41 0.79 75.97
C TYR N 162 43.57 1.51 74.64
N LEU N 163 42.54 1.44 73.79
CA LEU N 163 42.61 2.05 72.47
C LEU N 163 42.84 3.56 72.52
N ASP N 164 42.26 4.23 73.51
CA ASP N 164 42.50 5.67 73.68
C ASP N 164 43.96 5.95 74.06
N ASP N 165 44.47 5.17 75.00
CA ASP N 165 45.84 5.34 75.48
C ASP N 165 46.89 5.06 74.40
N ASN N 166 46.48 4.35 73.35
CA ASN N 166 47.40 3.98 72.28
C ASN N 166 47.23 4.79 71.01
N GLY N 167 46.65 5.99 71.15
CA GLY N 167 46.56 6.92 70.04
C GLY N 167 45.54 6.63 68.96
N PHE N 168 44.43 6.00 69.33
CA PHE N 168 43.34 5.79 68.39
C PHE N 168 42.29 6.90 68.56
N LEU N 169 41.58 7.24 67.49
CA LEU N 169 40.62 8.33 67.55
C LEU N 169 39.19 7.83 67.49
N ASP N 170 38.41 8.11 68.53
CA ASP N 170 37.00 7.74 68.53
C ASP N 170 36.19 8.64 67.60
N VAL N 171 36.01 8.21 66.36
CA VAL N 171 35.30 9.01 65.37
C VAL N 171 34.02 8.26 64.95
N GLU N 172 32.92 9.00 64.83
CA GLU N 172 31.64 8.39 64.47
C GLU N 172 31.37 8.47 62.97
N THR N 173 30.94 7.35 62.41
CA THR N 173 30.57 7.29 61.00
C THR N 173 29.06 7.20 60.86
N PRO N 174 28.51 7.78 59.79
CA PRO N 174 27.06 7.81 59.58
C PRO N 174 26.46 6.43 59.37
N ILE N 175 25.23 6.26 59.83
CA ILE N 175 24.50 5.01 59.63
C ILE N 175 23.76 4.97 58.30
N LEU N 176 23.02 6.04 57.98
CA LEU N 176 22.31 6.10 56.71
C LEU N 176 23.24 6.27 55.51
N GLY N 177 23.55 5.17 54.83
CA GLY N 177 24.46 5.21 53.69
C GLY N 177 23.83 4.65 52.42
N ARG N 178 24.64 4.43 51.39
CA ARG N 178 24.12 3.93 50.12
C ARG N 178 24.06 2.40 50.01
N PRO N 179 22.91 1.88 49.55
CA PRO N 179 22.64 0.47 49.29
C PRO N 179 23.43 -0.10 48.10
N THR N 180 23.83 -1.36 48.18
CA THR N 180 24.59 -2.06 47.14
C THR N 180 24.41 -3.56 47.40
N PRO N 181 24.28 -4.34 46.31
CA PRO N 181 24.21 -5.81 46.37
C PRO N 181 25.52 -6.53 46.67
N GLU N 182 25.54 -7.82 46.31
CA GLU N 182 26.68 -8.73 46.45
C GLU N 182 26.99 -9.24 47.86
N GLY N 183 27.28 -8.34 48.79
CA GLY N 183 27.63 -8.76 50.14
C GLY N 183 26.55 -9.37 51.02
N ALA N 184 25.51 -8.60 51.31
CA ALA N 184 24.36 -9.15 52.04
C ALA N 184 23.15 -8.24 51.89
N ARG N 185 21.99 -8.72 52.31
CA ARG N 185 20.77 -7.92 52.20
C ARG N 185 20.84 -6.70 53.11
N ASP N 186 20.67 -5.52 52.52
CA ASP N 186 20.74 -4.27 53.26
C ASP N 186 19.37 -3.88 53.79
N TYR N 187 19.30 -3.42 55.03
CA TYR N 187 18.06 -2.82 55.51
C TYR N 187 17.91 -1.47 54.82
N LEU N 188 16.73 -1.25 54.24
CA LEU N 188 16.46 -0.06 53.46
C LEU N 188 15.62 0.95 54.23
N VAL N 189 15.82 2.23 53.92
CA VAL N 189 15.07 3.30 54.57
C VAL N 189 14.53 4.24 53.50
N PRO N 190 13.20 4.20 53.27
CA PRO N 190 12.57 5.04 52.25
C PRO N 190 12.85 6.52 52.51
N SER N 191 13.21 7.25 51.46
CA SER N 191 13.56 8.66 51.59
C SER N 191 12.40 9.60 51.34
N ARG N 192 12.11 10.44 52.33
CA ARG N 192 11.04 11.42 52.25
C ARG N 192 11.37 12.51 51.23
N THR N 193 12.65 12.86 51.15
CA THR N 193 13.09 13.96 50.31
C THR N 193 13.43 13.51 48.90
N TYR N 194 13.86 12.26 48.77
CA TYR N 194 14.18 11.68 47.48
C TYR N 194 13.28 10.49 47.14
N PRO N 195 12.11 10.77 46.56
CA PRO N 195 11.14 9.71 46.28
C PRO N 195 11.73 8.67 45.34
N GLY N 196 11.59 7.39 45.70
CA GLY N 196 12.12 6.31 44.89
C GLY N 196 13.53 5.91 45.28
N HIS N 197 14.11 6.65 46.21
CA HIS N 197 15.47 6.36 46.70
C HIS N 197 15.47 5.89 48.14
N PHE N 198 16.53 5.18 48.53
CA PHE N 198 16.62 4.60 49.86
C PHE N 198 17.97 4.84 50.52
N PHE N 199 17.97 4.91 51.84
CA PHE N 199 19.17 4.84 52.64
C PHE N 199 19.42 3.39 53.00
N ALA N 200 20.62 3.08 53.48
CA ALA N 200 20.93 1.71 53.89
C ALA N 200 21.79 1.63 55.14
N LEU N 201 21.38 0.75 56.05
CA LEU N 201 22.12 0.51 57.28
C LEU N 201 23.40 -0.25 56.95
N PRO N 202 24.52 0.13 57.56
CA PRO N 202 25.83 -0.42 57.19
C PRO N 202 26.03 -1.83 57.74
N GLN N 203 26.74 -2.67 56.99
CA GLN N 203 27.09 -4.00 57.48
C GLN N 203 28.34 -3.94 58.34
N SER N 204 29.15 -2.92 58.11
CA SER N 204 30.40 -2.69 58.81
C SER N 204 30.95 -1.34 58.39
N PRO N 205 31.66 -0.64 59.29
CA PRO N 205 32.20 0.63 58.80
C PRO N 205 33.43 0.45 57.90
N GLN N 206 33.46 -0.61 57.10
CA GLN N 206 34.65 -0.98 56.33
C GLN N 206 35.08 0.16 55.39
N LEU N 207 34.21 0.45 54.42
CA LEU N 207 34.47 1.49 53.45
C LEU N 207 34.75 2.84 54.11
N PHE N 208 33.98 3.18 55.13
CA PHE N 208 34.17 4.42 55.86
C PHE N 208 35.53 4.49 56.57
N LYS N 209 35.95 3.37 57.16
CA LYS N 209 37.24 3.32 57.85
C LYS N 209 38.37 3.46 56.84
N GLN N 210 38.20 2.86 55.66
CA GLN N 210 39.19 3.00 54.61
C GLN N 210 39.28 4.45 54.16
N LEU N 211 38.13 5.10 54.01
CA LEU N 211 38.11 6.53 53.67
C LEU N 211 38.82 7.35 54.76
N LEU N 212 38.64 6.94 56.00
CA LEU N 212 39.30 7.56 57.14
C LEU N 212 40.81 7.35 57.13
N MET N 213 41.26 6.26 56.51
CA MET N 213 42.68 6.06 56.31
C MET N 213 43.19 6.99 55.22
N VAL N 214 42.40 7.10 54.15
CA VAL N 214 42.68 8.05 53.09
C VAL N 214 42.67 9.49 53.61
N ALA N 215 41.84 9.73 54.62
CA ALA N 215 41.68 11.09 55.17
C ALA N 215 42.85 11.54 56.04
N GLY N 216 43.81 10.67 56.27
CA GLY N 216 45.02 11.07 56.98
C GLY N 216 45.05 10.69 58.46
N PHE N 217 43.90 10.29 59.00
CA PHE N 217 43.85 9.79 60.38
C PHE N 217 44.65 8.50 60.50
N ASP N 218 45.74 8.56 61.25
CA ASP N 218 46.70 7.47 61.32
C ASP N 218 46.09 6.22 61.95
N ARG N 219 45.34 6.39 63.03
CA ARG N 219 44.76 5.25 63.73
C ARG N 219 43.31 5.49 64.12
N TYR N 220 42.43 4.60 63.68
CA TYR N 220 41.00 4.71 63.93
C TYR N 220 40.41 3.51 64.66
N TYR N 221 39.47 3.78 65.56
CA TYR N 221 38.67 2.73 66.19
C TYR N 221 37.25 3.25 66.42
N GLN N 222 36.29 2.33 66.49
CA GLN N 222 34.89 2.73 66.73
C GLN N 222 34.08 1.53 67.22
N ILE N 223 33.26 1.74 68.24
CA ILE N 223 32.33 0.70 68.67
C ILE N 223 30.97 0.95 68.01
N ALA N 224 30.78 0.37 66.83
CA ALA N 224 29.68 0.73 65.95
C ALA N 224 28.56 -0.30 65.85
N LYS N 225 27.35 0.19 65.59
CA LYS N 225 26.16 -0.63 65.36
C LYS N 225 26.11 -1.16 63.93
N CYS N 226 25.84 -2.46 63.79
CA CYS N 226 25.77 -3.09 62.48
C CYS N 226 24.46 -3.85 62.29
N PHE N 227 24.00 -3.92 61.04
CA PHE N 227 22.66 -4.43 60.73
C PHE N 227 22.66 -5.39 59.54
N ARG N 228 22.18 -6.61 59.74
CA ARG N 228 22.07 -7.52 58.59
C ARG N 228 20.67 -8.09 58.41
N ASP N 229 20.12 -7.92 57.21
CA ASP N 229 18.78 -8.38 56.88
C ASP N 229 18.78 -9.82 56.37
N GLU N 230 19.57 -10.68 56.99
CA GLU N 230 19.60 -12.10 56.61
C GLU N 230 18.76 -12.94 57.55
N ASP N 231 18.35 -14.14 57.12
CA ASP N 231 17.62 -15.02 57.99
C ASP N 231 18.64 -15.44 59.04
N LEU N 232 18.26 -15.54 60.30
CA LEU N 232 19.30 -15.70 61.30
C LEU N 232 19.42 -17.05 61.98
N ARG N 233 20.59 -17.24 62.58
CA ARG N 233 20.96 -18.49 63.21
C ARG N 233 20.69 -18.30 64.69
N ALA N 234 20.73 -19.36 65.49
CA ALA N 234 20.73 -19.17 66.93
C ALA N 234 22.01 -18.39 67.26
N ASP N 235 22.01 -17.61 68.33
CA ASP N 235 23.19 -16.80 68.72
C ASP N 235 23.50 -15.71 67.68
N ARG N 236 22.49 -15.36 66.90
CA ARG N 236 22.58 -14.37 65.81
C ARG N 236 21.42 -13.40 65.92
N GLN N 237 21.73 -12.11 65.83
CA GLN N 237 20.71 -11.09 65.90
C GLN N 237 20.85 -10.12 64.72
N PRO N 238 19.74 -9.44 64.36
CA PRO N 238 19.75 -8.49 63.23
C PRO N 238 20.54 -7.23 63.52
N GLU N 239 20.56 -6.81 64.77
CA GLU N 239 21.32 -5.62 65.16
C GLU N 239 22.41 -6.04 66.13
N PHE N 240 23.66 -5.93 65.70
CA PHE N 240 24.79 -6.39 66.50
C PHE N 240 25.92 -5.36 66.51
N THR N 241 26.54 -5.22 67.67
CA THR N 241 27.63 -4.27 67.86
C THR N 241 29.03 -4.83 67.62
N GLN N 242 29.84 -4.07 66.88
CA GLN N 242 31.15 -4.51 66.46
C GLN N 242 32.23 -3.48 66.78
N ILE N 243 33.39 -3.96 67.20
CA ILE N 243 34.53 -3.10 67.49
C ILE N 243 35.42 -3.01 66.25
N ASP N 244 35.24 -1.93 65.51
CA ASP N 244 35.96 -1.70 64.27
C ASP N 244 37.30 -1.06 64.57
N ILE N 245 38.35 -1.54 63.90
CA ILE N 245 39.68 -0.97 64.06
C ILE N 245 40.42 -0.94 62.72
N GLU N 246 41.03 0.20 62.42
CA GLU N 246 41.83 0.33 61.21
C GLU N 246 43.02 1.24 61.44
N THR N 247 44.18 0.88 60.90
CA THR N 247 45.39 1.65 61.13
C THR N 247 46.15 1.88 59.82
N SER N 248 46.99 2.92 59.83
CA SER N 248 47.84 3.24 58.68
C SER N 248 49.32 3.02 59.00
N PHE N 249 50.10 2.74 57.96
CA PHE N 249 51.54 2.55 58.06
C PHE N 249 51.92 1.46 59.07
N LEU N 250 51.18 0.35 59.03
CA LEU N 250 51.47 -0.78 59.89
C LEU N 250 51.31 -2.10 59.14
N ASP N 251 52.20 -3.05 59.42
CA ASP N 251 52.10 -4.38 58.84
C ASP N 251 51.28 -5.29 59.74
N GLU N 252 51.13 -6.55 59.33
CA GLU N 252 50.32 -7.50 60.07
C GLU N 252 50.84 -7.83 61.48
N SER N 253 52.16 -7.83 61.64
CA SER N 253 52.76 -8.13 62.94
C SER N 253 52.40 -7.08 63.99
N ASP N 254 52.48 -5.82 63.60
CA ASP N 254 52.16 -4.72 64.50
C ASP N 254 50.69 -4.74 64.90
N ILE N 255 49.81 -4.97 63.92
CA ILE N 255 48.37 -4.96 64.17
C ILE N 255 48.01 -6.09 65.12
N ILE N 256 48.47 -7.30 64.79
CA ILE N 256 48.23 -8.44 65.66
C ILE N 256 48.83 -8.20 67.05
N GLY N 257 49.97 -7.52 67.11
CA GLY N 257 50.58 -7.15 68.38
C GLY N 257 49.71 -6.29 69.27
N ILE N 258 49.26 -5.15 68.72
CA ILE N 258 48.42 -4.21 69.46
C ILE N 258 47.14 -4.90 69.89
N THR N 259 46.48 -5.57 68.95
CA THR N 259 45.20 -6.22 69.22
C THR N 259 45.32 -7.33 70.28
N GLU N 260 46.37 -8.15 70.17
CA GLU N 260 46.61 -9.20 71.15
C GLU N 260 46.84 -8.59 72.54
N LYS N 261 47.65 -7.55 72.57
CA LYS N 261 47.93 -6.84 73.82
C LYS N 261 46.64 -6.34 74.44
N MET N 262 45.77 -5.79 73.60
CA MET N 262 44.46 -5.33 74.02
C MET N 262 43.67 -6.45 74.68
N VAL N 263 43.55 -7.58 73.98
CA VAL N 263 42.79 -8.69 74.53
C VAL N 263 43.32 -9.16 75.88
N ARG N 264 44.65 -9.27 75.99
CA ARG N 264 45.27 -9.65 77.27
C ARG N 264 44.96 -8.67 78.38
N GLN N 265 45.20 -7.40 78.12
CA GLN N 265 44.97 -6.32 79.09
C GLN N 265 43.51 -6.31 79.53
N LEU N 266 42.61 -6.55 78.57
CA LEU N 266 41.18 -6.59 78.86
C LEU N 266 40.85 -7.76 79.78
N PHE N 267 41.34 -8.95 79.44
CA PHE N 267 41.10 -10.13 80.27
C PHE N 267 41.69 -10.04 81.67
N LYS N 268 42.76 -9.25 81.82
CA LYS N 268 43.37 -9.08 83.14
C LYS N 268 42.72 -7.97 83.95
N GLU N 269 42.21 -6.95 83.26
CA GLU N 269 41.50 -5.85 83.89
C GLU N 269 40.17 -6.30 84.48
N VAL N 270 39.46 -7.15 83.73
CA VAL N 270 38.11 -7.56 84.07
C VAL N 270 38.04 -8.87 84.86
N LEU N 271 38.39 -9.98 84.21
CA LEU N 271 38.28 -11.30 84.82
C LEU N 271 39.52 -11.66 85.63
N ASP N 272 40.57 -10.86 85.46
CA ASP N 272 41.87 -11.09 86.09
C ASP N 272 42.44 -12.47 85.78
N VAL N 273 42.67 -12.72 84.50
CA VAL N 273 43.33 -13.94 84.03
C VAL N 273 44.48 -13.49 83.14
N GLU N 274 45.48 -14.34 82.92
CA GLU N 274 46.56 -13.93 82.02
C GLU N 274 46.80 -14.94 80.89
N PHE N 275 47.27 -14.46 79.75
CA PHE N 275 47.21 -15.29 78.55
C PHE N 275 48.58 -15.74 78.01
N ASP N 276 49.66 -15.43 78.72
CA ASP N 276 50.99 -15.69 78.18
C ASP N 276 51.16 -15.03 76.82
N GLU N 277 51.34 -15.88 75.80
CA GLU N 277 51.45 -15.44 74.41
C GLU N 277 50.46 -16.21 73.53
N PHE N 278 50.03 -15.58 72.45
CA PHE N 278 49.11 -16.16 71.46
C PHE N 278 49.88 -16.86 70.35
N PRO N 279 49.73 -18.20 70.26
CA PRO N 279 50.39 -18.91 69.17
C PRO N 279 49.76 -18.53 67.82
N HIS N 280 50.62 -18.27 66.84
CA HIS N 280 50.18 -18.01 65.48
C HIS N 280 50.16 -19.28 64.65
N MET N 281 48.96 -19.72 64.29
CA MET N 281 48.80 -20.94 63.51
C MET N 281 48.26 -20.64 62.12
N PRO N 282 48.96 -21.16 61.08
CA PRO N 282 48.54 -21.02 59.69
C PRO N 282 47.23 -21.74 59.39
N PHE N 283 46.47 -21.24 58.43
CA PHE N 283 45.22 -21.84 58.00
C PHE N 283 45.43 -23.30 57.59
N GLU N 284 46.50 -23.52 56.83
CA GLU N 284 46.85 -24.84 56.30
C GLU N 284 47.09 -25.86 57.40
N GLU N 285 47.81 -25.47 58.44
CA GLU N 285 48.11 -26.35 59.57
C GLU N 285 46.81 -26.65 60.32
N ALA N 286 46.02 -25.60 60.58
CA ALA N 286 44.75 -25.72 61.27
C ALA N 286 43.81 -26.70 60.57
N MET N 287 43.76 -26.60 59.24
CA MET N 287 42.95 -27.50 58.43
C MET N 287 43.54 -28.91 58.47
N ARG N 288 44.87 -28.99 58.57
CA ARG N 288 45.55 -30.27 58.56
C ARG N 288 45.24 -31.08 59.82
N ARG N 289 45.38 -30.47 61.00
CA ARG N 289 45.28 -31.24 62.23
C ARG N 289 44.03 -30.95 63.07
N TYR N 290 43.07 -30.21 62.51
CA TYR N 290 41.82 -29.95 63.23
C TYR N 290 40.60 -29.93 62.30
N GLY N 291 40.84 -29.75 61.01
CA GLY N 291 39.76 -29.68 60.04
C GLY N 291 38.82 -28.51 60.26
N SER N 292 39.34 -27.42 60.80
CA SER N 292 38.52 -26.25 61.07
C SER N 292 39.34 -24.96 61.04
N ASP N 293 38.71 -23.89 60.56
CA ASP N 293 39.33 -22.56 60.55
C ASP N 293 39.24 -21.88 61.90
N LYS N 294 38.51 -22.49 62.83
CA LYS N 294 38.43 -21.99 64.20
C LYS N 294 38.64 -23.10 65.24
N PRO N 295 39.90 -23.53 65.41
CA PRO N 295 40.29 -24.66 66.27
C PRO N 295 39.99 -24.43 67.74
N ASP N 296 39.52 -25.47 68.43
CA ASP N 296 39.34 -25.43 69.87
C ASP N 296 40.57 -25.99 70.59
N LEU N 297 41.48 -25.10 70.99
CA LEU N 297 42.76 -25.50 71.58
C LEU N 297 42.65 -25.96 73.02
N ARG N 298 41.43 -26.21 73.48
CA ARG N 298 41.25 -26.76 74.81
C ARG N 298 41.31 -28.28 74.69
N ILE N 299 40.81 -28.79 73.57
CA ILE N 299 40.87 -30.21 73.27
C ILE N 299 42.17 -30.57 72.57
N PRO N 300 43.02 -31.36 73.25
CA PRO N 300 44.35 -31.75 72.78
C PRO N 300 44.29 -32.73 71.60
N LEU N 301 43.13 -33.36 71.41
CA LEU N 301 42.91 -34.28 70.31
C LEU N 301 43.17 -33.64 68.95
N GLU N 302 43.88 -34.36 68.09
CA GLU N 302 44.35 -33.82 66.82
C GLU N 302 44.16 -34.84 65.70
N LEU N 303 43.78 -34.35 64.52
CA LEU N 303 43.62 -35.16 63.33
C LEU N 303 44.95 -35.45 62.64
N VAL N 304 45.22 -36.73 62.35
CA VAL N 304 46.47 -37.07 61.67
C VAL N 304 46.25 -37.79 60.33
N ASP N 305 46.75 -37.18 59.26
CA ASP N 305 46.69 -37.72 57.90
C ASP N 305 47.50 -39.01 57.70
N VAL N 306 46.95 -39.96 56.96
CA VAL N 306 47.54 -41.30 56.86
C VAL N 306 47.19 -41.95 55.52
N ALA N 307 46.56 -41.19 54.64
CA ALA N 307 46.12 -41.71 53.34
C ALA N 307 47.23 -42.15 52.38
N ASP N 308 48.45 -41.65 52.57
CA ASP N 308 49.53 -41.98 51.64
C ASP N 308 49.98 -43.45 51.64
N GLN N 309 49.80 -44.14 52.76
CA GLN N 309 50.25 -45.52 52.87
C GLN N 309 49.11 -46.50 52.59
N LEU N 310 47.95 -45.96 52.23
CA LEU N 310 46.74 -46.75 52.05
C LEU N 310 46.21 -46.55 50.64
N LYS N 311 47.15 -46.36 49.73
CA LYS N 311 46.88 -46.14 48.31
C LYS N 311 46.50 -47.44 47.63
N GLU N 312 47.48 -48.32 47.43
CA GLU N 312 47.22 -49.62 46.84
C GLU N 312 46.83 -50.66 47.90
N VAL N 313 45.62 -50.52 48.43
CA VAL N 313 45.09 -51.44 49.44
C VAL N 313 43.75 -52.03 49.00
N GLU N 314 43.50 -53.27 49.40
CA GLU N 314 42.31 -54.00 48.98
C GLU N 314 41.02 -53.34 49.46
N PHE N 315 41.05 -52.76 50.66
CA PHE N 315 39.87 -52.11 51.23
C PHE N 315 39.64 -50.88 50.35
N LYS N 316 38.40 -50.69 49.90
CA LYS N 316 38.12 -49.74 48.84
C LYS N 316 37.59 -48.36 49.24
N VAL N 317 37.08 -48.23 50.47
CA VAL N 317 36.55 -46.95 50.90
C VAL N 317 37.69 -46.06 51.38
N PHE N 318 38.81 -46.70 51.69
CA PHE N 318 40.05 -45.98 52.00
C PHE N 318 40.82 -45.67 50.73
N SER N 319 41.11 -46.72 49.96
CA SER N 319 41.89 -46.61 48.74
C SER N 319 41.25 -45.67 47.72
N GLY N 320 39.91 -45.62 47.72
CA GLY N 320 39.18 -44.74 46.82
C GLY N 320 39.66 -43.29 46.87
N PRO N 321 39.40 -42.60 47.99
CA PRO N 321 39.84 -41.22 48.23
C PRO N 321 41.36 -41.09 48.45
N ALA N 322 42.03 -42.18 48.79
CA ALA N 322 43.48 -42.13 48.98
C ALA N 322 44.22 -41.90 47.66
N ASN N 323 43.65 -42.38 46.56
CA ASN N 323 44.24 -42.13 45.26
C ASN N 323 43.59 -40.93 44.57
N ASP N 324 42.49 -40.46 45.15
CA ASP N 324 41.81 -39.27 44.66
C ASP N 324 42.46 -38.04 45.28
N PRO N 325 43.00 -37.14 44.45
CA PRO N 325 43.65 -35.94 45.00
C PRO N 325 42.67 -35.04 45.73
N LYS N 326 41.41 -35.03 45.29
CA LYS N 326 40.41 -34.15 45.85
C LYS N 326 39.85 -34.66 47.18
N GLY N 327 40.73 -35.04 48.09
CA GLY N 327 40.30 -35.56 49.38
C GLY N 327 41.37 -36.27 50.17
N ARG N 328 41.04 -36.69 51.39
CA ARG N 328 41.97 -37.41 52.24
C ARG N 328 41.34 -38.45 53.14
N VAL N 329 42.22 -39.16 53.85
CA VAL N 329 41.85 -40.19 54.80
C VAL N 329 42.60 -39.88 56.09
N ALA N 330 41.92 -39.26 57.04
CA ALA N 330 42.51 -38.88 58.31
C ALA N 330 42.06 -39.75 59.48
N ALA N 331 42.97 -39.96 60.42
CA ALA N 331 42.68 -40.75 61.61
C ALA N 331 42.61 -39.86 62.86
N LEU N 332 41.84 -40.31 63.85
CA LEU N 332 41.65 -39.58 65.10
C LEU N 332 41.72 -40.52 66.29
N ARG N 333 42.80 -40.41 67.07
CA ARG N 333 42.96 -41.24 68.26
C ARG N 333 42.27 -40.65 69.48
N VAL N 334 41.32 -41.38 70.04
CA VAL N 334 40.74 -41.02 71.33
C VAL N 334 41.21 -42.01 72.40
N PRO N 335 41.96 -41.50 73.39
CA PRO N 335 42.70 -42.25 74.41
C PRO N 335 41.82 -42.82 75.53
N GLY N 336 42.14 -44.04 75.96
CA GLY N 336 41.41 -44.69 77.03
C GLY N 336 39.94 -44.96 76.74
N ALA N 337 39.56 -44.81 75.47
CA ALA N 337 38.16 -44.86 75.11
C ALA N 337 37.77 -46.17 74.44
N ALA N 338 38.60 -47.20 74.61
CA ALA N 338 38.22 -48.52 74.09
C ALA N 338 37.06 -49.12 74.86
N SER N 339 36.85 -48.66 76.10
CA SER N 339 35.74 -49.19 76.89
C SER N 339 34.40 -48.66 76.43
N MET N 340 34.42 -47.80 75.41
CA MET N 340 33.20 -47.18 74.90
C MET N 340 32.25 -48.23 74.33
N PRO N 341 30.98 -48.19 74.74
CA PRO N 341 29.91 -49.05 74.22
C PRO N 341 29.49 -48.76 72.77
N ARG N 342 29.09 -49.82 72.07
CA ARG N 342 28.65 -49.75 70.69
C ARG N 342 27.50 -48.77 70.41
N SER N 343 26.68 -48.52 71.43
CA SER N 343 25.61 -47.53 71.32
C SER N 343 26.18 -46.17 70.97
N GLN N 344 27.16 -45.74 71.74
CA GLN N 344 27.81 -44.45 71.55
C GLN N 344 28.48 -44.40 70.19
N ILE N 345 29.09 -45.50 69.79
CA ILE N 345 29.69 -45.62 68.46
C ILE N 345 28.66 -45.36 67.36
N ASP N 346 27.49 -45.97 67.49
CA ASP N 346 26.44 -45.78 66.50
C ASP N 346 25.95 -44.33 66.48
N ASP N 347 25.82 -43.75 67.67
CA ASP N 347 25.47 -42.35 67.82
C ASP N 347 26.45 -41.42 67.10
N TYR N 348 27.74 -41.73 67.24
CA TYR N 348 28.79 -40.93 66.61
C TYR N 348 28.82 -41.10 65.10
N THR N 349 28.57 -42.32 64.63
CA THR N 349 28.52 -42.56 63.19
C THR N 349 27.38 -41.74 62.59
N LYS N 350 26.23 -41.77 63.28
CA LYS N 350 25.11 -40.96 62.83
C LYS N 350 25.42 -39.47 62.93
N PHE N 351 26.24 -39.09 63.91
CA PHE N 351 26.63 -37.69 64.08
C PHE N 351 27.48 -37.18 62.91
N VAL N 352 28.53 -37.94 62.59
CA VAL N 352 29.40 -37.60 61.46
C VAL N 352 28.65 -37.76 60.14
N GLY N 353 27.55 -38.49 60.19
CA GLY N 353 26.67 -38.66 59.05
C GLY N 353 26.09 -37.33 58.60
N ILE N 354 25.81 -36.47 59.56
CA ILE N 354 25.16 -35.19 59.29
C ILE N 354 26.10 -34.20 58.58
N TYR N 355 27.38 -34.51 58.51
CA TYR N 355 28.30 -33.61 57.82
C TYR N 355 28.73 -34.20 56.48
N GLY N 356 28.07 -35.28 56.07
CA GLY N 356 28.25 -35.85 54.76
C GLY N 356 29.12 -37.08 54.62
N ALA N 357 29.69 -37.56 55.73
CA ALA N 357 30.56 -38.73 55.64
C ALA N 357 29.78 -40.02 55.41
N LYS N 358 30.17 -40.78 54.39
CA LYS N 358 29.52 -42.04 54.08
C LYS N 358 29.64 -43.06 55.20
N GLY N 359 30.75 -43.01 55.94
CA GLY N 359 30.98 -43.91 57.05
C GLY N 359 32.11 -43.52 57.98
N LEU N 360 31.99 -43.89 59.25
CA LEU N 360 33.02 -43.66 60.25
C LEU N 360 33.74 -44.96 60.61
N ALA N 361 34.85 -45.24 59.94
CA ALA N 361 35.63 -46.46 60.20
C ALA N 361 36.31 -46.43 61.57
N TYR N 362 36.56 -47.58 62.18
CA TYR N 362 37.23 -47.56 63.48
C TYR N 362 38.14 -48.77 63.75
N ILE N 363 39.06 -48.59 64.69
CA ILE N 363 39.93 -49.65 65.22
C ILE N 363 40.05 -49.60 66.74
N LYS N 364 39.64 -50.65 67.46
CA LYS N 364 39.88 -50.62 68.90
C LYS N 364 41.25 -51.21 69.19
N VAL N 365 42.17 -50.39 69.69
CA VAL N 365 43.52 -50.85 69.98
C VAL N 365 43.72 -51.29 71.44
N ASN N 366 43.92 -52.60 71.59
CA ASN N 366 44.10 -53.29 72.88
C ASN N 366 45.46 -53.92 73.24
N GLU N 367 45.99 -54.76 72.35
CA GLU N 367 47.32 -55.38 72.52
C GLU N 367 48.28 -55.29 71.32
N ARG N 368 49.21 -54.35 71.39
CA ARG N 368 50.15 -54.10 70.30
C ARG N 368 51.22 -55.13 69.97
N ALA N 369 51.59 -56.02 70.90
CA ALA N 369 52.67 -56.92 70.55
C ALA N 369 52.21 -58.15 69.77
N LYS N 370 50.91 -58.40 69.72
CA LYS N 370 50.47 -59.57 68.96
C LYS N 370 50.05 -59.25 67.53
N GLY N 371 50.25 -58.02 67.10
CA GLY N 371 49.94 -57.71 65.71
C GLY N 371 48.45 -57.58 65.45
N VAL N 372 48.06 -58.22 64.34
CA VAL N 372 46.71 -58.24 63.80
C VAL N 372 45.66 -58.83 64.73
N GLU N 373 46.00 -59.92 65.42
CA GLU N 373 45.12 -60.45 66.46
C GLU N 373 45.16 -59.67 67.77
N GLY N 374 45.51 -58.40 67.66
CA GLY N 374 45.79 -57.54 68.79
C GLY N 374 45.01 -56.28 68.49
N LEU N 375 44.46 -56.26 67.29
CA LEU N 375 43.57 -55.19 66.83
C LEU N 375 42.14 -55.62 66.48
N GLN N 376 41.24 -55.62 67.46
CA GLN N 376 39.87 -56.05 67.19
C GLN N 376 39.15 -55.00 66.35
N SER N 377 38.78 -55.38 65.14
CA SER N 377 38.04 -54.53 64.19
C SER N 377 37.73 -55.34 62.92
N PRO N 378 36.60 -55.03 62.26
CA PRO N 378 36.23 -55.70 61.01
C PRO N 378 37.00 -55.21 59.78
N ILE N 379 37.78 -54.15 59.92
CA ILE N 379 38.49 -53.54 58.79
C ILE N 379 39.91 -54.10 58.66
N VAL N 380 40.51 -54.44 59.80
CA VAL N 380 41.90 -54.91 59.91
C VAL N 380 42.31 -56.01 58.92
N LYS N 381 41.36 -56.76 58.40
CA LYS N 381 41.68 -57.85 57.47
C LYS N 381 42.14 -57.35 56.09
N PHE N 382 41.66 -56.20 55.64
CA PHE N 382 41.98 -55.75 54.29
C PHE N 382 43.26 -54.91 54.27
N ILE N 383 43.85 -54.69 55.45
CA ILE N 383 45.05 -53.86 55.57
C ILE N 383 46.21 -54.60 56.22
N PRO N 384 47.37 -54.60 55.53
CA PRO N 384 48.63 -55.22 55.98
C PRO N 384 49.09 -54.80 57.37
N GLU N 385 49.87 -55.68 58.00
CA GLU N 385 50.32 -55.51 59.38
C GLU N 385 51.34 -54.38 59.54
N ALA N 386 52.21 -54.22 58.54
CA ALA N 386 53.28 -53.22 58.58
C ALA N 386 52.70 -51.81 58.57
N ASN N 387 51.87 -51.53 57.58
CA ASN N 387 51.19 -50.24 57.45
C ASN N 387 50.44 -49.93 58.73
N LEU N 388 49.69 -50.92 59.21
CA LEU N 388 48.97 -50.81 60.48
C LEU N 388 49.91 -50.33 61.60
N ASN N 389 51.05 -51.01 61.73
CA ASN N 389 51.99 -50.71 62.80
C ASN N 389 52.60 -49.31 62.71
N VAL N 390 52.95 -48.87 61.50
CA VAL N 390 53.49 -47.51 61.38
C VAL N 390 52.40 -46.45 61.52
N ILE N 391 51.15 -46.83 61.24
CA ILE N 391 50.02 -45.94 61.49
C ILE N 391 49.85 -45.72 62.99
N LEU N 392 49.77 -46.83 63.71
CA LEU N 392 49.65 -46.81 65.16
C LEU N 392 50.84 -46.07 65.78
N ASP N 393 52.00 -46.24 65.18
CA ASP N 393 53.20 -45.53 65.61
C ASP N 393 53.03 -44.02 65.44
N ARG N 394 52.52 -43.62 64.26
CA ARG N 394 52.36 -42.22 63.92
C ARG N 394 51.30 -41.47 64.75
N VAL N 395 50.14 -42.09 64.95
CA VAL N 395 49.06 -41.43 65.66
C VAL N 395 49.28 -41.28 67.18
N GLY N 396 50.27 -41.98 67.72
CA GLY N 396 50.63 -41.84 69.12
C GLY N 396 49.79 -42.72 70.05
N ALA N 397 49.16 -43.73 69.46
CA ALA N 397 48.24 -44.62 70.16
C ALA N 397 48.96 -45.69 70.99
N VAL N 398 48.38 -46.03 72.14
CA VAL N 398 48.86 -47.16 72.93
C VAL N 398 47.72 -48.08 73.36
N ASP N 399 48.01 -48.97 74.30
CA ASP N 399 47.03 -49.93 74.82
C ASP N 399 45.81 -49.29 75.48
N GLY N 400 44.61 -49.63 75.00
CA GLY N 400 43.42 -49.12 75.64
C GLY N 400 42.69 -48.06 74.84
N ASP N 401 43.23 -47.70 73.69
CA ASP N 401 42.70 -46.57 72.90
C ASP N 401 41.80 -46.95 71.71
N ILE N 402 41.05 -45.98 71.20
CA ILE N 402 40.32 -46.21 69.95
C ILE N 402 40.80 -45.25 68.87
N VAL N 403 41.00 -45.75 67.65
CA VAL N 403 41.35 -44.90 66.51
C VAL N 403 40.25 -44.84 65.45
N PHE N 404 39.66 -43.66 65.27
CA PHE N 404 38.64 -43.47 64.23
C PHE N 404 39.24 -43.08 62.89
N PHE N 405 38.47 -43.32 61.82
CA PHE N 405 38.92 -43.06 60.46
C PHE N 405 37.83 -42.37 59.65
N GLY N 406 38.21 -41.23 59.08
CA GLY N 406 37.44 -40.44 58.13
C GLY N 406 38.06 -40.50 56.73
N ALA N 407 37.40 -41.11 55.77
CA ALA N 407 37.99 -41.25 54.44
C ALA N 407 37.09 -40.78 53.30
N ASP N 408 37.31 -39.55 52.83
CA ASP N 408 36.44 -38.94 51.82
C ASP N 408 37.03 -37.70 51.17
N LYS N 409 36.16 -36.89 50.56
CA LYS N 409 36.56 -35.60 50.01
C LYS N 409 37.11 -34.74 51.15
N ALA N 410 38.07 -33.87 50.84
CA ALA N 410 38.76 -33.07 51.86
C ALA N 410 37.84 -32.27 52.78
N LYS N 411 36.92 -31.52 52.19
CA LYS N 411 35.97 -30.71 52.95
C LYS N 411 35.16 -31.57 53.93
N ILE N 412 34.61 -32.67 53.42
CA ILE N 412 33.75 -33.55 54.21
C ILE N 412 34.48 -34.17 55.40
N VAL N 413 35.65 -34.76 55.16
CA VAL N 413 36.41 -35.37 56.24
C VAL N 413 36.90 -34.33 57.24
N CYS N 414 37.32 -33.16 56.75
CA CYS N 414 37.76 -32.10 57.65
C CYS N 414 36.65 -31.64 58.59
N ASP N 415 35.46 -31.44 58.04
CA ASP N 415 34.32 -30.98 58.83
C ASP N 415 33.79 -32.04 59.78
N ALA N 416 33.60 -33.25 59.25
CA ALA N 416 33.04 -34.35 60.01
C ALA N 416 33.97 -34.82 61.12
N LEU N 417 35.24 -35.02 60.80
CA LEU N 417 36.20 -35.42 61.83
C LEU N 417 36.53 -34.26 62.77
N GLY N 418 36.48 -33.02 62.26
CA GLY N 418 36.70 -31.85 63.09
C GLY N 418 35.63 -31.68 64.16
N ALA N 419 34.40 -31.99 63.76
CA ALA N 419 33.26 -31.91 64.65
C ALA N 419 33.23 -33.12 65.56
N LEU N 420 33.56 -34.29 65.02
CA LEU N 420 33.61 -35.48 65.85
C LEU N 420 34.66 -35.21 66.93
N ARG N 421 35.72 -34.53 66.54
CA ARG N 421 36.81 -34.17 67.43
C ARG N 421 36.33 -33.30 68.58
N ILE N 422 35.63 -32.22 68.25
CA ILE N 422 35.13 -31.33 69.31
C ILE N 422 34.06 -31.99 70.18
N LYS N 423 33.21 -32.79 69.55
CA LYS N 423 32.11 -33.47 70.23
C LYS N 423 32.63 -34.48 71.25
N VAL N 424 33.42 -35.45 70.78
CA VAL N 424 34.01 -36.44 71.66
C VAL N 424 35.01 -35.78 72.60
N GLY N 425 35.46 -34.59 72.23
CA GLY N 425 36.33 -33.82 73.09
C GLY N 425 35.60 -33.38 74.34
N HIS N 426 34.41 -32.84 74.17
CA HIS N 426 33.62 -32.41 75.33
C HIS N 426 32.94 -33.57 76.06
N ASP N 427 32.51 -34.57 75.31
CA ASP N 427 31.76 -35.69 75.89
C ASP N 427 32.57 -36.56 76.84
N LEU N 428 33.88 -36.63 76.63
CA LEU N 428 34.74 -37.45 77.47
C LEU N 428 35.55 -36.62 78.46
N LYS N 429 35.29 -35.31 78.47
CA LYS N 429 36.00 -34.35 79.30
C LYS N 429 37.52 -34.52 79.13
N LEU N 430 38.00 -34.29 77.92
CA LEU N 430 39.41 -34.50 77.60
C LEU N 430 40.16 -33.19 77.47
N LEU N 431 39.56 -32.09 77.91
CA LEU N 431 40.19 -30.77 77.85
C LEU N 431 40.69 -30.21 79.19
N THR N 432 41.69 -29.33 79.09
CA THR N 432 42.08 -28.49 80.22
C THR N 432 41.08 -27.35 80.32
N ARG N 433 40.61 -27.06 81.52
CA ARG N 433 39.61 -26.02 81.73
C ARG N 433 40.09 -24.57 81.66
N GLU N 434 41.38 -24.34 81.42
CA GLU N 434 41.85 -22.98 81.18
C GLU N 434 41.40 -22.34 79.86
N TRP N 435 41.51 -21.01 79.83
CA TRP N 435 41.32 -20.19 78.63
C TRP N 435 42.37 -20.55 77.57
N ALA N 436 41.97 -20.70 76.31
CA ALA N 436 42.98 -20.95 75.27
C ALA N 436 42.77 -20.15 73.98
N PRO N 437 43.44 -19.00 73.86
CA PRO N 437 43.39 -18.06 72.74
C PRO N 437 44.31 -18.44 71.58
N MET N 438 44.07 -17.91 70.39
CA MET N 438 44.94 -18.18 69.23
C MET N 438 44.69 -17.23 68.06
N TRP N 439 45.64 -17.22 67.14
CA TRP N 439 45.52 -16.46 65.89
C TRP N 439 45.57 -17.39 64.69
N VAL N 440 44.61 -17.26 63.78
CA VAL N 440 44.65 -17.97 62.52
C VAL N 440 45.08 -17.05 61.37
N VAL N 441 46.18 -17.41 60.73
CA VAL N 441 46.81 -16.58 59.70
C VAL N 441 47.04 -17.40 58.42
N ASP N 442 47.48 -16.72 57.37
CA ASP N 442 47.80 -17.39 56.10
C ASP N 442 46.64 -18.13 55.43
N PHE N 443 45.59 -17.41 55.05
CA PHE N 443 44.46 -18.04 54.38
C PHE N 443 44.83 -18.20 52.91
N PRO N 444 44.14 -19.09 52.18
CA PRO N 444 44.31 -19.01 50.74
C PRO N 444 43.65 -17.79 50.12
N MET N 445 44.16 -17.38 48.96
CA MET N 445 43.58 -16.24 48.25
C MET N 445 42.27 -16.57 47.52
N PHE N 446 42.24 -17.71 46.83
CA PHE N 446 41.05 -18.04 46.05
C PHE N 446 40.40 -19.38 46.37
N GLU N 447 39.21 -19.58 45.82
CA GLU N 447 38.51 -20.86 45.83
C GLU N 447 37.60 -20.98 44.60
N GLU N 448 37.17 -22.19 44.30
CA GLU N 448 36.31 -22.40 43.14
C GLU N 448 34.87 -22.14 43.58
N ASN N 449 34.03 -21.67 42.66
CA ASN N 449 32.69 -21.22 42.99
C ASN N 449 31.60 -22.16 42.48
N ASP N 450 31.62 -23.40 42.96
CA ASP N 450 30.61 -24.41 42.62
C ASP N 450 30.63 -24.71 41.12
N ASP N 451 30.21 -23.73 40.32
CA ASP N 451 30.13 -23.91 38.87
C ASP N 451 31.51 -24.03 38.24
N GLY N 452 32.50 -23.37 38.85
CA GLY N 452 33.80 -23.23 38.22
C GLY N 452 34.55 -21.97 38.66
N SER N 453 35.59 -21.63 37.90
CA SER N 453 36.30 -20.35 38.01
C SER N 453 36.90 -20.10 39.40
N LEU N 454 37.51 -18.93 39.57
CA LEU N 454 38.13 -18.57 40.85
C LEU N 454 37.41 -17.38 41.48
N SER N 455 37.45 -17.32 42.82
CA SER N 455 36.86 -16.20 43.56
C SER N 455 37.57 -15.99 44.89
N ALA N 456 37.63 -14.75 45.35
CA ALA N 456 38.22 -14.45 46.65
C ALA N 456 37.25 -14.75 47.79
N LEU N 457 37.71 -15.45 48.81
CA LEU N 457 36.86 -15.77 49.96
C LEU N 457 36.45 -14.53 50.75
N HIS N 458 37.44 -13.74 51.18
CA HIS N 458 37.17 -12.54 51.96
C HIS N 458 36.69 -11.38 51.09
N HIS N 459 37.66 -10.65 50.54
CA HIS N 459 37.43 -9.47 49.74
C HIS N 459 38.56 -9.35 48.72
N PRO N 460 38.26 -8.85 47.52
CA PRO N 460 39.30 -8.70 46.50
C PRO N 460 40.36 -7.66 46.87
N PHE N 461 40.16 -6.99 48.01
CA PHE N 461 41.07 -5.95 48.47
C PHE N 461 42.08 -6.49 49.48
N THR N 462 42.11 -7.81 49.67
CA THR N 462 43.02 -8.40 50.64
C THR N 462 44.42 -8.53 50.04
N SER N 463 45.42 -8.19 50.85
CA SER N 463 46.82 -8.22 50.40
C SER N 463 47.36 -9.65 50.33
N PRO N 464 47.87 -10.05 49.16
CA PRO N 464 48.54 -11.35 49.09
C PRO N 464 49.96 -11.27 49.63
N LYS N 465 50.51 -12.40 50.08
CA LYS N 465 51.86 -12.40 50.64
C LYS N 465 52.93 -12.30 49.56
N CYS N 466 52.57 -12.67 48.33
CA CYS N 466 53.55 -12.66 47.25
C CYS N 466 53.45 -11.39 46.41
N THR N 467 54.10 -11.41 45.25
CA THR N 467 54.13 -10.27 44.36
C THR N 467 53.11 -10.49 43.24
N PRO N 468 52.67 -9.42 42.55
CA PRO N 468 51.63 -9.58 41.52
C PRO N 468 52.09 -10.46 40.35
N ALA N 469 53.37 -10.82 40.34
CA ALA N 469 53.90 -11.69 39.31
C ALA N 469 53.81 -13.12 39.80
N GLU N 470 54.30 -13.42 41.00
CA GLU N 470 54.15 -14.77 41.53
C GLU N 470 52.65 -15.07 41.63
N LEU N 471 51.87 -13.99 41.72
CA LEU N 471 50.42 -14.04 41.82
C LEU N 471 49.77 -14.39 40.48
N GLU N 472 50.19 -13.69 39.43
CA GLU N 472 49.68 -13.98 38.10
C GLU N 472 50.27 -15.27 37.53
N ALA N 473 51.32 -15.77 38.20
CA ALA N 473 51.93 -17.05 37.90
C ALA N 473 50.99 -18.23 38.17
N ASN N 474 50.90 -18.58 39.46
CA ASN N 474 49.98 -19.57 39.94
C ASN N 474 49.16 -19.07 41.13
N PRO N 475 47.95 -18.57 40.87
CA PRO N 475 47.11 -17.93 41.90
C PRO N 475 46.75 -18.87 43.05
N GLY N 476 46.84 -20.18 42.81
CA GLY N 476 46.50 -21.18 43.81
C GLY N 476 47.51 -21.28 44.93
N ALA N 477 48.74 -20.88 44.65
CA ALA N 477 49.82 -20.95 45.63
C ALA N 477 49.91 -19.67 46.46
N ALA N 478 48.98 -18.76 46.24
CA ALA N 478 49.01 -17.48 46.92
C ALA N 478 48.31 -17.54 48.28
N LEU N 479 48.99 -17.02 49.29
CA LEU N 479 48.43 -16.90 50.64
C LEU N 479 48.05 -15.46 50.89
N SER N 480 47.00 -15.25 51.68
CA SER N 480 46.57 -13.89 51.98
C SER N 480 47.12 -13.42 53.32
N ARG N 481 47.22 -12.11 53.46
CA ARG N 481 47.63 -11.49 54.73
C ARG N 481 46.43 -11.22 55.62
N ALA N 482 45.56 -12.23 55.76
CA ALA N 482 44.33 -12.05 56.50
C ALA N 482 44.48 -12.79 57.82
N TYR N 483 43.68 -12.43 58.80
CA TYR N 483 43.82 -12.99 60.12
C TYR N 483 42.55 -12.96 60.94
N ASP N 484 42.28 -14.08 61.61
CA ASP N 484 41.11 -14.22 62.44
C ASP N 484 41.62 -14.54 63.84
N MET N 485 40.93 -14.05 64.85
CA MET N 485 41.28 -14.38 66.23
C MET N 485 40.28 -15.37 66.80
N VAL N 486 40.79 -16.46 67.38
CA VAL N 486 39.90 -17.51 67.87
C VAL N 486 40.11 -17.76 69.37
N LEU N 487 38.99 -17.87 70.08
CA LEU N 487 38.98 -18.19 71.50
C LEU N 487 37.95 -19.28 71.77
N ASN N 488 38.40 -20.35 72.42
CA ASN N 488 37.56 -21.51 72.71
C ASN N 488 36.84 -22.03 71.48
N GLY N 489 37.56 -22.05 70.36
CA GLY N 489 37.03 -22.55 69.10
C GLY N 489 35.99 -21.66 68.44
N THR N 490 35.74 -20.50 69.04
CA THR N 490 34.84 -19.52 68.42
C THR N 490 35.62 -18.32 67.87
N GLU N 491 35.14 -17.78 66.75
CA GLU N 491 35.78 -16.67 66.06
C GLU N 491 35.40 -15.34 66.72
N LEU N 492 36.29 -14.76 67.51
CA LEU N 492 35.98 -13.47 68.12
C LEU N 492 35.87 -12.34 67.10
N GLY N 493 36.67 -12.41 66.06
CA GLY N 493 36.64 -11.43 64.99
C GLY N 493 37.79 -11.64 64.03
N GLY N 494 38.09 -10.59 63.26
CA GLY N 494 39.15 -10.66 62.27
C GLY N 494 39.13 -9.59 61.19
N GLY N 495 40.25 -9.46 60.48
CA GLY N 495 40.44 -8.50 59.40
C GLY N 495 41.70 -8.83 58.63
N SER N 496 42.20 -7.83 57.88
CA SER N 496 43.38 -8.00 57.06
C SER N 496 43.91 -6.64 56.64
N ILE N 497 45.12 -6.64 56.10
CA ILE N 497 45.71 -5.45 55.49
C ILE N 497 45.26 -5.29 54.06
N ARG N 498 44.88 -4.08 53.68
CA ARG N 498 44.28 -3.94 52.36
C ARG N 498 45.35 -3.62 51.32
N ILE N 499 45.00 -3.79 50.05
CA ILE N 499 45.85 -3.44 48.92
C ILE N 499 45.71 -1.96 48.56
N HIS N 500 46.82 -1.30 48.32
CA HIS N 500 46.79 0.10 47.93
C HIS N 500 47.65 0.29 46.69
N ASP N 501 47.99 -0.82 46.07
CA ASP N 501 48.90 -0.84 44.94
C ASP N 501 48.08 -0.89 43.64
N LYS N 502 48.45 -0.08 42.66
CA LYS N 502 47.68 0.01 41.43
C LYS N 502 47.79 -1.30 40.66
N SER N 503 49.02 -1.64 40.30
CA SER N 503 49.33 -2.88 39.59
C SER N 503 48.88 -4.15 40.32
N MET N 504 48.92 -4.15 41.65
CA MET N 504 48.38 -5.28 42.41
C MET N 504 46.85 -5.39 42.34
N GLN N 505 46.16 -4.26 42.50
CA GLN N 505 44.70 -4.24 42.40
C GLN N 505 44.25 -4.67 41.03
N GLN N 506 45.03 -4.28 40.02
CA GLN N 506 44.78 -4.70 38.65
C GLN N 506 45.13 -6.15 38.45
N ALA N 507 46.13 -6.64 39.17
CA ALA N 507 46.47 -8.04 39.06
C ALA N 507 45.35 -8.94 39.57
N VAL N 508 44.89 -8.72 40.80
CA VAL N 508 43.77 -9.51 41.31
C VAL N 508 42.47 -9.30 40.55
N PHE N 509 42.33 -8.09 40.00
CA PHE N 509 41.19 -7.76 39.19
C PHE N 509 41.20 -8.54 37.88
N ARG N 510 42.39 -8.64 37.29
CA ARG N 510 42.56 -9.39 36.06
C ARG N 510 42.35 -10.87 36.32
N VAL N 511 42.91 -11.38 37.41
CA VAL N 511 42.79 -12.81 37.70
C VAL N 511 41.38 -13.24 38.10
N LEU N 512 40.48 -12.33 38.46
CA LEU N 512 39.16 -12.87 38.80
C LEU N 512 38.10 -12.85 37.69
N GLY N 513 38.43 -12.30 36.52
CA GLY N 513 37.50 -12.33 35.40
C GLY N 513 36.59 -11.12 35.28
N ILE N 514 36.80 -10.14 36.15
CA ILE N 514 36.04 -8.90 36.15
C ILE N 514 36.62 -7.74 35.32
N ASP N 515 35.95 -7.40 34.23
CA ASP N 515 36.40 -6.30 33.39
C ASP N 515 36.06 -4.95 34.05
N GLU N 516 36.50 -3.86 33.45
CA GLU N 516 36.33 -2.51 33.99
C GLU N 516 34.88 -2.00 34.15
N ALA N 517 33.95 -2.64 33.46
CA ALA N 517 32.52 -2.32 33.59
C ALA N 517 32.06 -2.53 35.02
N GLU N 518 32.28 -3.75 35.51
CA GLU N 518 31.94 -4.12 36.88
C GLU N 518 32.86 -3.41 37.87
N GLN N 519 34.13 -3.22 37.49
CA GLN N 519 35.07 -2.50 38.34
C GLN N 519 34.57 -1.09 38.70
N GLU N 520 33.95 -0.46 37.70
CA GLU N 520 33.39 0.89 37.79
C GLU N 520 32.02 0.92 38.46
N GLU N 521 31.19 -0.06 38.13
CA GLU N 521 29.81 -0.08 38.57
C GLU N 521 29.78 -0.51 40.03
N LYS N 522 30.60 -1.49 40.39
CA LYS N 522 30.55 -2.00 41.74
C LYS N 522 31.51 -1.19 42.61
N PHE N 523 32.79 -1.04 42.22
CA PHE N 523 33.69 -0.34 43.12
C PHE N 523 34.18 1.02 42.62
N GLY N 524 33.44 1.70 41.75
CA GLY N 524 33.98 2.97 41.27
C GLY N 524 34.32 4.07 42.26
N PHE N 525 33.42 4.39 43.18
CA PHE N 525 33.70 5.46 44.14
C PHE N 525 34.85 5.10 45.10
N LEU N 526 34.98 3.80 45.37
CA LEU N 526 36.03 3.27 46.23
C LEU N 526 37.39 3.39 45.56
N LEU N 527 37.47 2.90 44.33
CA LEU N 527 38.69 2.98 43.53
C LEU N 527 39.09 4.43 43.33
N ASP N 528 38.09 5.27 43.10
CA ASP N 528 38.29 6.71 43.01
C ASP N 528 39.01 7.21 44.27
N ALA N 529 38.46 6.89 45.44
CA ALA N 529 39.05 7.35 46.71
C ALA N 529 40.46 6.78 46.91
N LEU N 530 40.68 5.59 46.37
CA LEU N 530 41.96 4.86 46.38
C LEU N 530 43.05 5.45 45.50
N LYS N 531 42.62 6.10 44.41
CA LYS N 531 43.51 6.70 43.42
C LYS N 531 44.14 8.03 43.85
N TYR N 532 43.52 8.73 44.79
CA TYR N 532 43.98 10.05 45.21
C TYR N 532 44.95 9.99 46.39
N GLY N 533 45.72 8.91 46.47
CA GLY N 533 46.79 8.79 47.45
C GLY N 533 46.48 8.10 48.76
N ALA N 534 46.23 6.80 48.67
CA ALA N 534 45.95 5.98 49.85
C ALA N 534 47.22 5.33 50.39
N PRO N 535 47.41 5.41 51.72
CA PRO N 535 48.56 4.91 52.47
C PRO N 535 48.43 3.42 52.77
N PRO N 536 49.55 2.77 53.16
CA PRO N 536 49.42 1.38 53.60
C PRO N 536 48.61 1.24 54.87
N HIS N 537 47.44 0.60 54.76
CA HIS N 537 46.54 0.47 55.89
C HIS N 537 45.99 -0.93 56.07
N GLY N 538 45.72 -1.31 57.31
CA GLY N 538 45.14 -2.62 57.58
C GLY N 538 44.28 -2.59 58.83
N GLY N 539 43.31 -3.50 58.92
CA GLY N 539 42.41 -3.49 60.06
C GLY N 539 41.86 -4.83 60.50
N LEU N 540 40.88 -4.75 61.39
CA LEU N 540 40.25 -5.91 62.01
C LEU N 540 38.99 -5.45 62.75
N ALA N 541 38.03 -6.36 62.92
CA ALA N 541 36.82 -6.03 63.66
C ALA N 541 36.43 -7.18 64.57
N PHE N 542 35.96 -6.84 65.76
CA PHE N 542 35.50 -7.83 66.74
C PHE N 542 33.99 -7.83 66.96
N GLY N 543 33.40 -9.01 67.05
CA GLY N 543 32.00 -9.08 67.43
C GLY N 543 31.89 -8.93 68.93
N LEU N 544 31.63 -7.69 69.37
CA LEU N 544 31.59 -7.34 70.79
C LEU N 544 30.62 -8.19 71.59
N ASP N 545 29.46 -8.45 71.01
CA ASP N 545 28.43 -9.26 71.65
C ASP N 545 28.96 -10.64 72.06
N ARG N 546 29.50 -11.40 71.10
CA ARG N 546 30.04 -12.72 71.40
C ARG N 546 31.18 -12.65 72.41
N LEU N 547 31.99 -11.60 72.31
CA LEU N 547 33.11 -11.40 73.23
C LEU N 547 32.59 -11.31 74.66
N VAL N 548 31.55 -10.49 74.85
CA VAL N 548 30.94 -10.33 76.15
C VAL N 548 30.28 -11.64 76.57
N MET N 549 29.69 -12.35 75.62
CA MET N 549 29.04 -13.64 75.87
C MET N 549 30.04 -14.66 76.43
N LEU N 550 31.25 -14.64 75.89
CA LEU N 550 32.33 -15.51 76.33
C LEU N 550 32.82 -15.07 77.70
N MET N 551 33.02 -13.77 77.86
CA MET N 551 33.58 -13.22 79.09
C MET N 551 32.63 -13.39 80.28
N THR N 552 31.33 -13.42 80.01
CA THR N 552 30.34 -13.65 81.05
C THR N 552 30.11 -15.13 81.33
N GLY N 553 30.22 -15.94 80.29
CA GLY N 553 29.94 -17.36 80.37
C GLY N 553 28.48 -17.62 80.06
N ALA N 554 27.85 -16.65 79.40
CA ALA N 554 26.43 -16.74 79.05
C ALA N 554 26.18 -17.79 77.98
N SER N 555 24.97 -18.36 77.97
CA SER N 555 24.66 -19.39 76.99
C SER N 555 24.36 -18.79 75.63
N SER N 556 23.59 -17.70 75.61
CA SER N 556 23.19 -17.08 74.35
C SER N 556 23.67 -15.63 74.27
N ILE N 557 23.66 -15.07 73.07
CA ILE N 557 24.01 -13.66 72.87
C ILE N 557 22.95 -12.68 73.40
N ARG N 558 21.71 -13.16 73.54
CA ARG N 558 20.61 -12.30 73.96
C ARG N 558 20.77 -11.97 75.43
N GLU N 559 21.60 -12.75 76.10
CA GLU N 559 21.83 -12.61 77.53
C GLU N 559 22.82 -11.47 77.78
N VAL N 560 23.51 -11.01 76.72
CA VAL N 560 24.48 -9.93 76.91
C VAL N 560 24.06 -8.67 76.18
N ILE N 561 22.81 -8.66 75.72
CA ILE N 561 22.22 -7.50 75.06
C ILE N 561 21.07 -7.00 75.93
N ALA N 562 21.01 -5.69 76.14
CA ALA N 562 19.99 -5.09 77.00
C ALA N 562 18.57 -5.45 76.58
N PHE N 563 18.21 -5.11 75.34
CA PHE N 563 16.86 -5.37 74.85
C PHE N 563 16.92 -6.08 73.50
N PRO N 564 17.20 -7.39 73.53
CA PRO N 564 17.36 -8.18 72.30
C PRO N 564 16.05 -8.45 71.55
N LYS N 565 16.19 -9.14 70.42
CA LYS N 565 15.06 -9.48 69.57
C LYS N 565 15.07 -10.99 69.36
N THR N 566 13.93 -11.56 68.98
CA THR N 566 13.85 -13.00 68.80
C THR N 566 14.46 -13.42 67.47
N GLN N 567 14.49 -14.72 67.24
CA GLN N 567 15.10 -15.30 66.04
C GLN N 567 14.42 -14.84 64.74
N SER N 568 13.23 -14.27 64.87
CA SER N 568 12.51 -13.77 63.70
C SER N 568 12.55 -12.25 63.63
N ALA N 569 13.60 -11.69 64.24
CA ALA N 569 13.93 -10.26 64.19
C ALA N 569 12.95 -9.29 64.86
N GLY N 570 11.90 -9.79 65.48
CA GLY N 570 10.97 -8.91 66.18
C GLY N 570 11.14 -9.02 67.68
N ASP N 571 10.94 -7.94 68.42
CA ASP N 571 10.99 -8.05 69.87
C ASP N 571 9.59 -8.00 70.48
N VAL N 572 9.33 -8.90 71.42
CA VAL N 572 7.99 -9.10 71.93
C VAL N 572 7.58 -8.05 72.96
N MET N 573 8.56 -7.30 73.46
CA MET N 573 8.27 -6.29 74.49
C MET N 573 7.61 -5.04 73.93
N THR N 574 8.15 -4.50 72.85
CA THR N 574 7.63 -3.26 72.31
C THR N 574 6.74 -3.59 71.11
N GLN N 575 6.61 -4.88 70.84
CA GLN N 575 5.77 -5.39 69.76
C GLN N 575 6.24 -4.89 68.40
N ALA N 576 7.51 -4.49 68.31
CA ALA N 576 8.08 -4.07 67.04
C ALA N 576 8.48 -5.29 66.20
N PRO N 577 8.35 -5.18 64.87
CA PRO N 577 7.80 -4.04 64.13
C PRO N 577 6.28 -3.92 64.21
N GLY N 578 5.78 -2.69 64.13
CA GLY N 578 4.35 -2.43 64.25
C GLY N 578 3.75 -1.85 62.98
N SER N 579 2.47 -1.46 63.07
CA SER N 579 1.78 -0.89 61.92
C SER N 579 1.81 0.64 61.97
N VAL N 580 1.90 1.26 60.79
CA VAL N 580 1.92 2.71 60.69
C VAL N 580 0.74 3.23 59.86
N ASP N 581 0.18 4.36 60.27
CA ASP N 581 -0.98 4.97 59.62
C ASP N 581 -0.67 5.36 58.17
N GLY N 582 -1.71 5.43 57.34
CA GLY N 582 -1.55 5.66 55.93
C GLY N 582 -0.93 7.00 55.55
N LYS N 583 -1.01 7.97 56.45
CA LYS N 583 -0.46 9.30 56.20
C LYS N 583 1.07 9.24 56.09
N ALA N 584 1.70 8.71 57.13
CA ALA N 584 3.15 8.58 57.17
C ALA N 584 3.61 7.68 56.02
N LEU N 585 2.74 6.77 55.61
CA LEU N 585 3.04 5.89 54.50
C LEU N 585 3.04 6.69 53.20
N ARG N 586 2.12 7.65 53.09
CA ARG N 586 2.03 8.46 51.88
C ARG N 586 3.15 9.48 51.75
N GLU N 587 3.54 10.06 52.88
CA GLU N 587 4.56 11.10 52.90
C GLU N 587 5.94 10.57 52.51
N LEU N 588 6.14 9.28 52.71
CA LEU N 588 7.40 8.63 52.38
C LEU N 588 7.47 8.01 50.99
N HIS N 589 6.44 8.28 50.18
CA HIS N 589 6.42 7.90 48.77
C HIS N 589 6.50 6.40 48.55
N ILE N 590 5.73 5.63 49.32
CA ILE N 590 5.71 4.19 49.15
C ILE N 590 4.29 3.66 49.30
N ARG N 591 4.05 2.47 48.77
CA ARG N 591 2.77 1.79 48.92
C ARG N 591 2.92 0.37 49.46
N LEU N 592 1.84 -0.11 50.05
CA LEU N 592 1.74 -1.46 50.58
C LEU N 592 1.20 -2.35 49.46
N ARG N 593 0.93 -3.61 49.78
CA ARG N 593 0.26 -4.47 48.81
C ARG N 593 -0.47 -5.66 49.41
N GLU N 594 -1.28 -5.33 50.42
CA GLU N 594 -2.04 -6.31 51.17
C GLU N 594 -3.48 -6.09 50.72
N GLN N 595 -3.78 -6.62 49.54
CA GLN N 595 -5.08 -6.38 48.91
C GLN N 595 -6.02 -7.57 49.05
N PRO N 596 -7.34 -7.31 49.06
CA PRO N 596 -8.32 -8.36 49.31
C PRO N 596 -8.48 -9.25 48.09
N LYS N 597 -8.42 -10.56 48.31
CA LYS N 597 -8.63 -11.52 47.23
C LYS N 597 -9.90 -12.32 47.46
N ALA N 598 -10.50 -12.81 46.37
CA ALA N 598 -11.73 -13.57 46.44
C ALA N 598 -11.52 -14.93 47.11
N MET O 10 49.59 2.80 -33.29
CA MET O 10 50.31 2.94 -32.03
C MET O 10 50.84 4.36 -31.87
N ARG O 11 50.05 5.19 -31.21
CA ARG O 11 50.41 6.56 -30.87
C ARG O 11 51.13 6.73 -29.53
N SER O 12 52.11 7.64 -29.52
CA SER O 12 52.87 7.96 -28.31
C SER O 12 52.15 9.02 -27.49
N HIS O 13 51.87 10.16 -28.13
CA HIS O 13 51.19 11.28 -27.46
C HIS O 13 50.19 11.95 -28.37
N TYR O 14 49.21 12.63 -27.79
CA TYR O 14 48.24 13.40 -28.56
C TYR O 14 48.81 14.73 -29.01
N CYS O 15 48.49 15.16 -30.23
CA CYS O 15 49.04 16.41 -30.75
C CYS O 15 48.84 17.66 -29.90
N GLY O 16 47.59 17.89 -29.48
CA GLY O 16 47.25 19.07 -28.70
C GLY O 16 47.51 18.98 -27.20
N GLN O 17 48.44 18.15 -26.76
CA GLN O 17 48.74 18.07 -25.32
C GLN O 17 50.20 17.97 -25.16
N LEU O 18 50.87 18.53 -26.15
CA LEU O 18 52.30 18.57 -26.21
C LEU O 18 52.81 19.84 -25.58
N ASN O 19 53.13 19.73 -24.30
CA ASN O 19 53.63 20.85 -23.52
C ASN O 19 55.12 21.05 -23.82
N GLU O 20 55.73 22.03 -23.16
CA GLU O 20 57.15 22.33 -23.33
C GLU O 20 58.08 21.39 -22.55
N SER O 21 57.54 20.74 -21.52
CA SER O 21 58.31 19.85 -20.67
C SER O 21 58.87 18.60 -21.35
N LEU O 22 58.27 18.20 -22.47
CA LEU O 22 58.69 16.99 -23.17
C LEU O 22 59.87 17.14 -24.15
N ASP O 23 60.58 18.26 -24.11
CA ASP O 23 61.73 18.50 -24.99
C ASP O 23 62.91 17.53 -24.85
N GLY O 24 63.45 17.10 -25.99
CA GLY O 24 64.53 16.14 -26.04
C GLY O 24 64.06 14.70 -26.08
N GLN O 25 62.76 14.54 -26.25
CA GLN O 25 62.09 13.25 -26.38
C GLN O 25 61.47 13.10 -27.76
N GLU O 26 61.49 11.90 -28.33
CA GLU O 26 60.80 11.71 -29.60
C GLU O 26 59.42 11.13 -29.38
N VAL O 27 58.52 11.49 -30.29
CA VAL O 27 57.09 11.21 -30.15
C VAL O 27 56.47 10.73 -31.46
N THR O 28 55.46 9.89 -31.34
CA THR O 28 54.64 9.46 -32.46
C THR O 28 53.18 9.89 -32.31
N LEU O 29 52.68 10.66 -33.28
CA LEU O 29 51.30 11.12 -33.22
C LEU O 29 50.56 10.86 -34.52
N CYS O 30 49.35 10.34 -34.40
CA CYS O 30 48.50 10.06 -35.55
C CYS O 30 47.37 11.08 -35.61
N GLY O 31 46.96 11.46 -36.82
CA GLY O 31 45.88 12.43 -36.96
C GLY O 31 45.57 12.85 -38.38
N TRP O 32 44.85 13.96 -38.49
CA TRP O 32 44.47 14.49 -39.81
C TRP O 32 45.33 15.68 -40.20
N VAL O 33 45.46 15.92 -41.50
CA VAL O 33 46.19 17.08 -41.99
C VAL O 33 45.25 18.27 -42.17
N HIS O 34 45.30 19.17 -41.19
CA HIS O 34 44.44 20.36 -41.14
C HIS O 34 44.68 21.25 -42.35
N ARG O 35 45.84 21.90 -42.35
CA ARG O 35 46.29 22.75 -43.46
C ARG O 35 47.80 22.59 -43.62
N ARG O 36 48.31 22.81 -44.83
CA ARG O 36 49.69 22.50 -45.11
C ARG O 36 50.37 23.71 -45.71
N ARG O 37 51.54 24.08 -45.20
CA ARG O 37 52.27 25.22 -45.74
C ARG O 37 53.55 24.78 -46.45
N ASP O 38 53.66 25.11 -47.73
CA ASP O 38 54.82 24.69 -48.52
C ASP O 38 55.71 25.87 -48.86
N HIS O 39 56.92 25.89 -48.31
CA HIS O 39 57.86 26.96 -48.57
C HIS O 39 58.99 26.48 -49.47
N GLY O 40 59.01 25.18 -49.72
CA GLY O 40 60.02 24.59 -50.58
C GLY O 40 61.17 24.00 -49.79
N GLY O 41 61.90 24.86 -49.10
CA GLY O 41 63.04 24.44 -48.31
C GLY O 41 62.67 23.94 -46.93
N VAL O 42 61.47 24.31 -46.49
CA VAL O 42 60.93 23.84 -45.22
C VAL O 42 59.44 23.60 -45.37
N ILE O 43 58.96 22.43 -44.97
CA ILE O 43 57.54 22.12 -45.08
C ILE O 43 56.87 22.11 -43.71
N PHE O 44 55.74 22.79 -43.62
CA PHE O 44 54.97 22.90 -42.39
C PHE O 44 53.66 22.13 -42.47
N LEU O 45 53.38 21.35 -41.44
CA LEU O 45 52.14 20.60 -41.35
C LEU O 45 51.41 20.92 -40.06
N ASP O 46 50.13 21.22 -40.16
CA ASP O 46 49.30 21.37 -38.97
C ASP O 46 48.47 20.11 -38.78
N VAL O 47 48.91 19.28 -37.85
CA VAL O 47 48.27 18.00 -37.58
C VAL O 47 47.24 18.15 -36.48
N ARG O 48 46.07 17.53 -36.68
CA ARG O 48 44.95 17.70 -35.77
C ARG O 48 44.47 16.35 -35.26
N ASP O 49 44.28 16.27 -33.95
CA ASP O 49 43.58 15.13 -33.36
C ASP O 49 42.49 15.60 -32.42
N ARG O 50 42.10 14.71 -31.51
CA ARG O 50 41.00 14.95 -30.59
C ARG O 50 41.32 16.05 -29.61
N GLU O 51 42.62 16.26 -29.37
CA GLU O 51 43.07 17.17 -28.33
C GLU O 51 43.44 18.57 -28.82
N GLY O 52 43.63 18.73 -30.13
CA GLY O 52 43.98 20.03 -30.67
C GLY O 52 44.96 19.93 -31.83
N LEU O 53 45.58 21.05 -32.19
CA LEU O 53 46.49 21.08 -33.32
C LEU O 53 47.95 21.20 -32.88
N ALA O 54 48.85 20.68 -33.71
CA ALA O 54 50.29 20.82 -33.49
C ALA O 54 51.03 21.00 -34.80
N GLN O 55 52.25 21.53 -34.75
CA GLN O 55 52.98 21.81 -35.98
C GLN O 55 54.14 20.83 -36.15
N VAL O 56 54.25 20.27 -37.34
CA VAL O 56 55.34 19.37 -37.70
C VAL O 56 56.17 19.97 -38.82
N VAL O 57 57.49 19.97 -38.65
CA VAL O 57 58.38 20.59 -39.62
C VAL O 57 59.26 19.58 -40.34
N PHE O 58 59.45 19.81 -41.64
CA PHE O 58 60.25 18.94 -42.48
C PHE O 58 61.35 19.73 -43.19
N ASP O 59 62.58 19.26 -43.00
CA ASP O 59 63.73 19.76 -43.74
C ASP O 59 64.23 18.66 -44.68
N PRO O 60 64.73 19.04 -45.86
CA PRO O 60 65.03 18.06 -46.91
C PRO O 60 66.28 17.23 -46.63
N ASP O 61 66.75 17.26 -45.39
CA ASP O 61 67.90 16.44 -44.97
C ASP O 61 67.51 14.97 -44.97
N ARG O 62 66.21 14.71 -44.98
CA ARG O 62 65.68 13.37 -45.18
C ARG O 62 64.63 13.45 -46.29
N ALA O 63 65.07 13.27 -47.53
CA ALA O 63 64.23 13.57 -48.68
C ALA O 63 63.12 12.56 -48.93
N GLU O 64 63.13 11.44 -48.22
CA GLU O 64 62.07 10.46 -48.39
C GLU O 64 60.80 10.94 -47.69
N THR O 65 60.97 11.43 -46.47
CA THR O 65 59.86 11.99 -45.73
C THR O 65 59.38 13.26 -46.39
N PHE O 66 60.30 13.99 -47.00
CA PHE O 66 59.96 15.18 -47.77
C PHE O 66 59.13 14.84 -49.01
N ALA O 67 59.46 13.72 -49.65
CA ALA O 67 58.69 13.29 -50.81
C ALA O 67 57.31 12.85 -50.37
N LYS O 68 57.26 12.23 -49.19
CA LYS O 68 55.99 11.85 -48.56
C LYS O 68 55.35 12.99 -47.78
N ALA O 69 55.89 14.20 -47.95
CA ALA O 69 55.33 15.41 -47.35
C ALA O 69 54.79 16.36 -48.41
N ASP O 70 55.37 16.31 -49.61
CA ASP O 70 55.00 17.20 -50.69
C ASP O 70 53.73 16.73 -51.38
N ARG O 71 53.52 15.42 -51.43
CA ARG O 71 52.34 14.84 -52.07
C ARG O 71 51.12 15.01 -51.17
N VAL O 72 51.36 14.97 -49.87
CA VAL O 72 50.32 15.10 -48.84
C VAL O 72 49.45 16.37 -48.94
N ARG O 73 48.13 16.19 -48.92
CA ARG O 73 47.17 17.28 -48.96
C ARG O 73 46.30 17.33 -47.70
N SER O 74 45.14 17.97 -47.84
CA SER O 74 44.21 18.21 -46.73
C SER O 74 43.46 16.98 -46.21
N GLU O 75 43.40 16.88 -44.88
CA GLU O 75 42.65 15.84 -44.17
C GLU O 75 43.19 14.43 -44.39
N PHE O 76 44.43 14.35 -44.86
CA PHE O 76 45.11 13.06 -44.97
C PHE O 76 45.31 12.49 -43.57
N VAL O 77 45.04 11.20 -43.41
CA VAL O 77 45.25 10.55 -42.13
C VAL O 77 46.67 10.00 -42.08
N VAL O 78 47.49 10.62 -41.24
CA VAL O 78 48.91 10.30 -41.20
C VAL O 78 49.41 9.97 -39.80
N LYS O 79 50.53 9.25 -39.76
CA LYS O 79 51.23 8.92 -38.53
C LYS O 79 52.65 9.44 -38.58
N ILE O 80 52.99 10.39 -37.71
CA ILE O 80 54.31 11.00 -37.76
C ILE O 80 55.12 10.75 -36.50
N THR O 81 56.34 10.26 -36.68
CA THR O 81 57.27 10.15 -35.56
C THR O 81 58.38 11.17 -35.77
N GLY O 82 58.64 11.96 -34.74
CA GLY O 82 59.67 12.99 -34.83
C GLY O 82 60.16 13.43 -33.46
N LYS O 83 60.94 14.51 -33.41
CA LYS O 83 61.40 14.99 -32.11
C LYS O 83 60.83 16.38 -31.80
N VAL O 84 60.37 16.54 -30.56
CA VAL O 84 59.79 17.80 -30.09
C VAL O 84 60.84 18.91 -29.86
N ARG O 85 60.85 19.87 -30.78
CA ARG O 85 61.79 21.00 -30.75
C ARG O 85 61.18 22.33 -30.25
N LEU O 86 61.92 22.96 -29.35
CA LEU O 86 61.62 24.29 -28.80
C LEU O 86 61.76 25.37 -29.87
N ARG O 87 60.62 25.85 -30.35
CA ARG O 87 60.54 26.77 -31.49
C ARG O 87 61.17 28.14 -31.23
N PRO O 88 61.75 28.75 -32.29
CA PRO O 88 62.41 30.06 -32.23
C PRO O 88 61.52 31.16 -31.68
N GLU O 89 62.11 32.25 -31.20
CA GLU O 89 61.35 33.30 -30.54
C GLU O 89 60.41 34.04 -31.49
N GLY O 90 60.81 34.16 -32.75
CA GLY O 90 60.01 34.86 -33.74
C GLY O 90 58.93 34.01 -34.39
N ALA O 91 58.79 32.78 -33.93
CA ALA O 91 57.86 31.84 -34.54
C ALA O 91 56.74 31.34 -33.62
N ARG O 92 56.74 31.77 -32.35
CA ARG O 92 55.77 31.25 -31.39
C ARG O 92 54.34 31.67 -31.76
N ASN O 93 53.40 30.74 -31.60
CA ASN O 93 52.01 30.99 -31.98
C ASN O 93 51.07 31.05 -30.77
N PRO O 94 50.42 32.21 -30.59
CA PRO O 94 49.47 32.48 -29.50
C PRO O 94 48.14 31.75 -29.64
N ASN O 95 47.62 31.69 -30.86
CA ASN O 95 46.35 31.03 -31.15
C ASN O 95 46.35 29.54 -30.84
N MET O 96 47.50 28.91 -31.07
CA MET O 96 47.65 27.48 -30.86
C MET O 96 48.12 27.22 -29.42
N ALA O 97 47.35 26.43 -28.69
CA ALA O 97 47.63 26.15 -27.29
C ALA O 97 48.97 25.43 -27.13
N SER O 98 49.37 24.69 -28.15
CA SER O 98 50.67 24.02 -28.12
C SER O 98 51.64 24.86 -28.96
N GLY O 99 51.18 26.04 -29.34
CA GLY O 99 51.88 26.91 -30.26
C GLY O 99 53.14 27.58 -29.74
N SER O 100 53.92 26.86 -28.96
CA SER O 100 55.22 27.37 -28.53
C SER O 100 56.25 26.29 -28.77
N ILE O 101 55.82 25.23 -29.46
CA ILE O 101 56.68 24.09 -29.72
C ILE O 101 56.42 23.53 -31.14
N GLU O 102 57.40 22.80 -31.67
CA GLU O 102 57.29 22.14 -32.96
C GLU O 102 57.75 20.69 -32.86
N VAL O 103 57.61 19.95 -33.94
CA VAL O 103 58.14 18.58 -34.01
C VAL O 103 58.82 18.38 -35.35
N LEU O 104 60.12 18.14 -35.32
CA LEU O 104 60.85 17.82 -36.54
C LEU O 104 60.58 16.39 -36.97
N GLY O 105 60.08 16.22 -38.19
CA GLY O 105 59.60 14.94 -38.67
C GLY O 105 60.71 13.99 -39.08
N TYR O 106 60.97 13.00 -38.25
CA TYR O 106 61.94 11.96 -38.56
C TYR O 106 61.41 11.05 -39.67
N GLU O 107 60.27 10.42 -39.45
CA GLU O 107 59.63 9.59 -40.47
C GLU O 107 58.12 9.78 -40.51
N LEU O 108 57.59 9.85 -41.73
CA LEU O 108 56.14 10.01 -41.94
C LEU O 108 55.56 8.81 -42.67
N GLU O 109 54.31 8.50 -42.37
CA GLU O 109 53.57 7.46 -43.07
C GLU O 109 52.12 7.88 -43.27
N VAL O 110 51.65 7.80 -44.51
CA VAL O 110 50.25 8.10 -44.82
C VAL O 110 49.39 6.88 -44.53
N LEU O 111 48.73 6.89 -43.38
CA LEU O 111 47.84 5.80 -42.98
C LEU O 111 46.65 5.66 -43.91
N ASN O 112 46.09 6.79 -44.36
CA ASN O 112 44.99 6.77 -45.33
C ASN O 112 44.86 8.09 -46.08
N GLN O 113 44.50 8.01 -47.37
CA GLN O 113 44.34 9.22 -48.17
C GLN O 113 42.94 9.80 -47.97
N ALA O 114 42.77 11.07 -48.34
CA ALA O 114 41.50 11.75 -48.15
C ALA O 114 41.12 12.62 -49.34
N GLU O 115 39.87 12.50 -49.79
CA GLU O 115 39.38 13.38 -50.85
C GLU O 115 39.18 14.78 -50.23
N THR O 116 39.12 15.81 -51.06
CA THR O 116 38.99 17.18 -50.58
C THR O 116 37.70 17.48 -49.81
N PRO O 117 37.84 17.87 -48.52
CA PRO O 117 36.70 18.21 -47.67
C PRO O 117 35.89 19.37 -48.27
N PRO O 118 34.58 19.17 -48.49
CA PRO O 118 33.74 20.21 -49.11
C PRO O 118 33.96 21.63 -48.58
N PHE O 119 33.78 21.84 -47.28
CA PHE O 119 34.10 23.11 -46.64
C PHE O 119 35.34 23.04 -45.73
N PRO O 120 36.06 24.17 -45.58
CA PRO O 120 37.26 24.24 -44.73
C PRO O 120 36.96 24.26 -43.22
N LEU O 121 37.91 23.79 -42.42
CA LEU O 121 37.79 23.84 -40.97
C LEU O 121 38.48 25.03 -40.29
N ASP O 122 38.78 26.09 -41.03
CA ASP O 122 39.49 27.21 -40.41
C ASP O 122 39.50 28.52 -41.18
N GLU O 123 39.10 29.59 -40.48
CA GLU O 123 38.11 29.46 -39.42
C GLU O 123 36.76 29.84 -40.03
N TYR O 124 36.77 30.96 -40.74
CA TYR O 124 35.62 31.46 -41.48
C TYR O 124 35.13 30.29 -42.31
N SER O 125 33.84 30.21 -42.59
CA SER O 125 33.43 29.30 -43.64
C SER O 125 33.13 30.02 -44.98
N ASP O 126 32.27 31.04 -45.05
CA ASP O 126 30.99 31.26 -44.37
C ASP O 126 29.92 30.38 -45.03
N VAL O 127 30.15 29.08 -45.07
CA VAL O 127 29.11 28.09 -45.35
C VAL O 127 28.01 27.94 -44.29
N GLY O 128 26.82 27.72 -44.84
CA GLY O 128 25.56 27.65 -44.13
C GLY O 128 25.06 26.25 -43.81
N GLU O 129 24.07 26.22 -42.93
CA GLU O 129 23.66 25.03 -42.18
C GLU O 129 23.23 23.80 -43.00
N GLU O 130 22.59 23.98 -44.14
CA GLU O 130 22.19 22.83 -44.94
C GLU O 130 23.43 22.04 -45.39
N THR O 131 24.49 22.74 -45.76
CA THR O 131 25.72 22.07 -46.17
C THR O 131 26.41 21.40 -44.95
N ARG O 132 26.35 22.00 -43.76
CA ARG O 132 26.97 21.41 -42.58
C ARG O 132 26.21 20.14 -42.14
N LEU O 133 24.93 20.12 -42.41
CA LEU O 133 24.11 18.98 -42.04
C LEU O 133 24.31 17.87 -43.07
N ARG O 134 24.44 18.23 -44.34
CA ARG O 134 24.69 17.21 -45.35
C ARG O 134 26.04 16.52 -45.14
N TYR O 135 27.03 17.23 -44.61
CA TYR O 135 28.32 16.61 -44.30
C TYR O 135 28.71 16.67 -42.83
N ARG O 136 27.80 16.25 -41.95
CA ARG O 136 28.02 16.31 -40.51
C ARG O 136 29.23 15.52 -40.02
N PHE O 137 29.65 14.52 -40.78
CA PHE O 137 30.78 13.69 -40.35
C PHE O 137 32.13 14.38 -40.47
N ILE O 138 32.20 15.44 -41.28
CA ILE O 138 33.42 16.24 -41.35
C ILE O 138 33.20 17.58 -40.65
N ASP O 139 31.93 17.90 -40.38
CA ASP O 139 31.58 19.11 -39.63
C ASP O 139 31.95 18.98 -38.16
N LEU O 140 31.81 17.77 -37.62
CA LEU O 140 32.13 17.52 -36.22
C LEU O 140 33.63 17.39 -36.00
N ARG O 141 34.39 17.48 -37.08
CA ARG O 141 35.84 17.51 -36.98
C ARG O 141 36.29 18.87 -36.45
N ARG O 142 35.53 19.91 -36.80
CA ARG O 142 35.78 21.27 -36.32
C ARG O 142 35.79 21.31 -34.78
N PRO O 143 36.90 21.80 -34.20
CA PRO O 143 37.16 21.81 -32.77
C PRO O 143 36.07 22.41 -31.88
N GLU O 144 35.29 23.36 -32.40
CA GLU O 144 34.24 23.99 -31.58
C GLU O 144 33.10 23.01 -31.29
N MET O 145 32.58 22.39 -32.35
CA MET O 145 31.55 21.37 -32.21
C MET O 145 32.02 20.22 -31.32
N ALA O 146 33.23 19.76 -31.57
CA ALA O 146 33.81 18.67 -30.78
C ALA O 146 33.90 19.06 -29.32
N ALA O 147 34.26 20.32 -29.06
CA ALA O 147 34.32 20.84 -27.70
C ALA O 147 32.93 20.83 -27.05
N LYS O 148 31.93 21.17 -27.85
CA LYS O 148 30.54 21.17 -27.39
C LYS O 148 30.07 19.77 -26.98
N LEU O 149 30.35 18.79 -27.84
CA LEU O 149 29.95 17.40 -27.58
C LEU O 149 30.70 16.82 -26.39
N LYS O 150 32.00 17.07 -26.34
CA LYS O 150 32.83 16.65 -25.22
C LYS O 150 32.32 17.26 -23.92
N LEU O 151 31.85 18.50 -24.00
CA LEU O 151 31.27 19.20 -22.86
C LEU O 151 30.02 18.44 -22.43
N ARG O 152 29.19 18.06 -23.40
CA ARG O 152 27.98 17.29 -23.12
C ARG O 152 28.33 16.02 -22.36
N ALA O 153 29.36 15.32 -22.83
CA ALA O 153 29.81 14.10 -22.18
C ALA O 153 30.23 14.37 -20.75
N ARG O 154 30.94 15.47 -20.52
CA ARG O 154 31.36 15.83 -19.17
C ARG O 154 30.15 16.11 -18.27
N ILE O 155 29.13 16.74 -18.86
CA ILE O 155 27.90 17.05 -18.14
C ILE O 155 27.16 15.80 -17.70
N THR O 156 26.85 14.92 -18.66
CA THR O 156 26.16 13.68 -18.34
C THR O 156 26.97 12.84 -17.36
N SER O 157 28.29 12.89 -17.50
CA SER O 157 29.19 12.22 -16.57
C SER O 157 28.99 12.71 -15.13
N SER O 158 29.06 14.02 -14.96
CA SER O 158 28.89 14.64 -13.65
C SER O 158 27.53 14.35 -13.04
N ILE O 159 26.49 14.46 -13.84
CA ILE O 159 25.13 14.22 -13.37
C ILE O 159 24.95 12.77 -12.94
N ARG O 160 25.39 11.85 -13.78
CA ARG O 160 25.35 10.42 -13.44
C ARG O 160 26.11 10.12 -12.16
N ARG O 161 27.28 10.74 -12.02
CA ARG O 161 28.09 10.55 -10.82
C ARG O 161 27.36 11.02 -9.57
N TYR O 162 26.79 12.23 -9.64
CA TYR O 162 26.03 12.77 -8.51
C TYR O 162 24.87 11.87 -8.14
N LEU O 163 23.98 11.61 -9.10
CA LEU O 163 22.79 10.80 -8.84
C LEU O 163 23.14 9.39 -8.33
N ASP O 164 24.22 8.82 -8.84
CA ASP O 164 24.67 7.52 -8.36
C ASP O 164 25.12 7.62 -6.90
N ASP O 165 25.90 8.65 -6.59
CA ASP O 165 26.43 8.84 -5.24
C ASP O 165 25.33 9.11 -4.19
N ASN O 166 24.15 9.53 -4.66
CA ASN O 166 23.06 9.86 -3.75
C ASN O 166 21.97 8.78 -3.73
N GLY O 167 22.34 7.57 -4.10
CA GLY O 167 21.45 6.43 -3.98
C GLY O 167 20.32 6.36 -4.99
N PHE O 168 20.56 6.86 -6.20
CA PHE O 168 19.58 6.71 -7.26
C PHE O 168 19.94 5.52 -8.14
N LEU O 169 18.92 4.90 -8.73
CA LEU O 169 19.11 3.70 -9.53
C LEU O 169 18.92 3.95 -11.02
N ASP O 170 19.95 3.71 -11.81
CA ASP O 170 19.87 3.84 -13.26
C ASP O 170 19.06 2.69 -13.85
N VAL O 171 17.77 2.93 -14.05
CA VAL O 171 16.86 1.90 -14.56
C VAL O 171 16.29 2.27 -15.92
N GLU O 172 16.24 1.30 -16.82
CA GLU O 172 15.77 1.52 -18.19
C GLU O 172 14.28 1.17 -18.35
N THR O 173 13.54 2.07 -19.00
CA THR O 173 12.14 1.83 -19.28
C THR O 173 11.97 1.56 -20.77
N PRO O 174 10.99 0.70 -21.13
CA PRO O 174 10.79 0.33 -22.53
C PRO O 174 10.35 1.50 -23.41
N ILE O 175 10.77 1.47 -24.68
CA ILE O 175 10.37 2.48 -25.64
C ILE O 175 9.05 2.12 -26.34
N LEU O 176 8.95 0.89 -26.82
CA LEU O 176 7.72 0.44 -27.46
C LEU O 176 6.57 0.27 -26.46
N GLY O 177 5.71 1.27 -26.38
CA GLY O 177 4.59 1.24 -25.45
C GLY O 177 3.24 1.41 -26.11
N ARG O 178 2.22 1.62 -25.29
CA ARG O 178 0.85 1.77 -25.76
C ARG O 178 0.57 3.23 -26.09
N PRO O 179 -0.03 3.50 -27.27
CA PRO O 179 -0.38 4.88 -27.61
C PRO O 179 -1.48 5.43 -26.71
N THR O 180 -1.44 6.73 -26.38
CA THR O 180 -2.48 7.27 -25.51
C THR O 180 -3.13 8.50 -26.11
N PRO O 181 -4.45 8.62 -25.95
CA PRO O 181 -5.09 9.86 -26.40
C PRO O 181 -4.92 11.12 -25.53
N GLU O 182 -5.69 12.16 -25.89
CA GLU O 182 -5.77 13.45 -25.17
C GLU O 182 -4.59 14.45 -25.17
N GLY O 183 -3.46 13.99 -24.64
CA GLY O 183 -2.29 14.85 -24.51
C GLY O 183 -1.59 15.23 -25.79
N ALA O 184 -1.03 14.28 -26.51
CA ALA O 184 -0.48 14.61 -27.81
C ALA O 184 -0.27 13.39 -28.68
N ARG O 185 -0.02 13.66 -29.95
CA ARG O 185 0.21 12.63 -30.94
C ARG O 185 1.51 11.83 -30.75
N ASP O 186 1.35 10.52 -30.65
CA ASP O 186 2.41 9.56 -30.42
C ASP O 186 3.01 9.08 -31.74
N TYR O 187 4.33 8.96 -31.83
CA TYR O 187 4.90 8.30 -33.00
C TYR O 187 4.55 6.82 -32.88
N LEU O 188 4.00 6.28 -33.95
CA LEU O 188 3.51 4.90 -33.98
C LEU O 188 4.42 3.91 -34.71
N VAL O 189 4.39 2.66 -34.26
CA VAL O 189 5.20 1.60 -34.88
C VAL O 189 4.34 0.37 -35.17
N PRO O 190 4.05 0.12 -36.45
CA PRO O 190 3.21 -1.02 -36.87
C PRO O 190 3.76 -2.37 -36.40
N SER O 191 2.88 -3.22 -35.88
CA SER O 191 3.27 -4.52 -35.35
C SER O 191 3.12 -5.65 -36.38
N ARG O 192 4.21 -6.36 -36.63
CA ARG O 192 4.20 -7.47 -37.59
C ARG O 192 3.37 -8.64 -37.07
N THR O 193 3.40 -8.84 -35.76
CA THR O 193 2.76 -9.99 -35.14
C THR O 193 1.30 -9.72 -34.77
N TYR O 194 0.98 -8.46 -34.49
CA TYR O 194 -0.40 -8.07 -34.18
C TYR O 194 -0.95 -7.08 -35.20
N PRO O 195 -1.49 -7.60 -36.31
CA PRO O 195 -1.97 -6.76 -37.41
C PRO O 195 -3.08 -5.83 -36.97
N GLY O 196 -2.97 -4.55 -37.33
CA GLY O 196 -3.97 -3.57 -36.96
C GLY O 196 -3.65 -2.87 -35.65
N HIS O 197 -2.59 -3.31 -34.98
CA HIS O 197 -2.17 -2.71 -33.72
C HIS O 197 -0.84 -1.99 -33.85
N PHE O 198 -0.59 -1.05 -32.95
CA PHE O 198 0.62 -0.21 -33.02
C PHE O 198 1.31 -0.07 -31.67
N PHE O 199 2.63 0.09 -31.71
CA PHE O 199 3.40 0.53 -30.56
C PHE O 199 3.50 2.05 -30.60
N ALA O 200 3.94 2.65 -29.50
CA ALA O 200 4.08 4.10 -29.46
C ALA O 200 5.31 4.54 -28.68
N LEU O 201 6.07 5.47 -29.26
CA LEU O 201 7.25 6.02 -28.62
C LEU O 201 6.79 6.93 -27.48
N PRO O 202 7.46 6.84 -26.32
CA PRO O 202 7.01 7.56 -25.12
C PRO O 202 7.35 9.05 -25.20
N GLN O 203 6.48 9.89 -24.63
CA GLN O 203 6.78 11.31 -24.54
C GLN O 203 7.64 11.60 -23.32
N SER O 204 7.55 10.69 -22.36
CA SER O 204 8.26 10.78 -21.09
C SER O 204 8.03 9.49 -20.32
N PRO O 205 9.01 9.06 -19.52
CA PRO O 205 8.78 7.84 -18.73
C PRO O 205 7.90 8.06 -17.51
N GLN O 206 6.89 8.94 -17.59
CA GLN O 206 6.08 9.35 -16.43
C GLN O 206 5.44 8.14 -15.75
N LEU O 207 4.56 7.48 -16.50
CA LEU O 207 3.83 6.31 -16.05
C LEU O 207 4.82 5.27 -15.54
N PHE O 208 5.91 5.11 -16.28
CA PHE O 208 6.96 4.18 -15.94
C PHE O 208 7.59 4.56 -14.59
N LYS O 209 7.78 5.85 -14.34
CA LYS O 209 8.36 6.29 -13.07
C LYS O 209 7.41 5.99 -11.93
N GLN O 210 6.12 6.17 -12.18
CA GLN O 210 5.14 5.84 -11.14
C GLN O 210 5.13 4.35 -10.84
N LEU O 211 5.19 3.52 -11.89
CA LEU O 211 5.26 2.08 -11.68
C LEU O 211 6.52 1.68 -10.91
N LEU O 212 7.63 2.35 -11.21
CA LEU O 212 8.89 2.13 -10.50
C LEU O 212 8.83 2.56 -9.04
N MET O 213 7.98 3.53 -8.74
CA MET O 213 7.74 3.91 -7.35
C MET O 213 6.90 2.86 -6.64
N VAL O 214 5.89 2.38 -7.34
CA VAL O 214 5.06 1.28 -6.87
C VAL O 214 5.90 0.02 -6.66
N ALA O 215 6.93 -0.14 -7.49
CA ALA O 215 7.77 -1.34 -7.45
C ALA O 215 8.73 -1.37 -6.27
N GLY O 216 8.76 -0.31 -5.48
CA GLY O 216 9.55 -0.30 -4.26
C GLY O 216 10.89 0.42 -4.33
N PHE O 217 11.33 0.71 -5.55
CA PHE O 217 12.54 1.50 -5.74
C PHE O 217 12.38 2.91 -5.18
N ASP O 218 13.11 3.23 -4.11
CA ASP O 218 12.88 4.49 -3.41
C ASP O 218 13.22 5.68 -4.30
N ARG O 219 14.32 5.58 -5.02
CA ARG O 219 14.78 6.68 -5.87
C ARG O 219 15.27 6.18 -7.23
N TYR O 220 14.65 6.70 -8.28
CA TYR O 220 14.95 6.30 -9.65
C TYR O 220 15.39 7.49 -10.51
N TYR O 221 16.34 7.24 -11.40
CA TYR O 221 16.71 8.23 -12.41
C TYR O 221 17.06 7.53 -13.73
N GLN O 222 16.91 8.25 -14.83
CA GLN O 222 17.23 7.70 -16.15
C GLN O 222 17.42 8.81 -17.17
N ILE O 223 18.45 8.71 -17.99
CA ILE O 223 18.64 9.64 -19.10
C ILE O 223 18.05 9.05 -20.37
N ALA O 224 16.77 9.34 -20.61
CA ALA O 224 15.97 8.63 -21.60
C ALA O 224 15.65 9.43 -22.87
N LYS O 225 15.50 8.71 -23.98
CA LYS O 225 15.09 9.27 -25.27
C LYS O 225 13.58 9.48 -25.35
N CYS O 226 13.17 10.66 -25.80
CA CYS O 226 11.75 11.00 -25.91
C CYS O 226 11.39 11.51 -27.31
N PHE O 227 10.14 11.26 -27.71
CA PHE O 227 9.70 11.50 -29.08
C PHE O 227 8.34 12.19 -29.13
N ARG O 228 8.26 13.36 -29.76
CA ARG O 228 6.97 14.02 -29.95
C ARG O 228 6.64 14.37 -31.39
N ASP O 229 5.49 13.90 -31.85
CA ASP O 229 5.03 14.11 -33.22
C ASP O 229 4.22 15.41 -33.33
N GLU O 230 4.69 16.47 -32.67
CA GLU O 230 4.07 17.78 -32.74
C GLU O 230 4.88 18.61 -33.73
N ASP O 231 4.35 19.75 -34.18
CA ASP O 231 5.14 20.53 -35.14
C ASP O 231 6.37 21.12 -34.46
N LEU O 232 7.31 21.52 -35.30
CA LEU O 232 8.63 21.95 -34.87
C LEU O 232 8.89 23.45 -34.74
N ARG O 233 10.02 23.76 -34.12
CA ARG O 233 10.56 25.13 -34.08
C ARG O 233 12.10 25.13 -34.02
N ALA O 234 12.67 26.32 -33.90
CA ALA O 234 14.12 26.54 -33.88
C ALA O 234 14.90 25.83 -32.77
N ASP O 235 14.26 25.70 -31.61
CA ASP O 235 14.88 25.12 -30.42
C ASP O 235 14.16 23.86 -29.96
N ARG O 236 13.42 23.27 -30.90
CA ARG O 236 12.61 22.09 -30.63
C ARG O 236 12.87 21.03 -31.70
N GLN O 237 13.10 19.80 -31.25
CA GLN O 237 13.36 18.68 -32.14
C GLN O 237 12.44 17.49 -31.82
N PRO O 238 12.19 16.61 -32.81
CA PRO O 238 11.31 15.46 -32.59
C PRO O 238 11.88 14.39 -31.67
N GLU O 239 13.20 14.21 -31.68
CA GLU O 239 13.83 13.25 -30.80
C GLU O 239 14.75 13.99 -29.85
N PHE O 240 14.38 13.99 -28.57
CA PHE O 240 15.13 14.75 -27.57
C PHE O 240 15.39 13.94 -26.31
N THR O 241 16.59 14.14 -25.76
CA THR O 241 17.03 13.44 -24.55
C THR O 241 16.70 14.18 -23.26
N GLN O 242 16.18 13.45 -22.28
CA GLN O 242 15.70 14.04 -21.04
C GLN O 242 16.26 13.34 -19.80
N ILE O 243 16.57 14.13 -18.78
CA ILE O 243 17.06 13.61 -17.51
C ILE O 243 15.86 13.44 -16.59
N ASP O 244 15.40 12.20 -16.53
CA ASP O 244 14.23 11.81 -15.76
C ASP O 244 14.61 11.50 -14.31
N ILE O 245 13.81 12.00 -13.37
CA ILE O 245 14.03 11.73 -11.95
C ILE O 245 12.72 11.54 -11.20
N GLU O 246 12.64 10.50 -10.37
CA GLU O 246 11.46 10.27 -9.54
C GLU O 246 11.85 9.68 -8.19
N THR O 247 11.23 10.14 -7.11
CA THR O 247 11.60 9.66 -5.78
C THR O 247 10.38 9.31 -4.93
N SER O 248 10.61 8.45 -3.92
CA SER O 248 9.58 8.06 -2.97
C SER O 248 9.90 8.60 -1.57
N PHE O 249 8.86 8.81 -0.77
CA PHE O 249 9.00 9.25 0.62
C PHE O 249 9.80 10.54 0.77
N LEU O 250 9.54 11.50 -0.11
CA LEU O 250 10.19 12.80 -0.06
C LEU O 250 9.19 13.89 -0.37
N ASP O 251 9.30 15.02 0.34
CA ASP O 251 8.45 16.16 0.06
C ASP O 251 9.14 17.06 -0.96
N GLU O 252 8.50 18.17 -1.30
CA GLU O 252 9.01 19.08 -2.31
C GLU O 252 10.35 19.73 -1.95
N SER O 253 10.54 19.99 -0.66
CA SER O 253 11.78 20.62 -0.17
C SER O 253 12.99 19.72 -0.40
N ASP O 254 12.83 18.44 -0.11
CA ASP O 254 13.91 17.49 -0.30
C ASP O 254 14.26 17.36 -1.78
N ILE O 255 13.25 17.28 -2.63
CA ILE O 255 13.50 17.10 -4.06
C ILE O 255 14.20 18.31 -4.65
N ILE O 256 13.66 19.50 -4.39
CA ILE O 256 14.32 20.72 -4.86
C ILE O 256 15.72 20.86 -4.26
N GLY O 257 15.92 20.40 -3.03
CA GLY O 257 17.23 20.40 -2.41
C GLY O 257 18.26 19.56 -3.16
N ILE O 258 17.92 18.29 -3.39
CA ILE O 258 18.83 17.37 -4.09
C ILE O 258 19.10 17.90 -5.49
N THR O 259 18.06 18.27 -6.20
CA THR O 259 18.21 18.73 -7.58
C THR O 259 19.05 20.03 -7.68
N GLU O 260 18.79 20.98 -6.79
CA GLU O 260 19.57 22.22 -6.77
C GLU O 260 21.04 21.95 -6.47
N LYS O 261 21.27 21.11 -5.48
CA LYS O 261 22.62 20.70 -5.10
C LYS O 261 23.33 20.09 -6.30
N MET O 262 22.58 19.25 -7.02
CA MET O 262 23.06 18.63 -8.24
C MET O 262 23.50 19.68 -9.25
N VAL O 263 22.62 20.64 -9.54
CA VAL O 263 22.96 21.67 -10.51
C VAL O 263 24.21 22.45 -10.12
N ARG O 264 24.33 22.80 -8.84
CA ARG O 264 25.53 23.49 -8.37
C ARG O 264 26.79 22.65 -8.55
N GLN O 265 26.75 21.40 -8.08
CA GLN O 265 27.88 20.49 -8.18
C GLN O 265 28.29 20.28 -9.63
N LEU O 266 27.30 20.20 -10.51
CA LEU O 266 27.53 20.03 -11.94
C LEU O 266 28.22 21.26 -12.53
N PHE O 267 27.69 22.43 -12.21
CA PHE O 267 28.27 23.69 -12.68
C PHE O 267 29.68 23.93 -12.16
N LYS O 268 30.00 23.35 -11.00
CA LYS O 268 31.34 23.49 -10.45
C LYS O 268 32.31 22.45 -11.00
N GLU O 269 31.78 21.27 -11.31
CA GLU O 269 32.57 20.20 -11.92
C GLU O 269 32.98 20.54 -13.34
N VAL O 270 32.06 21.14 -14.09
CA VAL O 270 32.26 21.38 -15.52
C VAL O 270 32.78 22.78 -15.83
N LEU O 271 31.95 23.80 -15.62
CA LEU O 271 32.31 25.18 -15.98
C LEU O 271 33.10 25.86 -14.87
N ASP O 272 33.10 25.23 -13.70
CA ASP O 272 33.72 25.74 -12.45
C ASP O 272 33.22 27.13 -12.07
N VAL O 273 31.92 27.23 -11.84
CA VAL O 273 31.30 28.46 -11.35
C VAL O 273 30.48 28.05 -10.13
N GLU O 274 30.15 29.00 -9.26
CA GLU O 274 29.34 28.63 -8.10
C GLU O 274 28.08 29.48 -7.98
N PHE O 275 27.03 28.92 -7.40
CA PHE O 275 25.72 29.54 -7.53
C PHE O 275 25.13 30.10 -6.24
N ASP O 276 25.90 30.07 -5.15
CA ASP O 276 25.33 30.46 -3.85
C ASP O 276 24.09 29.63 -3.53
N GLU O 277 22.95 30.33 -3.46
CA GLU O 277 21.66 29.70 -3.23
C GLU O 277 20.66 30.13 -4.31
N PHE O 278 19.69 29.26 -4.58
CA PHE O 278 18.62 29.50 -5.55
C PHE O 278 17.41 30.14 -4.88
N PRO O 279 17.09 31.39 -5.25
CA PRO O 279 15.88 31.99 -4.67
C PRO O 279 14.64 31.28 -5.18
N HIS O 280 13.73 30.99 -4.26
CA HIS O 280 12.42 30.41 -4.59
C HIS O 280 11.33 31.45 -4.77
N MET O 281 10.86 31.61 -6.00
CA MET O 281 9.83 32.59 -6.29
C MET O 281 8.52 31.89 -6.70
N PRO O 282 7.43 32.27 -6.03
CA PRO O 282 6.09 31.77 -6.35
C PRO O 282 5.62 32.19 -7.74
N PHE O 283 4.77 31.36 -8.36
CA PHE O 283 4.21 31.68 -9.68
C PHE O 283 3.50 33.02 -9.67
N GLU O 284 2.72 33.24 -8.62
CA GLU O 284 1.94 34.46 -8.47
C GLU O 284 2.88 35.66 -8.44
N GLU O 285 3.98 35.52 -7.69
CA GLU O 285 4.99 36.57 -7.60
C GLU O 285 5.70 36.78 -8.92
N ALA O 286 6.11 35.69 -9.58
CA ALA O 286 6.78 35.78 -10.87
C ALA O 286 5.94 36.52 -11.90
N MET O 287 4.64 36.22 -11.93
CA MET O 287 3.70 36.86 -12.83
C MET O 287 3.50 38.32 -12.40
N ARG O 288 3.59 38.53 -11.09
CA ARG O 288 3.38 39.84 -10.49
C ARG O 288 4.47 40.83 -10.88
N ARG O 289 5.73 40.43 -10.72
CA ARG O 289 6.84 41.35 -10.88
C ARG O 289 7.68 41.07 -12.13
N TYR O 290 7.20 40.19 -13.01
CA TYR O 290 7.90 39.91 -14.26
C TYR O 290 6.95 39.67 -15.42
N GLY O 291 5.70 39.33 -15.11
CA GLY O 291 4.71 39.04 -16.13
C GLY O 291 5.10 37.81 -16.92
N SER O 292 5.82 36.90 -16.28
CA SER O 292 6.28 35.68 -16.95
C SER O 292 6.46 34.53 -15.96
N ASP O 293 6.17 33.32 -16.42
CA ASP O 293 6.37 32.12 -15.64
C ASP O 293 7.81 31.64 -15.65
N LYS O 294 8.64 32.27 -16.48
CA LYS O 294 10.06 31.97 -16.53
C LYS O 294 10.93 33.24 -16.50
N PRO O 295 11.03 33.89 -15.32
CA PRO O 295 11.74 35.16 -15.17
C PRO O 295 13.23 35.08 -15.49
N ASP O 296 13.74 36.10 -16.16
CA ASP O 296 15.17 36.25 -16.40
C ASP O 296 15.82 37.14 -15.33
N LEU O 297 16.36 36.53 -14.29
CA LEU O 297 16.88 37.28 -13.14
C LEU O 297 18.23 37.98 -13.38
N ARG O 298 18.66 38.07 -14.64
CA ARG O 298 19.86 38.83 -14.95
C ARG O 298 19.48 40.28 -15.18
N ILE O 299 18.28 40.46 -15.74
CA ILE O 299 17.74 41.80 -15.97
C ILE O 299 17.00 42.29 -14.73
N PRO O 300 17.52 43.35 -14.10
CA PRO O 300 17.03 43.94 -12.85
C PRO O 300 15.69 44.66 -13.00
N LEU O 301 15.31 45.00 -14.23
CA LEU O 301 14.04 45.66 -14.51
C LEU O 301 12.83 44.86 -14.01
N GLU O 302 11.90 45.55 -13.35
CA GLU O 302 10.78 44.90 -12.68
C GLU O 302 9.47 45.64 -12.94
N LEU O 303 8.39 44.88 -13.14
CA LEU O 303 7.05 45.42 -13.32
C LEU O 303 6.37 45.83 -12.00
N VAL O 304 5.85 47.05 -11.95
CA VAL O 304 5.15 47.52 -10.76
C VAL O 304 3.71 47.95 -11.04
N ASP O 305 2.77 47.29 -10.38
CA ASP O 305 1.34 47.61 -10.48
C ASP O 305 1.02 49.00 -9.91
N VAL O 306 0.13 49.72 -10.59
CA VAL O 306 -0.12 51.14 -10.31
C VAL O 306 -1.57 51.51 -10.68
N ALA O 307 -2.35 50.49 -11.01
CA ALA O 307 -3.75 50.66 -11.45
C ALA O 307 -4.73 51.25 -10.44
N ASP O 308 -4.40 51.19 -9.15
CA ASP O 308 -5.30 51.67 -8.11
C ASP O 308 -5.57 53.18 -8.12
N GLN O 309 -4.63 53.95 -8.66
CA GLN O 309 -4.72 55.42 -8.68
C GLN O 309 -5.30 55.95 -9.99
N LEU O 310 -5.72 55.05 -10.87
CA LEU O 310 -6.18 55.41 -12.21
C LEU O 310 -7.61 54.93 -12.42
N LYS O 311 -8.38 54.94 -11.35
CA LYS O 311 -9.76 54.50 -11.32
C LYS O 311 -10.72 55.51 -11.97
N GLU O 312 -10.99 56.61 -11.28
CA GLU O 312 -11.85 57.66 -11.84
C GLU O 312 -11.08 58.67 -12.70
N VAL O 313 -10.69 58.23 -13.89
CA VAL O 313 -9.97 59.07 -14.83
C VAL O 313 -10.72 59.09 -16.17
N GLU O 314 -10.66 60.22 -16.87
CA GLU O 314 -11.43 60.39 -18.10
C GLU O 314 -11.05 59.42 -19.22
N PHE O 315 -9.77 59.10 -19.33
CA PHE O 315 -9.29 58.19 -20.36
C PHE O 315 -9.82 56.80 -20.03
N LYS O 316 -10.38 56.12 -21.02
CA LYS O 316 -11.18 54.93 -20.78
C LYS O 316 -10.39 53.63 -20.99
N VAL O 317 -9.25 53.71 -21.65
CA VAL O 317 -8.48 52.49 -21.90
C VAL O 317 -7.65 52.15 -20.64
N PHE O 318 -7.43 53.14 -19.78
CA PHE O 318 -6.81 52.87 -18.48
C PHE O 318 -7.87 52.48 -17.46
N SER O 319 -8.85 53.37 -17.29
CA SER O 319 -9.92 53.19 -16.30
C SER O 319 -10.72 51.91 -16.56
N GLY O 320 -10.82 51.53 -17.83
CA GLY O 320 -11.53 50.33 -18.23
C GLY O 320 -11.07 49.10 -17.48
N PRO O 321 -9.84 48.64 -17.76
CA PRO O 321 -9.25 47.50 -17.05
C PRO O 321 -8.89 47.78 -15.59
N ALA O 322 -8.76 49.05 -15.20
CA ALA O 322 -8.47 49.34 -13.81
C ALA O 322 -9.64 49.00 -12.90
N ASN O 323 -10.86 49.16 -13.42
CA ASN O 323 -12.05 48.77 -12.66
C ASN O 323 -12.51 47.38 -13.06
N ASP O 324 -11.92 46.88 -14.13
CA ASP O 324 -12.15 45.53 -14.62
C ASP O 324 -11.27 44.50 -13.93
N PRO O 325 -11.89 43.52 -13.27
CA PRO O 325 -11.11 42.48 -12.58
C PRO O 325 -10.32 41.69 -13.62
N LYS O 326 -10.87 41.60 -14.82
CA LYS O 326 -10.29 40.81 -15.90
C LYS O 326 -9.11 41.49 -16.60
N GLY O 327 -8.17 42.05 -15.82
CA GLY O 327 -7.02 42.72 -16.40
C GLY O 327 -6.28 43.68 -15.49
N ARG O 328 -5.17 44.22 -15.96
CA ARG O 328 -4.40 45.18 -15.18
C ARG O 328 -3.70 46.29 -15.97
N VAL O 329 -3.08 47.21 -15.23
CA VAL O 329 -2.32 48.32 -15.79
C VAL O 329 -0.98 48.35 -15.02
N ALA O 330 0.07 47.81 -15.62
CA ALA O 330 1.38 47.75 -14.98
C ALA O 330 2.38 48.76 -15.58
N ALA O 331 3.27 49.28 -14.73
CA ALA O 331 4.30 50.21 -15.16
C ALA O 331 5.70 49.58 -15.12
N LEU O 332 6.60 50.07 -15.98
CA LEU O 332 7.96 49.54 -16.07
C LEU O 332 9.02 50.64 -16.17
N ARG O 333 9.80 50.81 -15.11
CA ARG O 333 10.87 51.82 -15.09
C ARG O 333 12.19 51.34 -15.71
N VAL O 334 12.62 52.02 -16.76
CA VAL O 334 13.96 51.83 -17.34
C VAL O 334 14.87 53.04 -17.08
N PRO O 335 15.95 52.81 -16.32
CA PRO O 335 16.86 53.84 -15.78
C PRO O 335 17.83 54.40 -16.83
N GLY O 336 18.09 55.71 -16.79
CA GLY O 336 19.01 56.33 -17.72
C GLY O 336 18.64 56.27 -19.18
N ALA O 337 17.39 55.90 -19.47
CA ALA O 337 16.97 55.64 -20.84
C ALA O 337 16.13 56.78 -21.42
N ALA O 338 16.21 57.95 -20.80
CA ALA O 338 15.55 59.13 -21.35
C ALA O 338 16.17 59.61 -22.65
N SER O 339 17.42 59.25 -22.89
CA SER O 339 18.10 59.66 -24.12
C SER O 339 17.60 58.89 -25.34
N MET O 340 16.65 57.99 -25.13
CA MET O 340 16.11 57.15 -26.20
C MET O 340 15.42 57.98 -27.28
N PRO O 341 15.77 57.72 -28.55
CA PRO O 341 15.09 58.37 -29.68
C PRO O 341 13.67 57.87 -29.90
N ARG O 342 12.79 58.76 -30.37
CA ARG O 342 11.39 58.42 -30.63
C ARG O 342 11.22 57.22 -31.56
N SER O 343 12.22 57.02 -32.42
CA SER O 343 12.28 55.87 -33.32
C SER O 343 12.23 54.55 -32.56
N GLN O 344 13.11 54.41 -31.57
CA GLN O 344 13.20 53.19 -30.77
C GLN O 344 11.89 52.97 -30.03
N ILE O 345 11.32 54.06 -29.53
CA ILE O 345 10.03 54.03 -28.87
C ILE O 345 8.97 53.45 -29.81
N ASP O 346 8.98 53.90 -31.06
CA ASP O 346 8.02 53.42 -32.05
C ASP O 346 8.22 51.94 -32.35
N ASP O 347 9.49 51.54 -32.45
CA ASP O 347 9.86 50.14 -32.63
C ASP O 347 9.29 49.28 -31.51
N TYR O 348 9.38 49.79 -30.28
CA TYR O 348 8.89 49.06 -29.11
C TYR O 348 7.37 49.00 -29.09
N THR O 349 6.71 50.08 -29.49
CA THR O 349 5.25 50.09 -29.55
C THR O 349 4.77 49.06 -30.56
N LYS O 350 5.43 49.02 -31.70
CA LYS O 350 5.11 48.02 -32.72
C LYS O 350 5.42 46.62 -32.19
N PHE O 351 6.44 46.52 -31.35
CA PHE O 351 6.82 45.23 -30.77
C PHE O 351 5.76 44.70 -29.81
N VAL O 352 5.32 45.54 -28.87
CA VAL O 352 4.27 45.16 -27.94
C VAL O 352 2.94 45.00 -28.67
N GLY O 353 2.88 45.55 -29.87
CA GLY O 353 1.71 45.41 -30.71
C GLY O 353 1.44 43.95 -31.10
N ILE O 354 2.52 43.19 -31.30
CA ILE O 354 2.39 41.80 -31.77
C ILE O 354 1.83 40.88 -30.68
N TYR O 355 1.77 41.36 -29.43
CA TYR O 355 1.23 40.53 -28.37
C TYR O 355 -0.16 41.01 -27.96
N GLY O 356 -0.71 41.92 -28.76
CA GLY O 356 -2.08 42.36 -28.61
C GLY O 356 -2.34 43.69 -27.93
N ALA O 357 -1.29 44.38 -27.48
CA ALA O 357 -1.50 45.64 -26.80
C ALA O 357 -1.89 46.74 -27.78
N LYS O 358 -2.99 47.43 -27.50
CA LYS O 358 -3.45 48.52 -28.36
C LYS O 358 -2.44 49.66 -28.43
N GLY O 359 -1.70 49.86 -27.34
CA GLY O 359 -0.69 50.91 -27.28
C GLY O 359 0.26 50.80 -26.10
N LEU O 360 1.48 51.29 -26.29
CA LEU O 360 2.49 51.33 -25.23
C LEU O 360 2.67 52.75 -24.72
N ALA O 361 1.94 53.12 -23.68
CA ALA O 361 2.05 54.47 -23.11
C ALA O 361 3.39 54.70 -22.43
N TYR O 362 3.88 55.94 -22.38
CA TYR O 362 5.15 56.17 -21.70
C TYR O 362 5.23 57.57 -21.07
N ILE O 363 6.13 57.71 -20.10
CA ILE O 363 6.46 58.99 -19.46
C ILE O 363 7.97 59.20 -19.29
N LYS O 364 8.56 60.22 -19.89
CA LYS O 364 9.96 60.50 -19.65
C LYS O 364 10.17 61.41 -18.43
N VAL O 365 10.80 60.89 -17.37
CA VAL O 365 11.03 61.69 -16.16
C VAL O 365 12.42 62.32 -16.19
N ASN O 366 12.40 63.64 -16.29
CA ASN O 366 13.55 64.54 -16.39
C ASN O 366 13.82 65.46 -15.19
N GLU O 367 12.77 66.17 -14.78
CA GLU O 367 12.80 67.06 -13.62
C GLU O 367 11.66 66.84 -12.64
N ARG O 368 11.95 66.14 -11.54
CA ARG O 368 10.96 65.79 -10.54
C ARG O 368 10.45 67.01 -9.79
N ALA O 369 11.24 68.07 -9.76
CA ALA O 369 10.88 69.25 -9.00
C ALA O 369 9.95 70.27 -9.69
N LYS O 370 9.74 70.16 -10.99
CA LYS O 370 8.88 71.15 -11.64
C LYS O 370 7.41 70.80 -11.81
N GLY O 371 6.96 69.65 -11.29
CA GLY O 371 5.55 69.32 -11.36
C GLY O 371 5.10 68.86 -12.74
N VAL O 372 3.94 69.39 -13.11
CA VAL O 372 3.25 69.09 -14.37
C VAL O 372 4.07 69.47 -15.60
N GLU O 373 4.73 70.63 -15.53
CA GLU O 373 5.68 71.06 -16.53
C GLU O 373 7.05 70.39 -16.43
N GLY O 374 7.08 69.19 -15.84
CA GLY O 374 8.34 68.54 -15.49
C GLY O 374 8.28 67.13 -16.01
N LEU O 375 7.10 66.75 -16.50
CA LEU O 375 6.86 65.46 -17.14
C LEU O 375 6.42 65.59 -18.60
N GLN O 376 7.36 65.65 -19.53
CA GLN O 376 7.00 65.81 -20.95
C GLN O 376 6.39 64.50 -21.44
N SER O 377 5.11 64.58 -21.81
CA SER O 377 4.35 63.45 -22.34
C SER O 377 2.94 63.91 -22.73
N PRO O 378 2.35 63.27 -23.76
CA PRO O 378 1.00 63.52 -24.25
C PRO O 378 -0.08 62.92 -23.34
N ILE O 379 0.37 62.14 -22.37
CA ILE O 379 -0.51 61.40 -21.46
C ILE O 379 -0.81 62.17 -20.18
N VAL O 380 0.16 62.96 -19.73
CA VAL O 380 0.12 63.74 -18.48
C VAL O 380 -1.15 64.57 -18.20
N LYS O 381 -1.89 64.96 -19.22
CA LYS O 381 -3.08 65.80 -19.00
C LYS O 381 -4.30 65.14 -18.34
N PHE O 382 -4.53 63.86 -18.55
CA PHE O 382 -5.76 63.26 -18.02
C PHE O 382 -5.54 62.70 -16.60
N ILE O 383 -4.31 62.82 -16.07
CA ILE O 383 -4.00 62.28 -14.75
C ILE O 383 -3.48 63.34 -13.78
N PRO O 384 -4.12 63.41 -12.59
CA PRO O 384 -3.85 64.30 -11.45
C PRO O 384 -2.42 64.25 -10.91
N GLU O 385 -2.00 65.34 -10.27
CA GLU O 385 -0.64 65.51 -9.78
C GLU O 385 -0.30 64.60 -8.61
N ALA O 386 -1.26 64.38 -7.72
CA ALA O 386 -1.05 63.57 -6.52
C ALA O 386 -0.74 62.13 -6.89
N ASN O 387 -1.64 61.53 -7.67
CA ASN O 387 -1.48 60.17 -8.15
C ASN O 387 -0.13 60.04 -8.86
N LEU O 388 0.15 60.99 -9.74
CA LEU O 388 1.43 61.06 -10.44
C LEU O 388 2.60 60.97 -9.46
N ASN O 389 2.55 61.81 -8.41
CA ASN O 389 3.64 61.88 -7.45
C ASN O 389 3.84 60.59 -6.66
N VAL O 390 2.75 59.94 -6.24
CA VAL O 390 2.90 58.69 -5.51
C VAL O 390 3.29 57.54 -6.45
N ILE O 391 2.96 57.68 -7.73
CA ILE O 391 3.41 56.73 -8.74
C ILE O 391 4.93 56.82 -8.91
N LEU O 392 5.41 58.03 -9.15
CA LEU O 392 6.83 58.29 -9.28
C LEU O 392 7.58 57.87 -8.03
N ASP O 393 6.96 58.08 -6.87
CA ASP O 393 7.54 57.64 -5.61
C ASP O 393 7.68 56.13 -5.55
N ARG O 394 6.61 55.44 -5.93
CA ARG O 394 6.57 53.98 -5.88
C ARG O 394 7.51 53.27 -6.87
N VAL O 395 7.54 53.76 -8.10
CA VAL O 395 8.35 53.12 -9.14
C VAL O 395 9.86 53.32 -9.01
N GLY O 396 10.29 54.24 -8.15
CA GLY O 396 11.70 54.42 -7.90
C GLY O 396 12.41 55.33 -8.89
N ALA O 397 11.63 56.13 -9.63
CA ALA O 397 12.17 56.98 -10.70
C ALA O 397 12.83 58.25 -10.17
N VAL O 398 13.91 58.65 -10.84
CA VAL O 398 14.54 59.94 -10.57
C VAL O 398 14.82 60.65 -11.91
N ASP O 399 15.61 61.72 -11.89
CA ASP O 399 15.94 62.48 -13.10
C ASP O 399 16.67 61.64 -14.15
N GLY O 400 16.14 61.58 -15.37
CA GLY O 400 16.83 60.88 -16.43
C GLY O 400 16.23 59.55 -16.84
N ASP O 401 15.16 59.14 -16.18
CA ASP O 401 14.60 57.80 -16.42
C ASP O 401 13.37 57.80 -17.32
N ILE O 402 13.01 56.65 -17.86
CA ILE O 402 11.74 56.52 -18.56
C ILE O 402 10.83 55.51 -17.87
N VAL O 403 9.56 55.83 -17.73
CA VAL O 403 8.57 54.89 -17.19
C VAL O 403 7.54 54.48 -18.24
N PHE O 404 7.53 53.21 -18.63
CA PHE O 404 6.54 52.72 -19.58
C PHE O 404 5.26 52.24 -18.90
N PHE O 405 4.17 52.21 -19.68
CA PHE O 405 2.87 51.84 -19.16
C PHE O 405 2.17 50.88 -20.13
N GLY O 406 1.78 49.74 -19.57
CA GLY O 406 0.95 48.71 -20.18
C GLY O 406 -0.43 48.66 -19.54
N ALA O 407 -1.48 48.99 -20.27
CA ALA O 407 -2.81 49.03 -19.65
C ALA O 407 -3.84 48.24 -20.45
N ASP O 408 -4.10 46.99 -20.05
CA ASP O 408 -4.97 46.11 -20.82
C ASP O 408 -5.43 44.88 -20.03
N LYS O 409 -5.88 43.85 -20.77
CA LYS O 409 -6.22 42.56 -20.18
C LYS O 409 -5.01 41.93 -19.50
N ALA O 410 -5.26 41.17 -18.43
CA ALA O 410 -4.21 40.60 -17.61
C ALA O 410 -3.19 39.80 -18.42
N LYS O 411 -3.70 38.90 -19.25
CA LYS O 411 -2.87 38.09 -20.11
C LYS O 411 -2.02 38.98 -21.00
N ILE O 412 -2.68 39.96 -21.61
CA ILE O 412 -2.05 40.88 -22.55
C ILE O 412 -0.93 41.70 -21.92
N VAL O 413 -1.21 42.34 -20.79
CA VAL O 413 -0.19 43.15 -20.15
C VAL O 413 0.95 42.27 -19.65
N CYS O 414 0.62 41.10 -19.10
CA CYS O 414 1.68 40.20 -18.65
C CYS O 414 2.61 39.73 -19.75
N ASP O 415 2.06 39.32 -20.89
CA ASP O 415 2.89 38.83 -21.99
C ASP O 415 3.66 39.96 -22.69
N ALA O 416 2.95 41.04 -23.01
CA ALA O 416 3.56 42.15 -23.73
C ALA O 416 4.60 42.90 -22.91
N LEU O 417 4.27 43.23 -21.67
CA LEU O 417 5.25 43.90 -20.80
C LEU O 417 6.32 42.92 -20.36
N GLY O 418 5.96 41.65 -20.24
CA GLY O 418 6.90 40.61 -19.87
C GLY O 418 7.99 40.44 -20.92
N ALA O 419 7.60 40.52 -22.19
CA ALA O 419 8.54 40.41 -23.29
C ALA O 419 9.30 41.71 -23.51
N LEU O 420 8.58 42.82 -23.37
CA LEU O 420 9.19 44.14 -23.50
C LEU O 420 10.29 44.34 -22.47
N ARG O 421 10.07 43.81 -21.27
CA ARG O 421 11.03 43.91 -20.18
C ARG O 421 12.38 43.28 -20.55
N ILE O 422 12.33 42.03 -21.00
CA ILE O 422 13.55 41.32 -21.38
C ILE O 422 14.17 41.94 -22.63
N LYS O 423 13.34 42.41 -23.54
CA LYS O 423 13.82 43.01 -24.78
C LYS O 423 14.59 44.30 -24.52
N VAL O 424 13.97 45.27 -23.87
CA VAL O 424 14.64 46.52 -23.54
C VAL O 424 15.76 46.25 -22.53
N GLY O 425 15.67 45.10 -21.87
CA GLY O 425 16.72 44.66 -20.97
C GLY O 425 17.99 44.36 -21.73
N HIS O 426 17.84 43.61 -22.83
CA HIS O 426 18.97 43.23 -23.68
C HIS O 426 19.45 44.36 -24.60
N ASP O 427 18.52 45.20 -25.07
CA ASP O 427 18.86 46.26 -26.03
C ASP O 427 19.77 47.34 -25.45
N LEU O 428 19.68 47.57 -24.15
CA LEU O 428 20.50 48.60 -23.51
C LEU O 428 21.65 47.98 -22.74
N LYS O 429 21.78 46.66 -22.86
CA LYS O 429 22.79 45.89 -22.14
C LYS O 429 22.77 46.22 -20.65
N LEU O 430 21.66 45.91 -19.99
CA LEU O 430 21.51 46.26 -18.58
C LEU O 430 21.65 45.03 -17.69
N LEU O 431 21.55 43.86 -18.32
CA LEU O 431 21.71 42.58 -17.62
C LEU O 431 23.10 42.39 -17.01
N THR O 432 23.16 41.60 -15.94
CA THR O 432 24.43 41.10 -15.41
C THR O 432 24.93 39.94 -16.26
N ARG O 433 26.24 39.93 -16.49
CA ARG O 433 26.88 38.92 -17.33
C ARG O 433 26.97 37.51 -16.73
N GLU O 434 26.98 37.40 -15.41
CA GLU O 434 26.90 36.08 -14.79
C GLU O 434 25.57 35.33 -14.94
N TRP O 435 25.66 34.03 -14.71
CA TRP O 435 24.52 33.11 -14.62
C TRP O 435 23.59 33.46 -13.46
N ALA O 436 22.28 33.45 -13.70
CA ALA O 436 21.33 33.69 -12.62
C ALA O 436 20.16 32.70 -12.65
N PRO O 437 20.28 31.63 -11.84
CA PRO O 437 19.33 30.53 -11.67
C PRO O 437 18.20 30.85 -10.71
N MET O 438 17.12 30.07 -10.78
CA MET O 438 15.97 30.27 -9.90
C MET O 438 15.01 29.10 -9.91
N TRP O 439 14.13 29.07 -8.92
CA TRP O 439 13.07 28.08 -8.84
C TRP O 439 11.72 28.79 -8.89
N VAL O 440 10.84 28.33 -9.77
CA VAL O 440 9.47 28.80 -9.82
C VAL O 440 8.53 27.78 -9.17
N VAL O 441 7.84 28.23 -8.13
CA VAL O 441 7.01 27.35 -7.30
C VAL O 441 5.59 27.90 -7.16
N ASP O 442 4.72 27.11 -6.55
CA ASP O 442 3.34 27.53 -6.30
C ASP O 442 2.54 27.85 -7.57
N PHE O 443 2.34 26.87 -8.43
CA PHE O 443 1.54 27.09 -9.63
C PHE O 443 0.07 26.99 -9.26
N PRO O 444 -0.81 27.54 -10.11
CA PRO O 444 -2.25 27.25 -9.99
C PRO O 444 -2.66 25.85 -10.38
N MET O 445 -3.80 25.44 -9.83
CA MET O 445 -4.42 24.15 -10.10
C MET O 445 -5.12 24.09 -11.45
N PHE O 446 -5.86 25.14 -11.80
CA PHE O 446 -6.62 25.11 -13.04
C PHE O 446 -6.35 26.23 -14.04
N GLU O 447 -6.93 26.02 -15.21
CA GLU O 447 -7.01 26.97 -16.32
C GLU O 447 -8.27 26.66 -17.10
N GLU O 448 -8.84 27.65 -17.77
CA GLU O 448 -10.08 27.39 -18.49
C GLU O 448 -9.64 27.09 -19.92
N ASN O 449 -10.45 26.29 -20.61
CA ASN O 449 -10.12 25.82 -21.95
C ASN O 449 -10.95 26.35 -23.11
N ASP O 450 -10.92 27.66 -23.32
CA ASP O 450 -11.64 28.29 -24.42
C ASP O 450 -13.16 28.11 -24.34
N ASP O 451 -13.61 26.87 -24.49
CA ASP O 451 -15.05 26.59 -24.49
C ASP O 451 -15.69 26.82 -23.12
N GLY O 452 -14.93 26.60 -22.05
CA GLY O 452 -15.51 26.57 -20.72
C GLY O 452 -14.80 25.69 -19.72
N SER O 453 -15.46 25.43 -18.60
CA SER O 453 -15.03 24.43 -17.62
C SER O 453 -13.63 24.71 -17.05
N LEU O 454 -13.16 23.79 -16.22
CA LEU O 454 -11.84 23.90 -15.61
C LEU O 454 -10.95 22.79 -16.14
N SER O 455 -9.65 23.03 -16.18
CA SER O 455 -8.70 22.02 -16.64
C SER O 455 -7.32 22.16 -16.00
N ALA O 456 -6.65 21.03 -15.84
CA ALA O 456 -5.29 20.98 -15.30
C ALA O 456 -4.27 21.37 -16.37
N LEU O 457 -3.34 22.25 -16.01
CA LEU O 457 -2.29 22.67 -16.93
C LEU O 457 -1.41 21.46 -17.25
N HIS O 458 -0.65 21.03 -16.25
CA HIS O 458 0.24 19.89 -16.39
C HIS O 458 -0.51 18.56 -16.34
N HIS O 459 -0.82 18.06 -15.14
CA HIS O 459 -1.49 16.77 -15.02
C HIS O 459 -2.45 16.74 -13.84
N PRO O 460 -3.58 16.02 -13.98
CA PRO O 460 -4.59 15.89 -12.93
C PRO O 460 -4.12 15.07 -11.73
N PHE O 461 -2.89 14.55 -11.81
CA PHE O 461 -2.31 13.72 -10.76
C PHE O 461 -1.43 14.54 -9.80
N THR O 462 -1.46 15.85 -9.95
CA THR O 462 -0.63 16.72 -9.12
C THR O 462 -1.25 16.97 -7.75
N SER O 463 -0.41 16.91 -6.72
CA SER O 463 -0.86 17.11 -5.35
C SER O 463 -1.13 18.59 -5.07
N PRO O 464 -2.36 18.91 -4.64
CA PRO O 464 -2.61 20.29 -4.21
C PRO O 464 -2.07 20.51 -2.79
N LYS O 465 -1.77 21.75 -2.43
CA LYS O 465 -1.24 22.03 -1.10
C LYS O 465 -2.32 21.96 -0.03
N CYS O 466 -3.57 22.12 -0.42
CA CYS O 466 -4.66 22.13 0.57
C CYS O 466 -5.29 20.74 0.67
N THR O 467 -6.44 20.67 1.33
CA THR O 467 -7.12 19.40 1.51
C THR O 467 -8.27 19.25 0.51
N PRO O 468 -8.74 18.01 0.26
CA PRO O 468 -9.79 17.81 -0.75
C PRO O 468 -11.11 18.52 -0.40
N ALA O 469 -11.17 19.04 0.81
CA ALA O 469 -12.35 19.79 1.25
C ALA O 469 -12.09 21.24 0.93
N GLU O 470 -10.95 21.78 1.32
CA GLU O 470 -10.65 23.16 0.96
C GLU O 470 -10.58 23.25 -0.57
N LEU O 471 -10.33 22.09 -1.19
CA LEU O 471 -10.24 21.96 -2.64
C LEU O 471 -11.61 21.99 -3.30
N GLU O 472 -12.53 21.19 -2.78
CA GLU O 472 -13.89 21.20 -3.31
C GLU O 472 -14.65 22.45 -2.86
N ALA O 473 -14.07 23.17 -1.91
CA ALA O 473 -14.61 24.46 -1.47
C ALA O 473 -14.51 25.51 -2.58
N ASN O 474 -13.31 26.06 -2.75
CA ASN O 474 -13.05 26.97 -3.85
C ASN O 474 -11.79 26.61 -4.64
N PRO O 475 -11.97 25.89 -5.76
CA PRO O 475 -10.85 25.37 -6.55
C PRO O 475 -9.93 26.45 -7.14
N GLY O 476 -10.45 27.68 -7.27
CA GLY O 476 -9.67 28.76 -7.85
C GLY O 476 -8.56 29.30 -6.96
N ALA O 477 -8.73 29.12 -5.67
CA ALA O 477 -7.76 29.57 -4.68
C ALA O 477 -6.71 28.50 -4.40
N ALA O 478 -6.79 27.40 -5.14
CA ALA O 478 -5.90 26.27 -4.92
C ALA O 478 -4.60 26.41 -5.70
N LEU O 479 -3.50 26.18 -4.98
CA LEU O 479 -2.15 26.17 -5.55
C LEU O 479 -1.66 24.73 -5.70
N SER O 480 -0.85 24.48 -6.72
CA SER O 480 -0.31 23.15 -6.95
C SER O 480 1.09 23.01 -6.37
N ARG O 481 1.47 21.77 -6.08
CA ARG O 481 2.80 21.44 -5.61
C ARG O 481 3.78 21.17 -6.75
N ALA O 482 3.77 22.06 -7.74
CA ALA O 482 4.58 21.86 -8.94
C ALA O 482 5.75 22.84 -8.89
N TYR O 483 6.80 22.54 -9.64
CA TYR O 483 7.99 23.36 -9.59
C TYR O 483 8.82 23.27 -10.87
N ASP O 484 9.27 24.43 -11.34
CA ASP O 484 10.07 24.50 -12.55
C ASP O 484 11.41 25.15 -12.20
N MET O 485 12.47 24.72 -12.87
CA MET O 485 13.77 25.36 -12.67
C MET O 485 14.11 26.24 -13.85
N VAL O 486 14.50 27.49 -13.58
CA VAL O 486 14.76 28.43 -14.66
C VAL O 486 16.19 28.96 -14.59
N LEU O 487 16.84 29.00 -15.74
CA LEU O 487 18.18 29.54 -15.88
C LEU O 487 18.25 30.46 -17.09
N ASN O 488 18.72 31.69 -16.85
CA ASN O 488 18.81 32.70 -17.89
C ASN O 488 17.48 32.87 -18.63
N GLY O 489 16.39 32.83 -17.87
CA GLY O 489 15.05 33.01 -18.40
C GLY O 489 14.53 31.85 -19.22
N THR O 490 15.30 30.77 -19.31
CA THR O 490 14.83 29.56 -19.98
C THR O 490 14.52 28.44 -19.01
N GLU O 491 13.50 27.65 -19.32
CA GLU O 491 13.04 26.56 -18.47
C GLU O 491 13.88 25.30 -18.65
N LEU O 492 14.77 25.03 -17.70
CA LEU O 492 15.61 23.84 -17.77
C LEU O 492 14.82 22.55 -17.60
N GLY O 493 13.76 22.61 -16.80
CA GLY O 493 12.92 21.45 -16.58
C GLY O 493 11.89 21.64 -15.50
N GLY O 494 11.37 20.54 -14.97
CA GLY O 494 10.35 20.58 -13.94
C GLY O 494 9.56 19.30 -13.73
N GLY O 495 8.86 19.28 -12.58
CA GLY O 495 8.01 18.18 -12.12
C GLY O 495 7.16 18.66 -10.95
N SER O 496 6.63 17.70 -10.20
CA SER O 496 5.75 17.99 -9.07
C SER O 496 5.65 16.75 -8.18
N ILE O 497 5.07 16.93 -6.99
CA ILE O 497 4.76 15.81 -6.11
C ILE O 497 3.43 15.20 -6.52
N ARG O 498 3.38 13.88 -6.62
CA ARG O 498 2.17 13.27 -7.16
C ARG O 498 1.17 12.92 -6.06
N ILE O 499 -0.07 12.67 -6.46
CA ILE O 499 -1.13 12.22 -5.56
C ILE O 499 -1.11 10.69 -5.38
N HIS O 500 -1.25 10.22 -4.16
CA HIS O 500 -1.31 8.78 -3.94
C HIS O 500 -2.51 8.52 -3.05
N ASP O 501 -3.35 9.56 -2.93
CA ASP O 501 -4.51 9.56 -2.06
C ASP O 501 -5.76 9.22 -2.85
N LYS O 502 -6.59 8.33 -2.33
CA LYS O 502 -7.77 7.85 -3.03
C LYS O 502 -8.80 8.99 -3.13
N SER O 503 -9.23 9.45 -1.98
CA SER O 503 -10.17 10.55 -1.83
C SER O 503 -9.73 11.86 -2.51
N MET O 504 -8.44 12.12 -2.53
CA MET O 504 -7.93 13.28 -3.26
C MET O 504 -8.07 13.09 -4.78
N GLN O 505 -7.72 11.91 -5.27
CA GLN O 505 -7.88 11.61 -6.69
C GLN O 505 -9.34 11.69 -7.11
N GLN O 506 -10.23 11.28 -6.22
CA GLN O 506 -11.66 11.39 -6.49
C GLN O 506 -12.12 12.83 -6.40
N ALA O 507 -11.48 13.62 -5.54
CA ALA O 507 -11.81 15.03 -5.44
C ALA O 507 -11.45 15.79 -6.71
N VAL O 508 -10.21 15.65 -7.17
CA VAL O 508 -9.80 16.28 -8.42
C VAL O 508 -10.53 15.72 -9.64
N PHE O 509 -10.92 14.45 -9.56
CA PHE O 509 -11.70 13.83 -10.62
C PHE O 509 -13.10 14.41 -10.71
N ARG O 510 -13.72 14.62 -9.54
CA ARG O 510 -15.05 15.21 -9.48
C ARG O 510 -14.98 16.66 -9.93
N VAL O 511 -13.97 17.38 -9.45
CA VAL O 511 -13.83 18.79 -9.74
C VAL O 511 -13.42 19.04 -11.20
N LEU O 512 -12.99 18.00 -11.90
CA LEU O 512 -12.61 18.17 -13.30
C LEU O 512 -13.75 17.80 -14.25
N GLY O 513 -14.78 17.15 -13.73
CA GLY O 513 -15.98 16.88 -14.51
C GLY O 513 -15.97 15.60 -15.33
N ILE O 514 -14.91 14.80 -15.23
CA ILE O 514 -14.82 13.56 -15.98
C ILE O 514 -15.35 12.37 -15.17
N ASP O 515 -16.36 11.71 -15.74
CA ASP O 515 -17.00 10.56 -15.09
C ASP O 515 -16.16 9.28 -15.10
N GLU O 516 -16.68 8.26 -14.44
CA GLU O 516 -16.00 6.97 -14.28
C GLU O 516 -15.78 6.21 -15.58
N ALA O 517 -16.50 6.59 -16.63
CA ALA O 517 -16.32 6.01 -17.95
C ALA O 517 -14.90 6.25 -18.46
N GLU O 518 -14.52 7.52 -18.49
CA GLU O 518 -13.17 7.89 -18.90
C GLU O 518 -12.15 7.48 -17.84
N GLN O 519 -12.54 7.57 -16.57
CA GLN O 519 -11.66 7.17 -15.47
C GLN O 519 -11.20 5.71 -15.61
N GLU O 520 -12.12 4.85 -16.06
CA GLU O 520 -11.84 3.44 -16.25
C GLU O 520 -11.18 3.16 -17.60
N GLU O 521 -11.65 3.84 -18.63
CA GLU O 521 -11.22 3.58 -20.01
C GLU O 521 -9.87 4.20 -20.34
N LYS O 522 -9.63 5.42 -19.91
CA LYS O 522 -8.41 6.10 -20.28
C LYS O 522 -7.28 5.84 -19.30
N PHE O 523 -7.50 6.05 -18.00
CA PHE O 523 -6.40 5.89 -17.07
C PHE O 523 -6.61 4.68 -16.16
N GLY O 524 -7.38 3.69 -16.61
CA GLY O 524 -7.64 2.54 -15.77
C GLY O 524 -6.49 1.69 -15.23
N PHE O 525 -5.56 1.31 -16.10
CA PHE O 525 -4.44 0.48 -15.66
C PHE O 525 -3.53 1.20 -14.67
N LEU O 526 -3.47 2.53 -14.82
CA LEU O 526 -2.68 3.39 -13.94
C LEU O 526 -3.29 3.42 -12.55
N LEU O 527 -4.58 3.68 -12.49
CA LEU O 527 -5.34 3.71 -11.25
C LEU O 527 -5.25 2.35 -10.58
N ASP O 528 -5.34 1.30 -11.38
CA ASP O 528 -5.15 -0.07 -10.90
C ASP O 528 -3.81 -0.18 -10.17
N ALA O 529 -2.72 0.21 -10.84
CA ALA O 529 -1.38 0.09 -10.26
C ALA O 529 -1.23 0.96 -8.99
N LEU O 530 -1.97 2.08 -8.98
CA LEU O 530 -2.06 3.05 -7.89
C LEU O 530 -2.82 2.55 -6.65
N LYS O 531 -3.78 1.66 -6.90
CA LYS O 531 -4.65 1.07 -5.89
C LYS O 531 -3.98 0.00 -5.05
N TYR O 532 -2.93 -0.64 -5.57
CA TYR O 532 -2.29 -1.75 -4.88
C TYR O 532 -1.14 -1.29 -3.99
N GLY O 533 -1.26 -0.07 -3.46
CA GLY O 533 -0.32 0.43 -2.47
C GLY O 533 0.84 1.28 -2.96
N ALA O 534 0.51 2.47 -3.46
CA ALA O 534 1.50 3.42 -3.94
C ALA O 534 1.90 4.39 -2.83
N PRO O 535 3.20 4.62 -2.66
CA PRO O 535 3.78 5.47 -1.63
C PRO O 535 3.75 6.94 -2.04
N PRO O 536 3.93 7.87 -1.09
CA PRO O 536 4.05 9.27 -1.51
C PRO O 536 5.30 9.48 -2.36
N HIS O 537 5.09 9.80 -3.63
CA HIS O 537 6.19 9.97 -4.56
C HIS O 537 6.06 11.24 -5.40
N GLY O 538 7.20 11.80 -5.80
CA GLY O 538 7.21 12.98 -6.64
C GLY O 538 8.43 13.04 -7.53
N GLY O 539 8.34 13.74 -8.66
CA GLY O 539 9.46 13.76 -9.57
C GLY O 539 9.65 15.04 -10.38
N LEU O 540 10.54 14.95 -11.37
CA LEU O 540 10.93 16.10 -12.20
C LEU O 540 11.72 15.62 -13.41
N ALA O 541 11.71 16.38 -14.49
CA ALA O 541 12.51 16.02 -15.66
C ALA O 541 13.19 17.24 -16.26
N PHE O 542 14.44 17.07 -16.69
CA PHE O 542 15.20 18.14 -17.34
C PHE O 542 15.44 17.92 -18.83
N GLY O 543 15.30 18.99 -19.62
CA GLY O 543 15.67 18.87 -21.02
C GLY O 543 17.18 18.99 -21.18
N LEU O 544 17.84 17.83 -21.25
CA LEU O 544 19.30 17.74 -21.29
C LEU O 544 19.92 18.53 -22.44
N ASP O 545 19.27 18.48 -23.60
CA ASP O 545 19.74 19.22 -24.77
C ASP O 545 19.90 20.70 -24.49
N ARG O 546 18.84 21.36 -24.04
CA ARG O 546 18.90 22.80 -23.72
C ARG O 546 19.93 23.07 -22.63
N LEU O 547 20.04 22.17 -21.67
CA LEU O 547 21.00 22.33 -20.59
C LEU O 547 22.41 22.40 -21.17
N VAL O 548 22.73 21.48 -22.08
CA VAL O 548 24.04 21.47 -22.71
C VAL O 548 24.20 22.70 -23.60
N MET O 549 23.13 23.11 -24.26
CA MET O 549 23.13 24.30 -25.11
C MET O 549 23.50 25.55 -24.33
N LEU O 550 22.97 25.62 -23.11
CA LEU O 550 23.25 26.72 -22.19
C LEU O 550 24.67 26.63 -21.66
N MET O 551 25.08 25.42 -21.29
CA MET O 551 26.39 25.22 -20.67
C MET O 551 27.51 25.48 -21.68
N THR O 552 27.21 25.25 -22.96
CA THR O 552 28.16 25.51 -24.04
C THR O 552 28.10 26.98 -24.47
N GLY O 553 26.90 27.54 -24.42
CA GLY O 553 26.66 28.89 -24.90
C GLY O 553 26.27 28.84 -26.36
N ALA O 554 25.81 27.67 -26.81
CA ALA O 554 25.44 27.47 -28.20
C ALA O 554 24.16 28.20 -28.58
N SER O 555 24.04 28.56 -29.86
CA SER O 555 22.87 29.29 -30.35
C SER O 555 21.66 28.39 -30.52
N SER O 556 21.88 27.20 -31.10
CA SER O 556 20.79 26.27 -31.39
C SER O 556 20.98 24.94 -30.68
N ILE O 557 19.91 24.16 -30.60
CA ILE O 557 19.99 22.81 -30.03
C ILE O 557 20.74 21.82 -30.92
N ARG O 558 20.83 22.13 -32.21
CA ARG O 558 21.46 21.22 -33.15
C ARG O 558 22.96 21.23 -32.94
N GLU O 559 23.44 22.26 -32.26
CA GLU O 559 24.86 22.42 -32.02
C GLU O 559 25.28 21.50 -30.87
N VAL O 560 24.31 21.00 -30.11
CA VAL O 560 24.68 20.13 -28.97
C VAL O 560 24.16 18.71 -29.16
N ILE O 561 23.69 18.41 -30.37
CA ILE O 561 23.24 17.07 -30.70
C ILE O 561 24.15 16.50 -31.79
N ALA O 562 24.58 15.25 -31.61
CA ALA O 562 25.49 14.60 -32.55
C ALA O 562 24.95 14.62 -33.97
N PHE O 563 23.78 14.03 -34.18
CA PHE O 563 23.19 13.95 -35.50
C PHE O 563 21.73 14.43 -35.48
N PRO O 564 21.53 15.76 -35.46
CA PRO O 564 20.21 16.36 -35.36
C PRO O 564 19.40 16.26 -36.65
N LYS O 565 18.18 16.76 -36.62
CA LYS O 565 17.26 16.72 -37.75
C LYS O 565 16.79 18.14 -38.08
N THR O 566 16.33 18.33 -39.30
CA THR O 566 15.90 19.66 -39.74
C THR O 566 14.51 20.02 -39.22
N GLN O 567 14.07 21.23 -39.55
CA GLN O 567 12.80 21.77 -39.07
C GLN O 567 11.61 20.94 -39.54
N SER O 568 11.83 20.10 -40.53
CA SER O 568 10.76 19.24 -41.04
C SER O 568 10.99 17.80 -40.59
N ALA O 569 11.69 17.66 -39.47
CA ALA O 569 11.91 16.39 -38.77
C ALA O 569 12.77 15.38 -39.54
N GLY O 570 13.25 15.76 -40.71
CA GLY O 570 14.11 14.87 -41.49
C GLY O 570 15.55 15.33 -41.44
N ASP O 571 16.49 14.40 -41.47
CA ASP O 571 17.90 14.78 -41.54
C ASP O 571 18.47 14.56 -42.94
N VAL O 572 19.20 15.56 -43.45
CA VAL O 572 19.62 15.59 -44.84
C VAL O 572 20.81 14.68 -45.14
N MET O 573 21.49 14.22 -44.10
CA MET O 573 22.68 13.39 -44.27
C MET O 573 22.36 11.96 -44.68
N THR O 574 21.41 11.34 -43.98
CA THR O 574 21.10 9.94 -44.23
C THR O 574 19.83 9.82 -45.07
N GLN O 575 19.28 10.97 -45.46
CA GLN O 575 18.09 11.06 -46.30
C GLN O 575 16.86 10.43 -45.67
N ALA O 576 16.88 10.29 -44.34
CA ALA O 576 15.72 9.79 -43.62
C ALA O 576 14.68 10.88 -43.42
N PRO O 577 13.39 10.53 -43.46
CA PRO O 577 12.82 9.19 -43.71
C PRO O 577 12.86 8.77 -45.17
N GLY O 578 12.96 7.47 -45.44
CA GLY O 578 13.07 6.98 -46.80
C GLY O 578 11.91 6.10 -47.22
N SER O 579 12.01 5.51 -48.41
CA SER O 579 10.97 4.64 -48.94
C SER O 579 11.29 3.17 -48.68
N VAL O 580 10.25 2.37 -48.43
CA VAL O 580 10.43 0.94 -48.19
C VAL O 580 9.67 0.08 -49.23
N ASP O 581 10.30 -1.02 -49.62
CA ASP O 581 9.74 -1.94 -50.63
C ASP O 581 8.40 -2.56 -50.22
N GLY O 582 7.61 -2.94 -51.21
CA GLY O 582 6.26 -3.44 -51.00
C GLY O 582 6.17 -4.72 -50.19
N LYS O 583 7.26 -5.49 -50.16
CA LYS O 583 7.31 -6.75 -49.42
C LYS O 583 7.19 -6.46 -47.93
N ALA O 584 8.09 -5.64 -47.44
CA ALA O 584 8.10 -5.26 -46.03
C ALA O 584 6.80 -4.54 -45.69
N LEU O 585 6.21 -3.87 -46.68
CA LEU O 585 4.96 -3.19 -46.46
C LEU O 585 3.80 -4.16 -46.28
N ARG O 586 3.79 -5.25 -47.06
CA ARG O 586 2.70 -6.21 -46.93
C ARG O 586 2.85 -7.04 -45.66
N GLU O 587 4.09 -7.39 -45.31
CA GLU O 587 4.32 -8.24 -44.15
C GLU O 587 3.93 -7.55 -42.85
N LEU O 588 3.93 -6.21 -42.86
CA LEU O 588 3.55 -5.45 -41.67
C LEU O 588 2.07 -5.09 -41.71
N HIS O 589 1.37 -5.66 -42.70
CA HIS O 589 -0.08 -5.58 -42.83
C HIS O 589 -0.58 -4.13 -42.98
N ILE O 590 0.08 -3.35 -43.82
CA ILE O 590 -0.35 -1.97 -44.04
C ILE O 590 -0.22 -1.51 -45.49
N ARG O 591 -0.97 -0.46 -45.83
CA ARG O 591 -0.89 0.17 -47.15
C ARG O 591 -0.67 1.67 -46.95
N LEU O 592 -0.17 2.35 -47.97
CA LEU O 592 0.08 3.78 -47.85
C LEU O 592 -1.08 4.68 -48.26
N ARG O 593 -0.95 5.95 -47.91
CA ARG O 593 -1.85 7.01 -48.33
C ARG O 593 -0.98 8.26 -48.54
N GLU O 594 -1.60 9.40 -48.79
CA GLU O 594 -0.90 10.67 -48.84
C GLU O 594 -1.43 11.56 -47.72
N GLN O 595 -2.02 12.70 -48.03
CA GLN O 595 -2.46 13.59 -46.96
C GLN O 595 -3.99 13.64 -46.74
N PRO O 596 -4.81 13.71 -47.80
CA PRO O 596 -6.22 13.91 -47.45
C PRO O 596 -6.94 12.64 -47.01
N LYS O 597 -7.57 12.65 -45.85
CA LYS O 597 -8.43 11.54 -45.46
C LYS O 597 -9.82 12.12 -45.15
N ALA O 598 -10.74 11.30 -44.65
CA ALA O 598 -12.10 11.74 -44.34
C ALA O 598 -12.10 12.71 -43.16
N MET P 10 10.84 11.99 5.67
CA MET P 10 12.09 11.91 6.41
C MET P 10 12.37 10.51 6.94
N ARG P 11 13.11 9.72 6.16
CA ARG P 11 13.53 8.40 6.61
C ARG P 11 14.85 8.47 7.36
N SER P 12 14.98 7.66 8.42
CA SER P 12 16.23 7.62 9.18
C SER P 12 17.20 6.61 8.58
N HIS P 13 16.74 5.36 8.47
CA HIS P 13 17.53 4.26 7.94
C HIS P 13 16.69 3.30 7.09
N TYR P 14 17.34 2.55 6.20
CA TYR P 14 16.63 1.54 5.40
C TYR P 14 16.38 0.27 6.21
N CYS P 15 15.21 -0.35 6.02
CA CYS P 15 14.86 -1.53 6.79
C CYS P 15 15.85 -2.71 6.74
N GLY P 16 16.24 -3.08 5.52
CA GLY P 16 17.14 -4.19 5.30
C GLY P 16 18.63 -3.91 5.45
N GLN P 17 19.00 -2.92 6.25
CA GLN P 17 20.42 -2.62 6.43
C GLN P 17 20.68 -2.29 7.87
N LEU P 18 19.83 -2.88 8.68
CA LEU P 18 19.87 -2.75 10.11
C LEU P 18 20.70 -3.88 10.66
N ASN P 19 21.98 -3.59 10.85
CA ASN P 19 22.95 -4.56 11.36
C ASN P 19 22.81 -4.69 12.89
N GLU P 20 23.65 -5.53 13.48
CA GLU P 20 23.65 -5.74 14.93
C GLU P 20 24.38 -4.65 15.71
N SER P 21 25.26 -3.91 15.03
CA SER P 21 26.03 -2.87 15.70
C SER P 21 25.13 -1.74 16.19
N LEU P 22 23.96 -1.62 15.59
CA LEU P 22 23.01 -0.58 15.93
C LEU P 22 22.17 -1.03 17.12
N ASP P 23 22.28 -0.33 18.25
CA ASP P 23 21.50 -0.68 19.44
C ASP P 23 21.49 0.45 20.46
N GLY P 24 20.31 0.73 21.02
CA GLY P 24 20.14 1.83 21.96
C GLY P 24 19.84 3.12 21.22
N GLN P 25 19.61 2.97 19.92
CA GLN P 25 19.25 4.07 19.03
C GLN P 25 17.83 3.92 18.49
N GLU P 26 17.12 5.03 18.34
CA GLU P 26 15.81 4.96 17.71
C GLU P 26 15.90 5.34 16.24
N VAL P 27 15.02 4.74 15.45
CA VAL P 27 15.06 4.82 13.99
C VAL P 27 13.67 5.03 13.42
N THR P 28 13.61 5.72 12.30
CA THR P 28 12.37 5.85 11.52
C THR P 28 12.49 5.22 10.14
N LEU P 29 11.64 4.26 9.83
CA LEU P 29 11.70 3.60 8.54
C LEU P 29 10.33 3.54 7.87
N CYS P 30 10.30 3.89 6.60
CA CYS P 30 9.10 3.86 5.78
C CYS P 30 9.18 2.70 4.80
N GLY P 31 8.04 2.09 4.50
CA GLY P 31 8.04 0.96 3.58
C GLY P 31 6.69 0.31 3.41
N TRP P 32 6.70 -0.91 2.86
CA TRP P 32 5.46 -1.65 2.65
C TRP P 32 5.30 -2.71 3.72
N VAL P 33 4.07 -3.09 4.00
CA VAL P 33 3.81 -4.16 4.95
C VAL P 33 3.76 -5.49 4.21
N HIS P 34 4.85 -6.24 4.26
CA HIS P 34 4.95 -7.51 3.55
C HIS P 34 3.88 -8.46 4.05
N ARG P 35 4.07 -8.94 5.27
CA ARG P 35 3.08 -9.79 5.92
C ARG P 35 3.07 -9.50 7.42
N ARG P 36 1.94 -9.76 8.06
CA ARG P 36 1.72 -9.35 9.44
C ARG P 36 1.26 -10.51 10.30
N ARG P 37 1.90 -10.67 11.46
CA ARG P 37 1.54 -11.74 12.38
C ARG P 37 0.90 -11.19 13.65
N ASP P 38 -0.33 -11.64 13.91
CA ASP P 38 -1.11 -11.17 15.05
C ASP P 38 -1.26 -12.27 16.10
N HIS P 39 -0.66 -12.03 17.27
CA HIS P 39 -0.74 -12.99 18.37
C HIS P 39 -1.65 -12.47 19.48
N GLY P 40 -2.09 -11.23 19.33
CA GLY P 40 -2.99 -10.62 20.30
C GLY P 40 -2.26 -9.75 21.30
N GLY P 41 -1.40 -10.38 22.12
CA GLY P 41 -0.66 -9.63 23.12
C GLY P 41 0.59 -9.00 22.53
N VAL P 42 1.03 -9.53 21.39
CA VAL P 42 2.17 -8.97 20.66
C VAL P 42 1.94 -9.03 19.15
N ILE P 43 2.14 -7.91 18.46
CA ILE P 43 1.97 -7.87 17.01
C ILE P 43 3.29 -7.74 16.26
N PHE P 44 3.44 -8.57 15.24
CA PHE P 44 4.65 -8.61 14.44
C PHE P 44 4.37 -8.05 13.05
N LEU P 45 5.22 -7.14 12.60
CA LEU P 45 5.12 -6.57 11.26
C LEU P 45 6.43 -6.80 10.53
N ASP P 46 6.34 -7.31 9.31
CA ASP P 46 7.51 -7.40 8.45
C ASP P 46 7.49 -6.27 7.43
N VAL P 47 8.30 -5.26 7.67
CA VAL P 47 8.33 -4.09 6.80
C VAL P 47 9.41 -4.25 5.75
N ARG P 48 9.08 -3.92 4.51
CA ARG P 48 9.96 -4.16 3.38
C ARG P 48 10.25 -2.88 2.61
N ASP P 49 11.52 -2.65 2.30
CA ASP P 49 11.85 -1.62 1.34
C ASP P 49 12.79 -2.13 0.26
N ARG P 50 13.48 -1.19 -0.39
CA ARG P 50 14.33 -1.50 -1.53
C ARG P 50 15.50 -2.35 -1.09
N GLU P 51 15.85 -2.25 0.19
CA GLU P 51 17.04 -2.89 0.70
C GLU P 51 16.70 -4.24 1.32
N GLY P 52 15.42 -4.48 1.62
CA GLY P 52 15.08 -5.77 2.20
C GLY P 52 14.01 -5.69 3.26
N LEU P 53 13.88 -6.77 4.04
CA LEU P 53 12.83 -6.84 5.05
C LEU P 53 13.42 -6.69 6.44
N ALA P 54 12.62 -6.17 7.36
CA ALA P 54 13.01 -6.08 8.77
C ALA P 54 11.78 -6.31 9.64
N GLN P 55 11.98 -6.69 10.90
CA GLN P 55 10.84 -7.01 11.74
C GLN P 55 10.65 -5.92 12.80
N VAL P 56 9.41 -5.45 12.93
CA VAL P 56 9.04 -4.49 13.95
C VAL P 56 8.02 -5.12 14.89
N VAL P 57 8.24 -5.01 16.19
CA VAL P 57 7.37 -5.64 17.17
C VAL P 57 6.59 -4.60 17.99
N PHE P 58 5.33 -4.90 18.27
CA PHE P 58 4.47 -4.01 19.03
C PHE P 58 3.84 -4.67 20.25
N ASP P 59 4.04 -4.02 21.40
CA ASP P 59 3.37 -4.38 22.65
C ASP P 59 3.50 -3.24 23.68
N PRO P 60 3.00 -2.03 23.33
CA PRO P 60 3.27 -0.86 24.16
C PRO P 60 2.48 -0.82 25.47
N ASP P 61 3.02 -0.14 26.48
CA ASP P 61 2.36 0.06 27.76
C ASP P 61 1.15 0.99 27.60
N ARG P 62 1.13 1.70 26.48
CA ARG P 62 -0.01 2.51 26.06
C ARG P 62 -0.38 2.17 24.62
N ALA P 63 -1.27 1.19 24.45
CA ALA P 63 -1.54 0.59 23.16
C ALA P 63 -2.32 1.47 22.18
N GLU P 64 -1.88 2.72 22.02
CA GLU P 64 -2.48 3.66 21.09
C GLU P 64 -2.06 3.29 19.66
N THR P 65 -0.77 3.00 19.54
CA THR P 65 -0.11 2.55 18.32
C THR P 65 -0.61 1.18 17.88
N PHE P 66 -0.99 0.38 18.87
CA PHE P 66 -1.57 -0.93 18.67
C PHE P 66 -2.91 -0.93 17.93
N ALA P 67 -3.76 0.06 18.20
CA ALA P 67 -5.03 0.15 17.48
C ALA P 67 -4.77 0.51 16.02
N LYS P 68 -3.75 1.34 15.82
CA LYS P 68 -3.26 1.72 14.49
C LYS P 68 -2.28 0.68 13.95
N ALA P 69 -2.23 -0.46 14.63
CA ALA P 69 -1.43 -1.62 14.21
C ALA P 69 -2.30 -2.81 13.82
N ASP P 70 -3.49 -2.87 14.39
CA ASP P 70 -4.41 -3.98 14.15
C ASP P 70 -5.16 -3.85 12.81
N ARG P 71 -5.41 -2.61 12.38
CA ARG P 71 -6.12 -2.37 11.12
C ARG P 71 -5.22 -2.62 9.91
N VAL P 72 -3.92 -2.35 10.07
CA VAL P 72 -2.92 -2.50 9.00
C VAL P 72 -2.90 -3.90 8.38
N ARG P 73 -2.97 -3.95 7.06
CA ARG P 73 -2.92 -5.21 6.31
C ARG P 73 -1.73 -5.29 5.36
N SER P 74 -1.83 -6.16 4.36
CA SER P 74 -0.75 -6.43 3.42
C SER P 74 -0.49 -5.29 2.42
N GLU P 75 0.79 -4.99 2.25
CA GLU P 75 1.28 -4.01 1.27
C GLU P 75 0.85 -2.58 1.59
N PHE P 76 0.41 -2.37 2.83
CA PHE P 76 0.10 -1.03 3.31
C PHE P 76 1.38 -0.21 3.34
N VAL P 77 1.32 1.04 2.88
CA VAL P 77 2.48 1.91 2.92
C VAL P 77 2.52 2.67 4.24
N VAL P 78 3.48 2.31 5.09
CA VAL P 78 3.54 2.86 6.44
C VAL P 78 4.89 3.46 6.82
N LYS P 79 4.87 4.34 7.81
CA LYS P 79 6.07 4.94 8.39
C LYS P 79 6.14 4.64 9.89
N ILE P 80 7.16 3.89 10.29
CA ILE P 80 7.28 3.45 11.69
C ILE P 80 8.53 4.00 12.38
N THR P 81 8.33 4.60 13.55
CA THR P 81 9.46 5.02 14.38
C THR P 81 9.53 4.15 15.63
N GLY P 82 10.71 3.60 15.92
CA GLY P 82 10.88 2.73 17.07
C GLY P 82 12.31 2.59 17.55
N LYS P 83 12.56 1.65 18.46
CA LYS P 83 13.92 1.41 18.96
C LYS P 83 14.47 0.04 18.56
N VAL P 84 15.72 0.00 18.11
CA VAL P 84 16.38 -1.24 17.71
C VAL P 84 16.77 -2.14 18.92
N ARG P 85 16.02 -3.22 19.07
CA ARG P 85 16.20 -4.18 20.16
C ARG P 85 16.95 -5.44 19.72
N LEU P 86 17.93 -5.82 20.52
CA LEU P 86 18.72 -7.04 20.35
C LEU P 86 17.87 -8.28 20.64
N ARG P 87 17.50 -8.97 19.56
CA ARG P 87 16.56 -10.10 19.60
C ARG P 87 17.10 -11.29 20.39
N PRO P 88 16.19 -12.04 21.06
CA PRO P 88 16.53 -13.22 21.87
C PRO P 88 17.31 -14.28 21.10
N GLU P 89 17.99 -15.15 21.83
CA GLU P 89 18.87 -16.14 21.21
C GLU P 89 18.08 -17.18 20.41
N GLY P 90 16.87 -17.47 20.87
CA GLY P 90 16.00 -18.43 20.22
C GLY P 90 15.18 -17.89 19.06
N ALA P 91 15.39 -16.63 18.71
CA ALA P 91 14.58 -15.98 17.68
C ALA P 91 15.31 -15.51 16.42
N ARG P 92 16.62 -15.65 16.35
CA ARG P 92 17.36 -15.11 15.22
C ARG P 92 16.98 -15.81 13.92
N ASN P 93 16.84 -15.04 12.85
CA ASN P 93 16.40 -15.54 11.56
C ASN P 93 17.48 -15.50 10.47
N PRO P 94 17.82 -16.68 9.93
CA PRO P 94 18.83 -16.85 8.88
C PRO P 94 18.36 -16.29 7.52
N ASN P 95 17.09 -16.53 7.20
CA ASN P 95 16.52 -16.08 5.93
C ASN P 95 16.52 -14.56 5.80
N MET P 96 16.32 -13.87 6.92
CA MET P 96 16.27 -12.41 6.94
C MET P 96 17.67 -11.83 7.17
N ALA P 97 18.12 -11.01 6.23
CA ALA P 97 19.46 -10.41 6.28
C ALA P 97 19.61 -9.51 7.51
N SER P 98 18.50 -8.95 7.96
CA SER P 98 18.49 -8.13 9.17
C SER P 98 17.96 -8.96 10.33
N GLY P 99 17.83 -10.26 10.10
CA GLY P 99 17.20 -11.15 11.06
C GLY P 99 17.95 -11.48 12.33
N SER P 100 18.63 -10.50 12.92
CA SER P 100 19.24 -10.70 14.23
C SER P 100 18.89 -9.54 15.15
N ILE P 101 18.00 -8.68 14.67
CA ILE P 101 17.59 -7.49 15.41
C ILE P 101 16.09 -7.25 15.20
N GLU P 102 15.48 -6.50 16.10
CA GLU P 102 14.07 -6.12 15.98
C GLU P 102 13.93 -4.63 16.24
N VAL P 103 12.71 -4.12 16.07
CA VAL P 103 12.42 -2.74 16.41
C VAL P 103 11.10 -2.63 17.16
N LEU P 104 11.16 -2.19 18.41
CA LEU P 104 9.96 -1.95 19.19
C LEU P 104 9.31 -0.63 18.74
N GLY P 105 8.06 -0.71 18.32
CA GLY P 105 7.38 0.42 17.69
C GLY P 105 6.87 1.52 18.59
N TYR P 106 7.58 2.65 18.59
CA TYR P 106 7.15 3.83 19.34
C TYR P 106 5.91 4.49 18.72
N GLU P 107 6.01 4.89 17.45
CA GLU P 107 4.86 5.46 16.76
C GLU P 107 4.74 4.98 15.31
N LEU P 108 3.52 4.67 14.89
CA LEU P 108 3.23 4.24 13.53
C LEU P 108 2.30 5.21 12.81
N GLU P 109 2.48 5.32 11.49
CA GLU P 109 1.58 6.13 10.66
C GLU P 109 1.32 5.43 9.32
N VAL P 110 0.06 5.28 8.96
CA VAL P 110 -0.31 4.70 7.68
C VAL P 110 -0.28 5.77 6.58
N LEU P 111 0.81 5.81 5.82
CA LEU P 111 0.94 6.76 4.73
C LEU P 111 -0.09 6.54 3.62
N ASN P 112 -0.37 5.26 3.33
CA ASN P 112 -1.40 4.92 2.35
C ASN P 112 -1.92 3.50 2.50
N GLN P 113 -3.21 3.30 2.26
CA GLN P 113 -3.82 1.98 2.37
C GLN P 113 -3.60 1.22 1.06
N ALA P 114 -3.75 -0.11 1.11
CA ALA P 114 -3.52 -0.94 -0.06
C ALA P 114 -4.55 -2.05 -0.24
N GLU P 115 -5.07 -2.19 -1.45
CA GLU P 115 -5.98 -3.29 -1.76
C GLU P 115 -5.15 -4.59 -1.83
N THR P 116 -5.82 -5.73 -1.70
CA THR P 116 -5.14 -7.03 -1.68
C THR P 116 -4.37 -7.39 -2.95
N PRO P 117 -3.05 -7.58 -2.82
CA PRO P 117 -2.16 -7.96 -3.93
C PRO P 117 -2.59 -9.29 -4.56
N PRO P 118 -2.85 -9.31 -5.88
CA PRO P 118 -3.31 -10.49 -6.62
C PRO P 118 -2.59 -11.80 -6.28
N PHE P 119 -1.28 -11.81 -6.44
CA PHE P 119 -0.43 -12.92 -6.03
C PHE P 119 0.43 -12.58 -4.82
N PRO P 120 0.80 -13.60 -4.02
CA PRO P 120 1.64 -13.41 -2.84
C PRO P 120 3.07 -13.13 -3.31
N LEU P 121 3.87 -12.45 -2.48
CA LEU P 121 5.26 -12.22 -2.83
C LEU P 121 6.15 -13.28 -2.20
N ASP P 122 7.38 -13.39 -2.72
CA ASP P 122 8.35 -14.40 -2.29
C ASP P 122 7.88 -15.76 -2.81
N GLU P 123 8.80 -16.71 -2.90
CA GLU P 123 8.44 -18.05 -3.35
C GLU P 123 7.60 -18.77 -2.30
N TYR P 124 6.29 -18.49 -2.32
CA TYR P 124 5.36 -19.16 -1.43
C TYR P 124 4.40 -20.12 -2.13
N SER P 125 3.44 -19.57 -2.85
CA SER P 125 2.66 -20.34 -3.82
C SER P 125 2.99 -20.21 -5.32
N ASP P 126 2.53 -21.24 -6.05
CA ASP P 126 2.87 -21.55 -7.44
C ASP P 126 2.13 -20.61 -8.41
N VAL P 127 2.30 -19.31 -8.27
CA VAL P 127 1.93 -18.40 -9.35
C VAL P 127 2.80 -18.50 -10.62
N GLY P 128 2.13 -18.37 -11.76
CA GLY P 128 2.74 -18.52 -13.07
C GLY P 128 3.00 -17.23 -13.84
N GLU P 129 3.89 -17.33 -14.83
CA GLU P 129 4.53 -16.16 -15.43
C GLU P 129 3.62 -15.11 -16.07
N GLU P 130 2.52 -15.54 -16.68
CA GLU P 130 1.58 -14.59 -17.29
C GLU P 130 0.96 -13.65 -16.26
N THR P 131 0.62 -14.22 -15.12
CA THR P 131 0.06 -13.45 -14.01
C THR P 131 1.11 -12.55 -13.40
N ARG P 132 2.36 -13.03 -13.37
CA ARG P 132 3.47 -12.26 -12.83
C ARG P 132 3.78 -11.06 -13.72
N LEU P 133 3.53 -11.21 -15.02
CA LEU P 133 3.75 -10.15 -16.01
C LEU P 133 2.60 -9.14 -16.04
N ARG P 134 1.37 -9.62 -15.86
CA ARG P 134 0.21 -8.71 -15.85
C ARG P 134 0.28 -7.73 -14.69
N TYR P 135 0.86 -8.14 -13.55
CA TYR P 135 1.02 -7.22 -12.43
C TYR P 135 2.49 -7.03 -12.08
N ARG P 136 3.28 -6.72 -13.09
CA ARG P 136 4.73 -6.56 -12.97
C ARG P 136 5.16 -5.48 -11.99
N PHE P 137 4.27 -4.51 -11.73
CA PHE P 137 4.56 -3.39 -10.86
C PHE P 137 4.58 -3.73 -9.36
N ILE P 138 3.97 -4.84 -8.99
CA ILE P 138 4.04 -5.32 -7.61
C ILE P 138 4.97 -6.53 -7.53
N ASP P 139 5.31 -7.09 -8.68
CA ASP P 139 6.26 -8.19 -8.79
C ASP P 139 7.68 -7.74 -8.51
N LEU P 140 8.00 -6.51 -8.92
CA LEU P 140 9.33 -5.94 -8.74
C LEU P 140 9.52 -5.45 -7.30
N ARG P 141 8.48 -5.58 -6.50
CA ARG P 141 8.56 -5.30 -5.08
C ARG P 141 9.35 -6.41 -4.40
N ARG P 142 9.25 -7.62 -4.95
CA ARG P 142 10.00 -8.77 -4.47
C ARG P 142 11.50 -8.48 -4.47
N PRO P 143 12.15 -8.65 -3.30
CA PRO P 143 13.56 -8.31 -3.05
C PRO P 143 14.53 -8.95 -4.06
N GLU P 144 14.17 -10.09 -4.62
CA GLU P 144 15.03 -10.78 -5.57
C GLU P 144 15.11 -10.03 -6.89
N MET P 145 13.96 -9.68 -7.44
CA MET P 145 13.89 -8.88 -8.66
C MET P 145 14.62 -7.56 -8.48
N ALA P 146 14.35 -6.90 -7.35
CA ALA P 146 14.98 -5.63 -7.02
C ALA P 146 16.49 -5.78 -6.94
N ALA P 147 16.95 -6.89 -6.38
CA ALA P 147 18.38 -7.18 -6.29
C ALA P 147 18.99 -7.34 -7.68
N LYS P 148 18.25 -7.99 -8.57
CA LYS P 148 18.70 -8.17 -9.95
C LYS P 148 18.86 -6.82 -10.67
N LEU P 149 17.85 -5.97 -10.55
CA LEU P 149 17.87 -4.66 -11.19
C LEU P 149 18.96 -3.77 -10.60
N LYS P 150 19.08 -3.77 -9.27
CA LYS P 150 20.14 -3.03 -8.59
C LYS P 150 21.51 -3.50 -9.03
N LEU P 151 21.64 -4.81 -9.27
CA LEU P 151 22.90 -5.37 -9.75
C LEU P 151 23.17 -4.80 -11.14
N ARG P 152 22.14 -4.77 -11.98
CA ARG P 152 22.27 -4.21 -13.32
C ARG P 152 22.77 -2.78 -13.25
N ALA P 153 22.17 -1.99 -12.36
CA ALA P 153 22.58 -0.60 -12.18
C ALA P 153 24.04 -0.51 -11.76
N ARG P 154 24.46 -1.38 -10.85
CA ARG P 154 25.87 -1.39 -10.42
C ARG P 154 26.82 -1.73 -11.57
N ILE P 155 26.38 -2.66 -12.43
CA ILE P 155 27.16 -3.06 -13.58
C ILE P 155 27.35 -1.91 -14.56
N THR P 156 26.24 -1.33 -15.00
CA THR P 156 26.30 -0.20 -15.91
C THR P 156 27.09 0.96 -15.30
N SER P 157 26.96 1.13 -13.99
CA SER P 157 27.75 2.13 -13.27
C SER P 157 29.24 1.91 -13.43
N SER P 158 29.68 0.69 -13.13
CA SER P 158 31.10 0.33 -13.22
C SER P 158 31.65 0.48 -14.63
N ILE P 159 30.88 0.02 -15.61
CA ILE P 159 31.29 0.09 -17.00
C ILE P 159 31.42 1.54 -17.45
N ARG P 160 30.42 2.33 -17.11
CA ARG P 160 30.43 3.76 -17.41
C ARG P 160 31.64 4.45 -16.77
N ARG P 161 31.94 4.09 -15.52
CA ARG P 161 33.10 4.66 -14.83
C ARG P 161 34.40 4.33 -15.55
N TYR P 162 34.59 3.06 -15.87
CA TYR P 162 35.79 2.64 -16.59
C TYR P 162 35.95 3.36 -17.91
N LEU P 163 34.95 3.24 -18.78
CA LEU P 163 35.02 3.86 -20.10
C LEU P 163 35.21 5.38 -20.03
N ASP P 164 34.60 6.02 -19.03
CA ASP P 164 34.81 7.46 -18.85
C ASP P 164 36.26 7.76 -18.47
N ASP P 165 36.79 6.97 -17.52
CA ASP P 165 38.15 7.16 -17.02
C ASP P 165 39.23 6.90 -18.08
N ASN P 166 38.87 6.20 -19.15
CA ASN P 166 39.83 5.87 -20.19
C ASN P 166 39.67 6.70 -21.45
N GLY P 167 39.05 7.87 -21.29
CA GLY P 167 38.96 8.82 -22.38
C GLY P 167 37.97 8.48 -23.48
N PHE P 168 36.88 7.81 -23.12
CA PHE P 168 35.82 7.56 -24.09
C PHE P 168 34.74 8.62 -23.92
N LEU P 169 34.03 8.93 -24.99
CA LEU P 169 33.03 10.00 -24.95
C LEU P 169 31.61 9.46 -25.03
N ASP P 170 30.83 9.73 -23.99
CA ASP P 170 29.43 9.33 -24.00
C ASP P 170 28.61 10.21 -24.94
N VAL P 171 28.46 9.77 -26.18
CA VAL P 171 27.75 10.56 -27.18
C VAL P 171 26.49 9.80 -27.62
N GLU P 172 25.38 10.53 -27.76
CA GLU P 172 24.12 9.92 -28.13
C GLU P 172 23.89 9.99 -29.63
N THR P 173 23.49 8.85 -30.21
CA THR P 173 23.15 8.78 -31.63
C THR P 173 21.65 8.66 -31.82
N PRO P 174 21.12 9.23 -32.92
CA PRO P 174 19.68 9.21 -33.17
C PRO P 174 19.12 7.81 -33.38
N ILE P 175 17.89 7.62 -32.94
CA ILE P 175 17.16 6.37 -33.14
C ILE P 175 16.43 6.31 -34.48
N LEU P 176 15.68 7.37 -34.81
CA LEU P 176 14.98 7.41 -36.07
C LEU P 176 15.95 7.53 -37.26
N GLY P 177 16.24 6.39 -37.89
CA GLY P 177 17.18 6.31 -39.00
C GLY P 177 16.61 5.74 -40.29
N ARG P 178 17.52 5.43 -41.22
CA ARG P 178 17.13 4.92 -42.55
C ARG P 178 16.99 3.40 -42.64
N PRO P 179 15.88 2.94 -43.24
CA PRO P 179 15.57 1.54 -43.51
C PRO P 179 16.48 0.92 -44.58
N THR P 180 16.82 -0.36 -44.45
CA THR P 180 17.67 -1.04 -45.43
C THR P 180 17.51 -2.54 -45.24
N PRO P 181 17.49 -3.31 -46.35
CA PRO P 181 17.46 -4.77 -46.23
C PRO P 181 18.75 -5.49 -45.81
N GLU P 182 18.76 -6.79 -46.11
CA GLU P 182 19.87 -7.73 -45.86
C GLU P 182 20.14 -8.18 -44.43
N GLY P 183 20.42 -7.23 -43.53
CA GLY P 183 20.74 -7.59 -42.16
C GLY P 183 19.60 -8.14 -41.33
N ALA P 184 18.54 -7.37 -41.15
CA ALA P 184 17.36 -7.90 -40.46
C ALA P 184 16.14 -7.05 -40.74
N ARG P 185 14.97 -7.56 -40.35
CA ARG P 185 13.73 -6.83 -40.57
C ARG P 185 13.74 -5.59 -39.70
N ASP P 186 13.58 -4.42 -40.31
CA ASP P 186 13.61 -3.17 -39.57
C ASP P 186 12.23 -2.77 -39.07
N TYR P 187 12.13 -2.31 -37.83
CA TYR P 187 10.89 -1.70 -37.37
C TYR P 187 10.72 -0.33 -38.04
N LEU P 188 9.55 -0.11 -38.62
CA LEU P 188 9.27 1.10 -39.38
C LEU P 188 8.42 2.10 -38.59
N VAL P 189 8.60 3.38 -38.87
CA VAL P 189 7.85 4.44 -38.22
C VAL P 189 7.31 5.42 -39.26
N PRO P 190 5.99 5.39 -39.50
CA PRO P 190 5.35 6.26 -40.49
C PRO P 190 5.62 7.74 -40.21
N SER P 191 5.98 8.48 -41.26
CA SER P 191 6.32 9.89 -41.10
C SER P 191 5.14 10.84 -41.35
N ARG P 192 4.86 11.67 -40.35
CA ARG P 192 3.78 12.65 -40.45
C ARG P 192 4.08 13.76 -41.44
N THR P 193 5.34 14.15 -41.52
CA THR P 193 5.74 15.28 -42.36
C THR P 193 6.10 14.87 -43.78
N TYR P 194 6.59 13.64 -43.93
CA TYR P 194 6.93 13.08 -45.23
C TYR P 194 6.09 11.86 -45.56
N PRO P 195 4.90 12.08 -46.13
CA PRO P 195 3.95 10.99 -46.43
C PRO P 195 4.52 9.96 -47.39
N GLY P 196 4.39 8.69 -47.04
CA GLY P 196 4.90 7.61 -47.87
C GLY P 196 6.32 7.21 -47.49
N HIS P 197 6.91 7.95 -46.56
CA HIS P 197 8.26 7.66 -46.10
C HIS P 197 8.27 7.18 -44.65
N PHE P 198 9.32 6.47 -44.27
CA PHE P 198 9.39 5.88 -42.94
C PHE P 198 10.76 6.10 -42.28
N PHE P 199 10.74 6.18 -40.95
CA PHE P 199 11.95 6.09 -40.16
C PHE P 199 12.18 4.64 -39.78
N ALA P 200 13.36 4.31 -39.29
CA ALA P 200 13.64 2.94 -38.87
C ALA P 200 14.49 2.88 -37.60
N LEU P 201 14.06 2.04 -36.67
CA LEU P 201 14.81 1.83 -35.43
C LEU P 201 16.08 1.04 -35.72
N PRO P 202 17.20 1.45 -35.12
CA PRO P 202 18.49 0.84 -35.46
C PRO P 202 18.69 -0.53 -34.83
N GLN P 203 19.38 -1.43 -35.53
CA GLN P 203 19.72 -2.73 -34.97
C GLN P 203 20.99 -2.58 -34.14
N SER P 204 21.77 -1.55 -34.47
CA SER P 204 23.04 -1.26 -33.82
C SER P 204 23.56 0.06 -34.34
N PRO P 205 24.30 0.81 -33.50
CA PRO P 205 24.86 2.08 -33.95
C PRO P 205 26.11 1.93 -34.83
N GLN P 206 26.15 0.90 -35.68
CA GLN P 206 27.35 0.57 -36.44
C GLN P 206 27.80 1.74 -37.32
N LEU P 207 26.95 2.09 -38.28
CA LEU P 207 27.22 3.17 -39.20
C LEU P 207 27.51 4.49 -38.48
N PHE P 208 26.72 4.78 -37.45
CA PHE P 208 26.92 6.00 -36.67
C PHE P 208 28.26 6.02 -35.95
N LYS P 209 28.68 4.89 -35.40
CA LYS P 209 29.96 4.81 -34.70
C LYS P 209 31.10 4.97 -35.69
N GLN P 210 30.93 4.41 -36.89
CA GLN P 210 31.95 4.60 -37.93
C GLN P 210 32.05 6.07 -38.33
N LEU P 211 30.91 6.72 -38.47
CA LEU P 211 30.89 8.15 -38.77
C LEU P 211 31.57 8.94 -37.66
N LEU P 212 31.38 8.51 -36.42
CA LEU P 212 32.02 9.12 -35.27
C LEU P 212 33.52 8.92 -35.27
N MET P 213 33.97 7.84 -35.90
CA MET P 213 35.41 7.66 -36.09
C MET P 213 35.91 8.62 -37.16
N VAL P 214 35.14 8.74 -38.23
CA VAL P 214 35.41 9.70 -39.29
C VAL P 214 35.36 11.13 -38.75
N ALA P 215 34.51 11.36 -37.76
CA ALA P 215 34.30 12.70 -37.20
C ALA P 215 35.44 13.17 -36.30
N GLY P 216 36.44 12.31 -36.08
CA GLY P 216 37.62 12.71 -35.34
C GLY P 216 37.65 12.29 -33.89
N PHE P 217 36.50 11.86 -33.37
CA PHE P 217 36.44 11.31 -32.01
C PHE P 217 37.26 10.04 -31.91
N ASP P 218 38.34 10.09 -31.13
CA ASP P 218 39.31 9.01 -31.06
C ASP P 218 38.70 7.75 -30.47
N ARG P 219 37.91 7.91 -29.41
CA ARG P 219 37.34 6.77 -28.71
C ARG P 219 35.88 7.01 -28.35
N TYR P 220 35.00 6.12 -28.81
CA TYR P 220 33.57 6.24 -28.57
C TYR P 220 32.97 5.03 -27.86
N TYR P 221 32.00 5.31 -26.98
CA TYR P 221 31.20 4.27 -26.35
C TYR P 221 29.77 4.77 -26.16
N GLN P 222 28.82 3.84 -26.10
CA GLN P 222 27.42 4.19 -25.89
C GLN P 222 26.60 3.00 -25.41
N ILE P 223 25.75 3.23 -24.42
CA ILE P 223 24.81 2.20 -23.98
C ILE P 223 23.46 2.41 -24.67
N ALA P 224 23.30 1.79 -25.84
CA ALA P 224 22.20 2.15 -26.75
C ALA P 224 21.07 1.11 -26.83
N LYS P 225 19.87 1.60 -27.11
CA LYS P 225 18.68 0.78 -27.33
C LYS P 225 18.65 0.22 -28.76
N CYS P 226 18.39 -1.08 -28.89
CA CYS P 226 18.35 -1.74 -30.19
C CYS P 226 17.06 -2.54 -30.42
N PHE P 227 16.66 -2.63 -31.67
CA PHE P 227 15.34 -3.16 -32.04
C PHE P 227 15.40 -4.14 -33.22
N ARG P 228 14.94 -5.37 -33.04
CA ARG P 228 14.87 -6.32 -34.15
C ARG P 228 13.48 -6.92 -34.38
N ASP P 229 13.00 -6.79 -35.62
CA ASP P 229 11.69 -7.28 -36.03
C ASP P 229 11.73 -8.73 -36.53
N GLU P 230 12.48 -9.59 -35.86
CA GLU P 230 12.53 -11.00 -36.24
C GLU P 230 11.64 -11.86 -35.34
N ASP P 231 11.27 -13.05 -35.80
CA ASP P 231 10.51 -13.95 -34.96
C ASP P 231 11.48 -14.36 -33.87
N LEU P 232 11.04 -14.45 -32.62
CA LEU P 232 12.06 -14.60 -31.59
C LEU P 232 12.16 -15.94 -30.90
N ARG P 233 13.30 -16.12 -30.26
CA ARG P 233 13.69 -17.36 -29.60
C ARG P 233 13.41 -17.17 -28.10
N ALA P 234 13.48 -18.24 -27.30
CA ALA P 234 13.46 -18.05 -25.86
C ALA P 234 14.75 -17.26 -25.53
N ASP P 235 14.76 -16.48 -24.45
CA ASP P 235 15.93 -15.67 -24.10
C ASP P 235 16.23 -14.59 -25.14
N ARG P 236 15.22 -14.24 -25.93
CA ARG P 236 15.33 -13.27 -27.01
C ARG P 236 14.17 -12.28 -26.93
N GLN P 237 14.48 -10.99 -27.01
CA GLN P 237 13.45 -9.96 -26.96
C GLN P 237 13.61 -8.99 -28.13
N PRO P 238 12.49 -8.32 -28.51
CA PRO P 238 12.51 -7.36 -29.63
C PRO P 238 13.27 -6.08 -29.32
N GLU P 239 13.25 -5.66 -28.06
CA GLU P 239 13.98 -4.48 -27.65
C GLU P 239 15.07 -4.84 -26.65
N PHE P 240 16.32 -4.68 -27.07
CA PHE P 240 17.46 -5.10 -26.26
C PHE P 240 18.55 -4.02 -26.24
N THR P 241 19.17 -3.86 -25.06
CA THR P 241 20.22 -2.88 -24.85
C THR P 241 21.64 -3.40 -25.09
N GLN P 242 22.44 -2.62 -25.81
CA GLN P 242 23.77 -3.05 -26.23
C GLN P 242 24.83 -2.01 -25.88
N ILE P 243 25.99 -2.52 -25.46
CA ILE P 243 27.14 -1.68 -25.15
C ILE P 243 28.04 -1.55 -26.37
N ASP P 244 27.88 -0.44 -27.07
CA ASP P 244 28.62 -0.17 -28.30
C ASP P 244 29.98 0.46 -27.96
N ILE P 245 31.03 0.00 -28.63
CA ILE P 245 32.36 0.56 -28.44
C ILE P 245 33.12 0.60 -29.77
N GLU P 246 33.74 1.74 -30.06
CA GLU P 246 34.55 1.88 -31.27
C GLU P 246 35.75 2.78 -31.01
N THR P 247 36.90 2.43 -31.54
CA THR P 247 38.11 3.21 -31.28
C THR P 247 38.88 3.47 -32.57
N SER P 248 39.71 4.51 -32.56
CA SER P 248 40.56 4.85 -33.70
C SER P 248 42.04 4.66 -33.38
N PHE P 249 42.82 4.40 -34.43
CA PHE P 249 44.27 4.24 -34.33
C PHE P 249 44.66 3.15 -33.33
N LEU P 250 43.94 2.04 -33.38
CA LEU P 250 44.23 0.90 -32.53
C LEU P 250 44.08 -0.40 -33.31
N ASP P 251 44.98 -1.35 -33.04
CA ASP P 251 44.88 -2.67 -33.64
C ASP P 251 44.05 -3.57 -32.75
N GLU P 252 43.90 -4.83 -33.13
CA GLU P 252 43.06 -5.77 -32.38
C GLU P 252 43.56 -6.05 -30.97
N SER P 253 44.88 -6.05 -30.80
CA SER P 253 45.47 -6.32 -29.49
C SER P 253 45.12 -5.25 -28.46
N ASP P 254 45.19 -3.99 -28.86
CA ASP P 254 44.87 -2.88 -27.97
C ASP P 254 43.39 -2.92 -27.57
N ILE P 255 42.52 -3.17 -28.54
CA ILE P 255 41.08 -3.16 -28.30
C ILE P 255 40.73 -4.30 -27.34
N ILE P 256 41.20 -5.50 -27.65
CA ILE P 256 40.95 -6.63 -26.78
C ILE P 256 41.56 -6.38 -25.38
N GLY P 257 42.69 -5.68 -25.32
CA GLY P 257 43.28 -5.32 -24.04
C GLY P 257 42.38 -4.45 -23.18
N ILE P 258 41.94 -3.32 -23.74
CA ILE P 258 41.08 -2.38 -23.03
C ILE P 258 39.79 -3.06 -22.61
N THR P 259 39.14 -3.74 -23.55
CA THR P 259 37.85 -4.38 -23.28
C THR P 259 37.97 -5.47 -22.22
N GLU P 260 39.00 -6.31 -22.31
CA GLU P 260 39.24 -7.35 -21.30
C GLU P 260 39.46 -6.75 -19.92
N LYS P 261 40.28 -5.70 -19.88
CA LYS P 261 40.56 -4.98 -18.64
C LYS P 261 39.27 -4.47 -18.04
N MET P 262 38.40 -3.94 -18.90
CA MET P 262 37.08 -3.47 -18.49
C MET P 262 36.29 -4.58 -17.84
N VAL P 263 36.17 -5.71 -18.52
CA VAL P 263 35.39 -6.83 -17.98
C VAL P 263 35.91 -7.30 -16.62
N ARG P 264 37.24 -7.40 -16.49
CA ARG P 264 37.85 -7.77 -15.22
C ARG P 264 37.51 -6.78 -14.11
N GLN P 265 37.73 -5.51 -14.40
CA GLN P 265 37.46 -4.43 -13.44
C GLN P 265 36.00 -4.44 -13.02
N LEU P 266 35.11 -4.71 -13.98
CA LEU P 266 33.69 -4.78 -13.71
C LEU P 266 33.36 -5.94 -12.77
N PHE P 267 33.88 -7.11 -13.08
CA PHE P 267 33.65 -8.29 -12.24
C PHE P 267 34.24 -8.16 -10.84
N LYS P 268 35.28 -7.36 -10.68
CA LYS P 268 35.89 -7.13 -9.37
C LYS P 268 35.19 -6.03 -8.58
N GLU P 269 34.67 -5.03 -9.29
CA GLU P 269 33.92 -3.93 -8.69
C GLU P 269 32.58 -4.39 -8.12
N VAL P 270 31.91 -5.28 -8.85
CA VAL P 270 30.55 -5.71 -8.52
C VAL P 270 30.49 -7.00 -7.69
N LEU P 271 30.86 -8.12 -8.30
CA LEU P 271 30.77 -9.42 -7.65
C LEU P 271 31.99 -9.74 -6.81
N ASP P 272 33.03 -8.91 -6.98
CA ASP P 272 34.32 -9.10 -6.34
C ASP P 272 34.93 -10.46 -6.60
N VAL P 273 35.18 -10.75 -7.88
CA VAL P 273 35.87 -11.96 -8.30
C VAL P 273 36.99 -11.49 -9.21
N GLU P 274 38.03 -12.30 -9.41
CA GLU P 274 39.10 -11.90 -10.31
C GLU P 274 39.40 -12.90 -11.41
N PHE P 275 39.89 -12.42 -12.56
CA PHE P 275 39.90 -13.28 -13.74
C PHE P 275 41.27 -13.68 -14.26
N ASP P 276 42.33 -13.33 -13.54
CA ASP P 276 43.68 -13.57 -14.07
C ASP P 276 43.84 -12.92 -15.45
N GLU P 277 44.05 -13.78 -16.45
CA GLU P 277 44.15 -13.38 -17.84
C GLU P 277 43.18 -14.19 -18.71
N PHE P 278 42.74 -13.60 -19.82
CA PHE P 278 41.84 -14.22 -20.79
C PHE P 278 42.63 -14.93 -21.89
N PRO P 279 42.51 -16.26 -21.96
CA PRO P 279 43.19 -17.00 -23.03
C PRO P 279 42.59 -16.65 -24.40
N HIS P 280 43.46 -16.42 -25.37
CA HIS P 280 43.05 -16.19 -26.76
C HIS P 280 43.04 -17.46 -27.59
N MET P 281 41.86 -17.91 -27.97
CA MET P 281 41.73 -19.12 -28.76
C MET P 281 41.22 -18.85 -30.17
N PRO P 282 41.95 -19.36 -31.19
CA PRO P 282 41.55 -19.24 -32.59
C PRO P 282 40.26 -20.01 -32.90
N PHE P 283 39.49 -19.54 -33.88
CA PHE P 283 38.26 -20.21 -34.30
C PHE P 283 38.48 -21.66 -34.71
N GLU P 284 39.53 -21.89 -35.48
CA GLU P 284 39.89 -23.21 -35.99
C GLU P 284 40.14 -24.19 -34.86
N GLU P 285 40.89 -23.73 -33.86
CA GLU P 285 41.22 -24.53 -32.70
C GLU P 285 39.94 -24.82 -31.89
N ALA P 286 39.14 -23.77 -31.68
CA ALA P 286 37.88 -23.88 -30.94
C ALA P 286 36.96 -24.93 -31.57
N MET P 287 36.88 -24.93 -32.89
CA MET P 287 36.08 -25.91 -33.61
C MET P 287 36.72 -27.29 -33.50
N ARG P 288 38.05 -27.31 -33.45
CA ARG P 288 38.78 -28.56 -33.41
C ARG P 288 38.58 -29.34 -32.10
N ARG P 289 38.76 -28.67 -30.96
CA ARG P 289 38.76 -29.40 -29.70
C ARG P 289 37.55 -29.13 -28.80
N TYR P 290 36.54 -28.45 -29.34
CA TYR P 290 35.31 -28.20 -28.60
C TYR P 290 34.07 -28.26 -29.49
N GLY P 291 34.28 -28.13 -30.80
CA GLY P 291 33.18 -28.14 -31.76
C GLY P 291 32.20 -26.99 -31.62
N SER P 292 32.68 -25.84 -31.15
CA SER P 292 31.81 -24.69 -30.97
C SER P 292 32.59 -23.37 -31.07
N ASP P 293 31.93 -22.36 -31.64
CA ASP P 293 32.54 -21.03 -31.73
C ASP P 293 32.40 -20.28 -30.41
N LYS P 294 31.67 -20.88 -29.47
CA LYS P 294 31.53 -20.32 -28.12
C LYS P 294 31.75 -21.40 -27.06
N PRO P 295 33.01 -21.82 -26.87
CA PRO P 295 33.40 -22.91 -25.96
C PRO P 295 33.05 -22.66 -24.50
N ASP P 296 32.60 -23.69 -23.81
CA ASP P 296 32.38 -23.62 -22.37
C ASP P 296 33.60 -24.14 -21.62
N LEU P 297 34.49 -23.23 -21.24
CA LEU P 297 35.78 -23.57 -20.63
C LEU P 297 35.68 -23.98 -19.17
N ARG P 298 34.47 -24.25 -18.69
CA ARG P 298 34.32 -24.76 -17.34
C ARG P 298 34.45 -26.27 -17.37
N ILE P 299 34.00 -26.86 -18.47
CA ILE P 299 34.13 -28.30 -18.68
C ILE P 299 35.48 -28.62 -19.28
N PRO P 300 36.33 -29.34 -18.52
CA PRO P 300 37.70 -29.67 -18.91
C PRO P 300 37.76 -30.70 -20.03
N LEU P 301 36.66 -31.41 -20.26
CA LEU P 301 36.54 -32.39 -21.32
C LEU P 301 36.83 -31.81 -22.70
N GLU P 302 37.63 -32.51 -23.49
CA GLU P 302 38.12 -31.99 -24.76
C GLU P 302 38.02 -33.06 -25.84
N LEU P 303 37.64 -32.63 -27.04
CA LEU P 303 37.57 -33.49 -28.22
C LEU P 303 38.92 -33.72 -28.88
N VAL P 304 39.29 -34.97 -29.12
CA VAL P 304 40.57 -35.24 -29.79
C VAL P 304 40.39 -36.03 -31.09
N ASP P 305 40.81 -35.42 -32.19
CA ASP P 305 40.79 -36.02 -33.53
C ASP P 305 41.73 -37.23 -33.71
N VAL P 306 41.27 -38.25 -34.41
CA VAL P 306 42.01 -39.53 -34.48
C VAL P 306 41.72 -40.28 -35.79
N ALA P 307 40.99 -39.65 -36.70
CA ALA P 307 40.58 -40.26 -37.97
C ALA P 307 41.66 -40.66 -38.99
N ASP P 308 42.84 -40.06 -38.92
CA ASP P 308 43.89 -40.35 -39.91
C ASP P 308 44.44 -41.78 -39.90
N GLN P 309 44.36 -42.42 -38.74
CA GLN P 309 44.89 -43.76 -38.51
C GLN P 309 43.83 -44.84 -38.68
N LEU P 310 42.63 -44.44 -39.08
CA LEU P 310 41.49 -45.35 -39.14
C LEU P 310 40.86 -45.47 -40.53
N LYS P 311 41.71 -45.38 -41.55
CA LYS P 311 41.31 -45.44 -42.96
C LYS P 311 40.96 -46.83 -43.51
N GLU P 312 41.97 -47.68 -43.74
CA GLU P 312 41.73 -49.04 -44.22
C GLU P 312 41.44 -50.06 -43.13
N VAL P 313 40.24 -49.94 -42.59
CA VAL P 313 39.71 -50.80 -41.54
C VAL P 313 38.38 -51.38 -42.05
N GLU P 314 38.03 -52.60 -41.64
CA GLU P 314 36.84 -53.27 -42.18
C GLU P 314 35.51 -52.58 -41.89
N PHE P 315 35.37 -51.98 -40.70
CA PHE P 315 34.14 -51.28 -40.31
C PHE P 315 33.92 -49.99 -41.12
N LYS P 316 32.71 -49.80 -41.62
CA LYS P 316 32.42 -48.79 -42.63
C LYS P 316 31.88 -47.48 -42.07
N VAL P 317 31.42 -47.48 -40.82
CA VAL P 317 30.87 -46.24 -40.27
C VAL P 317 32.01 -45.34 -39.78
N PHE P 318 33.18 -45.91 -39.53
CA PHE P 318 34.36 -45.12 -39.22
C PHE P 318 35.08 -44.72 -40.51
N SER P 319 35.42 -45.72 -41.30
CA SER P 319 36.16 -45.55 -42.55
C SER P 319 35.43 -44.66 -43.55
N GLY P 320 34.10 -44.69 -43.51
CA GLY P 320 33.30 -43.86 -44.39
C GLY P 320 33.70 -42.40 -44.35
N PRO P 321 33.44 -41.72 -43.22
CA PRO P 321 33.86 -40.33 -43.03
C PRO P 321 35.37 -40.16 -42.89
N ALA P 322 36.08 -41.24 -42.56
CA ALA P 322 37.54 -41.18 -42.43
C ALA P 322 38.22 -40.96 -43.79
N ASN P 323 37.63 -41.49 -44.85
CA ASN P 323 38.16 -41.26 -46.19
C ASN P 323 37.48 -40.09 -46.88
N ASP P 324 36.38 -39.62 -46.28
CA ASP P 324 35.68 -38.45 -46.77
C ASP P 324 36.32 -37.19 -46.21
N PRO P 325 36.81 -36.29 -47.09
CA PRO P 325 37.44 -35.07 -46.58
C PRO P 325 36.45 -34.18 -45.85
N LYS P 326 35.18 -34.23 -46.26
CA LYS P 326 34.15 -33.38 -45.69
C LYS P 326 33.65 -33.89 -44.34
N GLY P 327 34.57 -34.22 -43.44
CA GLY P 327 34.19 -34.73 -42.13
C GLY P 327 35.31 -35.37 -41.36
N ARG P 328 35.01 -35.75 -40.12
CA ARG P 328 35.99 -36.41 -39.26
C ARG P 328 35.43 -37.45 -38.30
N VAL P 329 36.35 -38.08 -37.57
CA VAL P 329 36.04 -39.09 -36.58
C VAL P 329 36.81 -38.67 -35.32
N ALA P 330 36.10 -38.03 -34.40
CA ALA P 330 36.68 -37.54 -33.15
C ALA P 330 36.30 -38.37 -31.92
N ALA P 331 37.24 -38.45 -30.98
CA ALA P 331 37.00 -39.18 -29.73
C ALA P 331 36.88 -38.23 -28.54
N LEU P 332 36.15 -38.66 -27.52
CA LEU P 332 35.92 -37.85 -26.33
C LEU P 332 36.05 -38.70 -25.07
N ARG P 333 37.13 -38.48 -24.31
CA ARG P 333 37.35 -39.22 -23.07
C ARG P 333 36.64 -38.60 -21.86
N VAL P 334 35.74 -39.37 -21.25
CA VAL P 334 35.16 -38.99 -19.98
C VAL P 334 35.67 -39.90 -18.87
N PRO P 335 36.39 -39.29 -17.90
CA PRO P 335 37.16 -39.96 -16.85
C PRO P 335 36.30 -40.52 -15.71
N GLY P 336 36.65 -41.71 -15.23
CA GLY P 336 35.93 -42.33 -14.13
C GLY P 336 34.48 -42.66 -14.42
N ALA P 337 34.10 -42.61 -15.70
CA ALA P 337 32.70 -42.75 -16.08
C ALA P 337 32.42 -44.11 -16.67
N ALA P 338 33.30 -45.08 -16.43
CA ALA P 338 33.05 -46.45 -16.85
C ALA P 338 31.93 -47.11 -16.07
N SER P 339 31.62 -46.61 -14.88
CA SER P 339 30.54 -47.20 -14.09
C SER P 339 29.16 -46.85 -14.62
N MET P 340 29.12 -46.08 -15.71
CA MET P 340 27.87 -45.62 -16.30
C MET P 340 27.02 -46.79 -16.81
N PRO P 341 25.73 -46.82 -16.43
CA PRO P 341 24.73 -47.79 -16.90
C PRO P 341 24.32 -47.61 -18.36
N ARG P 342 23.99 -48.72 -19.00
CA ARG P 342 23.57 -48.75 -20.41
C ARG P 342 22.39 -47.83 -20.71
N SER P 343 21.56 -47.58 -19.71
CA SER P 343 20.45 -46.64 -19.83
C SER P 343 20.92 -45.24 -20.23
N GLN P 344 21.90 -44.75 -19.49
CA GLN P 344 22.46 -43.41 -19.72
C GLN P 344 23.09 -43.38 -21.10
N ILE P 345 23.77 -44.47 -21.46
CA ILE P 345 24.36 -44.61 -22.79
C ILE P 345 23.31 -44.47 -23.89
N ASP P 346 22.17 -45.13 -23.72
CA ASP P 346 21.10 -45.05 -24.71
C ASP P 346 20.55 -43.64 -24.81
N ASP P 347 20.40 -43.00 -23.65
CA ASP P 347 19.98 -41.61 -23.57
C ASP P 347 20.92 -40.69 -24.37
N TYR P 348 22.22 -40.95 -24.22
CA TYR P 348 23.23 -40.14 -24.90
C TYR P 348 23.21 -40.40 -26.40
N THR P 349 23.01 -41.65 -26.79
CA THR P 349 22.94 -41.98 -28.21
C THR P 349 21.75 -41.30 -28.90
N LYS P 350 20.59 -41.33 -28.25
CA LYS P 350 19.44 -40.62 -28.80
C LYS P 350 19.64 -39.10 -28.82
N PHE P 351 20.39 -38.63 -27.82
CA PHE P 351 20.68 -37.20 -27.71
C PHE P 351 21.56 -36.74 -28.86
N VAL P 352 22.66 -37.44 -29.10
CA VAL P 352 23.52 -37.09 -30.23
C VAL P 352 22.78 -37.41 -31.52
N GLY P 353 21.74 -38.24 -31.38
CA GLY P 353 20.85 -38.60 -32.46
C GLY P 353 20.12 -37.38 -32.97
N ILE P 354 19.78 -36.47 -32.07
CA ILE P 354 18.98 -35.30 -32.48
C ILE P 354 19.77 -34.29 -33.32
N TYR P 355 21.09 -34.43 -33.40
CA TYR P 355 21.89 -33.50 -34.20
C TYR P 355 22.38 -34.16 -35.49
N GLY P 356 21.84 -35.34 -35.77
CA GLY P 356 22.08 -36.03 -37.04
C GLY P 356 23.07 -37.16 -37.04
N ALA P 357 23.70 -37.45 -35.90
CA ALA P 357 24.68 -38.53 -35.88
C ALA P 357 23.99 -39.88 -35.95
N LYS P 358 24.40 -40.73 -36.89
CA LYS P 358 23.81 -42.05 -37.03
C LYS P 358 24.01 -42.91 -35.78
N GLY P 359 25.13 -42.70 -35.09
CA GLY P 359 25.42 -43.45 -33.89
C GLY P 359 26.55 -42.89 -33.03
N LEU P 360 26.47 -43.14 -31.73
CA LEU P 360 27.50 -42.75 -30.77
C LEU P 360 28.32 -43.95 -30.33
N ALA P 361 29.44 -44.19 -31.00
CA ALA P 361 30.31 -45.33 -30.67
C ALA P 361 31.03 -45.15 -29.32
N TYR P 362 31.37 -46.24 -28.64
CA TYR P 362 32.07 -46.05 -27.36
C TYR P 362 33.05 -47.20 -27.08
N ILE P 363 33.99 -46.92 -26.18
CA ILE P 363 34.95 -47.89 -25.65
C ILE P 363 35.10 -47.78 -24.14
N LYS P 364 34.79 -48.83 -23.39
CA LYS P 364 35.01 -48.79 -21.95
C LYS P 364 36.42 -49.28 -21.61
N VAL P 365 37.25 -48.37 -21.09
CA VAL P 365 38.62 -48.73 -20.74
C VAL P 365 38.75 -49.10 -19.26
N ASN P 366 39.03 -50.39 -19.04
CA ASN P 366 39.17 -50.98 -17.71
C ASN P 366 40.57 -51.49 -17.31
N GLU P 367 41.12 -52.32 -18.20
CA GLU P 367 42.47 -52.89 -18.10
C GLU P 367 43.28 -52.74 -19.38
N ARG P 368 44.18 -51.77 -19.39
CA ARG P 368 44.98 -51.48 -20.58
C ARG P 368 45.97 -52.58 -20.97
N ALA P 369 46.36 -53.43 -20.03
CA ALA P 369 47.36 -54.44 -20.35
C ALA P 369 46.88 -55.74 -21.02
N LYS P 370 45.59 -56.03 -21.04
CA LYS P 370 45.16 -57.30 -21.66
C LYS P 370 44.72 -57.22 -23.12
N GLY P 371 44.86 -56.06 -23.76
CA GLY P 371 44.54 -55.97 -25.16
C GLY P 371 43.04 -55.91 -25.45
N VAL P 372 42.64 -56.67 -26.46
CA VAL P 372 41.27 -56.74 -26.95
C VAL P 372 40.25 -57.23 -25.92
N GLU P 373 40.61 -58.27 -25.16
CA GLU P 373 39.77 -58.69 -24.04
C GLU P 373 39.91 -57.83 -22.79
N GLY P 374 40.36 -56.59 -22.95
CA GLY P 374 40.71 -55.75 -21.83
C GLY P 374 40.05 -54.42 -22.10
N LEU P 375 39.49 -54.32 -23.29
CA LEU P 375 38.69 -53.20 -23.75
C LEU P 375 37.28 -53.68 -24.07
N GLN P 376 36.38 -53.69 -23.09
CA GLN P 376 35.04 -54.18 -23.34
C GLN P 376 34.28 -53.19 -24.20
N SER P 377 33.93 -53.67 -25.40
CA SER P 377 33.17 -52.93 -26.41
C SER P 377 32.92 -53.87 -27.59
N PRO P 378 31.79 -53.70 -28.28
CA PRO P 378 31.42 -54.48 -29.47
C PRO P 378 32.17 -54.08 -30.75
N ILE P 379 32.91 -52.98 -30.69
CA ILE P 379 33.59 -52.42 -31.86
C ILE P 379 35.04 -52.92 -31.98
N VAL P 380 35.68 -53.17 -30.85
CA VAL P 380 37.09 -53.55 -30.77
C VAL P 380 37.55 -54.67 -31.73
N LYS P 381 36.64 -55.53 -32.17
CA LYS P 381 37.04 -56.62 -33.06
C LYS P 381 37.37 -56.16 -34.49
N PHE P 382 36.75 -55.09 -34.96
CA PHE P 382 36.98 -54.71 -36.35
C PHE P 382 38.16 -53.76 -36.48
N ILE P 383 38.76 -53.41 -35.34
CA ILE P 383 39.88 -52.46 -35.32
C ILE P 383 41.14 -53.04 -34.65
N PRO P 384 42.28 -52.97 -35.35
CA PRO P 384 43.60 -53.44 -34.90
C PRO P 384 44.07 -52.88 -33.54
N GLU P 385 44.95 -53.65 -32.88
CA GLU P 385 45.44 -53.37 -31.53
C GLU P 385 46.37 -52.16 -31.43
N ALA P 386 47.18 -51.96 -32.47
CA ALA P 386 48.16 -50.88 -32.51
C ALA P 386 47.45 -49.53 -32.50
N ASN P 387 46.53 -49.36 -33.45
CA ASN P 387 45.75 -48.13 -33.53
C ASN P 387 45.09 -47.85 -32.19
N LEU P 388 44.44 -48.86 -31.60
CA LEU P 388 43.86 -48.72 -30.27
C LEU P 388 44.83 -48.16 -29.25
N ASN P 389 46.01 -48.77 -29.18
CA ASN P 389 46.99 -48.37 -28.19
C ASN P 389 47.50 -46.94 -28.37
N VAL P 390 47.77 -46.54 -29.60
CA VAL P 390 48.22 -45.17 -29.80
C VAL P 390 47.07 -44.16 -29.66
N ILE P 391 45.84 -44.62 -29.87
CA ILE P 391 44.66 -43.79 -29.60
C ILE P 391 44.50 -43.52 -28.12
N LEU P 392 44.49 -44.58 -27.32
CA LEU P 392 44.40 -44.47 -25.88
C LEU P 392 45.56 -43.65 -25.34
N ASP P 393 46.73 -43.82 -25.94
CA ASP P 393 47.89 -43.02 -25.56
C ASP P 393 47.65 -41.54 -25.82
N ARG P 394 47.15 -41.22 -27.01
CA ARG P 394 46.92 -39.83 -27.40
C ARG P 394 45.83 -39.11 -26.62
N VAL P 395 44.69 -39.77 -26.42
CA VAL P 395 43.55 -39.16 -25.74
C VAL P 395 43.74 -39.00 -24.23
N GLY P 396 44.76 -39.65 -23.68
CA GLY P 396 45.07 -39.49 -22.26
C GLY P 396 44.28 -40.42 -21.37
N ALA P 397 43.70 -41.46 -21.97
CA ALA P 397 42.82 -42.38 -21.24
C ALA P 397 43.61 -43.37 -20.39
N VAL P 398 43.07 -43.69 -19.22
CA VAL P 398 43.63 -44.75 -18.40
C VAL P 398 42.54 -45.71 -17.90
N ASP P 399 42.88 -46.55 -16.93
CA ASP P 399 41.95 -47.52 -16.36
C ASP P 399 40.74 -46.85 -15.71
N GLY P 400 39.54 -47.23 -16.14
CA GLY P 400 38.35 -46.70 -15.50
C GLY P 400 37.61 -45.67 -16.33
N ASP P 401 38.14 -45.35 -17.51
CA ASP P 401 37.57 -44.27 -18.32
C ASP P 401 36.69 -44.74 -19.47
N ILE P 402 35.88 -43.85 -20.02
CA ILE P 402 35.14 -44.17 -21.25
C ILE P 402 35.54 -43.25 -22.39
N VAL P 403 35.73 -43.81 -23.59
CA VAL P 403 35.98 -42.99 -24.77
C VAL P 403 34.85 -43.06 -25.79
N PHE P 404 34.18 -41.94 -26.01
CA PHE P 404 33.11 -41.88 -27.01
C PHE P 404 33.67 -41.54 -28.39
N PHE P 405 32.90 -41.90 -29.43
CA PHE P 405 33.32 -41.69 -30.80
C PHE P 405 32.17 -41.11 -31.63
N GLY P 406 32.47 -39.98 -32.26
CA GLY P 406 31.65 -39.29 -33.24
C GLY P 406 32.27 -39.38 -34.62
N ALA P 407 31.62 -40.06 -35.55
CA ALA P 407 32.21 -40.23 -36.88
C ALA P 407 31.27 -39.85 -38.02
N ASP P 408 31.42 -38.63 -38.54
CA ASP P 408 30.49 -38.12 -39.55
C ASP P 408 31.02 -36.87 -40.27
N LYS P 409 30.11 -36.13 -40.90
CA LYS P 409 30.44 -34.84 -41.51
C LYS P 409 30.96 -33.89 -40.43
N ALA P 410 31.86 -32.99 -40.82
CA ALA P 410 32.52 -32.10 -39.86
C ALA P 410 31.53 -31.32 -38.99
N LYS P 411 30.56 -30.68 -39.65
CA LYS P 411 29.53 -29.92 -38.97
C LYS P 411 28.80 -30.81 -37.97
N ILE P 412 28.40 -31.98 -38.46
CA ILE P 412 27.63 -32.96 -37.68
C ILE P 412 28.36 -33.46 -36.44
N VAL P 413 29.61 -33.91 -36.62
CA VAL P 413 30.40 -34.42 -35.50
C VAL P 413 30.68 -33.29 -34.51
N CYS P 414 30.95 -32.09 -35.03
CA CYS P 414 31.18 -30.93 -34.17
C CYS P 414 29.98 -30.62 -33.29
N ASP P 415 28.79 -30.64 -33.88
CA ASP P 415 27.58 -30.32 -33.14
C ASP P 415 27.20 -31.42 -32.14
N ALA P 416 27.21 -32.66 -32.62
CA ALA P 416 26.81 -33.78 -31.79
C ALA P 416 27.78 -34.07 -30.65
N LEU P 417 29.08 -34.09 -30.94
CA LEU P 417 30.06 -34.29 -29.90
C LEU P 417 30.22 -33.06 -29.02
N GLY P 418 30.01 -31.88 -29.59
CA GLY P 418 30.06 -30.63 -28.84
C GLY P 418 28.98 -30.55 -27.78
N ALA P 419 27.80 -31.04 -28.18
CA ALA P 419 26.66 -31.05 -27.29
C ALA P 419 26.77 -32.20 -26.31
N LEU P 420 27.28 -33.35 -26.76
CA LEU P 420 27.47 -34.46 -25.85
C LEU P 420 28.45 -33.98 -24.78
N ARG P 421 29.43 -33.19 -25.23
CA ARG P 421 30.46 -32.63 -24.35
C ARG P 421 29.85 -31.76 -23.26
N ILE P 422 29.02 -30.80 -23.66
CA ILE P 422 28.41 -29.92 -22.66
C ILE P 422 27.42 -30.65 -21.75
N LYS P 423 26.68 -31.60 -22.34
CA LYS P 423 25.69 -32.38 -21.61
C LYS P 423 26.32 -33.25 -20.54
N VAL P 424 27.23 -34.12 -20.95
CA VAL P 424 27.91 -34.98 -19.99
C VAL P 424 28.81 -34.14 -19.08
N GLY P 425 29.12 -32.93 -19.52
CA GLY P 425 29.87 -32.02 -18.68
C GLY P 425 29.05 -31.61 -17.46
N HIS P 426 27.79 -31.21 -17.70
CA HIS P 426 26.93 -30.82 -16.57
C HIS P 426 26.35 -31.98 -15.79
N ASP P 427 26.03 -33.07 -16.48
CA ASP P 427 25.38 -34.23 -15.87
C ASP P 427 26.24 -34.98 -14.86
N LEU P 428 27.55 -34.95 -15.05
CA LEU P 428 28.44 -35.66 -14.15
C LEU P 428 29.16 -34.73 -13.17
N LYS P 429 28.80 -33.45 -13.23
CA LYS P 429 29.43 -32.42 -12.40
C LYS P 429 30.95 -32.46 -12.47
N LEU P 430 31.51 -32.20 -13.65
CA LEU P 430 32.97 -32.29 -13.78
C LEU P 430 33.61 -30.91 -13.85
N LEU P 431 32.82 -29.93 -14.26
CA LEU P 431 33.26 -28.54 -14.35
C LEU P 431 33.64 -27.93 -13.00
N THR P 432 34.56 -26.97 -13.01
CA THR P 432 34.76 -26.10 -11.85
C THR P 432 33.70 -24.99 -11.96
N ARG P 433 33.00 -24.70 -10.87
CA ARG P 433 31.95 -23.68 -10.92
C ARG P 433 32.43 -22.22 -10.88
N GLU P 434 33.72 -21.97 -11.03
CA GLU P 434 34.16 -20.59 -11.18
C GLU P 434 33.72 -19.99 -12.51
N TRP P 435 33.75 -18.66 -12.57
CA TRP P 435 33.54 -17.91 -13.80
C TRP P 435 34.63 -18.28 -14.80
N ALA P 436 34.30 -18.53 -16.06
CA ALA P 436 35.36 -18.81 -17.03
C ALA P 436 35.22 -18.10 -18.38
N PRO P 437 35.89 -16.95 -18.52
CA PRO P 437 35.91 -16.08 -19.71
C PRO P 437 36.91 -16.51 -20.78
N MET P 438 36.74 -16.03 -22.00
CA MET P 438 37.66 -16.34 -23.10
C MET P 438 37.43 -15.42 -24.30
N TRP P 439 38.42 -15.43 -25.20
CA TRP P 439 38.32 -14.70 -26.46
C TRP P 439 38.41 -15.68 -27.63
N VAL P 440 37.45 -15.58 -28.55
CA VAL P 440 37.52 -16.32 -29.80
C VAL P 440 37.95 -15.43 -30.96
N VAL P 441 39.06 -15.80 -31.60
CA VAL P 441 39.69 -14.97 -32.63
C VAL P 441 39.94 -15.78 -33.91
N ASP P 442 40.37 -15.09 -34.97
CA ASP P 442 40.71 -15.74 -36.23
C ASP P 442 39.56 -16.50 -36.90
N PHE P 443 38.49 -15.79 -37.27
CA PHE P 443 37.37 -16.42 -37.96
C PHE P 443 37.72 -16.57 -39.43
N PRO P 444 37.00 -17.44 -40.15
CA PRO P 444 37.14 -17.38 -41.61
C PRO P 444 36.46 -16.17 -42.22
N MET P 445 36.93 -15.79 -43.41
CA MET P 445 36.38 -14.67 -44.15
C MET P 445 35.05 -14.98 -44.84
N PHE P 446 34.96 -16.15 -45.48
CA PHE P 446 33.74 -16.47 -46.23
C PHE P 446 33.03 -17.77 -45.86
N GLU P 447 31.83 -17.91 -46.41
CA GLU P 447 31.02 -19.13 -46.38
C GLU P 447 30.12 -19.23 -47.62
N GLU P 448 29.77 -20.45 -48.01
CA GLU P 448 28.97 -20.63 -49.22
C GLU P 448 27.49 -20.75 -48.80
N ASN P 449 26.60 -20.35 -49.71
CA ASN P 449 25.16 -20.30 -49.45
C ASN P 449 24.27 -21.31 -50.18
N ASP P 450 24.49 -22.60 -49.94
CA ASP P 450 23.65 -23.64 -50.57
C ASP P 450 23.74 -23.64 -52.10
N ASP P 451 23.24 -22.59 -52.72
CA ASP P 451 23.21 -22.50 -54.18
C ASP P 451 24.62 -22.38 -54.77
N GLY P 452 25.53 -21.77 -54.02
CA GLY P 452 26.83 -21.42 -54.59
C GLY P 452 27.51 -20.22 -53.99
N SER P 453 28.54 -19.75 -54.68
CA SER P 453 29.22 -18.49 -54.41
C SER P 453 29.81 -18.41 -53.00
N LEU P 454 30.41 -17.27 -52.70
CA LEU P 454 31.00 -17.03 -51.39
C LEU P 454 30.28 -15.88 -50.68
N SER P 455 30.29 -15.89 -49.35
CA SER P 455 29.70 -14.78 -48.61
C SER P 455 30.39 -14.59 -47.26
N ALA P 456 30.44 -13.34 -46.80
CA ALA P 456 31.02 -13.02 -45.49
C ALA P 456 30.02 -13.27 -44.36
N LEU P 457 30.46 -13.96 -43.32
CA LEU P 457 29.58 -14.20 -42.18
C LEU P 457 29.19 -12.91 -41.45
N HIS P 458 30.18 -12.10 -41.07
CA HIS P 458 29.93 -10.86 -40.36
C HIS P 458 29.43 -9.73 -41.27
N HIS P 459 30.40 -9.00 -41.81
CA HIS P 459 30.15 -7.82 -42.63
C HIS P 459 31.27 -7.69 -43.65
N PRO P 460 30.97 -7.19 -44.86
CA PRO P 460 32.02 -7.02 -45.88
C PRO P 460 33.07 -5.97 -45.52
N PHE P 461 32.88 -5.28 -44.38
CA PHE P 461 33.81 -4.24 -43.96
C PHE P 461 34.84 -4.74 -42.96
N THR P 462 34.88 -6.06 -42.75
CA THR P 462 35.81 -6.64 -41.80
C THR P 462 37.21 -6.78 -42.40
N SER P 463 38.22 -6.43 -41.62
CA SER P 463 39.61 -6.48 -42.07
C SER P 463 40.13 -7.92 -42.10
N PRO P 464 40.62 -8.37 -43.26
CA PRO P 464 41.27 -9.67 -43.34
C PRO P 464 42.70 -9.62 -42.81
N LYS P 465 43.23 -10.75 -42.37
CA LYS P 465 44.59 -10.80 -41.83
C LYS P 465 45.64 -10.71 -42.92
N CYS P 466 45.28 -11.07 -44.14
CA CYS P 466 46.23 -11.09 -45.24
C CYS P 466 46.15 -9.81 -46.07
N THR P 467 46.79 -9.84 -47.24
CA THR P 467 46.80 -8.68 -48.13
C THR P 467 45.77 -8.89 -49.23
N PRO P 468 45.34 -7.81 -49.92
CA PRO P 468 44.28 -7.97 -50.94
C PRO P 468 44.71 -8.86 -52.11
N ALA P 469 46.00 -9.20 -52.15
CA ALA P 469 46.53 -10.08 -53.19
C ALA P 469 46.44 -11.50 -52.67
N GLU P 470 46.95 -11.74 -51.46
CA GLU P 470 46.83 -13.08 -50.88
C GLU P 470 45.34 -13.38 -50.74
N LEU P 471 44.55 -12.31 -50.68
CA LEU P 471 43.10 -12.38 -50.57
C LEU P 471 42.44 -12.79 -51.88
N GLU P 472 42.81 -12.13 -52.98
CA GLU P 472 42.26 -12.53 -54.26
C GLU P 472 42.88 -13.83 -54.78
N ALA P 473 43.97 -14.24 -54.13
CA ALA P 473 44.62 -15.53 -54.38
C ALA P 473 43.77 -16.71 -53.97
N ASN P 474 43.63 -16.86 -52.66
CA ASN P 474 42.85 -17.94 -52.07
C ASN P 474 41.96 -17.41 -50.94
N PRO P 475 40.70 -17.09 -51.26
CA PRO P 475 39.79 -16.52 -50.27
C PRO P 475 39.44 -17.46 -49.10
N GLY P 476 39.57 -18.76 -49.31
CA GLY P 476 39.24 -19.73 -48.28
C GLY P 476 40.29 -19.81 -47.19
N ALA P 477 41.51 -19.41 -47.54
CA ALA P 477 42.63 -19.45 -46.59
C ALA P 477 42.72 -18.14 -45.82
N ALA P 478 41.78 -17.25 -46.04
CA ALA P 478 41.82 -15.93 -45.41
C ALA P 478 41.15 -15.97 -44.05
N LEU P 479 41.83 -15.42 -43.05
CA LEU P 479 41.27 -15.31 -41.72
C LEU P 479 40.87 -13.86 -41.48
N SER P 480 39.81 -13.65 -40.70
CA SER P 480 39.37 -12.29 -40.42
C SER P 480 39.91 -11.82 -39.08
N ARG P 481 40.01 -10.50 -38.94
CA ARG P 481 40.40 -9.88 -37.69
C ARG P 481 39.19 -9.60 -36.80
N ALA P 482 38.34 -10.59 -36.65
CA ALA P 482 37.10 -10.44 -35.92
C ALA P 482 37.27 -11.17 -34.60
N TYR P 483 36.46 -10.83 -33.61
CA TYR P 483 36.64 -11.41 -32.28
C TYR P 483 35.36 -11.41 -31.47
N ASP P 484 35.10 -12.53 -30.80
CA ASP P 484 33.91 -12.66 -29.98
C ASP P 484 34.39 -12.94 -28.57
N MET P 485 33.67 -12.44 -27.58
CA MET P 485 33.99 -12.75 -26.20
C MET P 485 32.99 -13.74 -25.63
N VAL P 486 33.50 -14.81 -25.02
CA VAL P 486 32.63 -15.86 -24.53
C VAL P 486 32.80 -16.07 -23.02
N LEU P 487 31.67 -16.21 -22.35
CA LEU P 487 31.63 -16.49 -20.92
C LEU P 487 30.63 -17.60 -20.63
N ASN P 488 31.11 -18.64 -19.95
CA ASN P 488 30.30 -19.81 -19.63
C ASN P 488 29.60 -20.37 -20.87
N GLY P 489 30.34 -20.41 -21.97
CA GLY P 489 29.84 -20.95 -23.23
C GLY P 489 28.80 -20.09 -23.93
N THR P 490 28.49 -18.93 -23.37
CA THR P 490 27.58 -17.99 -24.03
C THR P 490 28.33 -16.78 -24.58
N GLU P 491 27.87 -16.28 -25.73
CA GLU P 491 28.51 -15.16 -26.42
C GLU P 491 28.10 -13.83 -25.81
N LEU P 492 28.98 -13.24 -25.01
CA LEU P 492 28.70 -11.95 -24.41
C LEU P 492 28.62 -10.82 -25.44
N GLY P 493 29.43 -10.93 -26.49
CA GLY P 493 29.42 -9.95 -27.54
C GLY P 493 30.54 -10.15 -28.54
N GLY P 494 30.83 -9.09 -29.28
CA GLY P 494 31.86 -9.11 -30.31
C GLY P 494 31.80 -7.98 -31.33
N GLY P 495 32.90 -7.84 -32.06
CA GLY P 495 33.11 -6.84 -33.09
C GLY P 495 34.35 -7.23 -33.89
N SER P 496 34.88 -6.25 -34.61
CA SER P 496 36.05 -6.46 -35.47
C SER P 496 36.65 -5.10 -35.82
N ILE P 497 37.85 -5.13 -36.39
CA ILE P 497 38.48 -3.94 -36.94
C ILE P 497 37.97 -3.70 -38.35
N ARG P 498 37.63 -2.45 -38.66
CA ARG P 498 36.97 -2.20 -39.92
C ARG P 498 37.99 -1.90 -41.02
N ILE P 499 37.53 -1.96 -42.26
CA ILE P 499 38.34 -1.62 -43.42
C ILE P 499 38.35 -0.13 -43.71
N HIS P 500 39.52 0.44 -43.98
CA HIS P 500 39.57 1.85 -44.32
C HIS P 500 40.40 1.99 -45.57
N ASP P 501 40.64 0.84 -46.20
CA ASP P 501 41.51 0.79 -47.37
C ASP P 501 40.65 0.78 -48.62
N LYS P 502 40.97 1.61 -49.59
CA LYS P 502 40.12 1.70 -50.78
C LYS P 502 40.26 0.39 -51.57
N SER P 503 41.49 0.09 -52.01
CA SER P 503 41.79 -1.14 -52.73
C SER P 503 41.45 -2.45 -52.02
N MET P 504 41.56 -2.51 -50.70
CA MET P 504 41.12 -3.69 -49.96
C MET P 504 39.60 -3.86 -49.95
N GLN P 505 38.89 -2.77 -49.69
CA GLN P 505 37.44 -2.79 -49.71
C GLN P 505 36.93 -3.16 -51.10
N GLN P 506 37.66 -2.69 -52.12
CA GLN P 506 37.36 -3.06 -53.49
C GLN P 506 37.73 -4.49 -53.81
N ALA P 507 38.76 -5.00 -53.15
CA ALA P 507 39.14 -6.39 -53.35
C ALA P 507 38.05 -7.32 -52.82
N VAL P 508 37.65 -7.10 -51.57
CA VAL P 508 36.57 -7.89 -50.98
C VAL P 508 35.25 -7.65 -51.71
N PHE P 509 35.11 -6.46 -52.29
CA PHE P 509 33.94 -6.15 -53.08
C PHE P 509 33.91 -6.95 -54.38
N ARG P 510 35.07 -7.06 -55.04
CA ARG P 510 35.20 -7.81 -56.26
C ARG P 510 35.02 -9.30 -56.07
N VAL P 511 35.62 -9.84 -55.02
CA VAL P 511 35.57 -11.28 -54.77
C VAL P 511 34.20 -11.80 -54.33
N LEU P 512 33.28 -10.92 -53.92
CA LEU P 512 31.98 -11.45 -53.52
C LEU P 512 30.88 -11.43 -54.60
N GLY P 513 31.20 -10.89 -55.77
CA GLY P 513 30.25 -10.91 -56.88
C GLY P 513 29.36 -9.68 -56.97
N ILE P 514 29.60 -8.70 -56.09
CA ILE P 514 28.85 -7.45 -56.09
C ILE P 514 29.45 -6.31 -56.93
N ASP P 515 28.77 -5.99 -58.02
CA ASP P 515 29.19 -4.92 -58.91
C ASP P 515 28.85 -3.56 -58.29
N GLU P 516 29.28 -2.48 -58.94
CA GLU P 516 29.10 -1.12 -58.43
C GLU P 516 27.64 -0.68 -58.26
N ALA P 517 26.72 -1.42 -58.90
CA ALA P 517 25.29 -1.16 -58.75
C ALA P 517 24.86 -1.33 -57.30
N GLU P 518 25.14 -2.50 -56.72
CA GLU P 518 24.82 -2.76 -55.33
C GLU P 518 25.73 -1.94 -54.41
N GLN P 519 26.97 -1.74 -54.83
CA GLN P 519 27.94 -0.93 -54.08
C GLN P 519 27.41 0.48 -53.85
N GLU P 520 26.71 0.99 -54.86
CA GLU P 520 26.11 2.32 -54.84
C GLU P 520 24.77 2.32 -54.11
N GLU P 521 23.95 1.28 -54.31
CA GLU P 521 22.60 1.27 -53.77
C GLU P 521 22.53 0.97 -52.28
N LYS P 522 23.29 -0.01 -51.77
CA LYS P 522 23.13 -0.35 -50.36
C LYS P 522 24.06 0.46 -49.44
N PHE P 523 25.37 0.50 -49.69
CA PHE P 523 26.26 1.19 -48.75
C PHE P 523 26.86 2.47 -49.34
N GLY P 524 26.20 3.09 -50.32
CA GLY P 524 26.80 4.28 -50.93
C GLY P 524 27.15 5.49 -50.08
N PHE P 525 26.24 5.92 -49.20
CA PHE P 525 26.50 7.09 -48.36
C PHE P 525 27.64 6.81 -47.37
N LEU P 526 27.78 5.54 -47.00
CA LEU P 526 28.82 5.08 -46.10
C LEU P 526 30.17 5.18 -46.78
N LEU P 527 30.25 4.65 -47.99
CA LEU P 527 31.46 4.70 -48.80
C LEU P 527 31.85 6.14 -49.06
N ASP P 528 30.84 6.98 -49.30
CA ASP P 528 31.04 8.43 -49.44
C ASP P 528 31.77 8.96 -48.20
N ALA P 529 31.24 8.66 -47.02
CA ALA P 529 31.81 9.16 -45.76
C ALA P 529 33.24 8.60 -45.56
N LEU P 530 33.45 7.40 -46.10
CA LEU P 530 34.71 6.66 -46.10
C LEU P 530 35.78 7.27 -47.02
N LYS P 531 35.33 7.94 -48.06
CA LYS P 531 36.20 8.56 -49.06
C LYS P 531 36.85 9.85 -48.57
N TYR P 532 36.25 10.51 -47.59
CA TYR P 532 36.74 11.81 -47.12
C TYR P 532 37.72 11.69 -45.94
N GLY P 533 38.47 10.60 -45.89
CA GLY P 533 39.53 10.47 -44.91
C GLY P 533 39.24 9.75 -43.61
N ALA P 534 39.00 8.45 -43.70
CA ALA P 534 38.73 7.63 -42.53
C ALA P 534 40.00 6.98 -41.97
N PRO P 535 40.20 7.07 -40.64
CA PRO P 535 41.35 6.57 -39.90
C PRO P 535 41.23 5.08 -39.60
N PRO P 536 42.35 4.43 -39.23
CA PRO P 536 42.22 3.03 -38.79
C PRO P 536 41.41 2.89 -37.52
N HIS P 537 40.24 2.25 -37.65
CA HIS P 537 39.33 2.10 -36.53
C HIS P 537 38.77 0.69 -36.39
N GLY P 538 38.48 0.29 -35.15
CA GLY P 538 37.90 -1.02 -34.90
C GLY P 538 37.01 -1.00 -33.67
N GLY P 539 36.05 -1.91 -33.60
CA GLY P 539 35.13 -1.90 -32.48
C GLY P 539 34.58 -3.24 -32.04
N LEU P 540 33.57 -3.18 -31.18
CA LEU P 540 32.95 -4.35 -30.56
C LEU P 540 31.65 -3.94 -29.86
N ALA P 541 30.73 -4.88 -29.71
CA ALA P 541 29.50 -4.56 -28.99
C ALA P 541 29.10 -5.70 -28.07
N PHE P 542 28.61 -5.36 -26.88
CA PHE P 542 28.15 -6.36 -25.91
C PHE P 542 26.65 -6.40 -25.71
N GLY P 543 26.08 -7.59 -25.62
CA GLY P 543 24.67 -7.69 -25.28
C GLY P 543 24.50 -7.53 -23.77
N LEU P 544 24.20 -6.31 -23.35
CA LEU P 544 24.12 -5.96 -21.94
C LEU P 544 23.15 -6.83 -21.14
N ASP P 545 21.99 -7.13 -21.72
CA ASP P 545 21.00 -7.98 -21.07
C ASP P 545 21.57 -9.32 -20.64
N ARG P 546 22.13 -10.09 -21.57
CA ARG P 546 22.71 -11.38 -21.22
C ARG P 546 23.85 -11.25 -20.23
N LEU P 547 24.63 -10.18 -20.34
CA LEU P 547 25.73 -9.94 -19.41
C LEU P 547 25.20 -9.83 -18.00
N VAL P 548 24.14 -9.04 -17.83
CA VAL P 548 23.51 -8.87 -16.52
C VAL P 548 22.86 -10.18 -16.08
N MET P 549 22.29 -10.92 -17.03
CA MET P 549 21.67 -12.22 -16.76
C MET P 549 22.68 -13.20 -16.18
N LEU P 550 23.90 -13.16 -16.71
CA LEU P 550 24.99 -14.00 -16.24
C LEU P 550 25.46 -13.53 -14.87
N MET P 551 25.61 -12.21 -14.73
CA MET P 551 26.14 -11.65 -13.50
C MET P 551 25.18 -11.85 -12.32
N THR P 552 23.88 -11.93 -12.61
CA THR P 552 22.88 -12.20 -11.57
C THR P 552 22.75 -13.69 -11.32
N GLY P 553 22.91 -14.47 -12.38
CA GLY P 553 22.71 -15.91 -12.34
C GLY P 553 21.27 -16.24 -12.67
N ALA P 554 20.59 -15.31 -13.32
CA ALA P 554 19.18 -15.46 -13.68
C ALA P 554 18.97 -16.50 -14.78
N SER P 555 17.80 -17.12 -14.79
CA SER P 555 17.49 -18.15 -15.78
C SER P 555 17.13 -17.54 -17.15
N SER P 556 16.33 -16.48 -17.13
CA SER P 556 15.86 -15.85 -18.37
C SER P 556 16.28 -14.39 -18.46
N ILE P 557 16.20 -13.81 -19.65
CA ILE P 557 16.49 -12.39 -19.83
C ILE P 557 15.41 -11.47 -19.24
N ARG P 558 14.20 -11.98 -19.08
CA ARG P 558 13.10 -11.15 -18.60
C ARG P 558 13.31 -10.83 -17.13
N GLU P 559 14.15 -11.62 -16.49
CA GLU P 559 14.41 -11.46 -15.07
C GLU P 559 15.36 -10.29 -14.86
N VAL P 560 16.02 -9.82 -15.92
CA VAL P 560 16.95 -8.71 -15.74
C VAL P 560 16.50 -7.46 -16.50
N ILE P 561 15.26 -7.49 -16.98
CA ILE P 561 14.66 -6.33 -17.65
C ILE P 561 13.48 -5.84 -16.83
N ALA P 562 13.39 -4.53 -16.62
CA ALA P 562 12.34 -3.94 -15.81
C ALA P 562 10.93 -4.31 -16.30
N PHE P 563 10.63 -3.96 -17.54
CA PHE P 563 9.30 -4.24 -18.11
C PHE P 563 9.42 -4.93 -19.46
N PRO P 564 9.69 -6.25 -19.45
CA PRO P 564 9.90 -7.02 -20.68
C PRO P 564 8.61 -7.29 -21.45
N LYS P 565 8.76 -7.98 -22.58
CA LYS P 565 7.65 -8.31 -23.47
C LYS P 565 7.64 -9.83 -23.69
N THR P 566 6.51 -10.37 -24.09
CA THR P 566 6.40 -11.81 -24.27
C THR P 566 7.02 -12.26 -25.60
N GLN P 567 7.01 -13.58 -25.82
CA GLN P 567 7.62 -14.19 -27.00
C GLN P 567 6.96 -13.73 -28.30
N SER P 568 5.78 -13.14 -28.20
CA SER P 568 5.07 -12.63 -29.37
C SER P 568 5.15 -11.11 -29.40
N ALA P 569 6.21 -10.59 -28.78
CA ALA P 569 6.59 -9.18 -28.78
C ALA P 569 5.62 -8.23 -28.08
N GLY P 570 4.55 -8.75 -27.48
CA GLY P 570 3.64 -7.88 -26.76
C GLY P 570 3.79 -8.03 -25.25
N ASP P 571 3.57 -6.96 -24.51
CA ASP P 571 3.58 -7.06 -23.05
C ASP P 571 2.16 -6.99 -22.49
N VAL P 572 1.86 -7.88 -21.55
CA VAL P 572 0.49 -8.08 -21.09
C VAL P 572 0.05 -7.00 -20.09
N MET P 573 0.99 -6.23 -19.56
CA MET P 573 0.67 -5.23 -18.56
C MET P 573 0.02 -3.98 -19.15
N THR P 574 0.60 -3.45 -20.22
CA THR P 574 0.09 -2.20 -20.78
C THR P 574 -0.76 -2.53 -22.00
N GLN P 575 -0.90 -3.82 -22.27
CA GLN P 575 -1.72 -4.33 -23.38
C GLN P 575 -1.21 -3.83 -24.73
N ALA P 576 0.06 -3.44 -24.78
CA ALA P 576 0.69 -3.03 -26.03
C ALA P 576 1.12 -4.25 -26.85
N PRO P 577 1.01 -4.14 -28.19
CA PRO P 577 0.50 -2.98 -28.94
C PRO P 577 -1.02 -2.85 -28.90
N GLY P 578 -1.51 -1.61 -28.99
CA GLY P 578 -2.93 -1.35 -28.91
C GLY P 578 -3.51 -0.74 -30.17
N SER P 579 -4.79 -0.36 -30.11
CA SER P 579 -5.45 0.24 -31.25
C SER P 579 -5.42 1.77 -31.16
N VAL P 580 -5.32 2.41 -32.32
CA VAL P 580 -5.29 3.87 -32.38
C VAL P 580 -6.46 4.43 -33.22
N ASP P 581 -7.02 5.55 -32.77
CA ASP P 581 -8.16 6.19 -33.44
C ASP P 581 -7.81 6.61 -34.87
N GLY P 582 -8.86 6.71 -35.71
CA GLY P 582 -8.68 6.98 -37.12
C GLY P 582 -8.06 8.34 -37.42
N LYS P 583 -8.16 9.25 -36.46
CA LYS P 583 -7.60 10.60 -36.61
C LYS P 583 -6.08 10.52 -36.70
N ALA P 584 -5.45 9.94 -35.68
CA ALA P 584 -4.01 9.82 -35.69
C ALA P 584 -3.53 8.96 -36.86
N LEU P 585 -4.37 8.04 -37.31
CA LEU P 585 -4.02 7.19 -38.45
C LEU P 585 -4.05 7.96 -39.76
N ARG P 586 -5.01 8.86 -39.90
CA ARG P 586 -5.11 9.65 -41.12
C ARG P 586 -4.01 10.68 -41.13
N GLU P 587 -3.71 11.22 -39.95
CA GLU P 587 -2.70 12.26 -39.82
C GLU P 587 -1.35 11.63 -40.17
N LEU P 588 -1.31 10.31 -40.05
CA LEU P 588 -0.11 9.53 -40.29
C LEU P 588 0.02 9.01 -41.73
N HIS P 589 -0.85 9.47 -42.63
CA HIS P 589 -0.68 9.18 -44.05
C HIS P 589 -0.73 7.68 -44.42
N ILE P 590 -1.14 6.85 -43.47
CA ILE P 590 -1.36 5.43 -43.73
C ILE P 590 -2.74 4.94 -43.29
N ARG P 591 -3.11 3.75 -43.74
CA ARG P 591 -4.38 3.14 -43.37
C ARG P 591 -4.21 1.66 -43.09
N LEU P 592 -5.16 1.09 -42.35
CA LEU P 592 -5.21 -0.34 -42.08
C LEU P 592 -6.08 -1.16 -43.00
N ARG P 593 -5.76 -2.45 -43.09
CA ARG P 593 -6.55 -3.41 -43.85
C ARG P 593 -7.59 -4.02 -42.91
N GLU P 594 -8.87 -3.80 -43.19
CA GLU P 594 -9.92 -4.50 -42.44
C GLU P 594 -11.28 -4.56 -43.13
N GLN P 595 -11.37 -5.36 -44.19
CA GLN P 595 -12.59 -5.43 -44.97
C GLN P 595 -13.25 -6.76 -44.61
N PRO P 596 -14.60 -6.81 -44.65
CA PRO P 596 -15.25 -8.00 -44.13
C PRO P 596 -15.16 -9.20 -45.06
N LYS P 597 -14.74 -10.33 -44.51
CA LYS P 597 -14.70 -11.59 -45.25
C LYS P 597 -16.11 -12.10 -45.50
N ALA P 598 -16.42 -12.39 -46.76
CA ALA P 598 -17.74 -12.87 -47.13
C ALA P 598 -17.97 -14.28 -46.59
#